data_9QFB
#
_entry.id   9QFB
#
_cell.length_a   1.00
_cell.length_b   1.00
_cell.length_c   1.00
_cell.angle_alpha   90.00
_cell.angle_beta   90.00
_cell.angle_gamma   90.00
#
_symmetry.space_group_name_H-M   'P 1'
#
loop_
_entity.id
_entity.type
_entity.pdbx_description
1 polymer 'Actin, cytoplasmic 1, N-terminally processed'
2 polymer 'Coronin-1B,Methylated-DNA--protein-cysteine methyltransferase'
3 non-polymer "ADENOSINE-5'-DIPHOSPHATE"
4 non-polymer 'MAGNESIUM ION'
#
loop_
_entity_poly.entity_id
_entity_poly.type
_entity_poly.pdbx_seq_one_letter_code
_entity_poly.pdbx_strand_id
1 'polypeptide(L)'
;DDDIAALVVDNGSGMCKAGFAGDDAPRAVFPSIVGRPRHQGVMVGMGQKDSYVGDEAQSKRGILTLKYPIE(HIC)GIVT
NWDDMEKIWHHTFYNELRVAPEEHPVLLTEAPLNPKANREKMTQIMFETFNTPAMYVAIQAVLSLYASGRTTGIVMDSGD
GVTHTVPIYEGYALPHAILRLDLAGRDLTDYLMKILTERGYSFTTTAEREIVRDIKEKLCYVALDFEQEMATAASSSSLE
KSYELPDGQVITIGNERFRCPEALFQPSFLGMESAGIHETTFNSIMKCDVDIRKDLYANTVLSGGTTMYPGIADRMQKEI
TALAPSTMKIKIIAPPERKYSVWIGGSILASLSTFQQMWISKQEYDESGPSIVHRKCF
;
A,B,C,D,E,F,G
2 'polypeptide(L)'
;GAMGSMSFRKVVRQSKFRHVFGQPVKNDQCYEDIRVSRVTWDSTFCAVNPKFLAVIVEASGGGAFLVLPLSKTGRIDKAY
PTVCGHTGPVLDIDWCPHNDEVIASGSEDCTVMVWQIPENGLTSPLTEPVVVLEGHTKRVGIIAWHPTARNVLLSAGCDN
VVLIWNVGTAEELYRLDSLHPDLIYNVSWNHNGSLFCSACKDKSVRIIDPRRGTLVAEREKAHEGARPMRAIFLADGKVF
TTGFSRMSERQLALWDPENLEEPMALQELDSSNGALLPFYDPDTSVVYVCGKGDSSIRYFEITEEPPYIHFLNTFTSKEP
QRGMGSMPKRGLEVSKCEIARFYKLHERKCEPIVMTVPRKSDLFQDDLYPDTAGPEAALEAEEWVSGRDADPILISLREA
YVPSKQRDLKISRRNVLSDSRPAMAPGSSHLGAPASTTTAADATPSGSLARAGEAGKLEEVMQELRALRALVKEQGDRIC
RLEEQLGRMENGDAGTGGGGSGGGGSMDKDCEMKRTTLDSPLGKLELSGCEQGLHEIKLLGKGTSAADAVEVPAPAAVLG
GPEPLMQATAWLNAYFHQPEAIEEFPVPALHHPVFQQESFTRQVLWKLLKVVKFGEVISYQQLAALAGNPAATAAVKTAL
SGNPVPILIPCHRVVSSSGAVGGYEGGLAVKEWLLAHEGHRLGKPGLG
;
H,I,J,K,L,M,N
#
loop_
_chem_comp.id
_chem_comp.type
_chem_comp.name
_chem_comp.formula
ADP non-polymer ADENOSINE-5'-DIPHOSPHATE 'C10 H15 N5 O10 P2'
MG non-polymer 'MAGNESIUM ION' 'Mg 2'
#
# COMPACT_ATOMS: atom_id res chain seq x y z
N ALA A 5 73.89 -31.27 -17.90
CA ALA A 5 74.37 -29.92 -17.58
C ALA A 5 73.84 -28.91 -18.59
N ALA A 6 73.07 -27.95 -18.09
CA ALA A 6 72.48 -26.92 -18.93
C ALA A 6 73.44 -25.75 -19.09
N LEU A 7 73.38 -25.11 -20.25
CA LEU A 7 74.24 -23.96 -20.56
C LEU A 7 73.43 -22.68 -20.42
N VAL A 8 74.02 -21.69 -19.75
CA VAL A 8 73.42 -20.36 -19.60
C VAL A 8 74.27 -19.38 -20.39
N VAL A 9 73.69 -18.79 -21.43
CA VAL A 9 74.38 -17.85 -22.31
C VAL A 9 73.69 -16.50 -22.18
N ASP A 10 74.45 -15.48 -21.78
CA ASP A 10 73.94 -14.12 -21.66
C ASP A 10 74.64 -13.26 -22.71
N ASN A 11 73.97 -13.06 -23.83
CA ASN A 11 74.53 -12.29 -24.95
C ASN A 11 74.14 -10.83 -24.77
N GLY A 12 75.14 -9.99 -24.47
CA GLY A 12 74.93 -8.57 -24.38
C GLY A 12 75.48 -7.83 -25.60
N SER A 13 75.30 -6.51 -25.58
CA SER A 13 75.79 -5.70 -26.68
C SER A 13 77.32 -5.61 -26.67
N GLY A 14 77.94 -5.60 -25.49
CA GLY A 14 79.37 -5.45 -25.39
C GLY A 14 80.10 -6.69 -24.93
N MET A 15 79.48 -7.45 -24.03
CA MET A 15 80.11 -8.62 -23.43
C MET A 15 79.19 -9.83 -23.53
N CYS A 16 79.80 -11.00 -23.65
CA CYS A 16 79.08 -12.27 -23.69
C CYS A 16 79.54 -13.12 -22.53
N LYS A 17 78.59 -13.52 -21.68
CA LYS A 17 78.86 -14.36 -20.52
C LYS A 17 78.25 -15.74 -20.74
N ALA A 18 79.06 -16.78 -20.56
CA ALA A 18 78.61 -18.15 -20.75
C ALA A 18 79.11 -19.01 -19.61
N GLY A 19 78.42 -20.12 -19.38
CA GLY A 19 78.79 -21.03 -18.32
C GLY A 19 77.82 -22.17 -18.22
N PHE A 20 77.82 -22.83 -17.06
CA PHE A 20 76.98 -23.98 -16.81
C PHE A 20 76.02 -23.67 -15.67
N ALA A 21 74.82 -24.26 -15.75
CA ALA A 21 73.84 -24.08 -14.71
C ALA A 21 74.31 -24.68 -13.39
N GLY A 22 74.07 -23.97 -12.29
CA GLY A 22 74.52 -24.37 -10.99
C GLY A 22 75.77 -23.68 -10.49
N ASP A 23 76.52 -23.06 -11.39
CA ASP A 23 77.71 -22.32 -11.00
C ASP A 23 77.33 -20.95 -10.45
N ASP A 24 78.27 -20.33 -9.74
CA ASP A 24 78.04 -19.03 -9.14
C ASP A 24 78.58 -17.87 -9.97
N ALA A 25 79.46 -18.14 -10.92
CA ALA A 25 80.02 -17.12 -11.79
C ALA A 25 80.12 -17.67 -13.21
N PRO A 26 80.02 -16.80 -14.22
CA PRO A 26 80.18 -17.26 -15.61
C PRO A 26 81.58 -17.83 -15.82
N ARG A 27 81.65 -18.92 -16.59
CA ARG A 27 82.94 -19.54 -16.87
C ARG A 27 83.74 -18.74 -17.88
N ALA A 28 83.08 -18.23 -18.92
CA ALA A 28 83.75 -17.48 -19.98
C ALA A 28 83.08 -16.13 -20.14
N VAL A 29 83.88 -15.06 -20.05
CA VAL A 29 83.41 -13.70 -20.27
C VAL A 29 84.39 -13.05 -21.24
N PHE A 30 83.95 -12.85 -22.48
CA PHE A 30 84.78 -12.29 -23.52
C PHE A 30 84.05 -11.18 -24.25
N PRO A 31 84.77 -10.21 -24.81
CA PRO A 31 84.11 -9.14 -25.56
C PRO A 31 83.36 -9.68 -26.77
N SER A 32 82.19 -9.09 -27.04
CA SER A 32 81.37 -9.50 -28.17
C SER A 32 81.74 -8.68 -29.41
N ILE A 33 82.96 -8.95 -29.89
CA ILE A 33 83.51 -8.24 -31.04
C ILE A 33 84.01 -9.25 -32.06
N VAL A 34 84.01 -8.83 -33.33
CA VAL A 34 84.60 -9.59 -34.43
C VAL A 34 85.57 -8.67 -35.15
N GLY A 35 86.83 -9.08 -35.23
CA GLY A 35 87.88 -8.27 -35.84
C GLY A 35 88.34 -8.86 -37.16
N ARG A 36 88.58 -7.99 -38.13
CA ARG A 36 89.05 -8.39 -39.44
C ARG A 36 90.26 -7.56 -39.83
N PRO A 37 91.25 -8.15 -40.51
CA PRO A 37 92.45 -7.40 -40.86
C PRO A 37 92.14 -6.23 -41.79
N ARG A 38 92.88 -5.13 -41.59
CA ARG A 38 92.75 -3.95 -42.44
C ARG A 38 94.01 -3.67 -43.23
N HIS A 39 95.04 -4.49 -43.10
CA HIS A 39 96.27 -4.38 -43.86
C HIS A 39 96.42 -5.61 -44.75
N GLN A 40 97.55 -5.67 -45.45
CA GLN A 40 97.84 -6.79 -46.34
C GLN A 40 98.93 -7.68 -45.73
N GLY A 41 98.86 -8.97 -46.06
CA GLY A 41 99.81 -9.94 -45.54
C GLY A 41 101.00 -10.09 -46.47
N VAL A 42 102.19 -9.97 -45.90
CA VAL A 42 103.42 -10.09 -46.67
C VAL A 42 104.20 -11.37 -46.36
N MET A 43 103.92 -12.02 -45.23
CA MET A 43 104.62 -13.24 -44.85
C MET A 43 103.73 -14.45 -45.08
N VAL A 44 104.31 -15.49 -45.65
CA VAL A 44 103.58 -16.72 -45.95
C VAL A 44 103.22 -17.45 -44.65
N LYS A 49 93.98 -16.56 -40.94
CA LYS A 49 92.67 -16.43 -40.32
C LYS A 49 91.91 -15.24 -40.88
N ASP A 50 90.68 -15.47 -41.32
CA ASP A 50 89.89 -14.39 -41.93
C ASP A 50 89.37 -13.42 -40.87
N SER A 51 88.92 -13.93 -39.74
CA SER A 51 88.34 -13.08 -38.70
C SER A 51 88.71 -13.63 -37.33
N TYR A 52 88.67 -12.75 -36.33
CA TYR A 52 88.95 -13.10 -34.95
C TYR A 52 87.79 -12.66 -34.07
N VAL A 53 87.40 -13.51 -33.12
CA VAL A 53 86.23 -13.28 -32.29
C VAL A 53 86.65 -13.35 -30.83
N GLY A 54 86.29 -12.33 -30.05
CA GLY A 54 86.50 -12.36 -28.62
C GLY A 54 87.85 -11.86 -28.17
N ASP A 55 88.47 -12.59 -27.23
CA ASP A 55 89.74 -12.17 -26.66
C ASP A 55 90.88 -12.24 -27.68
N GLU A 56 90.80 -13.16 -28.65
CA GLU A 56 91.83 -13.24 -29.66
C GLU A 56 91.81 -12.01 -30.58
N ALA A 57 90.64 -11.42 -30.79
CA ALA A 57 90.58 -10.16 -31.53
C ALA A 57 91.08 -9.00 -30.69
N GLN A 58 90.92 -9.08 -29.36
CA GLN A 58 91.42 -8.02 -28.50
C GLN A 58 92.94 -8.01 -28.44
N SER A 59 93.58 -9.17 -28.50
CA SER A 59 95.03 -9.25 -28.48
C SER A 59 95.67 -8.86 -29.80
N LYS A 60 94.93 -8.95 -30.91
CA LYS A 60 95.44 -8.61 -32.23
C LYS A 60 94.79 -7.34 -32.78
N ARG A 61 94.19 -6.52 -31.92
CA ARG A 61 93.42 -5.37 -32.38
C ARG A 61 94.28 -4.30 -33.02
N GLY A 62 95.60 -4.38 -32.91
CA GLY A 62 96.46 -3.38 -33.53
C GLY A 62 96.40 -3.40 -35.04
N ILE A 63 96.08 -4.54 -35.63
CA ILE A 63 96.01 -4.69 -37.08
C ILE A 63 94.62 -5.12 -37.54
N LEU A 64 93.62 -5.03 -36.65
CA LEU A 64 92.26 -5.44 -36.96
C LEU A 64 91.31 -4.26 -36.86
N THR A 65 90.16 -4.40 -37.50
CA THR A 65 89.06 -3.44 -37.40
C THR A 65 87.93 -4.11 -36.61
N LEU A 66 87.76 -3.68 -35.36
CA LEU A 66 86.80 -4.33 -34.47
C LEU A 66 85.40 -3.79 -34.73
N LYS A 67 84.43 -4.71 -34.85
CA LYS A 67 83.04 -4.35 -35.05
C LYS A 67 82.17 -5.13 -34.06
N TYR A 68 81.18 -4.45 -33.50
CA TYR A 68 80.23 -5.10 -32.60
C TYR A 68 79.04 -5.61 -33.39
N PRO A 69 78.76 -6.91 -33.40
CA PRO A 69 77.58 -7.41 -34.12
C PRO A 69 76.27 -6.89 -33.56
N ILE A 70 76.24 -6.44 -32.31
CA ILE A 70 75.03 -5.93 -31.67
C ILE A 70 75.24 -4.45 -31.38
N GLU A 71 74.30 -3.63 -31.82
CA GLU A 71 74.33 -2.20 -31.54
C GLU A 71 72.98 -1.74 -31.00
N HIC A 72 73.01 -1.15 -29.81
CA HIC A 72 71.80 -0.71 -29.11
C HIC A 72 70.82 -1.85 -28.92
O HIC A 72 69.60 -1.66 -28.99
CB HIC A 72 71.12 0.44 -29.88
CG HIC A 72 71.99 1.65 -30.01
ND1 HIC A 72 72.37 2.40 -28.93
CD2 HIC A 72 72.50 2.20 -31.15
CE1 HIC A 72 73.10 3.37 -29.41
NE2 HIC A 72 73.22 3.30 -30.75
CZ HIC A 72 73.94 4.20 -31.60
N GLY A 73 71.34 -3.05 -28.65
CA GLY A 73 70.51 -4.22 -28.43
C GLY A 73 69.90 -4.78 -29.69
N ILE A 74 70.39 -4.31 -30.84
CA ILE A 74 69.92 -4.74 -32.15
C ILE A 74 71.07 -5.41 -32.88
N VAL A 75 70.83 -6.62 -33.38
CA VAL A 75 71.86 -7.37 -34.10
C VAL A 75 71.99 -6.79 -35.50
N THR A 76 73.10 -6.11 -35.76
CA THR A 76 73.33 -5.49 -37.06
C THR A 76 73.88 -6.47 -38.10
N ASN A 77 74.34 -7.64 -37.67
CA ASN A 77 74.88 -8.63 -38.61
C ASN A 77 74.73 -10.00 -37.97
N TRP A 78 73.84 -10.83 -38.51
CA TRP A 78 73.61 -12.16 -37.97
C TRP A 78 74.73 -13.13 -38.30
N ASP A 79 75.47 -12.90 -39.40
CA ASP A 79 76.63 -13.73 -39.68
C ASP A 79 77.70 -13.57 -38.62
N ASP A 80 77.95 -12.34 -38.18
CA ASP A 80 78.90 -12.11 -37.10
C ASP A 80 78.33 -12.57 -35.76
N MET A 81 77.01 -12.49 -35.58
CA MET A 81 76.40 -12.96 -34.35
C MET A 81 76.58 -14.46 -34.18
N GLU A 82 76.46 -15.23 -35.26
CA GLU A 82 76.70 -16.66 -35.19
C GLU A 82 78.14 -16.98 -34.85
N LYS A 83 79.08 -16.11 -35.24
CA LYS A 83 80.48 -16.29 -34.87
C LYS A 83 80.66 -16.19 -33.37
N ILE A 84 79.94 -15.26 -32.73
CA ILE A 84 80.01 -15.12 -31.27
C ILE A 84 79.51 -16.39 -30.59
N TRP A 85 78.39 -16.94 -31.08
CA TRP A 85 77.85 -18.16 -30.49
C TRP A 85 78.75 -19.35 -30.77
N HIS A 86 79.29 -19.45 -31.97
CA HIS A 86 80.20 -20.54 -32.30
C HIS A 86 81.48 -20.46 -31.45
N HIS A 87 82.01 -19.26 -31.27
CA HIS A 87 83.16 -19.07 -30.39
C HIS A 87 82.80 -19.38 -28.94
N THR A 88 81.56 -19.11 -28.54
CA THR A 88 81.13 -19.38 -27.17
C THR A 88 81.15 -20.88 -26.87
N PHE A 89 80.64 -21.69 -27.79
CA PHE A 89 80.47 -23.12 -27.52
C PHE A 89 81.77 -23.89 -27.72
N TYR A 90 82.42 -23.69 -28.86
CA TYR A 90 83.55 -24.54 -29.24
C TYR A 90 84.90 -24.03 -28.75
N ASN A 91 85.04 -22.73 -28.51
CA ASN A 91 86.32 -22.14 -28.11
C ASN A 91 86.35 -21.71 -26.65
N GLU A 92 85.26 -21.17 -26.12
CA GLU A 92 85.23 -20.71 -24.74
C GLU A 92 84.77 -21.80 -23.78
N LEU A 93 83.54 -22.30 -23.98
CA LEU A 93 83.03 -23.36 -23.13
C LEU A 93 83.64 -24.72 -23.49
N ARG A 94 84.06 -24.89 -24.75
CA ARG A 94 84.66 -26.14 -25.23
C ARG A 94 83.74 -27.32 -25.00
N VAL A 95 82.46 -27.15 -25.35
CA VAL A 95 81.45 -28.18 -25.21
C VAL A 95 80.69 -28.30 -26.52
N ALA A 96 80.03 -29.44 -26.70
CA ALA A 96 79.20 -29.66 -27.87
C ALA A 96 77.82 -29.07 -27.64
N PRO A 97 77.37 -28.11 -28.46
CA PRO A 97 76.04 -27.51 -28.22
C PRO A 97 74.88 -28.48 -28.38
N GLU A 98 75.09 -29.60 -29.07
CA GLU A 98 74.02 -30.55 -29.31
C GLU A 98 73.81 -31.53 -28.15
N GLU A 99 74.61 -31.44 -27.09
CA GLU A 99 74.50 -32.32 -25.95
C GLU A 99 74.04 -31.61 -24.69
N HIS A 100 73.87 -30.30 -24.72
CA HIS A 100 73.47 -29.54 -23.56
C HIS A 100 72.31 -28.62 -23.91
N PRO A 101 71.24 -28.59 -23.10
CA PRO A 101 70.22 -27.55 -23.28
C PRO A 101 70.81 -26.18 -22.98
N VAL A 102 70.34 -25.18 -23.73
CA VAL A 102 70.87 -23.83 -23.65
C VAL A 102 69.77 -22.89 -23.16
N LEU A 103 70.06 -22.14 -22.11
CA LEU A 103 69.16 -21.11 -21.61
C LEU A 103 69.67 -19.75 -22.08
N LEU A 104 68.87 -19.08 -22.88
CA LEU A 104 69.23 -17.80 -23.47
C LEU A 104 68.51 -16.65 -22.77
N THR A 105 69.08 -15.46 -22.90
CA THR A 105 68.53 -14.26 -22.30
C THR A 105 68.16 -13.26 -23.39
N GLU A 106 67.07 -12.54 -23.17
CA GLU A 106 66.58 -11.55 -24.13
C GLU A 106 66.30 -10.24 -23.41
N ALA A 107 66.44 -9.14 -24.15
CA ALA A 107 66.15 -7.83 -23.60
C ALA A 107 64.65 -7.68 -23.38
N PRO A 108 64.26 -6.83 -22.42
CA PRO A 108 62.81 -6.59 -22.22
C PRO A 108 62.18 -5.99 -23.46
N LEU A 109 60.91 -6.37 -23.69
CA LEU A 109 60.16 -5.97 -24.88
C LEU A 109 60.91 -6.36 -26.14
N ASN A 110 61.48 -7.56 -26.13
CA ASN A 110 62.24 -8.04 -27.28
C ASN A 110 61.30 -8.27 -28.47
N PRO A 111 61.66 -7.82 -29.66
CA PRO A 111 60.84 -8.09 -30.84
C PRO A 111 60.72 -9.59 -31.09
N LYS A 112 59.55 -10.01 -31.55
CA LYS A 112 59.34 -11.43 -31.84
C LYS A 112 60.22 -11.91 -32.97
N ALA A 113 60.55 -11.03 -33.92
CA ALA A 113 61.44 -11.40 -35.01
C ALA A 113 62.84 -11.73 -34.49
N ASN A 114 63.33 -10.96 -33.51
CA ASN A 114 64.63 -11.25 -32.92
C ASN A 114 64.65 -12.59 -32.21
N ARG A 115 63.57 -12.91 -31.48
CA ARG A 115 63.50 -14.18 -30.77
C ARG A 115 63.40 -15.35 -31.73
N GLU A 116 62.68 -15.17 -32.85
CA GLU A 116 62.56 -16.25 -33.83
C GLU A 116 63.91 -16.58 -34.45
N LYS A 117 64.70 -15.55 -34.79
CA LYS A 117 66.01 -15.79 -35.37
C LYS A 117 66.94 -16.48 -34.37
N MET A 118 66.92 -16.04 -33.12
CA MET A 118 67.76 -16.65 -32.10
C MET A 118 67.38 -18.11 -31.86
N THR A 119 66.07 -18.38 -31.79
CA THR A 119 65.61 -19.76 -31.61
C THR A 119 65.94 -20.62 -32.82
N GLN A 120 65.75 -20.07 -34.02
CA GLN A 120 66.01 -20.85 -35.23
C GLN A 120 67.48 -21.20 -35.35
N ILE A 121 68.38 -20.28 -35.00
CA ILE A 121 69.81 -20.54 -35.10
C ILE A 121 70.22 -21.65 -34.14
N MET A 122 69.72 -21.60 -32.91
CA MET A 122 70.12 -22.58 -31.91
C MET A 122 69.66 -23.99 -32.30
N PHE A 123 68.43 -24.12 -32.79
CA PHE A 123 67.89 -25.45 -33.09
C PHE A 123 68.40 -26.00 -34.42
N GLU A 124 68.64 -25.14 -35.41
CA GLU A 124 69.00 -25.60 -36.74
C GLU A 124 70.49 -25.57 -37.02
N THR A 125 71.23 -24.60 -36.49
CA THR A 125 72.66 -24.52 -36.73
C THR A 125 73.47 -25.28 -35.70
N PHE A 126 73.12 -25.11 -34.41
CA PHE A 126 73.84 -25.78 -33.33
C PHE A 126 73.15 -27.05 -32.85
N ASN A 127 71.90 -27.29 -33.28
CA ASN A 127 71.18 -28.53 -32.97
C ASN A 127 71.08 -28.78 -31.46
N THR A 128 70.78 -27.72 -30.72
CA THR A 128 70.64 -27.86 -29.27
C THR A 128 69.42 -28.72 -28.95
N PRO A 129 69.55 -29.70 -28.06
CA PRO A 129 68.39 -30.55 -27.72
C PRO A 129 67.22 -29.78 -27.13
N ALA A 130 67.49 -28.74 -26.34
CA ALA A 130 66.45 -27.95 -25.72
C ALA A 130 66.92 -26.51 -25.61
N MET A 131 65.95 -25.60 -25.50
CA MET A 131 66.27 -24.18 -25.47
C MET A 131 65.13 -23.42 -24.79
N TYR A 132 65.50 -22.39 -24.04
CA TYR A 132 64.53 -21.49 -23.43
C TYR A 132 65.10 -20.09 -23.40
N VAL A 133 64.22 -19.10 -23.52
CA VAL A 133 64.59 -17.70 -23.54
C VAL A 133 63.96 -17.02 -22.33
N ALA A 134 64.77 -16.30 -21.56
CA ALA A 134 64.30 -15.63 -20.35
C ALA A 134 64.64 -14.14 -20.43
N ILE A 135 63.81 -13.33 -19.77
CA ILE A 135 64.00 -11.89 -19.75
C ILE A 135 65.15 -11.55 -18.81
N GLN A 136 66.04 -10.66 -19.26
CA GLN A 136 67.22 -10.33 -18.47
C GLN A 136 66.84 -9.66 -17.16
N ALA A 137 65.84 -8.77 -17.18
CA ALA A 137 65.42 -8.10 -15.96
C ALA A 137 64.84 -9.07 -14.95
N VAL A 138 64.09 -10.08 -15.44
CA VAL A 138 63.53 -11.09 -14.55
C VAL A 138 64.65 -11.89 -13.89
N LEU A 139 65.67 -12.26 -14.67
CA LEU A 139 66.79 -13.02 -14.11
C LEU A 139 67.56 -12.21 -13.08
N SER A 140 67.70 -10.89 -13.30
CA SER A 140 68.37 -10.05 -12.33
C SER A 140 67.63 -10.03 -11.00
N LEU A 141 66.30 -10.12 -11.03
CA LEU A 141 65.53 -10.20 -9.80
C LEU A 141 65.72 -11.55 -9.11
N TYR A 142 65.92 -12.61 -9.89
CA TYR A 142 66.17 -13.93 -9.31
C TYR A 142 67.47 -13.94 -8.52
N ALA A 143 68.52 -13.29 -9.04
CA ALA A 143 69.81 -13.30 -8.37
C ALA A 143 69.76 -12.60 -7.02
N SER A 144 68.92 -11.59 -6.88
CA SER A 144 68.78 -10.86 -5.63
C SER A 144 67.79 -11.51 -4.67
N GLY A 145 67.15 -12.60 -5.07
CA GLY A 145 66.18 -13.26 -4.21
C GLY A 145 64.95 -12.44 -3.91
N ARG A 146 64.40 -11.77 -4.91
CA ARG A 146 63.22 -10.93 -4.75
C ARG A 146 62.21 -11.25 -5.82
N THR A 147 60.93 -11.05 -5.49
CA THR A 147 59.85 -11.16 -6.45
C THR A 147 59.21 -9.82 -6.79
N THR A 148 59.52 -8.77 -6.03
CA THR A 148 58.96 -7.44 -6.25
C THR A 148 60.11 -6.45 -6.34
N GLY A 149 60.07 -5.59 -7.35
CA GLY A 149 61.07 -4.56 -7.52
C GLY A 149 61.16 -4.13 -8.97
N ILE A 150 61.84 -2.99 -9.17
CA ILE A 150 62.09 -2.44 -10.49
C ILE A 150 63.57 -2.56 -10.79
N VAL A 151 63.90 -3.19 -11.92
CA VAL A 151 65.28 -3.48 -12.29
C VAL A 151 65.76 -2.42 -13.27
N MET A 152 66.85 -1.74 -12.91
CA MET A 152 67.47 -0.75 -13.78
C MET A 152 68.69 -1.39 -14.44
N ASP A 153 68.44 -2.13 -15.51
CA ASP A 153 69.48 -2.87 -16.22
C ASP A 153 70.10 -1.95 -17.26
N SER A 154 71.34 -1.52 -17.02
CA SER A 154 72.07 -0.66 -17.95
C SER A 154 73.31 -1.41 -18.41
N GLY A 155 73.36 -1.74 -19.69
CA GLY A 155 74.48 -2.47 -20.24
C GLY A 155 75.35 -1.65 -21.17
N ASP A 156 75.71 -2.23 -22.32
CA ASP A 156 76.53 -1.55 -23.30
C ASP A 156 75.73 -0.95 -24.45
N GLY A 157 74.53 -1.45 -24.71
CA GLY A 157 73.74 -0.97 -25.82
C GLY A 157 72.55 -0.11 -25.44
N VAL A 158 71.87 -0.46 -24.35
CA VAL A 158 70.61 0.18 -24.00
C VAL A 158 70.37 0.03 -22.50
N THR A 159 69.63 1.00 -21.93
CA THR A 159 69.25 0.98 -20.53
C THR A 159 67.74 0.73 -20.43
N HIS A 160 67.36 -0.18 -19.54
CA HIS A 160 65.96 -0.56 -19.38
C HIS A 160 65.55 -0.47 -17.91
N THR A 161 64.30 -0.09 -17.69
CA THR A 161 63.70 -0.06 -16.35
C THR A 161 62.45 -0.94 -16.39
N VAL A 162 62.49 -2.07 -15.69
CA VAL A 162 61.40 -3.04 -15.72
C VAL A 162 60.82 -3.23 -14.33
N PRO A 163 59.62 -2.72 -14.05
CA PRO A 163 59.01 -2.93 -12.73
C PRO A 163 58.31 -4.29 -12.67
N ILE A 164 58.53 -5.01 -11.57
CA ILE A 164 57.91 -6.31 -11.34
C ILE A 164 57.33 -6.30 -9.93
N TYR A 165 56.08 -6.74 -9.81
CA TYR A 165 55.38 -6.78 -8.52
C TYR A 165 54.83 -8.18 -8.29
N GLU A 166 55.33 -8.85 -7.25
CA GLU A 166 54.87 -10.17 -6.85
C GLU A 166 54.94 -11.17 -7.99
N GLY A 167 56.01 -11.09 -8.79
CA GLY A 167 56.19 -11.98 -9.91
C GLY A 167 55.41 -11.62 -11.15
N TYR A 168 54.72 -10.50 -11.16
CA TYR A 168 53.95 -10.05 -12.30
C TYR A 168 54.64 -8.85 -12.94
N ALA A 169 54.90 -8.94 -14.23
CA ALA A 169 55.55 -7.87 -14.96
C ALA A 169 54.52 -6.89 -15.51
N LEU A 170 54.91 -5.62 -15.60
CA LEU A 170 54.08 -4.55 -16.13
C LEU A 170 54.71 -4.06 -17.43
N PRO A 171 54.40 -4.68 -18.57
CA PRO A 171 55.03 -4.25 -19.83
C PRO A 171 54.73 -2.81 -20.21
N HIS A 172 53.55 -2.29 -19.84
CA HIS A 172 53.20 -0.92 -20.18
C HIS A 172 54.06 0.10 -19.44
N ALA A 173 54.67 -0.29 -18.32
CA ALA A 173 55.49 0.61 -17.53
C ALA A 173 56.99 0.43 -17.81
N ILE A 174 57.35 -0.37 -18.79
CA ILE A 174 58.76 -0.58 -19.12
C ILE A 174 59.22 0.59 -19.99
N LEU A 175 60.27 1.26 -19.54
CA LEU A 175 60.84 2.40 -20.25
C LEU A 175 62.23 2.05 -20.76
N ARG A 176 62.55 2.54 -21.96
CA ARG A 176 63.81 2.24 -22.63
C ARG A 176 64.58 3.54 -22.84
N LEU A 177 65.85 3.55 -22.45
CA LEU A 177 66.72 4.69 -22.64
C LEU A 177 67.89 4.27 -23.53
N ASP A 178 68.05 4.97 -24.66
CA ASP A 178 69.11 4.65 -25.62
C ASP A 178 70.40 5.35 -25.17
N LEU A 179 70.93 4.89 -24.05
CA LEU A 179 72.15 5.45 -23.47
C LEU A 179 72.75 4.40 -22.56
N ALA A 180 73.95 3.94 -22.88
CA ALA A 180 74.57 2.85 -22.16
C ALA A 180 76.08 3.03 -22.19
N GLY A 181 76.82 1.96 -21.89
CA GLY A 181 78.26 2.07 -21.76
C GLY A 181 78.97 2.51 -23.02
N ARG A 182 78.50 2.02 -24.18
CA ARG A 182 79.15 2.40 -25.44
C ARG A 182 78.99 3.88 -25.72
N ASP A 183 77.82 4.45 -25.39
CA ASP A 183 77.65 5.89 -25.54
C ASP A 183 78.58 6.65 -24.63
N LEU A 184 78.78 6.16 -23.39
CA LEU A 184 79.70 6.80 -22.48
C LEU A 184 81.15 6.64 -22.94
N THR A 185 81.48 5.50 -23.55
CA THR A 185 82.83 5.33 -24.08
C THR A 185 83.11 6.32 -25.20
N ASP A 186 82.14 6.54 -26.08
CA ASP A 186 82.31 7.52 -27.15
C ASP A 186 82.40 8.93 -26.58
N TYR A 187 81.62 9.23 -25.53
CA TYR A 187 81.67 10.54 -24.92
C TYR A 187 83.03 10.79 -24.26
N LEU A 188 83.59 9.77 -23.61
CA LEU A 188 84.92 9.90 -23.02
C LEU A 188 85.97 10.19 -24.08
N MET A 189 85.82 9.59 -25.26
CA MET A 189 86.73 9.87 -26.36
C MET A 189 86.63 11.33 -26.79
N LYS A 190 85.41 11.87 -26.84
CA LYS A 190 85.23 13.26 -27.26
C LYS A 190 85.84 14.23 -26.26
N ILE A 191 85.64 13.99 -24.96
CA ILE A 191 86.16 14.91 -23.94
C ILE A 191 87.63 14.67 -23.64
N LEU A 192 88.20 13.55 -24.05
CA LEU A 192 89.63 13.33 -23.90
C LEU A 192 90.43 14.15 -24.92
N THR A 193 89.82 14.45 -26.07
CA THR A 193 90.50 15.28 -27.06
C THR A 193 90.73 16.70 -26.54
N GLU A 194 89.86 17.18 -25.66
CA GLU A 194 90.05 18.49 -25.04
C GLU A 194 91.32 18.54 -24.20
N ARG A 195 91.80 17.40 -23.72
CA ARG A 195 93.03 17.33 -22.95
C ARG A 195 94.26 17.06 -23.80
N GLY A 196 94.10 16.91 -25.11
CA GLY A 196 95.21 16.69 -26.01
C GLY A 196 95.43 15.24 -26.43
N TYR A 197 94.62 14.30 -25.94
CA TYR A 197 94.76 12.89 -26.27
C TYR A 197 93.75 12.54 -27.35
N SER A 198 94.24 12.03 -28.48
CA SER A 198 93.41 11.72 -29.64
C SER A 198 93.28 10.21 -29.78
N PHE A 199 92.06 9.71 -29.61
CA PHE A 199 91.73 8.31 -29.86
C PHE A 199 90.65 8.26 -30.92
N THR A 200 90.96 7.65 -32.05
CA THR A 200 90.01 7.62 -33.16
C THR A 200 89.71 6.22 -33.66
N THR A 201 90.70 5.33 -33.72
CA THR A 201 90.50 4.02 -34.32
C THR A 201 89.64 3.13 -33.41
N THR A 202 89.11 2.06 -34.00
CA THR A 202 88.31 1.11 -33.24
C THR A 202 89.14 0.39 -32.19
N ALA A 203 90.44 0.21 -32.46
CA ALA A 203 91.32 -0.36 -31.45
C ALA A 203 91.45 0.57 -30.25
N GLU A 204 91.54 1.88 -30.49
CA GLU A 204 91.63 2.84 -29.39
C GLU A 204 90.30 3.00 -28.66
N ARG A 205 89.19 2.54 -29.23
CA ARG A 205 87.93 2.53 -28.49
C ARG A 205 88.01 1.62 -27.28
N GLU A 206 88.65 0.46 -27.44
CA GLU A 206 88.82 -0.45 -26.31
C GLU A 206 89.76 0.12 -25.25
N ILE A 207 90.78 0.87 -25.67
CA ILE A 207 91.68 1.51 -24.71
C ILE A 207 90.92 2.52 -23.86
N VAL A 208 90.09 3.34 -24.51
CA VAL A 208 89.30 4.33 -23.77
C VAL A 208 88.28 3.63 -22.88
N ARG A 209 87.72 2.50 -23.34
CA ARG A 209 86.79 1.75 -22.52
C ARG A 209 87.47 1.23 -21.26
N ASP A 210 88.73 0.81 -21.37
CA ASP A 210 89.48 0.38 -20.19
C ASP A 210 89.70 1.55 -19.22
N ILE A 211 89.95 2.75 -19.76
CA ILE A 211 90.08 3.93 -18.92
C ILE A 211 88.77 4.20 -18.19
N LYS A 212 87.65 4.06 -18.91
CA LYS A 212 86.35 4.32 -18.30
C LYS A 212 86.06 3.35 -17.16
N GLU A 213 86.41 2.07 -17.34
CA GLU A 213 86.12 1.06 -16.33
C GLU A 213 87.04 1.14 -15.13
N LYS A 214 88.13 1.90 -15.19
CA LYS A 214 89.12 1.93 -14.12
C LYS A 214 89.22 3.26 -13.38
N LEU A 215 88.95 4.38 -14.05
CA LEU A 215 89.13 5.69 -13.44
C LEU A 215 87.87 6.51 -13.32
N CYS A 216 86.76 6.08 -13.90
CA CYS A 216 85.54 6.88 -13.90
C CYS A 216 84.67 6.54 -12.69
N TYR A 217 84.00 7.55 -12.17
CA TYR A 217 83.08 7.40 -11.04
C TYR A 217 81.98 8.44 -11.16
N VAL A 218 80.95 8.28 -10.33
CA VAL A 218 79.81 9.18 -10.32
C VAL A 218 79.92 10.08 -9.10
N ALA A 219 79.89 11.38 -9.32
CA ALA A 219 79.97 12.35 -8.23
C ALA A 219 78.60 12.56 -7.60
N LEU A 220 78.57 12.64 -6.26
CA LEU A 220 77.32 12.88 -5.56
C LEU A 220 76.72 14.24 -5.94
N ASP A 221 77.57 15.27 -6.02
CA ASP A 221 77.15 16.58 -6.50
C ASP A 221 78.11 17.00 -7.61
N PHE A 222 77.58 17.14 -8.83
CA PHE A 222 78.44 17.40 -9.99
C PHE A 222 79.10 18.77 -9.89
N GLU A 223 78.35 19.80 -9.51
CA GLU A 223 78.91 21.16 -9.50
C GLU A 223 79.99 21.30 -8.44
N GLN A 224 79.80 20.70 -7.27
CA GLN A 224 80.83 20.77 -6.22
C GLN A 224 82.07 20.01 -6.66
N GLU A 225 81.90 18.86 -7.31
CA GLU A 225 83.05 18.09 -7.78
C GLU A 225 83.81 18.85 -8.86
N MET A 226 83.11 19.54 -9.76
CA MET A 226 83.78 20.34 -10.78
C MET A 226 84.57 21.48 -10.15
N ALA A 227 84.02 22.12 -9.12
CA ALA A 227 84.76 23.17 -8.42
C ALA A 227 85.98 22.59 -7.72
N THR A 228 85.85 21.41 -7.12
CA THR A 228 86.99 20.78 -6.47
C THR A 228 88.09 20.44 -7.46
N ALA A 229 87.71 19.94 -8.64
CA ALA A 229 88.70 19.58 -9.66
C ALA A 229 89.32 20.80 -10.31
N ALA A 230 88.68 21.96 -10.22
CA ALA A 230 89.21 23.18 -10.81
C ALA A 230 90.13 23.95 -9.88
N SER A 231 90.25 23.53 -8.62
CA SER A 231 91.11 24.22 -7.66
C SER A 231 92.03 23.27 -6.91
N SER A 232 92.11 22.00 -7.31
CA SER A 232 92.96 21.04 -6.63
C SER A 232 93.34 19.94 -7.62
N SER A 233 94.43 19.24 -7.29
CA SER A 233 94.92 18.13 -8.10
C SER A 233 94.62 16.78 -7.47
N SER A 234 93.78 16.74 -6.43
CA SER A 234 93.50 15.49 -5.74
C SER A 234 92.64 14.55 -6.57
N LEU A 235 91.91 15.05 -7.55
CA LEU A 235 91.03 14.24 -8.39
C LEU A 235 91.69 13.81 -9.69
N GLU A 236 92.99 14.05 -9.84
CA GLU A 236 93.70 13.70 -11.07
C GLU A 236 94.31 12.31 -10.94
N LYS A 237 94.09 11.47 -11.94
CA LYS A 237 94.60 10.11 -11.96
C LYS A 237 95.35 9.86 -13.26
N SER A 238 96.27 8.91 -13.21
CA SER A 238 97.13 8.59 -14.34
C SER A 238 96.80 7.20 -14.88
N TYR A 239 96.85 7.06 -16.20
CA TYR A 239 96.61 5.79 -16.87
C TYR A 239 97.74 5.53 -17.86
N GLU A 240 98.16 4.26 -17.95
CA GLU A 240 99.27 3.86 -18.80
C GLU A 240 98.73 3.25 -20.08
N LEU A 241 99.13 3.80 -21.22
CA LEU A 241 98.72 3.28 -22.50
C LEU A 241 99.45 1.95 -22.79
N PRO A 242 98.92 1.14 -23.71
CA PRO A 242 99.58 -0.14 -24.02
C PRO A 242 101.00 0.02 -24.54
N ASP A 243 101.32 1.14 -25.16
CA ASP A 243 102.65 1.37 -25.70
C ASP A 243 103.61 2.00 -24.70
N GLY A 244 103.15 2.23 -23.46
CA GLY A 244 104.00 2.76 -22.41
C GLY A 244 103.77 4.23 -22.07
N GLN A 245 103.06 4.97 -22.92
CA GLN A 245 102.78 6.37 -22.60
C GLN A 245 101.77 6.47 -21.47
N VAL A 246 101.88 7.53 -20.69
CA VAL A 246 101.04 7.76 -19.52
C VAL A 246 100.23 9.03 -19.75
N ILE A 247 98.91 8.93 -19.58
CA ILE A 247 98.01 10.06 -19.71
C ILE A 247 97.39 10.33 -18.36
N THR A 248 97.06 11.60 -18.12
CA THR A 248 96.46 12.04 -16.86
C THR A 248 95.14 12.72 -17.14
N ILE A 249 94.09 12.29 -16.43
CA ILE A 249 92.75 12.82 -16.62
C ILE A 249 92.26 13.39 -15.30
N GLY A 250 91.56 14.52 -15.38
CA GLY A 250 91.07 15.19 -14.19
C GLY A 250 89.56 15.09 -14.01
N ASN A 251 88.85 16.15 -14.39
CA ASN A 251 87.39 16.18 -14.26
C ASN A 251 86.70 15.21 -15.21
N GLU A 252 87.41 14.66 -16.19
CA GLU A 252 86.81 13.69 -17.10
C GLU A 252 86.42 12.40 -16.40
N ARG A 253 86.92 12.14 -15.19
CA ARG A 253 86.57 10.93 -14.47
C ARG A 253 85.09 10.89 -14.14
N PHE A 254 84.52 12.01 -13.69
CA PHE A 254 83.11 12.06 -13.32
C PHE A 254 82.24 12.75 -14.35
N ARG A 255 82.83 13.37 -15.38
CA ARG A 255 82.02 14.00 -16.42
C ARG A 255 81.42 12.95 -17.35
N CYS A 256 82.17 11.90 -17.67
CA CYS A 256 81.65 10.86 -18.55
C CYS A 256 80.45 10.13 -17.97
N PRO A 257 80.48 9.64 -16.72
CA PRO A 257 79.26 9.02 -16.17
C PRO A 257 78.14 10.01 -15.92
N GLU A 258 78.42 11.31 -15.86
CA GLU A 258 77.37 12.30 -15.64
C GLU A 258 76.36 12.34 -16.78
N ALA A 259 76.74 11.88 -17.97
CA ALA A 259 75.79 11.83 -19.08
C ALA A 259 74.63 10.89 -18.80
N LEU A 260 74.81 9.92 -17.90
CA LEU A 260 73.72 9.05 -17.52
C LEU A 260 72.60 9.83 -16.83
N PHE A 261 72.96 10.78 -15.97
CA PHE A 261 71.98 11.59 -15.28
C PHE A 261 71.67 12.89 -16.00
N GLN A 262 72.53 13.33 -16.91
CA GLN A 262 72.29 14.51 -17.73
C GLN A 262 72.53 14.14 -19.19
N PRO A 263 71.55 13.50 -19.84
CA PRO A 263 71.72 13.09 -21.24
C PRO A 263 71.91 14.26 -22.20
N SER A 264 71.62 15.49 -21.77
CA SER A 264 71.85 16.65 -22.63
C SER A 264 73.32 16.85 -22.96
N PHE A 265 74.22 16.22 -22.20
CA PHE A 265 75.64 16.28 -22.53
C PHE A 265 75.93 15.65 -23.89
N LEU A 266 75.13 14.67 -24.29
CA LEU A 266 75.26 14.02 -25.58
C LEU A 266 74.29 14.58 -26.62
N GLY A 267 73.58 15.66 -26.29
CA GLY A 267 72.57 16.20 -27.18
C GLY A 267 71.27 15.44 -27.18
N MET A 268 71.04 14.56 -26.20
CA MET A 268 69.82 13.76 -26.14
C MET A 268 68.73 14.52 -25.41
N GLU A 269 67.51 14.44 -25.96
CA GLU A 269 66.34 15.06 -25.35
C GLU A 269 65.81 14.26 -24.16
N SER A 270 66.05 12.96 -24.12
CA SER A 270 65.48 12.09 -23.10
C SER A 270 66.05 12.43 -21.73
N ALA A 271 65.35 11.98 -20.69
CA ALA A 271 65.71 12.24 -19.31
C ALA A 271 66.77 11.23 -18.84
N GLY A 272 67.30 11.49 -17.65
CA GLY A 272 68.35 10.65 -17.09
C GLY A 272 67.81 9.33 -16.57
N ILE A 273 68.74 8.51 -16.09
CA ILE A 273 68.37 7.19 -15.58
C ILE A 273 67.55 7.32 -14.30
N HIS A 274 67.84 8.34 -13.47
CA HIS A 274 67.05 8.55 -12.26
C HIS A 274 65.62 8.93 -12.59
N GLU A 275 65.41 9.79 -13.59
CA GLU A 275 64.07 10.16 -13.99
C GLU A 275 63.37 9.05 -14.76
N THR A 276 64.12 8.29 -15.56
CA THR A 276 63.52 7.16 -16.25
C THR A 276 63.02 6.11 -15.26
N THR A 277 63.79 5.85 -14.21
CA THR A 277 63.34 4.93 -13.17
C THR A 277 62.11 5.48 -12.45
N PHE A 278 62.11 6.78 -12.13
CA PHE A 278 60.96 7.38 -11.47
C PHE A 278 59.74 7.37 -12.38
N ASN A 279 59.92 7.70 -13.65
CA ASN A 279 58.79 7.71 -14.58
C ASN A 279 58.22 6.31 -14.79
N SER A 280 59.08 5.28 -14.79
CA SER A 280 58.58 3.92 -14.91
C SER A 280 57.76 3.52 -13.69
N ILE A 281 58.18 3.95 -12.49
CA ILE A 281 57.41 3.66 -11.29
C ILE A 281 56.06 4.34 -11.33
N MET A 282 56.03 5.61 -11.77
CA MET A 282 54.77 6.35 -11.83
C MET A 282 53.81 5.81 -12.88
N LYS A 283 54.31 5.03 -13.83
CA LYS A 283 53.44 4.39 -14.82
C LYS A 283 52.73 3.15 -14.27
N CYS A 284 53.12 2.68 -13.09
CA CYS A 284 52.51 1.51 -12.48
C CYS A 284 51.29 1.92 -11.67
N ASP A 285 50.62 0.92 -11.09
CA ASP A 285 49.49 1.19 -10.22
C ASP A 285 49.97 1.87 -8.93
N VAL A 286 49.09 2.68 -8.35
CA VAL A 286 49.46 3.46 -7.17
C VAL A 286 49.76 2.56 -5.99
N ASP A 287 49.04 1.45 -5.85
CA ASP A 287 49.18 0.57 -4.70
C ASP A 287 50.47 -0.23 -4.70
N ILE A 288 51.23 -0.22 -5.80
CA ILE A 288 52.48 -0.98 -5.90
C ILE A 288 53.70 -0.09 -5.98
N ARG A 289 53.52 1.23 -6.04
CA ARG A 289 54.67 2.12 -6.15
C ARG A 289 55.52 2.12 -4.88
N LYS A 290 54.90 1.92 -3.72
CA LYS A 290 55.65 1.93 -2.47
C LYS A 290 56.67 0.80 -2.43
N ASP A 291 56.29 -0.39 -2.89
CA ASP A 291 57.21 -1.51 -2.89
C ASP A 291 58.30 -1.36 -3.95
N LEU A 292 58.01 -0.67 -5.05
CA LEU A 292 59.02 -0.46 -6.07
C LEU A 292 60.04 0.58 -5.65
N TYR A 293 59.63 1.56 -4.82
CA TYR A 293 60.58 2.57 -4.35
C TYR A 293 61.65 1.96 -3.48
N ALA A 294 61.29 0.99 -2.65
CA ALA A 294 62.22 0.37 -1.71
C ALA A 294 62.92 -0.85 -2.28
N ASN A 295 62.67 -1.20 -3.54
CA ASN A 295 63.25 -2.37 -4.17
C ASN A 295 63.80 -2.03 -5.55
N THR A 296 64.54 -0.93 -5.64
CA THR A 296 65.19 -0.54 -6.89
C THR A 296 66.49 -1.30 -7.01
N VAL A 297 66.56 -2.21 -7.98
CA VAL A 297 67.71 -3.10 -8.17
C VAL A 297 68.51 -2.62 -9.37
N LEU A 298 69.82 -2.43 -9.16
CA LEU A 298 70.71 -2.02 -10.24
C LEU A 298 71.38 -3.24 -10.85
N SER A 299 71.37 -3.31 -12.18
CA SER A 299 71.97 -4.42 -12.90
C SER A 299 72.76 -3.89 -14.09
N GLY A 300 73.73 -4.68 -14.53
CA GLY A 300 74.57 -4.33 -15.65
C GLY A 300 75.89 -3.72 -15.21
N GLY A 301 76.87 -3.80 -16.12
CA GLY A 301 78.19 -3.27 -15.82
C GLY A 301 78.26 -1.75 -15.87
N THR A 302 77.32 -1.11 -16.57
CA THR A 302 77.29 0.35 -16.58
C THR A 302 76.95 0.90 -15.21
N THR A 303 76.19 0.15 -14.41
CA THR A 303 75.84 0.57 -13.05
C THR A 303 76.93 0.23 -12.04
N MET A 304 78.17 0.00 -12.49
CA MET A 304 79.26 -0.37 -11.60
C MET A 304 80.18 0.78 -11.26
N TYR A 305 79.82 2.01 -11.63
CA TYR A 305 80.63 3.16 -11.26
C TYR A 305 80.59 3.35 -9.74
N PRO A 306 81.70 3.76 -9.13
CA PRO A 306 81.67 4.08 -7.70
C PRO A 306 80.78 5.29 -7.44
N GLY A 307 79.92 5.17 -6.43
CA GLY A 307 79.03 6.25 -6.06
C GLY A 307 77.80 6.40 -6.92
N ILE A 308 77.50 5.42 -7.79
CA ILE A 308 76.30 5.53 -8.60
C ILE A 308 75.05 5.17 -7.79
N ALA A 309 75.18 4.31 -6.79
CA ALA A 309 74.04 3.98 -5.95
C ALA A 309 73.65 5.15 -5.05
N ASP A 310 74.64 5.84 -4.49
CA ASP A 310 74.35 7.00 -3.66
C ASP A 310 73.72 8.13 -4.48
N ARG A 311 74.24 8.35 -5.70
CA ARG A 311 73.67 9.38 -6.56
C ARG A 311 72.24 9.03 -6.97
N MET A 312 72.00 7.76 -7.29
CA MET A 312 70.64 7.34 -7.66
C MET A 312 69.68 7.52 -6.49
N GLN A 313 70.12 7.18 -5.28
CA GLN A 313 69.28 7.37 -4.11
C GLN A 313 68.95 8.84 -3.89
N LYS A 314 69.96 9.71 -4.04
CA LYS A 314 69.74 11.14 -3.83
C LYS A 314 68.79 11.72 -4.87
N GLU A 315 68.94 11.32 -6.14
CA GLU A 315 68.13 11.90 -7.20
C GLU A 315 66.68 11.41 -7.12
N ILE A 316 66.48 10.11 -6.88
CA ILE A 316 65.12 9.58 -6.82
C ILE A 316 64.39 10.13 -5.59
N THR A 317 65.11 10.32 -4.49
CA THR A 317 64.50 10.89 -3.29
C THR A 317 63.95 12.29 -3.55
N ALA A 318 64.66 13.07 -4.36
CA ALA A 318 64.19 14.41 -4.69
C ALA A 318 62.96 14.39 -5.58
N LEU A 319 62.67 13.25 -6.22
CA LEU A 319 61.50 13.13 -7.08
C LEU A 319 60.32 12.48 -6.35
N ALA A 320 60.58 11.47 -5.54
CA ALA A 320 59.54 10.75 -4.83
C ALA A 320 59.01 11.59 -3.66
N PRO A 321 57.80 11.29 -3.18
CA PRO A 321 57.29 11.98 -2.00
C PRO A 321 58.15 11.69 -0.77
N SER A 322 58.08 12.62 0.19
CA SER A 322 58.95 12.54 1.36
C SER A 322 58.65 11.31 2.21
N THR A 323 57.41 10.81 2.17
CA THR A 323 57.03 9.68 3.00
C THR A 323 57.47 8.34 2.42
N MET A 324 58.00 8.31 1.21
CA MET A 324 58.44 7.07 0.58
C MET A 324 59.87 6.75 0.97
N LYS A 325 60.13 5.48 1.25
CA LYS A 325 61.46 5.01 1.63
C LYS A 325 62.18 4.54 0.38
N ILE A 326 63.13 5.33 -0.10
CA ILE A 326 63.90 4.99 -1.28
C ILE A 326 65.07 4.11 -0.87
N LYS A 327 65.18 2.94 -1.48
CA LYS A 327 66.25 1.99 -1.17
C LYS A 327 66.80 1.43 -2.47
N ILE A 328 68.04 1.79 -2.80
CA ILE A 328 68.68 1.32 -4.02
C ILE A 328 69.50 0.08 -3.68
N ILE A 329 69.22 -1.02 -4.39
CA ILE A 329 69.93 -2.28 -4.18
C ILE A 329 71.00 -2.40 -5.26
N ALA A 330 72.26 -2.41 -4.84
CA ALA A 330 73.41 -2.49 -5.74
C ALA A 330 74.33 -3.60 -5.26
N PRO A 331 74.02 -4.85 -5.59
CA PRO A 331 74.89 -5.94 -5.17
C PRO A 331 76.25 -5.83 -5.83
N PRO A 332 77.31 -6.26 -5.16
CA PRO A 332 78.65 -6.19 -5.76
C PRO A 332 78.81 -7.07 -6.99
N GLU A 333 77.95 -8.06 -7.16
CA GLU A 333 78.00 -8.99 -8.28
C GLU A 333 77.08 -8.58 -9.43
N ARG A 334 76.49 -7.39 -9.36
CA ARG A 334 75.43 -7.01 -10.29
C ARG A 334 75.90 -6.97 -11.74
N LYS A 335 77.22 -6.93 -11.98
CA LYS A 335 77.69 -7.02 -13.37
C LYS A 335 77.33 -8.36 -14.00
N TYR A 336 77.15 -9.40 -13.19
CA TYR A 336 76.78 -10.72 -13.66
C TYR A 336 75.44 -11.17 -13.08
N SER A 337 74.57 -10.22 -12.75
CA SER A 337 73.29 -10.58 -12.16
C SER A 337 72.41 -11.36 -13.13
N VAL A 338 72.44 -10.97 -14.41
CA VAL A 338 71.60 -11.64 -15.41
C VAL A 338 72.00 -13.10 -15.55
N TRP A 339 73.29 -13.38 -15.64
CA TRP A 339 73.75 -14.76 -15.79
C TRP A 339 73.51 -15.56 -14.51
N ILE A 340 73.82 -14.98 -13.35
CA ILE A 340 73.66 -15.70 -12.10
C ILE A 340 72.20 -16.04 -11.85
N GLY A 341 71.30 -15.09 -12.12
CA GLY A 341 69.88 -15.38 -12.03
C GLY A 341 69.44 -16.45 -13.01
N GLY A 342 70.03 -16.45 -14.21
CA GLY A 342 69.73 -17.51 -15.17
C GLY A 342 70.24 -18.86 -14.71
N SER A 343 71.42 -18.88 -14.08
CA SER A 343 71.95 -20.13 -13.54
C SER A 343 71.06 -20.66 -12.42
N ILE A 344 70.57 -19.76 -11.56
CA ILE A 344 69.66 -20.17 -10.50
C ILE A 344 68.37 -20.72 -11.09
N LEU A 345 67.80 -20.04 -12.08
CA LEU A 345 66.55 -20.48 -12.68
C LEU A 345 66.70 -21.82 -13.38
N ALA A 346 67.80 -22.01 -14.11
CA ALA A 346 68.01 -23.26 -14.84
C ALA A 346 68.23 -24.45 -13.92
N SER A 347 68.61 -24.21 -12.67
CA SER A 347 68.83 -25.29 -11.70
C SER A 347 67.59 -25.61 -10.88
N LEU A 348 66.52 -24.82 -10.99
CA LEU A 348 65.31 -25.09 -10.23
C LEU A 348 64.61 -26.32 -10.78
N SER A 349 64.09 -27.15 -9.86
CA SER A 349 63.36 -28.34 -10.28
C SER A 349 62.03 -28.01 -10.93
N THR A 350 61.44 -26.86 -10.62
CA THR A 350 60.19 -26.43 -11.21
C THR A 350 60.36 -25.76 -12.56
N PHE A 351 61.61 -25.60 -13.03
CA PHE A 351 61.88 -24.98 -14.32
C PHE A 351 61.94 -25.98 -15.45
N GLN A 352 62.09 -27.28 -15.15
CA GLN A 352 62.27 -28.28 -16.20
C GLN A 352 61.05 -28.39 -17.10
N GLN A 353 59.90 -27.87 -16.68
CA GLN A 353 58.72 -27.84 -17.53
C GLN A 353 58.75 -26.70 -18.53
N MET A 354 59.71 -25.79 -18.42
CA MET A 354 59.82 -24.64 -19.32
C MET A 354 60.69 -24.90 -20.53
N TRP A 355 61.39 -26.04 -20.59
CA TRP A 355 62.24 -26.35 -21.72
C TRP A 355 61.41 -26.59 -22.99
N ILE A 356 61.99 -26.23 -24.13
CA ILE A 356 61.38 -26.46 -25.43
C ILE A 356 62.29 -27.40 -26.20
N SER A 357 61.80 -28.59 -26.53
CA SER A 357 62.60 -29.59 -27.21
C SER A 357 62.79 -29.23 -28.67
N LYS A 358 63.91 -29.70 -29.24
CA LYS A 358 64.17 -29.48 -30.65
C LYS A 358 63.15 -30.20 -31.53
N GLN A 359 62.75 -31.41 -31.14
CA GLN A 359 61.74 -32.14 -31.91
C GLN A 359 60.40 -31.40 -31.89
N GLU A 360 60.05 -30.80 -30.76
CA GLU A 360 58.82 -30.02 -30.68
C GLU A 360 58.89 -28.80 -31.60
N TYR A 361 60.04 -28.14 -31.67
CA TYR A 361 60.19 -26.98 -32.53
C TYR A 361 60.09 -27.36 -34.00
N ASP A 362 60.62 -28.52 -34.38
CA ASP A 362 60.60 -28.93 -35.77
C ASP A 362 59.18 -29.15 -36.29
N GLU A 363 58.30 -29.74 -35.48
CA GLU A 363 56.95 -30.03 -35.89
C GLU A 363 55.96 -28.91 -35.61
N SER A 364 56.32 -27.94 -34.76
CA SER A 364 55.41 -26.87 -34.38
C SER A 364 55.86 -25.49 -34.83
N GLY A 365 57.16 -25.21 -34.84
CA GLY A 365 57.67 -23.94 -35.28
C GLY A 365 57.86 -22.96 -34.15
N PRO A 366 58.07 -21.68 -34.48
CA PRO A 366 58.32 -20.67 -33.44
C PRO A 366 57.09 -20.26 -32.66
N SER A 367 55.90 -20.77 -33.00
CA SER A 367 54.70 -20.42 -32.26
C SER A 367 54.78 -20.87 -30.81
N ILE A 368 55.36 -22.06 -30.57
CA ILE A 368 55.49 -22.57 -29.21
C ILE A 368 56.55 -21.82 -28.43
N VAL A 369 57.38 -21.02 -29.11
CA VAL A 369 58.40 -20.24 -28.40
C VAL A 369 57.82 -18.91 -27.93
N HIS A 370 56.94 -18.29 -28.71
CA HIS A 370 56.29 -17.06 -28.27
C HIS A 370 55.40 -17.32 -27.06
N ARG A 371 54.63 -18.41 -27.10
CA ARG A 371 54.04 -18.92 -25.87
C ARG A 371 55.13 -19.56 -25.02
N LYS A 372 54.84 -19.75 -23.73
CA LYS A 372 55.76 -20.24 -22.72
C LYS A 372 56.87 -19.22 -22.42
N CYS A 373 56.90 -18.10 -23.13
CA CYS A 373 57.87 -17.04 -22.91
C CYS A 373 57.13 -15.71 -22.76
N PHE A 374 57.76 -14.77 -22.07
CA PHE A 374 57.14 -13.49 -21.78
C PHE A 374 57.88 -12.35 -22.45
N ALA B 5 30.43 39.98 -36.34
CA ALA B 5 31.08 38.71 -36.66
C ALA B 5 31.62 38.05 -35.40
N ALA B 6 30.98 36.97 -34.98
CA ALA B 6 31.38 36.23 -33.80
C ALA B 6 32.45 35.20 -34.14
N LEU B 7 33.31 34.92 -33.17
CA LEU B 7 34.37 33.95 -33.32
C LEU B 7 34.01 32.64 -32.62
N VAL B 8 34.30 31.53 -33.27
CA VAL B 8 34.11 30.19 -32.71
C VAL B 8 35.49 29.57 -32.55
N VAL B 9 35.87 29.29 -31.31
CA VAL B 9 37.17 28.72 -30.99
C VAL B 9 36.94 27.35 -30.35
N ASP B 10 37.46 26.31 -30.99
CA ASP B 10 37.39 24.95 -30.47
C ASP B 10 38.81 24.53 -30.11
N ASN B 11 39.13 24.60 -28.82
CA ASN B 11 40.47 24.27 -28.32
C ASN B 11 40.44 22.86 -27.74
N GLY B 12 41.17 21.96 -28.39
CA GLY B 12 41.30 20.59 -27.92
C GLY B 12 42.69 20.33 -27.34
N SER B 13 42.89 19.07 -26.95
CA SER B 13 44.18 18.68 -26.39
C SER B 13 45.27 18.69 -27.44
N GLY B 14 44.96 18.30 -28.67
CA GLY B 14 45.96 18.19 -29.70
C GLY B 14 45.92 19.27 -30.77
N MET B 15 44.72 19.66 -31.18
CA MET B 15 44.54 20.63 -32.26
C MET B 15 43.60 21.73 -31.83
N CYS B 16 43.80 22.92 -32.40
CA CYS B 16 42.98 24.08 -32.13
C CYS B 16 42.33 24.53 -33.43
N LYS B 17 41.00 24.65 -33.43
CA LYS B 17 40.24 25.09 -34.60
C LYS B 17 39.59 26.43 -34.28
N ALA B 18 39.75 27.39 -35.18
CA ALA B 18 39.19 28.73 -35.01
C ALA B 18 38.60 29.20 -36.33
N GLY B 19 37.71 30.19 -36.23
CA GLY B 19 37.08 30.73 -37.42
C GLY B 19 36.01 31.72 -37.04
N PHE B 20 35.11 31.97 -37.98
CA PHE B 20 34.03 32.94 -37.82
C PHE B 20 32.68 32.21 -37.89
N ALA B 21 31.72 32.74 -37.14
CA ALA B 21 30.38 32.17 -37.15
C ALA B 21 29.75 32.34 -38.53
N GLY B 22 29.05 31.29 -38.98
CA GLY B 22 28.42 31.27 -40.28
C GLY B 22 29.21 30.54 -41.35
N ASP B 23 30.51 30.31 -41.13
CA ASP B 23 31.31 29.56 -42.08
C ASP B 23 31.05 28.07 -41.94
N ASP B 24 31.40 27.34 -42.99
CA ASP B 24 31.18 25.89 -43.03
C ASP B 24 32.37 25.08 -42.54
N ALA B 25 33.57 25.66 -42.53
CA ALA B 25 34.77 24.97 -42.08
C ALA B 25 35.62 25.95 -41.28
N PRO B 26 36.39 25.45 -40.31
CA PRO B 26 37.29 26.34 -39.56
C PRO B 26 38.32 26.99 -40.47
N ARG B 27 38.58 28.27 -40.24
CA ARG B 27 39.57 28.99 -41.04
C ARG B 27 40.99 28.65 -40.62
N ALA B 28 41.24 28.48 -39.33
CA ALA B 28 42.57 28.21 -38.81
C ALA B 28 42.55 26.91 -38.02
N VAL B 29 43.31 25.92 -38.48
CA VAL B 29 43.46 24.64 -37.80
C VAL B 29 44.96 24.40 -37.66
N PHE B 30 45.48 24.57 -36.45
CA PHE B 30 46.90 24.43 -36.19
C PHE B 30 47.11 23.59 -34.94
N PRO B 31 48.25 22.88 -34.85
CA PRO B 31 48.52 22.07 -33.66
C PRO B 31 48.62 22.93 -32.40
N SER B 32 48.15 22.38 -31.30
CA SER B 32 48.18 23.07 -30.00
C SER B 32 49.46 22.69 -29.25
N ILE B 33 50.58 23.18 -29.79
CA ILE B 33 51.90 22.89 -29.24
C ILE B 33 52.65 24.19 -29.04
N VAL B 34 53.56 24.18 -28.06
CA VAL B 34 54.50 25.28 -27.83
C VAL B 34 55.89 24.67 -27.78
N GLY B 35 56.75 25.11 -28.68
CA GLY B 35 58.11 24.58 -28.79
C GLY B 35 59.12 25.61 -28.33
N ARG B 36 60.15 25.13 -27.63
CA ARG B 36 61.22 25.98 -27.13
C ARG B 36 62.57 25.39 -27.53
N PRO B 37 63.54 26.23 -27.86
CA PRO B 37 64.85 25.72 -28.30
C PRO B 37 65.53 24.90 -27.21
N ARG B 38 66.19 23.82 -27.63
CA ARG B 38 66.93 22.97 -26.73
C ARG B 38 68.43 22.99 -26.99
N HIS B 39 68.90 23.83 -27.91
CA HIS B 39 70.32 24.01 -28.20
C HIS B 39 70.70 25.46 -27.91
N GLN B 40 71.95 25.80 -28.22
CA GLN B 40 72.47 27.14 -28.00
C GLN B 40 72.71 27.82 -29.35
N GLY B 41 72.23 29.05 -29.47
CA GLY B 41 72.44 29.80 -30.70
C GLY B 41 73.86 30.30 -30.80
N VAL B 42 74.42 30.25 -32.01
CA VAL B 42 75.79 30.67 -32.27
C VAL B 42 75.88 31.81 -33.28
N MET B 43 74.81 32.15 -33.96
CA MET B 43 74.81 33.20 -34.97
C MET B 43 74.00 34.39 -34.48
N VAL B 44 74.55 35.58 -34.67
CA VAL B 44 73.89 36.82 -34.25
C VAL B 44 72.67 37.08 -35.11
N LYS B 49 63.05 35.38 -30.28
CA LYS B 49 61.91 34.47 -30.12
C LYS B 49 62.32 33.22 -29.34
N ASP B 50 61.89 33.14 -28.09
CA ASP B 50 62.22 32.02 -27.22
C ASP B 50 61.18 30.91 -27.26
N SER B 51 60.10 31.07 -28.02
CA SER B 51 59.06 30.05 -28.10
C SER B 51 58.33 30.18 -29.43
N TYR B 52 57.82 29.04 -29.90
CA TYR B 52 57.06 28.98 -31.15
C TYR B 52 55.77 28.21 -30.88
N VAL B 53 54.67 28.70 -31.46
CA VAL B 53 53.34 28.17 -31.19
C VAL B 53 52.69 27.80 -32.52
N GLY B 54 52.24 26.56 -32.63
CA GLY B 54 51.44 26.16 -33.77
C GLY B 54 52.28 25.63 -34.91
N ASP B 55 51.97 26.09 -36.14
CA ASP B 55 52.65 25.58 -37.32
C ASP B 55 54.11 26.00 -37.37
N GLU B 56 54.45 27.18 -36.85
CA GLU B 56 55.84 27.60 -36.83
C GLU B 56 56.68 26.71 -35.93
N ALA B 57 56.10 26.18 -34.85
CA ALA B 57 56.81 25.22 -34.03
C ALA B 57 56.96 23.88 -34.73
N GLN B 58 56.00 23.53 -35.60
CA GLN B 58 56.10 22.27 -36.34
C GLN B 58 57.15 22.33 -37.44
N SER B 59 57.37 23.52 -38.02
CA SER B 59 58.38 23.67 -39.06
C SER B 59 59.79 23.77 -38.49
N LYS B 60 59.93 24.18 -37.23
CA LYS B 60 61.23 24.29 -36.57
C LYS B 60 61.44 23.21 -35.52
N ARG B 61 60.64 22.14 -35.55
CA ARG B 61 60.65 21.14 -34.50
C ARG B 61 61.97 20.37 -34.42
N GLY B 62 62.84 20.48 -35.43
CA GLY B 62 64.11 19.79 -35.38
C GLY B 62 65.00 20.27 -34.25
N ILE B 63 64.90 21.54 -33.88
CA ILE B 63 65.73 22.13 -32.84
C ILE B 63 64.89 22.63 -31.66
N LEU B 64 63.64 22.17 -31.56
CA LEU B 64 62.73 22.60 -30.51
C LEU B 64 62.28 21.40 -29.67
N THR B 65 61.84 21.70 -28.46
CA THR B 65 61.21 20.73 -27.58
C THR B 65 59.72 21.05 -27.54
N LEU B 66 58.90 20.18 -28.14
CA LEU B 66 57.48 20.42 -28.27
C LEU B 66 56.74 19.93 -27.03
N LYS B 67 55.89 20.78 -26.47
CA LYS B 67 55.08 20.44 -25.31
C LYS B 67 53.63 20.84 -25.57
N TYR B 68 52.71 20.00 -25.09
CA TYR B 68 51.28 20.27 -25.22
C TYR B 68 50.79 20.96 -23.97
N PRO B 69 50.26 22.19 -24.06
CA PRO B 69 49.73 22.84 -22.86
C PRO B 69 48.54 22.11 -22.24
N ILE B 70 47.84 21.28 -23.01
CA ILE B 70 46.70 20.52 -22.52
C ILE B 70 47.06 19.04 -22.55
N GLU B 71 46.89 18.36 -21.42
CA GLU B 71 47.15 16.93 -21.34
C GLU B 71 45.97 16.22 -20.70
N HIC B 72 45.38 15.28 -21.45
CA HIC B 72 44.21 14.54 -21.02
C HIC B 72 43.04 15.47 -20.70
O HIC B 72 42.27 15.22 -19.77
CB HIC B 72 44.53 13.66 -19.81
CG HIC B 72 45.45 12.54 -20.11
ND1 HIC B 72 45.15 11.58 -21.05
CD2 HIC B 72 46.67 12.27 -19.56
CE1 HIC B 72 46.17 10.76 -21.06
NE2 HIC B 72 47.12 11.13 -20.18
CZ HIC B 72 48.37 10.46 -19.92
N GLY B 73 42.91 16.54 -21.48
CA GLY B 73 41.84 17.50 -21.29
C GLY B 73 42.04 18.43 -20.11
N ILE B 74 43.25 18.39 -19.54
CA ILE B 74 43.61 19.22 -18.40
C ILE B 74 44.75 20.15 -18.82
N VAL B 75 44.57 21.44 -18.55
CA VAL B 75 45.58 22.43 -18.91
C VAL B 75 46.71 22.36 -17.88
N THR B 76 47.86 21.83 -18.30
CA THR B 76 49.00 21.68 -17.42
C THR B 76 49.83 22.95 -17.28
N ASN B 77 49.60 23.95 -18.14
CA ASN B 77 50.35 25.21 -18.06
C ASN B 77 49.50 26.29 -18.69
N TRP B 78 48.97 27.20 -17.86
CA TRP B 78 48.13 28.28 -18.36
C TRP B 78 48.93 29.36 -19.06
N ASP B 79 50.22 29.49 -18.76
CA ASP B 79 51.07 30.42 -19.50
C ASP B 79 51.18 30.02 -20.95
N ASP B 80 51.35 28.72 -21.21
CA ASP B 80 51.39 28.24 -22.59
C ASP B 80 50.00 28.25 -23.22
N MET B 81 48.95 28.09 -22.42
CA MET B 81 47.59 28.13 -22.95
C MET B 81 47.26 29.50 -23.51
N GLU B 82 47.70 30.56 -22.83
CA GLU B 82 47.47 31.91 -23.34
C GLU B 82 48.22 32.16 -24.64
N LYS B 83 49.37 31.49 -24.83
CA LYS B 83 50.09 31.60 -26.08
C LYS B 83 49.28 31.01 -27.23
N ILE B 84 48.58 29.90 -26.99
CA ILE B 84 47.73 29.31 -28.01
C ILE B 84 46.61 30.27 -28.40
N TRP B 85 45.97 30.89 -27.39
CA TRP B 85 44.91 31.84 -27.67
C TRP B 85 45.44 33.10 -28.35
N HIS B 86 46.59 33.59 -27.90
CA HIS B 86 47.19 34.77 -28.53
C HIS B 86 47.57 34.47 -29.98
N HIS B 87 48.15 33.28 -30.22
CA HIS B 87 48.46 32.89 -31.60
C HIS B 87 47.20 32.74 -32.43
N THR B 88 46.09 32.33 -31.81
CA THR B 88 44.85 32.16 -32.55
C THR B 88 44.31 33.50 -33.05
N PHE B 89 44.21 34.50 -32.16
CA PHE B 89 43.54 35.74 -32.51
C PHE B 89 44.40 36.60 -33.42
N TYR B 90 45.69 36.72 -33.12
CA TYR B 90 46.54 37.71 -33.79
C TYR B 90 47.27 37.14 -35.00
N ASN B 91 47.74 35.89 -34.92
CA ASN B 91 48.53 35.30 -35.98
C ASN B 91 47.71 34.46 -36.95
N GLU B 92 46.81 33.62 -36.44
CA GLU B 92 46.00 32.77 -37.31
C GLU B 92 44.80 33.51 -37.87
N LEU B 93 43.91 33.96 -36.99
CA LEU B 93 42.72 34.67 -37.44
C LEU B 93 43.03 36.09 -37.89
N ARG B 94 44.10 36.69 -37.37
CA ARG B 94 44.50 38.06 -37.70
C ARG B 94 43.37 39.05 -37.44
N VAL B 95 42.74 38.91 -36.27
CA VAL B 95 41.66 39.78 -35.85
C VAL B 95 41.94 40.26 -34.43
N ALA B 96 41.25 41.34 -34.05
CA ALA B 96 41.36 41.88 -32.69
C ALA B 96 40.32 41.20 -31.81
N PRO B 97 40.73 40.52 -30.73
CA PRO B 97 39.75 39.82 -29.88
C PRO B 97 38.78 40.75 -29.18
N GLU B 98 39.11 42.05 -29.06
CA GLU B 98 38.25 42.99 -28.35
C GLU B 98 37.10 43.51 -29.19
N GLU B 99 37.03 43.14 -30.47
CA GLU B 99 35.96 43.60 -31.35
C GLU B 99 34.99 42.50 -31.77
N HIS B 100 35.27 41.24 -31.41
CA HIS B 100 34.42 40.12 -31.80
C HIS B 100 34.04 39.32 -30.57
N PRO B 101 32.76 39.01 -30.38
CA PRO B 101 32.39 38.03 -29.35
C PRO B 101 32.95 36.66 -29.70
N VAL B 102 33.34 35.92 -28.66
CA VAL B 102 34.01 34.64 -28.82
C VAL B 102 33.14 33.55 -28.22
N LEU B 103 32.86 32.51 -29.01
CA LEU B 103 32.15 31.33 -28.53
C LEU B 103 33.17 30.23 -28.28
N LEU B 104 33.23 29.77 -27.04
CA LEU B 104 34.21 28.77 -26.62
C LEU B 104 33.53 27.43 -26.39
N THR B 105 34.34 26.37 -26.42
CA THR B 105 33.87 25.01 -26.23
C THR B 105 34.54 24.41 -25.00
N GLU B 106 33.79 23.59 -24.27
CA GLU B 106 34.30 22.93 -23.08
C GLU B 106 33.99 21.45 -23.12
N ALA B 107 34.85 20.66 -22.49
CA ALA B 107 34.63 19.22 -22.43
C ALA B 107 33.44 18.90 -21.53
N PRO B 108 32.78 17.78 -21.77
CA PRO B 108 31.68 17.38 -20.89
C PRO B 108 32.15 17.19 -19.46
N LEU B 109 31.28 17.55 -18.50
CA LEU B 109 31.62 17.52 -17.08
C LEU B 109 32.86 18.36 -16.79
N ASN B 110 32.96 19.50 -17.43
CA ASN B 110 34.12 20.38 -17.25
C ASN B 110 34.12 20.93 -15.83
N PRO B 111 35.25 20.91 -15.14
CA PRO B 111 35.31 21.50 -13.79
C PRO B 111 35.00 23.00 -13.84
N LYS B 112 34.30 23.48 -12.82
CA LYS B 112 33.95 24.89 -12.77
C LYS B 112 35.18 25.78 -12.63
N ALA B 113 36.23 25.26 -11.99
CA ALA B 113 37.48 26.03 -11.88
C ALA B 113 38.10 26.24 -13.26
N ASN B 114 38.05 25.22 -14.11
CA ASN B 114 38.59 25.36 -15.46
C ASN B 114 37.80 26.39 -16.27
N ARG B 115 36.48 26.39 -16.13
CA ARG B 115 35.66 27.35 -16.86
C ARG B 115 35.90 28.78 -16.36
N GLU B 116 36.11 28.94 -15.06
CA GLU B 116 36.38 30.27 -14.52
C GLU B 116 37.67 30.85 -15.07
N LYS B 117 38.72 30.04 -15.16
CA LYS B 117 39.99 30.53 -15.69
C LYS B 117 39.88 30.90 -17.16
N MET B 118 39.17 30.08 -17.95
CA MET B 118 38.98 30.38 -19.36
C MET B 118 38.17 31.65 -19.55
N THR B 119 37.12 31.83 -18.75
CA THR B 119 36.31 33.05 -18.83
C THR B 119 37.10 34.27 -18.39
N GLN B 120 37.88 34.12 -17.32
CA GLN B 120 38.65 35.27 -16.80
C GLN B 120 39.69 35.73 -17.81
N ILE B 121 40.36 34.80 -18.48
CA ILE B 121 41.39 35.16 -19.45
C ILE B 121 40.77 35.91 -20.63
N MET B 122 39.62 35.43 -21.12
CA MET B 122 39.00 36.04 -22.29
C MET B 122 38.55 37.46 -21.98
N PHE B 123 38.03 37.71 -20.77
CA PHE B 123 37.49 39.01 -20.43
C PHE B 123 38.53 39.99 -19.93
N GLU B 124 39.59 39.51 -19.27
CA GLU B 124 40.58 40.39 -18.67
C GLU B 124 41.87 40.51 -19.47
N THR B 125 42.28 39.46 -20.18
CA THR B 125 43.50 39.52 -20.97
C THR B 125 43.22 39.96 -22.41
N PHE B 126 42.23 39.36 -23.05
CA PHE B 126 41.88 39.69 -24.43
C PHE B 126 40.74 40.69 -24.54
N ASN B 127 40.04 40.97 -23.43
CA ASN B 127 38.99 41.99 -23.39
C ASN B 127 37.92 41.74 -24.44
N THR B 128 37.48 40.50 -24.57
CA THR B 128 36.42 40.17 -25.52
C THR B 128 35.11 40.83 -25.07
N PRO B 129 34.39 41.51 -25.98
CA PRO B 129 33.14 42.16 -25.58
C PRO B 129 32.09 41.20 -25.04
N ALA B 130 32.02 39.99 -25.60
CA ALA B 130 31.06 38.99 -25.16
C ALA B 130 31.70 37.61 -25.26
N MET B 131 31.18 36.68 -24.47
CA MET B 131 31.72 35.33 -24.43
C MET B 131 30.64 34.36 -24.01
N TYR B 132 30.75 33.13 -24.50
CA TYR B 132 29.87 32.04 -24.09
C TYR B 132 30.62 30.72 -24.25
N VAL B 133 30.32 29.78 -23.37
CA VAL B 133 30.95 28.46 -23.36
C VAL B 133 29.88 27.42 -23.61
N ALA B 134 30.13 26.53 -24.57
CA ALA B 134 29.20 25.47 -24.94
C ALA B 134 29.86 24.12 -24.81
N ILE B 135 29.04 23.09 -24.57
CA ILE B 135 29.54 21.73 -24.44
C ILE B 135 29.87 21.19 -25.82
N GLN B 136 31.03 20.54 -25.95
CA GLN B 136 31.46 20.04 -27.26
C GLN B 136 30.50 18.98 -27.79
N ALA B 137 30.03 18.09 -26.92
CA ALA B 137 29.12 17.04 -27.37
C ALA B 137 27.80 17.62 -27.87
N VAL B 138 27.29 18.65 -27.19
CA VAL B 138 26.06 19.29 -27.63
C VAL B 138 26.25 19.94 -29.00
N LEU B 139 27.39 20.61 -29.20
CA LEU B 139 27.67 21.22 -30.50
C LEU B 139 27.82 20.16 -31.58
N SER B 140 28.44 19.02 -31.25
CA SER B 140 28.57 17.95 -32.24
C SER B 140 27.20 17.41 -32.65
N LEU B 141 26.21 17.49 -31.78
CA LEU B 141 24.86 17.11 -32.14
C LEU B 141 24.19 18.16 -33.02
N TYR B 142 24.54 19.44 -32.83
CA TYR B 142 24.00 20.49 -33.69
C TYR B 142 24.44 20.30 -35.14
N ALA B 143 25.70 19.93 -35.35
CA ALA B 143 26.22 19.79 -36.71
C ALA B 143 25.52 18.68 -37.47
N SER B 144 25.07 17.64 -36.78
CA SER B 144 24.36 16.53 -37.41
C SER B 144 22.86 16.79 -37.54
N GLY B 145 22.38 17.93 -37.05
CA GLY B 145 20.96 18.23 -37.13
C GLY B 145 20.10 17.28 -36.33
N ARG B 146 20.53 16.95 -35.10
CA ARG B 146 19.82 16.00 -34.26
C ARG B 146 19.57 16.62 -32.89
N THR B 147 18.47 16.21 -32.27
CA THR B 147 18.15 16.60 -30.91
C THR B 147 18.31 15.45 -29.93
N THR B 148 18.33 14.21 -30.41
CA THR B 148 18.46 13.01 -29.59
C THR B 148 19.59 12.16 -30.11
N GLY B 149 20.44 11.70 -29.21
CA GLY B 149 21.53 10.81 -29.57
C GLY B 149 22.64 10.86 -28.54
N ILE B 150 23.52 9.86 -28.62
CA ILE B 150 24.69 9.76 -27.74
C ILE B 150 25.92 10.04 -28.59
N VAL B 151 26.72 11.00 -28.15
CA VAL B 151 27.90 11.46 -28.90
C VAL B 151 29.13 10.76 -28.34
N MET B 152 29.87 10.09 -29.21
CA MET B 152 31.13 9.44 -28.85
C MET B 152 32.26 10.33 -29.33
N ASP B 153 32.62 11.32 -28.51
CA ASP B 153 33.64 12.30 -28.86
C ASP B 153 34.99 11.77 -28.41
N SER B 154 35.85 11.41 -29.36
CA SER B 154 37.18 10.92 -29.09
C SER B 154 38.19 11.85 -29.75
N GLY B 155 38.95 12.57 -28.93
CA GLY B 155 39.93 13.51 -29.44
C GLY B 155 41.36 13.07 -29.20
N ASP B 156 42.17 13.97 -28.65
CA ASP B 156 43.56 13.68 -28.35
C ASP B 156 43.84 13.47 -26.87
N GLY B 157 42.98 13.97 -25.99
CA GLY B 157 43.21 13.83 -24.57
C GLY B 157 42.37 12.77 -23.88
N VAL B 158 41.08 12.72 -24.20
CA VAL B 158 40.14 11.83 -23.53
C VAL B 158 39.05 11.41 -24.52
N THR B 159 38.26 10.43 -24.12
CA THR B 159 37.10 9.96 -24.88
C THR B 159 35.87 10.10 -24.01
N HIS B 160 34.83 10.74 -24.54
CA HIS B 160 33.61 11.01 -23.79
C HIS B 160 32.40 10.46 -24.52
N THR B 161 31.44 9.93 -23.76
CA THR B 161 30.17 9.45 -24.28
C THR B 161 29.06 10.24 -23.57
N VAL B 162 28.36 11.08 -24.33
CA VAL B 162 27.34 11.96 -23.76
C VAL B 162 25.98 11.65 -24.37
N PRO B 163 25.08 11.01 -23.61
CA PRO B 163 23.74 10.75 -24.14
C PRO B 163 22.83 11.97 -23.97
N ILE B 164 22.16 12.35 -25.05
CA ILE B 164 21.22 13.47 -25.04
C ILE B 164 19.90 12.99 -25.64
N TYR B 165 18.80 13.27 -24.94
CA TYR B 165 17.48 12.87 -25.39
C TYR B 165 16.57 14.09 -25.42
N GLU B 166 16.04 14.40 -26.61
CA GLU B 166 15.10 15.50 -26.80
C GLU B 166 15.68 16.83 -26.29
N GLY B 167 16.98 17.02 -26.49
CA GLY B 167 17.64 18.22 -26.04
C GLY B 167 17.98 18.27 -24.56
N TYR B 168 17.70 17.20 -23.82
CA TYR B 168 17.98 17.13 -22.40
C TYR B 168 19.20 16.23 -22.18
N ALA B 169 20.19 16.75 -21.46
CA ALA B 169 21.40 15.99 -21.17
C ALA B 169 21.21 15.14 -19.92
N LEU B 170 22.03 14.10 -19.82
CA LEU B 170 21.99 13.16 -18.69
C LEU B 170 23.39 13.10 -18.10
N PRO B 171 23.76 14.04 -17.24
CA PRO B 171 25.14 14.06 -16.70
C PRO B 171 25.51 12.80 -15.94
N HIS B 172 24.56 12.15 -15.28
CA HIS B 172 24.86 10.93 -14.53
C HIS B 172 25.27 9.79 -15.45
N ALA B 173 24.88 9.82 -16.72
CA ALA B 173 25.22 8.76 -17.67
C ALA B 173 26.43 9.09 -18.51
N ILE B 174 27.11 10.21 -18.26
CA ILE B 174 28.28 10.59 -19.03
C ILE B 174 29.48 9.80 -18.52
N LEU B 175 30.13 9.06 -19.42
CA LEU B 175 31.30 8.27 -19.10
C LEU B 175 32.53 8.84 -19.80
N ARG B 176 33.66 8.75 -19.12
CA ARG B 176 34.93 9.26 -19.62
C ARG B 176 35.93 8.13 -19.72
N LEU B 177 36.64 8.06 -20.85
CA LEU B 177 37.69 7.07 -21.07
C LEU B 177 39.01 7.81 -21.27
N ASP B 178 39.99 7.50 -20.43
CA ASP B 178 41.31 8.14 -20.50
C ASP B 178 42.16 7.48 -21.57
N LEU B 179 41.66 7.54 -22.81
CA LEU B 179 42.34 6.93 -23.95
C LEU B 179 41.89 7.65 -25.20
N ALA B 180 42.83 8.25 -25.91
CA ALA B 180 42.50 9.08 -27.07
C ALA B 180 43.65 8.99 -28.06
N GLY B 181 43.70 9.94 -29.01
CA GLY B 181 44.68 9.86 -30.08
C GLY B 181 46.12 9.90 -29.59
N ARG B 182 46.40 10.74 -28.59
CA ARG B 182 47.77 10.85 -28.09
C ARG B 182 48.24 9.54 -27.46
N ASP B 183 47.35 8.84 -26.75
CA ASP B 183 47.70 7.54 -26.22
C ASP B 183 47.98 6.53 -27.34
N LEU B 184 47.23 6.62 -28.43
CA LEU B 184 47.48 5.74 -29.57
C LEU B 184 48.78 6.09 -30.27
N THR B 185 49.13 7.39 -30.33
CA THR B 185 50.40 7.80 -30.92
C THR B 185 51.58 7.23 -30.14
N ASP B 186 51.49 7.28 -28.80
CA ASP B 186 52.56 6.70 -27.98
C ASP B 186 52.63 5.18 -28.16
N TYR B 187 51.47 4.53 -28.30
CA TYR B 187 51.46 3.08 -28.51
C TYR B 187 52.08 2.71 -29.85
N LEU B 188 51.85 3.52 -30.88
CA LEU B 188 52.45 3.25 -32.18
C LEU B 188 53.97 3.33 -32.11
N MET B 189 54.50 4.29 -31.34
CA MET B 189 55.95 4.37 -31.17
C MET B 189 56.49 3.12 -30.48
N LYS B 190 55.76 2.61 -29.49
CA LYS B 190 56.22 1.41 -28.77
C LYS B 190 56.28 0.20 -29.69
N ILE B 191 55.25 0.01 -30.52
CA ILE B 191 55.20 -1.16 -31.40
C ILE B 191 56.00 -0.96 -32.68
N LEU B 192 56.40 0.27 -32.99
CA LEU B 192 57.29 0.49 -34.12
C LEU B 192 58.72 0.08 -33.80
N THR B 193 59.09 0.12 -32.53
CA THR B 193 60.43 -0.32 -32.14
C THR B 193 60.62 -1.82 -32.38
N GLU B 194 59.54 -2.60 -32.29
CA GLU B 194 59.62 -4.02 -32.59
C GLU B 194 59.98 -4.29 -34.04
N ARG B 195 59.71 -3.33 -34.93
CA ARG B 195 60.07 -3.46 -36.34
C ARG B 195 61.45 -2.87 -36.65
N GLY B 196 62.13 -2.30 -35.66
CA GLY B 196 63.45 -1.75 -35.86
C GLY B 196 63.52 -0.25 -36.02
N TYR B 197 62.40 0.46 -35.91
CA TYR B 197 62.37 1.90 -36.05
C TYR B 197 62.25 2.55 -34.67
N SER B 198 63.17 3.46 -34.36
CA SER B 198 63.24 4.08 -33.04
C SER B 198 62.85 5.55 -33.18
N PHE B 199 61.74 5.92 -32.54
CA PHE B 199 61.31 7.31 -32.43
C PHE B 199 61.18 7.64 -30.95
N THR B 200 61.98 8.61 -30.49
CA THR B 200 62.01 8.89 -29.06
C THR B 200 61.75 10.35 -28.72
N THR B 201 62.25 11.29 -29.52
CA THR B 201 62.14 12.69 -29.17
C THR B 201 60.73 13.20 -29.45
N THR B 202 60.43 14.39 -28.92
CA THR B 202 59.12 14.99 -29.14
C THR B 202 58.91 15.35 -30.60
N ALA B 203 59.98 15.66 -31.33
CA ALA B 203 59.85 15.92 -32.76
C ALA B 203 59.43 14.68 -33.52
N GLU B 204 59.96 13.51 -33.14
CA GLU B 204 59.58 12.27 -33.80
C GLU B 204 58.18 11.81 -33.39
N ARG B 205 57.65 12.32 -32.28
CA ARG B 205 56.28 12.01 -31.92
C ARG B 205 55.29 12.54 -32.95
N GLU B 206 55.57 13.75 -33.47
CA GLU B 206 54.75 14.29 -34.54
C GLU B 206 54.87 13.48 -35.81
N ILE B 207 56.06 12.95 -36.09
CA ILE B 207 56.25 12.09 -37.27
C ILE B 207 55.41 10.82 -37.14
N VAL B 208 55.43 10.20 -35.96
CA VAL B 208 54.64 8.99 -35.75
C VAL B 208 53.15 9.31 -35.82
N ARG B 209 52.75 10.49 -35.34
CA ARG B 209 51.35 10.89 -35.44
C ARG B 209 50.91 11.00 -36.88
N ASP B 210 51.80 11.52 -37.75
CA ASP B 210 51.49 11.59 -39.18
C ASP B 210 51.34 10.19 -39.78
N ILE B 211 52.17 9.24 -39.33
CA ILE B 211 52.03 7.86 -39.79
C ILE B 211 50.69 7.29 -39.36
N LYS B 212 50.29 7.57 -38.12
CA LYS B 212 49.02 7.07 -37.60
C LYS B 212 47.84 7.62 -38.39
N GLU B 213 47.89 8.91 -38.74
CA GLU B 213 46.77 9.53 -39.44
C GLU B 213 46.68 9.11 -40.89
N LYS B 214 47.71 8.48 -41.44
CA LYS B 214 47.75 8.17 -42.87
C LYS B 214 47.67 6.68 -43.18
N LEU B 215 48.22 5.82 -42.31
CA LEU B 215 48.31 4.39 -42.61
C LEU B 215 47.50 3.51 -41.68
N CYS B 216 46.98 4.03 -40.58
CA CYS B 216 46.29 3.21 -39.60
C CYS B 216 44.80 3.09 -39.93
N TYR B 217 44.22 1.95 -39.57
CA TYR B 217 42.81 1.68 -39.78
C TYR B 217 42.35 0.68 -38.74
N VAL B 218 41.03 0.48 -38.68
CA VAL B 218 40.41 -0.44 -37.72
C VAL B 218 39.94 -1.66 -38.48
N ALA B 219 40.39 -2.84 -38.04
CA ALA B 219 39.99 -4.08 -38.68
C ALA B 219 38.64 -4.54 -38.16
N LEU B 220 37.82 -5.09 -39.05
CA LEU B 220 36.52 -5.61 -38.65
C LEU B 220 36.66 -6.77 -37.68
N ASP B 221 37.60 -7.68 -37.97
CA ASP B 221 37.93 -8.77 -37.06
C ASP B 221 39.43 -8.79 -36.86
N PHE B 222 39.87 -8.49 -35.63
CA PHE B 222 41.29 -8.31 -35.36
C PHE B 222 42.07 -9.61 -35.58
N GLU B 223 41.52 -10.73 -35.13
CA GLU B 223 42.24 -12.00 -35.23
C GLU B 223 42.42 -12.41 -36.70
N GLN B 224 41.39 -12.24 -37.52
CA GLN B 224 41.52 -12.58 -38.94
C GLN B 224 42.53 -11.68 -39.64
N GLU B 225 42.54 -10.40 -39.31
CA GLU B 225 43.50 -9.48 -39.92
C GLU B 225 44.93 -9.83 -39.52
N MET B 226 45.14 -10.22 -38.26
CA MET B 226 46.46 -10.64 -37.83
C MET B 226 46.93 -11.89 -38.59
N ALA B 227 46.01 -12.84 -38.80
CA ALA B 227 46.34 -14.01 -39.60
C ALA B 227 46.64 -13.64 -41.04
N THR B 228 45.87 -12.70 -41.60
CA THR B 228 46.11 -12.25 -42.97
C THR B 228 47.47 -11.56 -43.09
N ALA B 229 47.82 -10.73 -42.11
CA ALA B 229 49.08 -10.02 -42.16
C ALA B 229 50.28 -10.94 -41.90
N ALA B 230 50.06 -12.10 -41.30
CA ALA B 230 51.14 -13.03 -41.01
C ALA B 230 51.41 -14.01 -42.15
N SER B 231 50.58 -14.00 -43.20
CA SER B 231 50.76 -14.91 -44.32
C SER B 231 50.73 -14.20 -45.67
N SER B 232 50.70 -12.87 -45.67
CA SER B 232 50.66 -12.12 -46.93
C SER B 232 51.26 -10.74 -46.69
N SER B 233 51.64 -10.10 -47.80
CA SER B 233 52.19 -8.75 -47.77
C SER B 233 51.22 -7.72 -48.33
N SER B 234 49.94 -8.07 -48.45
CA SER B 234 48.97 -7.15 -49.04
C SER B 234 48.66 -5.98 -48.12
N LEU B 235 48.80 -6.16 -46.82
CA LEU B 235 48.50 -5.12 -45.84
C LEU B 235 49.68 -4.21 -45.55
N GLU B 236 50.82 -4.42 -46.22
CA GLU B 236 52.01 -3.63 -45.97
C GLU B 236 51.94 -2.30 -46.69
N LYS B 237 52.37 -1.24 -46.00
CA LYS B 237 52.42 0.10 -46.57
C LYS B 237 53.75 0.75 -46.20
N SER B 238 54.17 1.70 -47.04
CA SER B 238 55.43 2.39 -46.86
C SER B 238 55.19 3.87 -46.56
N TYR B 239 56.02 4.41 -45.68
CA TYR B 239 55.96 5.81 -45.28
C TYR B 239 57.34 6.43 -45.41
N GLU B 240 57.40 7.66 -45.91
CA GLU B 240 58.65 8.35 -46.14
C GLU B 240 58.91 9.35 -45.00
N LEU B 241 60.05 9.21 -44.35
CA LEU B 241 60.42 10.11 -43.28
C LEU B 241 60.81 11.48 -43.84
N PRO B 242 60.79 12.53 -43.00
CA PRO B 242 61.18 13.86 -43.50
C PRO B 242 62.59 13.93 -44.07
N ASP B 243 63.49 13.08 -43.60
CA ASP B 243 64.87 13.07 -44.09
C ASP B 243 65.06 12.23 -45.34
N GLY B 244 63.99 11.62 -45.86
CA GLY B 244 64.04 10.84 -47.07
C GLY B 244 64.03 9.34 -46.86
N GLN B 245 64.29 8.87 -45.65
CA GLN B 245 64.25 7.44 -45.36
C GLN B 245 62.83 6.92 -45.44
N VAL B 246 62.68 5.71 -45.94
CA VAL B 246 61.36 5.08 -46.13
C VAL B 246 61.25 3.92 -45.15
N ILE B 247 60.20 3.93 -44.34
CA ILE B 247 59.90 2.84 -43.42
C ILE B 247 58.67 2.11 -43.91
N THR B 248 58.57 0.83 -43.56
CA THR B 248 57.46 -0.01 -43.97
C THR B 248 56.85 -0.66 -42.74
N ILE B 249 55.52 -0.59 -42.63
CA ILE B 249 54.80 -1.14 -41.49
C ILE B 249 53.76 -2.13 -41.98
N GLY B 250 53.54 -3.16 -41.18
CA GLY B 250 52.60 -4.22 -41.53
C GLY B 250 51.38 -4.25 -40.64
N ASN B 251 51.38 -5.18 -39.67
CA ASN B 251 50.24 -5.32 -38.77
C ASN B 251 50.09 -4.16 -37.81
N GLU B 252 51.08 -3.27 -37.71
CA GLU B 252 50.96 -2.11 -36.84
C GLU B 252 49.90 -1.12 -37.33
N ARG B 253 49.44 -1.25 -38.57
CA ARG B 253 48.40 -0.35 -39.07
C ARG B 253 47.10 -0.51 -38.30
N PHE B 254 46.70 -1.75 -38.03
CA PHE B 254 45.46 -2.01 -37.31
C PHE B 254 45.66 -2.38 -35.85
N ARG B 255 46.89 -2.62 -35.43
CA ARG B 255 47.14 -2.92 -34.02
C ARG B 255 47.04 -1.68 -33.15
N CYS B 256 47.52 -0.53 -33.66
CA CYS B 256 47.45 0.70 -32.89
C CYS B 256 46.02 1.14 -32.61
N PRO B 257 45.10 1.21 -33.57
CA PRO B 257 43.71 1.57 -33.23
C PRO B 257 42.99 0.50 -32.43
N GLU B 258 43.50 -0.74 -32.41
CA GLU B 258 42.84 -1.80 -31.66
C GLU B 258 42.85 -1.53 -30.15
N ALA B 259 43.77 -0.70 -29.67
CA ALA B 259 43.78 -0.34 -28.26
C ALA B 259 42.51 0.41 -27.86
N LEU B 260 41.83 1.05 -28.80
CA LEU B 260 40.56 1.71 -28.50
C LEU B 260 39.51 0.68 -28.07
N PHE B 261 39.45 -0.46 -28.75
CA PHE B 261 38.50 -1.50 -28.42
C PHE B 261 39.05 -2.51 -27.42
N GLN B 262 40.38 -2.57 -27.27
CA GLN B 262 41.03 -3.44 -26.27
C GLN B 262 42.04 -2.60 -25.50
N PRO B 263 41.57 -1.84 -24.50
CA PRO B 263 42.49 -1.00 -23.72
C PRO B 263 43.54 -1.79 -22.96
N SER B 264 43.37 -3.10 -22.81
CA SER B 264 44.39 -3.92 -22.14
C SER B 264 45.71 -3.93 -22.90
N PHE B 265 45.71 -3.53 -24.18
CA PHE B 265 46.96 -3.41 -24.92
C PHE B 265 47.87 -2.37 -24.31
N LEU B 266 47.31 -1.36 -23.65
CA LEU B 266 48.07 -0.32 -22.98
C LEU B 266 48.21 -0.58 -21.48
N GLY B 267 47.79 -1.75 -21.00
CA GLY B 267 47.81 -2.04 -19.59
C GLY B 267 46.70 -1.40 -18.79
N MET B 268 45.68 -0.87 -19.44
CA MET B 268 44.58 -0.19 -18.77
C MET B 268 43.47 -1.19 -18.45
N GLU B 269 42.87 -1.01 -17.28
CA GLU B 269 41.80 -1.88 -16.80
C GLU B 269 40.43 -1.53 -17.37
N SER B 270 40.28 -0.35 -17.97
CA SER B 270 38.98 0.11 -18.43
C SER B 270 38.54 -0.68 -19.67
N ALA B 271 37.28 -0.49 -20.04
CA ALA B 271 36.70 -1.14 -21.20
C ALA B 271 36.89 -0.30 -22.45
N GLY B 272 36.59 -0.91 -23.60
CA GLY B 272 36.77 -0.24 -24.87
C GLY B 272 35.73 0.83 -25.12
N ILE B 273 35.90 1.53 -26.25
CA ILE B 273 34.97 2.58 -26.61
C ILE B 273 33.59 2.01 -26.92
N HIS B 274 33.53 0.77 -27.42
CA HIS B 274 32.23 0.17 -27.71
C HIS B 274 31.48 -0.16 -26.42
N GLU B 275 32.18 -0.66 -25.40
CA GLU B 275 31.53 -0.95 -24.13
C GLU B 275 31.24 0.32 -23.34
N THR B 276 32.11 1.33 -23.45
CA THR B 276 31.84 2.60 -22.80
C THR B 276 30.58 3.24 -23.37
N THR B 277 30.40 3.18 -24.68
CA THR B 277 29.17 3.68 -25.30
C THR B 277 27.95 2.87 -24.83
N PHE B 278 28.10 1.54 -24.78
CA PHE B 278 26.99 0.70 -24.33
C PHE B 278 26.67 0.93 -22.86
N ASN B 279 27.71 1.07 -22.02
CA ASN B 279 27.48 1.31 -20.60
C ASN B 279 26.84 2.67 -20.35
N SER B 280 27.19 3.67 -21.15
CA SER B 280 26.57 4.98 -21.00
C SER B 280 25.10 4.92 -21.37
N ILE B 281 24.75 4.15 -22.41
CA ILE B 281 23.34 3.98 -22.78
C ILE B 281 22.60 3.25 -21.67
N MET B 282 23.20 2.21 -21.11
CA MET B 282 22.54 1.44 -20.06
C MET B 282 22.36 2.24 -18.77
N LYS B 283 23.10 3.34 -18.61
CA LYS B 283 22.93 4.21 -17.44
C LYS B 283 21.75 5.16 -17.60
N CYS B 284 21.13 5.21 -18.77
CA CYS B 284 19.99 6.08 -19.02
C CYS B 284 18.69 5.36 -18.70
N ASP B 285 17.59 6.08 -18.80
CA ASP B 285 16.28 5.49 -18.60
C ASP B 285 15.96 4.49 -19.71
N VAL B 286 15.19 3.46 -19.34
CA VAL B 286 14.89 2.38 -20.28
C VAL B 286 14.10 2.90 -21.48
N ASP B 287 13.26 3.91 -21.29
CA ASP B 287 12.40 4.40 -22.35
C ASP B 287 13.14 5.25 -23.38
N ILE B 288 14.41 5.59 -23.14
CA ILE B 288 15.17 6.41 -24.08
C ILE B 288 16.35 5.66 -24.70
N ARG B 289 16.62 4.42 -24.27
CA ARG B 289 17.76 3.68 -24.81
C ARG B 289 17.55 3.33 -26.28
N LYS B 290 16.31 3.11 -26.70
CA LYS B 290 16.07 2.74 -28.09
C LYS B 290 16.48 3.86 -29.05
N ASP B 291 16.19 5.11 -28.69
CA ASP B 291 16.58 6.22 -29.55
C ASP B 291 18.08 6.47 -29.51
N LEU B 292 18.74 6.13 -28.40
CA LEU B 292 20.18 6.30 -28.33
C LEU B 292 20.92 5.24 -29.13
N TYR B 293 20.35 4.05 -29.25
CA TYR B 293 20.98 2.99 -30.04
C TYR B 293 21.05 3.36 -31.52
N ALA B 294 19.98 3.99 -32.03
CA ALA B 294 19.89 4.33 -33.44
C ALA B 294 20.46 5.71 -33.76
N ASN B 295 21.01 6.41 -32.78
CA ASN B 295 21.55 7.76 -32.97
C ASN B 295 22.91 7.89 -32.31
N THR B 296 23.77 6.90 -32.54
CA THR B 296 25.14 6.95 -32.04
C THR B 296 25.98 7.78 -33.01
N VAL B 297 26.46 8.93 -32.54
CA VAL B 297 27.18 9.90 -33.37
C VAL B 297 28.64 9.89 -32.97
N LEU B 298 29.52 9.73 -33.96
CA LEU B 298 30.95 9.75 -33.73
C LEU B 298 31.51 11.14 -34.00
N SER B 299 32.42 11.59 -33.14
CA SER B 299 33.02 12.91 -33.27
C SER B 299 34.49 12.83 -32.90
N GLY B 300 35.27 13.76 -33.43
CA GLY B 300 36.68 13.84 -33.17
C GLY B 300 37.52 13.14 -34.23
N GLY B 301 38.80 13.47 -34.24
CA GLY B 301 39.71 12.88 -35.21
C GLY B 301 40.10 11.46 -34.90
N THR B 302 40.01 11.06 -33.64
CA THR B 302 40.31 9.67 -33.28
C THR B 302 39.27 8.70 -33.82
N THR B 303 38.10 9.21 -34.23
CA THR B 303 37.08 8.39 -34.86
C THR B 303 37.17 8.42 -36.39
N MET B 304 38.27 8.92 -36.94
CA MET B 304 38.43 9.03 -38.39
C MET B 304 39.16 7.86 -39.01
N TYR B 305 39.49 6.83 -38.23
CA TYR B 305 40.11 5.65 -38.81
C TYR B 305 39.16 4.97 -39.77
N PRO B 306 39.64 4.49 -40.92
CA PRO B 306 38.76 3.72 -41.81
C PRO B 306 38.27 2.45 -41.13
N GLY B 307 37.00 2.15 -41.32
CA GLY B 307 36.41 0.95 -40.76
C GLY B 307 36.09 1.01 -39.28
N ILE B 308 36.15 2.19 -38.66
CA ILE B 308 35.84 2.28 -37.24
C ILE B 308 34.33 2.30 -37.02
N ALA B 309 33.56 2.81 -37.98
CA ALA B 309 32.11 2.81 -37.83
C ALA B 309 31.54 1.40 -37.95
N ASP B 310 32.07 0.61 -38.90
CA ASP B 310 31.62 -0.77 -39.04
C ASP B 310 31.99 -1.59 -37.81
N ARG B 311 33.20 -1.40 -37.28
CA ARG B 311 33.60 -2.11 -36.08
C ARG B 311 32.76 -1.71 -34.88
N MET B 312 32.46 -0.42 -34.74
CA MET B 312 31.59 0.04 -33.66
C MET B 312 30.20 -0.55 -33.80
N GLN B 313 29.67 -0.60 -35.02
CA GLN B 313 28.35 -1.18 -35.25
C GLN B 313 28.35 -2.66 -34.88
N LYS B 314 29.40 -3.39 -35.26
CA LYS B 314 29.46 -4.81 -34.97
C LYS B 314 29.58 -5.08 -33.47
N GLU B 315 30.40 -4.29 -32.78
CA GLU B 315 30.64 -4.53 -31.36
C GLU B 315 29.42 -4.19 -30.52
N ILE B 316 28.79 -3.05 -30.79
CA ILE B 316 27.61 -2.64 -30.03
C ILE B 316 26.44 -3.58 -30.29
N THR B 317 26.31 -4.08 -31.52
CA THR B 317 25.23 -5.01 -31.83
C THR B 317 25.34 -6.29 -31.00
N ALA B 318 26.57 -6.77 -30.80
CA ALA B 318 26.77 -7.97 -29.97
C ALA B 318 26.43 -7.72 -28.51
N LEU B 319 26.39 -6.46 -28.07
CA LEU B 319 26.05 -6.11 -26.70
C LEU B 319 24.57 -5.78 -26.53
N ALA B 320 23.98 -5.05 -27.47
CA ALA B 320 22.59 -4.66 -27.38
C ALA B 320 21.67 -5.85 -27.67
N PRO B 321 20.43 -5.78 -27.21
CA PRO B 321 19.48 -6.86 -27.53
C PRO B 321 19.23 -6.95 -29.03
N SER B 322 18.86 -8.15 -29.48
CA SER B 322 18.70 -8.40 -30.91
C SER B 322 17.61 -7.53 -31.52
N THR B 323 16.57 -7.23 -30.75
CA THR B 323 15.47 -6.41 -31.27
C THR B 323 15.84 -4.94 -31.41
N MET B 324 16.95 -4.51 -30.82
CA MET B 324 17.38 -3.12 -30.93
C MET B 324 18.09 -2.90 -32.27
N LYS B 325 17.84 -1.74 -32.86
CA LYS B 325 18.32 -1.41 -34.19
C LYS B 325 19.43 -0.38 -34.02
N ILE B 326 20.66 -0.79 -34.34
CA ILE B 326 21.86 -0.01 -34.05
C ILE B 326 22.27 0.77 -35.29
N LYS B 327 22.54 2.06 -35.12
CA LYS B 327 23.05 2.90 -36.19
C LYS B 327 24.20 3.74 -35.66
N ILE B 328 25.33 3.72 -36.38
CA ILE B 328 26.49 4.53 -36.04
C ILE B 328 26.58 5.65 -37.08
N ILE B 329 26.40 6.88 -36.62
CA ILE B 329 26.45 8.05 -37.51
C ILE B 329 27.88 8.57 -37.52
N ALA B 330 28.54 8.47 -38.66
CA ALA B 330 29.93 8.89 -38.84
C ALA B 330 30.00 9.81 -40.04
N PRO B 331 29.65 11.09 -39.88
CA PRO B 331 29.72 12.01 -41.00
C PRO B 331 31.15 12.20 -41.46
N PRO B 332 31.37 12.44 -42.75
CA PRO B 332 32.74 12.63 -43.25
C PRO B 332 33.44 13.84 -42.65
N GLU B 333 32.69 14.81 -42.12
CA GLU B 333 33.27 16.01 -41.54
C GLU B 333 33.27 15.98 -40.01
N ARG B 334 33.20 14.78 -39.43
CA ARG B 334 33.13 14.66 -37.97
C ARG B 334 34.40 15.11 -37.26
N LYS B 335 35.51 15.31 -37.99
CA LYS B 335 36.71 15.85 -37.36
C LYS B 335 36.49 17.29 -36.91
N TYR B 336 35.58 18.02 -37.56
CA TYR B 336 35.27 19.40 -37.20
C TYR B 336 33.82 19.56 -36.78
N SER B 337 33.19 18.50 -36.27
CA SER B 337 31.78 18.58 -35.90
C SER B 337 31.56 19.57 -34.76
N VAL B 338 32.49 19.61 -33.79
CA VAL B 338 32.33 20.51 -32.66
C VAL B 338 32.36 21.96 -33.12
N TRP B 339 33.30 22.30 -34.00
CA TRP B 339 33.37 23.68 -34.49
C TRP B 339 32.18 24.02 -35.39
N ILE B 340 31.80 23.08 -36.27
CA ILE B 340 30.69 23.33 -37.18
C ILE B 340 29.40 23.55 -36.40
N GLY B 341 29.17 22.71 -35.38
CA GLY B 341 28.00 22.92 -34.54
C GLY B 341 28.05 24.23 -33.79
N GLY B 342 29.24 24.64 -33.36
CA GLY B 342 29.39 25.95 -32.73
C GLY B 342 29.11 27.09 -33.68
N SER B 343 29.57 26.96 -34.92
CA SER B 343 29.28 27.97 -35.93
C SER B 343 27.78 28.07 -36.19
N ILE B 344 27.10 26.93 -36.26
CA ILE B 344 25.65 26.93 -36.44
C ILE B 344 24.95 27.59 -35.26
N LEU B 345 25.38 27.24 -34.04
CA LEU B 345 24.74 27.79 -32.85
C LEU B 345 24.96 29.30 -32.74
N ALA B 346 26.18 29.77 -33.03
CA ALA B 346 26.48 31.18 -32.91
C ALA B 346 25.76 32.02 -33.96
N SER B 347 25.27 31.40 -35.03
CA SER B 347 24.55 32.12 -36.08
C SER B 347 23.04 32.14 -35.85
N LEU B 348 22.52 31.32 -34.96
CA LEU B 348 21.09 31.29 -34.71
C LEU B 348 20.63 32.58 -34.08
N SER B 349 19.46 33.08 -34.52
CA SER B 349 18.90 34.30 -33.96
C SER B 349 18.44 34.11 -32.52
N THR B 350 18.15 32.88 -32.11
CA THR B 350 17.72 32.59 -30.75
C THR B 350 18.87 32.42 -29.77
N PHE B 351 20.11 32.52 -30.24
CA PHE B 351 21.27 32.35 -29.38
C PHE B 351 21.80 33.66 -28.83
N GLN B 352 21.43 34.79 -29.43
CA GLN B 352 21.97 36.09 -29.00
C GLN B 352 21.61 36.41 -27.55
N GLN B 353 20.59 35.78 -26.99
CA GLN B 353 20.26 35.96 -25.58
C GLN B 353 21.21 35.21 -24.65
N MET B 354 22.05 34.33 -25.18
CA MET B 354 22.97 33.55 -24.37
C MET B 354 24.34 34.19 -24.20
N TRP B 355 24.60 35.31 -24.88
CA TRP B 355 25.88 35.99 -24.76
C TRP B 355 26.03 36.59 -23.36
N ILE B 356 27.26 36.60 -22.86
CA ILE B 356 27.59 37.20 -21.58
C ILE B 356 28.51 38.38 -21.85
N SER B 357 28.03 39.58 -21.53
CA SER B 357 28.79 40.79 -21.81
C SER B 357 29.95 40.94 -20.83
N LYS B 358 31.00 41.64 -21.30
CA LYS B 358 32.14 41.90 -20.44
C LYS B 358 31.77 42.80 -19.26
N GLN B 359 30.89 43.79 -19.50
CA GLN B 359 30.45 44.66 -18.42
C GLN B 359 29.69 43.88 -17.36
N GLU B 360 28.87 42.92 -17.78
CA GLU B 360 28.14 42.09 -16.82
C GLU B 360 29.11 41.25 -15.98
N TYR B 361 30.16 40.72 -16.60
CA TYR B 361 31.12 39.91 -15.87
C TYR B 361 31.89 40.74 -14.85
N ASP B 362 32.21 41.98 -15.18
CA ASP B 362 32.98 42.83 -14.27
C ASP B 362 32.23 43.14 -12.99
N GLU B 363 30.91 43.31 -13.07
CA GLU B 363 30.11 43.67 -11.91
C GLU B 363 29.50 42.47 -11.20
N SER B 364 29.45 41.31 -11.84
CA SER B 364 28.83 40.12 -11.27
C SER B 364 29.81 39.00 -10.97
N GLY B 365 30.79 38.77 -11.85
CA GLY B 365 31.77 37.73 -11.63
C GLY B 365 31.45 36.45 -12.37
N PRO B 366 32.15 35.37 -12.03
CA PRO B 366 31.93 34.09 -12.73
C PRO B 366 30.63 33.41 -12.39
N SER B 367 29.86 33.92 -11.44
CA SER B 367 28.60 33.29 -11.06
C SER B 367 27.62 33.27 -12.22
N ILE B 368 27.57 34.36 -13.00
CA ILE B 368 26.67 34.42 -14.15
C ILE B 368 27.13 33.49 -15.26
N VAL B 369 28.38 33.01 -15.21
CA VAL B 369 28.87 32.09 -16.22
C VAL B 369 28.50 30.65 -15.89
N HIS B 370 28.53 30.28 -14.61
CA HIS B 370 28.09 28.95 -14.22
C HIS B 370 26.61 28.74 -14.51
N ARG B 371 25.78 29.73 -14.20
CA ARG B 371 24.44 29.77 -14.75
C ARG B 371 24.51 30.14 -16.23
N LYS B 372 23.43 29.86 -16.95
CA LYS B 372 23.31 30.04 -18.40
C LYS B 372 24.18 29.04 -19.15
N CYS B 373 25.00 28.26 -18.44
CA CYS B 373 25.84 27.22 -19.03
C CYS B 373 25.51 25.89 -18.37
N PHE B 374 25.90 24.82 -19.03
CA PHE B 374 25.57 23.48 -18.56
C PHE B 374 26.82 22.64 -18.32
N ALA C 5 28.85 -23.60 20.57
CA ALA C 5 29.49 -22.43 19.97
C ALA C 5 28.90 -22.13 18.59
N ALA C 6 27.81 -21.38 18.58
CA ALA C 6 27.14 -21.02 17.33
C ALA C 6 27.86 -19.89 16.63
N LEU C 7 27.86 -19.93 15.30
CA LEU C 7 28.48 -18.91 14.48
C LEU C 7 27.43 -17.92 13.99
N VAL C 8 27.78 -16.64 14.02
CA VAL C 8 26.93 -15.57 13.50
C VAL C 8 27.66 -14.94 12.32
N VAL C 9 27.05 -15.04 11.14
CA VAL C 9 27.64 -14.52 9.91
C VAL C 9 26.72 -13.45 9.34
N ASP C 10 27.20 -12.21 9.32
CA ASP C 10 26.48 -11.08 8.72
C ASP C 10 27.21 -10.70 7.44
N ASN C 11 26.74 -11.23 6.31
CA ASN C 11 27.38 -11.02 5.02
C ASN C 11 26.61 -9.94 4.26
N GLY C 12 27.27 -8.81 4.01
CA GLY C 12 26.67 -7.71 3.30
C GLY C 12 27.26 -7.54 1.90
N SER C 13 26.82 -6.46 1.26
CA SER C 13 27.29 -6.18 -0.09
C SER C 13 28.77 -5.79 -0.10
N GLY C 14 29.22 -5.04 0.89
CA GLY C 14 30.57 -4.53 0.90
C GLY C 14 31.49 -5.20 1.92
N MET C 15 30.96 -5.52 3.09
CA MET C 15 31.75 -6.10 4.17
C MET C 15 31.05 -7.35 4.70
N CYS C 16 31.86 -8.29 5.19
CA CYS C 16 31.37 -9.52 5.80
C CYS C 16 31.88 -9.58 7.23
N LYS C 17 30.96 -9.61 8.19
CA LYS C 17 31.29 -9.72 9.61
C LYS C 17 30.92 -11.10 10.10
N ALA C 18 31.87 -11.77 10.76
CA ALA C 18 31.66 -13.11 11.28
C ALA C 18 32.23 -13.20 12.68
N GLY C 19 31.71 -14.16 13.44
CA GLY C 19 32.17 -14.35 14.80
C GLY C 19 31.42 -15.47 15.48
N PHE C 20 31.40 -15.42 16.80
CA PHE C 20 30.77 -16.44 17.63
C PHE C 20 29.66 -15.83 18.46
N ALA C 21 28.61 -16.60 18.70
CA ALA C 21 27.50 -16.13 19.51
C ALA C 21 27.95 -15.87 20.94
N GLY C 22 27.49 -14.75 21.50
CA GLY C 22 27.84 -14.34 22.84
C GLY C 22 28.94 -13.30 22.91
N ASP C 23 29.69 -13.11 21.82
CA ASP C 23 30.74 -12.10 21.80
C ASP C 23 30.14 -10.71 21.60
N ASP C 24 30.92 -9.71 21.99
CA ASP C 24 30.46 -8.33 21.91
C ASP C 24 30.67 -7.70 20.54
N ALA C 25 31.71 -8.12 19.82
CA ALA C 25 32.03 -7.56 18.51
C ALA C 25 32.41 -8.70 17.57
N PRO C 26 32.21 -8.51 16.27
CA PRO C 26 32.66 -9.55 15.31
C PRO C 26 34.16 -9.75 15.38
N ARG C 27 34.56 -11.01 15.29
CA ARG C 27 35.98 -11.35 15.34
C ARG C 27 36.65 -11.18 13.98
N ALA C 28 35.92 -11.38 12.89
CA ALA C 28 36.47 -11.29 11.54
C ALA C 28 35.61 -10.34 10.72
N VAL C 29 36.18 -9.20 10.36
CA VAL C 29 35.54 -8.23 9.48
C VAL C 29 36.49 -7.99 8.31
N PHE C 30 36.09 -8.37 7.11
CA PHE C 30 36.92 -8.23 5.93
C PHE C 30 36.05 -7.81 4.75
N PRO C 31 36.61 -7.11 3.77
CA PRO C 31 35.84 -6.72 2.59
C PRO C 31 35.35 -7.94 1.81
N SER C 32 34.14 -7.81 1.26
CA SER C 32 33.54 -8.88 0.47
C SER C 32 33.91 -8.70 -1.00
N ILE C 33 35.18 -8.93 -1.28
CA ILE C 33 35.73 -8.78 -2.62
C ILE C 33 36.49 -10.03 -3.01
N VAL C 34 36.52 -10.30 -4.31
CA VAL C 34 37.33 -11.37 -4.89
C VAL C 34 38.18 -10.76 -5.99
N GLY C 35 39.49 -10.85 -5.86
CA GLY C 35 40.43 -10.26 -6.80
C GLY C 35 41.12 -11.33 -7.64
N ARG C 36 41.27 -11.03 -8.93
CA ARG C 36 41.94 -11.93 -9.86
C ARG C 36 43.02 -11.16 -10.61
N PRO C 37 44.15 -11.80 -10.90
CA PRO C 37 45.24 -11.10 -11.60
C PRO C 37 44.80 -10.63 -12.98
N ARG C 38 45.26 -9.44 -13.35
CA ARG C 38 44.99 -8.87 -14.67
C ARG C 38 46.24 -8.76 -15.52
N HIS C 39 47.40 -9.15 -15.00
CA HIS C 39 48.65 -9.19 -15.74
C HIS C 39 49.09 -10.65 -15.89
N GLN C 40 50.27 -10.84 -16.47
CA GLN C 40 50.83 -12.17 -16.67
C GLN C 40 52.02 -12.37 -15.74
N GLY C 41 52.17 -13.60 -15.24
CA GLY C 41 53.26 -13.91 -14.34
C GLY C 41 54.50 -14.28 -15.13
N VAL C 42 55.64 -13.73 -14.71
CA VAL C 42 56.91 -13.94 -15.41
C VAL C 42 57.92 -14.71 -14.58
N MET C 43 57.70 -14.88 -13.28
CA MET C 43 58.62 -15.59 -12.41
C MET C 43 58.03 -16.93 -12.01
N VAL C 44 58.84 -17.98 -12.12
CA VAL C 44 58.40 -19.33 -11.79
C VAL C 44 58.22 -19.48 -10.28
N LYS C 49 48.00 -19.25 -7.17
CA LYS C 49 46.73 -18.73 -6.70
C LYS C 49 46.08 -17.81 -7.74
N ASP C 50 44.96 -18.25 -8.29
CA ASP C 50 44.26 -17.50 -9.33
C ASP C 50 43.23 -16.54 -8.78
N SER C 51 42.99 -16.54 -7.47
CA SER C 51 42.00 -15.64 -6.89
C SER C 51 42.39 -15.33 -5.45
N TYR C 52 42.03 -14.13 -5.01
CA TYR C 52 42.28 -13.67 -3.65
C TYR C 52 40.98 -13.10 -3.08
N VAL C 53 40.68 -13.43 -1.84
CA VAL C 53 39.42 -13.08 -1.20
C VAL C 53 39.69 -12.34 0.09
N GLY C 54 39.10 -11.16 0.25
CA GLY C 54 39.14 -10.46 1.52
C GLY C 54 40.35 -9.56 1.63
N ASP C 55 41.03 -9.63 2.79
CA ASP C 55 42.14 -8.72 3.05
C ASP C 55 43.34 -9.03 2.18
N GLU C 56 43.55 -10.30 1.81
CA GLU C 56 44.67 -10.63 0.93
C GLU C 56 44.49 -10.03 -0.46
N ALA C 57 43.24 -9.89 -0.91
CA ALA C 57 43.00 -9.20 -2.17
C ALA C 57 43.19 -7.69 -2.02
N GLN C 58 42.98 -7.16 -0.82
CA GLN C 58 43.18 -5.73 -0.59
C GLN C 58 44.66 -5.37 -0.54
N SER C 59 45.50 -6.27 -0.04
CA SER C 59 46.93 -6.01 0.03
C SER C 59 47.65 -6.23 -1.29
N LYS C 60 47.01 -6.90 -2.25
CA LYS C 60 47.59 -7.12 -3.57
C LYS C 60 46.74 -6.50 -4.68
N ARG C 61 45.89 -5.52 -4.34
CA ARG C 61 44.94 -4.97 -5.29
C ARG C 61 45.59 -4.24 -6.44
N GLY C 62 46.89 -3.90 -6.34
CA GLY C 62 47.56 -3.22 -7.43
C GLY C 62 47.72 -4.06 -8.68
N ILE C 63 47.72 -5.39 -8.55
CA ILE C 63 47.85 -6.30 -9.68
C ILE C 63 46.60 -7.14 -9.87
N LEU C 64 45.52 -6.81 -9.19
CA LEU C 64 44.28 -7.60 -9.24
C LEU C 64 43.13 -6.74 -9.72
N THR C 65 42.12 -7.40 -10.26
CA THR C 65 40.86 -6.76 -10.63
C THR C 65 39.82 -7.16 -9.59
N LEU C 66 39.44 -6.20 -8.74
CA LEU C 66 38.54 -6.47 -7.62
C LEU C 66 37.09 -6.47 -8.09
N LYS C 67 36.34 -7.50 -7.72
CA LYS C 67 34.94 -7.62 -8.06
C LYS C 67 34.14 -7.94 -6.80
N TYR C 68 32.97 -7.31 -6.68
CA TYR C 68 32.07 -7.57 -5.56
C TYR C 68 31.06 -8.64 -5.97
N PRO C 69 31.05 -9.80 -5.31
CA PRO C 69 30.06 -10.83 -5.66
C PRO C 69 28.63 -10.39 -5.41
N ILE C 70 28.39 -9.41 -4.55
CA ILE C 70 27.06 -8.92 -4.24
C ILE C 70 26.95 -7.49 -4.73
N GLU C 71 25.93 -7.21 -5.53
CA GLU C 71 25.68 -5.87 -6.03
C GLU C 71 24.23 -5.47 -5.78
N HIC C 72 24.05 -4.40 -5.01
CA HIC C 72 22.72 -3.92 -4.61
C HIC C 72 21.92 -5.00 -3.88
O HIC C 72 20.72 -5.11 -4.07
CB HIC C 72 21.94 -3.42 -5.83
CG HIC C 72 22.56 -2.23 -6.49
ND1 HIC C 72 22.67 -1.03 -5.84
CD2 HIC C 72 23.08 -2.13 -7.74
CE1 HIC C 72 23.25 -0.23 -6.70
NE2 HIC C 72 23.51 -0.84 -7.87
CZ HIC C 72 24.15 -0.26 -9.03
N GLY C 73 22.61 -5.77 -3.05
CA GLY C 73 21.97 -6.83 -2.28
C GLY C 73 21.64 -8.07 -3.09
N ILE C 74 22.11 -8.11 -4.33
CA ILE C 74 21.86 -9.21 -5.24
C ILE C 74 23.19 -9.89 -5.53
N VAL C 75 23.23 -11.21 -5.37
CA VAL C 75 24.45 -11.98 -5.61
C VAL C 75 24.59 -12.18 -7.12
N THR C 76 25.56 -11.49 -7.71
CA THR C 76 25.79 -11.57 -9.14
C THR C 76 26.63 -12.78 -9.55
N ASN C 77 27.26 -13.46 -8.60
CA ASN C 77 28.08 -14.63 -8.91
C ASN C 77 28.13 -15.52 -7.68
N TRP C 78 27.45 -16.66 -7.73
CA TRP C 78 27.42 -17.57 -6.59
C TRP C 78 28.72 -18.34 -6.42
N ASP C 79 29.51 -18.50 -7.48
CA ASP C 79 30.82 -19.12 -7.33
C ASP C 79 31.74 -18.25 -6.47
N ASP C 80 31.72 -16.94 -6.69
CA ASP C 80 32.47 -16.03 -5.83
C ASP C 80 31.83 -15.90 -4.46
N MET C 81 30.52 -16.11 -4.37
CA MET C 81 29.83 -16.07 -3.09
C MET C 81 30.33 -17.16 -2.16
N GLU C 82 30.54 -18.36 -2.69
CA GLU C 82 31.07 -19.45 -1.88
C GLU C 82 32.50 -19.20 -1.44
N LYS C 83 33.27 -18.46 -2.24
CA LYS C 83 34.63 -18.12 -1.85
C LYS C 83 34.64 -17.23 -0.61
N ILE C 84 33.69 -16.29 -0.53
CA ILE C 84 33.58 -15.45 0.66
C ILE C 84 33.26 -16.29 1.88
N TRP C 85 32.31 -17.23 1.74
CA TRP C 85 31.93 -18.07 2.86
C TRP C 85 33.04 -19.04 3.22
N HIS C 86 33.73 -19.60 2.23
CA HIS C 86 34.85 -20.48 2.50
C HIS C 86 35.98 -19.73 3.20
N HIS C 87 36.26 -18.50 2.75
CA HIS C 87 37.27 -17.68 3.40
C HIS C 87 36.86 -17.33 4.83
N THR C 88 35.56 -17.19 5.09
CA THR C 88 35.09 -16.85 6.42
C THR C 88 35.36 -17.98 7.41
N PHE C 89 34.95 -19.21 7.06
CA PHE C 89 35.02 -20.32 8.01
C PHE C 89 36.45 -20.80 8.22
N TYR C 90 37.22 -20.93 7.14
CA TYR C 90 38.51 -21.59 7.23
C TYR C 90 39.67 -20.61 7.42
N ASN C 91 39.65 -19.47 6.75
CA ASN C 91 40.75 -18.52 6.80
C ASN C 91 40.57 -17.45 7.86
N GLU C 92 39.35 -16.98 8.08
CA GLU C 92 39.11 -15.92 9.06
C GLU C 92 38.77 -16.49 10.44
N LEU C 93 37.69 -17.27 10.54
CA LEU C 93 37.32 -17.86 11.82
C LEU C 93 38.20 -19.05 12.19
N ARG C 94 38.75 -19.73 11.18
CA ARG C 94 39.61 -20.90 11.39
C ARG C 94 38.88 -21.99 12.19
N VAL C 95 37.63 -22.25 11.80
CA VAL C 95 36.81 -23.27 12.42
C VAL C 95 36.22 -24.16 11.34
N ALA C 96 35.79 -25.35 11.76
CA ALA C 96 35.12 -26.28 10.86
C ALA C 96 33.64 -25.94 10.79
N PRO C 97 33.11 -25.61 9.60
CA PRO C 97 31.68 -25.24 9.52
C PRO C 97 30.74 -26.37 9.90
N GLU C 98 31.17 -27.62 9.85
CA GLU C 98 30.30 -28.74 10.16
C GLU C 98 30.21 -29.04 11.65
N GLU C 99 30.93 -28.28 12.49
CA GLU C 99 30.90 -28.48 13.93
C GLU C 99 30.17 -27.39 14.68
N HIS C 100 29.75 -26.32 14.01
CA HIS C 100 29.08 -25.20 14.66
C HIS C 100 27.81 -24.85 13.90
N PRO C 101 26.68 -24.67 14.58
CA PRO C 101 25.51 -24.09 13.92
C PRO C 101 25.79 -22.66 13.49
N VAL C 102 25.22 -22.28 12.35
CA VAL C 102 25.49 -20.99 11.74
C VAL C 102 24.21 -20.18 11.70
N LEU C 103 24.26 -18.96 12.24
CA LEU C 103 23.15 -18.02 12.17
C LEU C 103 23.45 -17.01 11.07
N LEU C 104 22.57 -16.93 10.08
CA LEU C 104 22.75 -16.07 8.92
C LEU C 104 21.75 -14.93 8.95
N THR C 105 22.09 -13.85 8.25
CA THR C 105 21.24 -12.67 8.15
C THR C 105 20.85 -12.45 6.71
N GLU C 106 19.64 -11.95 6.50
CA GLU C 106 19.11 -11.69 5.17
C GLU C 106 18.50 -10.29 5.13
N ALA C 107 18.51 -9.71 3.93
CA ALA C 107 17.94 -8.39 3.74
C ALA C 107 16.42 -8.44 3.87
N PRO C 108 15.79 -7.33 4.25
CA PRO C 108 14.32 -7.30 4.31
C PRO C 108 13.71 -7.56 2.93
N LEU C 109 12.56 -8.25 2.94
CA LEU C 109 11.88 -8.66 1.71
C LEU C 109 12.81 -9.48 0.81
N ASN C 110 13.60 -10.35 1.43
CA ASN C 110 14.53 -11.17 0.69
C ASN C 110 13.78 -12.18 -0.18
N PRO C 111 14.11 -12.30 -1.46
CA PRO C 111 13.46 -13.31 -2.30
C PRO C 111 13.70 -14.71 -1.77
N LYS C 112 12.67 -15.55 -1.89
CA LYS C 112 12.78 -16.93 -1.40
C LYS C 112 13.83 -17.71 -2.18
N ALA C 113 14.04 -17.38 -3.45
CA ALA C 113 15.08 -18.04 -4.23
C ALA C 113 16.46 -17.75 -3.66
N ASN C 114 16.70 -16.51 -3.22
CA ASN C 114 17.97 -16.16 -2.61
C ASN C 114 18.19 -16.93 -1.31
N ARG C 115 17.14 -17.05 -0.49
CA ARG C 115 17.27 -17.79 0.76
C ARG C 115 17.46 -19.29 0.51
N GLU C 116 16.82 -19.83 -0.52
CA GLU C 116 16.98 -21.26 -0.82
C GLU C 116 18.42 -21.59 -1.20
N LYS C 117 19.05 -20.75 -2.03
CA LYS C 117 20.43 -20.99 -2.41
C LYS C 117 21.37 -20.88 -1.21
N MET C 118 21.15 -19.89 -0.35
CA MET C 118 21.99 -19.73 0.83
C MET C 118 21.83 -20.92 1.77
N THR C 119 20.60 -21.40 1.96
CA THR C 119 20.37 -22.56 2.80
C THR C 119 20.98 -23.81 2.18
N GLN C 120 20.85 -23.97 0.85
CA GLN C 120 21.40 -25.14 0.18
C GLN C 120 22.91 -25.21 0.30
N ILE C 121 23.58 -24.06 0.15
CA ILE C 121 25.04 -24.02 0.22
C ILE C 121 25.52 -24.40 1.62
N MET C 122 24.86 -23.87 2.65
CA MET C 122 25.30 -24.14 4.02
C MET C 122 25.16 -25.61 4.38
N PHE C 123 24.06 -26.24 3.96
CA PHE C 123 23.78 -27.62 4.34
C PHE C 123 24.47 -28.64 3.46
N GLU C 124 24.69 -28.33 2.18
CA GLU C 124 25.26 -29.29 1.24
C GLU C 124 26.76 -29.09 1.00
N THR C 125 27.22 -27.85 0.93
CA THR C 125 28.63 -27.59 0.69
C THR C 125 29.44 -27.57 1.98
N PHE C 126 28.97 -26.85 3.00
CA PHE C 126 29.67 -26.75 4.27
C PHE C 126 29.16 -27.73 5.32
N ASN C 127 28.02 -28.38 5.08
CA ASN C 127 27.50 -29.43 5.95
C ASN C 127 27.32 -28.94 7.39
N THR C 128 26.77 -27.73 7.53
CA THR C 128 26.53 -27.18 8.86
C THR C 128 25.48 -28.01 9.60
N PRO C 129 25.70 -28.36 10.86
CA PRO C 129 24.70 -29.17 11.58
C PRO C 129 23.35 -28.48 11.73
N ALA C 130 23.36 -27.15 11.90
CA ALA C 130 22.12 -26.40 12.03
C ALA C 130 22.31 -25.02 11.41
N MET C 131 21.20 -24.40 11.02
CA MET C 131 21.25 -23.11 10.36
C MET C 131 19.93 -22.39 10.56
N TYR C 132 20.00 -21.07 10.75
CA TYR C 132 18.82 -20.23 10.80
C TYR C 132 19.13 -18.91 10.11
N VAL C 133 18.10 -18.31 9.51
CA VAL C 133 18.22 -17.06 8.78
C VAL C 133 17.34 -16.03 9.48
N ALA C 134 17.92 -14.87 9.79
CA ALA C 134 17.23 -13.79 10.48
C ALA C 134 17.25 -12.52 9.64
N ILE C 135 16.25 -11.66 9.87
CA ILE C 135 16.17 -10.39 9.15
C ILE C 135 17.14 -9.40 9.79
N GLN C 136 17.89 -8.70 8.94
CA GLN C 136 18.92 -7.79 9.45
C GLN C 136 18.30 -6.65 10.25
N ALA C 137 17.16 -6.11 9.79
CA ALA C 137 16.52 -5.01 10.49
C ALA C 137 16.04 -5.44 11.87
N VAL C 138 15.51 -6.66 11.99
CA VAL C 138 15.07 -7.15 13.28
C VAL C 138 16.25 -7.31 14.23
N LEU C 139 17.38 -7.80 13.71
CA LEU C 139 18.57 -7.94 14.54
C LEU C 139 19.09 -6.59 15.01
N SER C 140 19.00 -5.56 14.15
CA SER C 140 19.40 -4.23 14.56
C SER C 140 18.54 -3.71 15.70
N LEU C 141 17.28 -4.13 15.77
CA LEU C 141 16.43 -3.76 16.90
C LEU C 141 16.79 -4.54 18.16
N TYR C 142 17.30 -5.76 18.00
CA TYR C 142 17.76 -6.53 19.15
C TYR C 142 18.92 -5.85 19.85
N ALA C 143 19.87 -5.30 19.08
CA ALA C 143 21.05 -4.69 19.67
C ALA C 143 20.68 -3.44 20.47
N SER C 144 19.68 -2.68 20.02
CA SER C 144 19.26 -1.48 20.72
C SER C 144 18.32 -1.77 21.89
N GLY C 145 17.95 -3.02 22.10
CA GLY C 145 17.05 -3.37 23.19
C GLY C 145 15.66 -2.82 23.04
N ARG C 146 15.09 -2.87 21.83
CA ARG C 146 13.76 -2.35 21.56
C ARG C 146 12.94 -3.38 20.81
N THR C 147 11.63 -3.34 21.03
CA THR C 147 10.68 -4.13 20.26
C THR C 147 9.86 -3.29 19.30
N THR C 148 9.88 -1.97 19.44
CA THR C 148 9.13 -1.07 18.57
C THR C 148 10.07 -0.03 18.00
N GLY C 149 10.01 0.17 16.70
CA GLY C 149 10.83 1.16 16.04
C GLY C 149 10.97 0.88 14.57
N ILE C 150 11.44 1.90 13.85
CA ILE C 150 11.70 1.80 12.41
C ILE C 150 13.20 1.88 12.22
N VAL C 151 13.76 0.88 11.54
CA VAL C 151 15.20 0.75 11.35
C VAL C 151 15.55 1.19 9.93
N MET C 152 16.43 2.18 9.83
CA MET C 152 16.94 2.65 8.54
C MET C 152 18.31 2.02 8.35
N ASP C 153 18.33 0.84 7.74
CA ASP C 153 19.57 0.08 7.52
C ASP C 153 20.16 0.48 6.18
N SER C 154 21.21 1.30 6.22
CA SER C 154 21.89 1.76 5.02
C SER C 154 23.28 1.14 5.01
N GLY C 155 23.50 0.20 4.10
CA GLY C 155 24.77 -0.48 4.01
C GLY C 155 25.58 -0.10 2.79
N ASP C 156 26.10 -1.09 2.08
CA ASP C 156 26.91 -0.86 0.88
C ASP C 156 26.15 -1.06 -0.42
N GLY C 157 25.09 -1.87 -0.40
CA GLY C 157 24.36 -2.15 -1.62
C GLY C 157 23.03 -1.45 -1.75
N VAL C 158 22.28 -1.36 -0.65
CA VAL C 158 20.92 -0.84 -0.70
C VAL C 158 20.55 -0.28 0.67
N THR C 159 19.52 0.56 0.70
CA THR C 159 19.01 1.16 1.92
C THR C 159 17.57 0.69 2.15
N HIS C 160 17.28 0.27 3.39
CA HIS C 160 15.97 -0.25 3.73
C HIS C 160 15.44 0.45 4.97
N THR C 161 14.11 0.64 5.00
CA THR C 161 13.41 1.18 6.15
C THR C 161 12.35 0.17 6.57
N VAL C 162 12.52 -0.42 7.75
CA VAL C 162 11.62 -1.48 8.21
C VAL C 162 10.96 -1.06 9.52
N PRO C 163 9.66 -0.75 9.49
CA PRO C 163 8.96 -0.40 10.74
C PRO C 163 8.53 -1.66 11.48
N ILE C 164 8.78 -1.69 12.78
CA ILE C 164 8.40 -2.80 13.66
C ILE C 164 7.69 -2.22 14.87
N TYR C 165 6.53 -2.80 15.21
CA TYR C 165 5.73 -2.34 16.33
C TYR C 165 5.39 -3.54 17.22
N GLU C 166 5.86 -3.49 18.46
CA GLU C 166 5.57 -4.51 19.47
C GLU C 166 5.97 -5.91 18.98
N GLY C 167 7.08 -5.98 18.25
CA GLY C 167 7.55 -7.24 17.73
C GLY C 167 6.87 -7.70 16.46
N TYR C 168 5.94 -6.93 15.91
CA TYR C 168 5.23 -7.28 14.70
C TYR C 168 5.77 -6.45 13.54
N ALA C 169 6.16 -7.12 12.46
CA ALA C 169 6.67 -6.44 11.29
C ALA C 169 5.54 -6.07 10.35
N LEU C 170 5.76 -5.05 9.54
CA LEU C 170 4.78 -4.54 8.58
C LEU C 170 5.43 -4.57 7.20
N PRO C 171 5.39 -5.71 6.51
CA PRO C 171 6.05 -5.80 5.21
C PRO C 171 5.50 -4.85 4.17
N HIS C 172 4.23 -4.47 4.26
CA HIS C 172 3.65 -3.54 3.30
C HIS C 172 4.24 -2.14 3.41
N ALA C 173 4.79 -1.80 4.58
CA ALA C 173 5.38 -0.49 4.81
C ALA C 173 6.89 -0.47 4.64
N ILE C 174 7.48 -1.58 4.23
CA ILE C 174 8.93 -1.65 4.04
C ILE C 174 9.28 -0.99 2.70
N LEU C 175 10.12 0.02 2.75
CA LEU C 175 10.55 0.75 1.56
C LEU C 175 12.01 0.48 1.28
N ARG C 176 12.38 0.53 0.01
CA ARG C 176 13.73 0.26 -0.45
C ARG C 176 14.27 1.44 -1.24
N LEU C 177 15.53 1.78 -1.00
CA LEU C 177 16.20 2.86 -1.71
C LEU C 177 17.49 2.30 -2.31
N ASP C 178 17.57 2.30 -3.64
CA ASP C 178 18.75 1.79 -4.35
C ASP C 178 19.87 2.83 -4.33
N LEU C 179 20.33 3.12 -3.11
CA LEU C 179 21.39 4.10 -2.90
C LEU C 179 22.04 3.81 -1.56
N ALA C 180 23.34 3.51 -1.58
CA ALA C 180 24.06 3.09 -0.39
C ALA C 180 25.49 3.56 -0.49
N GLY C 181 26.37 2.97 0.32
CA GLY C 181 27.75 3.44 0.38
C GLY C 181 28.49 3.32 -0.93
N ARG C 182 28.27 2.23 -1.66
CA ARG C 182 28.98 2.04 -2.93
C ARG C 182 28.58 3.10 -3.94
N ASP C 183 27.31 3.48 -3.97
CA ASP C 183 26.88 4.57 -4.85
C ASP C 183 27.52 5.89 -4.45
N LEU C 184 27.70 6.12 -3.15
CA LEU C 184 28.40 7.33 -2.71
C LEU C 184 29.89 7.27 -3.03
N THR C 185 30.48 6.07 -2.99
CA THR C 185 31.88 5.94 -3.36
C THR C 185 32.10 6.29 -4.83
N ASP C 186 31.21 5.84 -5.71
CA ASP C 186 31.32 6.19 -7.12
C ASP C 186 31.08 7.68 -7.34
N TYR C 187 30.16 8.28 -6.58
CA TYR C 187 29.92 9.71 -6.70
C TYR C 187 31.13 10.52 -6.27
N LEU C 188 31.81 10.09 -5.21
CA LEU C 188 33.03 10.78 -4.79
C LEU C 188 34.11 10.69 -5.86
N MET C 189 34.21 9.54 -6.54
CA MET C 189 35.15 9.41 -7.64
C MET C 189 34.82 10.39 -8.76
N LYS C 190 33.53 10.55 -9.08
CA LYS C 190 33.14 11.45 -10.15
C LYS C 190 33.46 12.91 -9.82
N ILE C 191 33.18 13.33 -8.58
CA ILE C 191 33.40 14.73 -8.21
C ILE C 191 34.84 15.01 -7.83
N LEU C 192 35.65 13.99 -7.59
CA LEU C 192 37.08 14.21 -7.39
C LEU C 192 37.81 14.53 -8.69
N THR C 193 37.24 14.13 -9.83
CA THR C 193 37.83 14.49 -11.11
C THR C 193 37.77 15.99 -11.34
N GLU C 194 36.70 16.64 -10.87
CA GLU C 194 36.59 18.09 -10.98
C GLU C 194 37.70 18.81 -10.23
N ARG C 195 38.30 18.17 -9.23
CA ARG C 195 39.40 18.76 -8.48
C ARG C 195 40.76 18.43 -9.09
N GLY C 196 40.81 17.60 -10.12
CA GLY C 196 42.05 17.24 -10.78
C GLY C 196 42.62 15.89 -10.41
N TYR C 197 41.93 15.11 -9.59
CA TYR C 197 42.38 13.78 -9.21
C TYR C 197 41.57 12.74 -9.97
N SER C 198 42.28 11.82 -10.64
CA SER C 198 41.65 10.82 -11.50
C SER C 198 41.80 9.45 -10.85
N PHE C 199 40.67 8.88 -10.44
CA PHE C 199 40.61 7.50 -9.94
C PHE C 199 39.67 6.72 -10.85
N THR C 200 40.20 5.69 -11.49
CA THR C 200 39.40 4.93 -12.46
C THR C 200 39.38 3.44 -12.20
N THR C 201 40.49 2.86 -11.76
CA THR C 201 40.57 1.41 -11.61
C THR C 201 39.79 0.95 -10.38
N THR C 202 39.53 -0.36 -10.34
CA THR C 202 38.84 -0.93 -9.18
C THR C 202 39.70 -0.85 -7.92
N ALA C 203 41.02 -0.92 -8.08
CA ALA C 203 41.91 -0.76 -6.93
C ALA C 203 41.81 0.66 -6.37
N GLU C 204 41.69 1.67 -7.24
CA GLU C 204 41.54 3.04 -6.78
C GLU C 204 40.17 3.32 -6.20
N ARG C 205 39.18 2.47 -6.48
CA ARG C 205 37.87 2.62 -5.85
C ARG C 205 37.97 2.40 -4.35
N GLU C 206 38.78 1.43 -3.92
CA GLU C 206 38.99 1.21 -2.49
C GLU C 206 39.73 2.37 -1.86
N ILE C 207 40.59 3.05 -2.61
CA ILE C 207 41.27 4.24 -2.09
C ILE C 207 40.26 5.35 -1.85
N VAL C 208 39.37 5.58 -2.81
CA VAL C 208 38.35 6.62 -2.65
C VAL C 208 37.38 6.26 -1.53
N ARG C 209 37.08 4.97 -1.38
CA ARG C 209 36.23 4.54 -0.27
C ARG C 209 36.87 4.86 1.07
N ASP C 210 38.19 4.71 1.17
CA ASP C 210 38.89 5.09 2.39
C ASP C 210 38.80 6.59 2.63
N ILE C 211 38.88 7.39 1.57
CA ILE C 211 38.72 8.84 1.71
C ILE C 211 37.32 9.16 2.21
N LYS C 212 36.31 8.48 1.68
CA LYS C 212 34.93 8.73 2.08
C LYS C 212 34.72 8.39 3.55
N GLU C 213 35.30 7.28 4.03
CA GLU C 213 35.11 6.86 5.40
C GLU C 213 35.87 7.72 6.40
N LYS C 214 36.80 8.56 5.96
CA LYS C 214 37.66 9.31 6.86
C LYS C 214 37.43 10.81 6.84
N LEU C 215 37.05 11.39 5.70
CA LEU C 215 36.94 12.83 5.58
C LEU C 215 35.54 13.33 5.30
N CYS C 216 34.59 12.45 4.95
CA CYS C 216 33.25 12.89 4.59
C CYS C 216 32.38 13.03 5.83
N TYR C 217 31.42 13.94 5.74
CA TYR C 217 30.47 14.19 6.82
C TYR C 217 29.21 14.79 6.22
N VAL C 218 28.14 14.80 7.01
CA VAL C 218 26.85 15.34 6.59
C VAL C 218 26.69 16.73 7.19
N ALA C 219 26.44 17.72 6.32
CA ALA C 219 26.24 19.09 6.78
C ALA C 219 24.81 19.31 7.21
N LEU C 220 24.65 20.02 8.33
CA LEU C 220 23.31 20.31 8.84
C LEU C 220 22.53 21.18 7.85
N ASP C 221 23.18 22.20 7.28
CA ASP C 221 22.60 23.03 6.25
C ASP C 221 23.55 23.03 5.06
N PHE C 222 23.14 22.38 3.96
CA PHE C 222 24.02 22.21 2.82
C PHE C 222 24.38 23.54 2.17
N GLU C 223 23.40 24.43 2.01
CA GLU C 223 23.67 25.69 1.34
C GLU C 223 24.61 26.58 2.14
N GLN C 224 24.43 26.63 3.46
CA GLN C 224 25.34 27.40 4.31
C GLN C 224 26.74 26.81 4.28
N GLU C 225 26.84 25.48 4.32
CA GLU C 225 28.16 24.84 4.28
C GLU C 225 28.87 25.09 2.95
N MET C 226 28.11 25.09 1.85
CA MET C 226 28.70 25.39 0.55
C MET C 226 29.21 26.82 0.50
N ALA C 227 28.47 27.76 1.08
CA ALA C 227 28.93 29.15 1.14
C ALA C 227 30.16 29.28 2.01
N THR C 228 30.21 28.56 3.13
CA THR C 228 31.38 28.60 4.01
C THR C 228 32.60 28.05 3.31
N ALA C 229 32.46 26.95 2.57
CA ALA C 229 33.58 26.36 1.86
C ALA C 229 34.05 27.21 0.69
N ALA C 230 33.18 28.08 0.17
CA ALA C 230 33.54 28.93 -0.96
C ALA C 230 34.21 30.23 -0.55
N SER C 231 34.27 30.53 0.75
CA SER C 231 34.89 31.76 1.23
C SER C 231 35.92 31.52 2.32
N SER C 232 36.25 30.26 2.61
CA SER C 232 37.20 29.94 3.65
C SER C 232 37.85 28.59 3.36
N SER C 233 39.00 28.35 4.00
CA SER C 233 39.71 27.09 3.88
C SER C 233 39.63 26.26 5.16
N SER C 234 38.68 26.58 6.04
CA SER C 234 38.57 25.86 7.31
C SER C 234 38.10 24.43 7.13
N LEU C 235 37.26 24.18 6.13
CA LEU C 235 36.72 22.85 5.88
C LEU C 235 37.67 21.97 5.07
N GLU C 236 38.85 22.48 4.73
CA GLU C 236 39.76 21.76 3.86
C GLU C 236 40.51 20.68 4.64
N LYS C 237 40.70 19.52 4.01
CA LYS C 237 41.41 18.41 4.62
C LYS C 237 42.31 17.75 3.59
N SER C 238 43.34 17.07 4.09
CA SER C 238 44.33 16.42 3.26
C SER C 238 44.31 14.91 3.48
N TYR C 239 44.51 14.15 2.40
CA TYR C 239 44.56 12.71 2.44
C TYR C 239 45.81 12.23 1.71
N GLU C 240 46.50 11.25 2.28
CA GLU C 240 47.74 10.73 1.72
C GLU C 240 47.45 9.44 0.96
N LEU C 241 47.83 9.42 -0.32
CA LEU C 241 47.66 8.25 -1.15
C LEU C 241 48.64 7.15 -0.75
N PRO C 242 48.37 5.89 -1.12
CA PRO C 242 49.28 4.81 -0.74
C PRO C 242 50.70 4.98 -1.26
N ASP C 243 50.88 5.69 -2.36
CA ASP C 243 52.21 5.89 -2.95
C ASP C 243 52.90 7.15 -2.45
N GLY C 244 52.32 7.83 -1.46
CA GLY C 244 52.94 8.97 -0.82
C GLY C 244 52.39 10.32 -1.24
N GLN C 245 51.67 10.39 -2.35
CA GLN C 245 51.09 11.66 -2.78
C GLN C 245 49.96 12.08 -1.86
N VAL C 246 49.84 13.39 -1.65
CA VAL C 246 48.83 13.95 -0.76
C VAL C 246 47.82 14.70 -1.62
N ILE C 247 46.55 14.32 -1.51
CA ILE C 247 45.48 15.01 -2.20
C ILE C 247 44.71 15.84 -1.18
N THR C 248 44.07 16.90 -1.66
CA THR C 248 43.36 17.84 -0.82
C THR C 248 41.95 18.04 -1.36
N ILE C 249 40.96 17.90 -0.49
CA ILE C 249 39.56 18.00 -0.87
C ILE C 249 38.88 19.06 0.00
N GLY C 250 37.93 19.77 -0.59
CA GLY C 250 37.21 20.83 0.10
C GLY C 250 35.75 20.52 0.33
N ASN C 251 34.88 21.08 -0.51
CA ASN C 251 33.44 20.88 -0.35
C ASN C 251 32.99 19.47 -0.68
N GLU C 252 33.87 18.65 -1.29
CA GLU C 252 33.52 17.27 -1.57
C GLU C 252 33.31 16.44 -0.31
N ARG C 253 33.74 16.93 0.85
CA ARG C 253 33.54 16.19 2.09
C ARG C 253 32.07 16.04 2.41
N PHE C 254 31.29 17.10 2.24
CA PHE C 254 29.86 17.05 2.55
C PHE C 254 28.98 16.95 1.31
N ARG C 255 29.56 17.08 0.11
CA ARG C 255 28.76 16.93 -1.11
C ARG C 255 28.45 15.47 -1.40
N CYS C 256 29.42 14.58 -1.13
CA CYS C 256 29.18 13.15 -1.37
C CYS C 256 28.08 12.58 -0.50
N PRO C 257 28.06 12.78 0.83
CA PRO C 257 26.93 12.26 1.62
C PRO C 257 25.62 12.98 1.34
N GLU C 258 25.65 14.16 0.73
CA GLU C 258 24.42 14.88 0.44
C GLU C 258 23.55 14.16 -0.58
N ALA C 259 24.13 13.27 -1.38
CA ALA C 259 23.34 12.48 -2.32
C ALA C 259 22.34 11.57 -1.61
N LEU C 260 22.61 11.22 -0.34
CA LEU C 260 21.65 10.44 0.43
C LEU C 260 20.35 11.20 0.62
N PHE C 261 20.44 12.50 0.94
CA PHE C 261 19.27 13.32 1.15
C PHE C 261 18.76 13.98 -0.13
N GLN C 262 19.61 14.07 -1.16
CA GLN C 262 19.22 14.61 -2.46
C GLN C 262 19.68 13.63 -3.52
N PRO C 263 18.90 12.57 -3.77
CA PRO C 263 19.30 11.57 -4.79
C PRO C 263 19.37 12.15 -6.20
N SER C 264 18.84 13.35 -6.43
CA SER C 264 18.95 13.97 -7.74
C SER C 264 20.39 14.27 -8.13
N PHE C 265 21.30 14.29 -7.16
CA PHE C 265 22.72 14.46 -7.48
C PHE C 265 23.24 13.32 -8.33
N LEU C 266 22.66 12.12 -8.19
CA LEU C 266 23.03 10.97 -8.98
C LEU C 266 22.09 10.75 -10.16
N GLY C 267 21.20 11.70 -10.44
CA GLY C 267 20.21 11.52 -11.49
C GLY C 267 19.08 10.58 -11.13
N MET C 268 18.86 10.35 -9.84
CA MET C 268 17.81 9.44 -9.38
C MET C 268 16.52 10.21 -9.14
N GLU C 269 15.40 9.59 -9.52
CA GLU C 269 14.09 10.19 -9.30
C GLU C 269 13.55 9.94 -7.90
N SER C 270 14.17 9.05 -7.14
CA SER C 270 13.67 8.69 -5.83
C SER C 270 13.94 9.80 -4.82
N ALA C 271 13.30 9.68 -3.66
CA ALA C 271 13.46 10.66 -2.59
C ALA C 271 14.60 10.26 -1.66
N GLY C 272 14.97 11.18 -0.78
CA GLY C 272 16.07 10.96 0.13
C GLY C 272 15.74 9.97 1.23
N ILE C 273 16.75 9.67 2.04
CA ILE C 273 16.56 8.73 3.14
C ILE C 273 15.62 9.30 4.19
N HIS C 274 15.59 10.63 4.35
CA HIS C 274 14.68 11.23 5.31
C HIS C 274 13.23 11.09 4.87
N GLU C 275 12.96 11.25 3.57
CA GLU C 275 11.61 11.08 3.07
C GLU C 275 11.22 9.61 2.97
N THR C 276 12.17 8.74 2.65
CA THR C 276 11.88 7.31 2.62
C THR C 276 11.50 6.81 4.01
N THR C 277 12.21 7.27 5.04
CA THR C 277 11.84 6.93 6.41
C THR C 277 10.47 7.49 6.77
N PHE C 278 10.20 8.74 6.38
CA PHE C 278 8.90 9.34 6.66
C PHE C 278 7.78 8.64 5.90
N ASN C 279 8.02 8.30 4.63
CA ASN C 279 7.00 7.62 3.84
C ASN C 279 6.71 6.22 4.38
N SER C 280 7.74 5.53 4.89
CA SER C 280 7.52 4.22 5.48
C SER C 280 6.66 4.31 6.73
N ILE C 281 6.87 5.35 7.54
CA ILE C 281 6.04 5.56 8.72
C ILE C 281 4.60 5.85 8.31
N MET C 282 4.41 6.69 7.29
CA MET C 282 3.07 7.05 6.85
C MET C 282 2.31 5.87 6.25
N LYS C 283 3.02 4.83 5.81
CA LYS C 283 2.36 3.64 5.30
C LYS C 283 1.86 2.72 6.40
N CYS C 284 2.22 2.98 7.65
CA CYS C 284 1.78 2.18 8.77
C CYS C 284 0.44 2.68 9.29
N ASP C 285 -0.09 1.98 10.29
CA ASP C 285 -1.32 2.41 10.93
C ASP C 285 -1.10 3.71 11.70
N VAL C 286 -2.16 4.52 11.79
CA VAL C 286 -2.05 5.82 12.43
C VAL C 286 -1.71 5.69 13.91
N ASP C 287 -2.24 4.66 14.57
CA ASP C 287 -2.05 4.51 16.01
C ASP C 287 -0.65 4.10 16.40
N ILE C 288 0.20 3.70 15.44
CA ILE C 288 1.56 3.27 15.73
C ILE C 288 2.60 4.23 15.20
N ARG C 289 2.19 5.29 14.52
CA ARG C 289 3.18 6.23 13.97
C ARG C 289 3.87 7.02 15.06
N LYS C 290 3.20 7.28 16.19
CA LYS C 290 3.82 8.03 17.27
C LYS C 290 5.02 7.30 17.84
N ASP C 291 4.92 5.99 18.00
CA ASP C 291 6.04 5.22 18.55
C ASP C 291 7.18 5.09 17.54
N LEU C 292 6.86 5.06 16.25
CA LEU C 292 7.91 4.98 15.24
C LEU C 292 8.68 6.27 15.11
N TYR C 293 8.03 7.42 15.34
CA TYR C 293 8.71 8.70 15.24
C TYR C 293 9.79 8.83 16.29
N ALA C 294 9.53 8.34 17.50
CA ALA C 294 10.46 8.46 18.62
C ALA C 294 11.42 7.29 18.73
N ASN C 295 11.37 6.34 17.81
CA ASN C 295 12.22 5.16 17.83
C ASN C 295 12.83 4.89 16.46
N THR C 296 13.36 5.95 15.83
CA THR C 296 14.04 5.81 14.55
C THR C 296 15.48 5.38 14.81
N VAL C 297 15.81 4.15 14.42
CA VAL C 297 17.11 3.55 14.69
C VAL C 297 17.92 3.54 13.40
N LEU C 298 19.15 4.02 13.46
CA LEU C 298 20.06 4.03 12.32
C LEU C 298 20.98 2.82 12.40
N SER C 299 21.09 2.09 11.31
CA SER C 299 21.92 0.90 11.25
C SER C 299 22.71 0.89 9.94
N GLY C 300 23.84 0.21 9.96
CA GLY C 300 24.69 0.09 8.78
C GLY C 300 25.87 1.03 8.83
N GLY C 301 26.83 0.77 7.94
CA GLY C 301 28.03 1.58 7.86
C GLY C 301 27.83 2.92 7.19
N THR C 302 26.87 3.01 6.28
CA THR C 302 26.60 4.27 5.60
C THR C 302 26.04 5.33 6.54
N THR C 303 25.41 4.95 7.64
CA THR C 303 24.88 5.88 8.62
C THR C 303 25.94 6.32 9.63
N MET C 304 27.22 6.14 9.31
CA MET C 304 28.30 6.49 10.23
C MET C 304 28.90 7.87 9.97
N TYR C 305 28.35 8.64 9.04
CA TYR C 305 28.88 9.98 8.78
C TYR C 305 28.64 10.86 10.01
N PRO C 306 29.60 11.72 10.36
CA PRO C 306 29.37 12.68 11.44
C PRO C 306 28.27 13.66 11.07
N GLY C 307 27.33 13.85 12.00
CA GLY C 307 26.24 14.78 11.77
C GLY C 307 25.07 14.23 10.98
N ILE C 308 25.08 12.94 10.63
CA ILE C 308 23.95 12.38 9.89
C ILE C 308 22.73 12.26 10.79
N ALA C 309 22.92 12.00 12.09
CA ALA C 309 21.78 11.90 13.00
C ALA C 309 21.10 13.25 13.19
N ASP C 310 21.89 14.31 13.32
CA ASP C 310 21.31 15.65 13.47
C ASP C 310 20.56 16.06 12.21
N ARG C 311 21.11 15.77 11.03
CA ARG C 311 20.42 16.08 9.79
C ARG C 311 19.16 15.24 9.63
N MET C 312 19.24 13.97 10.04
CA MET C 312 18.05 13.11 9.98
C MET C 312 16.94 13.64 10.88
N GLN C 313 17.30 14.08 12.09
CA GLN C 313 16.29 14.63 12.99
C GLN C 313 15.69 15.91 12.43
N LYS C 314 16.51 16.79 11.88
CA LYS C 314 16.01 18.06 11.36
C LYS C 314 15.09 17.85 10.16
N GLU C 315 15.45 16.94 9.25
CA GLU C 315 14.66 16.74 8.04
C GLU C 315 13.32 16.09 8.34
N ILE C 316 13.31 15.07 9.21
CA ILE C 316 12.06 14.39 9.55
C ILE C 316 11.15 15.31 10.34
N THR C 317 11.72 16.15 11.20
CA THR C 317 10.91 17.08 11.98
C THR C 317 10.15 18.05 11.07
N ALA C 318 10.78 18.48 9.98
CA ALA C 318 10.11 19.36 9.02
C ALA C 318 8.99 18.66 8.28
N LEU C 319 8.98 17.33 8.26
CA LEU C 319 7.94 16.56 7.59
C LEU C 319 6.83 16.13 8.55
N ALA C 320 7.21 15.70 9.76
CA ALA C 320 6.23 15.22 10.71
C ALA C 320 5.45 16.38 11.33
N PRO C 321 4.27 16.11 11.87
CA PRO C 321 3.52 17.17 12.57
C PRO C 321 4.29 17.70 13.77
N SER C 322 4.04 18.97 14.09
CA SER C 322 4.78 19.64 15.15
C SER C 322 4.57 19.00 16.52
N THR C 323 3.47 18.28 16.72
CA THR C 323 3.18 17.68 18.01
C THR C 323 3.90 16.35 18.23
N MET C 324 4.61 15.84 17.23
CA MET C 324 5.31 14.57 17.35
C MET C 324 6.74 14.79 17.79
N LYS C 325 7.24 13.89 18.64
CA LYS C 325 8.60 13.94 19.15
C LYS C 325 9.47 13.04 18.28
N ILE C 326 10.34 13.67 17.49
CA ILE C 326 11.24 12.93 16.60
C ILE C 326 12.52 12.62 17.37
N LYS C 327 12.86 11.33 17.46
CA LYS C 327 14.05 10.87 18.14
C LYS C 327 14.81 9.92 17.23
N ILE C 328 16.04 10.27 16.89
CA ILE C 328 16.88 9.44 16.04
C ILE C 328 17.88 8.72 16.93
N ILE C 329 17.82 7.40 16.96
CA ILE C 329 18.71 6.59 17.76
C ILE C 329 19.88 6.17 16.88
N ALA C 330 21.09 6.64 17.22
CA ALA C 330 22.30 6.36 16.46
C ALA C 330 23.36 5.87 17.43
N PRO C 331 23.34 4.59 17.78
CA PRO C 331 24.35 4.08 18.70
C PRO C 331 25.72 4.12 18.06
N PRO C 332 26.77 4.31 18.87
CA PRO C 332 28.13 4.36 18.30
C PRO C 332 28.57 3.05 17.66
N GLU C 333 27.92 1.94 18.00
CA GLU C 333 28.28 0.62 17.49
C GLU C 333 27.40 0.18 16.32
N ARG C 334 26.58 1.10 15.78
CA ARG C 334 25.57 0.71 14.79
C ARG C 334 26.18 0.16 13.51
N LYS C 335 27.48 0.35 13.29
CA LYS C 335 28.12 -0.27 12.13
C LYS C 335 28.07 -1.79 12.22
N TYR C 336 27.99 -2.33 13.44
CA TYR C 336 27.90 -3.78 13.66
C TYR C 336 26.62 -4.15 14.40
N SER C 337 25.57 -3.34 14.25
CA SER C 337 24.32 -3.60 14.97
C SER C 337 23.69 -4.91 14.52
N VAL C 338 23.75 -5.21 13.22
CA VAL C 338 23.13 -6.44 12.71
C VAL C 338 23.80 -7.66 13.31
N TRP C 339 25.14 -7.68 13.35
CA TRP C 339 25.84 -8.82 13.92
C TRP C 339 25.63 -8.92 15.42
N ILE C 340 25.70 -7.78 16.12
CA ILE C 340 25.55 -7.80 17.58
C ILE C 340 24.16 -8.28 17.96
N GLY C 341 23.13 -7.83 17.25
CA GLY C 341 21.79 -8.32 17.50
C GLY C 341 21.67 -9.81 17.22
N GLY C 342 22.35 -10.29 16.18
CA GLY C 342 22.35 -11.72 15.92
C GLY C 342 23.06 -12.51 16.99
N SER C 343 24.17 -11.97 17.51
CA SER C 343 24.86 -12.62 18.61
C SER C 343 23.99 -12.69 19.86
N ILE C 344 23.25 -11.62 20.14
CA ILE C 344 22.32 -11.62 21.27
C ILE C 344 21.22 -12.66 21.06
N LEU C 345 20.66 -12.68 19.84
CA LEU C 345 19.57 -13.61 19.55
C LEU C 345 20.03 -15.06 19.64
N ALA C 346 21.21 -15.36 19.09
CA ALA C 346 21.72 -16.73 19.09
C ALA C 346 22.08 -17.24 20.47
N SER C 347 22.24 -16.34 21.45
CA SER C 347 22.57 -16.74 22.82
C SER C 347 21.33 -16.89 23.70
N LEU C 348 20.16 -16.48 23.23
CA LEU C 348 18.94 -16.62 24.03
C LEU C 348 18.55 -18.09 24.17
N SER C 349 18.11 -18.46 25.37
CA SER C 349 17.67 -19.83 25.60
C SER C 349 16.40 -20.15 24.83
N THR C 350 15.58 -19.15 24.54
CA THR C 350 14.34 -19.33 23.80
C THR C 350 14.55 -19.43 22.29
N PHE C 351 15.78 -19.21 21.81
CA PHE C 351 16.06 -19.28 20.38
C PHE C 351 16.41 -20.68 19.91
N GLN C 352 16.76 -21.59 20.83
CA GLN C 352 17.20 -22.92 20.44
C GLN C 352 16.11 -23.71 19.71
N GLN C 353 14.84 -23.31 19.86
CA GLN C 353 13.77 -23.95 19.13
C GLN C 353 13.66 -23.50 17.68
N MET C 354 14.39 -22.46 17.29
CA MET C 354 14.33 -21.92 15.94
C MET C 354 15.40 -22.50 15.02
N TRP C 355 16.31 -23.31 15.53
CA TRP C 355 17.33 -23.93 14.68
C TRP C 355 16.70 -24.94 13.74
N ILE C 356 17.30 -25.07 12.56
CA ILE C 356 16.86 -26.03 11.55
C ILE C 356 18.00 -27.02 11.34
N SER C 357 17.76 -28.29 11.65
CA SER C 357 18.80 -29.31 11.57
C SER C 357 19.07 -29.69 10.12
N LYS C 358 20.30 -30.15 9.88
CA LYS C 358 20.66 -30.62 8.54
C LYS C 358 19.86 -31.86 8.16
N GLN C 359 19.64 -32.77 9.12
CA GLN C 359 18.85 -33.96 8.84
C GLN C 359 17.41 -33.61 8.48
N GLU C 360 16.84 -32.61 9.15
CA GLU C 360 15.49 -32.17 8.83
C GLU C 360 15.42 -31.59 7.42
N TYR C 361 16.45 -30.83 7.02
CA TYR C 361 16.46 -30.23 5.69
C TYR C 361 16.55 -31.30 4.61
N ASP C 362 17.31 -32.36 4.86
CA ASP C 362 17.49 -33.40 3.84
C ASP C 362 16.18 -34.11 3.53
N GLU C 363 15.38 -34.40 4.56
CA GLU C 363 14.14 -35.14 4.37
C GLU C 363 12.95 -34.25 4.07
N SER C 364 13.05 -32.94 4.28
CA SER C 364 11.93 -32.02 4.08
C SER C 364 12.17 -31.00 2.97
N GLY C 365 13.38 -30.47 2.86
CA GLY C 365 13.69 -29.52 1.83
C GLY C 365 13.61 -28.09 2.31
N PRO C 366 13.60 -27.13 1.37
CA PRO C 366 13.57 -25.71 1.75
C PRO C 366 12.22 -25.22 2.24
N SER C 367 11.19 -26.06 2.23
CA SER C 367 9.87 -25.64 2.70
C SER C 367 9.89 -25.33 4.20
N ILE C 368 10.67 -26.08 4.98
CA ILE C 368 10.76 -25.82 6.41
C ILE C 368 11.59 -24.58 6.71
N VAL C 369 12.31 -24.05 5.73
CA VAL C 369 13.06 -22.83 5.94
C VAL C 369 12.22 -21.59 5.64
N HIS C 370 11.32 -21.66 4.66
CA HIS C 370 10.40 -20.56 4.41
C HIS C 370 9.47 -20.35 5.59
N ARG C 371 8.94 -21.45 6.14
CA ARG C 371 8.34 -21.38 7.46
C ARG C 371 9.45 -21.27 8.52
N LYS C 372 9.07 -20.85 9.72
CA LYS C 372 9.97 -20.56 10.83
C LYS C 372 10.81 -19.32 10.55
N CYS C 373 10.70 -18.73 9.37
CA CYS C 373 11.42 -17.51 9.00
C CYS C 373 10.43 -16.51 8.44
N PHE C 374 10.77 -15.23 8.58
CA PHE C 374 9.88 -14.16 8.16
C PHE C 374 10.48 -13.33 7.03
N ALA D 5 -24.68 18.19 -30.83
CA ALA D 5 -23.60 17.23 -30.65
C ALA D 5 -23.03 17.32 -29.24
N ALA D 6 -23.68 16.65 -28.30
CA ALA D 6 -23.24 16.66 -26.91
C ALA D 6 -21.97 15.84 -26.74
N LEU D 7 -21.14 16.27 -25.79
CA LEU D 7 -19.90 15.58 -25.46
C LEU D 7 -20.07 14.75 -24.20
N VAL D 8 -19.53 13.54 -24.21
CA VAL D 8 -19.54 12.65 -23.07
C VAL D 8 -18.10 12.47 -22.62
N VAL D 9 -17.78 12.96 -21.42
CA VAL D 9 -16.44 12.89 -20.87
C VAL D 9 -16.48 12.03 -19.62
N ASP D 10 -15.74 10.93 -19.63
CA ASP D 10 -15.63 10.02 -18.49
C ASP D 10 -14.19 10.12 -17.97
N ASN D 11 -13.99 10.96 -16.95
CA ASN D 11 -12.67 11.17 -16.38
C ASN D 11 -12.49 10.27 -15.16
N GLY D 12 -11.48 9.42 -15.22
CA GLY D 12 -11.16 8.52 -14.13
C GLY D 12 -9.80 8.82 -13.54
N SER D 13 -9.42 7.98 -12.56
CA SER D 13 -8.13 8.14 -11.91
C SER D 13 -6.98 7.86 -12.86
N GLY D 14 -7.12 6.83 -13.70
CA GLY D 14 -6.03 6.42 -14.55
C GLY D 14 -6.17 6.81 -16.01
N MET D 15 -7.37 6.67 -16.56
CA MET D 15 -7.63 6.95 -17.97
C MET D 15 -8.79 7.92 -18.11
N CYS D 16 -8.73 8.71 -19.18
CA CYS D 16 -9.79 9.66 -19.51
C CYS D 16 -10.36 9.29 -20.87
N LYS D 17 -11.67 9.02 -20.91
CA LYS D 17 -12.36 8.64 -22.13
C LYS D 17 -13.32 9.76 -22.52
N ALA D 18 -13.21 10.22 -23.76
CA ALA D 18 -14.04 11.30 -24.27
C ALA D 18 -14.56 10.95 -25.65
N GLY D 19 -15.64 11.61 -26.03
CA GLY D 19 -16.24 11.34 -27.32
C GLY D 19 -17.51 12.15 -27.50
N PHE D 20 -18.34 11.70 -28.44
CA PHE D 20 -19.58 12.37 -28.78
C PHE D 20 -20.76 11.45 -28.46
N ALA D 21 -21.88 12.08 -28.07
CA ALA D 21 -23.08 11.33 -27.77
C ALA D 21 -23.60 10.62 -29.03
N GLY D 22 -23.98 9.36 -28.88
CA GLY D 22 -24.46 8.55 -29.98
C GLY D 22 -23.44 7.59 -30.55
N ASP D 23 -22.16 7.83 -30.30
CA ASP D 23 -21.12 6.92 -30.77
C ASP D 23 -21.08 5.66 -29.91
N ASP D 24 -20.61 4.57 -30.51
CA ASP D 24 -20.55 3.28 -29.83
C ASP D 24 -19.31 3.14 -28.96
N ALA D 25 -18.24 3.85 -29.25
CA ALA D 25 -16.99 3.77 -28.49
C ALA D 25 -16.41 5.16 -28.32
N PRO D 26 -15.64 5.39 -27.26
CA PRO D 26 -15.01 6.70 -27.08
C PRO D 26 -14.04 7.00 -28.21
N ARG D 27 -14.05 8.25 -28.67
CA ARG D 27 -13.14 8.67 -29.73
C ARG D 27 -11.73 8.88 -29.22
N ALA D 28 -11.57 9.42 -28.01
CA ALA D 28 -10.26 9.73 -27.44
C ALA D 28 -10.13 9.04 -26.08
N VAL D 29 -9.13 8.18 -25.95
CA VAL D 29 -8.80 7.51 -24.70
C VAL D 29 -7.31 7.68 -24.48
N PHE D 30 -6.94 8.44 -23.44
CA PHE D 30 -5.55 8.72 -23.15
C PHE D 30 -5.32 8.64 -21.65
N PRO D 31 -4.09 8.33 -21.22
CA PRO D 31 -3.82 8.28 -19.78
C PRO D 31 -4.00 9.64 -19.13
N SER D 32 -4.48 9.62 -17.89
CA SER D 32 -4.70 10.85 -17.12
C SER D 32 -3.45 11.17 -16.30
N ILE D 33 -2.39 11.56 -17.02
CA ILE D 33 -1.11 11.86 -16.41
C ILE D 33 -0.63 13.22 -16.91
N VAL D 34 0.18 13.88 -16.08
CA VAL D 34 0.86 15.11 -16.45
C VAL D 34 2.34 14.93 -16.13
N GLY D 35 3.18 15.02 -17.15
CA GLY D 35 4.61 14.82 -17.01
C GLY D 35 5.36 16.14 -17.10
N ARG D 36 6.39 16.28 -16.26
CA ARG D 36 7.22 17.47 -16.26
C ARG D 36 8.69 17.06 -16.34
N PRO D 37 9.51 17.84 -17.04
CA PRO D 37 10.93 17.47 -17.18
C PRO D 37 11.63 17.43 -15.83
N ARG D 38 12.52 16.46 -15.67
CA ARG D 38 13.32 16.31 -14.46
C ARG D 38 14.81 16.50 -14.71
N HIS D 39 15.22 16.75 -15.95
CA HIS D 39 16.59 17.06 -16.29
C HIS D 39 16.69 18.51 -16.75
N GLN D 40 17.89 18.91 -17.17
CA GLN D 40 18.16 20.26 -17.63
C GLN D 40 18.37 20.26 -19.15
N GLY D 41 17.65 21.13 -19.84
CA GLY D 41 17.81 21.24 -21.28
C GLY D 41 19.12 21.93 -21.64
N VAL D 42 19.82 21.37 -22.61
CA VAL D 42 21.11 21.90 -23.02
C VAL D 42 21.12 22.42 -24.46
N MET D 43 20.12 22.10 -25.27
CA MET D 43 20.08 22.53 -26.66
C MET D 43 19.05 23.64 -26.80
N VAL D 44 19.45 24.74 -27.43
CA VAL D 44 18.57 25.89 -27.59
C VAL D 44 17.49 25.59 -28.62
N LYS D 49 7.96 23.99 -23.72
CA LYS D 49 6.91 23.19 -23.11
C LYS D 49 7.36 22.64 -21.76
N ASP D 50 6.77 23.16 -20.68
CA ASP D 50 7.13 22.76 -19.33
C ASP D 50 6.28 21.62 -18.80
N SER D 51 5.30 21.14 -19.56
CA SER D 51 4.45 20.06 -19.11
C SER D 51 3.89 19.31 -20.32
N TYR D 52 3.68 18.01 -20.15
CA TYR D 52 3.10 17.16 -21.17
C TYR D 52 1.94 16.38 -20.56
N VAL D 53 0.85 16.26 -21.31
CA VAL D 53 -0.38 15.67 -20.80
C VAL D 53 -0.83 14.57 -21.75
N GLY D 54 -1.08 13.38 -21.20
CA GLY D 54 -1.69 12.31 -21.97
C GLY D 54 -0.67 11.48 -22.71
N ASP D 55 -0.93 11.24 -24.00
CA ASP D 55 -0.07 10.36 -24.78
C ASP D 55 1.30 10.98 -25.05
N GLU D 56 1.37 12.30 -25.20
CA GLU D 56 2.66 12.95 -25.41
C GLU D 56 3.56 12.82 -24.19
N ALA D 57 2.97 12.77 -22.99
CA ALA D 57 3.76 12.51 -21.80
C ALA D 57 4.22 11.06 -21.73
N GLN D 58 3.44 10.14 -22.32
CA GLN D 58 3.83 8.74 -22.33
C GLN D 58 4.97 8.48 -23.31
N SER D 59 5.02 9.22 -24.41
CA SER D 59 6.10 9.05 -25.39
C SER D 59 7.41 9.65 -24.91
N LYS D 60 7.37 10.67 -24.05
CA LYS D 60 8.56 11.32 -23.53
C LYS D 60 8.82 10.96 -22.07
N ARG D 61 8.21 9.89 -21.57
CA ARG D 61 8.24 9.58 -20.15
C ARG D 61 9.65 9.24 -19.65
N GLY D 62 10.61 8.98 -20.53
CA GLY D 62 11.96 8.69 -20.09
C GLY D 62 12.66 9.87 -19.46
N ILE D 63 12.27 11.09 -19.80
CA ILE D 63 12.85 12.30 -19.26
C ILE D 63 11.85 13.14 -18.47
N LEU D 64 10.70 12.56 -18.13
CA LEU D 64 9.65 13.27 -17.43
C LEU D 64 9.32 12.57 -16.12
N THR D 65 8.77 13.33 -15.18
CA THR D 65 8.24 12.80 -13.93
C THR D 65 6.73 12.76 -14.06
N LEU D 66 6.17 11.56 -14.18
CA LEU D 66 4.75 11.39 -14.42
C LEU D 66 3.99 11.44 -13.10
N LYS D 67 2.95 12.27 -13.05
CA LYS D 67 2.12 12.44 -11.87
C LYS D 67 0.65 12.34 -12.26
N TYR D 68 -0.13 11.65 -11.43
CA TYR D 68 -1.56 11.52 -11.66
C TYR D 68 -2.30 12.62 -10.90
N PRO D 69 -3.03 13.51 -11.59
CA PRO D 69 -3.80 14.53 -10.88
C PRO D 69 -4.89 13.97 -9.99
N ILE D 70 -5.36 12.75 -10.25
CA ILE D 70 -6.39 12.10 -9.45
C ILE D 70 -5.77 10.89 -8.76
N GLU D 71 -5.92 10.84 -7.44
CA GLU D 71 -5.39 9.72 -6.66
C GLU D 71 -6.46 9.19 -5.72
N HIC D 72 -6.80 7.91 -5.89
CA HIC D 72 -7.86 7.25 -5.14
C HIC D 72 -9.19 7.96 -5.30
O HIC D 72 -9.99 8.07 -4.36
CB HIC D 72 -7.49 7.17 -3.64
CG HIC D 72 -6.41 6.19 -3.36
ND1 HIC D 72 -6.49 4.88 -3.76
CD2 HIC D 72 -5.24 6.38 -2.68
CE1 HIC D 72 -5.39 4.31 -3.34
NE2 HIC D 72 -4.59 5.18 -2.68
CZ HIC D 72 -3.31 4.89 -2.08
N GLY D 73 -9.45 8.45 -6.51
CA GLY D 73 -10.70 9.13 -6.81
C GLY D 73 -10.78 10.54 -6.26
N ILE D 74 -9.65 11.05 -5.77
CA ILE D 74 -9.56 12.39 -5.19
C ILE D 74 -8.59 13.20 -6.04
N VAL D 75 -9.02 14.39 -6.45
CA VAL D 75 -8.20 15.27 -7.27
C VAL D 75 -7.18 15.93 -6.36
N THR D 76 -5.92 15.51 -6.46
CA THR D 76 -4.86 16.05 -5.62
C THR D 76 -4.31 17.37 -6.14
N ASN D 77 -4.62 17.74 -7.38
CA ASN D 77 -4.13 18.99 -7.96
C ASN D 77 -5.11 19.43 -9.04
N TRP D 78 -5.83 20.52 -8.77
CA TRP D 78 -6.82 21.02 -9.72
C TRP D 78 -6.18 21.75 -10.89
N ASP D 79 -4.95 22.25 -10.72
CA ASP D 79 -4.24 22.85 -11.86
C ASP D 79 -3.93 21.81 -12.92
N ASP D 80 -3.45 20.64 -12.52
CA ASP D 80 -3.20 19.57 -13.48
C ASP D 80 -4.50 18.95 -13.96
N MET D 81 -5.56 19.01 -13.15
CA MET D 81 -6.85 18.49 -13.58
C MET D 81 -7.40 19.27 -14.77
N GLU D 82 -7.25 20.60 -14.75
CA GLU D 82 -7.69 21.41 -15.88
C GLU D 82 -6.85 21.14 -17.12
N LYS D 83 -5.59 20.73 -16.94
CA LYS D 83 -4.77 20.36 -18.09
C LYS D 83 -5.32 19.14 -18.79
N ILE D 84 -5.83 18.16 -18.02
CA ILE D 84 -6.45 16.99 -18.63
C ILE D 84 -7.69 17.39 -19.42
N TRP D 85 -8.52 18.26 -18.84
CA TRP D 85 -9.73 18.70 -19.54
C TRP D 85 -9.39 19.56 -20.75
N HIS D 86 -8.41 20.45 -20.62
CA HIS D 86 -7.99 21.25 -21.77
C HIS D 86 -7.41 20.38 -22.87
N HIS D 87 -6.60 19.38 -22.50
CA HIS D 87 -6.09 18.44 -23.48
C HIS D 87 -7.20 17.62 -24.12
N THR D 88 -8.28 17.36 -23.38
CA THR D 88 -9.40 16.60 -23.91
C THR D 88 -10.13 17.37 -25.00
N PHE D 89 -10.48 18.62 -24.72
CA PHE D 89 -11.34 19.37 -25.64
C PHE D 89 -10.59 19.83 -26.88
N TYR D 90 -9.36 20.33 -26.71
CA TYR D 90 -8.64 20.98 -27.80
C TYR D 90 -7.68 20.06 -28.52
N ASN D 91 -6.97 19.19 -27.81
CA ASN D 91 -5.97 18.34 -28.44
C ASN D 91 -6.56 17.01 -28.92
N GLU D 92 -7.34 16.34 -28.06
CA GLU D 92 -7.86 15.04 -28.41
C GLU D 92 -9.13 15.15 -29.26
N LEU D 93 -10.18 15.78 -28.72
CA LEU D 93 -11.43 15.92 -29.46
C LEU D 93 -11.34 16.98 -30.55
N ARG D 94 -10.48 17.98 -30.38
CA ARG D 94 -10.31 19.07 -31.34
C ARG D 94 -11.64 19.78 -31.59
N VAL D 95 -12.34 20.12 -30.51
CA VAL D 95 -13.62 20.80 -30.58
C VAL D 95 -13.58 21.99 -29.63
N ALA D 96 -14.50 22.93 -29.84
CA ALA D 96 -14.66 24.08 -28.97
C ALA D 96 -15.58 23.72 -27.81
N PRO D 97 -15.13 23.79 -26.56
CA PRO D 97 -16.00 23.41 -25.44
C PRO D 97 -17.22 24.30 -25.29
N GLU D 98 -17.20 25.52 -25.84
CA GLU D 98 -18.31 26.44 -25.71
C GLU D 98 -19.42 26.19 -26.72
N GLU D 99 -19.26 25.24 -27.63
CA GLU D 99 -20.25 24.96 -28.64
C GLU D 99 -20.96 23.63 -28.44
N HIS D 100 -20.53 22.80 -27.48
CA HIS D 100 -21.12 21.49 -27.26
C HIS D 100 -21.45 21.34 -25.78
N PRO D 101 -22.67 20.90 -25.44
CA PRO D 101 -22.95 20.52 -24.05
C PRO D 101 -22.12 19.31 -23.66
N VAL D 102 -21.71 19.29 -22.39
CA VAL D 102 -20.81 18.26 -21.88
C VAL D 102 -21.53 17.47 -20.81
N LEU D 103 -21.54 16.15 -20.98
CA LEU D 103 -22.06 15.23 -19.97
C LEU D 103 -20.89 14.63 -19.21
N LEU D 104 -20.85 14.87 -17.90
CA LEU D 104 -19.77 14.42 -17.05
C LEU D 104 -20.22 13.26 -16.17
N THR D 105 -19.25 12.49 -15.69
CA THR D 105 -19.50 11.35 -14.82
C THR D 105 -18.82 11.58 -13.48
N GLU D 106 -19.46 11.12 -12.41
CA GLU D 106 -18.94 11.27 -11.06
C GLU D 106 -18.97 9.94 -10.34
N ALA D 107 -18.03 9.76 -9.42
CA ALA D 107 -17.98 8.54 -8.64
C ALA D 107 -19.17 8.48 -7.68
N PRO D 108 -19.60 7.28 -7.29
CA PRO D 108 -20.68 7.16 -6.31
C PRO D 108 -20.29 7.79 -4.99
N LEU D 109 -21.29 8.39 -4.33
CA LEU D 109 -21.09 9.14 -3.09
C LEU D 109 -20.07 10.25 -3.27
N ASN D 110 -20.14 10.92 -4.42
CA ASN D 110 -19.20 12.00 -4.71
C ASN D 110 -19.44 13.17 -3.76
N PRO D 111 -18.39 13.71 -3.13
CA PRO D 111 -18.58 14.90 -2.28
C PRO D 111 -19.11 16.07 -3.08
N LYS D 112 -19.98 16.86 -2.44
CA LYS D 112 -20.56 18.01 -3.13
C LYS D 112 -19.51 19.05 -3.48
N ALA D 113 -18.45 19.17 -2.67
CA ALA D 113 -17.37 20.10 -2.99
C ALA D 113 -16.66 19.69 -4.27
N ASN D 114 -16.46 18.39 -4.47
CA ASN D 114 -15.84 17.92 -5.71
C ASN D 114 -16.72 18.21 -6.92
N ARG D 115 -18.03 18.05 -6.77
CA ARG D 115 -18.94 18.33 -7.88
C ARG D 115 -19.03 19.82 -8.17
N GLU D 116 -18.95 20.66 -7.13
CA GLU D 116 -19.01 22.10 -7.34
C GLU D 116 -17.82 22.60 -8.14
N LYS D 117 -16.62 22.10 -7.82
CA LYS D 117 -15.43 22.53 -8.56
C LYS D 117 -15.50 22.08 -10.01
N MET D 118 -15.96 20.85 -10.26
CA MET D 118 -16.09 20.37 -11.63
C MET D 118 -17.11 21.19 -12.41
N THR D 119 -18.23 21.52 -11.77
CA THR D 119 -19.24 22.36 -12.43
C THR D 119 -18.71 23.77 -12.66
N GLN D 120 -17.99 24.33 -11.69
CA GLN D 120 -17.48 25.69 -11.83
C GLN D 120 -16.47 25.79 -12.98
N ILE D 121 -15.60 24.79 -13.10
CA ILE D 121 -14.60 24.81 -14.17
C ILE D 121 -15.27 24.72 -15.53
N MET D 122 -16.26 23.84 -15.66
CA MET D 122 -16.91 23.64 -16.96
C MET D 122 -17.66 24.89 -17.43
N PHE D 123 -18.18 25.69 -16.51
CA PHE D 123 -18.97 26.86 -16.86
C PHE D 123 -18.16 28.15 -16.91
N GLU D 124 -17.15 28.29 -16.05
CA GLU D 124 -16.37 29.52 -15.97
C GLU D 124 -15.08 29.47 -16.77
N THR D 125 -14.41 28.32 -16.81
CA THR D 125 -13.15 28.20 -17.55
C THR D 125 -13.38 27.84 -19.01
N PHE D 126 -14.17 26.80 -19.28
CA PHE D 126 -14.43 26.35 -20.63
C PHE D 126 -15.71 26.94 -21.22
N ASN D 127 -16.55 27.56 -20.40
CA ASN D 127 -17.75 28.25 -20.88
C ASN D 127 -18.67 27.34 -21.69
N THR D 128 -18.88 26.12 -21.19
CA THR D 128 -19.77 25.20 -21.87
C THR D 128 -21.21 25.71 -21.82
N PRO D 129 -21.99 25.53 -22.88
CA PRO D 129 -23.37 26.01 -22.88
C PRO D 129 -24.26 25.28 -21.89
N ALA D 130 -24.16 23.95 -21.88
CA ALA D 130 -24.93 23.11 -20.97
C ALA D 130 -24.03 22.05 -20.36
N MET D 131 -24.43 21.55 -19.20
CA MET D 131 -23.64 20.57 -18.48
C MET D 131 -24.54 19.73 -17.60
N TYR D 132 -24.14 18.47 -17.40
CA TYR D 132 -24.84 17.57 -16.49
C TYR D 132 -23.84 16.54 -15.98
N VAL D 133 -24.05 16.11 -14.74
CA VAL D 133 -23.18 15.14 -14.07
C VAL D 133 -24.00 13.91 -13.74
N ALA D 134 -23.50 12.73 -14.12
CA ALA D 134 -24.18 11.47 -13.90
C ALA D 134 -23.31 10.53 -13.09
N ILE D 135 -23.96 9.59 -12.41
CA ILE D 135 -23.25 8.62 -11.59
C ILE D 135 -22.69 7.53 -12.50
N GLN D 136 -21.42 7.18 -12.29
CA GLN D 136 -20.77 6.20 -13.16
C GLN D 136 -21.44 4.83 -13.07
N ALA D 137 -21.83 4.42 -11.87
CA ALA D 137 -22.47 3.12 -11.71
C ALA D 137 -23.81 3.06 -12.44
N VAL D 138 -24.57 4.15 -12.39
CA VAL D 138 -25.85 4.19 -13.10
C VAL D 138 -25.62 4.08 -14.61
N LEU D 139 -24.62 4.79 -15.13
CA LEU D 139 -24.31 4.71 -16.55
C LEU D 139 -23.85 3.32 -16.95
N SER D 140 -23.13 2.63 -16.05
CA SER D 140 -22.72 1.26 -16.33
C SER D 140 -23.92 0.34 -16.49
N LEU D 141 -24.97 0.58 -15.69
CA LEU D 141 -26.19 -0.21 -15.81
C LEU D 141 -26.97 0.16 -17.07
N TYR D 142 -26.83 1.41 -17.54
CA TYR D 142 -27.47 1.81 -18.78
C TYR D 142 -26.93 1.03 -19.97
N ALA D 143 -25.61 0.82 -20.01
CA ALA D 143 -25.00 0.10 -21.12
C ALA D 143 -25.48 -1.34 -21.19
N SER D 144 -25.63 -1.99 -20.03
CA SER D 144 -26.11 -3.36 -19.98
C SER D 144 -27.60 -3.48 -20.25
N GLY D 145 -28.32 -2.37 -20.35
CA GLY D 145 -29.75 -2.41 -20.59
C GLY D 145 -30.54 -3.00 -19.45
N ARG D 146 -30.21 -2.62 -18.21
CA ARG D 146 -30.91 -3.11 -17.03
C ARG D 146 -31.29 -1.95 -16.13
N THR D 147 -32.39 -2.12 -15.41
CA THR D 147 -32.80 -1.18 -14.39
C THR D 147 -32.54 -1.67 -12.97
N THR D 148 -32.20 -2.95 -12.81
CA THR D 148 -31.94 -3.55 -11.51
C THR D 148 -30.63 -4.31 -11.56
N GLY D 149 -29.81 -4.13 -10.54
CA GLY D 149 -28.54 -4.83 -10.45
C GLY D 149 -27.56 -4.06 -9.59
N ILE D 150 -26.51 -4.77 -9.16
CA ILE D 150 -25.43 -4.20 -8.37
C ILE D 150 -24.19 -4.13 -9.25
N VAL D 151 -23.60 -2.95 -9.34
CA VAL D 151 -22.47 -2.69 -10.22
C VAL D 151 -21.20 -2.64 -9.40
N MET D 152 -20.24 -3.50 -9.74
CA MET D 152 -18.92 -3.50 -9.11
C MET D 152 -17.97 -2.77 -10.03
N ASP D 153 -17.86 -1.45 -9.85
CA ASP D 153 -17.02 -0.60 -10.69
C ASP D 153 -15.63 -0.52 -10.07
N SER D 154 -14.69 -1.28 -10.61
CA SER D 154 -13.31 -1.26 -10.17
C SER D 154 -12.45 -0.67 -11.28
N GLY D 155 -11.74 0.41 -10.97
CA GLY D 155 -10.92 1.07 -11.96
C GLY D 155 -9.48 1.25 -11.55
N ASP D 156 -8.99 2.48 -11.59
CA ASP D 156 -7.60 2.77 -11.25
C ASP D 156 -7.43 3.38 -9.87
N GLY D 157 -8.47 4.02 -9.33
CA GLY D 157 -8.32 4.69 -8.05
C GLY D 157 -9.03 4.04 -6.89
N VAL D 158 -10.22 3.48 -7.14
CA VAL D 158 -11.05 2.96 -6.06
C VAL D 158 -12.04 1.96 -6.65
N THR D 159 -12.60 1.11 -5.79
CA THR D 159 -13.59 0.11 -6.17
C THR D 159 -14.89 0.40 -5.44
N HIS D 160 -15.99 0.41 -6.19
CA HIS D 160 -17.30 0.72 -5.63
C HIS D 160 -18.30 -0.38 -5.98
N THR D 161 -19.23 -0.62 -5.06
CA THR D 161 -20.34 -1.55 -5.26
C THR D 161 -21.63 -0.78 -5.04
N VAL D 162 -22.40 -0.59 -6.11
CA VAL D 162 -23.62 0.22 -6.04
C VAL D 162 -24.83 -0.62 -6.42
N PRO D 163 -25.71 -0.95 -5.46
CA PRO D 163 -26.93 -1.70 -5.80
C PRO D 163 -28.04 -0.76 -6.26
N ILE D 164 -28.70 -1.15 -7.35
CA ILE D 164 -29.82 -0.39 -7.91
C ILE D 164 -30.97 -1.35 -8.15
N TYR D 165 -32.16 -0.97 -7.71
CA TYR D 165 -33.35 -1.79 -7.86
C TYR D 165 -34.46 -0.96 -8.48
N GLU D 166 -34.91 -1.38 -9.67
CA GLU D 166 -36.01 -0.73 -10.39
C GLU D 166 -35.73 0.76 -10.61
N GLY D 167 -34.47 1.09 -10.87
CA GLY D 167 -34.08 2.47 -11.08
C GLY D 167 -33.90 3.28 -9.82
N TYR D 168 -34.05 2.67 -8.65
CA TYR D 168 -33.87 3.35 -7.37
C TYR D 168 -32.53 2.95 -6.77
N ALA D 169 -31.72 3.94 -6.42
CA ALA D 169 -30.43 3.69 -5.80
C ALA D 169 -30.59 3.56 -4.29
N LEU D 170 -29.63 2.86 -3.68
CA LEU D 170 -29.60 2.63 -2.24
C LEU D 170 -28.26 3.14 -1.71
N PRO D 171 -28.16 4.45 -1.43
CA PRO D 171 -26.88 5.00 -0.99
C PRO D 171 -26.36 4.39 0.30
N HIS D 172 -27.24 3.96 1.21
CA HIS D 172 -26.80 3.36 2.45
C HIS D 172 -26.10 2.02 2.24
N ALA D 173 -26.37 1.35 1.12
CA ALA D 173 -25.77 0.06 0.82
C ALA D 173 -24.55 0.17 -0.08
N ILE D 174 -24.14 1.38 -0.45
CA ILE D 174 -22.97 1.57 -1.30
C ILE D 174 -21.71 1.38 -0.46
N LEU D 175 -20.83 0.50 -0.90
CA LEU D 175 -19.58 0.22 -0.22
C LEU D 175 -18.40 0.63 -1.09
N ARG D 176 -17.31 1.04 -0.43
CA ARG D 176 -16.12 1.51 -1.10
C ARG D 176 -14.93 0.66 -0.67
N LEU D 177 -14.07 0.34 -1.64
CA LEU D 177 -12.85 -0.41 -1.39
C LEU D 177 -11.67 0.37 -1.95
N ASP D 178 -10.75 0.78 -1.08
CA ASP D 178 -9.57 1.53 -1.49
C ASP D 178 -8.51 0.59 -2.09
N LEU D 179 -8.89 -0.05 -3.18
CA LEU D 179 -8.03 -1.02 -3.86
C LEU D 179 -8.48 -1.11 -5.30
N ALA D 180 -7.59 -0.75 -6.23
CA ALA D 180 -7.94 -0.69 -7.63
C ALA D 180 -6.71 -1.03 -8.46
N GLY D 181 -6.74 -0.68 -9.75
CA GLY D 181 -5.66 -1.07 -10.64
C GLY D 181 -4.31 -0.51 -10.25
N ARG D 182 -4.28 0.75 -9.80
CA ARG D 182 -3.01 1.37 -9.44
C ARG D 182 -2.37 0.66 -8.25
N ASP D 183 -3.18 0.24 -7.28
CA ASP D 183 -2.64 -0.53 -6.15
C ASP D 183 -2.10 -1.88 -6.60
N LEU D 184 -2.73 -2.49 -7.62
CA LEU D 184 -2.22 -3.73 -8.16
C LEU D 184 -0.94 -3.51 -8.97
N THR D 185 -0.83 -2.37 -9.65
CA THR D 185 0.40 -2.06 -10.37
C THR D 185 1.57 -1.93 -9.42
N ASP D 186 1.36 -1.26 -8.28
CA ASP D 186 2.43 -1.13 -7.29
C ASP D 186 2.77 -2.48 -6.66
N TYR D 187 1.76 -3.33 -6.44
CA TYR D 187 2.02 -4.66 -5.89
C TYR D 187 2.81 -5.51 -6.87
N LEU D 188 2.51 -5.43 -8.15
CA LEU D 188 3.29 -6.15 -9.15
C LEU D 188 4.73 -5.63 -9.19
N MET D 189 4.90 -4.31 -8.99
CA MET D 189 6.24 -3.75 -8.88
C MET D 189 7.00 -4.33 -7.70
N LYS D 190 6.31 -4.50 -6.57
CA LYS D 190 6.96 -5.03 -5.37
C LYS D 190 7.38 -6.48 -5.55
N ILE D 191 6.47 -7.31 -6.12
CA ILE D 191 6.77 -8.73 -6.25
C ILE D 191 7.65 -9.04 -7.45
N LEU D 192 7.83 -8.10 -8.37
CA LEU D 192 8.76 -8.31 -9.47
C LEU D 192 10.20 -8.18 -8.99
N THR D 193 10.43 -7.44 -7.90
CA THR D 193 11.78 -7.34 -7.36
C THR D 193 12.26 -8.68 -6.82
N GLU D 194 11.35 -9.53 -6.35
CA GLU D 194 11.72 -10.87 -5.90
C GLU D 194 12.25 -11.74 -7.04
N ARG D 195 11.95 -11.38 -8.28
CA ARG D 195 12.44 -12.11 -9.45
C ARG D 195 13.71 -11.49 -10.01
N GLY D 196 14.21 -10.41 -9.43
CA GLY D 196 15.42 -9.77 -9.88
C GLY D 196 15.23 -8.57 -10.80
N TYR D 197 13.99 -8.17 -11.07
CA TYR D 197 13.70 -7.02 -11.92
C TYR D 197 13.36 -5.83 -11.06
N SER D 198 14.07 -4.72 -11.26
CA SER D 198 13.94 -3.52 -10.45
C SER D 198 13.27 -2.43 -11.27
N PHE D 199 12.03 -2.08 -10.90
CA PHE D 199 11.32 -0.94 -11.46
C PHE D 199 11.04 0.03 -10.33
N THR D 200 11.57 1.24 -10.45
CA THR D 200 11.43 2.20 -9.36
C THR D 200 10.84 3.52 -9.78
N THR D 201 11.21 4.05 -10.95
CA THR D 201 10.77 5.37 -11.35
C THR D 201 9.32 5.37 -11.81
N THR D 202 8.74 6.57 -11.92
CA THR D 202 7.37 6.68 -12.38
C THR D 202 7.20 6.24 -13.83
N ALA D 203 8.26 6.40 -14.64
CA ALA D 203 8.21 5.91 -16.01
C ALA D 203 8.12 4.39 -16.05
N GLU D 204 8.84 3.70 -15.15
CA GLU D 204 8.76 2.25 -15.09
C GLU D 204 7.44 1.75 -14.50
N ARG D 205 6.70 2.62 -13.80
CA ARG D 205 5.38 2.24 -13.34
C ARG D 205 4.43 1.99 -14.51
N GLU D 206 4.54 2.80 -15.56
CA GLU D 206 3.73 2.58 -16.75
C GLU D 206 4.15 1.31 -17.48
N ILE D 207 5.42 0.94 -17.41
CA ILE D 207 5.87 -0.30 -18.02
C ILE D 207 5.29 -1.50 -17.28
N VAL D 208 5.33 -1.47 -15.94
CA VAL D 208 4.77 -2.56 -15.15
C VAL D 208 3.26 -2.62 -15.33
N ARG D 209 2.61 -1.46 -15.49
CA ARG D 209 1.17 -1.44 -15.75
C ARG D 209 0.86 -2.13 -17.07
N ASP D 210 1.72 -1.96 -18.08
CA ASP D 210 1.53 -2.65 -19.34
C ASP D 210 1.70 -4.16 -19.18
N ILE D 211 2.64 -4.58 -18.34
CA ILE D 211 2.82 -6.00 -18.06
C ILE D 211 1.57 -6.58 -17.41
N LYS D 212 1.01 -5.84 -16.45
CA LYS D 212 -0.18 -6.31 -15.74
C LYS D 212 -1.37 -6.45 -16.68
N GLU D 213 -1.55 -5.50 -17.60
CA GLU D 213 -2.68 -5.53 -18.51
C GLU D 213 -2.56 -6.62 -19.57
N LYS D 214 -1.38 -7.20 -19.76
CA LYS D 214 -1.15 -8.16 -20.84
C LYS D 214 -0.92 -9.58 -20.37
N LEU D 215 -0.33 -9.78 -19.19
CA LEU D 215 0.04 -11.11 -18.73
C LEU D 215 -0.66 -11.57 -17.47
N CYS D 216 -1.35 -10.69 -16.75
CA CYS D 216 -1.98 -11.05 -15.50
C CYS D 216 -3.37 -11.63 -15.72
N TYR D 217 -3.77 -12.53 -14.82
CA TYR D 217 -5.08 -13.16 -14.88
C TYR D 217 -5.46 -13.60 -13.46
N VAL D 218 -6.73 -13.94 -13.29
CA VAL D 218 -7.25 -14.37 -12.00
C VAL D 218 -7.41 -15.89 -12.02
N ALA D 219 -6.80 -16.57 -11.06
CA ALA D 219 -6.88 -18.01 -10.97
C ALA D 219 -8.15 -18.43 -10.23
N LEU D 220 -8.81 -19.45 -10.77
CA LEU D 220 -10.02 -19.97 -10.11
C LEU D 220 -9.69 -20.55 -8.74
N ASP D 221 -8.60 -21.29 -8.63
CA ASP D 221 -8.10 -21.81 -7.37
C ASP D 221 -6.67 -21.32 -7.20
N PHE D 222 -6.46 -20.42 -6.25
CA PHE D 222 -5.15 -19.79 -6.09
C PHE D 222 -4.10 -20.80 -5.63
N GLU D 223 -4.43 -21.59 -4.62
CA GLU D 223 -3.46 -22.55 -4.09
C GLU D 223 -3.12 -23.64 -5.10
N GLN D 224 -4.12 -24.09 -5.86
CA GLN D 224 -3.86 -25.06 -6.92
C GLN D 224 -2.97 -24.46 -8.01
N GLU D 225 -3.19 -23.20 -8.36
CA GLU D 225 -2.38 -22.55 -9.37
C GLU D 225 -0.94 -22.37 -8.89
N MET D 226 -0.76 -22.05 -7.61
CA MET D 226 0.59 -21.93 -7.06
C MET D 226 1.33 -23.26 -7.10
N ALA D 227 0.62 -24.35 -6.80
CA ALA D 227 1.23 -25.67 -6.90
C ALA D 227 1.60 -26.00 -8.34
N THR D 228 0.74 -25.65 -9.29
CA THR D 228 1.04 -25.89 -10.70
C THR D 228 2.25 -25.06 -11.14
N ALA D 229 2.32 -23.80 -10.71
CA ALA D 229 3.43 -22.94 -11.10
C ALA D 229 4.74 -23.36 -10.43
N ALA D 230 4.69 -24.07 -9.31
CA ALA D 230 5.88 -24.49 -8.61
C ALA D 230 6.43 -25.83 -9.09
N SER D 231 5.71 -26.52 -9.97
CA SER D 231 6.15 -27.81 -10.48
C SER D 231 6.16 -27.87 -12.01
N SER D 232 5.91 -26.75 -12.68
CA SER D 232 5.89 -26.74 -14.14
C SER D 232 6.19 -25.34 -14.63
N SER D 233 6.56 -25.25 -15.92
CA SER D 233 6.84 -23.97 -16.56
C SER D 233 5.76 -23.58 -17.56
N SER D 234 4.59 -24.22 -17.48
CA SER D 234 3.51 -23.93 -18.42
C SER D 234 2.90 -22.55 -18.22
N LEU D 235 2.93 -22.03 -17.00
CA LEU D 235 2.37 -20.72 -16.69
C LEU D 235 3.37 -19.59 -16.89
N GLU D 236 4.45 -19.84 -17.63
CA GLU D 236 5.51 -18.87 -17.80
C GLU D 236 5.31 -18.07 -19.08
N LYS D 237 5.47 -16.75 -18.97
CA LYS D 237 5.32 -15.85 -20.10
C LYS D 237 6.46 -14.84 -20.11
N SER D 238 6.76 -14.32 -21.30
CA SER D 238 7.86 -13.38 -21.49
C SER D 238 7.31 -12.02 -21.93
N TYR D 239 7.94 -10.97 -21.43
CA TYR D 239 7.59 -9.59 -21.78
C TYR D 239 8.85 -8.86 -22.22
N GLU D 240 8.74 -8.08 -23.28
CA GLU D 240 9.87 -7.35 -23.84
C GLU D 240 9.81 -5.89 -23.38
N LEU D 241 10.89 -5.44 -22.75
CA LEU D 241 10.97 -4.06 -22.28
C LEU D 241 11.17 -3.11 -23.47
N PRO D 242 10.89 -1.81 -23.27
CA PRO D 242 11.08 -0.86 -24.38
C PRO D 242 12.49 -0.81 -24.92
N ASP D 243 13.50 -1.14 -24.11
CA ASP D 243 14.89 -1.12 -24.55
C ASP D 243 15.34 -2.46 -25.14
N GLY D 244 14.41 -3.38 -25.39
CA GLY D 244 14.72 -4.64 -26.00
C GLY D 244 14.99 -5.78 -25.04
N GLN D 245 15.15 -5.49 -23.76
CA GLN D 245 15.37 -6.55 -22.78
C GLN D 245 14.08 -7.34 -22.57
N VAL D 246 14.22 -8.65 -22.38
CA VAL D 246 13.09 -9.55 -22.19
C VAL D 246 13.08 -10.02 -20.75
N ILE D 247 11.96 -9.79 -20.06
CA ILE D 247 11.78 -10.27 -18.70
C ILE D 247 10.79 -11.42 -18.72
N THR D 248 10.88 -12.28 -17.71
CA THR D 248 10.07 -13.49 -17.63
C THR D 248 9.42 -13.56 -16.26
N ILE D 249 8.11 -13.77 -16.22
CA ILE D 249 7.35 -13.81 -14.98
C ILE D 249 6.59 -15.13 -14.92
N GLY D 250 6.47 -15.66 -13.71
CA GLY D 250 5.79 -16.93 -13.49
C GLY D 250 4.50 -16.80 -12.71
N ASN D 251 4.54 -17.11 -11.41
CA ASN D 251 3.35 -17.04 -10.58
C ASN D 251 2.88 -15.61 -10.32
N GLU D 252 3.68 -14.61 -10.66
CA GLU D 252 3.26 -13.22 -10.49
C GLU D 252 2.09 -12.86 -11.39
N ARG D 253 1.80 -13.68 -12.41
CA ARG D 253 0.68 -13.39 -13.30
C ARG D 253 -0.64 -13.43 -12.55
N PHE D 254 -0.82 -14.42 -11.67
CA PHE D 254 -2.06 -14.54 -10.91
C PHE D 254 -1.92 -14.11 -9.46
N ARG D 255 -0.70 -13.83 -8.99
CA ARG D 255 -0.54 -13.34 -7.62
C ARG D 255 -0.94 -11.87 -7.50
N CYS D 256 -0.64 -11.06 -8.51
CA CYS D 256 -1.02 -9.65 -8.46
C CYS D 256 -2.52 -9.43 -8.43
N PRO D 257 -3.33 -10.04 -9.31
CA PRO D 257 -4.78 -9.85 -9.20
C PRO D 257 -5.39 -10.50 -7.97
N GLU D 258 -4.69 -11.44 -7.34
CA GLU D 258 -5.22 -12.10 -6.15
C GLU D 258 -5.39 -11.13 -4.98
N ALA D 259 -4.68 -10.00 -4.99
CA ALA D 259 -4.86 -9.00 -3.94
C ALA D 259 -6.27 -8.42 -3.95
N LEU D 260 -6.97 -8.48 -5.07
CA LEU D 260 -8.36 -8.04 -5.11
C LEU D 260 -9.23 -8.89 -4.20
N PHE D 261 -9.02 -10.21 -4.22
CA PHE D 261 -9.79 -11.13 -3.40
C PHE D 261 -9.17 -11.36 -2.03
N GLN D 262 -7.87 -11.09 -1.88
CA GLN D 262 -7.18 -11.20 -0.60
C GLN D 262 -6.43 -9.89 -0.36
N PRO D 263 -7.11 -8.86 0.14
CA PRO D 263 -6.43 -7.58 0.39
C PRO D 263 -5.34 -7.66 1.43
N SER D 264 -5.29 -8.74 2.23
CA SER D 264 -4.21 -8.89 3.20
C SER D 264 -2.85 -9.01 2.54
N PHE D 265 -2.80 -9.30 1.24
CA PHE D 265 -1.52 -9.31 0.54
C PHE D 265 -0.89 -7.93 0.53
N LEU D 266 -1.70 -6.88 0.57
CA LEU D 266 -1.21 -5.51 0.63
C LEU D 266 -1.16 -4.96 2.05
N GLY D 267 -1.39 -5.82 3.05
CA GLY D 267 -1.46 -5.34 4.42
C GLY D 267 -2.74 -4.62 4.76
N MET D 268 -3.79 -4.80 3.97
CA MET D 268 -5.06 -4.12 4.18
C MET D 268 -5.99 -4.98 5.02
N GLU D 269 -6.70 -4.33 5.94
CA GLU D 269 -7.64 -5.02 6.82
C GLU D 269 -8.99 -5.27 6.18
N SER D 270 -9.27 -4.65 5.04
CA SER D 270 -10.59 -4.74 4.41
C SER D 270 -10.78 -6.12 3.78
N ALA D 271 -11.99 -6.34 3.26
CA ALA D 271 -12.36 -7.59 2.64
C ALA D 271 -12.20 -7.51 1.12
N GLY D 272 -12.27 -8.66 0.47
CA GLY D 272 -12.11 -8.72 -0.96
C GLY D 272 -13.29 -8.16 -1.71
N ILE D 273 -13.14 -8.07 -3.04
CA ILE D 273 -14.21 -7.54 -3.88
C ILE D 273 -15.41 -8.47 -3.86
N HIS D 274 -15.20 -9.78 -3.67
CA HIS D 274 -16.32 -10.71 -3.61
C HIS D 274 -17.13 -10.52 -2.33
N GLU D 275 -16.46 -10.30 -1.20
CA GLU D 275 -17.16 -10.05 0.05
C GLU D 275 -17.74 -8.65 0.11
N THR D 276 -17.06 -7.66 -0.48
CA THR D 276 -17.61 -6.31 -0.54
C THR D 276 -18.90 -6.28 -1.35
N THR D 277 -18.93 -7.01 -2.47
CA THR D 277 -20.16 -7.12 -3.25
C THR D 277 -21.24 -7.84 -2.45
N PHE D 278 -20.87 -8.92 -1.75
CA PHE D 278 -21.85 -9.64 -0.94
C PHE D 278 -22.36 -8.80 0.21
N ASN D 279 -21.45 -8.05 0.87
CA ASN D 279 -21.87 -7.20 1.99
C ASN D 279 -22.78 -6.08 1.54
N SER D 280 -22.55 -5.53 0.34
CA SER D 280 -23.42 -4.49 -0.19
C SER D 280 -24.82 -5.04 -0.44
N ILE D 281 -24.92 -6.26 -0.95
CA ILE D 281 -26.22 -6.88 -1.17
C ILE D 281 -26.94 -7.11 0.16
N MET D 282 -26.21 -7.57 1.17
CA MET D 282 -26.83 -7.83 2.46
C MET D 282 -27.27 -6.56 3.17
N LYS D 283 -26.74 -5.40 2.78
CA LYS D 283 -27.18 -4.13 3.34
C LYS D 283 -28.49 -3.65 2.73
N CYS D 284 -28.96 -4.28 1.67
CA CYS D 284 -30.21 -3.91 1.03
C CYS D 284 -31.38 -4.63 1.69
N ASP D 285 -32.59 -4.31 1.22
CA ASP D 285 -33.78 -4.98 1.71
C ASP D 285 -33.78 -6.44 1.28
N VAL D 286 -34.40 -7.28 2.11
CA VAL D 286 -34.41 -8.72 1.85
C VAL D 286 -35.15 -9.05 0.57
N ASP D 287 -36.18 -8.27 0.24
CA ASP D 287 -37.02 -8.57 -0.91
C ASP D 287 -36.34 -8.25 -2.25
N ILE D 288 -35.21 -7.56 -2.24
CA ILE D 288 -34.52 -7.17 -3.47
C ILE D 288 -33.18 -7.86 -3.63
N ARG D 289 -32.75 -8.67 -2.64
CA ARG D 289 -31.46 -9.33 -2.74
C ARG D 289 -31.44 -10.39 -3.84
N LYS D 290 -32.58 -11.04 -4.09
CA LYS D 290 -32.61 -12.08 -5.11
C LYS D 290 -32.30 -11.51 -6.50
N ASP D 291 -32.85 -10.34 -6.82
CA ASP D 291 -32.57 -9.73 -8.11
C ASP D 291 -31.14 -9.23 -8.22
N LEU D 292 -30.56 -8.76 -7.11
CA LEU D 292 -29.18 -8.29 -7.14
C LEU D 292 -28.20 -9.45 -7.31
N TYR D 293 -28.53 -10.62 -6.79
CA TYR D 293 -27.65 -11.78 -6.95
C TYR D 293 -27.49 -12.17 -8.41
N ALA D 294 -28.59 -12.13 -9.17
CA ALA D 294 -28.60 -12.54 -10.56
C ALA D 294 -28.26 -11.42 -11.52
N ASN D 295 -27.95 -10.23 -11.03
CA ASN D 295 -27.64 -9.08 -11.87
C ASN D 295 -26.39 -8.36 -11.38
N THR D 296 -25.34 -9.13 -11.09
CA THR D 296 -24.05 -8.55 -10.70
C THR D 296 -23.30 -8.14 -11.96
N VAL D 297 -23.07 -6.85 -12.11
CA VAL D 297 -22.47 -6.29 -13.33
C VAL D 297 -21.07 -5.80 -13.00
N LEU D 298 -20.09 -6.23 -13.79
CA LEU D 298 -18.71 -5.80 -13.63
C LEU D 298 -18.40 -4.65 -14.58
N SER D 299 -17.70 -3.64 -14.08
CA SER D 299 -17.33 -2.48 -14.88
C SER D 299 -15.94 -2.02 -14.47
N GLY D 300 -15.28 -1.34 -15.41
CA GLY D 300 -13.95 -0.81 -15.18
C GLY D 300 -12.86 -1.69 -15.77
N GLY D 301 -11.66 -1.11 -15.85
CA GLY D 301 -10.55 -1.83 -16.42
C GLY D 301 -10.00 -2.91 -15.51
N THR D 302 -10.13 -2.72 -14.19
CA THR D 302 -9.63 -3.70 -13.23
C THR D 302 -10.44 -4.99 -13.24
N THR D 303 -11.60 -5.01 -13.88
CA THR D 303 -12.41 -6.21 -14.02
C THR D 303 -12.16 -6.93 -15.34
N MET D 304 -11.10 -6.56 -16.07
CA MET D 304 -10.79 -7.13 -17.37
C MET D 304 -9.85 -8.32 -17.30
N TYR D 305 -9.47 -8.75 -16.10
CA TYR D 305 -8.59 -9.90 -15.99
C TYR D 305 -9.29 -11.15 -16.50
N PRO D 306 -8.59 -12.02 -17.23
CA PRO D 306 -9.21 -13.29 -17.64
C PRO D 306 -9.51 -14.16 -16.44
N GLY D 307 -10.74 -14.69 -16.40
CA GLY D 307 -11.15 -15.55 -15.31
C GLY D 307 -11.60 -14.84 -14.06
N ILE D 308 -11.78 -13.52 -14.10
CA ILE D 308 -12.26 -12.81 -12.91
C ILE D 308 -13.76 -13.00 -12.72
N ALA D 309 -14.50 -13.19 -13.81
CA ALA D 309 -15.94 -13.41 -13.69
C ALA D 309 -16.23 -14.79 -13.10
N ASP D 310 -15.49 -15.82 -13.53
CA ASP D 310 -15.68 -17.15 -12.98
C ASP D 310 -15.28 -17.20 -11.51
N ARG D 311 -14.18 -16.55 -11.15
CA ARG D 311 -13.76 -16.50 -9.75
C ARG D 311 -14.78 -15.74 -8.90
N MET D 312 -15.31 -14.64 -9.42
CA MET D 312 -16.33 -13.89 -8.68
C MET D 312 -17.59 -14.71 -8.49
N GLN D 313 -17.99 -15.47 -9.52
CA GLN D 313 -19.16 -16.33 -9.39
C GLN D 313 -18.94 -17.39 -8.34
N LYS D 314 -17.75 -18.01 -8.32
CA LYS D 314 -17.47 -19.06 -7.35
C LYS D 314 -17.42 -18.52 -5.92
N GLU D 315 -16.82 -17.35 -5.73
CA GLU D 315 -16.67 -16.80 -4.39
C GLU D 315 -18.00 -16.33 -3.82
N ILE D 316 -18.82 -15.66 -4.64
CA ILE D 316 -20.11 -15.17 -4.17
C ILE D 316 -21.06 -16.33 -3.89
N THR D 317 -20.99 -17.37 -4.73
CA THR D 317 -21.86 -18.54 -4.52
C THR D 317 -21.58 -19.19 -3.17
N ALA D 318 -20.32 -19.25 -2.76
CA ALA D 318 -19.97 -19.80 -1.46
C ALA D 318 -20.50 -18.97 -0.30
N LEU D 319 -20.80 -17.69 -0.54
CA LEU D 319 -21.33 -16.82 0.50
C LEU D 319 -22.85 -16.77 0.50
N ALA D 320 -23.46 -16.71 -0.68
CA ALA D 320 -24.90 -16.61 -0.78
C ALA D 320 -25.57 -17.94 -0.44
N PRO D 321 -26.85 -17.92 -0.07
CA PRO D 321 -27.56 -19.18 0.18
C PRO D 321 -27.65 -20.03 -1.09
N SER D 322 -27.72 -21.33 -0.89
CA SER D 322 -27.68 -22.27 -2.01
C SER D 322 -28.87 -22.14 -2.95
N THR D 323 -29.98 -21.54 -2.49
CA THR D 323 -31.17 -21.41 -3.31
C THR D 323 -31.15 -20.19 -4.22
N MET D 324 -30.12 -19.34 -4.11
CA MET D 324 -30.01 -18.16 -4.95
C MET D 324 -29.18 -18.45 -6.19
N LYS D 325 -29.57 -17.86 -7.31
CA LYS D 325 -28.88 -18.03 -8.58
C LYS D 325 -27.93 -16.84 -8.77
N ILE D 326 -26.63 -17.12 -8.67
CA ILE D 326 -25.61 -16.10 -8.83
C ILE D 326 -25.26 -15.97 -10.31
N LYS D 327 -25.38 -14.76 -10.84
CA LYS D 327 -25.07 -14.49 -12.24
C LYS D 327 -24.18 -13.25 -12.30
N ILE D 328 -22.96 -13.42 -12.80
CA ILE D 328 -22.02 -12.33 -12.97
C ILE D 328 -22.06 -11.90 -14.43
N ILE D 329 -22.39 -10.63 -14.66
CA ILE D 329 -22.49 -10.07 -16.01
C ILE D 329 -21.18 -9.32 -16.28
N ALA D 330 -20.40 -9.81 -17.23
CA ALA D 330 -19.11 -9.23 -17.60
C ALA D 330 -19.10 -9.03 -19.11
N PRO D 331 -19.69 -7.95 -19.60
CA PRO D 331 -19.68 -7.70 -21.04
C PRO D 331 -18.27 -7.46 -21.52
N PRO D 332 -17.97 -7.84 -22.78
CA PRO D 332 -16.61 -7.65 -23.29
C PRO D 332 -16.19 -6.19 -23.39
N GLU D 333 -17.14 -5.26 -23.43
CA GLU D 333 -16.85 -3.84 -23.55
C GLU D 333 -16.95 -3.10 -22.22
N ARG D 334 -16.92 -3.83 -21.10
CA ARG D 334 -17.14 -3.23 -19.79
C ARG D 334 -16.05 -2.24 -19.40
N LYS D 335 -14.91 -2.23 -20.11
CA LYS D 335 -13.90 -1.22 -19.84
C LYS D 335 -14.38 0.19 -20.18
N TYR D 336 -15.39 0.30 -21.05
CA TYR D 336 -15.95 1.59 -21.45
C TYR D 336 -17.45 1.66 -21.17
N SER D 337 -17.92 0.88 -20.18
CA SER D 337 -19.36 0.86 -19.89
C SER D 337 -19.85 2.21 -19.41
N VAL D 338 -19.05 2.90 -18.59
CA VAL D 338 -19.47 4.19 -18.07
C VAL D 338 -19.65 5.19 -19.20
N TRP D 339 -18.71 5.24 -20.15
CA TRP D 339 -18.85 6.15 -21.27
C TRP D 339 -19.98 5.72 -22.20
N ILE D 340 -20.09 4.43 -22.48
CA ILE D 340 -21.13 3.94 -23.38
C ILE D 340 -22.51 4.21 -22.81
N GLY D 341 -22.69 3.97 -21.50
CA GLY D 341 -23.95 4.30 -20.87
C GLY D 341 -24.24 5.78 -20.89
N GLY D 342 -23.20 6.61 -20.72
CA GLY D 342 -23.39 8.05 -20.82
C GLY D 342 -23.75 8.48 -22.23
N SER D 343 -23.16 7.84 -23.24
CA SER D 343 -23.53 8.14 -24.62
C SER D 343 -24.98 7.78 -24.89
N ILE D 344 -25.44 6.65 -24.36
CA ILE D 344 -26.84 6.26 -24.52
C ILE D 344 -27.76 7.26 -23.81
N LEU D 345 -27.40 7.64 -22.59
CA LEU D 345 -28.22 8.56 -21.82
C LEU D 345 -28.32 9.93 -22.49
N ALA D 346 -27.19 10.44 -22.98
CA ALA D 346 -27.18 11.75 -23.61
C ALA D 346 -27.96 11.79 -24.91
N SER D 347 -28.20 10.65 -25.55
CA SER D 347 -28.95 10.60 -26.79
C SER D 347 -30.44 10.36 -26.58
N LEU D 348 -30.87 10.08 -25.35
CA LEU D 348 -32.28 9.86 -25.08
C LEU D 348 -33.06 11.16 -25.22
N SER D 349 -34.26 11.05 -25.78
CA SER D 349 -35.12 12.23 -25.95
C SER D 349 -35.58 12.78 -24.60
N THR D 350 -35.80 11.89 -23.62
CA THR D 350 -36.25 12.30 -22.29
C THR D 350 -35.12 12.78 -21.39
N PHE D 351 -33.95 13.09 -21.96
CA PHE D 351 -32.82 13.57 -21.18
C PHE D 351 -32.56 15.05 -21.34
N GLN D 352 -33.10 15.69 -22.38
CA GLN D 352 -32.84 17.11 -22.62
C GLN D 352 -33.36 17.99 -21.50
N GLN D 353 -34.26 17.49 -20.66
CA GLN D 353 -34.73 18.24 -19.51
C GLN D 353 -33.74 18.26 -18.37
N MET D 354 -32.73 17.40 -18.39
CA MET D 354 -31.75 17.32 -17.32
C MET D 354 -30.55 18.23 -17.52
N TRP D 355 -30.41 18.85 -18.69
CA TRP D 355 -29.31 19.75 -18.93
C TRP D 355 -29.43 21.01 -18.07
N ILE D 356 -28.27 21.54 -17.67
CA ILE D 356 -28.20 22.77 -16.88
C ILE D 356 -27.46 23.81 -17.71
N SER D 357 -28.12 24.94 -17.96
CA SER D 357 -27.54 25.99 -18.79
C SER D 357 -26.48 26.77 -18.02
N LYS D 358 -25.56 27.37 -18.77
CA LYS D 358 -24.60 28.28 -18.18
C LYS D 358 -25.28 29.52 -17.61
N GLN D 359 -26.29 30.03 -18.32
CA GLN D 359 -27.04 31.19 -17.83
C GLN D 359 -27.76 30.88 -16.54
N GLU D 360 -28.34 29.68 -16.43
CA GLU D 360 -29.00 29.28 -15.20
C GLU D 360 -28.00 29.18 -14.05
N TYR D 361 -26.81 28.63 -14.32
CA TYR D 361 -25.79 28.50 -13.28
C TYR D 361 -25.32 29.88 -12.81
N ASP D 362 -25.21 30.84 -13.73
CA ASP D 362 -24.74 32.17 -13.34
C ASP D 362 -25.69 32.86 -12.39
N GLU D 363 -27.00 32.74 -12.61
CA GLU D 363 -27.98 33.43 -11.79
C GLU D 363 -28.45 32.62 -10.58
N SER D 364 -28.14 31.33 -10.53
CA SER D 364 -28.59 30.46 -9.44
C SER D 364 -27.45 29.87 -8.62
N GLY D 365 -26.35 29.47 -9.27
CA GLY D 365 -25.23 28.90 -8.57
C GLY D 365 -25.23 27.39 -8.57
N PRO D 366 -24.38 26.79 -7.73
CA PRO D 366 -24.29 25.31 -7.70
C PRO D 366 -25.46 24.63 -7.03
N SER D 367 -26.42 25.39 -6.47
CA SER D 367 -27.57 24.77 -5.82
C SER D 367 -28.40 23.97 -6.81
N ILE D 368 -28.58 24.49 -8.03
CA ILE D 368 -29.35 23.77 -9.04
C ILE D 368 -28.62 22.55 -9.56
N VAL D 369 -27.32 22.43 -9.27
CA VAL D 369 -26.58 21.24 -9.71
C VAL D 369 -26.69 20.14 -8.68
N HIS D 370 -26.73 20.48 -7.38
CA HIS D 370 -26.94 19.46 -6.36
C HIS D 370 -28.32 18.83 -6.50
N ARG D 371 -29.34 19.64 -6.73
CA ARG D 371 -30.60 19.11 -7.22
C ARG D 371 -30.45 18.71 -8.68
N LYS D 372 -31.38 17.89 -9.16
CA LYS D 372 -31.36 17.30 -10.49
C LYS D 372 -30.24 16.27 -10.64
N CYS D 373 -29.41 16.09 -9.62
CA CYS D 373 -28.33 15.12 -9.64
C CYS D 373 -28.38 14.31 -8.35
N PHE D 374 -27.88 13.08 -8.42
CA PHE D 374 -27.96 12.16 -7.30
C PHE D 374 -26.58 11.79 -6.77
N ALA E 5 -19.97 -7.72 50.09
CA ALA E 5 -19.56 -6.85 48.99
C ALA E 5 -20.07 -7.40 47.66
N ALA E 6 -21.29 -7.02 47.30
CA ALA E 6 -21.89 -7.48 46.06
C ALA E 6 -21.34 -6.70 44.87
N LEU E 7 -21.10 -7.41 43.77
CA LEU E 7 -20.61 -6.80 42.54
C LEU E 7 -21.78 -6.42 41.65
N VAL E 8 -21.67 -5.26 41.01
CA VAL E 8 -22.65 -4.78 40.04
C VAL E 8 -21.95 -4.68 38.70
N VAL E 9 -22.33 -5.52 37.75
CA VAL E 9 -21.72 -5.57 36.44
C VAL E 9 -22.77 -5.16 35.40
N ASP E 10 -22.51 -4.06 34.71
CA ASP E 10 -23.39 -3.57 33.65
C ASP E 10 -22.66 -3.74 32.33
N ASN E 11 -22.99 -4.82 31.62
CA ASN E 11 -22.35 -5.14 30.35
C ASN E 11 -23.22 -4.63 29.20
N GLY E 12 -22.65 -3.78 28.36
CA GLY E 12 -23.33 -3.24 27.21
C GLY E 12 -22.66 -3.66 25.91
N SER E 13 -23.24 -3.18 24.80
CA SER E 13 -22.70 -3.51 23.49
C SER E 13 -21.31 -2.90 23.29
N GLY E 14 -21.11 -1.67 23.76
CA GLY E 14 -19.85 -0.99 23.53
C GLY E 14 -18.96 -0.87 24.74
N MET E 15 -19.54 -0.63 25.91
CA MET E 15 -18.78 -0.40 27.13
C MET E 15 -19.28 -1.33 28.23
N CYS E 16 -18.35 -1.73 29.11
CA CYS E 16 -18.66 -2.56 30.26
C CYS E 16 -18.34 -1.77 31.52
N LYS E 17 -19.33 -1.62 32.39
CA LYS E 17 -19.18 -0.90 33.65
C LYS E 17 -19.31 -1.88 34.80
N ALA E 18 -18.31 -1.91 35.67
CA ALA E 18 -18.29 -2.83 36.79
C ALA E 18 -17.85 -2.11 38.05
N GLY E 19 -18.25 -2.65 39.19
CA GLY E 19 -17.90 -2.03 40.45
C GLY E 19 -18.50 -2.80 41.61
N PHE E 20 -18.54 -2.14 42.76
CA PHE E 20 -19.06 -2.73 44.00
C PHE E 20 -20.35 -2.04 44.40
N ALA E 21 -21.28 -2.81 44.96
CA ALA E 21 -22.54 -2.24 45.41
C ALA E 21 -22.31 -1.25 46.54
N GLY E 22 -23.02 -0.12 46.47
CA GLY E 22 -22.88 0.94 47.43
C GLY E 22 -22.02 2.10 46.96
N ASP E 23 -21.20 1.90 45.95
CA ASP E 23 -20.39 2.97 45.41
C ASP E 23 -21.25 3.88 44.52
N ASP E 24 -20.79 5.12 44.38
CA ASP E 24 -21.52 6.13 43.62
C ASP E 24 -21.12 6.18 42.15
N ALA E 25 -20.13 5.38 41.73
CA ALA E 25 -19.68 5.37 40.35
C ALA E 25 -18.96 4.06 40.09
N PRO E 26 -19.03 3.53 38.86
CA PRO E 26 -18.32 2.28 38.56
C PRO E 26 -16.82 2.44 38.71
N ARG E 27 -16.19 1.42 39.30
CA ARG E 27 -14.74 1.45 39.47
C ARG E 27 -14.00 1.15 38.17
N ALA E 28 -14.54 0.24 37.35
CA ALA E 28 -13.90 -0.18 36.11
C ALA E 28 -14.85 0.08 34.95
N VAL E 29 -14.41 0.92 34.00
CA VAL E 29 -15.16 1.21 32.78
C VAL E 29 -14.17 1.05 31.62
N PHE E 30 -14.36 0.03 30.81
CA PHE E 30 -13.46 -0.27 29.70
C PHE E 30 -14.28 -0.68 28.49
N PRO E 31 -13.76 -0.44 27.28
CA PRO E 31 -14.49 -0.86 26.08
C PRO E 31 -14.67 -2.36 26.02
N SER E 32 -15.82 -2.78 25.50
CA SER E 32 -16.13 -4.20 25.36
C SER E 32 -15.68 -4.69 23.99
N ILE E 33 -14.36 -4.75 23.83
CA ILE E 33 -13.73 -5.17 22.58
C ILE E 33 -12.72 -6.26 22.85
N VAL E 34 -12.52 -7.13 21.86
CA VAL E 34 -11.47 -8.14 21.88
C VAL E 34 -10.65 -7.96 20.61
N GLY E 35 -9.34 -7.78 20.76
CA GLY E 35 -8.45 -7.55 19.64
C GLY E 35 -7.49 -8.72 19.46
N ARG E 36 -7.24 -9.07 18.20
CA ARG E 36 -6.33 -10.13 17.85
C ARG E 36 -5.33 -9.64 16.81
N PRO E 37 -4.08 -10.08 16.88
CA PRO E 37 -3.08 -9.61 15.93
C PRO E 37 -3.43 -9.97 14.49
N ARG E 38 -3.12 -9.05 13.57
CA ARG E 38 -3.35 -9.27 12.15
C ARG E 38 -2.05 -9.28 11.36
N HIS E 39 -0.90 -9.20 12.03
CA HIS E 39 0.41 -9.31 11.41
C HIS E 39 1.15 -10.50 11.99
N GLN E 40 2.34 -10.74 11.46
CA GLN E 40 3.18 -11.86 11.88
C GLN E 40 4.28 -11.35 12.81
N GLY E 41 4.44 -12.02 13.95
CA GLY E 41 5.47 -11.64 14.90
C GLY E 41 6.84 -12.07 14.42
N VAL E 42 7.81 -11.16 14.51
CA VAL E 42 9.17 -11.43 14.06
C VAL E 42 10.19 -11.37 15.18
N MET E 43 9.82 -10.87 16.36
CA MET E 43 10.74 -10.72 17.47
C MET E 43 10.45 -11.79 18.51
N VAL E 44 11.48 -12.53 18.90
CA VAL E 44 11.32 -13.61 19.87
C VAL E 44 11.07 -13.05 21.25
N LYS E 49 0.71 -13.70 23.74
CA LYS E 49 -0.68 -13.33 23.93
C LYS E 49 -1.40 -13.24 22.58
N ASP E 50 -2.39 -14.09 22.37
CA ASP E 50 -3.12 -14.16 21.11
C ASP E 50 -4.37 -13.29 21.10
N SER E 51 -4.70 -12.65 22.22
CA SER E 51 -5.90 -11.81 22.29
C SER E 51 -5.72 -10.76 23.37
N TYR E 52 -6.31 -9.59 23.13
CA TYR E 52 -6.30 -8.49 24.09
C TYR E 52 -7.72 -8.00 24.28
N VAL E 53 -8.09 -7.72 25.54
CA VAL E 53 -9.45 -7.39 25.91
C VAL E 53 -9.46 -6.07 26.67
N GLY E 54 -10.27 -5.12 26.21
CA GLY E 54 -10.49 -3.89 26.96
C GLY E 54 -9.46 -2.83 26.60
N ASP E 55 -8.91 -2.19 27.64
CA ASP E 55 -7.99 -1.08 27.42
C ASP E 55 -6.67 -1.54 26.79
N GLU E 56 -6.20 -2.74 27.15
CA GLU E 56 -4.97 -3.25 26.55
C GLU E 56 -5.13 -3.47 25.06
N ALA E 57 -6.34 -3.79 24.60
CA ALA E 57 -6.61 -3.88 23.17
C ALA E 57 -6.69 -2.49 22.53
N GLN E 58 -7.12 -1.49 23.29
CA GLN E 58 -7.20 -0.14 22.76
C GLN E 58 -5.82 0.49 22.62
N SER E 59 -4.88 0.15 23.52
CA SER E 59 -3.54 0.69 23.45
C SER E 59 -2.68 0.00 22.39
N LYS E 60 -3.10 -1.17 21.92
CA LYS E 60 -2.37 -1.91 20.89
C LYS E 60 -3.17 -2.04 19.60
N ARG E 61 -4.21 -1.22 19.43
CA ARG E 61 -5.15 -1.38 18.32
C ARG E 61 -4.51 -1.17 16.96
N GLY E 62 -3.31 -0.59 16.90
CA GLY E 62 -2.66 -0.40 15.61
C GLY E 62 -2.31 -1.69 14.90
N ILE E 63 -1.95 -2.72 15.66
CA ILE E 63 -1.57 -4.01 15.10
C ILE E 63 -2.60 -5.08 15.41
N LEU E 64 -3.81 -4.69 15.80
CA LEU E 64 -4.86 -5.63 16.17
C LEU E 64 -6.10 -5.39 15.32
N THR E 65 -6.94 -6.42 15.23
CA THR E 65 -8.25 -6.32 14.60
C THR E 65 -9.30 -6.36 15.72
N LEU E 66 -9.91 -5.21 15.98
CA LEU E 66 -10.84 -5.10 17.10
C LEU E 66 -12.22 -5.64 16.69
N LYS E 67 -12.81 -6.44 17.57
CA LYS E 67 -14.12 -7.03 17.34
C LYS E 67 -14.97 -6.89 18.59
N TYR E 68 -16.25 -6.56 18.40
CA TYR E 68 -17.18 -6.42 19.51
C TYR E 68 -17.91 -7.74 19.72
N PRO E 69 -17.78 -8.38 20.89
CA PRO E 69 -18.53 -9.62 21.14
C PRO E 69 -20.03 -9.43 21.14
N ILE E 70 -20.52 -8.21 21.36
CA ILE E 70 -21.95 -7.92 21.37
C ILE E 70 -22.26 -6.97 20.21
N GLU E 71 -23.20 -7.37 19.37
CA GLU E 71 -23.62 -6.55 18.25
C GLU E 71 -25.13 -6.40 18.24
N HIC E 72 -25.60 -5.15 18.27
CA HIC E 72 -27.02 -4.83 18.32
C HIC E 72 -27.70 -5.47 19.53
O HIC E 72 -28.86 -5.89 19.45
CB HIC E 72 -27.73 -5.26 17.03
CG HIC E 72 -27.41 -4.39 15.87
ND1 HIC E 72 -27.60 -3.04 15.90
CD2 HIC E 72 -26.91 -4.76 14.64
CE1 HIC E 72 -27.22 -2.60 14.73
NE2 HIC E 72 -26.80 -3.60 13.92
CZ HIC E 72 -26.32 -3.48 12.57
N GLY E 73 -26.98 -5.54 20.65
CA GLY E 73 -27.52 -6.13 21.87
C GLY E 73 -27.58 -7.64 21.84
N ILE E 74 -26.93 -8.24 20.84
CA ILE E 74 -26.90 -9.68 20.66
C ILE E 74 -25.46 -10.14 20.74
N VAL E 75 -25.20 -11.16 21.57
CA VAL E 75 -23.86 -11.69 21.75
C VAL E 75 -23.54 -12.57 20.54
N THR E 76 -22.67 -12.07 19.66
CA THR E 76 -22.30 -12.79 18.46
C THR E 76 -21.22 -13.83 18.69
N ASN E 77 -20.55 -13.82 19.84
CA ASN E 77 -19.51 -14.80 20.14
C ASN E 77 -19.41 -14.93 21.65
N TRP E 78 -19.86 -16.05 22.19
CA TRP E 78 -19.82 -16.27 23.63
C TRP E 78 -18.42 -16.58 24.14
N ASP E 79 -17.53 -17.06 23.27
CA ASP E 79 -16.14 -17.25 23.68
C ASP E 79 -15.48 -15.93 24.02
N ASP E 80 -15.71 -14.90 23.19
CA ASP E 80 -15.17 -13.57 23.49
C ASP E 80 -15.96 -12.90 24.61
N MET E 81 -17.23 -13.24 24.78
CA MET E 81 -18.02 -12.67 25.87
C MET E 81 -17.47 -13.10 27.22
N GLU E 82 -17.06 -14.36 27.35
CA GLU E 82 -16.44 -14.81 28.60
C GLU E 82 -15.12 -14.10 28.86
N LYS E 83 -14.41 -13.71 27.80
CA LYS E 83 -13.17 -12.95 27.99
C LYS E 83 -13.45 -11.59 28.62
N ILE E 84 -14.55 -10.94 28.23
CA ILE E 84 -14.91 -9.66 28.83
C ILE E 84 -15.20 -9.84 30.32
N TRP E 85 -15.96 -10.87 30.67
CA TRP E 85 -16.27 -11.11 32.08
C TRP E 85 -15.03 -11.51 32.86
N HIS E 86 -14.18 -12.36 32.27
CA HIS E 86 -12.95 -12.74 32.95
C HIS E 86 -12.03 -11.53 33.14
N HIS E 87 -11.94 -10.68 32.12
CA HIS E 87 -11.16 -9.46 32.26
C HIS E 87 -11.75 -8.52 33.30
N THR E 88 -13.07 -8.55 33.47
CA THR E 88 -13.71 -7.69 34.46
C THR E 88 -13.36 -8.11 35.88
N PHE E 89 -13.49 -9.41 36.18
CA PHE E 89 -13.32 -9.86 37.55
C PHE E 89 -11.86 -9.89 37.97
N TYR E 90 -10.98 -10.36 37.09
CA TYR E 90 -9.60 -10.61 37.47
C TYR E 90 -8.64 -9.48 37.11
N ASN E 91 -8.86 -8.80 35.99
CA ASN E 91 -7.92 -7.78 35.53
C ASN E 91 -8.37 -6.36 35.85
N GLU E 92 -9.67 -6.12 35.98
CA GLU E 92 -10.19 -4.78 36.27
C GLU E 92 -10.53 -4.61 37.74
N LEU E 93 -11.42 -5.46 38.27
CA LEU E 93 -11.78 -5.39 39.68
C LEU E 93 -10.76 -6.08 40.58
N ARG E 94 -9.99 -7.03 40.04
CA ARG E 94 -8.99 -7.78 40.80
C ARG E 94 -9.61 -8.44 42.04
N VAL E 95 -10.77 -9.08 41.82
CA VAL E 95 -11.48 -9.80 42.87
C VAL E 95 -11.77 -11.21 42.39
N ALA E 96 -12.06 -12.09 43.36
CA ALA E 96 -12.43 -13.45 43.06
C ALA E 96 -13.93 -13.54 42.86
N PRO E 97 -14.42 -13.96 41.69
CA PRO E 97 -15.88 -14.03 41.47
C PRO E 97 -16.58 -15.02 42.39
N GLU E 98 -15.87 -15.99 42.95
CA GLU E 98 -16.50 -16.99 43.81
C GLU E 98 -16.76 -16.48 45.22
N GLU E 99 -16.31 -15.28 45.56
CA GLU E 99 -16.47 -14.73 46.90
C GLU E 99 -17.46 -13.58 46.99
N HIS E 100 -17.91 -13.04 45.85
CA HIS E 100 -18.82 -11.90 45.85
C HIS E 100 -20.05 -12.23 45.02
N PRO E 101 -21.26 -11.97 45.52
CA PRO E 101 -22.44 -12.06 44.67
C PRO E 101 -22.39 -11.01 43.57
N VAL E 102 -22.94 -11.36 42.41
CA VAL E 102 -22.88 -10.52 41.23
C VAL E 102 -24.30 -10.15 40.81
N LEU E 103 -24.54 -8.85 40.65
CA LEU E 103 -25.80 -8.35 40.12
C LEU E 103 -25.59 -7.98 38.65
N LEU E 104 -26.37 -8.60 37.77
CA LEU E 104 -26.22 -8.42 36.34
C LEU E 104 -27.38 -7.62 35.77
N THR E 105 -27.16 -7.07 34.58
CA THR E 105 -28.15 -6.26 33.90
C THR E 105 -28.52 -6.90 32.57
N GLU E 106 -29.79 -6.77 32.19
CA GLU E 106 -30.29 -7.31 30.94
C GLU E 106 -31.08 -6.25 30.20
N ALA E 107 -31.04 -6.33 28.87
CA ALA E 107 -31.81 -5.41 28.06
C ALA E 107 -33.30 -5.70 28.18
N PRO E 108 -34.16 -4.70 27.97
CA PRO E 108 -35.60 -4.95 28.01
C PRO E 108 -36.02 -5.97 26.95
N LEU E 109 -37.00 -6.79 27.29
CA LEU E 109 -37.46 -7.88 26.44
C LEU E 109 -36.31 -8.82 26.09
N ASN E 110 -35.46 -9.10 27.08
CA ASN E 110 -34.32 -9.98 26.86
C ASN E 110 -34.80 -11.40 26.59
N PRO E 111 -34.30 -12.06 25.54
CA PRO E 111 -34.69 -13.46 25.30
C PRO E 111 -34.28 -14.35 26.47
N LYS E 112 -35.11 -15.36 26.75
CA LYS E 112 -34.81 -16.27 27.84
C LYS E 112 -33.56 -17.08 27.58
N ALA E 113 -33.27 -17.40 26.32
CA ALA E 113 -32.05 -18.12 25.98
C ALA E 113 -30.83 -17.29 26.32
N ASN E 114 -30.87 -15.98 26.07
CA ASN E 114 -29.75 -15.12 26.40
C ASN E 114 -29.52 -15.06 27.91
N ARG E 115 -30.60 -14.98 28.68
CA ARG E 115 -30.47 -14.94 30.14
C ARG E 115 -29.97 -16.28 30.68
N GLU E 116 -30.39 -17.39 30.08
CA GLU E 116 -29.95 -18.71 30.53
C GLU E 116 -28.45 -18.87 30.35
N LYS E 117 -27.90 -18.43 29.21
CA LYS E 117 -26.47 -18.53 29.00
C LYS E 117 -25.69 -17.66 29.99
N MET E 118 -26.18 -16.44 30.24
CA MET E 118 -25.51 -15.55 31.18
C MET E 118 -25.55 -16.12 32.59
N THR E 119 -26.70 -16.70 32.99
CA THR E 119 -26.79 -17.31 34.30
C THR E 119 -25.90 -18.54 34.42
N GLN E 120 -25.87 -19.36 33.36
CA GLN E 120 -25.06 -20.58 33.40
C GLN E 120 -23.58 -20.26 33.51
N ILE E 121 -23.11 -19.24 32.80
CA ILE E 121 -21.70 -18.88 32.82
C ILE E 121 -21.28 -18.40 34.21
N MET E 122 -22.10 -17.57 34.84
CA MET E 122 -21.74 -17.02 36.15
C MET E 122 -21.71 -18.09 37.23
N PHE E 123 -22.57 -19.09 37.14
CA PHE E 123 -22.66 -20.12 38.17
C PHE E 123 -21.70 -21.28 37.92
N GLU E 124 -21.35 -21.57 36.67
CA GLU E 124 -20.48 -22.70 36.36
C GLU E 124 -19.06 -22.28 36.02
N THR E 125 -18.89 -21.29 35.13
CA THR E 125 -17.55 -20.86 34.76
C THR E 125 -16.88 -20.08 35.89
N PHE E 126 -17.61 -19.16 36.50
CA PHE E 126 -17.05 -18.30 37.55
C PHE E 126 -17.44 -18.74 38.95
N ASN E 127 -18.43 -19.62 39.09
CA ASN E 127 -18.82 -20.17 40.40
C ASN E 127 -19.19 -19.07 41.39
N THR E 128 -19.97 -18.11 40.94
CA THR E 128 -20.42 -17.04 41.84
C THR E 128 -21.35 -17.60 42.90
N PRO E 129 -21.28 -17.11 44.14
CA PRO E 129 -22.15 -17.63 45.20
C PRO E 129 -23.62 -17.28 44.97
N ALA E 130 -23.89 -16.03 44.62
CA ALA E 130 -25.24 -15.56 44.36
C ALA E 130 -25.25 -14.72 43.10
N MET E 131 -26.41 -14.65 42.46
CA MET E 131 -26.54 -13.92 41.21
C MET E 131 -27.98 -13.46 41.02
N TYR E 132 -28.13 -12.31 40.36
CA TYR E 132 -29.45 -11.79 40.02
C TYR E 132 -29.32 -10.94 38.76
N VAL E 133 -30.37 -10.96 37.95
CA VAL E 133 -30.41 -10.23 36.69
C VAL E 133 -31.53 -9.20 36.77
N ALA E 134 -31.21 -7.95 36.48
CA ALA E 134 -32.16 -6.85 36.56
C ALA E 134 -32.28 -6.15 35.21
N ILE E 135 -33.43 -5.53 34.99
CA ILE E 135 -33.69 -4.82 33.74
C ILE E 135 -32.98 -3.48 33.78
N GLN E 136 -32.29 -3.14 32.69
CA GLN E 136 -31.51 -1.91 32.64
C GLN E 136 -32.40 -0.68 32.76
N ALA E 137 -33.56 -0.69 32.09
CA ALA E 137 -34.47 0.45 32.17
C ALA E 137 -35.02 0.64 33.58
N VAL E 138 -35.33 -0.47 34.26
CA VAL E 138 -35.82 -0.39 35.64
C VAL E 138 -34.75 0.21 36.54
N LEU E 139 -33.51 -0.23 36.37
CA LEU E 139 -32.41 0.29 37.19
C LEU E 139 -32.18 1.77 36.93
N SER E 140 -32.29 2.18 35.67
CA SER E 140 -32.12 3.61 35.34
C SER E 140 -33.18 4.46 36.01
N LEU E 141 -34.37 3.90 36.25
CA LEU E 141 -35.40 4.63 36.99
C LEU E 141 -35.06 4.72 38.48
N TYR E 142 -34.35 3.72 39.01
CA TYR E 142 -33.95 3.77 40.41
C TYR E 142 -32.99 4.91 40.67
N ALA E 143 -32.05 5.15 39.75
CA ALA E 143 -31.06 6.20 39.96
C ALA E 143 -31.70 7.58 40.00
N SER E 144 -32.77 7.78 39.25
CA SER E 144 -33.47 9.07 39.23
C SER E 144 -34.47 9.23 40.38
N GLY E 145 -34.62 8.20 41.21
CA GLY E 145 -35.54 8.29 42.34
C GLY E 145 -36.99 8.42 41.94
N ARG E 146 -37.41 7.68 40.91
CA ARG E 146 -38.79 7.71 40.44
C ARG E 146 -39.31 6.29 40.29
N THR E 147 -40.61 6.14 40.51
CA THR E 147 -41.31 4.89 40.26
C THR E 147 -42.20 4.93 39.03
N THR E 148 -42.38 6.10 38.42
CA THR E 148 -43.22 6.27 37.25
C THR E 148 -42.47 7.08 36.20
N GLY E 149 -42.46 6.58 34.98
CA GLY E 149 -41.81 7.28 33.88
C GLY E 149 -41.43 6.34 32.78
N ILE E 150 -41.09 6.92 31.63
CA ILE E 150 -40.67 6.18 30.45
C ILE E 150 -39.19 6.47 30.22
N VAL E 151 -38.39 5.41 30.14
CA VAL E 151 -36.94 5.52 30.02
C VAL E 151 -36.55 5.25 28.57
N MET E 152 -35.83 6.19 27.96
CA MET E 152 -35.30 6.03 26.61
C MET E 152 -33.82 5.69 26.75
N ASP E 153 -33.52 4.40 26.81
CA ASP E 153 -32.15 3.93 27.00
C ASP E 153 -31.51 3.74 25.63
N SER E 154 -30.72 4.72 25.21
CA SER E 154 -29.99 4.67 23.95
C SER E 154 -28.52 4.47 24.26
N GLY E 155 -27.97 3.34 23.84
CA GLY E 155 -26.58 3.03 24.12
C GLY E 155 -25.74 2.85 22.88
N ASP E 156 -24.97 1.76 22.83
CA ASP E 156 -24.11 1.49 21.68
C ASP E 156 -24.72 0.50 20.71
N GLY E 157 -25.59 -0.39 21.15
CA GLY E 157 -26.14 -1.41 20.29
C GLY E 157 -27.56 -1.16 19.81
N VAL E 158 -28.44 -0.69 20.71
CA VAL E 158 -29.85 -0.58 20.39
C VAL E 158 -30.48 0.46 21.33
N THR E 159 -31.57 1.06 20.88
CA THR E 159 -32.32 2.05 21.64
C THR E 159 -33.65 1.46 22.07
N HIS E 160 -33.98 1.61 23.35
CA HIS E 160 -35.19 1.07 23.92
C HIS E 160 -36.00 2.17 24.61
N THR E 161 -37.32 2.05 24.56
CA THR E 161 -38.23 2.93 25.26
C THR E 161 -39.12 2.06 26.15
N VAL E 162 -38.96 2.21 27.47
CA VAL E 162 -39.68 1.37 28.42
C VAL E 162 -40.54 2.21 29.35
N PRO E 163 -41.87 2.19 29.19
CA PRO E 163 -42.73 2.94 30.11
C PRO E 163 -42.99 2.14 31.38
N ILE E 164 -42.84 2.81 32.53
CA ILE E 164 -43.08 2.21 33.84
C ILE E 164 -44.01 3.14 34.62
N TYR E 165 -45.07 2.57 35.20
CA TYR E 165 -46.05 3.34 35.95
C TYR E 165 -46.26 2.71 37.31
N GLU E 166 -45.94 3.46 38.36
CA GLU E 166 -46.15 3.03 39.75
C GLU E 166 -45.48 1.70 40.05
N GLY E 167 -44.30 1.49 39.46
CA GLY E 167 -43.57 0.26 39.65
C GLY E 167 -44.00 -0.89 38.77
N TYR E 168 -45.02 -0.69 37.93
CA TYR E 168 -45.50 -1.72 37.01
C TYR E 168 -45.00 -1.42 35.61
N ALA E 169 -44.33 -2.39 34.99
CA ALA E 169 -43.85 -2.25 33.63
C ALA E 169 -44.92 -2.71 32.65
N LEU E 170 -44.88 -2.13 31.45
CA LEU E 170 -45.82 -2.46 30.39
C LEU E 170 -45.04 -3.06 29.21
N PRO E 171 -44.83 -4.38 29.19
CA PRO E 171 -44.05 -4.98 28.10
C PRO E 171 -44.66 -4.77 26.73
N HIS E 172 -45.98 -4.69 26.62
CA HIS E 172 -46.61 -4.49 25.32
C HIS E 172 -46.33 -3.12 24.73
N ALA E 173 -45.94 -2.15 25.55
CA ALA E 173 -45.64 -0.80 25.09
C ALA E 173 -44.15 -0.54 24.94
N ILE E 174 -43.31 -1.56 25.10
CA ILE E 174 -41.87 -1.41 24.93
C ILE E 174 -41.55 -1.45 23.44
N LEU E 175 -40.87 -0.42 22.96
CA LEU E 175 -40.51 -0.30 21.56
C LEU E 175 -38.99 -0.37 21.42
N ARG E 176 -38.53 -0.98 20.32
CA ARG E 176 -37.12 -1.17 20.05
C ARG E 176 -36.74 -0.42 18.78
N LEU E 177 -35.57 0.23 18.82
CA LEU E 177 -35.05 0.96 17.67
C LEU E 177 -33.62 0.50 17.42
N ASP E 178 -33.39 -0.17 16.29
CA ASP E 178 -32.06 -0.66 15.93
C ASP E 178 -31.20 0.49 15.41
N LEU E 179 -30.90 1.42 16.31
CA LEU E 179 -30.11 2.60 15.99
C LEU E 179 -29.54 3.15 17.29
N ALA E 180 -28.21 3.16 17.39
CA ALA E 180 -27.55 3.54 18.64
C ALA E 180 -26.22 4.19 18.29
N GLY E 181 -25.33 4.29 19.29
CA GLY E 181 -24.08 5.00 19.08
C GLY E 181 -23.21 4.41 18.00
N ARG E 182 -23.16 3.07 17.91
CA ARG E 182 -22.31 2.43 16.91
C ARG E 182 -22.78 2.75 15.49
N ASP E 183 -24.10 2.81 15.27
CA ASP E 183 -24.59 3.21 13.96
C ASP E 183 -24.23 4.66 13.65
N LEU E 184 -24.25 5.52 14.67
CA LEU E 184 -23.83 6.90 14.47
C LEU E 184 -22.33 7.00 14.20
N THR E 185 -21.53 6.14 14.83
CA THR E 185 -20.10 6.12 14.57
C THR E 185 -19.82 5.74 13.12
N ASP E 186 -20.53 4.74 12.61
CA ASP E 186 -20.37 4.34 11.21
C ASP E 186 -20.85 5.44 10.26
N TYR E 187 -21.93 6.13 10.62
CA TYR E 187 -22.43 7.22 9.79
C TYR E 187 -21.43 8.38 9.76
N LEU E 188 -20.81 8.67 10.90
CA LEU E 188 -19.78 9.72 10.92
C LEU E 188 -18.60 9.34 10.04
N MET E 189 -18.24 8.05 10.02
CA MET E 189 -17.18 7.60 9.13
C MET E 189 -17.54 7.83 7.68
N LYS E 190 -18.80 7.57 7.30
CA LYS E 190 -19.21 7.72 5.92
C LYS E 190 -19.19 9.18 5.49
N ILE E 191 -19.72 10.08 6.34
CA ILE E 191 -19.78 11.49 5.98
C ILE E 191 -18.45 12.21 6.16
N LEU E 192 -17.50 11.61 6.87
CA LEU E 192 -16.17 12.20 6.96
C LEU E 192 -15.38 12.01 5.67
N THR E 193 -15.74 11.00 4.87
CA THR E 193 -15.09 10.81 3.58
C THR E 193 -15.41 11.94 2.62
N GLU E 194 -16.59 12.55 2.75
CA GLU E 194 -16.94 13.70 1.93
C GLU E 194 -16.03 14.90 2.17
N ARG E 195 -15.39 14.97 3.33
CA ARG E 195 -14.45 16.04 3.64
C ARG E 195 -13.01 15.68 3.30
N GLY E 196 -12.76 14.48 2.80
CA GLY E 196 -11.43 14.07 2.43
C GLY E 196 -10.69 13.22 3.43
N TYR E 197 -11.33 12.82 4.52
CA TYR E 197 -10.70 12.00 5.55
C TYR E 197 -11.22 10.57 5.42
N SER E 198 -10.29 9.61 5.31
CA SER E 198 -10.63 8.21 5.08
C SER E 198 -10.32 7.42 6.35
N PHE E 199 -11.37 6.89 6.98
CA PHE E 199 -11.25 6.00 8.13
C PHE E 199 -11.93 4.69 7.78
N THR E 200 -11.15 3.63 7.63
CA THR E 200 -11.68 2.36 7.15
C THR E 200 -11.45 1.20 8.11
N THR E 201 -10.28 1.10 8.73
CA THR E 201 -9.98 -0.04 9.58
C THR E 201 -10.73 0.06 10.91
N THR E 202 -10.77 -1.07 11.62
CA THR E 202 -11.44 -1.10 12.92
C THR E 202 -10.72 -0.22 13.94
N ALA E 203 -9.40 -0.05 13.79
CA ALA E 203 -8.67 0.85 14.67
C ALA E 203 -9.12 2.29 14.49
N GLU E 204 -9.37 2.70 13.24
CA GLU E 204 -9.85 4.05 12.98
C GLU E 204 -11.31 4.24 13.38
N ARG E 205 -12.05 3.14 13.57
CA ARG E 205 -13.42 3.25 14.07
C ARG E 205 -13.43 3.83 15.49
N GLU E 206 -12.47 3.42 16.32
CA GLU E 206 -12.38 3.98 17.66
C GLU E 206 -11.94 5.44 17.63
N ILE E 207 -11.12 5.82 16.63
CA ILE E 207 -10.74 7.22 16.50
C ILE E 207 -11.95 8.08 16.14
N VAL E 208 -12.77 7.60 15.20
CA VAL E 208 -13.97 8.34 14.82
C VAL E 208 -14.96 8.37 15.96
N ARG E 209 -15.03 7.30 16.75
CA ARG E 209 -15.90 7.30 17.93
C ARG E 209 -15.46 8.36 18.92
N ASP E 210 -14.15 8.56 19.06
CA ASP E 210 -13.65 9.62 19.94
C ASP E 210 -14.02 11.00 19.41
N ILE E 211 -13.99 11.18 18.09
CA ILE E 211 -14.41 12.45 17.49
C ILE E 211 -15.89 12.68 17.77
N LYS E 212 -16.71 11.64 17.65
CA LYS E 212 -18.14 11.78 17.88
C LYS E 212 -18.44 12.15 19.33
N GLU E 213 -17.72 11.57 20.28
CA GLU E 213 -17.97 11.83 21.69
C GLU E 213 -17.47 13.21 22.14
N LYS E 214 -16.69 13.90 21.32
CA LYS E 214 -16.09 15.16 21.73
C LYS E 214 -16.56 16.37 20.94
N LEU E 215 -16.91 16.21 19.66
CA LEU E 215 -17.27 17.34 18.82
C LEU E 215 -18.71 17.34 18.34
N CYS E 216 -19.44 16.24 18.49
CA CYS E 216 -20.80 16.15 17.98
C CYS E 216 -21.80 16.70 18.98
N TYR E 217 -22.89 17.26 18.45
CA TYR E 217 -23.97 17.80 19.27
C TYR E 217 -25.25 17.75 18.45
N VAL E 218 -26.38 17.92 19.14
CA VAL E 218 -27.70 17.88 18.52
C VAL E 218 -28.18 19.32 18.34
N ALA E 219 -28.52 19.67 17.10
CA ALA E 219 -29.00 21.00 16.79
C ALA E 219 -30.49 21.10 17.07
N LEU E 220 -30.90 22.20 17.71
CA LEU E 220 -32.31 22.42 17.99
C LEU E 220 -33.12 22.55 16.71
N ASP E 221 -32.58 23.29 15.73
CA ASP E 221 -33.19 23.43 14.42
C ASP E 221 -32.17 23.01 13.37
N PHE E 222 -32.39 21.85 12.76
CA PHE E 222 -31.41 21.29 11.83
C PHE E 222 -31.27 22.17 10.59
N GLU E 223 -32.38 22.64 10.03
CA GLU E 223 -32.32 23.45 8.82
C GLU E 223 -31.60 24.76 9.07
N GLN E 224 -31.88 25.42 10.20
CA GLN E 224 -31.19 26.66 10.53
C GLN E 224 -29.70 26.43 10.76
N GLU E 225 -29.35 25.33 11.42
CA GLU E 225 -27.95 25.03 11.67
C GLU E 225 -27.19 24.77 10.37
N MET E 226 -27.83 24.09 9.42
CA MET E 226 -27.19 23.86 8.12
C MET E 226 -26.94 25.18 7.40
N ALA E 227 -27.90 26.11 7.46
CA ALA E 227 -27.70 27.42 6.86
C ALA E 227 -26.58 28.19 7.55
N THR E 228 -26.50 28.09 8.89
CA THR E 228 -25.43 28.76 9.62
C THR E 228 -24.07 28.19 9.24
N ALA E 229 -23.98 26.87 9.11
CA ALA E 229 -22.71 26.24 8.75
C ALA E 229 -22.31 26.51 7.30
N ALA E 230 -23.26 26.86 6.44
CA ALA E 230 -22.97 27.12 5.04
C ALA E 230 -22.60 28.57 4.76
N SER E 231 -22.70 29.46 5.77
CA SER E 231 -22.37 30.86 5.57
C SER E 231 -21.45 31.39 6.66
N SER E 232 -20.86 30.52 7.48
CA SER E 232 -19.97 30.96 8.55
C SER E 232 -19.05 29.81 8.92
N SER E 233 -17.94 30.16 9.58
CA SER E 233 -16.97 29.19 10.07
C SER E 233 -17.00 29.04 11.58
N SER E 234 -18.04 29.56 12.24
CA SER E 234 -18.11 29.52 13.70
C SER E 234 -18.37 28.12 14.23
N LEU E 235 -18.92 27.23 13.42
CA LEU E 235 -19.22 25.87 13.84
C LEU E 235 -18.08 24.89 13.59
N GLU E 236 -16.95 25.37 13.06
CA GLU E 236 -15.82 24.50 12.79
C GLU E 236 -15.08 24.14 14.07
N LYS E 237 -14.64 22.90 14.16
CA LYS E 237 -13.83 22.42 15.27
C LYS E 237 -12.71 21.56 14.73
N SER E 238 -11.61 21.50 15.47
CA SER E 238 -10.42 20.77 15.07
C SER E 238 -10.19 19.59 16.01
N TYR E 239 -9.79 18.46 15.43
CA TYR E 239 -9.47 17.25 16.19
C TYR E 239 -8.09 16.77 15.78
N GLU E 240 -7.29 16.37 16.77
CA GLU E 240 -5.93 15.92 16.54
C GLU E 240 -5.89 14.40 16.53
N LEU E 241 -5.41 13.83 15.42
CA LEU E 241 -5.31 12.39 15.29
C LEU E 241 -4.13 11.87 16.13
N PRO E 242 -4.11 10.56 16.42
CA PRO E 242 -3.00 10.01 17.22
C PRO E 242 -1.62 10.25 16.60
N ASP E 243 -1.52 10.31 15.27
CA ASP E 243 -0.26 10.57 14.60
C ASP E 243 0.05 12.04 14.45
N GLY E 244 -0.66 12.91 15.18
CA GLY E 244 -0.37 14.33 15.18
C GLY E 244 -1.08 15.13 14.09
N GLN E 245 -1.76 14.47 13.16
CA GLN E 245 -2.48 15.17 12.11
C GLN E 245 -3.77 15.76 12.67
N VAL E 246 -4.11 16.97 12.20
CA VAL E 246 -5.28 17.71 12.68
C VAL E 246 -6.30 17.76 11.56
N ILE E 247 -7.54 17.37 11.87
CA ILE E 247 -8.65 17.41 10.92
C ILE E 247 -9.67 18.41 11.42
N THR E 248 -10.43 18.97 10.48
CA THR E 248 -11.46 19.96 10.79
C THR E 248 -12.80 19.45 10.26
N ILE E 249 -13.85 19.57 11.08
CA ILE E 249 -15.18 19.15 10.72
C ILE E 249 -16.14 20.30 10.95
N GLY E 250 -17.12 20.45 10.04
CA GLY E 250 -18.07 21.53 10.12
C GLY E 250 -19.47 21.08 10.46
N ASN E 251 -20.33 20.96 9.45
CA ASN E 251 -21.70 20.54 9.66
C ASN E 251 -21.82 19.08 10.08
N GLU E 252 -20.74 18.30 9.98
CA GLU E 252 -20.77 16.92 10.43
C GLU E 252 -20.93 16.79 11.94
N ARG E 253 -20.71 17.87 12.69
CA ARG E 253 -20.88 17.81 14.14
C ARG E 253 -22.32 17.53 14.52
N PHE E 254 -23.28 18.16 13.84
CA PHE E 254 -24.69 17.97 14.12
C PHE E 254 -25.41 17.12 13.10
N ARG E 255 -24.77 16.75 11.99
CA ARG E 255 -25.40 15.86 11.03
C ARG E 255 -25.39 14.41 11.50
N CYS E 256 -24.32 13.99 12.16
CA CYS E 256 -24.26 12.62 12.68
C CYS E 256 -25.32 12.34 13.73
N PRO E 257 -25.50 13.17 14.79
CA PRO E 257 -26.57 12.89 15.75
C PRO E 257 -27.97 13.08 15.17
N GLU E 258 -28.10 13.77 14.04
CA GLU E 258 -29.42 13.98 13.45
C GLU E 258 -30.04 12.67 12.95
N ALA E 259 -29.23 11.64 12.71
CA ALA E 259 -29.76 10.35 12.31
C ALA E 259 -30.64 9.74 13.40
N LEU E 260 -30.44 10.13 14.65
CA LEU E 260 -31.32 9.66 15.72
C LEU E 260 -32.74 10.14 15.52
N PHE E 261 -32.92 11.39 15.11
CA PHE E 261 -34.24 11.95 14.88
C PHE E 261 -34.72 11.77 13.45
N GLN E 262 -33.81 11.54 12.50
CA GLN E 262 -34.15 11.27 11.11
C GLN E 262 -33.42 10.01 10.68
N PRO E 263 -33.97 8.84 11.01
CA PRO E 263 -33.30 7.58 10.62
C PRO E 263 -33.20 7.38 9.12
N SER E 264 -33.93 8.16 8.31
CA SER E 264 -33.81 8.04 6.86
C SER E 264 -32.42 8.42 6.36
N PHE E 265 -31.62 9.10 7.18
CA PHE E 265 -30.25 9.39 6.80
C PHE E 265 -29.43 8.11 6.63
N LEU E 266 -29.81 7.05 7.35
CA LEU E 266 -29.16 5.76 7.25
C LEU E 266 -29.92 4.79 6.35
N GLY E 267 -30.93 5.27 5.64
CA GLY E 267 -31.76 4.40 4.83
C GLY E 267 -32.75 3.56 5.61
N MET E 268 -33.00 3.90 6.88
CA MET E 268 -33.89 3.13 7.73
C MET E 268 -35.32 3.67 7.63
N GLU E 269 -36.28 2.74 7.58
CA GLU E 269 -37.69 3.11 7.48
C GLU E 269 -38.30 3.49 8.81
N SER E 270 -37.64 3.19 9.93
CA SER E 270 -38.22 3.43 11.23
C SER E 270 -38.24 4.93 11.55
N ALA E 271 -38.96 5.27 12.61
CA ALA E 271 -39.11 6.64 13.06
C ALA E 271 -37.98 7.01 14.02
N GLY E 272 -37.88 8.30 14.33
CA GLY E 272 -36.85 8.79 15.20
C GLY E 272 -37.10 8.44 16.65
N ILE E 273 -36.12 8.79 17.49
CA ILE E 273 -36.23 8.51 18.92
C ILE E 273 -37.36 9.32 19.55
N HIS E 274 -37.60 10.53 19.07
CA HIS E 274 -38.69 11.34 19.60
C HIS E 274 -40.04 10.71 19.28
N GLU E 275 -40.21 10.17 18.07
CA GLU E 275 -41.45 9.52 17.71
C GLU E 275 -41.58 8.14 18.33
N THR E 276 -40.47 7.41 18.47
CA THR E 276 -40.52 6.11 19.14
C THR E 276 -40.92 6.28 20.60
N THR E 277 -40.39 7.30 21.27
CA THR E 277 -40.82 7.58 22.65
C THR E 277 -42.29 7.94 22.71
N PHE E 278 -42.75 8.78 21.76
CA PHE E 278 -44.16 9.15 21.72
C PHE E 278 -45.04 7.95 21.42
N ASN E 279 -44.62 7.10 20.47
CA ASN E 279 -45.41 5.93 20.12
C ASN E 279 -45.51 4.96 21.29
N SER E 280 -44.44 4.83 22.07
CA SER E 280 -44.48 3.96 23.25
C SER E 280 -45.47 4.48 24.27
N ILE E 281 -45.53 5.79 24.46
CA ILE E 281 -46.49 6.38 25.39
C ILE E 281 -47.92 6.13 24.93
N MET E 282 -48.17 6.29 23.63
CA MET E 282 -49.52 6.08 23.10
C MET E 282 -49.96 4.62 23.18
N LYS E 283 -49.01 3.69 23.26
CA LYS E 283 -49.37 2.28 23.41
C LYS E 283 -49.85 1.97 24.82
N CYS E 284 -49.58 2.85 25.78
CA CYS E 284 -50.03 2.65 27.15
C CYS E 284 -51.48 3.07 27.31
N ASP E 285 -52.02 2.85 28.50
CA ASP E 285 -53.38 3.26 28.80
C ASP E 285 -53.46 4.78 28.89
N VAL E 286 -54.67 5.30 28.63
CA VAL E 286 -54.86 6.75 28.55
C VAL E 286 -54.62 7.40 29.91
N ASP E 287 -54.99 6.72 30.99
CA ASP E 287 -54.91 7.32 32.32
C ASP E 287 -53.49 7.47 32.83
N ILE E 288 -52.49 6.88 32.17
CA ILE E 288 -51.11 6.96 32.62
C ILE E 288 -50.23 7.74 31.67
N ARG E 289 -50.74 8.19 30.52
CA ARG E 289 -49.92 8.93 29.57
C ARG E 289 -49.50 10.29 30.13
N LYS E 290 -50.34 10.89 30.98
CA LYS E 290 -50.01 12.21 31.53
C LYS E 290 -48.75 12.14 32.39
N ASP E 291 -48.62 11.10 33.20
CA ASP E 291 -47.43 10.97 34.05
C ASP E 291 -46.20 10.61 33.24
N LEU E 292 -46.36 9.85 32.15
CA LEU E 292 -45.22 9.49 31.32
C LEU E 292 -44.68 10.69 30.54
N TYR E 293 -45.55 11.63 30.18
CA TYR E 293 -45.10 12.82 29.45
C TYR E 293 -44.14 13.66 30.30
N ALA E 294 -44.44 13.80 31.59
CA ALA E 294 -43.66 14.65 32.48
C ALA E 294 -42.52 13.89 33.16
N ASN E 295 -42.31 12.62 32.83
CA ASN E 295 -41.27 11.80 33.45
C ASN E 295 -40.50 11.03 32.39
N THR E 296 -40.09 11.72 31.32
CA THR E 296 -39.27 11.12 30.28
C THR E 296 -37.81 11.18 30.72
N VAL E 297 -37.23 10.00 30.99
CA VAL E 297 -35.88 9.89 31.52
C VAL E 297 -34.96 9.42 30.42
N LEU E 298 -33.84 10.11 30.24
CA LEU E 298 -32.84 9.75 29.25
C LEU E 298 -31.72 8.95 29.91
N SER E 299 -31.34 7.85 29.28
CA SER E 299 -30.30 6.98 29.80
C SER E 299 -29.40 6.52 28.66
N GLY E 300 -28.16 6.21 29.00
CA GLY E 300 -27.19 5.73 28.05
C GLY E 300 -26.24 6.83 27.58
N GLY E 301 -25.17 6.38 26.92
CA GLY E 301 -24.17 7.32 26.43
C GLY E 301 -24.59 8.06 25.18
N THR E 302 -25.47 7.47 24.38
CA THR E 302 -25.94 8.12 23.15
C THR E 302 -26.86 9.29 23.44
N THR E 303 -27.30 9.47 24.68
CA THR E 303 -28.11 10.61 25.07
C THR E 303 -27.26 11.71 25.70
N MET E 304 -25.94 11.63 25.61
CA MET E 304 -25.03 12.61 26.20
C MET E 304 -24.67 13.74 25.23
N TYR E 305 -25.26 13.78 24.04
CA TYR E 305 -24.99 14.86 23.12
C TYR E 305 -25.49 16.18 23.70
N PRO E 306 -24.73 17.26 23.54
CA PRO E 306 -25.23 18.56 24.01
C PRO E 306 -26.46 19.00 23.23
N GLY E 307 -27.49 19.41 23.95
CA GLY E 307 -28.71 19.88 23.33
C GLY E 307 -29.68 18.82 22.91
N ILE E 308 -29.43 17.55 23.22
CA ILE E 308 -30.36 16.50 22.84
C ILE E 308 -31.63 16.57 23.68
N ALA E 309 -31.52 16.99 24.94
CA ALA E 309 -32.70 17.11 25.79
C ALA E 309 -33.62 18.22 25.31
N ASP E 310 -33.06 19.36 24.90
CA ASP E 310 -33.88 20.43 24.38
C ASP E 310 -34.54 20.04 23.07
N ARG E 311 -33.81 19.35 22.18
CA ARG E 311 -34.41 18.88 20.95
C ARG E 311 -35.50 17.84 21.20
N MET E 312 -35.25 16.94 22.15
CA MET E 312 -36.27 15.94 22.49
C MET E 312 -37.52 16.59 23.05
N GLN E 313 -37.36 17.61 23.89
CA GLN E 313 -38.52 18.32 24.43
C GLN E 313 -39.31 19.01 23.33
N LYS E 314 -38.61 19.64 22.38
CA LYS E 314 -39.29 20.35 21.31
C LYS E 314 -40.05 19.39 20.39
N GLU E 315 -39.44 18.25 20.06
CA GLU E 315 -40.08 17.32 19.13
C GLU E 315 -41.28 16.63 19.76
N ILE E 316 -41.13 16.17 21.01
CA ILE E 316 -42.24 15.49 21.67
C ILE E 316 -43.39 16.45 21.94
N THR E 317 -43.09 17.72 22.24
CA THR E 317 -44.14 18.69 22.49
C THR E 317 -45.02 18.88 21.26
N ALA E 318 -44.42 18.87 20.07
CA ALA E 318 -45.20 18.99 18.84
C ALA E 318 -46.13 17.80 18.66
N LEU E 319 -45.66 16.60 18.97
CA LEU E 319 -46.49 15.41 18.82
C LEU E 319 -47.58 15.35 19.88
N ALA E 320 -47.24 15.69 21.12
CA ALA E 320 -48.18 15.57 22.22
C ALA E 320 -49.23 16.68 22.17
N PRO E 321 -50.39 16.48 22.80
CA PRO E 321 -51.39 17.55 22.88
C PRO E 321 -50.86 18.74 23.66
N SER E 322 -51.42 19.91 23.35
CA SER E 322 -50.93 21.16 23.93
C SER E 322 -51.13 21.21 25.44
N THR E 323 -52.13 20.50 25.96
CA THR E 323 -52.42 20.55 27.38
C THR E 323 -51.47 19.70 28.22
N MET E 324 -50.69 18.82 27.60
CA MET E 324 -49.75 17.99 28.33
C MET E 324 -48.44 18.72 28.57
N LYS E 325 -47.88 18.54 29.78
CA LYS E 325 -46.60 19.12 30.14
C LYS E 325 -45.50 18.11 29.83
N ILE E 326 -44.63 18.46 28.88
CA ILE E 326 -43.53 17.59 28.49
C ILE E 326 -42.29 17.97 29.29
N LYS E 327 -41.73 16.99 29.99
CA LYS E 327 -40.53 17.19 30.79
C LYS E 327 -39.53 16.10 30.45
N ILE E 328 -38.34 16.49 30.04
CA ILE E 328 -37.26 15.56 29.71
C ILE E 328 -36.26 15.60 30.85
N ILE E 329 -36.05 14.45 31.49
CA ILE E 329 -35.13 14.33 32.61
C ILE E 329 -33.81 13.78 32.06
N ALA E 330 -32.77 14.60 32.10
CA ALA E 330 -31.45 14.23 31.60
C ALA E 330 -30.42 14.52 32.68
N PRO E 331 -30.26 13.61 33.64
CA PRO E 331 -29.26 13.82 34.68
C PRO E 331 -27.87 13.84 34.10
N PRO E 332 -26.95 14.61 34.69
CA PRO E 332 -25.58 14.66 34.15
C PRO E 332 -24.85 13.33 34.20
N GLU E 333 -25.27 12.40 35.05
CA GLU E 333 -24.63 11.10 35.17
C GLU E 333 -25.42 9.98 34.50
N ARG E 334 -26.26 10.33 33.53
CA ARG E 334 -27.10 9.33 32.87
C ARG E 334 -26.30 8.33 32.05
N LYS E 335 -25.02 8.59 31.79
CA LYS E 335 -24.19 7.60 31.11
C LYS E 335 -23.98 6.35 31.96
N TYR E 336 -24.06 6.50 33.29
CA TYR E 336 -23.89 5.39 34.21
C TYR E 336 -25.15 5.16 35.05
N SER E 337 -26.31 5.57 34.55
CA SER E 337 -27.55 5.46 35.33
C SER E 337 -27.89 3.99 35.59
N VAL E 338 -27.64 3.11 34.62
CA VAL E 338 -27.96 1.70 34.80
C VAL E 338 -27.13 1.10 35.92
N TRP E 339 -25.82 1.40 35.94
CA TRP E 339 -24.98 0.89 37.01
C TRP E 339 -25.31 1.53 38.35
N ILE E 340 -25.57 2.84 38.36
CA ILE E 340 -25.88 3.54 39.60
C ILE E 340 -27.15 2.99 40.22
N GLY E 341 -28.18 2.78 39.41
CA GLY E 341 -29.40 2.17 39.90
C GLY E 341 -29.19 0.76 40.40
N GLY E 342 -28.30 0.00 39.74
CA GLY E 342 -28.01 -1.35 40.21
C GLY E 342 -27.31 -1.35 41.56
N SER E 343 -26.36 -0.44 41.76
CA SER E 343 -25.69 -0.35 43.05
C SER E 343 -26.66 0.07 44.15
N ILE E 344 -27.61 0.96 43.82
CA ILE E 344 -28.63 1.35 44.79
C ILE E 344 -29.52 0.17 45.11
N LEU E 345 -29.94 -0.58 44.09
CA LEU E 345 -30.80 -1.74 44.32
C LEU E 345 -30.10 -2.82 45.13
N ALA E 346 -28.83 -3.10 44.81
CA ALA E 346 -28.10 -4.14 45.52
C ALA E 346 -27.80 -3.76 46.96
N SER E 347 -27.86 -2.47 47.29
CA SER E 347 -27.62 -2.01 48.65
C SER E 347 -28.87 -1.96 49.51
N LEU E 348 -30.05 -2.20 48.93
CA LEU E 348 -31.28 -2.18 49.69
C LEU E 348 -31.37 -3.41 50.60
N SER E 349 -31.98 -3.22 51.77
CA SER E 349 -32.14 -4.31 52.71
C SER E 349 -33.16 -5.33 52.22
N THR E 350 -34.17 -4.90 51.48
CA THR E 350 -35.21 -5.78 50.98
C THR E 350 -34.80 -6.52 49.71
N PHE E 351 -33.65 -6.21 49.13
CA PHE E 351 -33.20 -6.88 47.92
C PHE E 351 -32.56 -8.24 48.20
N GLN E 352 -32.22 -8.52 49.46
CA GLN E 352 -31.54 -9.78 49.79
C GLN E 352 -32.42 -11.00 49.54
N GLN E 353 -33.73 -10.82 49.41
CA GLN E 353 -34.61 -11.94 49.09
C GLN E 353 -34.62 -12.28 47.61
N MET E 354 -34.04 -11.44 46.75
CA MET E 354 -34.03 -11.67 45.32
C MET E 354 -32.79 -12.43 44.85
N TRP E 355 -31.81 -12.66 45.72
CA TRP E 355 -30.61 -13.37 45.32
C TRP E 355 -30.93 -14.84 45.02
N ILE E 356 -30.18 -15.40 44.07
CA ILE E 356 -30.31 -16.80 43.69
C ILE E 356 -28.99 -17.49 43.99
N SER E 357 -29.03 -18.50 44.84
CA SER E 357 -27.83 -19.20 45.26
C SER E 357 -27.31 -20.11 44.16
N LYS E 358 -26.00 -20.38 44.20
CA LYS E 358 -25.42 -21.36 43.29
C LYS E 358 -25.97 -22.75 43.57
N GLN E 359 -26.14 -23.09 44.85
CA GLN E 359 -26.70 -24.40 45.21
C GLN E 359 -28.13 -24.53 44.71
N GLU E 360 -28.92 -23.47 44.81
CA GLU E 360 -30.29 -23.50 44.32
C GLU E 360 -30.34 -23.72 42.82
N TYR E 361 -29.44 -23.06 42.07
CA TYR E 361 -29.41 -23.23 40.63
C TYR E 361 -29.01 -24.65 40.24
N ASP E 362 -28.08 -25.25 40.99
CA ASP E 362 -27.61 -26.59 40.65
C ASP E 362 -28.71 -27.63 40.78
N GLU E 363 -29.64 -27.45 41.72
CA GLU E 363 -30.70 -28.41 41.96
C GLU E 363 -32.02 -28.05 41.30
N SER E 364 -32.18 -26.80 40.84
CA SER E 364 -33.43 -26.36 40.24
C SER E 364 -33.30 -25.95 38.78
N GLY E 365 -32.12 -25.48 38.35
CA GLY E 365 -31.91 -25.09 36.99
C GLY E 365 -32.31 -23.65 36.71
N PRO E 366 -32.35 -23.27 35.43
CA PRO E 366 -32.69 -21.88 35.07
C PRO E 366 -34.15 -21.53 35.25
N SER E 367 -35.00 -22.48 35.68
CA SER E 367 -36.41 -22.17 35.89
C SER E 367 -36.61 -21.13 36.98
N ILE E 368 -35.82 -21.22 38.05
CA ILE E 368 -35.93 -20.26 39.15
C ILE E 368 -35.38 -18.90 38.75
N VAL E 369 -34.65 -18.80 37.64
CA VAL E 369 -34.16 -17.51 37.19
C VAL E 369 -35.19 -16.81 36.32
N HIS E 370 -35.95 -17.55 35.52
CA HIS E 370 -37.03 -16.94 34.76
C HIS E 370 -38.09 -16.36 35.68
N ARG E 371 -38.47 -17.09 36.72
CA ARG E 371 -39.20 -16.49 37.81
C ARG E 371 -38.26 -15.63 38.65
N LYS E 372 -38.84 -14.74 39.46
CA LYS E 372 -38.14 -13.76 40.27
C LYS E 372 -37.47 -12.69 39.42
N CYS E 373 -37.54 -12.80 38.10
CA CYS E 373 -36.99 -11.81 37.17
C CYS E 373 -38.03 -11.45 36.14
N PHE E 374 -37.98 -10.21 35.67
CA PHE E 374 -38.99 -9.70 34.74
C PHE E 374 -38.39 -9.43 33.37
N ALA F 5 -75.06 -8.84 -14.86
CA ALA F 5 -73.80 -9.30 -14.28
C ALA F 5 -73.40 -8.43 -13.09
N ALA F 6 -74.03 -8.68 -11.94
CA ALA F 6 -73.75 -7.91 -10.75
C ALA F 6 -72.37 -8.26 -10.17
N LEU F 7 -71.72 -7.26 -9.59
CA LEU F 7 -70.41 -7.43 -8.98
C LEU F 7 -70.56 -7.57 -7.47
N VAL F 8 -69.78 -8.47 -6.88
CA VAL F 8 -69.74 -8.66 -5.44
C VAL F 8 -68.33 -8.29 -4.97
N VAL F 9 -68.23 -7.23 -4.19
CA VAL F 9 -66.96 -6.74 -3.69
C VAL F 9 -66.97 -6.84 -2.17
N ASP F 10 -66.05 -7.63 -1.63
CA ASP F 10 -65.88 -7.78 -0.19
C ASP F 10 -64.55 -7.14 0.18
N ASN F 11 -64.60 -5.91 0.67
CA ASN F 11 -63.41 -5.15 1.02
C ASN F 11 -63.18 -5.26 2.52
N GLY F 12 -62.04 -5.83 2.91
CA GLY F 12 -61.68 -5.99 4.30
C GLY F 12 -60.49 -5.12 4.68
N SER F 13 -60.11 -5.23 5.95
CA SER F 13 -58.99 -4.45 6.46
C SER F 13 -57.68 -4.84 5.79
N GLY F 14 -57.47 -6.15 5.58
CA GLY F 14 -56.20 -6.61 5.05
C GLY F 14 -56.23 -7.05 3.60
N MET F 15 -57.29 -7.75 3.20
CA MET F 15 -57.35 -8.34 1.87
C MET F 15 -58.71 -8.04 1.25
N CYS F 16 -58.71 -7.81 -0.07
CA CYS F 16 -59.90 -7.45 -0.82
C CYS F 16 -60.24 -8.55 -1.80
N LYS F 17 -61.49 -9.01 -1.77
CA LYS F 17 -61.98 -10.05 -2.67
C LYS F 17 -63.09 -9.48 -3.54
N ALA F 18 -63.00 -9.72 -4.85
CA ALA F 18 -63.98 -9.22 -5.80
C ALA F 18 -64.28 -10.31 -6.82
N GLY F 19 -65.42 -10.17 -7.47
CA GLY F 19 -65.82 -11.15 -8.47
C GLY F 19 -67.19 -10.82 -9.02
N PHE F 20 -67.81 -11.83 -9.64
CA PHE F 20 -69.11 -11.69 -10.27
C PHE F 20 -70.13 -12.55 -9.53
N ALA F 21 -71.37 -12.08 -9.48
CA ALA F 21 -72.43 -12.82 -8.82
C ALA F 21 -72.70 -14.13 -9.56
N GLY F 22 -72.87 -15.21 -8.79
CA GLY F 22 -73.11 -16.52 -9.32
C GLY F 22 -71.89 -17.42 -9.33
N ASP F 23 -70.68 -16.85 -9.24
CA ASP F 23 -69.47 -17.65 -9.19
C ASP F 23 -69.29 -18.27 -7.81
N ASP F 24 -68.51 -19.34 -7.76
CA ASP F 24 -68.27 -20.06 -6.51
C ASP F 24 -67.09 -19.53 -5.72
N ALA F 25 -66.18 -18.79 -6.37
CA ALA F 25 -65.01 -18.24 -5.72
C ALA F 25 -64.73 -16.86 -6.27
N PRO F 26 -64.15 -15.96 -5.48
CA PRO F 26 -63.80 -14.63 -6.00
C PRO F 26 -62.74 -14.71 -7.08
N ARG F 27 -62.95 -13.95 -8.15
CA ARG F 27 -62.02 -13.97 -9.26
C ARG F 27 -60.76 -13.18 -8.95
N ALA F 28 -60.89 -12.06 -8.23
CA ALA F 28 -59.77 -11.17 -7.92
C ALA F 28 -59.63 -11.06 -6.41
N VAL F 29 -58.52 -11.59 -5.88
CA VAL F 29 -58.23 -11.56 -4.46
C VAL F 29 -56.81 -11.02 -4.30
N PHE F 30 -56.68 -9.80 -3.80
CA PHE F 30 -55.38 -9.14 -3.68
C PHE F 30 -55.30 -8.42 -2.35
N PRO F 31 -54.08 -8.25 -1.82
CA PRO F 31 -53.93 -7.51 -0.55
C PRO F 31 -54.38 -6.07 -0.68
N SER F 32 -54.96 -5.54 0.39
CA SER F 32 -55.44 -4.16 0.44
C SER F 32 -54.36 -3.25 1.01
N ILE F 33 -53.32 -3.05 0.19
CA ILE F 33 -52.19 -2.21 0.57
C ILE F 33 -51.91 -1.20 -0.54
N VAL F 34 -51.33 -0.08 -0.15
CA VAL F 34 -50.86 0.95 -1.09
C VAL F 34 -49.41 1.26 -0.73
N GLY F 35 -48.51 1.03 -1.67
CA GLY F 35 -47.08 1.22 -1.45
C GLY F 35 -46.58 2.44 -2.23
N ARG F 36 -45.69 3.19 -1.59
CA ARG F 36 -45.07 4.36 -2.20
C ARG F 36 -43.56 4.29 -2.05
N PRO F 37 -42.82 4.78 -3.03
CA PRO F 37 -41.35 4.69 -2.96
C PRO F 37 -40.80 5.46 -1.77
N ARG F 38 -39.78 4.89 -1.14
CA ARG F 38 -39.09 5.53 -0.03
C ARG F 38 -37.64 5.89 -0.36
N HIS F 39 -37.17 5.57 -1.55
CA HIS F 39 -35.86 5.97 -2.04
C HIS F 39 -36.05 6.98 -3.17
N GLN F 40 -34.93 7.38 -3.78
CA GLN F 40 -34.94 8.33 -4.89
C GLN F 40 -34.56 7.63 -6.18
N GLY F 41 -35.20 8.02 -7.28
CA GLY F 41 -34.90 7.42 -8.57
C GLY F 41 -33.70 8.06 -9.22
N VAL F 42 -32.82 7.21 -9.77
CA VAL F 42 -31.58 7.66 -10.38
C VAL F 42 -31.52 7.36 -11.88
N MET F 43 -32.43 6.56 -12.41
CA MET F 43 -32.42 6.21 -13.82
C MET F 43 -33.64 6.79 -14.51
N VAL F 44 -33.43 7.42 -15.66
CA VAL F 44 -34.50 8.05 -16.41
C VAL F 44 -35.43 7.00 -17.01
N LYS F 49 -45.02 6.51 -11.99
CA LYS F 49 -45.91 5.86 -11.03
C LYS F 49 -45.45 6.14 -9.60
N ASP F 50 -46.22 6.95 -8.89
CA ASP F 50 -45.89 7.33 -7.52
C ASP F 50 -46.53 6.43 -6.47
N SER F 51 -47.31 5.44 -6.88
CA SER F 51 -47.95 4.55 -5.92
C SER F 51 -48.25 3.23 -6.59
N TYR F 52 -48.25 2.16 -5.78
CA TYR F 52 -48.57 0.81 -6.24
C TYR F 52 -49.61 0.22 -5.30
N VAL F 53 -50.61 -0.45 -5.88
CA VAL F 53 -51.76 -0.95 -5.14
C VAL F 53 -51.90 -2.44 -5.41
N GLY F 54 -51.97 -3.23 -4.34
CA GLY F 54 -52.28 -4.64 -4.46
C GLY F 54 -51.04 -5.48 -4.69
N ASP F 55 -51.12 -6.38 -5.68
CA ASP F 55 -50.03 -7.32 -5.93
C ASP F 55 -48.80 -6.63 -6.49
N GLU F 56 -48.97 -5.57 -7.27
CA GLU F 56 -47.81 -4.85 -7.80
C GLU F 56 -47.04 -4.17 -6.68
N ALA F 57 -47.71 -3.78 -5.60
CA ALA F 57 -47.01 -3.27 -4.42
C ALA F 57 -46.30 -4.38 -3.67
N GLN F 58 -46.89 -5.59 -3.66
CA GLN F 58 -46.26 -6.72 -2.98
C GLN F 58 -45.04 -7.24 -3.72
N SER F 59 -44.95 -7.00 -5.03
CA SER F 59 -43.79 -7.42 -5.81
C SER F 59 -42.66 -6.42 -5.77
N LYS F 60 -42.95 -5.15 -5.53
CA LYS F 60 -41.95 -4.10 -5.42
C LYS F 60 -41.77 -3.62 -3.97
N ARG F 61 -42.23 -4.41 -3.00
CA ARG F 61 -42.25 -3.97 -1.62
C ARG F 61 -40.87 -3.74 -1.02
N GLY F 62 -39.81 -4.22 -1.68
CA GLY F 62 -38.47 -3.99 -1.17
C GLY F 62 -38.03 -2.54 -1.24
N ILE F 63 -38.64 -1.74 -2.11
CA ILE F 63 -38.32 -0.34 -2.26
C ILE F 63 -39.51 0.56 -1.96
N LEU F 64 -40.56 0.01 -1.36
CA LEU F 64 -41.79 0.75 -1.07
C LEU F 64 -42.08 0.71 0.42
N THR F 65 -42.87 1.69 0.86
CA THR F 65 -43.41 1.73 2.23
C THR F 65 -44.88 1.36 2.14
N LEU F 66 -45.22 0.17 2.63
CA LEU F 66 -46.59 -0.34 2.49
C LEU F 66 -47.46 0.19 3.63
N LYS F 67 -48.64 0.69 3.27
CA LYS F 67 -49.61 1.21 4.22
C LYS F 67 -50.98 0.61 3.94
N TYR F 68 -51.71 0.28 5.00
CA TYR F 68 -53.06 -0.25 4.88
C TYR F 68 -54.05 0.90 4.99
N PRO F 69 -54.86 1.15 3.96
CA PRO F 69 -55.86 2.22 4.07
C PRO F 69 -56.90 1.98 5.15
N ILE F 70 -57.10 0.73 5.58
CA ILE F 70 -58.06 0.38 6.60
C ILE F 70 -57.33 -0.15 7.81
N GLU F 71 -57.57 0.45 8.98
CA GLU F 71 -56.98 -0.01 10.22
C GLU F 71 -58.06 -0.29 11.25
N HIC F 72 -58.12 -1.53 11.72
CA HIC F 72 -59.12 -1.98 12.69
C HIC F 72 -60.55 -1.73 12.19
O HIC F 72 -61.43 -1.34 12.96
CB HIC F 72 -58.92 -1.27 14.03
CG HIC F 72 -57.63 -1.61 14.69
ND1 HIC F 72 -57.36 -2.87 15.16
CD2 HIC F 72 -56.56 -0.80 14.94
CE1 HIC F 72 -56.16 -2.81 15.66
NE2 HIC F 72 -55.62 -1.58 15.56
CZ HIC F 72 -54.32 -1.16 16.01
N GLY F 73 -60.77 -1.96 10.90
CA GLY F 73 -62.07 -1.79 10.30
C GLY F 73 -62.46 -0.33 10.09
N ILE F 74 -61.48 0.56 10.24
CA ILE F 74 -61.69 2.00 10.08
C ILE F 74 -60.79 2.47 8.94
N VAL F 75 -61.38 3.20 7.99
CA VAL F 75 -60.62 3.71 6.85
C VAL F 75 -59.84 4.93 7.32
N THR F 76 -58.51 4.78 7.40
CA THR F 76 -57.67 5.87 7.89
C THR F 76 -57.48 6.96 6.85
N ASN F 77 -57.45 6.61 5.57
CA ASN F 77 -57.30 7.59 4.51
C ASN F 77 -58.15 7.16 3.33
N TRP F 78 -59.09 8.01 2.92
CA TRP F 78 -60.01 7.66 1.85
C TRP F 78 -59.40 7.80 0.47
N ASP F 79 -58.31 8.55 0.33
CA ASP F 79 -57.64 8.65 -0.97
C ASP F 79 -57.07 7.30 -1.40
N ASP F 80 -56.44 6.58 -0.49
CA ASP F 80 -55.95 5.25 -0.80
C ASP F 80 -57.08 4.23 -0.87
N MET F 81 -58.18 4.48 -0.16
CA MET F 81 -59.33 3.60 -0.24
C MET F 81 -59.92 3.59 -1.64
N GLU F 82 -60.00 4.76 -2.27
CA GLU F 82 -60.48 4.83 -3.65
C GLU F 82 -59.50 4.17 -4.61
N LYS F 83 -58.21 4.16 -4.28
CA LYS F 83 -57.24 3.46 -5.11
C LYS F 83 -57.49 1.96 -5.11
N ILE F 84 -57.87 1.41 -3.95
CA ILE F 84 -58.19 -0.01 -3.87
C ILE F 84 -59.39 -0.34 -4.77
N TRP F 85 -60.43 0.49 -4.71
CA TRP F 85 -61.61 0.25 -5.52
C TRP F 85 -61.31 0.44 -7.01
N HIS F 86 -60.53 1.48 -7.35
CA HIS F 86 -60.14 1.68 -8.74
C HIS F 86 -59.29 0.52 -9.25
N HIS F 87 -58.36 0.04 -8.43
CA HIS F 87 -57.57 -1.13 -8.80
C HIS F 87 -58.44 -2.36 -8.96
N THR F 88 -59.51 -2.47 -8.18
CA THR F 88 -60.40 -3.62 -8.27
C THR F 88 -61.15 -3.64 -9.60
N PHE F 89 -61.77 -2.52 -9.97
CA PHE F 89 -62.66 -2.51 -11.12
C PHE F 89 -61.87 -2.56 -12.42
N TYR F 90 -60.80 -1.77 -12.54
CA TYR F 90 -60.13 -1.60 -13.82
C TYR F 90 -58.94 -2.54 -14.00
N ASN F 91 -58.16 -2.77 -12.95
CA ASN F 91 -56.96 -3.58 -13.08
C ASN F 91 -57.21 -5.05 -12.77
N GLU F 92 -57.95 -5.35 -11.70
CA GLU F 92 -58.18 -6.73 -11.31
C GLU F 92 -59.33 -7.35 -12.10
N LEU F 93 -60.53 -6.78 -11.96
CA LEU F 93 -61.70 -7.31 -12.66
C LEU F 93 -61.69 -6.95 -14.15
N ARG F 94 -61.05 -5.83 -14.50
CA ARG F 94 -61.01 -5.34 -15.89
C ARG F 94 -62.41 -5.14 -16.45
N VAL F 95 -63.27 -4.49 -15.66
CA VAL F 95 -64.65 -4.21 -16.03
C VAL F 95 -64.92 -2.73 -15.81
N ALA F 96 -66.00 -2.26 -16.44
CA ALA F 96 -66.43 -0.88 -16.27
C ALA F 96 -67.42 -0.80 -15.10
N PRO F 97 -67.12 -0.03 -14.06
CA PRO F 97 -68.03 0.03 -12.91
C PRO F 97 -69.40 0.62 -13.23
N GLU F 98 -69.52 1.37 -14.33
CA GLU F 98 -70.78 2.00 -14.68
C GLU F 98 -71.74 1.07 -15.41
N GLU F 99 -71.33 -0.17 -15.71
CA GLU F 99 -72.16 -1.11 -16.44
C GLU F 99 -72.63 -2.28 -15.59
N HIS F 100 -72.11 -2.44 -14.38
CA HIS F 100 -72.46 -3.56 -13.52
C HIS F 100 -72.91 -3.04 -12.16
N PRO F 101 -74.05 -3.48 -11.64
CA PRO F 101 -74.38 -3.17 -10.24
C PRO F 101 -73.38 -3.83 -9.30
N VAL F 102 -73.09 -3.15 -8.20
CA VAL F 102 -72.06 -3.57 -7.26
C VAL F 102 -72.72 -3.87 -5.91
N LEU F 103 -72.48 -5.07 -5.39
CA LEU F 103 -72.92 -5.45 -4.05
C LEU F 103 -71.73 -5.32 -3.11
N LEU F 104 -71.88 -4.49 -2.08
CA LEU F 104 -70.81 -4.21 -1.14
C LEU F 104 -71.11 -4.84 0.21
N THR F 105 -70.06 -5.00 1.01
CA THR F 105 -70.16 -5.59 2.33
C THR F 105 -69.70 -4.59 3.37
N GLU F 106 -70.37 -4.62 4.54
CA GLU F 106 -70.05 -3.73 5.63
C GLU F 106 -69.89 -4.53 6.92
N ALA F 107 -69.04 -4.03 7.80
CA ALA F 107 -68.84 -4.65 9.09
C ALA F 107 -70.08 -4.49 9.95
N PRO F 108 -70.32 -5.41 10.89
CA PRO F 108 -71.47 -5.26 11.79
C PRO F 108 -71.36 -4.00 12.62
N LEU F 109 -72.51 -3.39 12.89
CA LEU F 109 -72.58 -2.10 13.60
C LEU F 109 -71.75 -1.04 12.88
N ASN F 110 -71.82 -1.03 11.56
CA ASN F 110 -71.06 -0.07 10.77
C ASN F 110 -71.60 1.35 11.01
N PRO F 111 -70.74 2.33 11.25
CA PRO F 111 -71.23 3.70 11.39
C PRO F 111 -71.91 4.18 10.12
N LYS F 112 -72.96 4.98 10.28
CA LYS F 112 -73.68 5.50 9.12
C LYS F 112 -72.81 6.44 8.30
N ALA F 113 -71.89 7.15 8.94
CA ALA F 113 -70.96 8.02 8.20
C ALA F 113 -70.06 7.21 7.29
N ASN F 114 -69.59 6.05 7.76
CA ASN F 114 -68.76 5.19 6.93
C ASN F 114 -69.53 4.66 5.74
N ARG F 115 -70.79 4.26 5.95
CA ARG F 115 -71.61 3.77 4.85
C ARG F 115 -71.95 4.88 3.86
N GLU F 116 -72.13 6.11 4.35
CA GLU F 116 -72.44 7.22 3.45
C GLU F 116 -71.32 7.49 2.46
N LYS F 117 -70.07 7.49 2.93
CA LYS F 117 -68.94 7.72 2.05
C LYS F 117 -68.80 6.59 1.03
N MET F 118 -68.97 5.34 1.47
CA MET F 118 -68.89 4.22 0.54
C MET F 118 -69.97 4.31 -0.53
N THR F 119 -71.19 4.67 -0.13
CA THR F 119 -72.25 4.85 -1.12
C THR F 119 -71.98 6.03 -2.04
N GLN F 120 -71.46 7.12 -1.48
CA GLN F 120 -71.18 8.32 -2.28
C GLN F 120 -70.10 8.05 -3.32
N ILE F 121 -69.05 7.32 -2.93
CA ILE F 121 -67.96 7.05 -3.86
C ILE F 121 -68.43 6.19 -5.02
N MET F 122 -69.22 5.15 -4.73
CA MET F 122 -69.68 4.26 -5.79
C MET F 122 -70.56 4.98 -6.80
N PHE F 123 -71.45 5.85 -6.32
CA PHE F 123 -72.41 6.51 -7.19
C PHE F 123 -71.83 7.73 -7.90
N GLU F 124 -70.92 8.47 -7.26
CA GLU F 124 -70.40 9.70 -7.81
C GLU F 124 -69.05 9.54 -8.51
N THR F 125 -68.16 8.71 -7.96
CA THR F 125 -66.84 8.52 -8.56
C THR F 125 -66.86 7.44 -9.63
N PHE F 126 -67.46 6.28 -9.33
CA PHE F 126 -67.51 5.17 -10.27
C PHE F 126 -68.80 5.12 -11.06
N ASN F 127 -69.83 5.87 -10.66
CA ASN F 127 -71.08 5.96 -11.42
C ASN F 127 -71.72 4.60 -11.65
N THR F 128 -71.76 3.77 -10.60
CA THR F 128 -72.37 2.47 -10.71
C THR F 128 -73.87 2.62 -10.93
N PRO F 129 -74.49 1.75 -11.75
CA PRO F 129 -75.94 1.86 -11.99
C PRO F 129 -76.76 1.57 -10.75
N ALA F 130 -76.44 0.49 -10.05
CA ALA F 130 -77.13 0.10 -8.83
C ALA F 130 -76.11 -0.30 -7.78
N MET F 131 -76.52 -0.20 -6.51
CA MET F 131 -75.63 -0.51 -5.41
C MET F 131 -76.44 -0.98 -4.21
N TYR F 132 -75.83 -1.86 -3.42
CA TYR F 132 -76.43 -2.32 -2.17
C TYR F 132 -75.32 -2.72 -1.22
N VAL F 133 -75.58 -2.52 0.07
CA VAL F 133 -74.62 -2.82 1.13
C VAL F 133 -75.22 -3.87 2.04
N ALA F 134 -74.48 -4.96 2.28
CA ALA F 134 -74.94 -6.07 3.09
C ALA F 134 -73.98 -6.30 4.25
N ILE F 135 -74.51 -6.88 5.32
CA ILE F 135 -73.72 -7.17 6.51
C ILE F 135 -72.87 -8.42 6.26
N GLN F 136 -71.59 -8.35 6.60
CA GLN F 136 -70.69 -9.47 6.35
C GLN F 136 -71.10 -10.71 7.12
N ALA F 137 -71.54 -10.54 8.38
CA ALA F 137 -71.95 -11.68 9.18
C ALA F 137 -73.17 -12.37 8.60
N VAL F 138 -74.13 -11.58 8.10
CA VAL F 138 -75.32 -12.17 7.49
C VAL F 138 -74.95 -12.95 6.23
N LEU F 139 -74.06 -12.39 5.42
CA LEU F 139 -73.62 -13.09 4.21
C LEU F 139 -72.90 -14.40 4.55
N SER F 140 -72.10 -14.39 5.61
CA SER F 140 -71.42 -15.62 6.03
C SER F 140 -72.41 -16.69 6.44
N LEU F 141 -73.59 -16.29 6.95
CA LEU F 141 -74.63 -17.26 7.26
C LEU F 141 -75.29 -17.78 5.98
N TYR F 142 -75.36 -16.96 4.94
CA TYR F 142 -75.92 -17.41 3.67
C TYR F 142 -75.07 -18.51 3.05
N ALA F 143 -73.74 -18.39 3.16
CA ALA F 143 -72.84 -19.38 2.56
C ALA F 143 -73.03 -20.75 3.19
N SER F 144 -73.29 -20.79 4.49
CA SER F 144 -73.49 -22.05 5.20
C SER F 144 -74.92 -22.57 5.09
N GLY F 145 -75.81 -21.84 4.42
CA GLY F 145 -77.18 -22.28 4.26
C GLY F 145 -77.97 -22.34 5.55
N ARG F 146 -77.83 -21.33 6.41
CA ARG F 146 -78.53 -21.28 7.67
C ARG F 146 -79.16 -19.91 7.87
N THR F 147 -80.23 -19.88 8.65
CA THR F 147 -80.86 -18.63 9.07
C THR F 147 -80.75 -18.39 10.57
N THR F 148 -80.23 -19.34 11.33
CA THR F 148 -80.06 -19.22 12.77
C THR F 148 -78.64 -19.60 13.14
N GLY F 149 -77.97 -18.76 13.91
CA GLY F 149 -76.62 -19.05 14.35
C GLY F 149 -75.88 -17.77 14.68
N ILE F 150 -74.73 -17.95 15.33
CA ILE F 150 -73.85 -16.85 15.71
C ILE F 150 -72.56 -16.97 14.91
N VAL F 151 -72.20 -15.91 14.22
CA VAL F 151 -71.02 -15.87 13.37
C VAL F 151 -69.93 -15.09 14.09
N MET F 152 -68.77 -15.72 14.31
CA MET F 152 -67.62 -15.06 14.90
C MET F 152 -66.67 -14.77 13.74
N ASP F 153 -66.80 -13.58 13.16
CA ASP F 153 -66.03 -13.19 11.98
C ASP F 153 -64.74 -12.52 12.44
N SER F 154 -63.63 -13.25 12.33
CA SER F 154 -62.31 -12.73 12.70
C SER F 154 -61.49 -12.60 11.43
N GLY F 155 -61.13 -11.37 11.09
CA GLY F 155 -60.36 -11.11 9.89
C GLY F 155 -59.00 -10.51 10.16
N ASP F 156 -58.70 -9.41 9.48
CA ASP F 156 -57.40 -8.75 9.63
C ASP F 156 -57.44 -7.53 10.55
N GLY F 157 -58.61 -6.90 10.70
CA GLY F 157 -58.68 -5.69 11.50
C GLY F 157 -59.42 -5.82 12.81
N VAL F 158 -60.48 -6.62 12.85
CA VAL F 158 -61.36 -6.67 14.01
C VAL F 158 -62.12 -8.00 14.00
N THR F 159 -62.45 -8.47 15.20
CA THR F 159 -63.23 -9.69 15.38
C THR F 159 -64.62 -9.32 15.89
N HIS F 160 -65.65 -9.87 15.25
CA HIS F 160 -67.04 -9.59 15.59
C HIS F 160 -67.79 -10.89 15.85
N THR F 161 -68.73 -10.83 16.79
CA THR F 161 -69.61 -11.95 17.11
C THR F 161 -71.04 -11.48 16.93
N VAL F 162 -71.73 -12.02 15.92
CA VAL F 162 -73.07 -11.57 15.56
C VAL F 162 -74.05 -12.73 15.68
N PRO F 163 -74.94 -12.73 16.69
CA PRO F 163 -75.96 -13.78 16.77
C PRO F 163 -77.15 -13.46 15.89
N ILE F 164 -77.60 -14.45 15.13
CA ILE F 164 -78.76 -14.32 14.25
C ILE F 164 -79.71 -15.47 14.53
N TYR F 165 -80.99 -15.16 14.68
CA TYR F 165 -82.01 -16.16 15.02
C TYR F 165 -83.17 -16.03 14.06
N GLU F 166 -83.39 -17.06 13.24
CA GLU F 166 -84.51 -17.11 12.30
C GLU F 166 -84.52 -15.91 11.38
N GLY F 167 -83.33 -15.47 10.95
CA GLY F 167 -83.21 -14.33 10.09
C GLY F 167 -83.31 -12.99 10.78
N TYR F 168 -83.46 -12.97 12.10
CA TYR F 168 -83.54 -11.73 12.87
C TYR F 168 -82.21 -11.48 13.54
N ALA F 169 -81.63 -10.30 13.30
CA ALA F 169 -80.37 -9.92 13.93
C ALA F 169 -80.63 -9.25 15.26
N LEU F 170 -79.73 -9.49 16.22
CA LEU F 170 -79.81 -8.92 17.55
C LEU F 170 -78.64 -7.96 17.73
N PRO F 171 -78.80 -6.68 17.37
CA PRO F 171 -77.67 -5.74 17.49
C PRO F 171 -77.18 -5.55 18.91
N HIS F 172 -78.06 -5.65 19.91
CA HIS F 172 -77.64 -5.43 21.29
C HIS F 172 -76.69 -6.51 21.79
N ALA F 173 -76.72 -7.70 21.18
CA ALA F 173 -75.86 -8.81 21.59
C ALA F 173 -74.60 -8.91 20.74
N ILE F 174 -74.39 -7.99 19.80
CA ILE F 174 -73.20 -8.01 18.96
C ILE F 174 -72.02 -7.47 19.78
N LEU F 175 -70.95 -8.25 19.85
CA LEU F 175 -69.76 -7.88 20.59
C LEU F 175 -68.59 -7.70 19.64
N ARG F 176 -67.69 -6.79 19.99
CA ARG F 176 -66.55 -6.43 19.16
C ARG F 176 -65.26 -6.68 19.93
N LEU F 177 -64.27 -7.26 19.25
CA LEU F 177 -62.96 -7.50 19.83
C LEU F 177 -61.91 -6.90 18.90
N ASP F 178 -61.11 -5.98 19.43
CA ASP F 178 -60.06 -5.31 18.66
C ASP F 178 -58.80 -6.17 18.62
N LEU F 179 -58.95 -7.37 18.06
CA LEU F 179 -57.87 -8.34 17.96
C LEU F 179 -58.13 -9.22 16.75
N ALA F 180 -57.24 -9.17 15.77
CA ALA F 180 -57.44 -9.88 14.51
C ALA F 180 -56.07 -10.28 13.95
N GLY F 181 -56.04 -10.61 12.67
CA GLY F 181 -54.82 -11.15 12.07
C GLY F 181 -53.65 -10.19 12.13
N ARG F 182 -53.89 -8.90 11.90
CA ARG F 182 -52.80 -7.93 11.90
C ARG F 182 -52.17 -7.81 13.29
N ASP F 183 -52.98 -7.87 14.34
CA ASP F 183 -52.44 -7.88 15.69
C ASP F 183 -51.61 -9.13 15.94
N LEU F 184 -52.06 -10.27 15.43
CA LEU F 184 -51.29 -11.50 15.56
C LEU F 184 -50.00 -11.44 14.75
N THR F 185 -50.05 -10.80 13.57
CA THR F 185 -48.84 -10.64 12.77
C THR F 185 -47.80 -9.78 13.51
N ASP F 186 -48.25 -8.70 14.15
CA ASP F 186 -47.34 -7.87 14.92
C ASP F 186 -46.78 -8.63 16.13
N TYR F 187 -47.62 -9.46 16.76
CA TYR F 187 -47.15 -10.25 17.89
C TYR F 187 -46.11 -11.27 17.48
N LEU F 188 -46.26 -11.84 16.28
CA LEU F 188 -45.27 -12.81 15.81
C LEU F 188 -43.91 -12.16 15.60
N MET F 189 -43.89 -10.92 15.09
CA MET F 189 -42.64 -10.20 14.93
C MET F 189 -41.98 -9.94 16.28
N LYS F 190 -42.78 -9.60 17.29
CA LYS F 190 -42.23 -9.32 18.61
C LYS F 190 -41.59 -10.56 19.22
N ILE F 191 -42.25 -11.72 19.11
CA ILE F 191 -41.71 -12.95 19.69
C ILE F 191 -40.65 -13.60 18.81
N LEU F 192 -40.55 -13.20 17.54
CA LEU F 192 -39.50 -13.71 16.68
C LEU F 192 -38.15 -13.09 17.02
N THR F 193 -38.14 -11.88 17.57
CA THR F 193 -36.89 -11.25 17.97
C THR F 193 -36.23 -12.00 19.13
N GLU F 194 -37.03 -12.69 19.95
CA GLU F 194 -36.48 -13.52 21.01
C GLU F 194 -35.69 -14.69 20.46
N ARG F 195 -35.95 -15.10 19.22
CA ARG F 195 -35.21 -16.18 18.57
C ARG F 195 -34.02 -15.67 17.76
N GLY F 196 -33.83 -14.36 17.68
CA GLY F 196 -32.72 -13.79 16.95
C GLY F 196 -33.05 -13.27 15.57
N TYR F 197 -34.31 -13.28 15.15
CA TYR F 197 -34.74 -12.81 13.85
C TYR F 197 -35.41 -11.45 14.00
N SER F 198 -34.92 -10.46 13.26
CA SER F 198 -35.39 -9.08 13.37
C SER F 198 -36.15 -8.71 12.11
N PHE F 199 -37.46 -8.48 12.24
CA PHE F 199 -38.29 -7.97 11.17
C PHE F 199 -38.92 -6.66 11.64
N THR F 200 -38.53 -5.57 11.01
CA THR F 200 -38.96 -4.24 11.45
C THR F 200 -39.70 -3.45 10.39
N THR F 201 -39.24 -3.48 9.13
CA THR F 201 -39.85 -2.68 8.09
C THR F 201 -41.22 -3.23 7.70
N THR F 202 -42.00 -2.40 7.01
CA THR F 202 -43.31 -2.82 6.55
C THR F 202 -43.22 -3.95 5.53
N ALA F 203 -42.15 -3.97 4.74
CA ALA F 203 -41.96 -5.07 3.79
C ALA F 203 -41.77 -6.40 4.52
N GLU F 204 -41.02 -6.39 5.62
CA GLU F 204 -40.81 -7.60 6.40
C GLU F 204 -42.06 -7.99 7.18
N ARG F 205 -43.00 -7.06 7.38
CA ARG F 205 -44.26 -7.42 8.02
C ARG F 205 -45.06 -8.39 7.16
N GLU F 206 -45.04 -8.18 5.84
CA GLU F 206 -45.72 -9.11 4.93
C GLU F 206 -45.01 -10.47 4.92
N ILE F 207 -43.70 -10.49 5.15
CA ILE F 207 -42.99 -11.76 5.24
C ILE F 207 -43.41 -12.53 6.48
N VAL F 208 -43.52 -11.83 7.62
CA VAL F 208 -43.94 -12.49 8.85
C VAL F 208 -45.39 -12.95 8.73
N ARG F 209 -46.22 -12.19 8.03
CA ARG F 209 -47.60 -12.62 7.79
C ARG F 209 -47.65 -13.92 7.00
N ASP F 210 -46.73 -14.07 6.04
CA ASP F 210 -46.66 -15.33 5.29
C ASP F 210 -46.23 -16.49 6.19
N ILE F 211 -45.31 -16.23 7.13
CA ILE F 211 -44.93 -17.26 8.10
C ILE F 211 -46.12 -17.66 8.96
N LYS F 212 -46.89 -16.67 9.40
CA LYS F 212 -48.04 -16.95 10.26
C LYS F 212 -49.10 -17.76 9.53
N GLU F 213 -49.35 -17.45 8.27
CA GLU F 213 -50.36 -18.16 7.49
C GLU F 213 -49.94 -19.58 7.14
N LYS F 214 -48.67 -19.93 7.28
CA LYS F 214 -48.18 -21.23 6.83
C LYS F 214 -47.75 -22.16 7.95
N LEU F 215 -47.19 -21.63 9.04
CA LEU F 215 -46.62 -22.46 10.09
C LEU F 215 -47.35 -22.35 11.43
N CYS F 216 -48.26 -21.41 11.60
CA CYS F 216 -48.94 -21.21 12.87
C CYS F 216 -50.17 -22.09 12.97
N TYR F 217 -50.47 -22.52 14.20
CA TYR F 217 -51.63 -23.35 14.48
C TYR F 217 -52.06 -23.11 15.93
N VAL F 218 -53.25 -23.58 16.26
CA VAL F 218 -53.82 -23.42 17.60
C VAL F 218 -53.68 -24.75 18.33
N ALA F 219 -53.05 -24.71 19.51
CA ALA F 219 -52.87 -25.91 20.31
C ALA F 219 -54.09 -26.17 21.17
N LEU F 220 -54.50 -27.45 21.23
CA LEU F 220 -55.63 -27.81 22.07
C LEU F 220 -55.33 -27.56 23.55
N ASP F 221 -54.13 -27.91 24.00
CA ASP F 221 -53.68 -27.64 25.35
C ASP F 221 -52.41 -26.82 25.25
N PHE F 222 -52.48 -25.53 25.61
CA PHE F 222 -51.35 -24.64 25.42
C PHE F 222 -50.19 -25.02 26.34
N GLU F 223 -50.47 -25.27 27.62
CA GLU F 223 -49.41 -25.58 28.56
C GLU F 223 -48.77 -26.93 28.24
N GLN F 224 -49.59 -27.92 27.84
CA GLN F 224 -49.03 -29.20 27.42
C GLN F 224 -48.17 -29.06 26.17
N GLU F 225 -48.61 -28.23 25.22
CA GLU F 225 -47.82 -28.01 24.01
C GLU F 225 -46.51 -27.31 24.33
N MET F 226 -46.52 -26.35 25.27
CA MET F 226 -45.28 -25.69 25.66
C MET F 226 -44.30 -26.67 26.29
N ALA F 227 -44.81 -27.60 27.10
CA ALA F 227 -43.94 -28.62 27.68
C ALA F 227 -43.36 -29.53 26.61
N THR F 228 -44.19 -29.90 25.61
CA THR F 228 -43.68 -30.74 24.53
C THR F 228 -42.61 -30.02 23.72
N ALA F 229 -42.81 -28.74 23.45
CA ALA F 229 -41.84 -27.97 22.68
C ALA F 229 -40.55 -27.72 23.45
N ALA F 230 -40.60 -27.80 24.78
CA ALA F 230 -39.42 -27.56 25.61
C ALA F 230 -38.59 -28.83 25.85
N SER F 231 -39.08 -29.99 25.43
CA SER F 231 -38.36 -31.25 25.62
C SER F 231 -38.23 -32.05 24.33
N SER F 232 -38.58 -31.48 23.18
CA SER F 232 -38.50 -32.20 21.92
C SER F 232 -38.36 -31.19 20.79
N SER F 233 -37.91 -31.69 19.63
CA SER F 233 -37.75 -30.87 18.43
C SER F 233 -38.76 -31.23 17.35
N SER F 234 -39.81 -31.97 17.71
CA SER F 234 -40.80 -32.40 16.73
C SER F 234 -41.68 -31.27 16.25
N LEU F 235 -41.80 -30.18 17.01
CA LEU F 235 -42.66 -29.06 16.66
C LEU F 235 -41.93 -27.99 15.85
N GLU F 236 -40.63 -28.17 15.59
CA GLU F 236 -39.88 -27.18 14.84
C GLU F 236 -40.24 -27.24 13.36
N LYS F 237 -40.25 -26.07 12.72
CA LYS F 237 -40.48 -25.97 11.29
C LYS F 237 -39.54 -24.91 10.72
N SER F 238 -39.24 -25.06 9.43
CA SER F 238 -38.31 -24.18 8.74
C SER F 238 -39.04 -23.34 7.69
N TYR F 239 -38.66 -22.08 7.58
CA TYR F 239 -39.22 -21.17 6.59
C TYR F 239 -38.09 -20.48 5.85
N GLU F 240 -38.23 -20.38 4.53
CA GLU F 240 -37.20 -19.81 3.67
C GLU F 240 -37.57 -18.36 3.35
N LEU F 241 -36.67 -17.44 3.69
CA LEU F 241 -36.90 -16.03 3.41
C LEU F 241 -36.72 -15.75 1.91
N PRO F 242 -37.24 -14.61 1.44
CA PRO F 242 -37.10 -14.30 0.01
C PRO F 242 -35.65 -14.23 -0.48
N ASP F 243 -34.71 -13.91 0.40
CA ASP F 243 -33.30 -13.84 0.04
C ASP F 243 -32.58 -15.17 0.22
N GLY F 244 -33.31 -16.26 0.44
CA GLY F 244 -32.72 -17.58 0.54
C GLY F 244 -32.38 -18.02 1.94
N GLN F 245 -32.36 -17.12 2.91
CA GLN F 245 -32.06 -17.50 4.28
C GLN F 245 -33.22 -18.31 4.87
N VAL F 246 -32.88 -19.30 5.69
CA VAL F 246 -33.85 -20.19 6.29
C VAL F 246 -33.89 -19.93 7.79
N ILE F 247 -35.08 -19.71 8.33
CA ILE F 247 -35.29 -19.50 9.75
C ILE F 247 -36.08 -20.68 10.30
N THR F 248 -35.92 -20.93 11.59
CA THR F 248 -36.60 -22.03 12.28
C THR F 248 -37.35 -21.48 13.47
N ILE F 249 -38.63 -21.87 13.60
CA ILE F 249 -39.48 -21.43 14.69
C ILE F 249 -40.01 -22.66 15.42
N GLY F 250 -40.08 -22.56 16.75
CA GLY F 250 -40.54 -23.66 17.57
C GLY F 250 -41.89 -23.42 18.20
N ASN F 251 -41.88 -23.03 19.48
CA ASN F 251 -43.14 -22.77 20.18
C ASN F 251 -43.86 -21.54 19.67
N GLU F 252 -43.21 -20.70 18.85
CA GLU F 252 -43.89 -19.53 18.29
C GLU F 252 -45.01 -19.91 17.32
N ARG F 253 -45.04 -21.17 16.87
CA ARG F 253 -46.09 -21.59 15.96
C ARG F 253 -47.46 -21.53 16.62
N PHE F 254 -47.56 -21.96 17.88
CA PHE F 254 -48.82 -21.94 18.60
C PHE F 254 -48.91 -20.83 19.65
N ARG F 255 -47.82 -20.11 19.91
CA ARG F 255 -47.89 -18.99 20.84
C ARG F 255 -48.59 -17.78 20.22
N CYS F 256 -48.32 -17.51 18.94
CA CYS F 256 -48.96 -16.38 18.28
C CYS F 256 -50.48 -16.53 18.20
N PRO F 257 -51.05 -17.64 17.74
CA PRO F 257 -52.52 -17.76 17.75
C PRO F 257 -53.12 -17.84 19.14
N GLU F 258 -52.32 -18.15 20.17
CA GLU F 258 -52.84 -18.22 21.52
C GLU F 258 -53.32 -16.86 22.02
N ALA F 259 -52.82 -15.77 21.45
CA ALA F 259 -53.28 -14.44 21.85
C ALA F 259 -54.77 -14.24 21.57
N LEU F 260 -55.33 -15.00 20.62
CA LEU F 260 -56.77 -14.92 20.37
C LEU F 260 -57.56 -15.39 21.59
N PHE F 261 -57.12 -16.46 22.24
CA PHE F 261 -57.79 -16.98 23.43
C PHE F 261 -57.26 -16.37 24.72
N GLN F 262 -56.06 -15.80 24.70
CA GLN F 262 -55.48 -15.12 25.85
C GLN F 262 -55.00 -13.74 25.41
N PRO F 263 -55.91 -12.77 25.33
CA PRO F 263 -55.51 -11.42 24.89
C PRO F 263 -54.52 -10.75 25.83
N SER F 264 -54.34 -11.25 27.05
CA SER F 264 -53.36 -10.67 27.97
C SER F 264 -51.94 -10.80 27.44
N PHE F 265 -51.70 -11.68 26.46
CA PHE F 265 -50.38 -11.75 25.84
C PHE F 265 -50.02 -10.46 25.13
N LEU F 266 -51.02 -9.70 24.67
CA LEU F 266 -50.81 -8.42 24.02
C LEU F 266 -51.02 -7.25 24.97
N GLY F 267 -51.19 -7.51 26.25
CA GLY F 267 -51.49 -6.44 27.20
C GLY F 267 -52.91 -5.96 27.17
N MET F 268 -53.82 -6.73 26.57
CA MET F 268 -55.22 -6.33 26.45
C MET F 268 -56.02 -6.82 27.65
N GLU F 269 -56.96 -6.00 28.10
CA GLU F 269 -57.84 -6.35 29.21
C GLU F 269 -59.05 -7.16 28.77
N SER F 270 -59.30 -7.26 27.47
CA SER F 270 -60.48 -7.94 26.96
C SER F 270 -60.34 -9.45 27.09
N ALA F 271 -61.46 -10.14 26.87
CA ALA F 271 -61.50 -11.60 26.95
C ALA F 271 -61.22 -12.23 25.59
N GLY F 272 -60.99 -13.54 25.60
CA GLY F 272 -60.68 -14.25 24.38
C GLY F 272 -61.88 -14.39 23.47
N ILE F 273 -61.60 -14.91 22.26
CA ILE F 273 -62.67 -15.11 21.29
C ILE F 273 -63.67 -16.15 21.77
N HIS F 274 -63.23 -17.10 22.59
CA HIS F 274 -64.16 -18.10 23.13
C HIS F 274 -65.11 -17.47 24.14
N GLU F 275 -64.61 -16.56 24.97
CA GLU F 275 -65.47 -15.88 25.93
C GLU F 275 -66.32 -14.81 25.27
N THR F 276 -65.78 -14.13 24.25
CA THR F 276 -66.57 -13.14 23.53
C THR F 276 -67.77 -13.78 22.84
N THR F 277 -67.55 -14.96 22.24
CA THR F 277 -68.67 -15.69 21.64
C THR F 277 -69.67 -16.12 22.69
N PHE F 278 -69.19 -16.61 23.83
CA PHE F 278 -70.09 -17.03 24.90
C PHE F 278 -70.86 -15.83 25.48
N ASN F 279 -70.17 -14.70 25.67
CA ASN F 279 -70.83 -13.53 26.21
C ASN F 279 -71.89 -12.99 25.26
N SER F 280 -71.62 -13.05 23.95
CA SER F 280 -72.62 -12.61 22.98
C SER F 280 -73.86 -13.48 23.02
N ILE F 281 -73.68 -14.80 23.19
CA ILE F 281 -74.83 -15.69 23.31
C ILE F 281 -75.61 -15.38 24.58
N MET F 282 -74.90 -15.14 25.69
CA MET F 282 -75.57 -14.86 26.96
C MET F 282 -76.35 -13.55 26.94
N LYS F 283 -76.03 -12.64 26.02
CA LYS F 283 -76.77 -11.40 25.90
C LYS F 283 -78.09 -11.57 25.16
N CYS F 284 -78.31 -12.72 24.53
CA CYS F 284 -79.54 -12.98 23.80
C CYS F 284 -80.62 -13.50 24.75
N ASP F 285 -81.81 -13.73 24.20
CA ASP F 285 -82.89 -14.30 24.98
C ASP F 285 -82.59 -15.75 25.34
N VAL F 286 -83.11 -16.18 26.48
CA VAL F 286 -82.81 -17.52 26.98
C VAL F 286 -83.38 -18.59 26.06
N ASP F 287 -84.46 -18.28 25.34
CA ASP F 287 -85.10 -19.26 24.48
C ASP F 287 -84.36 -19.52 23.17
N ILE F 288 -83.38 -18.69 22.84
CA ILE F 288 -82.64 -18.82 21.58
C ILE F 288 -81.19 -19.20 21.79
N ARG F 289 -80.73 -19.30 23.03
CA ARG F 289 -79.33 -19.65 23.27
C ARG F 289 -79.03 -21.08 22.87
N LYS F 290 -80.00 -21.98 22.98
CA LYS F 290 -79.76 -23.38 22.64
C LYS F 290 -79.40 -23.54 21.15
N ASP F 291 -80.10 -22.81 20.28
CA ASP F 291 -79.81 -22.90 18.86
C ASP F 291 -78.49 -22.23 18.51
N LEU F 292 -78.12 -21.17 19.23
CA LEU F 292 -76.86 -20.50 18.95
C LEU F 292 -75.66 -21.34 19.36
N TYR F 293 -75.81 -22.16 20.41
CA TYR F 293 -74.72 -23.02 20.85
C TYR F 293 -74.35 -24.04 19.78
N ALA F 294 -75.36 -24.60 19.10
CA ALA F 294 -75.14 -25.64 18.11
C ALA F 294 -74.93 -25.09 16.70
N ASN F 295 -74.91 -23.77 16.54
CA ASN F 295 -74.76 -23.14 15.23
C ASN F 295 -73.72 -22.02 15.28
N THR F 296 -72.57 -22.31 15.89
CA THR F 296 -71.47 -21.35 15.94
C THR F 296 -70.68 -21.46 14.64
N VAL F 297 -70.74 -20.42 13.82
CA VAL F 297 -70.14 -20.41 12.49
C VAL F 297 -68.87 -19.57 12.54
N LEU F 298 -67.77 -20.12 12.03
CA LEU F 298 -66.51 -19.41 11.95
C LEU F 298 -66.35 -18.79 10.56
N SER F 299 -65.86 -17.54 10.54
CA SER F 299 -65.66 -16.84 9.28
C SER F 299 -64.42 -15.97 9.38
N GLY F 300 -63.81 -15.71 8.23
CA GLY F 300 -62.62 -14.89 8.15
C GLY F 300 -61.36 -15.72 8.04
N GLY F 301 -60.28 -15.03 7.63
CA GLY F 301 -59.01 -15.71 7.47
C GLY F 301 -58.32 -16.06 8.77
N THR F 302 -58.59 -15.30 9.83
CA THR F 302 -57.98 -15.57 11.13
C THR F 302 -58.52 -16.84 11.77
N THR F 303 -59.60 -17.41 11.26
CA THR F 303 -60.14 -18.67 11.75
C THR F 303 -59.61 -19.88 10.99
N MET F 304 -58.58 -19.69 10.15
CA MET F 304 -58.04 -20.75 9.33
C MET F 304 -56.88 -21.49 9.98
N TYR F 305 -56.55 -21.18 11.23
CA TYR F 305 -55.49 -21.91 11.91
C TYR F 305 -55.91 -23.36 12.12
N PRO F 306 -55.01 -24.32 11.92
CA PRO F 306 -55.34 -25.72 12.20
C PRO F 306 -55.61 -25.93 13.69
N GLY F 307 -56.72 -26.59 13.98
CA GLY F 307 -57.09 -26.89 15.35
C GLY F 307 -57.82 -25.78 16.09
N ILE F 308 -58.14 -24.68 15.43
CA ILE F 308 -58.87 -23.61 16.10
C ILE F 308 -60.31 -24.02 16.38
N ALA F 309 -60.91 -24.83 15.50
CA ALA F 309 -62.29 -25.26 15.71
C ALA F 309 -62.39 -26.19 16.92
N ASP F 310 -61.42 -27.10 17.07
CA ASP F 310 -61.43 -28.00 18.22
C ASP F 310 -61.19 -27.23 19.51
N ARG F 311 -60.26 -26.26 19.49
CA ARG F 311 -60.00 -25.46 20.67
C ARG F 311 -61.21 -24.61 21.04
N MET F 312 -61.88 -24.03 20.05
CA MET F 312 -63.08 -23.24 20.32
C MET F 312 -64.18 -24.10 20.91
N GLN F 313 -64.35 -25.31 20.40
CA GLN F 313 -65.36 -26.21 20.95
C GLN F 313 -65.05 -26.58 22.40
N LYS F 314 -63.78 -26.86 22.69
CA LYS F 314 -63.39 -27.23 24.05
C LYS F 314 -63.59 -26.08 25.02
N GLU F 315 -63.23 -24.86 24.61
CA GLU F 315 -63.34 -23.71 25.51
C GLU F 315 -64.79 -23.32 25.76
N ILE F 316 -65.62 -23.31 24.71
CA ILE F 316 -67.02 -22.94 24.87
C ILE F 316 -67.76 -23.99 25.70
N THR F 317 -67.40 -25.26 25.53
CA THR F 317 -68.06 -26.32 26.29
C THR F 317 -67.83 -26.14 27.78
N ALA F 318 -66.64 -25.71 28.17
CA ALA F 318 -66.34 -25.47 29.58
C ALA F 318 -67.16 -24.32 30.15
N LEU F 319 -67.60 -23.37 29.32
CA LEU F 319 -68.39 -22.24 29.77
C LEU F 319 -69.89 -22.53 29.75
N ALA F 320 -70.36 -23.21 28.70
CA ALA F 320 -71.78 -23.49 28.57
C ALA F 320 -72.22 -24.58 29.54
N PRO F 321 -73.51 -24.65 29.87
CA PRO F 321 -73.99 -25.74 30.71
C PRO F 321 -73.81 -27.10 30.03
N SER F 322 -73.67 -28.13 30.85
CA SER F 322 -73.39 -29.47 30.34
C SER F 322 -74.52 -30.02 29.48
N THR F 323 -75.74 -29.52 29.66
CA THR F 323 -76.87 -30.01 28.87
C THR F 323 -76.94 -29.39 27.48
N MET F 324 -76.09 -28.43 27.17
CA MET F 324 -76.09 -27.79 25.87
C MET F 324 -75.09 -28.47 24.94
N LYS F 325 -75.52 -28.68 23.69
CA LYS F 325 -74.68 -29.31 22.67
C LYS F 325 -73.94 -28.21 21.92
N ILE F 326 -72.62 -28.18 22.03
CA ILE F 326 -71.79 -27.19 21.36
C ILE F 326 -71.32 -27.75 20.03
N LYS F 327 -71.59 -27.01 18.95
CA LYS F 327 -71.19 -27.40 17.60
C LYS F 327 -70.55 -26.20 16.93
N ILE F 328 -69.28 -26.33 16.57
CA ILE F 328 -68.54 -25.28 15.88
C ILE F 328 -68.52 -25.64 14.40
N ILE F 329 -69.08 -24.76 13.57
CA ILE F 329 -69.13 -24.96 12.13
C ILE F 329 -67.98 -24.20 11.51
N ALA F 330 -67.03 -24.92 10.93
CA ALA F 330 -65.84 -24.34 10.31
C ALA F 330 -65.70 -24.92 8.91
N PRO F 331 -66.42 -24.36 7.94
CA PRO F 331 -66.31 -24.86 6.57
C PRO F 331 -64.92 -24.61 6.03
N PRO F 332 -64.43 -25.49 5.15
CA PRO F 332 -63.08 -25.30 4.60
C PRO F 332 -62.92 -24.03 3.78
N GLU F 333 -64.01 -23.46 3.28
CA GLU F 333 -63.98 -22.25 2.47
C GLU F 333 -64.41 -21.01 3.26
N ARG F 334 -64.27 -21.04 4.58
CA ARG F 334 -64.71 -19.93 5.41
C ARG F 334 -63.88 -18.67 5.21
N LYS F 335 -62.72 -18.77 4.55
CA LYS F 335 -61.94 -17.57 4.26
C LYS F 335 -62.68 -16.66 3.28
N TYR F 336 -63.56 -17.21 2.46
CA TYR F 336 -64.33 -16.46 1.48
C TYR F 336 -65.83 -16.60 1.72
N SER F 337 -66.22 -16.86 2.97
CA SER F 337 -67.64 -17.04 3.27
C SER F 337 -68.44 -15.78 3.01
N VAL F 338 -67.88 -14.61 3.34
CA VAL F 338 -68.59 -13.36 3.13
C VAL F 338 -68.85 -13.13 1.65
N TRP F 339 -67.84 -13.36 0.81
CA TRP F 339 -68.03 -13.18 -0.63
C TRP F 339 -68.97 -14.23 -1.21
N ILE F 340 -68.83 -15.48 -0.79
CA ILE F 340 -69.68 -16.54 -1.30
C ILE F 340 -71.14 -16.29 -0.95
N GLY F 341 -71.39 -15.87 0.29
CA GLY F 341 -72.75 -15.50 0.66
C GLY F 341 -73.26 -14.30 -0.13
N GLY F 342 -72.38 -13.34 -0.40
CA GLY F 342 -72.78 -12.21 -1.23
C GLY F 342 -73.08 -12.61 -2.66
N SER F 343 -72.28 -13.53 -3.21
CA SER F 343 -72.56 -14.03 -4.55
C SER F 343 -73.89 -14.78 -4.59
N ILE F 344 -74.19 -15.56 -3.56
CA ILE F 344 -75.47 -16.26 -3.50
C ILE F 344 -76.62 -15.26 -3.40
N LEU F 345 -76.48 -14.27 -2.52
CA LEU F 345 -77.56 -13.30 -2.31
C LEU F 345 -77.84 -12.49 -3.56
N ALA F 346 -76.80 -12.05 -4.26
CA ALA F 346 -76.98 -11.24 -5.45
C ALA F 346 -77.66 -11.99 -6.58
N SER F 347 -77.59 -13.32 -6.58
CA SER F 347 -78.23 -14.13 -7.62
C SER F 347 -79.66 -14.53 -7.29
N LEU F 348 -80.13 -14.25 -6.07
CA LEU F 348 -81.49 -14.58 -5.70
C LEU F 348 -82.49 -13.71 -6.46
N SER F 349 -83.65 -14.30 -6.79
CA SER F 349 -84.70 -13.55 -7.47
C SER F 349 -85.39 -12.56 -6.55
N THR F 350 -85.41 -12.82 -5.24
CA THR F 350 -86.04 -11.93 -4.28
C THR F 350 -85.14 -10.77 -3.87
N PHE F 351 -83.89 -10.75 -4.34
CA PHE F 351 -82.96 -9.68 -4.00
C PHE F 351 -82.99 -8.51 -4.97
N GLN F 352 -83.57 -8.70 -6.16
CA GLN F 352 -83.58 -7.64 -7.16
C GLN F 352 -84.37 -6.42 -6.70
N GLN F 353 -85.24 -6.57 -5.71
CA GLN F 353 -85.97 -5.44 -5.15
C GLN F 353 -85.13 -4.61 -4.18
N MET F 354 -83.98 -5.13 -3.74
CA MET F 354 -83.14 -4.42 -2.79
C MET F 354 -82.12 -3.50 -3.45
N TRP F 355 -82.01 -3.52 -4.77
CA TRP F 355 -81.07 -2.66 -5.46
C TRP F 355 -81.48 -1.20 -5.32
N ILE F 356 -80.48 -0.33 -5.18
CA ILE F 356 -80.68 1.12 -5.11
C ILE F 356 -80.03 1.71 -6.35
N SER F 357 -80.84 2.27 -7.24
CA SER F 357 -80.33 2.81 -8.49
C SER F 357 -79.66 4.16 -8.27
N LYS F 358 -78.82 4.54 -9.24
CA LYS F 358 -78.13 5.82 -9.16
C LYS F 358 -79.09 7.00 -9.27
N GLN F 359 -80.14 6.86 -10.08
CA GLN F 359 -81.12 7.93 -10.23
C GLN F 359 -81.84 8.21 -8.92
N GLU F 360 -82.21 7.15 -8.19
CA GLU F 360 -82.88 7.34 -6.90
C GLU F 360 -81.97 8.03 -5.90
N TYR F 361 -80.69 7.67 -5.88
CA TYR F 361 -79.76 8.28 -4.92
C TYR F 361 -79.58 9.77 -5.18
N ASP F 362 -79.53 10.18 -6.45
CA ASP F 362 -79.34 11.58 -6.78
C ASP F 362 -80.48 12.45 -6.28
N GLU F 363 -81.72 11.97 -6.43
CA GLU F 363 -82.89 12.75 -6.05
C GLU F 363 -83.28 12.58 -4.59
N SER F 364 -82.85 11.50 -3.93
CA SER F 364 -83.22 11.23 -2.55
C SER F 364 -82.07 11.39 -1.57
N GLY F 365 -80.86 10.97 -1.94
CA GLY F 365 -79.72 11.09 -1.06
C GLY F 365 -79.44 9.80 -0.32
N PRO F 366 -78.58 9.87 0.70
CA PRO F 366 -78.23 8.67 1.46
C PRO F 366 -79.32 8.18 2.41
N SER F 367 -80.45 8.90 2.51
CA SER F 367 -81.51 8.46 3.40
C SER F 367 -82.09 7.12 2.97
N ILE F 368 -82.26 6.92 1.67
CA ILE F 368 -82.80 5.66 1.17
C ILE F 368 -81.81 4.51 1.34
N VAL F 369 -80.53 4.80 1.56
CA VAL F 369 -79.56 3.74 1.76
C VAL F 369 -79.58 3.26 3.21
N HIS F 370 -79.82 4.16 4.17
CA HIS F 370 -79.93 3.75 5.56
C HIS F 370 -81.14 2.84 5.77
N ARG F 371 -82.27 3.19 5.16
CA ARG F 371 -83.36 2.25 5.05
C ARG F 371 -83.01 1.19 4.00
N LYS F 372 -83.76 0.08 4.01
CA LYS F 372 -83.54 -1.09 3.16
C LYS F 372 -82.25 -1.81 3.54
N CYS F 373 -81.48 -1.30 4.50
CA CYS F 373 -80.25 -1.92 4.97
C CYS F 373 -80.29 -2.03 6.47
N PHE F 374 -79.43 -2.89 7.02
CA PHE F 374 -79.42 -3.14 8.45
C PHE F 374 -78.06 -2.83 9.06
N ALA G 5 -73.65 10.20 67.95
CA ALA G 5 -73.20 10.45 66.59
C ALA G 5 -73.47 9.27 65.68
N ALA G 6 -74.74 9.08 65.32
CA ALA G 6 -75.13 7.97 64.48
C ALA G 6 -74.60 8.16 63.06
N LEU G 7 -74.21 7.05 62.44
CA LEU G 7 -73.69 7.07 61.07
C LEU G 7 -74.80 6.70 60.09
N VAL G 8 -74.85 7.43 58.97
CA VAL G 8 -75.79 7.16 57.89
C VAL G 8 -74.98 6.74 56.68
N VAL G 9 -75.13 5.48 56.26
CA VAL G 9 -74.41 4.92 55.13
C VAL G 9 -75.42 4.55 54.05
N ASP G 10 -75.25 5.12 52.86
CA ASP G 10 -76.10 4.84 51.70
C ASP G 10 -75.24 4.18 50.65
N ASN G 11 -75.44 2.88 50.45
CA ASN G 11 -74.67 2.11 49.48
C ASN G 11 -75.52 1.81 48.25
N GLY G 12 -74.99 2.14 47.08
CA GLY G 12 -75.62 1.84 45.81
C GLY G 12 -74.72 0.99 44.94
N SER G 13 -75.22 0.70 43.74
CA SER G 13 -74.45 -0.10 42.80
C SER G 13 -73.17 0.60 42.36
N GLY G 14 -73.21 1.92 42.18
CA GLY G 14 -72.07 2.63 41.65
C GLY G 14 -71.33 3.51 42.63
N MET G 15 -72.04 4.18 43.53
CA MET G 15 -71.43 5.17 44.40
C MET G 15 -71.87 4.97 45.83
N CYS G 16 -70.98 5.28 46.77
CA CYS G 16 -71.22 5.11 48.19
C CYS G 16 -71.24 6.47 48.87
N LYS G 17 -72.30 6.75 49.61
CA LYS G 17 -72.45 8.00 50.36
C LYS G 17 -72.50 7.68 51.84
N ALA G 18 -71.63 8.32 52.62
CA ALA G 18 -71.55 8.10 54.06
C ALA G 18 -71.38 9.43 54.77
N GLY G 19 -71.79 9.45 56.02
CA GLY G 19 -71.68 10.66 56.82
C GLY G 19 -72.24 10.47 58.20
N PHE G 20 -72.51 11.59 58.87
CA PHE G 20 -73.03 11.58 60.24
C PHE G 20 -74.46 12.11 60.24
N ALA G 21 -75.27 11.55 61.14
CA ALA G 21 -76.66 11.99 61.25
C ALA G 21 -76.72 13.44 61.70
N GLY G 22 -77.63 14.20 61.09
CA GLY G 22 -77.80 15.61 61.38
C GLY G 22 -77.16 16.53 60.37
N ASP G 23 -76.22 16.03 59.56
CA ASP G 23 -75.59 16.86 58.54
C ASP G 23 -76.51 16.99 57.33
N ASP G 24 -76.25 18.05 56.55
CA ASP G 24 -77.05 18.35 55.38
C ASP G 24 -76.47 17.79 54.09
N ALA G 25 -75.32 17.12 54.15
CA ALA G 25 -74.69 16.57 52.96
C ALA G 25 -73.77 15.44 53.39
N PRO G 26 -73.63 14.38 52.58
CA PRO G 26 -72.73 13.28 52.94
C PRO G 26 -71.28 13.76 52.97
N ARG G 27 -70.56 13.37 54.03
CA ARG G 27 -69.17 13.76 54.16
C ARG G 27 -68.25 12.94 53.26
N ALA G 28 -68.53 11.65 53.10
CA ALA G 28 -67.70 10.75 52.30
C ALA G 28 -68.52 10.26 51.12
N VAL G 29 -68.11 10.64 49.91
CA VAL G 29 -68.80 10.28 48.68
C VAL G 29 -67.74 9.77 47.71
N PHE G 30 -67.67 8.46 47.53
CA PHE G 30 -66.64 7.84 46.71
C PHE G 30 -67.25 6.72 45.87
N PRO G 31 -66.67 6.42 44.71
CA PRO G 31 -67.18 5.33 43.89
C PRO G 31 -67.07 3.98 44.58
N SER G 32 -68.05 3.12 44.32
CA SER G 32 -68.08 1.78 44.91
C SER G 32 -67.43 0.78 43.96
N ILE G 33 -66.11 0.90 43.84
CA ILE G 33 -65.32 0.06 42.96
C ILE G 33 -64.15 -0.53 43.73
N VAL G 34 -63.67 -1.68 43.26
CA VAL G 34 -62.46 -2.31 43.77
C VAL G 34 -61.56 -2.62 42.58
N GLY G 35 -60.33 -2.13 42.62
CA GLY G 35 -59.38 -2.30 41.54
C GLY G 35 -58.22 -3.18 41.95
N ARG G 36 -57.77 -4.05 41.04
CA ARG G 36 -56.65 -4.93 41.28
C ARG G 36 -55.66 -4.81 40.12
N PRO G 37 -54.36 -4.90 40.39
CA PRO G 37 -53.37 -4.75 39.32
C PRO G 37 -53.51 -5.83 38.27
N ARG G 38 -53.30 -5.45 37.01
CA ARG G 38 -53.32 -6.37 35.89
C ARG G 38 -51.97 -6.52 35.21
N HIS G 39 -50.94 -5.84 35.71
CA HIS G 39 -49.58 -5.97 35.23
C HIS G 39 -48.69 -6.55 36.33
N GLN G 40 -47.42 -6.74 36.02
CA GLN G 40 -46.45 -7.26 36.98
C GLN G 40 -45.58 -6.13 37.51
N GLY G 41 -45.21 -6.24 38.79
CA GLY G 41 -44.39 -5.22 39.43
C GLY G 41 -42.91 -5.50 39.24
N VAL G 42 -42.20 -4.50 38.73
CA VAL G 42 -40.77 -4.62 38.47
C VAL G 42 -39.91 -3.88 39.47
N MET G 43 -40.47 -2.93 40.21
CA MET G 43 -39.72 -2.18 41.20
C MET G 43 -40.10 -2.68 42.60
N VAL G 44 -39.09 -2.95 43.42
CA VAL G 44 -39.31 -3.47 44.77
C VAL G 44 -39.79 -2.36 45.69
N LYS G 49 -49.69 -3.56 48.25
CA LYS G 49 -51.14 -3.47 48.21
C LYS G 49 -51.70 -4.19 46.99
N ASP G 50 -52.50 -5.22 47.23
CA ASP G 50 -53.06 -6.04 46.16
C ASP G 50 -54.43 -5.56 45.69
N SER G 51 -54.99 -4.54 46.32
CA SER G 51 -56.30 -4.04 45.91
C SER G 51 -56.43 -2.58 46.32
N TYR G 52 -57.24 -1.85 45.56
CA TYR G 52 -57.53 -0.44 45.84
C TYR G 52 -59.04 -0.24 45.79
N VAL G 53 -59.57 0.54 46.73
CA VAL G 53 -61.00 0.74 46.89
C VAL G 53 -61.30 2.22 46.89
N GLY G 54 -62.22 2.65 46.02
CA GLY G 54 -62.71 4.01 46.04
C GLY G 54 -61.86 4.93 45.20
N ASP G 55 -61.54 6.12 45.75
CA ASP G 55 -60.82 7.13 44.99
C ASP G 55 -59.40 6.70 44.66
N GLU G 56 -58.76 5.93 45.54
CA GLU G 56 -57.41 5.46 45.26
C GLU G 56 -57.38 4.52 44.06
N ALA G 57 -58.42 3.72 43.88
CA ALA G 57 -58.53 2.91 42.68
C ALA G 57 -58.78 3.77 41.44
N GLN G 58 -59.55 4.84 41.60
CA GLN G 58 -59.81 5.74 40.47
C GLN G 58 -58.55 6.48 40.04
N SER G 59 -57.70 6.87 41.00
CA SER G 59 -56.46 7.56 40.66
C SER G 59 -55.41 6.63 40.05
N LYS G 60 -55.51 5.33 40.28
CA LYS G 60 -54.56 4.35 39.75
C LYS G 60 -55.20 3.43 38.73
N ARG G 61 -56.35 3.83 38.16
CA ARG G 61 -57.11 2.94 37.28
C ARG G 61 -56.38 2.61 35.98
N GLY G 62 -55.30 3.33 35.65
CA GLY G 62 -54.57 3.04 34.43
C GLY G 62 -53.85 1.71 34.44
N ILE G 63 -53.56 1.16 35.63
CA ILE G 63 -52.91 -0.13 35.76
C ILE G 63 -53.75 -1.11 36.58
N LEU G 64 -55.01 -0.79 36.81
CA LEU G 64 -55.91 -1.64 37.59
C LEU G 64 -57.08 -2.11 36.74
N THR G 65 -57.69 -3.20 37.17
CA THR G 65 -58.92 -3.71 36.58
C THR G 65 -60.05 -3.42 37.55
N LEU G 66 -60.89 -2.44 37.22
CA LEU G 66 -61.94 -2.00 38.13
C LEU G 66 -63.14 -2.94 38.05
N LYS G 67 -63.65 -3.33 39.22
CA LYS G 67 -64.81 -4.20 39.32
C LYS G 67 -65.78 -3.63 40.33
N TYR G 68 -67.07 -3.69 40.00
CA TYR G 68 -68.12 -3.22 40.90
C TYR G 68 -68.62 -4.38 41.74
N PRO G 69 -68.46 -4.33 43.07
CA PRO G 69 -68.99 -5.42 43.91
C PRO G 69 -70.50 -5.57 43.85
N ILE G 70 -71.22 -4.52 43.47
CA ILE G 70 -72.66 -4.54 43.34
C ILE G 70 -73.03 -4.37 41.87
N GLU G 71 -73.86 -5.27 41.36
CA GLU G 71 -74.32 -5.17 39.98
C GLU G 71 -75.82 -5.39 39.91
N HIC G 72 -76.52 -4.42 39.34
CA HIC G 72 -77.98 -4.44 39.22
C HIC G 72 -78.65 -4.59 40.58
O HIC G 72 -79.67 -5.27 40.72
CB HIC G 72 -78.44 -5.58 38.29
CG HIC G 72 -78.05 -5.35 36.87
ND1 HIC G 72 -78.60 -4.34 36.12
CD2 HIC G 72 -77.17 -6.06 36.11
CE1 HIC G 72 -78.06 -4.45 34.94
NE2 HIC G 72 -77.17 -5.46 34.87
CZ HIC G 72 -76.39 -5.85 33.72
N GLY G 73 -78.07 -3.94 41.60
CA GLY G 73 -78.61 -3.99 42.94
C GLY G 73 -78.35 -5.30 43.66
N ILE G 74 -77.52 -6.14 43.06
CA ILE G 74 -77.17 -7.45 43.60
C ILE G 74 -75.68 -7.47 43.88
N VAL G 75 -75.31 -7.88 45.09
CA VAL G 75 -73.91 -7.95 45.48
C VAL G 75 -73.30 -9.19 44.86
N THR G 76 -72.42 -9.01 43.88
CA THR G 76 -71.78 -10.12 43.19
C THR G 76 -70.59 -10.69 43.94
N ASN G 77 -70.08 -9.97 44.95
CA ASN G 77 -68.93 -10.44 45.70
C ASN G 77 -68.96 -9.79 47.07
N TRP G 78 -69.24 -10.57 48.11
CA TRP G 78 -69.30 -10.03 49.47
C TRP G 78 -67.91 -9.74 50.04
N ASP G 79 -66.87 -10.39 49.52
CA ASP G 79 -65.52 -10.07 49.94
C ASP G 79 -65.15 -8.64 49.54
N ASP G 80 -65.49 -8.25 48.32
CA ASP G 80 -65.26 -6.87 47.89
C ASP G 80 -66.25 -5.90 48.51
N MET G 81 -67.46 -6.36 48.83
CA MET G 81 -68.44 -5.51 49.49
C MET G 81 -67.95 -5.09 50.87
N GLU G 82 -67.35 -6.03 51.62
CA GLU G 82 -66.80 -5.69 52.93
C GLU G 82 -65.65 -4.71 52.81
N LYS G 83 -64.91 -4.73 51.69
CA LYS G 83 -63.86 -3.75 51.48
C LYS G 83 -64.42 -2.35 51.36
N ILE G 84 -65.58 -2.21 50.71
CA ILE G 84 -66.24 -0.91 50.63
C ILE G 84 -66.64 -0.42 52.01
N TRP G 85 -67.21 -1.30 52.82
CA TRP G 85 -67.57 -0.94 54.20
C TRP G 85 -66.34 -0.60 55.02
N HIS G 86 -65.27 -1.39 54.89
CA HIS G 86 -64.05 -1.10 55.65
C HIS G 86 -63.42 0.22 55.20
N HIS G 87 -63.42 0.49 53.90
CA HIS G 87 -62.89 1.75 53.40
C HIS G 87 -63.74 2.93 53.86
N THR G 88 -65.05 2.73 54.02
CA THR G 88 -65.92 3.81 54.46
C THR G 88 -65.61 4.22 55.90
N PHE G 89 -65.54 3.25 56.81
CA PHE G 89 -65.40 3.57 58.23
C PHE G 89 -63.99 4.03 58.57
N TYR G 90 -62.98 3.37 58.04
CA TYR G 90 -61.60 3.60 58.47
C TYR G 90 -60.83 4.56 57.58
N ASN G 91 -61.12 4.60 56.28
CA ASN G 91 -60.37 5.44 55.37
C ASN G 91 -61.06 6.73 54.99
N GLU G 92 -62.40 6.74 54.94
CA GLU G 92 -63.16 7.93 54.55
C GLU G 92 -63.71 8.66 55.77
N LEU G 93 -64.52 7.99 56.59
CA LEU G 93 -65.04 8.61 57.79
C LEU G 93 -64.00 8.69 58.90
N ARG G 94 -63.02 7.78 58.90
CA ARG G 94 -61.96 7.75 59.91
C ARG G 94 -62.54 7.66 61.32
N VAL G 95 -63.52 6.77 61.50
CA VAL G 95 -64.16 6.56 62.79
C VAL G 95 -64.17 5.07 63.11
N ALA G 96 -64.39 4.77 64.38
CA ALA G 96 -64.49 3.38 64.83
C ALA G 96 -65.93 2.92 64.72
N PRO G 97 -66.21 1.87 63.93
CA PRO G 97 -67.60 1.42 63.79
C PRO G 97 -68.23 0.91 65.08
N GLU G 98 -67.43 0.53 66.07
CA GLU G 98 -67.95 -0.01 67.32
C GLU G 98 -68.42 1.07 68.28
N GLU G 99 -68.21 2.35 67.96
CA GLU G 99 -68.58 3.44 68.84
C GLU G 99 -69.77 4.26 68.34
N HIS G 100 -70.20 4.05 67.10
CA HIS G 100 -71.31 4.81 66.53
C HIS G 100 -72.35 3.85 65.97
N PRO G 101 -73.63 4.07 66.24
CA PRO G 101 -74.67 3.32 65.53
C PRO G 101 -74.68 3.67 64.06
N VAL G 102 -75.03 2.68 63.24
CA VAL G 102 -75.00 2.82 61.78
C VAL G 102 -76.41 2.64 61.24
N LEU G 103 -76.87 3.60 60.45
CA LEU G 103 -78.15 3.51 59.75
C LEU G 103 -77.86 3.14 58.30
N LEU G 104 -78.50 2.06 57.84
CA LEU G 104 -78.26 1.53 56.51
C LEU G 104 -79.49 1.66 55.64
N THR G 105 -79.27 1.75 54.33
CA THR G 105 -80.34 1.89 53.36
C THR G 105 -80.40 0.63 52.49
N GLU G 106 -81.62 0.20 52.17
CA GLU G 106 -81.84 -0.98 51.36
C GLU G 106 -82.76 -0.64 50.19
N ALA G 107 -82.56 -1.35 49.09
CA ALA G 107 -83.39 -1.15 47.92
C ALA G 107 -84.81 -1.67 48.19
N PRO G 108 -85.82 -1.12 47.52
CA PRO G 108 -87.18 -1.62 47.70
C PRO G 108 -87.29 -3.09 47.29
N LEU G 109 -88.15 -3.82 48.01
CA LEU G 109 -88.32 -5.26 47.83
C LEU G 109 -86.98 -5.99 47.98
N ASN G 110 -86.20 -5.57 48.97
CA ASN G 110 -84.90 -6.19 49.22
C ASN G 110 -85.09 -7.62 49.70
N PRO G 111 -84.40 -8.60 49.12
CA PRO G 111 -84.51 -9.98 49.62
C PRO G 111 -84.04 -10.08 51.06
N LYS G 112 -84.70 -10.97 51.82
CA LYS G 112 -84.35 -11.14 53.22
C LYS G 112 -82.93 -11.69 53.37
N ALA G 113 -82.50 -12.55 52.43
CA ALA G 113 -81.14 -13.07 52.49
C ALA G 113 -80.11 -11.94 52.35
N ASN G 114 -80.38 -10.98 51.47
CA ASN G 114 -79.48 -9.84 51.31
C ASN G 114 -79.41 -9.01 52.59
N ARG G 115 -80.56 -8.78 53.22
CA ARG G 115 -80.57 -7.99 54.46
C ARG G 115 -79.88 -8.73 55.60
N GLU G 116 -80.04 -10.04 55.66
CA GLU G 116 -79.41 -10.82 56.73
C GLU G 116 -77.89 -10.73 56.65
N LYS G 117 -77.33 -10.83 55.43
CA LYS G 117 -75.88 -10.73 55.27
C LYS G 117 -75.39 -9.35 55.67
N MET G 118 -76.10 -8.29 55.27
CA MET G 118 -75.71 -6.94 55.63
C MET G 118 -75.78 -6.73 57.14
N THR G 119 -76.84 -7.24 57.78
CA THR G 119 -76.96 -7.12 59.23
C THR G 119 -75.90 -7.93 59.95
N GLN G 120 -75.60 -9.14 59.45
CA GLN G 120 -74.63 -10.00 60.11
C GLN G 120 -73.23 -9.38 60.07
N ILE G 121 -72.84 -8.82 58.93
CA ILE G 121 -71.50 -8.25 58.80
C ILE G 121 -71.33 -7.05 59.73
N MET G 122 -72.34 -6.17 59.78
CA MET G 122 -72.21 -4.98 60.61
C MET G 122 -72.11 -5.33 62.09
N PHE G 123 -72.82 -6.36 62.54
CA PHE G 123 -72.81 -6.72 63.95
C PHE G 123 -71.62 -7.61 64.34
N GLU G 124 -71.12 -8.42 63.41
CA GLU G 124 -70.03 -9.34 63.72
C GLU G 124 -68.68 -8.84 63.23
N THR G 125 -68.58 -8.44 61.96
CA THR G 125 -67.30 -8.00 61.43
C THR G 125 -66.91 -6.63 61.99
N PHE G 126 -67.85 -5.70 62.04
CA PHE G 126 -67.57 -4.35 62.50
C PHE G 126 -68.01 -4.10 63.95
N ASN G 127 -68.81 -4.99 64.53
CA ASN G 127 -69.22 -4.90 65.93
C ASN G 127 -69.89 -3.56 66.24
N THR G 128 -70.79 -3.13 65.36
CA THR G 128 -71.50 -1.89 65.58
C THR G 128 -72.43 -2.02 66.79
N PRO G 129 -72.54 -0.98 67.62
CA PRO G 129 -73.43 -1.09 68.79
C PRO G 129 -74.91 -1.19 68.41
N ALA G 130 -75.37 -0.37 67.48
CA ALA G 130 -76.75 -0.41 67.03
C ALA G 130 -76.79 -0.31 65.51
N MET G 131 -77.86 -0.84 64.93
CA MET G 131 -77.99 -0.85 63.48
C MET G 131 -79.46 -0.85 63.10
N TYR G 132 -79.80 -0.16 62.02
CA TYR G 132 -81.15 -0.17 61.47
C TYR G 132 -81.06 -0.07 59.96
N VAL G 133 -82.00 -0.70 59.27
CA VAL G 133 -82.07 -0.73 57.82
C VAL G 133 -83.37 -0.07 57.39
N ALA G 134 -83.28 0.89 56.48
CA ALA G 134 -84.43 1.65 56.01
C ALA G 134 -84.52 1.58 54.49
N ILE G 135 -85.74 1.71 53.97
CA ILE G 135 -85.98 1.67 52.54
C ILE G 135 -85.50 2.99 51.92
N GLN G 136 -84.79 2.89 50.80
CA GLN G 136 -84.27 4.09 50.14
C GLN G 136 -85.39 4.99 49.65
N ALA G 137 -86.46 4.39 49.13
CA ALA G 137 -87.58 5.19 48.62
C ALA G 137 -88.25 5.99 49.73
N VAL G 138 -88.43 5.36 50.90
CA VAL G 138 -89.04 6.06 52.02
C VAL G 138 -88.15 7.20 52.49
N LEU G 139 -86.84 6.98 52.54
CA LEU G 139 -85.90 8.03 52.93
C LEU G 139 -85.94 9.19 51.95
N SER G 140 -86.04 8.90 50.65
CA SER G 140 -86.12 9.95 49.65
C SER G 140 -87.37 10.80 49.83
N LEU G 141 -88.44 10.20 50.34
CA LEU G 141 -89.65 10.98 50.64
C LEU G 141 -89.47 11.86 51.86
N TYR G 142 -88.65 11.43 52.82
CA TYR G 142 -88.38 12.24 54.00
C TYR G 142 -87.65 13.53 53.64
N ALA G 143 -86.71 13.44 52.69
CA ALA G 143 -85.92 14.61 52.32
C ALA G 143 -86.79 15.68 51.67
N SER G 144 -87.86 15.29 50.99
CA SER G 144 -88.77 16.23 50.35
C SER G 144 -89.88 16.70 51.28
N GLY G 145 -89.92 16.20 52.51
CA GLY G 145 -90.94 16.61 53.46
C GLY G 145 -92.35 16.21 53.06
N ARG G 146 -92.52 14.99 52.57
CA ARG G 146 -93.83 14.50 52.15
C ARG G 146 -94.06 13.10 52.73
N THR G 147 -95.33 12.79 52.95
CA THR G 147 -95.74 11.45 53.37
C THR G 147 -96.52 10.71 52.29
N THR G 148 -96.92 11.40 51.22
CA THR G 148 -97.67 10.79 50.13
C THR G 148 -96.98 11.13 48.81
N GLY G 149 -96.75 10.12 47.99
CA GLY G 149 -96.13 10.32 46.69
C GLY G 149 -95.48 9.05 46.19
N ILE G 150 -95.11 9.08 44.92
CA ILE G 150 -94.44 7.97 44.26
C ILE G 150 -93.02 8.42 43.91
N VAL G 151 -92.04 7.66 44.37
CA VAL G 151 -90.62 7.98 44.17
C VAL G 151 -90.09 7.02 43.12
N MET G 152 -89.54 7.58 42.04
CA MET G 152 -88.92 6.78 40.97
C MET G 152 -87.42 6.91 41.16
N ASP G 153 -86.85 6.03 41.97
CA ASP G 153 -85.44 6.06 42.32
C ASP G 153 -84.64 5.33 41.24
N SER G 154 -83.97 6.09 40.37
CA SER G 154 -83.14 5.53 39.31
C SER G 154 -81.69 5.86 39.63
N GLY G 155 -80.89 4.83 39.88
CA GLY G 155 -79.51 5.03 40.25
C GLY G 155 -78.51 4.48 39.24
N ASP G 156 -77.59 3.64 39.71
CA ASP G 156 -76.56 3.07 38.85
C ASP G 156 -76.84 1.62 38.47
N GLY G 157 -77.65 0.91 39.24
CA GLY G 157 -77.87 -0.50 38.96
C GLY G 157 -79.29 -0.88 38.56
N VAL G 158 -80.28 -0.14 39.08
CA VAL G 158 -81.68 -0.48 38.84
C VAL G 158 -82.54 0.75 39.06
N THR G 159 -83.75 0.73 38.50
CA THR G 159 -84.72 1.80 38.65
C THR G 159 -85.97 1.23 39.32
N HIS G 160 -86.42 1.90 40.38
CA HIS G 160 -87.58 1.46 41.15
C HIS G 160 -88.60 2.58 41.23
N THR G 161 -89.88 2.21 41.20
CA THR G 161 -90.99 3.14 41.37
C THR G 161 -91.81 2.66 42.57
N VAL G 162 -91.77 3.43 43.65
CA VAL G 162 -92.43 3.03 44.89
C VAL G 162 -93.51 4.05 45.26
N PRO G 163 -94.79 3.69 45.14
CA PRO G 163 -95.86 4.60 45.57
C PRO G 163 -96.08 4.52 47.08
N ILE G 164 -96.17 5.68 47.73
CA ILE G 164 -96.41 5.77 49.16
C ILE G 164 -97.58 6.73 49.38
N TYR G 165 -98.53 6.31 50.21
CA TYR G 165 -99.73 7.09 50.47
C TYR G 165 -99.92 7.24 51.97
N GLU G 166 -99.78 8.47 52.48
CA GLU G 166 -99.99 8.78 53.90
C GLU G 166 -99.11 7.93 54.79
N GLY G 167 -97.87 7.69 54.37
CA GLY G 167 -96.95 6.87 55.13
C GLY G 167 -97.13 5.38 54.96
N TYR G 168 -98.09 4.94 54.16
CA TYR G 168 -98.32 3.52 53.91
C TYR G 168 -97.73 3.14 52.56
N ALA G 169 -96.85 2.15 52.55
CA ALA G 169 -96.24 1.67 51.32
C ALA G 169 -97.10 0.56 50.71
N LEU G 170 -97.08 0.49 49.38
CA LEU G 170 -97.83 -0.51 48.63
C LEU G 170 -96.84 -1.42 47.92
N PRO G 171 -96.43 -2.53 48.56
CA PRO G 171 -95.46 -3.43 47.91
C PRO G 171 -95.95 -4.03 46.61
N HIS G 172 -97.25 -4.28 46.49
CA HIS G 172 -97.78 -4.90 45.27
C HIS G 172 -97.70 -3.98 44.06
N ALA G 173 -97.61 -2.67 44.28
CA ALA G 173 -97.55 -1.70 43.20
C ALA G 173 -96.13 -1.25 42.90
N ILE G 174 -95.13 -1.83 43.55
CA ILE G 174 -93.74 -1.46 43.32
C ILE G 174 -93.25 -2.15 42.04
N LEU G 175 -92.74 -1.36 41.11
CA LEU G 175 -92.24 -1.86 39.84
C LEU G 175 -90.74 -1.65 39.76
N ARG G 176 -90.06 -2.59 39.10
CA ARG G 176 -88.62 -2.58 38.95
C ARG G 176 -88.24 -2.55 37.49
N LEU G 177 -87.30 -1.66 37.14
CA LEU G 177 -86.79 -1.53 35.78
C LEU G 177 -85.28 -1.77 35.81
N ASP G 178 -84.83 -2.81 35.12
CA ASP G 178 -83.41 -3.15 35.07
C ASP G 178 -82.71 -2.27 34.03
N LEU G 179 -82.66 -0.98 34.33
CA LEU G 179 -82.07 0.01 33.44
C LEU G 179 -81.70 1.23 34.27
N ALA G 180 -80.42 1.54 34.34
CA ALA G 180 -79.94 2.61 35.22
C ALA G 180 -78.71 3.24 34.58
N GLY G 181 -77.93 3.96 35.38
CA GLY G 181 -76.82 4.73 34.85
C GLY G 181 -75.75 3.87 34.19
N ARG G 182 -75.46 2.70 34.77
CA ARG G 182 -74.43 1.84 34.20
C ARG G 182 -74.82 1.34 32.82
N ASP G 183 -76.11 1.02 32.62
CA ASP G 183 -76.57 0.63 31.29
C ASP G 183 -76.44 1.79 30.31
N LEU G 184 -76.73 3.01 30.76
CA LEU G 184 -76.55 4.18 29.90
C LEU G 184 -75.07 4.43 29.61
N THR G 185 -74.20 4.18 30.60
CA THR G 185 -72.77 4.31 30.38
C THR G 185 -72.28 3.32 29.33
N ASP G 186 -72.76 2.07 29.41
CA ASP G 186 -72.38 1.08 28.40
C ASP G 186 -72.94 1.46 27.03
N TYR G 187 -74.17 1.97 26.99
CA TYR G 187 -74.77 2.37 25.72
C TYR G 187 -74.00 3.53 25.10
N LEU G 188 -73.53 4.47 25.93
CA LEU G 188 -72.74 5.58 25.40
C LEU G 188 -71.44 5.09 24.77
N MET G 189 -70.82 4.08 25.39
CA MET G 189 -69.62 3.48 24.80
C MET G 189 -69.91 2.87 23.44
N LYS G 190 -71.04 2.19 23.31
CA LYS G 190 -71.39 1.55 22.04
C LYS G 190 -71.61 2.57 20.94
N ILE G 191 -72.33 3.66 21.24
CA ILE G 191 -72.61 4.66 20.22
C ILE G 191 -71.46 5.64 20.01
N LEU G 192 -70.48 5.66 20.91
CA LEU G 192 -69.30 6.48 20.70
C LEU G 192 -68.36 5.88 19.66
N THR G 193 -68.41 4.56 19.47
CA THR G 193 -67.58 3.94 18.44
C THR G 193 -68.03 4.35 17.04
N GLU G 194 -69.30 4.70 16.88
CA GLU G 194 -69.79 5.17 15.58
C GLU G 194 -69.14 6.49 15.18
N ARG G 195 -68.64 7.26 16.14
CA ARG G 195 -67.94 8.51 15.87
C ARG G 195 -66.44 8.33 15.73
N GLY G 196 -65.93 7.12 15.93
CA GLY G 196 -64.52 6.85 15.81
C GLY G 196 -63.74 6.80 17.11
N TYR G 197 -64.42 6.84 18.25
CA TYR G 197 -63.78 6.79 19.56
C TYR G 197 -64.02 5.42 20.17
N SER G 198 -62.94 4.73 20.53
CA SER G 198 -63.01 3.36 21.05
C SER G 198 -62.67 3.37 22.53
N PHE G 199 -63.63 2.99 23.36
CA PHE G 199 -63.45 2.84 24.79
C PHE G 199 -63.85 1.41 25.17
N THR G 200 -62.88 0.61 25.58
CA THR G 200 -63.11 -0.81 25.82
C THR G 200 -62.78 -1.26 27.25
N THR G 201 -61.67 -0.78 27.81
CA THR G 201 -61.24 -1.27 29.12
C THR G 201 -62.12 -0.69 30.23
N THR G 202 -62.04 -1.32 31.40
CA THR G 202 -62.79 -0.85 32.54
C THR G 202 -62.35 0.54 32.99
N ALA G 203 -61.07 0.87 32.78
CA ALA G 203 -60.59 2.22 33.09
C ALA G 203 -61.27 3.25 32.22
N GLU G 204 -61.46 2.95 30.94
CA GLU G 204 -62.16 3.85 30.03
C GLU G 204 -63.66 3.91 30.26
N ARG G 205 -64.21 2.95 31.02
CA ARG G 205 -65.63 3.03 31.39
C ARG G 205 -65.89 4.23 32.28
N GLU G 206 -64.98 4.52 33.20
CA GLU G 206 -65.13 5.69 34.06
C GLU G 206 -64.99 6.98 33.29
N ILE G 207 -64.14 7.00 32.26
CA ILE G 207 -64.01 8.19 31.41
C ILE G 207 -65.31 8.48 30.69
N VAL G 208 -65.93 7.43 30.13
CA VAL G 208 -67.20 7.61 29.43
C VAL G 208 -68.30 7.99 30.41
N ARG G 209 -68.24 7.46 31.64
CA ARG G 209 -69.19 7.86 32.66
C ARG G 209 -69.05 9.35 32.98
N ASP G 210 -67.82 9.85 32.99
CA ASP G 210 -67.61 11.28 33.20
C ASP G 210 -68.19 12.09 32.04
N ILE G 211 -68.06 11.60 30.81
CA ILE G 211 -68.67 12.28 29.66
C ILE G 211 -70.19 12.29 29.81
N LYS G 212 -70.76 11.17 30.23
CA LYS G 212 -72.21 11.07 30.39
C LYS G 212 -72.72 12.05 31.45
N GLU G 213 -72.00 12.19 32.56
CA GLU G 213 -72.44 13.07 33.63
C GLU G 213 -72.27 14.54 33.31
N LYS G 214 -71.53 14.89 32.27
CA LYS G 214 -71.20 16.28 31.98
C LYS G 214 -71.83 16.83 30.71
N LEU G 215 -72.02 16.00 29.68
CA LEU G 215 -72.49 16.48 28.40
C LEU G 215 -73.84 15.92 27.98
N CYS G 216 -74.37 14.92 28.67
CA CYS G 216 -75.63 14.29 28.27
C CYS G 216 -76.82 15.03 28.88
N TYR G 217 -77.93 15.01 28.15
CA TYR G 217 -79.17 15.63 28.60
C TYR G 217 -80.34 14.91 27.93
N VAL G 218 -81.54 15.18 28.45
CA VAL G 218 -82.77 14.58 27.93
C VAL G 218 -83.48 15.61 27.06
N ALA G 219 -83.76 15.23 25.82
CA ALA G 219 -84.45 16.12 24.89
C ALA G 219 -85.96 16.04 25.10
N LEU G 220 -86.60 17.22 25.09
CA LEU G 220 -88.05 17.26 25.22
C LEU G 220 -88.74 16.56 24.05
N ASP G 221 -88.25 16.78 22.84
CA ASP G 221 -88.73 16.10 21.64
C ASP G 221 -87.53 15.45 20.97
N PHE G 222 -87.46 14.12 21.04
CA PHE G 222 -86.28 13.40 20.53
C PHE G 222 -86.14 13.56 19.01
N GLU G 223 -87.24 13.40 18.29
CA GLU G 223 -87.19 13.50 16.83
C GLU G 223 -86.84 14.91 16.37
N GLN G 224 -87.39 15.92 17.04
CA GLN G 224 -87.05 17.30 16.70
C GLN G 224 -85.58 17.58 17.00
N GLU G 225 -85.08 17.07 18.12
CA GLU G 225 -83.67 17.25 18.46
C GLU G 225 -82.76 16.56 17.45
N MET G 226 -83.14 15.37 17.00
CA MET G 226 -82.34 14.66 16.00
C MET G 226 -82.26 15.42 14.70
N ALA G 227 -83.38 16.04 14.28
CA ALA G 227 -83.36 16.86 13.07
C ALA G 227 -82.47 18.08 13.24
N THR G 228 -82.52 18.71 14.42
CA THR G 228 -81.66 19.86 14.68
C THR G 228 -80.19 19.48 14.65
N ALA G 229 -79.84 18.33 15.24
CA ALA G 229 -78.45 17.90 15.26
C ALA G 229 -77.95 17.47 13.88
N ALA G 230 -78.86 17.12 12.96
CA ALA G 230 -78.47 16.70 11.62
C ALA G 230 -78.34 17.86 10.64
N SER G 231 -78.71 19.07 11.04
CA SER G 231 -78.63 20.23 10.16
C SER G 231 -77.94 21.42 10.83
N SER G 232 -77.30 21.22 11.98
CA SER G 232 -76.64 22.31 12.67
C SER G 232 -75.55 21.73 13.57
N SER G 233 -74.63 22.62 13.98
CA SER G 233 -73.54 22.26 14.87
C SER G 233 -73.69 22.88 16.24
N SER G 234 -74.87 23.39 16.58
CA SER G 234 -75.07 24.07 17.86
C SER G 234 -75.09 23.10 19.04
N LEU G 235 -75.38 21.82 18.79
CA LEU G 235 -75.45 20.82 19.84
C LEU G 235 -74.12 20.11 20.09
N GLU G 236 -73.08 20.46 19.34
CA GLU G 236 -71.78 19.83 19.53
C GLU G 236 -71.13 20.33 20.81
N LYS G 237 -70.48 19.41 21.52
CA LYS G 237 -69.70 19.74 22.72
C LYS G 237 -68.40 18.97 22.68
N SER G 238 -67.38 19.53 23.32
CA SER G 238 -66.04 18.96 23.33
C SER G 238 -65.68 18.47 24.74
N TYR G 239 -65.02 17.33 24.81
CA TYR G 239 -64.56 16.75 26.06
C TYR G 239 -63.09 16.42 25.95
N GLU G 240 -62.34 16.73 27.01
CA GLU G 240 -60.90 16.52 27.04
C GLU G 240 -60.59 15.23 27.78
N LEU G 241 -59.89 14.31 27.11
CA LEU G 241 -59.52 13.05 27.71
C LEU G 241 -58.37 13.25 28.71
N PRO G 242 -58.15 12.30 29.62
CA PRO G 242 -57.06 12.46 30.59
C PRO G 242 -55.69 12.61 29.96
N ASP G 243 -55.48 12.10 28.74
CA ASP G 243 -54.21 12.22 28.05
C ASP G 243 -54.10 13.51 27.22
N GLY G 244 -55.10 14.39 27.32
CA GLY G 244 -55.07 15.65 26.61
C GLY G 244 -55.78 15.66 25.27
N GLN G 245 -56.19 14.50 24.77
CA GLN G 245 -56.92 14.46 23.51
C GLN G 245 -58.34 14.96 23.71
N VAL G 246 -58.87 15.67 22.71
CA VAL G 246 -60.18 16.27 22.76
C VAL G 246 -61.09 15.55 21.78
N ILE G 247 -62.25 15.10 22.26
CA ILE G 247 -63.25 14.44 21.43
C ILE G 247 -64.48 15.32 21.37
N THR G 248 -65.25 15.15 20.30
CA THR G 248 -66.48 15.91 20.07
C THR G 248 -67.65 14.96 19.90
N ILE G 249 -68.76 15.26 20.56
CA ILE G 249 -69.98 14.44 20.47
C ILE G 249 -71.14 15.35 20.08
N GLY G 250 -72.01 14.83 19.24
CA GLY G 250 -73.16 15.58 18.76
C GLY G 250 -74.48 15.07 19.29
N ASN G 251 -75.19 14.29 18.47
CA ASN G 251 -76.48 13.74 18.87
C ASN G 251 -76.36 12.69 19.98
N GLU G 252 -75.14 12.23 20.28
CA GLU G 252 -74.96 11.27 21.37
C GLU G 252 -75.29 11.87 22.73
N ARG G 253 -75.36 13.19 22.83
CA ARG G 253 -75.66 13.81 24.12
C ARG G 253 -77.08 13.47 24.59
N PHE G 254 -78.05 13.47 23.68
CA PHE G 254 -79.42 13.17 24.04
C PHE G 254 -79.86 11.77 23.62
N ARG G 255 -79.06 11.06 22.83
CA ARG G 255 -79.40 9.69 22.45
C ARG G 255 -79.18 8.72 23.62
N CYS G 256 -78.11 8.91 24.38
CA CYS G 256 -77.84 8.02 25.50
C CYS G 256 -78.92 8.07 26.58
N PRO G 257 -79.35 9.24 27.07
CA PRO G 257 -80.46 9.25 28.05
C PRO G 257 -81.79 8.84 27.46
N GLU G 258 -81.93 8.85 26.13
CA GLU G 258 -83.19 8.46 25.52
C GLU G 258 -83.52 7.00 25.76
N ALA G 259 -82.53 6.16 26.06
CA ALA G 259 -82.79 4.76 26.36
C ALA G 259 -83.65 4.60 27.61
N LEU G 260 -83.65 5.59 28.50
CA LEU G 260 -84.53 5.53 29.66
C LEU G 260 -86.00 5.54 29.24
N PHE G 261 -86.34 6.37 28.27
CA PHE G 261 -87.71 6.46 27.79
C PHE G 261 -88.00 5.51 26.64
N GLN G 262 -86.97 5.03 25.95
CA GLN G 262 -87.11 4.05 24.87
C GLN G 262 -86.12 2.91 25.13
N PRO G 263 -86.49 1.97 26.01
CA PRO G 263 -85.59 0.85 26.30
C PRO G 263 -85.29 -0.03 25.11
N SER G 264 -86.08 0.06 24.03
CA SER G 264 -85.82 -0.72 22.83
C SER G 264 -84.49 -0.38 22.19
N PHE G 265 -83.90 0.77 22.53
CA PHE G 265 -82.57 1.10 22.03
C PHE G 265 -81.53 0.11 22.53
N LEU G 266 -81.75 -0.50 23.69
CA LEU G 266 -80.86 -1.49 24.25
C LEU G 266 -81.34 -2.92 23.99
N GLY G 267 -82.37 -3.09 23.17
CA GLY G 267 -82.94 -4.39 22.92
C GLY G 267 -83.84 -4.92 24.01
N MET G 268 -84.21 -4.08 24.98
CA MET G 268 -85.05 -4.51 26.09
C MET G 268 -86.52 -4.43 25.69
N GLU G 269 -87.30 -5.40 26.17
CA GLU G 269 -88.73 -5.45 25.92
C GLU G 269 -89.53 -4.60 26.92
N SER G 270 -88.90 -4.15 27.99
CA SER G 270 -89.61 -3.42 29.04
C SER G 270 -89.96 -2.01 28.55
N ALA G 271 -90.85 -1.36 29.31
CA ALA G 271 -91.29 -0.01 29.01
C ALA G 271 -90.34 1.01 29.63
N GLY G 272 -90.53 2.27 29.24
CA GLY G 272 -89.70 3.34 29.72
C GLY G 272 -90.02 3.73 31.16
N ILE G 273 -89.21 4.64 31.68
CA ILE G 273 -89.40 5.10 33.06
C ILE G 273 -90.71 5.85 33.20
N HIS G 274 -91.12 6.59 32.17
CA HIS G 274 -92.40 7.30 32.22
C HIS G 274 -93.57 6.32 32.28
N GLU G 275 -93.50 5.24 31.50
CA GLU G 275 -94.56 4.24 31.50
C GLU G 275 -94.51 3.36 32.74
N THR G 276 -93.31 3.07 33.24
CA THR G 276 -93.19 2.32 34.48
C THR G 276 -93.79 3.08 35.65
N THR G 277 -93.55 4.39 35.70
CA THR G 277 -94.15 5.21 36.74
C THR G 277 -95.67 5.24 36.61
N PHE G 278 -96.18 5.37 35.39
CA PHE G 278 -97.62 5.37 35.19
C PHE G 278 -98.23 4.02 35.55
N ASN G 279 -97.57 2.92 35.17
CA ASN G 279 -98.09 1.59 35.48
C ASN G 279 -98.12 1.35 36.98
N SER G 280 -97.11 1.85 37.70
CA SER G 280 -97.10 1.69 39.16
C SER G 280 -98.26 2.43 39.80
N ILE G 281 -98.57 3.64 39.30
CA ILE G 281 -99.70 4.38 39.82
C ILE G 281 -101.01 3.65 39.54
N MET G 282 -101.15 3.10 38.33
CA MET G 282 -102.37 2.39 37.97
C MET G 282 -102.57 1.11 38.77
N LYS G 283 -101.49 0.55 39.34
CA LYS G 283 -101.61 -0.63 40.19
C LYS G 283 -102.16 -0.31 41.57
N CYS G 284 -102.21 0.96 41.96
CA CYS G 284 -102.71 1.36 43.26
C CYS G 284 -104.23 1.50 43.23
N ASP G 285 -104.80 1.86 44.37
CA ASP G 285 -106.23 2.10 44.44
C ASP G 285 -106.59 3.37 43.68
N VAL G 286 -107.82 3.41 43.16
CA VAL G 286 -108.27 4.54 42.37
C VAL G 286 -108.34 5.81 43.22
N ASP G 287 -108.72 5.68 44.49
CA ASP G 287 -108.89 6.85 45.34
C ASP G 287 -107.57 7.55 45.67
N ILE G 288 -106.43 6.89 45.43
CA ILE G 288 -105.13 7.46 45.79
C ILE G 288 -104.30 7.86 44.58
N ARG G 289 -104.76 7.56 43.36
CA ARG G 289 -103.98 7.91 42.17
C ARG G 289 -103.88 9.42 41.98
N LYS G 290 -104.88 10.17 42.44
CA LYS G 290 -104.86 11.62 42.27
C LYS G 290 -103.68 12.25 43.01
N ASP G 291 -103.42 11.80 44.24
CA ASP G 291 -102.32 12.35 45.01
C ASP G 291 -100.97 11.90 44.46
N LEU G 292 -100.88 10.68 43.93
CA LEU G 292 -99.62 10.19 43.38
C LEU G 292 -99.25 10.92 42.09
N TYR G 293 -100.25 11.34 41.31
CA TYR G 293 -99.96 12.06 40.07
C TYR G 293 -99.26 13.39 40.34
N ALA G 294 -99.69 14.10 41.38
CA ALA G 294 -99.16 15.41 41.71
C ALA G 294 -97.96 15.36 42.64
N ASN G 295 -97.51 14.17 43.02
CA ASN G 295 -96.39 14.01 43.95
C ASN G 295 -95.39 12.98 43.43
N THR G 296 -95.02 13.11 42.17
CA THR G 296 -94.00 12.26 41.57
C THR G 296 -92.62 12.82 41.93
N VAL G 297 -91.87 12.09 42.73
CA VAL G 297 -90.57 12.54 43.24
C VAL G 297 -89.47 11.81 42.51
N LEU G 298 -88.47 12.55 42.03
CA LEU G 298 -87.31 11.99 41.37
C LEU G 298 -86.16 11.84 42.35
N SER G 299 -85.46 10.71 42.27
CA SER G 299 -84.33 10.44 43.16
C SER G 299 -83.28 9.65 42.41
N GLY G 300 -82.03 9.81 42.83
CA GLY G 300 -80.92 9.11 42.22
C GLY G 300 -80.14 9.98 41.28
N GLY G 301 -78.90 9.57 41.02
CA GLY G 301 -78.02 10.33 40.15
C GLY G 301 -78.42 10.26 38.69
N THR G 302 -79.11 9.19 38.28
CA THR G 302 -79.58 9.07 36.91
C THR G 302 -80.62 10.14 36.56
N THR G 303 -81.37 10.63 37.55
CA THR G 303 -82.39 11.65 37.33
C THR G 303 -81.82 13.06 37.25
N MET G 304 -80.50 13.19 37.12
CA MET G 304 -79.85 14.50 37.13
C MET G 304 -79.60 15.04 35.72
N TYR G 305 -80.06 14.37 34.68
CA TYR G 305 -79.92 14.91 33.33
C TYR G 305 -80.73 16.19 33.20
N PRO G 306 -80.19 17.21 32.52
CA PRO G 306 -80.98 18.43 32.28
C PRO G 306 -82.18 18.14 31.40
N GLY G 307 -83.34 18.64 31.82
CA GLY G 307 -84.55 18.47 31.04
C GLY G 307 -85.28 17.16 31.25
N ILE G 308 -84.81 16.31 32.17
CA ILE G 308 -85.50 15.05 32.41
C ILE G 308 -86.83 15.29 33.12
N ALA G 309 -86.91 16.33 33.96
CA ALA G 309 -88.16 16.62 34.67
C ALA G 309 -89.24 17.07 33.70
N ASP G 310 -88.90 17.94 32.75
CA ASP G 310 -89.89 18.40 31.77
C ASP G 310 -90.32 17.26 30.86
N ARG G 311 -89.38 16.42 30.43
CA ARG G 311 -89.73 15.29 29.57
C ARG G 311 -90.62 14.29 30.30
N MET G 312 -90.32 14.01 31.57
CA MET G 312 -91.15 13.10 32.34
C MET G 312 -92.55 13.67 32.55
N GLN G 313 -92.66 14.97 32.79
CA GLN G 313 -93.97 15.60 32.93
C GLN G 313 -94.76 15.50 31.63
N LYS G 314 -94.10 15.73 30.49
CA LYS G 314 -94.78 15.66 29.21
C LYS G 314 -95.27 14.24 28.90
N GLU G 315 -94.45 13.24 29.19
CA GLU G 315 -94.82 11.86 28.87
C GLU G 315 -95.94 11.35 29.77
N ILE G 316 -95.86 11.63 31.06
CA ILE G 316 -96.88 11.16 32.00
C ILE G 316 -98.20 11.86 31.72
N THR G 317 -98.16 13.13 31.34
CA THR G 317 -99.38 13.88 31.06
C THR G 317 -100.16 13.25 29.92
N ALA G 318 -99.46 12.79 28.87
CA ALA G 318 -100.14 12.13 27.77
C ALA G 318 -100.81 10.84 28.21
N LEU G 319 -100.13 10.07 29.08
CA LEU G 319 -100.70 8.82 29.55
C LEU G 319 -101.85 9.06 30.52
N ALA G 320 -101.68 9.99 31.46
CA ALA G 320 -102.68 10.25 32.48
C ALA G 320 -103.89 10.95 31.86
N PRO G 321 -105.07 10.82 32.49
CA PRO G 321 -106.24 11.54 32.02
C PRO G 321 -106.04 13.05 32.08
N SER G 322 -106.72 13.76 31.16
CA SER G 322 -106.56 15.21 31.09
C SER G 322 -107.02 15.89 32.37
N THR G 323 -108.01 15.32 33.06
CA THR G 323 -108.47 15.91 34.32
C THR G 323 -107.38 15.86 35.39
N MET G 324 -106.59 14.80 35.41
CA MET G 324 -105.51 14.69 36.38
C MET G 324 -104.42 15.73 36.11
N LYS G 325 -103.90 16.31 37.18
CA LYS G 325 -102.89 17.36 37.11
C LYS G 325 -101.56 16.79 37.63
N ILE G 326 -100.50 16.96 36.85
CA ILE G 326 -99.25 16.24 37.06
C ILE G 326 -98.17 17.22 37.52
N LYS G 327 -97.44 16.84 38.57
CA LYS G 327 -96.23 17.54 38.96
C LYS G 327 -95.09 16.53 39.11
N ILE G 328 -93.91 16.91 38.64
CA ILE G 328 -92.69 16.11 38.81
C ILE G 328 -91.80 16.88 39.76
N ILE G 329 -91.55 16.32 40.94
CA ILE G 329 -90.73 16.97 41.96
C ILE G 329 -89.29 16.54 41.73
N ALA G 330 -88.44 17.48 41.35
CA ALA G 330 -87.02 17.23 41.08
C ALA G 330 -86.19 18.23 41.86
N PRO G 331 -85.97 17.98 43.15
CA PRO G 331 -85.14 18.89 43.94
C PRO G 331 -83.71 18.88 43.43
N PRO G 332 -83.02 20.02 43.54
CA PRO G 332 -81.63 20.07 43.06
C PRO G 332 -80.69 19.12 43.78
N GLU G 333 -81.03 18.69 44.99
CA GLU G 333 -80.19 17.78 45.77
C GLU G 333 -80.70 16.33 45.71
N ARG G 334 -81.46 15.98 44.68
CA ARG G 334 -82.03 14.63 44.59
C ARG G 334 -80.98 13.55 44.41
N LYS G 335 -79.74 13.91 44.06
CA LYS G 335 -78.68 12.91 43.96
C LYS G 335 -78.36 12.30 45.32
N TYR G 336 -78.56 13.07 46.40
CA TYR G 336 -78.29 12.61 47.76
C TYR G 336 -79.57 12.58 48.59
N SER G 337 -80.72 12.42 47.94
CA SER G 337 -81.99 12.43 48.66
C SER G 337 -82.09 11.27 49.64
N VAL G 338 -81.60 10.09 49.25
CA VAL G 338 -81.66 8.94 50.13
C VAL G 338 -80.83 9.18 51.39
N TRP G 339 -79.62 9.71 51.25
CA TRP G 339 -78.79 9.98 52.42
C TRP G 339 -79.37 11.10 53.26
N ILE G 340 -79.87 12.16 52.62
CA ILE G 340 -80.42 13.30 53.37
C ILE G 340 -81.64 12.86 54.18
N GLY G 341 -82.51 12.06 53.58
CA GLY G 341 -83.64 11.52 54.32
C GLY G 341 -83.21 10.62 55.45
N GLY G 342 -82.16 9.82 55.24
CA GLY G 342 -81.63 8.99 56.31
C GLY G 342 -81.05 9.82 57.44
N SER G 343 -80.36 10.90 57.10
CA SER G 343 -79.84 11.80 58.14
C SER G 343 -80.96 12.44 58.93
N ILE G 344 -82.04 12.83 58.26
CA ILE G 344 -83.19 13.41 58.96
C ILE G 344 -83.84 12.38 59.86
N LEU G 345 -84.04 11.16 59.35
CA LEU G 345 -84.72 10.12 60.12
C LEU G 345 -83.92 9.75 61.36
N ALA G 346 -82.60 9.63 61.24
CA ALA G 346 -81.77 9.25 62.38
C ALA G 346 -81.72 10.34 63.44
N SER G 347 -82.03 11.59 63.08
CA SER G 347 -81.99 12.70 64.02
C SER G 347 -83.31 12.94 64.73
N LEU G 348 -84.38 12.26 64.33
CA LEU G 348 -85.66 12.43 65.00
C LEU G 348 -85.64 11.78 66.38
N SER G 349 -86.59 12.20 67.22
CA SER G 349 -86.70 11.68 68.57
C SER G 349 -87.49 10.38 68.64
N THR G 350 -88.37 10.13 67.67
CA THR G 350 -89.18 8.91 67.65
C THR G 350 -88.48 7.76 66.95
N PHE G 351 -87.25 7.95 66.47
CA PHE G 351 -86.51 6.90 65.79
C PHE G 351 -85.66 6.06 66.73
N GLN G 352 -85.43 6.53 67.96
CA GLN G 352 -84.58 5.79 68.90
C GLN G 352 -85.18 4.44 69.29
N GLN G 353 -86.49 4.26 69.14
CA GLN G 353 -87.12 2.99 69.43
C GLN G 353 -86.93 1.97 68.31
N MET G 354 -86.46 2.41 67.14
CA MET G 354 -86.23 1.51 66.02
C MET G 354 -84.82 0.94 65.98
N TRP G 355 -83.92 1.41 66.85
CA TRP G 355 -82.57 0.89 66.88
C TRP G 355 -82.55 -0.55 67.36
N ILE G 356 -81.68 -1.36 66.75
CA ILE G 356 -81.48 -2.75 67.14
C ILE G 356 -80.07 -2.87 67.66
N SER G 357 -79.93 -3.19 68.95
CA SER G 357 -78.61 -3.27 69.56
C SER G 357 -77.93 -4.59 69.21
N LYS G 358 -76.60 -4.60 69.38
CA LYS G 358 -75.83 -5.81 69.09
C LYS G 358 -76.19 -6.94 70.05
N GLN G 359 -76.45 -6.61 71.31
CA GLN G 359 -76.80 -7.64 72.29
C GLN G 359 -78.09 -8.35 71.92
N GLU G 360 -79.09 -7.60 71.44
CA GLU G 360 -80.35 -8.20 71.05
C GLU G 360 -80.16 -9.16 69.87
N TYR G 361 -79.33 -8.77 68.90
CA TYR G 361 -79.11 -9.61 67.72
C TYR G 361 -78.43 -10.92 68.10
N ASP G 362 -77.47 -10.87 69.03
CA ASP G 362 -76.73 -12.08 69.40
C ASP G 362 -77.64 -13.11 70.05
N GLU G 363 -78.63 -12.67 70.83
CA GLU G 363 -79.52 -13.59 71.54
C GLU G 363 -80.80 -13.91 70.77
N SER G 364 -81.12 -13.15 69.73
CA SER G 364 -82.35 -13.37 68.97
C SER G 364 -82.10 -13.74 67.52
N GLY G 365 -81.10 -13.14 66.87
CA GLY G 365 -80.80 -13.45 65.49
C GLY G 365 -81.40 -12.44 64.52
N PRO G 366 -81.41 -12.79 63.23
CA PRO G 366 -81.95 -11.87 62.22
C PRO G 366 -83.47 -11.77 62.22
N SER G 367 -84.17 -12.54 63.07
CA SER G 367 -85.62 -12.47 63.11
C SER G 367 -86.10 -11.09 63.54
N ILE G 368 -85.44 -10.50 64.54
CA ILE G 368 -85.82 -9.17 65.00
C ILE G 368 -85.52 -8.10 63.96
N VAL G 369 -84.63 -8.39 63.01
CA VAL G 369 -84.34 -7.42 61.96
C VAL G 369 -85.40 -7.46 60.86
N HIS G 370 -85.95 -8.64 60.56
CA HIS G 370 -87.04 -8.73 59.60
C HIS G 370 -88.27 -7.98 60.09
N ARG G 371 -88.60 -8.12 61.37
CA ARG G 371 -89.57 -7.24 61.98
C ARG G 371 -88.93 -5.88 62.25
N LYS G 372 -89.77 -4.89 62.54
CA LYS G 372 -89.39 -3.50 62.77
C LYS G 372 -88.85 -2.85 61.49
N CYS G 373 -88.78 -3.58 60.38
CA CYS G 373 -88.31 -3.06 59.11
C CYS G 373 -89.30 -3.43 58.02
N PHE G 374 -89.40 -2.56 57.01
CA PHE G 374 -90.35 -2.77 55.93
C PHE G 374 -89.63 -3.07 54.62
N LYS H 10 107.63 -26.57 -66.45
CA LYS H 10 107.87 -27.64 -65.49
C LYS H 10 107.92 -27.09 -64.07
N VAL H 11 108.52 -25.91 -63.92
CA VAL H 11 108.63 -25.29 -62.60
C VAL H 11 107.23 -24.92 -62.08
N VAL H 12 106.40 -24.34 -62.94
CA VAL H 12 105.06 -23.91 -62.58
C VAL H 12 104.05 -24.78 -63.31
N ARG H 13 103.02 -25.20 -62.60
CA ARG H 13 101.97 -26.01 -63.20
C ARG H 13 101.29 -25.24 -64.33
N GLN H 14 101.11 -25.92 -65.47
CA GLN H 14 100.55 -25.27 -66.65
C GLN H 14 99.06 -24.99 -66.42
N SER H 15 98.69 -23.72 -66.44
CA SER H 15 97.30 -23.33 -66.23
C SER H 15 97.07 -21.97 -66.86
N LYS H 16 95.79 -21.64 -67.07
CA LYS H 16 95.39 -20.37 -67.64
C LYS H 16 94.71 -19.45 -66.63
N PHE H 17 94.33 -19.96 -65.46
CA PHE H 17 93.58 -19.19 -64.48
C PHE H 17 94.34 -19.04 -63.16
N ARG H 18 95.66 -19.14 -63.20
CA ARG H 18 96.46 -18.98 -61.99
C ARG H 18 96.51 -17.53 -61.51
N HIS H 19 96.14 -16.57 -62.37
CA HIS H 19 96.20 -15.16 -62.02
C HIS H 19 94.83 -14.49 -62.12
N VAL H 20 93.75 -15.25 -62.00
CA VAL H 20 92.42 -14.68 -62.02
C VAL H 20 92.20 -13.88 -60.74
N PHE H 21 91.77 -12.63 -60.89
CA PHE H 21 91.57 -11.73 -59.77
C PHE H 21 90.14 -11.21 -59.77
N GLY H 22 89.56 -11.11 -58.58
CA GLY H 22 88.22 -10.57 -58.44
C GLY H 22 88.23 -9.06 -58.25
N GLN H 23 87.17 -8.41 -58.74
CA GLN H 23 87.06 -6.97 -58.63
C GLN H 23 85.60 -6.57 -58.55
N PRO H 24 85.14 -6.07 -57.40
CA PRO H 24 83.75 -5.64 -57.29
C PRO H 24 83.46 -4.44 -58.19
N VAL H 25 82.22 -4.40 -58.69
CA VAL H 25 81.78 -3.31 -59.55
C VAL H 25 81.62 -2.05 -58.72
N LYS H 26 81.47 -0.91 -59.40
CA LYS H 26 81.32 0.36 -58.70
C LYS H 26 80.00 0.41 -57.93
N ASN H 27 79.91 1.38 -57.03
CA ASN H 27 78.73 1.50 -56.18
C ASN H 27 77.47 1.76 -57.00
N ASP H 28 77.59 2.57 -58.06
CA ASP H 28 76.43 2.86 -58.90
C ASP H 28 75.96 1.64 -59.68
N GLN H 29 76.78 0.59 -59.76
CA GLN H 29 76.41 -0.63 -60.46
C GLN H 29 75.91 -1.72 -59.52
N CYS H 30 75.74 -1.40 -58.23
CA CYS H 30 75.25 -2.36 -57.25
C CYS H 30 73.75 -2.16 -57.01
N TYR H 31 73.18 -3.00 -56.15
CA TYR H 31 71.77 -2.94 -55.81
C TYR H 31 71.65 -2.72 -54.31
N GLU H 32 70.98 -1.64 -53.93
CA GLU H 32 70.88 -1.21 -52.54
C GLU H 32 69.45 -1.33 -52.04
N ASP H 33 69.30 -1.20 -50.72
CA ASP H 33 67.99 -1.19 -50.06
C ASP H 33 67.20 -2.45 -50.36
N ILE H 34 67.87 -3.59 -50.28
CA ILE H 34 67.25 -4.90 -50.50
C ILE H 34 67.25 -5.62 -49.16
N ARG H 35 66.05 -5.88 -48.62
CA ARG H 35 65.92 -6.56 -47.33
C ARG H 35 66.09 -8.06 -47.56
N VAL H 36 67.35 -8.49 -47.54
CA VAL H 36 67.65 -9.89 -47.79
C VAL H 36 67.04 -10.76 -46.69
N SER H 37 66.68 -11.99 -47.08
CA SER H 37 65.95 -12.89 -46.17
C SER H 37 66.79 -13.25 -44.96
N ARG H 38 66.12 -13.46 -43.83
CA ARG H 38 66.74 -13.83 -42.56
C ARG H 38 66.46 -15.29 -42.22
N VAL H 39 66.44 -16.15 -43.22
CA VAL H 39 66.15 -17.57 -43.02
C VAL H 39 67.45 -18.32 -42.80
N THR H 40 67.47 -19.15 -41.76
CA THR H 40 68.69 -19.89 -41.40
C THR H 40 69.05 -20.97 -42.43
N TRP H 41 68.15 -21.31 -43.35
CA TRP H 41 68.44 -22.31 -44.35
C TRP H 41 69.62 -21.87 -45.22
N ASP H 42 70.56 -22.79 -45.43
CA ASP H 42 71.81 -22.49 -46.14
C ASP H 42 71.63 -22.78 -47.63
N SER H 43 71.15 -21.77 -48.35
CA SER H 43 71.01 -21.81 -49.79
C SER H 43 71.71 -20.59 -50.40
N THR H 44 71.69 -20.52 -51.73
CA THR H 44 72.36 -19.43 -52.42
C THR H 44 71.68 -18.09 -52.20
N PHE H 45 70.37 -18.08 -51.92
CA PHE H 45 69.60 -16.87 -51.66
C PHE H 45 69.56 -15.93 -52.86
N CYS H 46 70.12 -16.36 -53.99
CA CYS H 46 70.20 -15.49 -55.16
C CYS H 46 70.25 -16.35 -56.43
N ALA H 47 69.43 -15.99 -57.41
CA ALA H 47 69.44 -16.62 -58.72
C ALA H 47 69.48 -15.52 -59.77
N VAL H 48 70.42 -15.64 -60.71
CA VAL H 48 70.67 -14.61 -61.70
C VAL H 48 70.77 -15.24 -63.08
N ASN H 49 70.10 -14.63 -64.04
CA ASN H 49 70.19 -14.97 -65.46
C ASN H 49 70.53 -13.72 -66.24
N PRO H 50 70.94 -13.86 -67.51
CA PRO H 50 71.34 -12.67 -68.28
C PRO H 50 70.22 -11.65 -68.48
N LYS H 51 69.03 -11.91 -67.94
CA LYS H 51 67.90 -11.00 -68.08
C LYS H 51 67.49 -10.34 -66.77
N PHE H 52 67.39 -11.10 -65.68
CA PHE H 52 66.89 -10.59 -64.42
C PHE H 52 67.81 -11.03 -63.28
N LEU H 53 67.57 -10.44 -62.10
CA LEU H 53 68.25 -10.81 -60.87
C LEU H 53 67.20 -11.10 -59.81
N ALA H 54 67.27 -12.30 -59.21
CA ALA H 54 66.31 -12.73 -58.20
C ALA H 54 67.01 -12.90 -56.87
N VAL H 55 66.48 -12.23 -55.84
CA VAL H 55 67.01 -12.30 -54.50
C VAL H 55 65.87 -12.59 -53.53
N ILE H 56 66.05 -13.58 -52.66
CA ILE H 56 65.06 -13.87 -51.64
C ILE H 56 65.07 -12.76 -50.61
N VAL H 57 63.89 -12.19 -50.32
CA VAL H 57 63.78 -11.04 -49.46
C VAL H 57 62.90 -11.39 -48.25
N GLU H 58 63.05 -10.58 -47.21
CA GLU H 58 62.26 -10.77 -45.99
C GLU H 58 60.91 -10.08 -46.13
N ALA H 59 59.84 -10.82 -45.84
CA ALA H 59 58.49 -10.30 -45.87
C ALA H 59 57.85 -10.48 -44.50
N SER H 60 57.05 -9.50 -44.09
CA SER H 60 56.36 -9.59 -42.81
C SER H 60 55.39 -10.76 -42.78
N GLY H 61 54.67 -10.96 -43.87
CA GLY H 61 53.75 -12.09 -43.97
C GLY H 61 54.09 -12.96 -45.17
N GLY H 62 54.11 -14.27 -44.94
CA GLY H 62 54.44 -15.19 -46.01
C GLY H 62 55.89 -15.05 -46.44
N GLY H 63 56.13 -15.35 -47.71
CA GLY H 63 57.47 -15.25 -48.26
C GLY H 63 57.43 -14.67 -49.66
N ALA H 64 58.50 -13.98 -50.01
CA ALA H 64 58.61 -13.34 -51.31
C ALA H 64 60.08 -13.20 -51.69
N PHE H 65 60.32 -13.04 -52.98
CA PHE H 65 61.66 -12.78 -53.49
C PHE H 65 61.58 -11.65 -54.51
N LEU H 66 62.65 -10.85 -54.57
CA LEU H 66 62.69 -9.65 -55.39
C LEU H 66 63.34 -9.99 -56.74
N VAL H 67 62.59 -9.76 -57.82
CA VAL H 67 63.08 -9.94 -59.18
C VAL H 67 63.10 -8.58 -59.86
N LEU H 68 64.28 -8.16 -60.31
CA LEU H 68 64.45 -6.86 -60.95
C LEU H 68 65.34 -7.02 -62.17
N PRO H 69 65.18 -6.17 -63.18
CA PRO H 69 66.07 -6.23 -64.35
C PRO H 69 67.49 -5.86 -63.98
N LEU H 70 68.44 -6.41 -64.74
CA LEU H 70 69.85 -6.15 -64.48
C LEU H 70 70.19 -4.68 -64.63
N SER H 71 69.46 -3.96 -65.49
CA SER H 71 69.72 -2.53 -65.67
C SER H 71 69.21 -1.70 -64.49
N LYS H 72 68.37 -2.27 -63.64
CA LYS H 72 67.80 -1.56 -62.49
C LYS H 72 68.80 -1.63 -61.32
N THR H 73 69.84 -0.83 -61.44
CA THR H 73 70.87 -0.74 -60.41
C THR H 73 70.54 0.39 -59.45
N GLY H 74 71.45 0.67 -58.51
CA GLY H 74 71.21 1.72 -57.55
C GLY H 74 70.25 1.30 -56.45
N ARG H 75 69.80 2.29 -55.69
CA ARG H 75 68.87 2.03 -54.60
C ARG H 75 67.52 1.57 -55.13
N ILE H 76 66.96 0.57 -54.46
CA ILE H 76 65.66 0.00 -54.84
C ILE H 76 64.61 0.51 -53.86
N ASP H 77 63.47 0.93 -54.39
CA ASP H 77 62.39 1.45 -53.55
C ASP H 77 61.88 0.36 -52.60
N LYS H 78 61.54 0.76 -51.38
CA LYS H 78 61.02 -0.19 -50.41
C LYS H 78 59.66 -0.74 -50.85
N ALA H 79 58.92 0.02 -51.66
CA ALA H 79 57.63 -0.41 -52.17
C ALA H 79 57.73 -1.06 -53.55
N TYR H 80 58.92 -1.48 -53.94
CA TYR H 80 59.08 -2.14 -55.23
C TYR H 80 58.32 -3.46 -55.24
N PRO H 81 57.57 -3.76 -56.31
CA PRO H 81 56.79 -5.00 -56.33
C PRO H 81 57.69 -6.23 -56.24
N THR H 82 57.23 -7.23 -55.49
CA THR H 82 57.95 -8.48 -55.31
C THR H 82 57.04 -9.65 -55.70
N VAL H 83 57.64 -10.82 -55.80
CA VAL H 83 56.90 -12.04 -56.14
C VAL H 83 56.43 -12.64 -54.81
N CYS H 84 55.28 -12.18 -54.35
CA CYS H 84 54.72 -12.57 -53.05
C CYS H 84 53.49 -13.44 -53.30
N GLY H 85 53.71 -14.74 -53.44
CA GLY H 85 52.62 -15.67 -53.61
C GLY H 85 52.61 -16.77 -52.57
N HIS H 86 53.78 -17.05 -51.99
CA HIS H 86 53.89 -18.09 -50.98
C HIS H 86 53.31 -17.60 -49.65
N THR H 87 52.73 -18.54 -48.90
CA THR H 87 52.26 -18.27 -47.56
C THR H 87 53.33 -18.49 -46.50
N GLY H 88 54.52 -18.96 -46.90
CA GLY H 88 55.62 -19.14 -46.00
C GLY H 88 56.90 -18.61 -46.59
N PRO H 89 57.94 -18.44 -45.78
CA PRO H 89 59.21 -17.89 -46.27
C PRO H 89 59.79 -18.75 -47.39
N VAL H 90 60.35 -18.07 -48.39
CA VAL H 90 60.95 -18.75 -49.53
C VAL H 90 62.33 -19.26 -49.15
N LEU H 91 62.63 -20.50 -49.52
CA LEU H 91 63.89 -21.14 -49.18
C LEU H 91 64.87 -21.21 -50.35
N ASP H 92 64.38 -21.50 -51.55
CA ASP H 92 65.26 -21.65 -52.70
C ASP H 92 64.56 -21.13 -53.96
N ILE H 93 65.36 -20.56 -54.87
CA ILE H 93 64.88 -20.11 -56.16
C ILE H 93 65.87 -20.56 -57.22
N ASP H 94 65.38 -20.67 -58.46
CA ASP H 94 66.20 -21.11 -59.58
C ASP H 94 65.55 -20.70 -60.88
N TRP H 95 66.34 -20.09 -61.76
CA TRP H 95 65.85 -19.72 -63.09
C TRP H 95 65.83 -20.92 -64.02
N CYS H 96 64.92 -20.89 -64.98
CA CYS H 96 64.87 -21.94 -65.99
C CYS H 96 66.00 -21.76 -66.98
N PRO H 97 66.85 -22.77 -67.20
CA PRO H 97 67.95 -22.61 -68.16
C PRO H 97 67.48 -22.41 -69.59
N HIS H 98 66.28 -22.89 -69.94
CA HIS H 98 65.76 -22.78 -71.30
C HIS H 98 64.72 -21.67 -71.43
N ASN H 99 64.56 -20.84 -70.40
CA ASN H 99 63.62 -19.72 -70.47
C ASN H 99 64.07 -18.67 -69.47
N ASP H 100 64.49 -17.52 -69.97
CA ASP H 100 65.00 -16.44 -69.12
C ASP H 100 63.92 -15.70 -68.35
N GLU H 101 62.67 -16.15 -68.37
CA GLU H 101 61.59 -15.49 -67.64
C GLU H 101 60.77 -16.45 -66.80
N VAL H 102 61.25 -17.68 -66.60
CA VAL H 102 60.57 -18.68 -65.79
C VAL H 102 61.48 -19.03 -64.61
N ILE H 103 60.97 -18.86 -63.40
CA ILE H 103 61.72 -19.11 -62.18
C ILE H 103 60.85 -19.94 -61.23
N ALA H 104 61.44 -20.97 -60.63
CA ALA H 104 60.75 -21.82 -59.67
C ALA H 104 61.26 -21.52 -58.27
N SER H 105 60.33 -21.40 -57.32
CA SER H 105 60.65 -21.03 -55.95
C SER H 105 60.10 -22.07 -54.99
N GLY H 106 60.92 -22.50 -54.05
CA GLY H 106 60.49 -23.39 -52.98
C GLY H 106 60.42 -22.62 -51.67
N SER H 107 59.37 -22.89 -50.90
CA SER H 107 59.09 -22.14 -49.69
C SER H 107 58.78 -23.10 -48.54
N GLU H 108 58.47 -22.52 -47.38
CA GLU H 108 58.17 -23.30 -46.18
C GLU H 108 56.74 -23.80 -46.14
N ASP H 109 55.89 -23.40 -47.09
CA ASP H 109 54.51 -23.86 -47.15
C ASP H 109 54.37 -25.20 -47.86
N CYS H 110 55.48 -25.95 -48.00
CA CYS H 110 55.46 -27.30 -48.58
C CYS H 110 54.90 -27.30 -50.00
N THR H 111 55.26 -26.29 -50.79
CA THR H 111 54.81 -26.19 -52.16
C THR H 111 55.91 -25.57 -53.02
N VAL H 112 55.82 -25.82 -54.33
CA VAL H 112 56.71 -25.25 -55.31
C VAL H 112 55.89 -24.51 -56.34
N MET H 113 56.21 -23.25 -56.58
CA MET H 113 55.48 -22.40 -57.50
C MET H 113 56.39 -21.95 -58.63
N VAL H 114 55.92 -22.07 -59.86
CA VAL H 114 56.64 -21.61 -61.05
C VAL H 114 56.04 -20.29 -61.48
N TRP H 115 56.89 -19.30 -61.75
CA TRP H 115 56.45 -17.94 -62.05
C TRP H 115 56.89 -17.55 -63.46
N GLN H 116 56.12 -16.65 -64.06
CA GLN H 116 56.41 -16.10 -65.38
C GLN H 116 56.65 -14.60 -65.22
N ILE H 117 57.89 -14.17 -65.46
CA ILE H 117 58.26 -12.76 -65.31
C ILE H 117 58.04 -12.04 -66.63
N PRO H 118 57.36 -10.90 -66.64
CA PRO H 118 57.16 -10.16 -67.90
C PRO H 118 58.45 -9.66 -68.52
N GLU H 119 58.37 -9.12 -69.74
CA GLU H 119 59.57 -8.70 -70.45
C GLU H 119 60.28 -7.57 -69.73
N ASN H 120 59.52 -6.59 -69.23
CA ASN H 120 60.10 -5.40 -68.60
C ASN H 120 60.17 -5.49 -67.09
N GLY H 121 59.82 -6.63 -66.50
CA GLY H 121 59.85 -6.79 -65.07
C GLY H 121 58.47 -6.74 -64.45
N LEU H 122 58.45 -6.35 -63.18
CA LEU H 122 57.22 -6.30 -62.40
C LEU H 122 56.79 -4.86 -62.18
N THR H 123 55.54 -4.56 -62.49
CA THR H 123 54.93 -3.27 -62.19
C THR H 123 53.99 -3.34 -60.99
N SER H 124 53.38 -4.49 -60.75
CA SER H 124 52.52 -4.75 -59.61
C SER H 124 52.98 -6.05 -58.96
N PRO H 125 52.72 -6.23 -57.67
CA PRO H 125 53.14 -7.47 -57.00
C PRO H 125 52.55 -8.70 -57.67
N LEU H 126 53.39 -9.73 -57.82
CA LEU H 126 53.01 -10.96 -58.48
C LEU H 126 52.58 -11.97 -57.41
N THR H 127 51.34 -12.45 -57.51
CA THR H 127 50.77 -13.37 -56.54
C THR H 127 50.37 -14.72 -57.13
N GLU H 128 49.76 -14.72 -58.32
CA GLU H 128 49.28 -15.96 -58.92
C GLU H 128 50.38 -16.57 -59.79
N PRO H 129 50.90 -17.74 -59.44
CA PRO H 129 51.88 -18.40 -60.32
C PRO H 129 51.19 -19.20 -61.41
N VAL H 130 51.97 -19.52 -62.45
CA VAL H 130 51.42 -20.30 -63.55
C VAL H 130 51.14 -21.74 -63.12
N VAL H 131 52.02 -22.31 -62.30
CA VAL H 131 51.86 -23.67 -61.80
C VAL H 131 52.09 -23.68 -60.29
N VAL H 132 51.39 -24.56 -59.60
CA VAL H 132 51.59 -24.82 -58.17
C VAL H 132 51.84 -26.31 -58.01
N LEU H 133 53.06 -26.67 -57.63
CA LEU H 133 53.44 -28.08 -57.47
C LEU H 133 53.32 -28.44 -56.00
N GLU H 134 52.32 -29.26 -55.68
CA GLU H 134 52.03 -29.68 -54.30
C GLU H 134 52.26 -31.18 -54.20
N GLY H 135 53.48 -31.56 -53.82
CA GLY H 135 53.81 -32.96 -53.67
C GLY H 135 54.62 -33.27 -52.42
N HIS H 136 54.97 -32.23 -51.66
CA HIS H 136 55.80 -32.37 -50.48
C HIS H 136 54.98 -32.14 -49.22
N THR H 137 55.34 -32.86 -48.16
CA THR H 137 54.68 -32.73 -46.87
C THR H 137 55.42 -31.78 -45.92
N LYS H 138 56.67 -31.45 -46.22
CA LYS H 138 57.45 -30.52 -45.43
C LYS H 138 58.02 -29.43 -46.34
N ARG H 139 58.79 -28.52 -45.74
CA ARG H 139 59.30 -27.38 -46.49
C ARG H 139 60.27 -27.83 -47.58
N VAL H 140 60.20 -27.17 -48.73
CA VAL H 140 61.03 -27.48 -49.88
C VAL H 140 62.15 -26.45 -49.96
N GLY H 141 63.39 -26.88 -49.83
CA GLY H 141 64.52 -25.97 -49.86
C GLY H 141 65.52 -26.28 -50.95
N ILE H 142 65.23 -27.27 -51.79
CA ILE H 142 66.10 -27.67 -52.88
C ILE H 142 65.29 -27.66 -54.17
N ILE H 143 65.75 -26.88 -55.15
CA ILE H 143 65.12 -26.82 -56.46
C ILE H 143 66.22 -26.83 -57.50
N ALA H 144 66.10 -27.72 -58.50
CA ALA H 144 67.11 -27.86 -59.54
C ALA H 144 66.42 -28.20 -60.86
N TRP H 145 66.55 -27.31 -61.83
CA TRP H 145 65.99 -27.57 -63.16
C TRP H 145 66.84 -28.60 -63.90
N HIS H 146 66.21 -29.31 -64.82
CA HIS H 146 66.93 -30.30 -65.63
C HIS H 146 67.76 -29.58 -66.69
N PRO H 147 69.05 -29.90 -66.82
CA PRO H 147 69.89 -29.17 -67.78
C PRO H 147 69.45 -29.33 -69.23
N THR H 148 68.90 -30.48 -69.61
CA THR H 148 68.57 -30.75 -71.01
C THR H 148 67.07 -30.86 -71.26
N ALA H 149 66.38 -31.72 -70.51
CA ALA H 149 64.96 -31.94 -70.74
C ALA H 149 64.16 -30.69 -70.41
N ARG H 150 63.20 -30.36 -71.27
CA ARG H 150 62.39 -29.17 -71.09
C ARG H 150 61.31 -29.40 -70.05
N ASN H 151 61.06 -28.36 -69.24
CA ASN H 151 59.99 -28.34 -68.24
C ASN H 151 60.12 -29.48 -67.23
N VAL H 152 61.33 -29.95 -66.96
CA VAL H 152 61.58 -30.98 -65.96
C VAL H 152 62.29 -30.33 -64.79
N LEU H 153 61.68 -30.43 -63.60
CA LEU H 153 62.18 -29.76 -62.41
C LEU H 153 62.30 -30.77 -61.27
N LEU H 154 63.39 -30.65 -60.52
CA LEU H 154 63.61 -31.48 -59.33
C LEU H 154 63.33 -30.65 -58.08
N SER H 155 62.67 -31.28 -57.10
CA SER H 155 62.38 -30.63 -55.83
C SER H 155 62.63 -31.63 -54.71
N ALA H 156 63.38 -31.20 -53.70
CA ALA H 156 63.66 -32.02 -52.53
C ALA H 156 63.28 -31.25 -51.28
N GLY H 157 62.52 -31.90 -50.39
CA GLY H 157 62.05 -31.29 -49.17
C GLY H 157 62.65 -31.93 -47.93
N CYS H 158 62.20 -31.41 -46.78
CA CYS H 158 62.65 -31.94 -45.50
C CYS H 158 62.07 -33.30 -45.18
N ASP H 159 61.11 -33.79 -45.96
CA ASP H 159 60.57 -35.13 -45.79
C ASP H 159 61.47 -36.20 -46.38
N ASN H 160 62.69 -35.84 -46.79
CA ASN H 160 63.64 -36.79 -47.37
C ASN H 160 63.09 -37.45 -48.62
N VAL H 161 62.34 -36.69 -49.41
CA VAL H 161 61.70 -37.18 -50.62
C VAL H 161 62.10 -36.27 -51.78
N VAL H 162 62.57 -36.88 -52.87
CA VAL H 162 62.97 -36.17 -54.07
C VAL H 162 61.90 -36.39 -55.14
N LEU H 163 61.43 -35.30 -55.74
CA LEU H 163 60.36 -35.35 -56.72
C LEU H 163 60.82 -34.77 -58.04
N ILE H 164 60.46 -35.42 -59.14
CA ILE H 164 60.71 -34.92 -60.48
C ILE H 164 59.38 -34.41 -61.03
N TRP H 165 59.35 -33.16 -61.47
CA TRP H 165 58.11 -32.50 -61.86
C TRP H 165 58.11 -32.19 -63.35
N ASN H 166 56.91 -32.10 -63.90
CA ASN H 166 56.67 -31.63 -65.26
C ASN H 166 56.00 -30.26 -65.14
N VAL H 167 56.78 -29.21 -65.40
CA VAL H 167 56.25 -27.85 -65.28
C VAL H 167 55.14 -27.62 -66.30
N GLY H 168 55.28 -28.17 -67.50
CA GLY H 168 54.28 -27.96 -68.53
C GLY H 168 52.94 -28.57 -68.20
N THR H 169 52.94 -29.77 -67.62
CA THR H 169 51.71 -30.52 -67.38
C THR H 169 51.38 -30.66 -65.90
N ALA H 170 52.17 -30.07 -65.00
CA ALA H 170 51.94 -30.15 -63.56
C ALA H 170 51.83 -31.61 -63.09
N GLU H 171 52.70 -32.46 -63.63
CA GLU H 171 52.67 -33.89 -63.35
C GLU H 171 53.90 -34.30 -62.55
N GLU H 172 53.69 -35.19 -61.59
CA GLU H 172 54.78 -35.74 -60.77
C GLU H 172 55.35 -36.94 -61.51
N LEU H 173 56.47 -36.73 -62.22
CA LEU H 173 57.04 -37.78 -63.05
C LEU H 173 57.52 -38.96 -62.21
N TYR H 174 58.34 -38.70 -61.20
CA TYR H 174 58.85 -39.78 -60.35
C TYR H 174 58.80 -39.33 -58.89
N ARG H 175 58.81 -40.32 -58.00
CA ARG H 175 58.76 -40.10 -56.56
C ARG H 175 59.74 -41.05 -55.89
N LEU H 176 60.71 -40.49 -55.17
CA LEU H 176 61.74 -41.28 -54.49
C LEU H 176 61.67 -40.98 -53.00
N ASP H 177 61.21 -41.95 -52.22
CA ASP H 177 61.01 -41.76 -50.78
C ASP H 177 61.95 -42.57 -49.90
N SER H 178 62.50 -43.67 -50.40
CA SER H 178 63.25 -44.62 -49.59
C SER H 178 64.72 -44.67 -49.99
N LEU H 179 65.34 -43.51 -50.21
CA LEU H 179 66.74 -43.44 -50.54
C LEU H 179 67.55 -42.50 -49.66
N HIS H 180 66.89 -41.60 -48.93
CA HIS H 180 67.58 -40.67 -48.03
C HIS H 180 67.07 -40.88 -46.61
N PRO H 181 67.87 -41.46 -45.71
CA PRO H 181 67.39 -41.68 -44.34
C PRO H 181 67.34 -40.44 -43.48
N ASP H 182 67.98 -39.35 -43.88
CA ASP H 182 68.01 -38.13 -43.08
C ASP H 182 67.79 -36.94 -44.02
N LEU H 183 67.97 -35.73 -43.48
CA LEU H 183 67.70 -34.52 -44.25
C LEU H 183 68.72 -34.36 -45.37
N ILE H 184 68.22 -33.95 -46.53
CA ILE H 184 69.05 -33.77 -47.72
C ILE H 184 69.63 -32.36 -47.72
N TYR H 185 70.90 -32.25 -48.11
CA TYR H 185 71.58 -30.97 -48.12
C TYR H 185 71.46 -30.25 -49.46
N ASN H 186 71.89 -30.89 -50.54
CA ASN H 186 71.79 -30.29 -51.87
C ASN H 186 71.71 -31.39 -52.91
N VAL H 187 71.17 -31.04 -54.08
CA VAL H 187 71.03 -31.94 -55.21
C VAL H 187 71.57 -31.25 -56.45
N SER H 188 72.43 -31.94 -57.20
CA SER H 188 73.02 -31.40 -58.42
C SER H 188 72.93 -32.43 -59.54
N TRP H 189 72.42 -32.01 -60.69
CA TRP H 189 72.35 -32.87 -61.85
C TRP H 189 73.74 -33.11 -62.43
N ASN H 190 73.87 -34.18 -63.19
CA ASN H 190 75.11 -34.47 -63.90
C ASN H 190 75.14 -33.70 -65.21
N HIS H 191 76.10 -34.02 -66.07
CA HIS H 191 76.29 -33.26 -67.31
C HIS H 191 75.08 -33.36 -68.22
N ASN H 192 74.77 -34.58 -68.68
CA ASN H 192 73.68 -34.77 -69.64
C ASN H 192 72.30 -34.69 -68.99
N GLY H 193 72.20 -34.87 -67.68
CA GLY H 193 70.94 -34.86 -67.00
C GLY H 193 70.36 -36.23 -66.69
N SER H 194 71.19 -37.26 -66.57
CA SER H 194 70.71 -38.61 -66.30
C SER H 194 70.81 -39.01 -64.84
N LEU H 195 71.82 -38.53 -64.12
CA LEU H 195 72.01 -38.85 -62.72
C LEU H 195 72.19 -37.57 -61.92
N PHE H 196 71.89 -37.64 -60.63
CA PHE H 196 72.09 -36.52 -59.73
C PHE H 196 72.72 -37.00 -58.43
N CYS H 197 73.57 -36.16 -57.84
CA CYS H 197 74.19 -36.44 -56.57
C CYS H 197 73.44 -35.71 -55.46
N SER H 198 73.43 -36.31 -54.27
CA SER H 198 72.76 -35.72 -53.13
C SER H 198 73.64 -35.87 -51.89
N ALA H 199 73.65 -34.82 -51.08
CA ALA H 199 74.34 -34.82 -49.80
C ALA H 199 73.29 -34.88 -48.69
N CYS H 200 73.50 -35.76 -47.73
CA CYS H 200 72.52 -36.03 -46.68
C CYS H 200 73.15 -35.79 -45.31
N LYS H 201 72.28 -35.64 -44.31
CA LYS H 201 72.72 -35.36 -42.95
C LYS H 201 73.49 -36.52 -42.33
N ASP H 202 73.34 -37.73 -42.87
CA ASP H 202 74.04 -38.90 -42.35
C ASP H 202 75.46 -39.02 -42.91
N LYS H 203 76.03 -37.92 -43.42
CA LYS H 203 77.40 -37.88 -43.93
C LYS H 203 77.60 -38.85 -45.09
N SER H 204 76.56 -39.04 -45.91
CA SER H 204 76.61 -39.97 -47.03
C SER H 204 76.35 -39.24 -48.33
N VAL H 205 77.16 -39.55 -49.35
CA VAL H 205 77.02 -39.00 -50.69
C VAL H 205 76.48 -40.10 -51.59
N ARG H 206 75.36 -39.82 -52.26
CA ARG H 206 74.66 -40.81 -53.06
C ARG H 206 74.48 -40.31 -54.49
N ILE H 207 74.69 -41.21 -55.45
CA ILE H 207 74.40 -40.96 -56.85
C ILE H 207 73.19 -41.79 -57.22
N ILE H 208 72.12 -41.12 -57.67
CA ILE H 208 70.82 -41.75 -57.85
C ILE H 208 70.35 -41.53 -59.27
N ASP H 209 69.88 -42.61 -59.91
CA ASP H 209 69.24 -42.51 -61.22
C ASP H 209 67.75 -42.30 -61.00
N PRO H 210 67.19 -41.13 -61.34
CA PRO H 210 65.76 -40.92 -61.07
C PRO H 210 64.85 -41.77 -61.93
N ARG H 211 65.22 -42.03 -63.18
CA ARG H 211 64.36 -42.80 -64.08
C ARG H 211 64.25 -44.25 -63.64
N ARG H 212 65.36 -44.84 -63.20
CA ARG H 212 65.36 -46.23 -62.75
C ARG H 212 65.04 -46.38 -61.27
N GLY H 213 65.06 -45.29 -60.51
CA GLY H 213 64.75 -45.37 -59.10
C GLY H 213 65.74 -46.17 -58.28
N THR H 214 66.95 -46.36 -58.79
CA THR H 214 67.97 -47.15 -58.13
C THR H 214 69.08 -46.25 -57.60
N LEU H 215 69.96 -46.85 -56.81
CA LEU H 215 71.12 -46.17 -56.22
C LEU H 215 72.37 -46.63 -56.95
N VAL H 216 72.90 -45.76 -57.81
CA VAL H 216 74.06 -46.12 -58.62
C VAL H 216 75.29 -46.33 -57.73
N ALA H 217 75.53 -45.39 -56.82
CA ALA H 217 76.67 -45.49 -55.92
C ALA H 217 76.37 -44.72 -54.64
N GLU H 218 77.10 -45.06 -53.58
CA GLU H 218 76.93 -44.41 -52.29
C GLU H 218 78.22 -44.52 -51.50
N ARG H 219 78.63 -43.41 -50.90
CA ARG H 219 79.81 -43.36 -50.04
C ARG H 219 79.36 -43.01 -48.63
N GLU H 220 79.70 -43.86 -47.67
CA GLU H 220 79.35 -43.63 -46.28
C GLU H 220 80.48 -42.90 -45.57
N LYS H 221 80.10 -41.91 -44.75
CA LYS H 221 81.06 -41.10 -44.00
C LYS H 221 82.06 -40.41 -44.93
N ALA H 222 81.53 -39.70 -45.93
CA ALA H 222 82.40 -38.96 -46.85
C ALA H 222 83.19 -37.89 -46.12
N HIS H 223 82.54 -37.16 -45.21
CA HIS H 223 83.20 -36.21 -44.34
C HIS H 223 82.77 -36.49 -42.91
N GLU H 224 83.75 -36.63 -42.02
CA GLU H 224 83.47 -37.04 -40.64
C GLU H 224 82.74 -35.97 -39.84
N GLY H 225 82.79 -34.72 -40.28
CA GLY H 225 82.18 -33.65 -39.51
C GLY H 225 80.67 -33.72 -39.53
N ALA H 226 80.06 -33.23 -38.44
CA ALA H 226 78.61 -33.18 -38.33
C ALA H 226 78.01 -31.94 -38.98
N ARG H 227 78.84 -30.99 -39.39
CA ARG H 227 78.34 -29.78 -40.02
C ARG H 227 77.88 -30.07 -41.45
N PRO H 228 77.05 -29.20 -42.03
CA PRO H 228 76.50 -29.48 -43.35
C PRO H 228 77.57 -29.63 -44.43
N MET H 229 77.25 -30.45 -45.43
CA MET H 229 78.17 -30.76 -46.52
C MET H 229 77.44 -30.56 -47.84
N ARG H 230 78.21 -30.41 -48.91
CA ARG H 230 77.67 -30.23 -50.26
C ARG H 230 78.28 -31.26 -51.19
N ALA H 231 77.67 -31.39 -52.37
CA ALA H 231 78.15 -32.32 -53.38
C ALA H 231 77.59 -31.92 -54.73
N ILE H 232 78.46 -31.81 -55.74
CA ILE H 232 78.07 -31.41 -57.08
C ILE H 232 78.71 -32.36 -58.09
N PHE H 233 78.12 -32.40 -59.28
CA PHE H 233 78.61 -33.21 -60.39
C PHE H 233 79.45 -32.34 -61.32
N LEU H 234 80.60 -32.87 -61.73
CA LEU H 234 81.46 -32.19 -62.69
C LEU H 234 81.10 -32.61 -64.11
N ALA H 235 81.69 -31.91 -65.08
CA ALA H 235 81.41 -32.21 -66.49
C ALA H 235 81.97 -33.55 -66.92
N ASP H 236 83.01 -34.04 -66.26
CA ASP H 236 83.61 -35.33 -66.57
C ASP H 236 83.01 -36.48 -65.76
N GLY H 237 82.02 -36.20 -64.93
CA GLY H 237 81.34 -37.21 -64.16
C GLY H 237 81.76 -37.31 -62.71
N LYS H 238 82.92 -36.75 -62.36
CA LYS H 238 83.40 -36.82 -60.99
C LYS H 238 82.56 -35.96 -60.07
N VAL H 239 82.67 -36.22 -58.78
CA VAL H 239 81.88 -35.55 -57.75
C VAL H 239 82.80 -34.71 -56.88
N PHE H 240 82.47 -33.44 -56.71
CA PHE H 240 83.20 -32.52 -55.85
C PHE H 240 82.37 -32.23 -54.62
N THR H 241 82.91 -32.51 -53.43
CA THR H 241 82.20 -32.33 -52.18
C THR H 241 83.02 -31.47 -51.23
N THR H 242 82.30 -30.72 -50.40
CA THR H 242 82.90 -29.93 -49.32
C THR H 242 82.31 -30.37 -48.00
N GLY H 243 83.15 -30.48 -46.98
CA GLY H 243 82.69 -30.98 -45.70
C GLY H 243 83.64 -30.59 -44.58
N PHE H 244 83.42 -31.22 -43.43
CA PHE H 244 84.17 -30.95 -42.21
C PHE H 244 84.87 -32.21 -41.71
N SER H 245 85.64 -32.05 -40.64
CA SER H 245 86.38 -33.14 -40.02
C SER H 245 85.86 -33.37 -38.60
N ARG H 246 86.46 -34.36 -37.93
CA ARG H 246 86.13 -34.61 -36.53
C ARG H 246 86.50 -33.42 -35.66
N MET H 247 87.52 -32.65 -36.06
CA MET H 247 87.94 -31.46 -35.34
C MET H 247 87.34 -30.19 -35.94
N SER H 248 86.32 -30.32 -36.78
CA SER H 248 85.60 -29.20 -37.37
C SER H 248 86.53 -28.33 -38.22
N GLU H 249 87.10 -28.93 -39.25
CA GLU H 249 87.95 -28.24 -40.21
C GLU H 249 87.38 -28.47 -41.60
N ARG H 250 87.12 -27.38 -42.33
CA ARG H 250 86.49 -27.48 -43.64
C ARG H 250 87.45 -28.11 -44.64
N GLN H 251 86.91 -28.97 -45.51
CA GLN H 251 87.70 -29.72 -46.47
C GLN H 251 87.08 -29.62 -47.86
N LEU H 252 87.87 -30.03 -48.86
CA LEU H 252 87.40 -30.27 -50.21
C LEU H 252 87.78 -31.68 -50.61
N ALA H 253 86.93 -32.32 -51.42
CA ALA H 253 87.16 -33.71 -51.80
C ALA H 253 86.70 -33.93 -53.23
N LEU H 254 87.42 -34.79 -53.94
CA LEU H 254 87.07 -35.21 -55.29
C LEU H 254 86.92 -36.72 -55.32
N TRP H 255 85.86 -37.20 -55.96
CA TRP H 255 85.53 -38.62 -55.96
C TRP H 255 85.34 -39.13 -57.38
N ASP H 256 85.82 -40.34 -57.63
CA ASP H 256 85.57 -41.03 -58.90
C ASP H 256 84.38 -41.96 -58.72
N PRO H 257 83.31 -41.80 -59.51
CA PRO H 257 82.12 -42.63 -59.30
C PRO H 257 82.37 -44.12 -59.43
N GLU H 258 83.40 -44.54 -60.18
CA GLU H 258 83.68 -45.96 -60.31
C GLU H 258 84.31 -46.55 -59.05
N ASN H 259 85.21 -45.81 -58.38
CA ASN H 259 85.86 -46.27 -57.16
C ASN H 259 85.58 -45.27 -56.06
N LEU H 260 84.75 -45.65 -55.09
CA LEU H 260 84.41 -44.80 -53.96
C LEU H 260 85.16 -45.17 -52.70
N GLU H 261 86.18 -46.03 -52.80
CA GLU H 261 86.90 -46.48 -51.61
C GLU H 261 87.62 -45.32 -50.93
N GLU H 262 88.39 -44.55 -51.69
CA GLU H 262 89.12 -43.41 -51.16
C GLU H 262 88.96 -42.23 -52.12
N PRO H 263 88.91 -41.01 -51.60
CA PRO H 263 88.81 -39.84 -52.49
C PRO H 263 90.09 -39.63 -53.27
N MET H 264 89.93 -39.09 -54.48
CA MET H 264 91.11 -38.75 -55.29
C MET H 264 91.87 -37.58 -54.68
N ALA H 265 91.17 -36.64 -54.06
CA ALA H 265 91.80 -35.49 -53.42
C ALA H 265 91.17 -35.25 -52.06
N LEU H 266 91.96 -34.69 -51.15
CA LEU H 266 91.49 -34.36 -49.81
C LEU H 266 92.35 -33.21 -49.29
N GLN H 267 91.81 -32.00 -49.34
CA GLN H 267 92.51 -30.80 -48.93
C GLN H 267 91.72 -30.08 -47.84
N GLU H 268 92.42 -29.68 -46.79
CA GLU H 268 91.81 -29.00 -45.66
C GLU H 268 92.06 -27.50 -45.79
N LEU H 269 90.97 -26.72 -45.73
CA LEU H 269 91.07 -25.28 -45.98
C LEU H 269 91.29 -24.48 -44.71
N ASP H 270 90.35 -24.57 -43.77
CA ASP H 270 90.40 -23.77 -42.55
C ASP H 270 89.40 -24.34 -41.56
N SER H 271 89.25 -23.70 -40.41
CA SER H 271 88.42 -24.18 -39.32
C SER H 271 87.42 -23.12 -38.87
N SER H 272 86.75 -22.49 -39.82
CA SER H 272 85.71 -21.52 -39.54
C SER H 272 84.34 -22.12 -39.83
N ASN H 273 83.33 -21.64 -39.11
CA ASN H 273 81.97 -22.13 -39.30
C ASN H 273 81.41 -21.62 -40.63
N GLY H 274 80.32 -22.26 -41.07
CA GLY H 274 79.67 -21.89 -42.30
C GLY H 274 79.88 -22.89 -43.42
N ALA H 275 78.79 -23.36 -44.00
CA ALA H 275 78.87 -24.34 -45.08
C ALA H 275 79.49 -23.71 -46.32
N LEU H 276 80.30 -24.50 -47.02
CA LEU H 276 80.97 -24.05 -48.24
C LEU H 276 80.09 -24.38 -49.44
N LEU H 277 79.67 -23.34 -50.17
CA LEU H 277 78.82 -23.53 -51.34
C LEU H 277 79.68 -23.55 -52.58
N PRO H 278 79.80 -24.68 -53.29
CA PRO H 278 80.64 -24.74 -54.48
C PRO H 278 79.91 -24.26 -55.73
N PHE H 279 80.61 -23.46 -56.53
CA PHE H 279 80.12 -22.97 -57.81
C PHE H 279 81.06 -23.48 -58.89
N TYR H 280 80.55 -24.38 -59.73
CA TYR H 280 81.36 -25.07 -60.73
C TYR H 280 81.15 -24.45 -62.10
N ASP H 281 82.24 -24.19 -62.80
CA ASP H 281 82.18 -23.65 -64.16
C ASP H 281 82.63 -24.74 -65.13
N PRO H 282 81.73 -25.35 -65.88
CA PRO H 282 82.13 -26.45 -66.78
C PRO H 282 83.10 -26.02 -67.87
N ASP H 283 82.98 -24.78 -68.38
CA ASP H 283 83.84 -24.33 -69.46
C ASP H 283 85.30 -24.27 -69.03
N THR H 284 85.57 -23.74 -67.84
CA THR H 284 86.93 -23.54 -67.37
C THR H 284 87.37 -24.59 -66.35
N SER H 285 86.47 -25.48 -65.93
CA SER H 285 86.77 -26.50 -64.93
C SER H 285 87.32 -25.87 -63.65
N VAL H 286 86.74 -24.75 -63.25
CA VAL H 286 87.14 -24.01 -62.05
C VAL H 286 85.97 -24.01 -61.08
N VAL H 287 86.24 -24.42 -59.84
CA VAL H 287 85.22 -24.49 -58.80
C VAL H 287 85.46 -23.36 -57.82
N TYR H 288 84.45 -22.50 -57.65
CA TYR H 288 84.52 -21.38 -56.73
C TYR H 288 83.85 -21.78 -55.43
N VAL H 289 84.58 -21.67 -54.33
CA VAL H 289 84.11 -22.08 -53.01
C VAL H 289 83.77 -20.82 -52.23
N CYS H 290 82.48 -20.65 -51.91
CA CYS H 290 81.99 -19.52 -51.14
C CYS H 290 81.32 -20.04 -49.88
N GLY H 291 81.81 -19.61 -48.72
CA GLY H 291 81.23 -20.04 -47.45
C GLY H 291 80.26 -19.00 -46.91
N LYS H 292 79.18 -19.48 -46.33
CA LYS H 292 78.18 -18.59 -45.75
C LYS H 292 78.75 -17.90 -44.51
N GLY H 293 78.64 -16.57 -44.48
CA GLY H 293 79.21 -15.79 -43.41
C GLY H 293 80.68 -15.46 -43.57
N ASP H 294 81.32 -15.95 -44.63
CA ASP H 294 82.72 -15.65 -44.90
C ASP H 294 82.85 -14.39 -45.75
N SER H 295 84.06 -13.83 -45.76
CA SER H 295 84.35 -12.63 -46.53
C SER H 295 85.35 -12.90 -47.65
N SER H 296 85.55 -14.16 -48.04
CA SER H 296 86.52 -14.52 -49.05
C SER H 296 85.91 -15.52 -50.02
N ILE H 297 86.41 -15.50 -51.25
CA ILE H 297 86.01 -16.43 -52.30
C ILE H 297 87.25 -17.12 -52.81
N ARG H 298 87.29 -18.45 -52.70
CA ARG H 298 88.41 -19.26 -53.14
C ARG H 298 87.99 -20.06 -54.36
N TYR H 299 88.80 -20.03 -55.42
CA TYR H 299 88.55 -20.80 -56.62
C TYR H 299 89.66 -21.80 -56.85
N PHE H 300 89.29 -23.02 -57.21
CA PHE H 300 90.21 -24.11 -57.45
C PHE H 300 89.98 -24.67 -58.85
N GLU H 301 91.05 -25.16 -59.46
CA GLU H 301 91.00 -25.75 -60.80
C GLU H 301 91.08 -27.26 -60.68
N ILE H 302 90.17 -27.96 -61.35
CA ILE H 302 90.10 -29.41 -61.32
C ILE H 302 90.69 -29.94 -62.63
N THR H 303 91.81 -30.65 -62.53
CA THR H 303 92.48 -31.23 -63.68
C THR H 303 92.77 -32.70 -63.40
N GLU H 304 93.34 -33.38 -64.41
CA GLU H 304 93.69 -34.78 -64.30
C GLU H 304 95.05 -35.02 -63.68
N GLU H 305 95.84 -33.97 -63.48
CA GLU H 305 97.14 -34.10 -62.83
C GLU H 305 97.00 -34.00 -61.32
N PRO H 306 97.71 -34.83 -60.56
CA PRO H 306 97.56 -34.82 -59.12
C PRO H 306 98.02 -33.49 -58.54
N PRO H 307 97.43 -33.06 -57.41
CA PRO H 307 96.39 -33.74 -56.62
C PRO H 307 94.98 -33.47 -57.11
N TYR H 308 94.81 -33.16 -58.40
CA TYR H 308 93.51 -33.04 -59.07
C TYR H 308 92.73 -31.83 -58.58
N ILE H 309 93.27 -31.11 -57.60
CA ILE H 309 92.67 -29.88 -57.08
C ILE H 309 93.81 -28.90 -56.83
N HIS H 310 93.87 -27.83 -57.61
CA HIS H 310 94.93 -26.84 -57.51
C HIS H 310 94.34 -25.51 -57.07
N PHE H 311 94.89 -24.94 -56.01
CA PHE H 311 94.46 -23.65 -55.51
C PHE H 311 95.01 -22.55 -56.41
N LEU H 312 94.13 -21.73 -56.98
CA LEU H 312 94.55 -20.67 -57.90
C LEU H 312 94.82 -19.36 -57.16
N ASN H 313 93.81 -18.84 -56.48
CA ASN H 313 93.93 -17.60 -55.72
C ASN H 313 92.69 -17.47 -54.85
N THR H 314 92.58 -16.36 -54.14
CA THR H 314 91.44 -16.09 -53.28
C THR H 314 91.12 -14.61 -53.31
N PHE H 315 89.85 -14.27 -53.52
CA PHE H 315 89.39 -12.90 -53.46
C PHE H 315 88.97 -12.57 -52.03
N THR H 316 89.55 -11.52 -51.48
CA THR H 316 89.35 -11.15 -50.08
C THR H 316 88.57 -9.84 -49.99
N SER H 317 87.65 -9.78 -49.03
CA SER H 317 86.89 -8.58 -48.74
C SER H 317 86.79 -8.43 -47.23
N LYS H 318 86.08 -7.38 -46.79
CA LYS H 318 85.92 -7.08 -45.38
C LYS H 318 84.48 -7.25 -44.89
N GLU H 319 83.58 -7.73 -45.73
CA GLU H 319 82.19 -7.90 -45.37
C GLU H 319 81.76 -9.35 -45.58
N PRO H 320 81.14 -9.98 -44.59
CA PRO H 320 80.63 -11.34 -44.79
C PRO H 320 79.47 -11.35 -45.78
N GLN H 321 79.33 -12.48 -46.47
CA GLN H 321 78.30 -12.65 -47.49
C GLN H 321 77.16 -13.50 -46.93
N ARG H 322 75.92 -13.04 -47.19
CA ARG H 322 74.74 -13.80 -46.83
C ARG H 322 74.27 -14.74 -47.92
N GLY H 323 74.59 -14.44 -49.17
CA GLY H 323 74.23 -15.30 -50.29
C GLY H 323 75.20 -15.07 -51.43
N MET H 324 75.03 -15.85 -52.49
CA MET H 324 75.90 -15.75 -53.64
C MET H 324 75.19 -16.30 -54.87
N GLY H 325 75.33 -15.60 -55.99
CA GLY H 325 74.77 -16.04 -57.25
C GLY H 325 75.72 -15.82 -58.41
N SER H 326 75.88 -16.84 -59.25
CA SER H 326 76.83 -16.80 -60.36
C SER H 326 76.09 -16.60 -61.67
N MET H 327 76.50 -15.60 -62.43
CA MET H 327 75.91 -15.36 -63.74
C MET H 327 76.39 -16.41 -64.72
N PRO H 328 75.49 -16.99 -65.52
CA PRO H 328 75.92 -17.98 -66.52
C PRO H 328 76.76 -17.33 -67.61
N LYS H 329 77.37 -18.20 -68.43
CA LYS H 329 78.30 -17.74 -69.45
C LYS H 329 77.63 -16.85 -70.49
N ARG H 330 76.32 -17.00 -70.68
CA ARG H 330 75.63 -16.23 -71.72
C ARG H 330 75.54 -14.75 -71.38
N GLY H 331 75.66 -14.38 -70.10
CA GLY H 331 75.53 -12.99 -69.70
C GLY H 331 76.84 -12.32 -69.37
N LEU H 332 77.95 -13.03 -69.53
CA LEU H 332 79.26 -12.49 -69.21
C LEU H 332 79.80 -11.65 -70.36
N GLU H 333 80.51 -10.59 -70.02
CA GLU H 333 81.11 -9.69 -71.01
C GLU H 333 82.42 -10.30 -71.49
N VAL H 334 82.35 -11.04 -72.60
CA VAL H 334 83.51 -11.76 -73.09
C VAL H 334 84.59 -10.80 -73.59
N SER H 335 84.20 -9.59 -74.00
CA SER H 335 85.16 -8.66 -74.57
C SER H 335 86.21 -8.20 -73.56
N LYS H 336 85.92 -8.28 -72.26
CA LYS H 336 86.84 -7.86 -71.23
C LYS H 336 87.50 -9.04 -70.52
N CYS H 337 87.53 -10.21 -71.17
CA CYS H 337 88.18 -11.40 -70.62
C CYS H 337 87.61 -11.77 -69.25
N GLU H 338 86.29 -11.67 -69.12
CA GLU H 338 85.59 -12.01 -67.89
C GLU H 338 85.06 -13.43 -67.98
N ILE H 339 85.41 -14.25 -66.99
CA ILE H 339 85.01 -15.67 -66.99
C ILE H 339 83.98 -15.99 -65.93
N ALA H 340 83.75 -15.10 -64.96
CA ALA H 340 82.76 -15.34 -63.94
C ALA H 340 82.33 -14.02 -63.34
N ARG H 341 81.08 -13.97 -62.86
CA ARG H 341 80.56 -12.80 -62.17
C ARG H 341 79.66 -13.29 -61.04
N PHE H 342 80.02 -12.93 -59.81
CA PHE H 342 79.30 -13.39 -58.62
C PHE H 342 78.58 -12.22 -57.97
N TYR H 343 77.29 -12.38 -57.72
CA TYR H 343 76.47 -11.35 -57.10
C TYR H 343 76.47 -11.60 -55.60
N LYS H 344 77.48 -11.05 -54.92
CA LYS H 344 77.62 -11.25 -53.48
C LYS H 344 76.50 -10.52 -52.74
N LEU H 345 75.86 -11.23 -51.82
CA LEU H 345 74.72 -10.71 -51.08
C LEU H 345 75.17 -10.32 -49.67
N HIS H 346 75.03 -9.03 -49.34
CA HIS H 346 75.18 -8.57 -47.97
C HIS H 346 73.83 -8.63 -47.28
N GLU H 347 73.71 -8.04 -46.09
CA GLU H 347 72.43 -8.05 -45.39
C GLU H 347 71.44 -7.08 -46.03
N ARG H 348 71.93 -5.99 -46.63
CA ARG H 348 71.03 -5.02 -47.27
C ARG H 348 71.55 -4.56 -48.62
N LYS H 349 72.39 -5.34 -49.29
CA LYS H 349 72.98 -4.91 -50.56
C LYS H 349 73.44 -6.13 -51.35
N CYS H 350 73.34 -6.02 -52.67
CA CYS H 350 73.87 -7.03 -53.59
C CYS H 350 75.01 -6.39 -54.39
N GLU H 351 76.20 -6.96 -54.27
CA GLU H 351 77.40 -6.40 -54.89
C GLU H 351 77.99 -7.38 -55.89
N PRO H 352 77.79 -7.18 -57.19
CA PRO H 352 78.42 -8.06 -58.18
C PRO H 352 79.94 -8.00 -58.10
N ILE H 353 80.57 -9.15 -58.28
CA ILE H 353 82.03 -9.28 -58.27
C ILE H 353 82.45 -9.92 -59.58
N VAL H 354 83.34 -9.26 -60.31
CA VAL H 354 83.74 -9.68 -61.65
C VAL H 354 85.06 -10.42 -61.54
N MET H 355 85.08 -11.67 -62.02
CA MET H 355 86.30 -12.46 -62.12
C MET H 355 86.81 -12.36 -63.55
N THR H 356 88.03 -11.87 -63.72
CA THR H 356 88.59 -11.61 -65.04
C THR H 356 89.98 -12.24 -65.15
N VAL H 357 90.29 -12.73 -66.34
CA VAL H 357 91.61 -13.29 -66.64
C VAL H 357 92.48 -12.17 -67.21
N PRO H 358 93.63 -11.87 -66.61
CA PRO H 358 94.47 -10.79 -67.14
C PRO H 358 95.12 -11.17 -68.46
N ARG H 359 94.63 -10.60 -69.56
CA ARG H 359 95.14 -10.87 -70.89
C ARG H 359 95.59 -9.57 -71.54
N LYS H 360 96.80 -9.58 -72.12
CA LYS H 360 97.33 -8.37 -72.74
C LYS H 360 96.60 -8.07 -74.04
N SER H 361 96.28 -9.10 -74.82
CA SER H 361 95.59 -8.90 -76.09
C SER H 361 94.14 -8.51 -75.86
N ASP H 362 93.63 -7.61 -76.70
CA ASP H 362 92.25 -7.16 -76.62
C ASP H 362 91.32 -7.95 -77.53
N LEU H 363 91.84 -8.92 -78.28
CA LEU H 363 91.02 -9.69 -79.21
C LEU H 363 90.28 -10.80 -78.45
N PHE H 364 89.44 -11.54 -79.18
CA PHE H 364 88.69 -12.62 -78.60
C PHE H 364 89.61 -13.78 -78.22
N GLN H 365 89.44 -14.30 -77.01
CA GLN H 365 90.25 -15.41 -76.51
C GLN H 365 89.47 -16.70 -76.77
N ASP H 366 89.89 -17.43 -77.80
CA ASP H 366 89.21 -18.69 -78.14
C ASP H 366 89.37 -19.72 -77.04
N ASP H 367 90.57 -19.79 -76.45
CA ASP H 367 90.82 -20.79 -75.41
C ASP H 367 90.03 -20.49 -74.14
N LEU H 368 89.84 -19.22 -73.81
CA LEU H 368 89.14 -18.86 -72.58
C LEU H 368 87.64 -19.10 -72.69
N TYR H 369 87.09 -19.09 -73.90
CA TYR H 369 85.64 -19.18 -74.11
C TYR H 369 85.34 -20.29 -75.11
N PRO H 370 85.27 -21.53 -74.64
CA PRO H 370 84.81 -22.63 -75.50
C PRO H 370 83.29 -22.58 -75.64
N ASP H 371 82.75 -23.59 -76.32
CA ASP H 371 81.31 -23.68 -76.51
C ASP H 371 80.62 -23.95 -75.18
N THR H 372 79.52 -23.25 -74.95
CA THR H 372 78.77 -23.35 -73.70
C THR H 372 77.31 -23.72 -74.00
N ALA H 373 76.66 -24.31 -73.00
CA ALA H 373 75.27 -24.72 -73.14
C ALA H 373 74.37 -23.52 -73.45
N GLY H 374 73.46 -23.71 -74.39
CA GLY H 374 72.58 -22.64 -74.81
C GLY H 374 71.25 -22.66 -74.10
N PRO H 375 70.37 -21.72 -74.46
CA PRO H 375 69.05 -21.67 -73.82
C PRO H 375 68.03 -22.56 -74.52
N GLU H 376 68.49 -23.49 -75.34
CA GLU H 376 67.60 -24.39 -76.07
C GLU H 376 67.64 -25.77 -75.41
N ALA H 377 66.46 -26.32 -75.13
CA ALA H 377 66.39 -27.62 -74.47
C ALA H 377 66.71 -28.74 -75.45
N ALA H 378 67.59 -29.64 -75.03
CA ALA H 378 68.00 -30.74 -75.90
C ALA H 378 66.83 -31.68 -76.18
N LEU H 379 66.15 -32.14 -75.13
CA LEU H 379 65.04 -33.06 -75.24
C LEU H 379 63.76 -32.39 -74.75
N GLU H 380 62.67 -33.15 -74.74
CA GLU H 380 61.40 -32.72 -74.18
C GLU H 380 61.09 -33.54 -72.95
N ALA H 381 60.05 -33.12 -72.22
CA ALA H 381 59.69 -33.80 -70.98
C ALA H 381 59.27 -35.24 -71.24
N GLU H 382 58.45 -35.46 -72.26
CA GLU H 382 57.98 -36.82 -72.57
C GLU H 382 59.11 -37.71 -73.04
N GLU H 383 60.03 -37.16 -73.83
CA GLU H 383 61.14 -37.95 -74.36
C GLU H 383 62.10 -38.40 -73.26
N TRP H 384 62.23 -37.60 -72.20
CA TRP H 384 63.17 -37.95 -71.14
C TRP H 384 62.66 -39.10 -70.29
N VAL H 385 61.34 -39.27 -70.19
CA VAL H 385 60.78 -40.38 -69.43
C VAL H 385 61.13 -41.72 -70.10
N SER H 386 61.17 -41.74 -71.43
CA SER H 386 61.45 -42.98 -72.14
C SER H 386 62.85 -43.52 -71.79
N GLY H 387 63.83 -42.64 -71.69
CA GLY H 387 65.17 -43.04 -71.34
C GLY H 387 66.24 -42.45 -72.24
N ARG H 388 65.86 -41.49 -73.08
CA ARG H 388 66.81 -40.84 -73.96
C ARG H 388 67.79 -39.98 -73.16
N ASP H 389 69.04 -39.97 -73.60
CA ASP H 389 70.09 -39.17 -72.98
C ASP H 389 70.83 -38.40 -74.08
N ALA H 390 71.02 -37.11 -73.86
CA ALA H 390 71.73 -36.28 -74.81
C ALA H 390 72.41 -35.13 -74.08
N ASP H 391 73.49 -34.64 -74.67
CA ASP H 391 74.24 -33.52 -74.11
C ASP H 391 73.55 -32.21 -74.43
N PRO H 392 73.75 -31.18 -73.61
CA PRO H 392 73.13 -29.88 -73.89
C PRO H 392 73.65 -29.29 -75.20
N ILE H 393 72.78 -28.54 -75.88
CA ILE H 393 73.16 -27.88 -77.12
C ILE H 393 74.14 -26.75 -76.79
N LEU H 394 75.27 -26.74 -77.49
CA LEU H 394 76.30 -25.74 -77.26
C LEU H 394 76.16 -24.58 -78.24
N ILE H 395 76.49 -23.39 -77.77
CA ILE H 395 76.41 -22.19 -78.59
C ILE H 395 77.79 -21.54 -78.68
N SER H 396 77.89 -20.43 -79.40
CA SER H 396 79.15 -19.75 -79.62
C SER H 396 79.13 -18.39 -78.93
N LEU H 397 80.16 -18.12 -78.13
CA LEU H 397 80.28 -16.85 -77.42
C LEU H 397 81.01 -15.78 -78.21
N ARG H 398 81.46 -16.09 -79.43
CA ARG H 398 82.14 -15.10 -80.24
C ARG H 398 81.21 -13.96 -80.64
N GLU H 399 79.93 -14.25 -80.85
CA GLU H 399 78.98 -13.22 -81.25
C GLU H 399 78.83 -12.14 -80.18
N ALA H 400 79.04 -12.50 -78.91
CA ALA H 400 78.91 -11.54 -77.82
C ALA H 400 80.03 -10.50 -77.81
N TYR H 401 81.07 -10.68 -78.62
CA TYR H 401 82.14 -9.70 -78.70
C TYR H 401 81.59 -8.40 -79.28
N VAL H 402 81.83 -7.29 -78.58
CA VAL H 402 81.36 -5.99 -79.03
C VAL H 402 82.52 -5.17 -79.58
N LYS I 10 87.31 52.79 -24.76
CA LYS I 10 86.73 53.58 -25.84
C LYS I 10 85.97 52.68 -26.82
N VAL I 11 86.37 51.42 -26.88
CA VAL I 11 85.69 50.45 -27.75
C VAL I 11 84.52 49.80 -27.05
N VAL I 12 84.68 49.41 -25.78
CA VAL I 12 83.64 48.79 -24.98
C VAL I 12 83.17 49.79 -23.94
N ARG I 13 81.85 49.95 -23.83
CA ARG I 13 81.28 50.87 -22.85
C ARG I 13 81.72 50.48 -21.44
N GLN I 14 82.16 51.47 -20.67
CA GLN I 14 82.65 51.22 -19.33
C GLN I 14 81.50 50.80 -18.41
N SER I 15 81.56 49.58 -17.90
CA SER I 15 80.52 49.07 -17.03
C SER I 15 81.09 47.97 -16.15
N LYS I 16 80.37 47.66 -15.08
CA LYS I 16 80.76 46.61 -14.15
C LYS I 16 79.86 45.38 -14.21
N PHE I 17 78.73 45.47 -14.91
CA PHE I 17 77.75 44.40 -14.93
C PHE I 17 77.49 43.87 -16.34
N ARG I 18 78.43 44.09 -17.26
CA ARG I 18 78.27 43.58 -18.62
C ARG I 18 78.38 42.06 -18.69
N HIS I 19 78.94 41.42 -17.67
CA HIS I 19 79.13 39.98 -17.66
C HIS I 19 78.38 39.31 -16.51
N VAL I 20 77.33 39.95 -15.99
CA VAL I 20 76.53 39.35 -14.92
C VAL I 20 75.75 38.17 -15.49
N PHE I 21 75.84 37.02 -14.83
CA PHE I 21 75.19 35.81 -15.28
C PHE I 21 74.29 35.27 -14.17
N GLY I 22 73.20 34.65 -14.58
CA GLY I 22 72.25 34.04 -13.66
C GLY I 22 72.50 32.55 -13.51
N GLN I 23 72.28 32.05 -12.30
CA GLN I 23 72.48 30.64 -12.01
C GLN I 23 71.44 30.15 -11.02
N PRO I 24 70.48 29.34 -11.45
CA PRO I 24 69.48 28.82 -10.52
C PRO I 24 70.12 27.94 -9.45
N VAL I 25 69.56 28.00 -8.24
CA VAL I 25 70.07 27.21 -7.13
C VAL I 25 69.73 25.74 -7.36
N LYS I 26 70.33 24.86 -6.57
CA LYS I 26 70.11 23.43 -6.73
C LYS I 26 68.69 23.06 -6.32
N ASN I 27 68.31 21.81 -6.64
CA ASN I 27 66.95 21.36 -6.38
C ASN I 27 66.64 21.36 -4.89
N ASP I 28 67.61 20.96 -4.06
CA ASP I 28 67.39 20.93 -2.61
C ASP I 28 67.20 22.32 -2.02
N GLN I 29 67.56 23.37 -2.75
CA GLN I 29 67.43 24.74 -2.27
C GLN I 29 66.20 25.44 -2.80
N CYS I 30 65.31 24.71 -3.47
CA CYS I 30 64.08 25.28 -4.02
C CYS I 30 62.91 25.00 -3.09
N TYR I 31 61.72 25.39 -3.53
CA TYR I 31 60.48 25.20 -2.77
C TYR I 31 59.47 24.51 -3.68
N GLU I 32 59.15 23.25 -3.37
CA GLU I 32 58.29 22.44 -4.20
C GLU I 32 56.91 22.28 -3.57
N ASP I 33 55.99 21.73 -4.36
CA ASP I 33 54.62 21.46 -3.94
C ASP I 33 53.93 22.70 -3.39
N ILE I 34 54.06 23.80 -4.14
CA ILE I 34 53.39 25.06 -3.82
C ILE I 34 52.32 25.29 -4.87
N ARG I 35 51.06 25.32 -4.43
CA ARG I 35 49.93 25.53 -5.35
C ARG I 35 49.83 27.02 -5.63
N VAL I 36 50.59 27.48 -6.62
CA VAL I 36 50.63 28.90 -6.93
C VAL I 36 49.26 29.37 -7.43
N SER I 37 48.96 30.65 -7.21
CA SER I 37 47.66 31.20 -7.52
C SER I 37 47.37 31.16 -9.02
N ARG I 38 46.10 31.01 -9.36
CA ARG I 38 45.64 30.97 -10.75
C ARG I 38 44.83 32.22 -11.09
N VAL I 39 45.23 33.37 -10.58
CA VAL I 39 44.53 34.63 -10.81
C VAL I 39 45.16 35.33 -11.99
N THR I 40 44.31 35.80 -12.91
CA THR I 40 44.79 36.46 -14.13
C THR I 40 45.41 37.82 -13.86
N TRP I 41 45.27 38.37 -12.65
CA TRP I 41 45.86 39.65 -12.33
C TRP I 41 47.38 39.59 -12.49
N ASP I 42 47.94 40.60 -13.15
CA ASP I 42 49.37 40.61 -13.47
C ASP I 42 50.12 41.35 -12.37
N SER I 43 50.44 40.61 -11.32
CA SER I 43 51.27 41.10 -10.22
C SER I 43 52.48 40.18 -10.07
N THR I 44 53.32 40.51 -9.09
CA THR I 44 54.54 39.73 -8.87
C THR I 44 54.27 38.37 -8.27
N PHE I 45 53.14 38.20 -7.57
CA PHE I 45 52.73 36.93 -6.98
C PHE I 45 53.70 36.44 -5.92
N CYS I 46 54.70 37.25 -5.58
CA CYS I 46 55.74 36.83 -4.64
C CYS I 46 56.34 38.04 -3.96
N ALA I 47 56.53 37.93 -2.65
CA ALA I 47 57.21 38.94 -1.86
C ALA I 47 58.19 38.25 -0.94
N VAL I 48 59.44 38.74 -0.92
CA VAL I 48 60.51 38.09 -0.18
C VAL I 48 61.31 39.14 0.58
N ASN I 49 61.64 38.83 1.82
CA ASN I 49 62.53 39.63 2.66
C ASN I 49 63.62 38.70 3.19
N PRO I 50 64.70 39.25 3.77
CA PRO I 50 65.78 38.39 4.29
C PRO I 50 65.33 37.40 5.35
N LYS I 51 64.06 37.43 5.74
CA LYS I 51 63.54 36.56 6.79
C LYS I 51 62.61 35.47 6.26
N PHE I 52 61.59 35.83 5.48
CA PHE I 52 60.58 34.89 5.04
C PHE I 52 60.40 34.98 3.53
N LEU I 53 59.59 34.06 3.00
CA LEU I 53 59.20 34.05 1.60
C LEU I 53 57.69 33.95 1.52
N ALA I 54 57.05 34.88 0.82
CA ALA I 54 55.60 34.93 0.70
C ALA I 54 55.21 34.69 -0.75
N VAL I 55 54.34 33.70 -0.96
CA VAL I 55 53.84 33.34 -2.28
C VAL I 55 52.33 33.27 -2.22
N ILE I 56 51.66 33.91 -3.17
CA ILE I 56 50.20 33.83 -3.26
C ILE I 56 49.84 32.45 -3.77
N VAL I 57 48.96 31.75 -3.05
CA VAL I 57 48.60 30.38 -3.35
C VAL I 57 47.14 30.30 -3.73
N GLU I 58 46.75 29.15 -4.27
CA GLU I 58 45.36 28.90 -4.68
C GLU I 58 44.62 28.23 -3.53
N ALA I 59 43.52 28.84 -3.11
CA ALA I 59 42.67 28.30 -2.05
C ALA I 59 41.30 27.97 -2.61
N SER I 60 40.70 26.91 -2.08
CA SER I 60 39.36 26.52 -2.52
C SER I 60 38.35 27.61 -2.19
N GLY I 61 38.43 28.19 -1.00
CA GLY I 61 37.54 29.26 -0.61
C GLY I 61 38.32 30.47 -0.14
N GLY I 62 37.86 31.64 -0.53
CA GLY I 62 38.55 32.86 -0.16
C GLY I 62 39.90 32.96 -0.84
N GLY I 63 40.83 33.63 -0.16
CA GLY I 63 42.18 33.77 -0.67
C GLY I 63 43.19 33.64 0.44
N ALA I 64 44.36 33.12 0.08
CA ALA I 64 45.44 32.92 1.04
C ALA I 64 46.77 33.01 0.32
N PHE I 65 47.82 33.28 1.09
CA PHE I 65 49.18 33.25 0.60
C PHE I 65 50.06 32.51 1.59
N LEU I 66 51.08 31.84 1.07
CA LEU I 66 51.94 30.98 1.86
C LEU I 66 53.18 31.75 2.30
N VAL I 67 53.38 31.84 3.61
CA VAL I 67 54.57 32.47 4.19
C VAL I 67 55.36 31.37 4.89
N LEU I 68 56.58 31.15 4.43
CA LEU I 68 57.44 30.10 4.98
C LEU I 68 58.84 30.66 5.16
N PRO I 69 59.58 30.16 6.15
CA PRO I 69 60.95 30.63 6.36
C PRO I 69 61.86 30.24 5.19
N LEU I 70 62.91 31.05 5.00
CA LEU I 70 63.85 30.79 3.92
C LEU I 70 64.57 29.46 4.11
N SER I 71 64.75 29.03 5.37
CA SER I 71 65.40 27.76 5.63
C SER I 71 64.51 26.57 5.29
N LYS I 72 63.19 26.78 5.18
CA LYS I 72 62.26 25.71 4.88
C LYS I 72 62.23 25.50 3.37
N THR I 73 63.25 24.82 2.87
CA THR I 73 63.39 24.51 1.46
C THR I 73 62.85 23.10 1.19
N GLY I 74 63.05 22.61 -0.03
CA GLY I 74 62.57 21.30 -0.37
C GLY I 74 61.05 21.27 -0.56
N ARG I 75 60.51 20.05 -0.51
CA ARG I 75 59.08 19.86 -0.68
C ARG I 75 58.32 20.43 0.50
N ILE I 76 57.21 21.11 0.22
CA ILE I 76 56.37 21.72 1.25
C ILE I 76 55.12 20.88 1.41
N ASP I 77 54.76 20.62 2.67
CA ASP I 77 53.57 19.82 2.95
C ASP I 77 52.32 20.50 2.41
N LYS I 78 51.41 19.70 1.85
CA LYS I 78 50.17 20.22 1.32
C LYS I 78 49.28 20.81 2.41
N ALA I 79 49.45 20.38 3.66
CA ALA I 79 48.68 20.89 4.78
C ALA I 79 49.44 21.94 5.58
N TYR I 80 50.47 22.55 4.98
CA TYR I 80 51.21 23.59 5.66
C TYR I 80 50.31 24.80 5.93
N PRO I 81 50.35 25.37 7.13
CA PRO I 81 49.48 26.51 7.44
C PRO I 81 49.76 27.70 6.52
N THR I 82 48.69 28.38 6.13
CA THR I 82 48.76 29.54 5.26
C THR I 82 48.04 30.71 5.92
N VAL I 83 48.30 31.91 5.39
CA VAL I 83 47.65 33.12 5.87
C VAL I 83 46.33 33.24 5.14
N CYS I 84 45.30 32.61 5.69
CA CYS I 84 43.98 32.53 5.06
C CYS I 84 43.00 33.35 5.90
N GLY I 85 42.91 34.64 5.62
CA GLY I 85 41.97 35.50 6.30
C GLY I 85 41.02 36.21 5.35
N HIS I 86 41.44 36.37 4.10
CA HIS I 86 40.62 37.03 3.11
C HIS I 86 39.47 36.14 2.67
N THR I 87 38.33 36.77 2.36
CA THR I 87 37.18 36.07 1.81
C THR I 87 37.22 36.01 0.29
N GLY I 88 38.21 36.64 -0.34
CA GLY I 88 38.37 36.59 -1.77
C GLY I 88 39.83 36.34 -2.13
N PRO I 89 40.09 35.97 -3.39
CA PRO I 89 41.47 35.67 -3.79
C PRO I 89 42.40 36.86 -3.59
N VAL I 90 43.61 36.56 -3.13
CA VAL I 90 44.61 37.59 -2.86
C VAL I 90 45.27 38.00 -4.17
N LEU I 91 45.42 39.31 -4.36
CA LEU I 91 45.99 39.87 -5.58
C LEU I 91 47.42 40.34 -5.45
N ASP I 92 47.77 41.00 -4.34
CA ASP I 92 49.12 41.53 -4.16
C ASP I 92 49.54 41.38 -2.70
N ILE I 93 50.85 41.24 -2.50
CA ILE I 93 51.45 41.16 -1.16
C ILE I 93 52.73 41.98 -1.18
N ASP I 94 53.06 42.54 -0.02
CA ASP I 94 54.27 43.37 0.09
C ASP I 94 54.73 43.36 1.54
N TRP I 95 56.01 43.04 1.75
CA TRP I 95 56.58 43.07 3.09
C TRP I 95 56.84 44.50 3.53
N CYS I 96 56.82 44.72 4.84
CA CYS I 96 57.14 46.03 5.39
C CYS I 96 58.65 46.24 5.34
N PRO I 97 59.13 47.32 4.71
CA PRO I 97 60.58 47.54 4.67
C PRO I 97 61.21 47.77 6.04
N HIS I 98 60.45 48.29 7.00
CA HIS I 98 60.96 48.58 8.33
C HIS I 98 60.62 47.50 9.36
N ASN I 99 60.03 46.39 8.92
CA ASN I 99 59.70 45.30 9.82
C ASN I 99 59.65 44.01 9.01
N ASP I 100 60.58 43.11 9.26
CA ASP I 100 60.68 41.86 8.51
C ASP I 100 59.61 40.84 8.90
N GLU I 101 58.65 41.19 9.74
CA GLU I 101 57.58 40.28 10.13
C GLU I 101 56.19 40.82 9.85
N VAL I 102 56.09 41.96 9.17
CA VAL I 102 54.81 42.59 8.86
C VAL I 102 54.64 42.60 7.33
N ILE I 103 53.51 42.06 6.86
CA ILE I 103 53.22 41.97 5.44
C ILE I 103 51.78 42.42 5.22
N ALA I 104 51.57 43.21 4.17
CA ALA I 104 50.25 43.68 3.78
C ALA I 104 49.80 42.96 2.52
N SER I 105 48.53 42.58 2.49
CA SER I 105 47.96 41.82 1.38
C SER I 105 46.67 42.46 0.90
N GLY I 106 46.53 42.56 -0.42
CA GLY I 106 45.32 43.04 -1.05
C GLY I 106 44.62 41.88 -1.74
N SER I 107 43.29 41.86 -1.65
CA SER I 107 42.51 40.74 -2.14
C SER I 107 41.29 41.26 -2.90
N GLU I 108 40.52 40.31 -3.44
CA GLU I 108 39.33 40.64 -4.22
C GLU I 108 38.14 41.04 -3.36
N ASP I 109 38.23 40.89 -2.04
CA ASP I 109 37.16 41.29 -1.13
C ASP I 109 37.18 42.79 -0.82
N CYS I 110 37.88 43.59 -1.63
CA CYS I 110 37.92 45.04 -1.50
C CYS I 110 38.42 45.48 -0.14
N THR I 111 39.43 44.79 0.39
CA THR I 111 40.00 45.14 1.69
C THR I 111 41.50 44.89 1.66
N VAL I 112 42.20 45.56 2.58
CA VAL I 112 43.63 45.41 2.77
C VAL I 112 43.87 44.98 4.21
N MET I 113 44.58 43.87 4.39
CA MET I 113 44.84 43.31 5.70
C MET I 113 46.33 43.30 5.97
N VAL I 114 46.73 43.77 7.16
CA VAL I 114 48.12 43.79 7.60
C VAL I 114 48.31 42.68 8.61
N TRP I 115 49.33 41.85 8.42
CA TRP I 115 49.55 40.66 9.22
C TRP I 115 50.86 40.75 9.97
N GLN I 116 50.94 39.99 11.07
CA GLN I 116 52.15 39.86 11.86
C GLN I 116 52.57 38.39 11.86
N ILE I 117 53.75 38.12 11.29
CA ILE I 117 54.27 36.77 11.15
C ILE I 117 55.14 36.46 12.37
N PRO I 118 54.93 35.33 13.04
CA PRO I 118 55.79 34.98 14.18
C PRO I 118 57.24 34.77 13.76
N GLU I 119 58.12 34.71 14.77
CA GLU I 119 59.55 34.60 14.52
C GLU I 119 59.89 33.31 13.78
N ASN I 120 59.31 32.19 14.20
CA ASN I 120 59.62 30.88 13.62
C ASN I 120 58.68 30.49 12.49
N GLY I 121 57.77 31.36 12.10
CA GLY I 121 56.83 31.05 11.04
C GLY I 121 55.44 30.74 11.58
N LEU I 122 54.69 30.02 10.76
CA LEU I 122 53.31 29.67 11.07
C LEU I 122 53.23 28.23 11.56
N THR I 123 52.63 28.04 12.73
CA THR I 123 52.32 26.71 13.26
C THR I 123 50.88 26.30 12.97
N SER I 124 49.94 27.23 13.13
CA SER I 124 48.54 27.05 12.81
C SER I 124 48.12 28.10 11.78
N PRO I 125 47.07 27.85 11.01
CA PRO I 125 46.64 28.83 10.01
C PRO I 125 46.33 30.19 10.65
N LEU I 126 46.73 31.25 9.98
CA LEU I 126 46.56 32.61 10.47
C LEU I 126 45.32 33.22 9.82
N THR I 127 44.34 33.57 10.64
CA THR I 127 43.08 34.13 10.16
C THR I 127 42.79 35.53 10.67
N GLU I 128 43.34 35.92 11.81
CA GLU I 128 43.06 37.22 12.39
C GLU I 128 44.21 38.17 12.08
N PRO I 129 44.02 39.17 11.24
CA PRO I 129 45.10 40.12 10.97
C PRO I 129 45.19 41.20 12.04
N VAL I 130 46.32 41.89 12.04
CA VAL I 130 46.50 43.00 12.98
C VAL I 130 45.57 44.14 12.64
N VAL I 131 45.53 44.53 11.37
CA VAL I 131 44.70 45.65 10.91
C VAL I 131 43.90 45.20 9.69
N VAL I 132 42.71 45.76 9.55
CA VAL I 132 41.86 45.56 8.38
C VAL I 132 41.54 46.94 7.82
N LEU I 133 41.98 47.22 6.59
CA LEU I 133 41.76 48.51 5.96
C LEU I 133 40.65 48.37 4.92
N GLU I 134 39.54 49.07 5.15
CA GLU I 134 38.38 49.01 4.27
C GLU I 134 38.09 50.42 3.76
N GLY I 135 38.60 50.73 2.57
CA GLY I 135 38.37 52.03 1.97
C GLY I 135 38.15 51.96 0.48
N HIS I 136 38.15 50.75 -0.08
CA HIS I 136 38.00 50.54 -1.51
C HIS I 136 36.69 49.84 -1.80
N THR I 137 36.00 50.29 -2.85
CA THR I 137 34.74 49.69 -3.27
C THR I 137 34.94 48.56 -4.26
N LYS I 138 36.16 48.34 -4.74
CA LYS I 138 36.47 47.26 -5.66
C LYS I 138 37.73 46.54 -5.19
N ARG I 139 38.13 45.51 -5.93
CA ARG I 139 39.27 44.70 -5.53
C ARG I 139 40.56 45.53 -5.53
N VAL I 140 41.43 45.24 -4.56
CA VAL I 140 42.69 45.95 -4.40
C VAL I 140 43.80 45.05 -4.93
N GLY I 141 44.50 45.51 -5.96
CA GLY I 141 45.57 44.73 -6.55
C GLY I 141 46.92 45.41 -6.52
N ILE I 142 46.99 46.61 -5.96
CA ILE I 142 48.22 47.38 -5.88
C ILE I 142 48.45 47.76 -4.43
N ILE I 143 49.59 47.35 -3.88
CA ILE I 143 49.99 47.67 -2.52
C ILE I 143 51.46 48.05 -2.52
N ALA I 144 51.79 49.19 -1.92
CA ALA I 144 53.16 49.69 -1.89
C ALA I 144 53.40 50.40 -0.56
N TRP I 145 54.35 49.88 0.22
CA TRP I 145 54.74 50.54 1.46
C TRP I 145 55.56 51.78 1.17
N HIS I 146 55.53 52.71 2.12
CA HIS I 146 56.32 53.94 1.98
C HIS I 146 57.79 53.65 2.25
N PRO I 147 58.70 54.07 1.38
CA PRO I 147 60.12 53.75 1.59
C PRO I 147 60.71 54.34 2.87
N THR I 148 60.25 55.51 3.30
CA THR I 148 60.85 56.20 4.44
C THR I 148 59.90 56.31 5.63
N ALA I 149 58.69 56.81 5.42
CA ALA I 149 57.77 57.00 6.53
C ALA I 149 57.33 55.67 7.11
N ARG I 150 57.24 55.62 8.44
CA ARG I 150 56.88 54.38 9.13
C ARG I 150 55.36 54.18 9.11
N ASN I 151 54.95 52.93 8.90
CA ASN I 151 53.55 52.52 8.95
C ASN I 151 52.69 53.32 7.98
N VAL I 152 53.22 53.64 6.80
CA VAL I 152 52.49 54.32 5.75
C VAL I 152 52.39 53.38 4.56
N LEU I 153 51.17 53.11 4.12
CA LEU I 153 50.91 52.13 3.06
C LEU I 153 50.04 52.76 1.98
N LEU I 154 50.34 52.43 0.73
CA LEU I 154 49.56 52.88 -0.41
C LEU I 154 48.77 51.71 -0.98
N SER I 155 47.50 51.95 -1.29
CA SER I 155 46.64 50.95 -1.89
C SER I 155 45.88 51.57 -3.04
N ALA I 156 45.80 50.84 -4.15
CA ALA I 156 45.09 51.28 -5.34
C ALA I 156 44.19 50.15 -5.83
N GLY I 157 42.88 50.37 -5.79
CA GLY I 157 41.92 49.37 -6.21
C GLY I 157 41.47 49.55 -7.65
N CYS I 158 40.57 48.67 -8.07
CA CYS I 158 40.01 48.74 -9.41
C CYS I 158 39.03 49.90 -9.58
N ASP I 159 38.65 50.57 -8.50
CA ASP I 159 37.79 51.75 -8.57
C ASP I 159 38.56 53.01 -8.96
N ASN I 160 39.80 52.87 -9.43
CA ASN I 160 40.63 54.00 -9.86
C ASN I 160 40.83 54.99 -8.70
N VAL I 161 40.98 54.47 -7.49
CA VAL I 161 41.14 55.26 -6.29
C VAL I 161 42.42 54.84 -5.59
N VAL I 162 43.28 55.80 -5.27
CA VAL I 162 44.54 55.57 -4.57
C VAL I 162 44.39 56.09 -3.15
N LEU I 163 44.70 55.25 -2.18
CA LEU I 163 44.54 55.58 -0.77
C LEU I 163 45.87 55.45 -0.04
N ILE I 164 46.14 56.40 0.85
CA ILE I 164 47.31 56.37 1.71
C ILE I 164 46.83 56.03 3.11
N TRP I 165 47.37 54.95 3.67
CA TRP I 165 46.93 54.42 4.95
C TRP I 165 47.97 54.65 6.03
N ASN I 166 47.51 54.64 7.27
CA ASN I 166 48.36 54.65 8.46
C ASN I 166 48.13 53.32 9.17
N VAL I 167 49.08 52.39 9.00
CA VAL I 167 48.89 51.04 9.52
C VAL I 167 48.80 51.05 11.05
N GLY I 168 49.58 51.92 11.69
CA GLY I 168 49.59 51.94 13.14
C GLY I 168 48.26 52.34 13.74
N THR I 169 47.61 53.35 13.15
CA THR I 169 46.36 53.89 13.69
C THR I 169 45.15 53.53 12.84
N ALA I 170 45.33 52.71 11.80
CA ALA I 170 44.23 52.29 10.93
C ALA I 170 43.47 53.48 10.35
N GLU I 171 44.22 54.50 9.95
CA GLU I 171 43.65 55.76 9.47
C GLU I 171 43.92 55.94 7.99
N GLU I 172 42.94 56.51 7.29
CA GLU I 172 43.05 56.85 5.87
C GLU I 172 43.62 58.26 5.78
N LEU I 173 44.92 58.36 5.50
CA LEU I 173 45.59 59.66 5.50
C LEU I 173 45.11 60.53 4.35
N TYR I 174 45.09 60.00 3.12
CA TYR I 174 44.66 60.76 1.96
C TYR I 174 43.77 59.89 1.08
N ARG I 175 43.01 60.57 0.22
CA ARG I 175 42.12 59.91 -0.74
C ARG I 175 42.25 60.62 -2.08
N LEU I 176 42.77 59.91 -3.08
CA LEU I 176 42.92 60.44 -4.43
C LEU I 176 42.05 59.61 -5.36
N ASP I 177 40.99 60.23 -5.90
CA ASP I 177 39.99 59.50 -6.66
C ASP I 177 39.74 60.06 -8.06
N SER I 178 40.02 61.34 -8.30
CA SER I 178 39.69 61.99 -9.56
C SER I 178 40.90 62.13 -10.48
N LEU I 179 42.00 61.43 -10.18
CA LEU I 179 43.22 61.55 -10.96
C LEU I 179 43.40 60.44 -11.99
N HIS I 180 42.76 59.30 -11.81
CA HIS I 180 42.89 58.18 -12.74
C HIS I 180 41.54 57.88 -13.39
N PRO I 181 41.38 58.11 -14.70
CA PRO I 181 40.10 57.85 -15.35
C PRO I 181 39.85 56.40 -15.71
N ASP I 182 40.87 55.55 -15.69
CA ASP I 182 40.72 54.15 -16.08
C ASP I 182 41.49 53.28 -15.09
N LEU I 183 41.61 52.00 -15.42
CA LEU I 183 42.26 51.05 -14.53
C LEU I 183 43.73 51.37 -14.33
N ILE I 184 44.17 51.32 -13.07
CA ILE I 184 45.56 51.59 -12.71
C ILE I 184 46.35 50.29 -12.79
N TYR I 185 47.50 50.35 -13.47
CA TYR I 185 48.31 49.15 -13.64
C TYR I 185 49.23 48.92 -12.44
N ASN I 186 50.06 49.91 -12.11
CA ASN I 186 50.98 49.79 -10.98
C ASN I 186 51.29 51.17 -10.44
N VAL I 187 51.77 51.20 -9.19
CA VAL I 187 52.17 52.43 -8.52
C VAL I 187 53.52 52.19 -7.86
N SER I 188 54.45 53.11 -8.05
CA SER I 188 55.79 53.01 -7.49
C SER I 188 56.17 54.33 -6.83
N TRP I 189 56.66 54.25 -5.59
CA TRP I 189 57.15 55.42 -4.89
C TRP I 189 58.47 55.90 -5.50
N ASN I 190 58.78 57.18 -5.28
CA ASN I 190 60.06 57.72 -5.70
C ASN I 190 61.11 57.41 -4.62
N HIS I 191 62.28 58.05 -4.72
CA HIS I 191 63.38 57.71 -3.83
C HIS I 191 63.05 58.06 -2.37
N ASN I 192 62.59 59.28 -2.13
CA ASN I 192 62.34 59.74 -0.78
C ASN I 192 60.89 59.56 -0.33
N GLY I 193 60.03 59.00 -1.19
CA GLY I 193 58.64 58.82 -0.84
C GLY I 193 57.77 60.05 -0.98
N SER I 194 58.29 61.13 -1.56
CA SER I 194 57.50 62.35 -1.72
C SER I 194 56.46 62.23 -2.82
N LEU I 195 56.79 61.55 -3.92
CA LEU I 195 55.87 61.41 -5.05
C LEU I 195 55.74 59.93 -5.40
N PHE I 196 54.84 59.64 -6.33
CA PHE I 196 54.69 58.29 -6.86
C PHE I 196 54.20 58.37 -8.29
N CYS I 197 54.69 57.45 -9.12
CA CYS I 197 54.29 57.37 -10.52
C CYS I 197 53.37 56.17 -10.72
N SER I 198 52.35 56.36 -11.56
CA SER I 198 51.36 55.33 -11.82
C SER I 198 51.11 55.20 -13.31
N ALA I 199 50.91 53.98 -13.77
CA ALA I 199 50.56 53.70 -15.16
C ALA I 199 49.09 53.28 -15.20
N CYS I 200 48.34 53.90 -16.12
CA CYS I 200 46.90 53.69 -16.21
C CYS I 200 46.54 53.05 -17.54
N LYS I 201 45.31 52.55 -17.62
CA LYS I 201 44.84 51.87 -18.82
C LYS I 201 44.73 52.82 -20.01
N ASP I 202 44.64 54.13 -19.77
CA ASP I 202 44.53 55.11 -20.84
C ASP I 202 45.88 55.47 -21.45
N LYS I 203 46.90 54.61 -21.27
CA LYS I 203 48.22 54.80 -21.86
C LYS I 203 48.90 56.07 -21.37
N SER I 204 48.66 56.45 -20.12
CA SER I 204 49.18 57.69 -19.57
C SER I 204 50.04 57.40 -18.34
N VAL I 205 51.16 58.11 -18.25
CA VAL I 205 52.05 58.05 -17.08
C VAL I 205 51.80 59.32 -16.27
N ARG I 206 51.50 59.15 -14.98
CA ARG I 206 51.17 60.26 -14.11
C ARG I 206 52.09 60.28 -12.89
N ILE I 207 52.63 61.45 -12.59
CA ILE I 207 53.40 61.69 -11.38
C ILE I 207 52.54 62.52 -10.44
N ILE I 208 52.25 61.99 -9.26
CA ILE I 208 51.27 62.56 -8.35
C ILE I 208 51.90 62.76 -6.99
N ASP I 209 51.69 63.93 -6.39
CA ASP I 209 52.11 64.19 -5.03
C ASP I 209 50.96 63.84 -4.09
N PRO I 210 51.06 62.79 -3.28
CA PRO I 210 49.92 62.42 -2.42
C PRO I 210 49.59 63.48 -1.39
N ARG I 211 50.57 64.22 -0.88
CA ARG I 211 50.32 65.18 0.20
C ARG I 211 49.65 66.46 -0.27
N ARG I 212 49.55 66.68 -1.59
CA ARG I 212 48.85 67.84 -2.11
C ARG I 212 47.71 67.49 -3.05
N GLY I 213 47.60 66.24 -3.49
CA GLY I 213 46.53 65.86 -4.40
C GLY I 213 46.61 66.58 -5.74
N THR I 214 47.81 66.74 -6.28
CA THR I 214 48.02 67.46 -7.52
C THR I 214 48.79 66.59 -8.51
N LEU I 215 48.55 66.83 -9.79
CA LEU I 215 49.22 66.09 -10.87
C LEU I 215 50.49 66.84 -11.23
N VAL I 216 51.63 66.36 -10.72
CA VAL I 216 52.90 67.02 -10.98
C VAL I 216 53.26 66.96 -12.46
N ALA I 217 53.09 65.81 -13.09
CA ALA I 217 53.40 65.65 -14.50
C ALA I 217 52.53 64.55 -15.09
N GLU I 218 52.41 64.57 -16.42
CA GLU I 218 51.61 63.59 -17.11
C GLU I 218 52.10 63.46 -18.55
N ARG I 219 52.06 62.24 -19.07
CA ARG I 219 52.43 61.96 -20.46
C ARG I 219 51.36 61.08 -21.07
N GLU I 220 50.53 61.67 -21.92
CA GLU I 220 49.47 60.92 -22.61
C GLU I 220 50.07 60.10 -23.75
N LYS I 221 49.52 58.91 -23.94
CA LYS I 221 49.96 57.98 -24.98
C LYS I 221 51.46 57.71 -24.89
N ALA I 222 51.90 57.33 -23.68
CA ALA I 222 53.30 56.97 -23.49
C ALA I 222 53.66 55.75 -24.32
N HIS I 223 52.79 54.74 -24.34
CA HIS I 223 52.93 53.58 -25.21
C HIS I 223 51.62 53.39 -25.97
N GLU I 224 51.72 53.28 -27.30
CA GLU I 224 50.53 53.22 -28.15
C GLU I 224 49.80 51.90 -28.06
N GLY I 225 50.39 50.88 -27.43
CA GLY I 225 49.76 49.57 -27.38
C GLY I 225 48.56 49.53 -26.46
N ALA I 226 47.69 48.56 -26.72
CA ALA I 226 46.50 48.31 -25.92
C ALA I 226 46.70 47.17 -24.94
N ARG I 227 47.89 47.05 -24.39
CA ARG I 227 48.28 45.99 -23.48
C ARG I 227 48.82 46.60 -22.20
N PRO I 228 48.78 45.85 -21.09
CA PRO I 228 49.20 46.43 -19.80
C PRO I 228 50.64 46.91 -19.84
N MET I 229 50.90 48.00 -19.12
CA MET I 229 52.20 48.66 -19.12
C MET I 229 52.53 49.11 -17.71
N ARG I 230 53.82 49.28 -17.43
CA ARG I 230 54.31 49.59 -16.11
C ARG I 230 55.06 50.91 -16.11
N ALA I 231 55.32 51.42 -14.90
CA ALA I 231 56.05 52.67 -14.71
C ALA I 231 56.62 52.69 -13.31
N ILE I 232 57.94 52.80 -13.18
CA ILE I 232 58.61 52.80 -11.89
C ILE I 232 59.52 54.00 -11.79
N PHE I 233 59.82 54.40 -10.55
CA PHE I 233 60.67 55.54 -10.27
C PHE I 233 62.10 55.09 -10.04
N LEU I 234 63.05 55.85 -10.59
CA LEU I 234 64.46 55.57 -10.39
C LEU I 234 65.02 56.39 -9.23
N ALA I 235 66.24 56.05 -8.80
CA ALA I 235 66.86 56.75 -7.68
C ALA I 235 67.19 58.20 -8.03
N ASP I 236 67.51 58.47 -9.29
CA ASP I 236 67.84 59.82 -9.73
C ASP I 236 66.61 60.63 -10.12
N GLY I 237 65.42 60.05 -10.00
CA GLY I 237 64.18 60.74 -10.28
C GLY I 237 63.52 60.43 -11.60
N LYS I 238 64.25 59.80 -12.54
CA LYS I 238 63.68 59.48 -13.82
C LYS I 238 62.69 58.31 -13.70
N VAL I 239 61.85 58.16 -14.71
CA VAL I 239 60.79 57.17 -14.73
C VAL I 239 61.08 56.17 -15.85
N PHE I 240 61.13 54.89 -15.50
CA PHE I 240 61.34 53.80 -16.44
C PHE I 240 60.02 53.09 -16.68
N THR I 241 59.59 53.02 -17.94
CA THR I 241 58.31 52.44 -18.30
C THR I 241 58.50 51.33 -19.33
N THR I 242 57.73 50.26 -19.16
CA THR I 242 57.67 49.16 -20.11
C THR I 242 56.27 49.09 -20.72
N GLY I 243 56.19 48.95 -22.03
CA GLY I 243 54.91 48.98 -22.68
C GLY I 243 54.94 48.27 -24.02
N PHE I 244 53.88 48.47 -24.79
CA PHE I 244 53.70 47.84 -26.08
C PHE I 244 53.56 48.89 -27.18
N SER I 245 53.73 48.45 -28.43
CA SER I 245 53.62 49.31 -29.58
C SER I 245 52.23 49.21 -30.20
N ARG I 246 51.97 50.07 -31.19
CA ARG I 246 50.75 49.93 -31.98
C ARG I 246 50.74 48.62 -32.75
N MET I 247 51.93 48.08 -33.05
CA MET I 247 52.06 46.79 -33.70
C MET I 247 52.27 45.66 -32.70
N SER I 248 51.96 45.90 -31.42
CA SER I 248 52.09 44.89 -30.35
C SER I 248 53.53 44.42 -30.21
N GLU I 249 54.44 45.37 -30.04
CA GLU I 249 55.85 45.09 -29.80
C GLU I 249 56.25 45.69 -28.46
N ARG I 250 56.82 44.85 -27.59
CA ARG I 250 57.19 45.30 -26.26
C ARG I 250 58.33 46.31 -26.32
N GLN I 251 58.26 47.33 -25.47
CA GLN I 251 59.21 48.42 -25.47
C GLN I 251 59.68 48.74 -24.06
N LEU I 252 60.80 49.45 -23.97
CA LEU I 252 61.29 50.05 -22.74
C LEU I 252 61.55 51.53 -23.01
N ALA I 253 61.18 52.37 -22.04
CA ALA I 253 61.31 53.80 -22.21
C ALA I 253 61.81 54.43 -20.92
N LEU I 254 62.63 55.49 -21.07
CA LEU I 254 63.11 56.28 -19.96
C LEU I 254 62.60 57.70 -20.13
N TRP I 255 62.01 58.25 -19.06
CA TRP I 255 61.35 59.55 -19.11
C TRP I 255 61.99 60.52 -18.13
N ASP I 256 62.04 61.79 -18.51
CA ASP I 256 62.51 62.85 -17.64
C ASP I 256 61.30 63.59 -17.07
N PRO I 257 61.13 63.64 -15.74
CA PRO I 257 59.95 64.33 -15.19
C PRO I 257 59.88 65.81 -15.53
N GLU I 258 60.98 66.43 -15.94
CA GLU I 258 60.97 67.83 -16.34
C GLU I 258 60.55 68.02 -17.79
N ASN I 259 60.98 67.14 -18.69
CA ASN I 259 60.61 67.20 -20.10
C ASN I 259 60.02 65.86 -20.49
N LEU I 260 58.72 65.83 -20.77
CA LEU I 260 58.04 64.60 -21.15
C LEU I 260 57.55 64.61 -22.59
N GLU I 261 58.02 65.54 -23.41
CA GLU I 261 57.60 65.59 -24.81
C GLU I 261 58.06 64.35 -25.57
N GLU I 262 59.31 63.93 -25.35
CA GLU I 262 59.87 62.77 -26.03
C GLU I 262 60.67 61.96 -25.01
N PRO I 263 60.55 60.64 -25.02
CA PRO I 263 61.35 59.83 -24.09
C PRO I 263 62.83 59.91 -24.41
N MET I 264 63.65 59.79 -23.36
CA MET I 264 65.10 59.77 -23.56
C MET I 264 65.54 58.54 -24.35
N ALA I 265 64.93 57.39 -24.06
CA ALA I 265 65.25 56.15 -24.76
C ALA I 265 63.96 55.43 -25.13
N LEU I 266 64.00 54.69 -26.23
CA LEU I 266 62.85 53.91 -26.66
C LEU I 266 63.37 52.76 -27.52
N GLN I 267 63.45 51.56 -26.93
CA GLN I 267 63.96 50.38 -27.61
C GLN I 267 62.93 49.26 -27.56
N GLU I 268 62.76 48.57 -28.69
CA GLU I 268 61.87 47.44 -28.78
C GLU I 268 62.62 46.16 -28.39
N LEU I 269 61.88 45.20 -27.83
CA LEU I 269 62.45 43.95 -27.38
C LEU I 269 62.00 42.77 -28.23
N ASP I 270 60.70 42.55 -28.36
CA ASP I 270 60.15 41.43 -29.12
C ASP I 270 58.66 41.66 -29.31
N SER I 271 58.01 40.72 -29.97
CA SER I 271 56.57 40.77 -30.24
C SER I 271 55.83 39.67 -29.47
N SER I 272 56.25 39.42 -28.24
CA SER I 272 55.65 38.40 -27.40
C SER I 272 54.63 39.02 -26.45
N ASN I 273 53.62 38.23 -26.09
CA ASN I 273 52.59 38.68 -25.18
C ASN I 273 53.09 38.63 -23.73
N GLY I 274 52.31 39.24 -22.85
CA GLY I 274 52.66 39.27 -21.44
C GLY I 274 53.30 40.56 -21.01
N ALA I 275 52.78 41.16 -19.93
CA ALA I 275 53.32 42.42 -19.43
C ALA I 275 54.72 42.21 -18.88
N LEU I 276 55.56 43.24 -19.03
CA LEU I 276 56.93 43.22 -18.56
C LEU I 276 56.99 43.86 -17.18
N LEU I 277 57.42 43.09 -16.19
CA LEU I 277 57.51 43.58 -14.82
C LEU I 277 58.93 44.03 -14.55
N PRO I 278 59.18 45.33 -14.36
CA PRO I 278 60.55 45.80 -14.12
C PRO I 278 60.94 45.72 -12.65
N PHE I 279 62.15 45.24 -12.41
CA PHE I 279 62.75 45.16 -11.08
C PHE I 279 63.98 46.04 -11.07
N TYR I 280 63.95 47.12 -10.29
CA TYR I 280 65.00 48.12 -10.31
C TYR I 280 65.87 48.00 -9.06
N ASP I 281 67.18 48.01 -9.25
CA ASP I 281 68.14 47.97 -8.16
C ASP I 281 68.81 49.33 -8.02
N PRO I 282 68.45 50.12 -7.01
CA PRO I 282 69.04 51.47 -6.90
C PRO I 282 70.55 51.47 -6.71
N ASP I 283 71.11 50.46 -6.03
CA ASP I 283 72.54 50.46 -5.77
C ASP I 283 73.34 50.28 -7.05
N THR I 284 72.95 49.34 -7.90
CA THR I 284 73.68 49.04 -9.13
C THR I 284 73.10 49.73 -10.35
N SER I 285 71.98 50.45 -10.20
CA SER I 285 71.29 51.08 -11.33
C SER I 285 71.03 50.10 -12.46
N VAL I 286 70.60 48.90 -12.10
CA VAL I 286 70.31 47.82 -13.06
C VAL I 286 68.82 47.49 -12.97
N VAL I 287 68.15 47.48 -14.10
CA VAL I 287 66.72 47.19 -14.19
C VAL I 287 66.56 45.80 -14.79
N TYR I 288 65.89 44.92 -14.07
CA TYR I 288 65.62 43.55 -14.52
C TYR I 288 64.20 43.48 -15.06
N VAL I 289 64.05 43.04 -16.30
CA VAL I 289 62.77 42.96 -16.97
C VAL I 289 62.36 41.50 -17.03
N CYS I 290 61.29 41.15 -16.32
CA CYS I 290 60.77 39.78 -16.27
C CYS I 290 59.33 39.81 -16.74
N GLY I 291 59.09 39.31 -17.96
CA GLY I 291 57.74 39.27 -18.49
C GLY I 291 56.98 38.05 -17.99
N LYS I 292 55.69 38.25 -17.75
CA LYS I 292 54.84 37.16 -17.29
C LYS I 292 54.64 36.15 -18.42
N GLY I 293 54.83 34.87 -18.10
CA GLY I 293 54.73 33.82 -19.09
C GLY I 293 55.98 33.61 -19.92
N ASP I 294 57.02 34.40 -19.72
CA ASP I 294 58.27 34.25 -20.45
C ASP I 294 59.24 33.37 -19.66
N SER I 295 60.26 32.89 -20.36
CA SER I 295 61.28 32.04 -19.75
C SER I 295 62.65 32.71 -19.69
N SER I 296 62.71 34.03 -19.87
CA SER I 296 63.98 34.75 -19.91
C SER I 296 63.92 35.97 -19.00
N ILE I 297 65.09 36.34 -18.47
CA ILE I 297 65.26 37.53 -17.66
C ILE I 297 66.27 38.42 -18.35
N ARG I 298 65.88 39.66 -18.64
CA ARG I 298 66.76 40.63 -19.29
C ARG I 298 67.04 41.76 -18.30
N TYR I 299 68.32 42.08 -18.11
CA TYR I 299 68.74 43.16 -17.24
C TYR I 299 69.40 44.26 -18.04
N PHE I 300 69.04 45.50 -17.75
CA PHE I 300 69.55 46.68 -18.43
C PHE I 300 70.14 47.64 -17.41
N GLU I 301 71.15 48.38 -17.84
CA GLU I 301 71.83 49.36 -17.01
C GLU I 301 71.42 50.76 -17.43
N ILE I 302 71.06 51.59 -16.45
CA ILE I 302 70.64 52.96 -16.69
C ILE I 302 71.79 53.88 -16.29
N THR I 303 72.38 54.56 -17.27
CA THR I 303 73.49 55.47 -17.05
C THR I 303 73.15 56.82 -17.68
N GLU I 304 74.07 57.78 -17.50
CA GLU I 304 73.91 59.12 -18.06
C GLU I 304 74.41 59.24 -19.49
N GLU I 305 75.04 58.19 -20.03
CA GLU I 305 75.49 58.22 -21.41
C GLU I 305 74.43 57.65 -22.34
N PRO I 306 74.31 58.18 -23.55
CA PRO I 306 73.29 57.67 -24.48
C PRO I 306 73.61 56.23 -24.87
N PRO I 307 72.58 55.43 -25.18
CA PRO I 307 71.14 55.77 -25.21
C PRO I 307 70.46 55.65 -23.85
N TYR I 308 71.23 55.73 -22.76
CA TYR I 308 70.72 55.80 -21.39
C TYR I 308 70.12 54.48 -20.93
N ILE I 309 70.01 53.50 -21.83
CA ILE I 309 69.53 52.16 -21.51
C ILE I 309 70.41 51.18 -22.27
N HIS I 310 71.25 50.45 -21.55
CA HIS I 310 72.23 49.56 -22.15
C HIS I 310 71.86 48.12 -21.80
N PHE I 311 71.75 47.27 -22.82
CA PHE I 311 71.41 45.87 -22.62
C PHE I 311 72.65 45.12 -22.14
N LEU I 312 72.58 44.56 -20.93
CA LEU I 312 73.73 43.86 -20.37
C LEU I 312 73.81 42.43 -20.88
N ASN I 313 72.81 41.63 -20.57
CA ASN I 313 72.76 40.21 -20.96
C ASN I 313 71.35 39.70 -20.72
N THR I 314 71.15 38.41 -20.95
CA THR I 314 69.85 37.76 -20.75
C THR I 314 70.06 36.39 -20.12
N PHE I 315 69.31 36.12 -19.05
CA PHE I 315 69.28 34.79 -18.46
C PHE I 315 68.15 34.00 -19.10
N THR I 316 68.49 32.85 -19.69
CA THR I 316 67.54 32.05 -20.45
C THR I 316 67.26 30.73 -19.73
N SER I 317 66.00 30.34 -19.70
CA SER I 317 65.57 29.08 -19.10
C SER I 317 64.55 28.43 -20.03
N LYS I 318 64.12 27.23 -19.67
CA LYS I 318 63.18 26.46 -20.48
C LYS I 318 61.78 26.43 -19.90
N GLU I 319 61.51 27.14 -18.81
CA GLU I 319 60.21 27.11 -18.16
C GLU I 319 59.66 28.53 -18.03
N PRO I 320 58.42 28.77 -18.43
CA PRO I 320 57.82 30.10 -18.21
C PRO I 320 57.63 30.38 -16.73
N GLN I 321 57.67 31.66 -16.38
CA GLN I 321 57.52 32.10 -15.00
C GLN I 321 56.13 32.66 -14.76
N ARG I 322 55.53 32.27 -13.65
CA ARG I 322 54.22 32.79 -13.25
C ARG I 322 54.33 33.99 -12.33
N GLY I 323 55.42 34.11 -11.59
CA GLY I 323 55.64 35.23 -10.69
C GLY I 323 57.11 35.48 -10.53
N MET I 324 57.45 36.54 -9.80
CA MET I 324 58.84 36.92 -9.62
C MET I 324 58.98 37.78 -8.38
N GLY I 325 59.89 37.38 -7.49
CA GLY I 325 60.22 38.17 -6.32
C GLY I 325 61.71 38.41 -6.23
N SER I 326 62.07 39.62 -5.83
CA SER I 326 63.47 40.05 -5.76
C SER I 326 63.87 40.24 -4.31
N MET I 327 64.95 39.58 -3.92
CA MET I 327 65.46 39.72 -2.56
C MET I 327 66.14 41.08 -2.41
N PRO I 328 65.86 41.83 -1.33
CA PRO I 328 66.56 43.09 -1.11
C PRO I 328 68.03 42.86 -0.81
N LYS I 329 68.77 43.98 -0.79
CA LYS I 329 70.23 43.91 -0.63
C LYS I 329 70.64 43.32 0.70
N ARG I 330 69.81 43.48 1.74
CA ARG I 330 70.19 43.01 3.06
C ARG I 330 70.30 41.50 3.16
N GLY I 331 69.58 40.76 2.32
CA GLY I 331 69.58 39.31 2.36
C GLY I 331 70.45 38.62 1.33
N LEU I 332 71.24 39.36 0.56
CA LEU I 332 72.08 38.76 -0.47
C LEU I 332 73.41 38.31 0.10
N GLU I 333 73.97 37.25 -0.48
CA GLU I 333 75.28 36.74 -0.09
C GLU I 333 76.35 37.67 -0.64
N VAL I 334 76.80 38.61 0.19
CA VAL I 334 77.78 39.59 -0.25
C VAL I 334 79.12 38.93 -0.57
N SER I 335 79.52 37.96 0.26
CA SER I 335 80.83 37.33 0.09
C SER I 335 80.96 36.58 -1.22
N LYS I 336 79.84 36.21 -1.85
CA LYS I 336 79.85 35.46 -3.10
C LYS I 336 79.66 36.35 -4.32
N CYS I 337 79.85 37.67 -4.17
CA CYS I 337 79.71 38.63 -5.26
C CYS I 337 78.32 38.55 -5.91
N GLU I 338 77.30 38.34 -5.09
CA GLU I 338 75.93 38.26 -5.56
C GLU I 338 75.27 39.63 -5.42
N ILE I 339 74.72 40.13 -6.52
CA ILE I 339 74.09 41.45 -6.53
C ILE I 339 72.57 41.38 -6.64
N ALA I 340 72.01 40.21 -6.95
CA ALA I 340 70.56 40.07 -7.05
C ALA I 340 70.19 38.60 -6.93
N ARG I 341 69.02 38.35 -6.35
CA ARG I 341 68.48 37.00 -6.25
C ARG I 341 66.99 37.06 -6.54
N PHE I 342 66.55 36.34 -7.56
CA PHE I 342 65.17 36.35 -8.01
C PHE I 342 64.52 35.00 -7.74
N TYR I 343 63.37 35.01 -7.08
CA TYR I 343 62.63 33.79 -6.76
C TYR I 343 61.62 33.55 -7.86
N LYS I 344 62.02 32.74 -8.85
CA LYS I 344 61.17 32.48 -9.99
C LYS I 344 60.03 31.54 -9.61
N LEU I 345 58.81 31.93 -9.92
CA LEU I 345 57.62 31.15 -9.58
C LEU I 345 57.16 30.37 -10.81
N HIS I 346 57.19 29.04 -10.72
CA HIS I 346 56.56 28.19 -11.71
C HIS I 346 55.12 27.96 -11.30
N GLU I 347 54.43 27.02 -11.96
CA GLU I 347 53.07 26.72 -11.59
C GLU I 347 52.98 25.92 -10.29
N ARG I 348 54.03 25.18 -9.94
CA ARG I 348 54.02 24.39 -8.70
C ARG I 348 55.34 24.47 -7.94
N LYS I 349 56.22 25.40 -8.27
CA LYS I 349 57.55 25.44 -7.64
C LYS I 349 58.08 26.86 -7.66
N CYS I 350 58.87 27.18 -6.64
CA CYS I 350 59.59 28.44 -6.56
C CYS I 350 61.09 28.15 -6.68
N GLU I 351 61.73 28.73 -7.67
CA GLU I 351 63.14 28.47 -7.96
C GLU I 351 63.96 29.75 -7.83
N PRO I 352 64.71 29.93 -6.75
CA PRO I 352 65.59 31.10 -6.65
C PRO I 352 66.65 31.10 -7.75
N ILE I 353 66.96 32.30 -8.24
CA ILE I 353 67.97 32.48 -9.28
C ILE I 353 68.97 33.53 -8.78
N VAL I 354 70.25 33.17 -8.78
CA VAL I 354 71.30 34.00 -8.23
C VAL I 354 71.99 34.75 -9.36
N MET I 355 72.02 36.07 -9.26
CA MET I 355 72.75 36.92 -10.20
C MET I 355 74.06 37.35 -9.53
N THR I 356 75.18 36.96 -10.14
CA THR I 356 76.49 37.19 -9.55
C THR I 356 77.41 37.88 -10.54
N VAL I 357 78.23 38.81 -10.03
CA VAL I 357 79.23 39.50 -10.83
C VAL I 357 80.50 38.66 -10.83
N PRO I 358 81.03 38.26 -11.98
CA PRO I 358 82.25 37.45 -12.00
C PRO I 358 83.47 38.24 -11.57
N ARG I 359 84.04 37.88 -10.42
CA ARG I 359 85.22 38.54 -9.89
C ARG I 359 86.24 37.50 -9.45
N LYS I 360 87.51 37.76 -9.73
CA LYS I 360 88.58 36.86 -9.32
C LYS I 360 88.87 36.97 -7.83
N SER I 361 88.85 38.19 -7.29
CA SER I 361 89.17 38.40 -5.89
C SER I 361 88.07 37.85 -4.99
N ASP I 362 88.48 37.22 -3.89
CA ASP I 362 87.56 36.68 -2.91
C ASP I 362 87.24 37.65 -1.78
N LEU I 363 87.85 38.84 -1.79
CA LEU I 363 87.64 39.82 -0.75
C LEU I 363 86.36 40.62 -1.01
N PHE I 364 86.01 41.47 -0.05
CA PHE I 364 84.84 42.31 -0.18
C PHE I 364 85.04 43.33 -1.29
N GLN I 365 84.01 43.53 -2.11
CA GLN I 365 84.06 44.44 -3.25
C GLN I 365 83.37 45.74 -2.84
N ASP I 366 84.18 46.79 -2.61
CA ASP I 366 83.62 48.08 -2.22
C ASP I 366 82.73 48.66 -3.30
N ASP I 367 83.17 48.57 -4.57
CA ASP I 367 82.43 49.18 -5.66
C ASP I 367 81.10 48.48 -5.91
N LEU I 368 81.03 47.16 -5.70
CA LEU I 368 79.81 46.42 -5.99
C LEU I 368 78.73 46.66 -4.93
N TYR I 369 79.12 46.98 -3.71
CA TYR I 369 78.17 47.11 -2.59
C TYR I 369 78.32 48.46 -1.92
N PRO I 370 77.68 49.50 -2.46
CA PRO I 370 77.62 50.77 -1.73
C PRO I 370 76.63 50.71 -0.58
N ASP I 371 76.42 51.83 0.12
CA ASP I 371 75.47 51.86 1.22
C ASP I 371 74.06 51.70 0.70
N THR I 372 73.28 50.83 1.35
CA THR I 372 71.92 50.53 0.95
C THR I 372 70.95 50.89 2.07
N ALA I 373 69.70 51.12 1.68
CA ALA I 373 68.66 51.49 2.64
C ALA I 373 68.48 50.38 3.67
N GLY I 374 68.42 50.77 4.94
CA GLY I 374 68.31 49.82 6.02
C GLY I 374 66.87 49.58 6.45
N PRO I 375 66.69 48.74 7.47
CA PRO I 375 65.33 48.44 7.94
C PRO I 375 64.83 49.44 8.97
N GLU I 376 65.49 50.58 9.08
CA GLU I 376 65.11 51.62 10.03
C GLU I 376 64.43 52.76 9.29
N ALA I 377 63.21 53.10 9.74
CA ALA I 377 62.47 54.19 9.12
C ALA I 377 63.08 55.53 9.49
N ALA I 378 63.12 56.44 8.52
CA ALA I 378 63.67 57.77 8.77
C ALA I 378 62.63 58.68 9.41
N LEU I 379 61.51 58.90 8.72
CA LEU I 379 60.44 59.75 9.21
C LEU I 379 59.42 58.91 9.97
N GLU I 380 58.28 59.51 10.30
CA GLU I 380 57.17 58.84 10.94
C GLU I 380 55.88 59.20 10.20
N ALA I 381 54.81 58.48 10.53
CA ALA I 381 53.52 58.73 9.87
C ALA I 381 53.03 60.14 10.17
N GLU I 382 53.16 60.59 11.41
CA GLU I 382 52.74 61.93 11.77
C GLU I 382 53.69 63.00 11.25
N GLU I 383 54.97 62.66 11.08
CA GLU I 383 55.92 63.62 10.53
C GLU I 383 55.79 63.76 9.02
N TRP I 384 55.46 62.66 8.31
CA TRP I 384 55.41 62.72 6.86
C TRP I 384 54.20 63.52 6.37
N VAL I 385 53.07 63.42 7.06
CA VAL I 385 51.87 64.13 6.64
C VAL I 385 52.07 65.65 6.74
N SER I 386 52.83 66.10 7.74
CA SER I 386 53.07 67.53 7.91
C SER I 386 53.75 68.14 6.68
N GLY I 387 54.61 67.37 6.00
CA GLY I 387 55.26 67.86 4.80
C GLY I 387 56.77 67.68 4.80
N ARG I 388 57.27 66.91 5.75
CA ARG I 388 58.70 66.66 5.85
C ARG I 388 59.16 65.67 4.79
N ASP I 389 60.38 65.86 4.30
CA ASP I 389 61.00 64.97 3.33
C ASP I 389 62.32 64.47 3.89
N ALA I 390 62.58 63.17 3.73
CA ALA I 390 63.82 62.58 4.20
C ALA I 390 64.17 61.38 3.34
N ASP I 391 65.48 61.13 3.21
CA ASP I 391 66.03 60.00 2.47
C ASP I 391 66.12 58.78 3.38
N PRO I 392 66.09 57.57 2.80
CA PRO I 392 66.20 56.36 3.63
C PRO I 392 67.55 56.29 4.33
N ILE I 393 67.54 55.69 5.51
CA ILE I 393 68.76 55.52 6.30
C ILE I 393 69.58 54.40 5.70
N LEU I 394 70.85 54.69 5.42
CA LEU I 394 71.73 53.75 4.73
C LEU I 394 72.60 53.00 5.73
N ILE I 395 72.72 51.69 5.53
CA ILE I 395 73.59 50.84 6.32
C ILE I 395 74.69 50.29 5.41
N SER I 396 75.68 49.65 6.03
CA SER I 396 76.82 49.12 5.31
C SER I 396 76.71 47.61 5.20
N LEU I 397 76.95 47.09 4.00
CA LEU I 397 76.90 45.65 3.73
C LEU I 397 78.21 44.95 4.05
N ARG I 398 79.24 45.69 4.46
CA ARG I 398 80.52 45.07 4.78
C ARG I 398 80.42 44.16 6.00
N GLU I 399 79.56 44.49 6.95
CA GLU I 399 79.38 43.65 8.13
C GLU I 399 78.78 42.29 7.79
N ALA I 400 78.14 42.16 6.63
CA ALA I 400 77.55 40.89 6.21
C ALA I 400 78.54 39.98 5.51
N TYR I 401 79.76 40.45 5.26
CA TYR I 401 80.77 39.62 4.61
C TYR I 401 81.23 38.53 5.56
N VAL I 402 81.41 37.32 5.03
CA VAL I 402 81.87 36.19 5.83
C VAL I 402 83.28 35.80 5.41
N LYS J 10 66.31 -36.49 -24.31
CA LYS J 10 66.62 -37.00 -22.99
C LYS J 10 66.43 -35.92 -21.93
N VAL J 11 66.52 -34.65 -22.35
CA VAL J 11 66.33 -33.54 -21.43
C VAL J 11 64.85 -33.23 -21.25
N VAL J 12 64.09 -33.27 -22.34
CA VAL J 12 62.65 -32.99 -22.32
C VAL J 12 61.91 -34.30 -22.49
N ARG J 13 60.90 -34.52 -21.65
CA ARG J 13 60.10 -35.73 -21.74
C ARG J 13 59.40 -35.80 -23.10
N GLN J 14 59.47 -36.97 -23.73
CA GLN J 14 58.90 -37.14 -25.06
C GLN J 14 57.37 -37.12 -24.98
N SER J 15 56.76 -36.15 -25.65
CA SER J 15 55.32 -36.01 -25.65
C SER J 15 54.90 -35.19 -26.86
N LYS J 16 53.62 -35.34 -27.23
CA LYS J 16 53.04 -34.59 -28.34
C LYS J 16 52.14 -33.46 -27.88
N PHE J 17 51.79 -33.41 -26.59
CA PHE J 17 50.81 -32.46 -26.08
C PHE J 17 51.41 -31.53 -25.03
N ARG J 18 52.73 -31.38 -25.01
CA ARG J 18 53.36 -30.49 -24.04
C ARG J 18 53.13 -29.02 -24.36
N HIS J 19 52.66 -28.69 -25.57
CA HIS J 19 52.43 -27.32 -25.97
C HIS J 19 50.98 -27.07 -26.40
N VAL J 20 50.05 -27.90 -25.93
CA VAL J 20 48.64 -27.70 -26.24
C VAL J 20 48.15 -26.45 -25.53
N PHE J 21 47.50 -25.56 -26.29
CA PHE J 21 47.01 -24.30 -25.75
C PHE J 21 45.51 -24.18 -26.01
N GLY J 22 44.82 -23.56 -25.06
CA GLY J 22 43.39 -23.33 -25.17
C GLY J 22 43.09 -21.95 -25.73
N GLN J 23 42.01 -21.87 -26.51
CA GLN J 23 41.62 -20.61 -27.13
C GLN J 23 40.11 -20.53 -27.24
N PRO J 24 39.45 -19.66 -26.47
CA PRO J 24 38.00 -19.52 -26.58
C PRO J 24 37.59 -18.99 -27.95
N VAL J 25 36.42 -19.42 -28.40
CA VAL J 25 35.89 -19.01 -29.70
C VAL J 25 35.44 -17.56 -29.61
N LYS J 26 35.17 -16.95 -30.77
CA LYS J 26 34.74 -15.56 -30.80
C LYS J 26 33.35 -15.40 -30.19
N ASN J 27 33.01 -14.16 -29.85
CA ASN J 27 31.75 -13.89 -29.17
C ASN J 27 30.55 -14.28 -30.02
N ASP J 28 30.67 -14.16 -31.35
CA ASP J 28 29.57 -14.55 -32.23
C ASP J 28 29.36 -16.05 -32.29
N GLN J 29 30.30 -16.85 -31.79
CA GLN J 29 30.18 -18.30 -31.79
C GLN J 29 29.81 -18.86 -30.42
N CYS J 30 29.42 -18.01 -29.48
CA CYS J 30 29.06 -18.43 -28.14
C CYS J 30 27.54 -18.52 -28.02
N TYR J 31 27.07 -18.91 -26.83
CA TYR J 31 25.64 -19.07 -26.55
C TYR J 31 25.31 -18.18 -25.36
N GLU J 32 24.67 -17.03 -25.63
CA GLU J 32 24.37 -16.05 -24.61
C GLU J 32 22.92 -16.14 -24.16
N ASP J 33 22.61 -15.43 -23.08
CA ASP J 33 21.25 -15.34 -22.53
C ASP J 33 20.70 -16.73 -22.19
N ILE J 34 21.49 -17.50 -21.45
CA ILE J 34 21.09 -18.82 -20.97
C ILE J 34 21.05 -18.78 -19.45
N ARG J 35 19.88 -19.01 -18.88
CA ARG J 35 19.71 -18.99 -17.42
C ARG J 35 20.20 -20.32 -16.88
N VAL J 36 21.51 -20.40 -16.61
CA VAL J 36 22.11 -21.64 -16.14
C VAL J 36 21.56 -22.00 -14.76
N SER J 37 21.51 -23.30 -14.49
CA SER J 37 20.89 -23.80 -13.26
C SER J 37 21.65 -23.33 -12.03
N ARG J 38 20.92 -23.15 -10.94
CA ARG J 38 21.46 -22.72 -9.66
C ARG J 38 21.39 -23.82 -8.61
N VAL J 39 21.65 -25.06 -9.03
CA VAL J 39 21.59 -26.21 -8.13
C VAL J 39 22.98 -26.45 -7.56
N THR J 40 23.05 -26.65 -6.24
CA THR J 40 24.33 -26.86 -5.57
C THR J 40 24.96 -28.20 -5.91
N TRP J 41 24.24 -29.10 -6.57
CA TRP J 41 24.80 -30.39 -6.95
C TRP J 41 25.98 -30.20 -7.90
N ASP J 42 27.08 -30.90 -7.63
CA ASP J 42 28.32 -30.72 -8.38
C ASP J 42 28.36 -31.72 -9.53
N SER J 43 27.71 -31.33 -10.63
CA SER J 43 27.73 -32.08 -11.88
C SER J 43 28.27 -31.19 -12.99
N THR J 44 28.38 -31.76 -14.19
CA THR J 44 28.92 -31.02 -15.32
C THR J 44 27.98 -29.93 -15.82
N PHE J 45 26.68 -30.07 -15.57
CA PHE J 45 25.67 -29.08 -15.96
C PHE J 45 25.57 -28.91 -17.46
N CYS J 46 26.30 -29.71 -18.22
CA CYS J 46 26.34 -29.56 -19.68
C CYS J 46 26.68 -30.89 -20.32
N ALA J 47 25.96 -31.19 -21.41
CA ALA J 47 26.22 -32.37 -22.21
C ALA J 47 26.15 -31.98 -23.68
N VAL J 48 27.17 -32.33 -24.45
CA VAL J 48 27.29 -31.92 -25.84
C VAL J 48 27.63 -33.14 -26.70
N ASN J 49 26.97 -33.24 -27.84
CA ASN J 49 27.27 -34.25 -28.85
C ASN J 49 27.54 -33.53 -30.17
N PRO J 50 28.03 -34.21 -31.21
CA PRO J 50 28.31 -33.51 -32.48
C PRO J 50 27.09 -32.87 -33.13
N LYS J 51 25.91 -33.02 -32.54
CA LYS J 51 24.68 -32.48 -33.11
C LYS J 51 24.06 -31.37 -32.28
N PHE J 52 23.87 -31.58 -30.98
CA PHE J 52 23.17 -30.63 -30.13
C PHE J 52 24.03 -30.26 -28.93
N LEU J 53 23.57 -29.23 -28.21
CA LEU J 53 24.17 -28.81 -26.96
C LEU J 53 23.10 -28.76 -25.88
N ALA J 54 23.32 -29.45 -24.78
CA ALA J 54 22.36 -29.54 -23.69
C ALA J 54 22.94 -28.88 -22.45
N VAL J 55 22.19 -27.93 -21.89
CA VAL J 55 22.60 -27.21 -20.68
C VAL J 55 21.44 -27.22 -19.70
N ILE J 56 21.73 -27.59 -18.45
CA ILE J 56 20.71 -27.56 -17.41
C ILE J 56 20.42 -26.10 -17.05
N VAL J 57 19.15 -25.71 -17.14
CA VAL J 57 18.75 -24.32 -16.96
C VAL J 57 17.88 -24.20 -15.71
N GLU J 58 17.69 -22.96 -15.28
CA GLU J 58 16.87 -22.65 -14.12
C GLU J 58 15.43 -22.45 -14.56
N ALA J 59 14.53 -23.26 -14.01
CA ALA J 59 13.11 -23.15 -14.28
C ALA J 59 12.36 -22.66 -13.04
N SER J 60 11.33 -21.85 -13.27
CA SER J 60 10.52 -21.34 -12.16
C SER J 60 9.85 -22.48 -11.41
N GLY J 61 9.32 -23.45 -12.14
CA GLY J 61 8.72 -24.62 -11.53
C GLY J 61 9.26 -25.89 -12.15
N GLY J 62 9.44 -26.91 -11.31
CA GLY J 62 10.01 -28.14 -11.80
C GLY J 62 11.46 -27.97 -12.24
N GLY J 63 11.84 -28.72 -13.26
CA GLY J 63 13.18 -28.64 -13.80
C GLY J 63 13.17 -28.82 -15.30
N ALA J 64 14.15 -28.20 -15.95
CA ALA J 64 14.27 -28.27 -17.39
C ALA J 64 15.73 -28.07 -17.78
N PHE J 65 16.06 -28.52 -18.99
CA PHE J 65 17.37 -28.28 -19.58
C PHE J 65 17.20 -27.84 -21.02
N LEU J 66 18.08 -26.96 -21.47
CA LEU J 66 17.99 -26.34 -22.78
C LEU J 66 18.79 -27.16 -23.79
N VAL J 67 18.11 -27.68 -24.81
CA VAL J 67 18.75 -28.41 -25.90
C VAL J 67 18.60 -27.56 -27.15
N LEU J 68 19.74 -27.12 -27.70
CA LEU J 68 19.74 -26.29 -28.89
C LEU J 68 20.80 -26.79 -29.87
N PRO J 69 20.57 -26.61 -31.16
CA PRO J 69 21.56 -27.04 -32.15
C PRO J 69 22.86 -26.25 -32.04
N LEU J 70 23.96 -26.91 -32.45
CA LEU J 70 25.26 -26.26 -32.40
C LEU J 70 25.32 -25.04 -33.31
N SER J 71 24.51 -25.02 -34.38
CA SER J 71 24.52 -23.88 -35.29
C SER J 71 23.85 -22.67 -34.66
N LYS J 72 22.90 -22.89 -33.73
CA LYS J 72 22.18 -21.80 -33.08
C LYS J 72 23.09 -21.18 -32.03
N THR J 73 23.92 -20.24 -32.48
CA THR J 73 24.84 -19.52 -31.62
C THR J 73 24.27 -18.12 -31.33
N GLY J 74 25.07 -17.30 -30.65
CA GLY J 74 24.62 -15.95 -30.34
C GLY J 74 23.61 -15.95 -29.19
N ARG J 75 22.90 -14.84 -29.09
CA ARG J 75 21.91 -14.68 -28.04
C ARG J 75 20.74 -15.62 -28.25
N ILE J 76 20.28 -16.25 -27.17
CA ILE J 76 19.16 -17.18 -27.20
C ILE J 76 17.94 -16.51 -26.60
N ASP J 77 16.80 -16.65 -27.27
CA ASP J 77 15.57 -16.04 -26.78
C ASP J 77 15.19 -16.61 -25.41
N LYS J 78 14.68 -15.73 -24.54
CA LYS J 78 14.27 -16.17 -23.21
C LYS J 78 13.09 -17.14 -23.28
N ALA J 79 12.28 -17.05 -24.34
CA ALA J 79 11.14 -17.93 -24.53
C ALA J 79 11.46 -19.12 -25.42
N TYR J 80 12.74 -19.45 -25.58
CA TYR J 80 13.12 -20.60 -26.38
C TYR J 80 12.59 -21.88 -25.74
N PRO J 81 12.02 -22.80 -26.51
CA PRO J 81 11.49 -24.03 -25.91
C PRO J 81 12.57 -24.84 -25.22
N THR J 82 12.21 -25.42 -24.09
CA THR J 82 13.13 -26.24 -23.30
C THR J 82 12.49 -27.59 -23.02
N VAL J 83 13.31 -28.54 -22.60
CA VAL J 83 12.84 -29.89 -22.26
C VAL J 83 12.39 -29.83 -20.81
N CYS J 84 11.13 -29.47 -20.60
CA CYS J 84 10.55 -29.28 -19.28
C CYS J 84 9.50 -30.36 -19.04
N GLY J 85 9.96 -31.49 -18.50
CA GLY J 85 9.05 -32.58 -18.17
C GLY J 85 9.17 -33.01 -16.72
N HIS J 86 10.29 -32.69 -16.10
CA HIS J 86 10.52 -33.06 -14.71
C HIS J 86 9.76 -32.12 -13.77
N THR J 87 9.25 -32.68 -12.68
CA THR J 87 8.60 -31.89 -11.65
C THR J 87 9.58 -31.35 -10.62
N GLY J 88 10.85 -31.71 -10.73
CA GLY J 88 11.89 -31.19 -9.87
C GLY J 88 13.10 -30.75 -10.66
N PRO J 89 13.99 -29.99 -10.05
CA PRO J 89 15.17 -29.50 -10.78
C PRO J 89 16.02 -30.65 -11.31
N VAL J 90 16.54 -30.46 -12.52
CA VAL J 90 17.35 -31.48 -13.18
C VAL J 90 18.76 -31.42 -12.62
N LEU J 91 19.32 -32.60 -12.32
CA LEU J 91 20.65 -32.70 -11.73
C LEU J 91 21.72 -33.10 -12.72
N ASP J 92 21.46 -34.09 -13.57
CA ASP J 92 22.45 -34.59 -14.50
C ASP J 92 21.80 -34.90 -15.85
N ILE J 93 22.56 -34.70 -16.92
CA ILE J 93 22.13 -35.03 -18.27
C ILE J 93 23.27 -35.75 -18.97
N ASP J 94 22.92 -36.56 -19.97
CA ASP J 94 23.93 -37.32 -20.71
C ASP J 94 23.35 -37.76 -22.04
N TRP J 95 24.07 -37.48 -23.13
CA TRP J 95 23.66 -37.91 -24.45
C TRP J 95 23.96 -39.39 -24.65
N CYS J 96 23.14 -40.04 -25.47
CA CYS J 96 23.37 -41.44 -25.80
C CYS J 96 24.54 -41.54 -26.77
N PRO J 97 25.57 -42.32 -26.46
CA PRO J 97 26.71 -42.45 -27.40
C PRO J 97 26.32 -43.07 -28.74
N HIS J 98 25.29 -43.91 -28.77
CA HIS J 98 24.88 -44.59 -29.99
C HIS J 98 23.70 -43.91 -30.68
N ASN J 99 23.27 -42.76 -30.19
CA ASN J 99 22.16 -42.03 -30.81
C ASN J 99 22.32 -40.56 -30.47
N ASP J 100 22.54 -39.74 -31.50
CA ASP J 100 22.79 -38.32 -31.30
C ASP J 100 21.54 -37.53 -30.96
N GLU J 101 20.39 -38.18 -30.79
CA GLU J 101 19.15 -37.48 -30.48
C GLU J 101 18.44 -38.07 -29.26
N VAL J 102 19.11 -38.91 -28.48
CA VAL J 102 18.54 -39.50 -27.27
C VAL J 102 19.38 -39.02 -26.09
N ILE J 103 18.73 -38.38 -25.13
CA ILE J 103 19.40 -37.85 -23.94
C ILE J 103 18.61 -38.26 -22.70
N ALA J 104 19.32 -38.69 -21.68
CA ALA J 104 18.73 -39.08 -20.40
C ALA J 104 19.04 -38.03 -19.35
N SER J 105 18.04 -37.70 -18.53
CA SER J 105 18.16 -36.66 -17.53
C SER J 105 17.67 -37.17 -16.18
N GLY J 106 18.44 -36.88 -15.14
CA GLY J 106 18.06 -37.18 -13.76
C GLY J 106 17.68 -35.89 -13.05
N SER J 107 16.67 -35.97 -12.19
CA SER J 107 16.12 -34.79 -11.55
C SER J 107 15.87 -35.09 -10.07
N GLU J 108 15.37 -34.07 -9.37
CA GLU J 108 15.11 -34.18 -7.93
C GLU J 108 13.80 -34.90 -7.63
N ASP J 109 13.00 -35.22 -8.64
CA ASP J 109 11.75 -35.95 -8.44
C ASP J 109 11.95 -37.46 -8.38
N CYS J 110 13.19 -37.91 -8.15
CA CYS J 110 13.50 -39.33 -7.96
C CYS J 110 13.10 -40.16 -9.17
N THR J 111 13.34 -39.62 -10.37
CA THR J 111 13.02 -40.33 -11.60
C THR J 111 14.05 -40.00 -12.66
N VAL J 112 14.13 -40.86 -13.67
CA VAL J 112 15.01 -40.69 -14.82
C VAL J 112 14.16 -40.74 -16.08
N MET J 113 14.26 -39.71 -16.90
CA MET J 113 13.49 -39.62 -18.15
C MET J 113 14.42 -39.63 -19.34
N VAL J 114 14.04 -40.39 -20.37
CA VAL J 114 14.78 -40.48 -21.62
C VAL J 114 14.00 -39.74 -22.69
N TRP J 115 14.68 -38.83 -23.40
CA TRP J 115 14.03 -37.95 -24.35
C TRP J 115 14.50 -38.23 -25.76
N GLN J 116 13.67 -37.83 -26.72
CA GLN J 116 13.99 -37.92 -28.14
C GLN J 116 13.93 -36.52 -28.73
N ILE J 117 15.03 -36.05 -29.29
CA ILE J 117 15.16 -34.70 -29.83
C ILE J 117 14.93 -34.78 -31.35
N PRO J 118 14.10 -33.90 -31.91
CA PRO J 118 13.87 -33.92 -33.36
C PRO J 118 15.14 -33.56 -34.13
N GLU J 119 15.03 -33.66 -35.46
CA GLU J 119 16.18 -33.42 -36.32
C GLU J 119 16.68 -31.99 -36.21
N ASN J 120 15.75 -31.02 -36.23
CA ASN J 120 16.11 -29.61 -36.26
C ASN J 120 15.98 -28.93 -34.90
N GLY J 121 15.80 -29.69 -33.84
CA GLY J 121 15.67 -29.13 -32.51
C GLY J 121 14.23 -29.05 -32.05
N LEU J 122 13.99 -28.13 -31.12
CA LEU J 122 12.68 -27.97 -30.50
C LEU J 122 11.99 -26.72 -31.05
N THR J 123 10.74 -26.90 -31.50
CA THR J 123 9.89 -25.78 -31.87
C THR J 123 8.87 -25.45 -30.81
N SER J 124 8.46 -26.43 -30.00
CA SER J 124 7.56 -26.27 -28.88
C SER J 124 8.19 -26.97 -27.68
N PRO J 125 7.83 -26.55 -26.46
CA PRO J 125 8.39 -27.19 -25.28
C PRO J 125 8.10 -28.69 -25.25
N LEU J 126 9.08 -29.47 -24.81
CA LEU J 126 8.98 -30.92 -24.75
C LEU J 126 8.65 -31.34 -23.33
N THR J 127 7.52 -32.02 -23.16
CA THR J 127 7.05 -32.45 -21.85
C THR J 127 6.87 -33.95 -21.72
N GLU J 128 6.64 -34.67 -22.82
CA GLU J 128 6.40 -36.10 -22.76
C GLU J 128 7.67 -36.84 -23.15
N PRO J 129 8.34 -37.52 -22.22
CA PRO J 129 9.53 -38.29 -22.56
C PRO J 129 9.16 -39.65 -23.16
N VAL J 130 10.15 -40.25 -23.82
CA VAL J 130 9.95 -41.57 -24.40
C VAL J 130 9.80 -42.61 -23.30
N VAL J 131 10.68 -42.59 -22.31
CA VAL J 131 10.65 -43.53 -21.20
C VAL J 131 10.74 -42.76 -19.89
N VAL J 132 10.14 -43.33 -18.84
CA VAL J 132 10.25 -42.82 -17.48
C VAL J 132 10.71 -43.98 -16.61
N LEU J 133 11.85 -43.80 -15.95
CA LEU J 133 12.45 -44.83 -15.11
C LEU J 133 12.27 -44.44 -13.65
N GLU J 134 11.41 -45.17 -12.95
CA GLU J 134 11.08 -44.90 -11.55
C GLU J 134 11.58 -46.07 -10.71
N GLY J 135 12.81 -45.97 -10.22
CA GLY J 135 13.38 -47.00 -9.39
C GLY J 135 14.13 -46.47 -8.19
N HIS J 136 14.21 -45.15 -8.07
CA HIS J 136 14.95 -44.48 -7.00
C HIS J 136 13.98 -43.81 -6.03
N THR J 137 14.32 -43.86 -4.75
CA THR J 137 13.52 -43.21 -3.72
C THR J 137 13.98 -41.79 -3.41
N LYS J 138 15.19 -41.43 -3.82
CA LYS J 138 15.73 -40.09 -3.63
C LYS J 138 16.16 -39.52 -4.99
N ARG J 139 16.66 -38.29 -4.96
CA ARG J 139 17.03 -37.61 -6.19
C ARG J 139 18.17 -38.33 -6.90
N VAL J 140 18.10 -38.36 -8.22
CA VAL J 140 19.09 -39.02 -9.05
C VAL J 140 19.99 -37.95 -9.65
N GLY J 141 21.28 -37.99 -9.27
CA GLY J 141 22.22 -37.00 -9.75
C GLY J 141 23.35 -37.58 -10.59
N ILE J 142 23.33 -38.89 -10.79
CA ILE J 142 24.37 -39.59 -11.55
C ILE J 142 23.70 -40.39 -12.66
N ILE J 143 24.10 -40.12 -13.89
CA ILE J 143 23.60 -40.85 -15.06
C ILE J 143 24.79 -41.15 -15.97
N ALA J 144 24.91 -42.40 -16.41
CA ALA J 144 26.02 -42.81 -17.27
C ALA J 144 25.54 -43.90 -18.22
N TRP J 145 25.58 -43.61 -19.51
CA TRP J 145 25.24 -44.61 -20.51
C TRP J 145 26.34 -45.66 -20.60
N HIS J 146 25.96 -46.85 -21.08
CA HIS J 146 26.94 -47.91 -21.27
C HIS J 146 27.75 -47.64 -22.53
N PRO J 147 29.09 -47.70 -22.46
CA PRO J 147 29.91 -47.39 -23.64
C PRO J 147 29.67 -48.32 -24.82
N THR J 148 29.36 -49.60 -24.57
CA THR J 148 29.25 -50.59 -25.64
C THR J 148 27.84 -51.13 -25.80
N ALA J 149 27.22 -51.61 -24.72
CA ALA J 149 25.90 -52.19 -24.81
C ALA J 149 24.86 -51.14 -25.19
N ARG J 150 23.97 -51.51 -26.10
CA ARG J 150 22.95 -50.60 -26.59
C ARG J 150 21.80 -50.48 -25.59
N ASN J 151 21.31 -49.25 -25.42
CA ASN J 151 20.15 -48.96 -24.58
C ASN J 151 20.34 -49.44 -23.14
N VAL J 152 21.55 -49.35 -22.63
CA VAL J 152 21.85 -49.70 -21.24
C VAL J 152 22.29 -48.43 -20.53
N LEU J 153 21.57 -48.06 -19.47
CA LEU J 153 21.80 -46.82 -18.75
C LEU J 153 22.00 -47.11 -17.27
N LEU J 154 22.97 -46.42 -16.67
CA LEU J 154 23.24 -46.52 -15.25
C LEU J 154 22.75 -45.26 -14.56
N SER J 155 22.05 -45.43 -13.45
CA SER J 155 21.56 -44.30 -12.65
C SER J 155 21.88 -44.56 -11.19
N ALA J 156 22.40 -43.54 -10.51
CA ALA J 156 22.71 -43.62 -9.09
C ALA J 156 22.07 -42.43 -8.39
N GLY J 157 21.26 -42.71 -7.36
CA GLY J 157 20.58 -41.68 -6.61
C GLY J 157 21.18 -41.46 -5.24
N CYS J 158 20.58 -40.52 -4.51
CA CYS J 158 21.02 -40.22 -3.16
C CYS J 158 20.67 -41.32 -2.17
N ASP J 159 19.87 -42.31 -2.57
CA ASP J 159 19.58 -43.47 -1.73
C ASP J 159 20.72 -44.48 -1.72
N ASN J 160 21.89 -44.11 -2.25
CA ASN J 160 23.05 -44.99 -2.31
C ASN J 160 22.73 -46.30 -3.03
N VAL J 161 21.94 -46.19 -4.10
CA VAL J 161 21.51 -47.34 -4.89
C VAL J 161 21.89 -47.10 -6.34
N VAL J 162 22.57 -48.07 -6.95
CA VAL J 162 22.97 -48.00 -8.35
C VAL J 162 22.10 -48.96 -9.14
N LEU J 163 21.45 -48.45 -10.18
CA LEU J 163 20.52 -49.23 -10.98
C LEU J 163 20.99 -49.27 -12.44
N ILE J 164 20.89 -50.45 -13.04
CA ILE J 164 21.18 -50.64 -14.46
C ILE J 164 19.85 -50.75 -15.19
N TRP J 165 19.64 -49.87 -16.16
CA TRP J 165 18.36 -49.77 -16.86
C TRP J 165 18.50 -50.26 -18.30
N ASN J 166 17.36 -50.70 -18.85
CA ASN J 166 17.24 -51.03 -20.26
C ASN J 166 16.26 -50.03 -20.87
N VAL J 167 16.81 -49.04 -21.58
CA VAL J 167 15.98 -47.95 -22.08
C VAL J 167 14.94 -48.47 -23.08
N GLY J 168 15.32 -49.45 -23.90
CA GLY J 168 14.41 -49.96 -24.90
C GLY J 168 13.18 -50.63 -24.32
N THR J 169 13.34 -51.38 -23.24
CA THR J 169 12.24 -52.13 -22.64
C THR J 169 11.81 -51.59 -21.27
N ALA J 170 12.40 -50.48 -20.82
CA ALA J 170 12.08 -49.87 -19.53
C ALA J 170 12.24 -50.87 -18.38
N GLU J 171 13.29 -51.69 -18.44
CA GLU J 171 13.51 -52.74 -17.47
C GLU J 171 14.68 -52.40 -16.56
N GLU J 172 14.57 -52.83 -15.30
CA GLU J 172 15.63 -52.67 -14.31
C GLU J 172 16.49 -53.94 -14.35
N LEU J 173 17.61 -53.87 -15.09
CA LEU J 173 18.43 -55.05 -15.29
C LEU J 173 19.07 -55.51 -13.98
N TYR J 174 19.64 -54.57 -13.21
CA TYR J 174 20.33 -54.91 -11.98
C TYR J 174 20.04 -53.86 -10.93
N ARG J 175 20.20 -54.27 -9.67
CA ARG J 175 19.99 -53.39 -8.52
C ARG J 175 21.12 -53.64 -7.53
N LEU J 176 21.96 -52.62 -7.31
CA LEU J 176 23.07 -52.69 -6.38
C LEU J 176 22.82 -51.69 -5.27
N ASP J 177 22.28 -52.18 -4.14
CA ASP J 177 21.84 -51.32 -3.05
C ASP J 177 22.67 -51.47 -1.77
N SER J 178 23.42 -52.56 -1.62
CA SER J 178 24.16 -52.83 -0.40
C SER J 178 25.68 -52.75 -0.62
N LEU J 179 26.11 -51.78 -1.42
CA LEU J 179 27.52 -51.61 -1.71
C LEU J 179 28.07 -50.24 -1.32
N HIS J 180 27.28 -49.19 -1.39
CA HIS J 180 27.72 -47.84 -1.00
C HIS J 180 27.05 -47.43 0.30
N PRO J 181 27.79 -47.32 1.41
CA PRO J 181 27.16 -46.95 2.68
C PRO J 181 26.89 -45.47 2.85
N ASP J 182 27.37 -44.62 1.94
CA ASP J 182 27.17 -43.19 2.05
C ASP J 182 26.88 -42.62 0.66
N LEU J 183 26.85 -41.30 0.57
CA LEU J 183 26.50 -40.64 -0.69
C LEU J 183 27.53 -40.93 -1.76
N ILE J 184 27.04 -41.24 -2.96
CA ILE J 184 27.90 -41.54 -4.11
C ILE J 184 28.18 -40.24 -4.85
N TYR J 185 29.45 -40.00 -5.15
CA TYR J 185 29.86 -38.78 -5.83
C TYR J 185 29.73 -38.88 -7.34
N ASN J 186 30.36 -39.88 -7.95
CA ASN J 186 30.28 -40.06 -9.39
C ASN J 186 30.52 -41.53 -9.72
N VAL J 187 30.04 -41.93 -10.90
CA VAL J 187 30.21 -43.29 -11.41
C VAL J 187 30.71 -43.21 -12.83
N SER J 188 31.74 -43.98 -13.15
CA SER J 188 32.33 -44.00 -14.49
C SER J 188 32.52 -45.44 -14.93
N TRP J 189 32.08 -45.76 -16.15
CA TRP J 189 32.31 -47.09 -16.71
C TRP J 189 33.78 -47.26 -17.10
N ASN J 190 34.17 -48.52 -17.28
CA ASN J 190 35.49 -48.85 -17.77
C ASN J 190 35.49 -48.85 -19.29
N HIS J 191 36.56 -49.36 -19.90
CA HIS J 191 36.69 -49.30 -21.36
C HIS J 191 35.60 -50.11 -22.05
N ASN J 192 35.55 -51.41 -21.77
CA ASN J 192 34.57 -52.28 -22.42
C ASN J 192 33.21 -52.27 -21.74
N GLY J 193 33.06 -51.59 -20.62
CA GLY J 193 31.80 -51.53 -19.92
C GLY J 193 31.51 -52.68 -18.99
N SER J 194 32.50 -53.53 -18.70
CA SER J 194 32.30 -54.65 -17.79
C SER J 194 32.26 -54.24 -16.34
N LEU J 195 32.99 -53.19 -15.95
CA LEU J 195 33.05 -52.72 -14.58
C LEU J 195 32.80 -51.22 -14.56
N PHE J 196 32.55 -50.70 -13.35
CA PHE J 196 32.44 -49.26 -13.15
C PHE J 196 33.01 -48.90 -11.79
N CYS J 197 33.64 -47.73 -11.71
CA CYS J 197 34.20 -47.22 -10.47
C CYS J 197 33.33 -46.11 -9.92
N SER J 198 33.24 -46.04 -8.60
CA SER J 198 32.42 -45.04 -7.92
C SER J 198 33.19 -44.42 -6.78
N ALA J 199 32.94 -43.14 -6.54
CA ALA J 199 33.50 -42.40 -5.41
C ALA J 199 32.39 -42.12 -4.42
N CYS J 200 32.66 -42.37 -3.15
CA CYS J 200 31.64 -42.28 -2.10
C CYS J 200 32.09 -41.29 -1.02
N LYS J 201 31.10 -40.85 -0.23
CA LYS J 201 31.36 -39.86 0.81
C LYS J 201 32.27 -40.39 1.91
N ASP J 202 32.37 -41.72 2.06
CA ASP J 202 33.22 -42.31 3.08
C ASP J 202 34.69 -42.37 2.68
N LYS J 203 35.08 -41.57 1.68
CA LYS J 203 36.46 -41.47 1.21
C LYS J 203 36.97 -42.79 0.62
N SER J 204 36.07 -43.63 0.14
CA SER J 204 36.43 -44.94 -0.40
C SER J 204 36.15 -44.98 -1.90
N VAL J 205 37.08 -45.57 -2.64
CA VAL J 205 36.95 -45.77 -4.08
C VAL J 205 36.71 -47.25 -4.33
N ARG J 206 35.63 -47.56 -5.04
CA ARG J 206 35.19 -48.93 -5.25
C ARG J 206 35.10 -49.26 -6.72
N ILE J 207 35.52 -50.47 -7.08
CA ILE J 207 35.34 -51.02 -8.41
C ILE J 207 34.36 -52.17 -8.31
N ILE J 208 33.24 -52.07 -9.01
CA ILE J 208 32.11 -52.97 -8.83
C ILE J 208 31.72 -53.55 -10.19
N ASP J 209 31.51 -54.87 -10.22
CA ASP J 209 31.00 -55.54 -11.41
C ASP J 209 29.48 -55.59 -11.34
N PRO J 210 28.76 -54.90 -12.23
CA PRO J 210 27.29 -54.87 -12.10
C PRO J 210 26.61 -56.19 -12.38
N ARG J 211 27.10 -56.94 -13.37
CA ARG J 211 26.40 -58.17 -13.78
C ARG J 211 26.49 -59.26 -12.72
N ARG J 212 27.44 -59.18 -11.79
CA ARG J 212 27.55 -60.15 -10.71
C ARG J 212 27.29 -59.57 -9.34
N GLY J 213 27.25 -58.24 -9.20
CA GLY J 213 26.99 -57.63 -7.91
C GLY J 213 28.05 -57.87 -6.87
N THR J 214 29.32 -57.89 -7.28
CA THR J 214 30.43 -58.14 -6.37
C THR J 214 31.37 -56.94 -6.36
N LEU J 215 32.01 -56.72 -5.21
CA LEU J 215 33.00 -55.65 -5.05
C LEU J 215 34.34 -56.18 -5.51
N VAL J 216 34.72 -55.85 -6.75
CA VAL J 216 35.98 -56.35 -7.31
C VAL J 216 37.17 -55.80 -6.52
N ALA J 217 37.16 -54.51 -6.23
CA ALA J 217 38.26 -53.90 -5.49
C ALA J 217 37.74 -52.67 -4.75
N GLU J 218 38.47 -52.27 -3.72
CA GLU J 218 38.08 -51.12 -2.92
C GLU J 218 39.31 -50.55 -2.23
N ARG J 219 39.35 -49.22 -2.12
CA ARG J 219 40.47 -48.51 -1.48
C ARG J 219 39.88 -47.55 -0.45
N GLU J 220 39.96 -47.93 0.82
CA GLU J 220 39.48 -47.06 1.89
C GLU J 220 40.41 -45.87 2.08
N LYS J 221 39.80 -44.72 2.39
CA LYS J 221 40.54 -43.49 2.69
C LYS J 221 41.49 -43.13 1.55
N ALA J 222 40.95 -43.10 0.33
CA ALA J 222 41.76 -42.73 -0.83
C ALA J 222 42.27 -41.31 -0.71
N HIS J 223 41.42 -40.40 -0.24
CA HIS J 223 41.82 -39.02 0.04
C HIS J 223 41.37 -38.66 1.44
N GLU J 224 42.26 -38.03 2.21
CA GLU J 224 41.97 -37.75 3.62
C GLU J 224 40.91 -36.68 3.80
N GLY J 225 40.77 -35.78 2.83
CA GLY J 225 39.86 -34.66 2.99
C GLY J 225 38.41 -35.09 2.95
N ALA J 226 37.58 -34.29 3.63
CA ALA J 226 36.14 -34.52 3.67
C ALA J 226 35.40 -33.93 2.47
N ARG J 227 36.08 -33.13 1.65
CA ARG J 227 35.47 -32.54 0.48
C ARG J 227 35.22 -33.60 -0.59
N PRO J 228 34.29 -33.37 -1.51
CA PRO J 228 33.94 -34.41 -2.49
C PRO J 228 35.12 -34.79 -3.37
N MET J 229 35.13 -36.06 -3.78
CA MET J 229 36.18 -36.62 -4.62
C MET J 229 35.56 -37.28 -5.84
N ARG J 230 36.39 -37.51 -6.85
CA ARG J 230 35.97 -38.13 -8.09
C ARG J 230 36.82 -39.36 -8.39
N ALA J 231 36.32 -40.20 -9.29
CA ALA J 231 37.04 -41.41 -9.69
C ALA J 231 36.55 -41.82 -11.07
N ILE J 232 37.47 -41.92 -12.03
CA ILE J 232 37.14 -42.29 -13.39
C ILE J 232 38.04 -43.42 -13.84
N PHE J 233 37.56 -44.20 -14.82
CA PHE J 233 38.31 -45.31 -15.36
C PHE J 233 39.09 -44.88 -16.60
N LEU J 234 40.32 -45.35 -16.71
CA LEU J 234 41.17 -45.08 -17.87
C LEU J 234 41.09 -46.23 -18.86
N ALA J 235 41.61 -45.98 -20.07
CA ALA J 235 41.56 -46.99 -21.13
C ALA J 235 42.38 -48.21 -20.75
N ASP J 236 43.55 -48.01 -20.14
CA ASP J 236 44.40 -49.13 -19.77
C ASP J 236 43.88 -49.90 -18.56
N GLY J 237 42.86 -49.38 -17.87
CA GLY J 237 42.28 -50.07 -16.74
C GLY J 237 42.57 -49.43 -15.39
N LYS J 238 43.44 -48.44 -15.33
CA LYS J 238 43.74 -47.76 -14.08
C LYS J 238 42.66 -46.75 -13.74
N VAL J 239 42.66 -46.30 -12.49
CA VAL J 239 41.66 -45.38 -11.96
C VAL J 239 42.33 -44.08 -11.60
N PHE J 240 41.84 -42.97 -12.16
CA PHE J 240 42.33 -41.64 -11.86
C PHE J 240 41.34 -40.95 -10.93
N THR J 241 41.82 -40.51 -9.77
CA THR J 241 40.96 -39.92 -8.74
C THR J 241 41.47 -38.53 -8.37
N THR J 242 40.53 -37.62 -8.16
CA THR J 242 40.81 -36.28 -7.65
C THR J 242 40.17 -36.13 -6.29
N GLY J 243 40.92 -35.56 -5.35
CA GLY J 243 40.41 -35.45 -3.99
C GLY J 243 41.09 -34.34 -3.23
N PHE J 244 40.91 -34.38 -1.91
CA PHE J 244 41.43 -33.37 -1.01
C PHE J 244 42.29 -34.02 0.07
N SER J 245 43.19 -33.22 0.64
CA SER J 245 44.04 -33.68 1.73
C SER J 245 43.43 -33.32 3.08
N ARG J 246 44.10 -33.76 4.15
CA ARG J 246 43.65 -33.38 5.49
C ARG J 246 43.78 -31.88 5.71
N MET J 247 44.72 -31.24 5.01
CA MET J 247 44.90 -29.80 5.06
C MET J 247 44.07 -29.07 4.02
N SER J 248 43.05 -29.74 3.46
CA SER J 248 42.17 -29.15 2.45
C SER J 248 42.95 -28.69 1.22
N GLU J 249 43.80 -29.58 0.72
CA GLU J 249 44.58 -29.33 -0.49
C GLU J 249 44.18 -30.34 -1.57
N ARG J 250 43.81 -29.83 -2.74
CA ARG J 250 43.36 -30.69 -3.83
C ARG J 250 44.52 -31.50 -4.38
N GLN J 251 44.25 -32.78 -4.65
CA GLN J 251 45.26 -33.70 -5.16
C GLN J 251 44.73 -34.45 -6.37
N LEU J 252 45.65 -35.08 -7.09
CA LEU J 252 45.34 -36.02 -8.15
C LEU J 252 46.07 -37.32 -7.87
N ALA J 253 45.38 -38.45 -8.04
CA ALA J 253 45.97 -39.75 -7.74
C ALA J 253 45.69 -40.73 -8.87
N LEU J 254 46.63 -41.63 -9.08
CA LEU J 254 46.50 -42.72 -10.04
C LEU J 254 46.60 -44.04 -9.29
N TRP J 255 45.63 -44.93 -9.52
CA TRP J 255 45.52 -46.17 -8.77
C TRP J 255 45.59 -47.36 -9.70
N ASP J 256 46.31 -48.38 -9.27
CA ASP J 256 46.35 -49.66 -9.97
C ASP J 256 45.36 -50.61 -9.30
N PRO J 257 44.32 -51.07 -10.00
CA PRO J 257 43.34 -51.94 -9.33
C PRO J 257 43.93 -53.20 -8.74
N GLU J 258 44.97 -53.77 -9.36
CA GLU J 258 45.58 -54.98 -8.82
C GLU J 258 46.26 -54.71 -7.49
N ASN J 259 46.94 -53.57 -7.37
CA ASN J 259 47.67 -53.21 -6.15
C ASN J 259 47.19 -51.83 -5.69
N LEU J 260 46.28 -51.81 -4.72
CA LEU J 260 45.69 -50.57 -4.23
C LEU J 260 46.21 -50.16 -2.85
N GLU J 261 47.29 -50.79 -2.38
CA GLU J 261 47.85 -50.42 -1.08
C GLU J 261 48.38 -48.99 -1.11
N GLU J 262 49.06 -48.61 -2.18
CA GLU J 262 49.57 -47.26 -2.33
C GLU J 262 49.28 -46.74 -3.73
N PRO J 263 49.00 -45.45 -3.87
CA PRO J 263 48.75 -44.90 -5.22
C PRO J 263 50.02 -44.87 -6.04
N MET J 264 49.85 -45.00 -7.35
CA MET J 264 50.98 -44.89 -8.26
C MET J 264 51.52 -43.46 -8.31
N ALA J 265 50.62 -42.48 -8.22
CA ALA J 265 51.00 -41.07 -8.22
C ALA J 265 50.14 -40.32 -7.22
N LEU J 266 50.70 -39.24 -6.67
CA LEU J 266 49.95 -38.39 -5.73
C LEU J 266 50.61 -37.00 -5.77
N GLN J 267 49.98 -36.07 -6.49
CA GLN J 267 50.50 -34.72 -6.63
C GLN J 267 49.45 -33.72 -6.17
N GLU J 268 49.91 -32.69 -5.45
CA GLU J 268 49.06 -31.62 -4.96
C GLU J 268 49.00 -30.50 -5.99
N LEU J 269 47.85 -29.83 -6.06
CA LEU J 269 47.65 -28.75 -7.01
C LEU J 269 47.53 -27.39 -6.33
N ASP J 270 46.59 -27.22 -5.41
CA ASP J 270 46.43 -25.96 -4.69
C ASP J 270 45.58 -26.22 -3.46
N SER J 271 45.19 -25.14 -2.77
CA SER J 271 44.34 -25.22 -1.58
C SER J 271 43.02 -24.51 -1.80
N SER J 272 42.53 -24.50 -3.04
CA SER J 272 41.28 -23.84 -3.38
C SER J 272 40.10 -24.79 -3.16
N ASN J 273 38.93 -24.19 -3.01
CA ASN J 273 37.70 -24.95 -2.82
C ASN J 273 37.14 -25.38 -4.18
N GLY J 274 36.10 -26.21 -4.11
CA GLY J 274 35.45 -26.69 -5.33
C GLY J 274 36.00 -28.02 -5.81
N ALA J 275 35.10 -28.95 -6.09
CA ALA J 275 35.51 -30.27 -6.55
C ALA J 275 36.12 -30.20 -7.95
N LEU J 276 37.10 -31.06 -8.18
CA LEU J 276 37.77 -31.14 -9.48
C LEU J 276 37.09 -32.17 -10.35
N LEU J 277 36.58 -31.73 -11.50
CA LEU J 277 35.89 -32.63 -12.42
C LEU J 277 36.87 -33.08 -13.50
N PRO J 278 37.25 -34.35 -13.54
CA PRO J 278 38.19 -34.82 -14.56
C PRO J 278 37.52 -35.20 -15.86
N PHE J 279 38.12 -34.77 -16.96
CA PHE J 279 37.67 -35.11 -18.31
C PHE J 279 38.80 -35.90 -18.97
N TYR J 280 38.52 -37.16 -19.32
CA TYR J 280 39.53 -38.06 -19.83
C TYR J 280 39.37 -38.23 -21.33
N ASP J 281 40.49 -38.17 -22.06
CA ASP J 281 40.51 -38.40 -23.50
C ASP J 281 41.25 -39.70 -23.78
N PRO J 282 40.55 -40.79 -24.08
CA PRO J 282 41.25 -42.07 -24.31
C PRO J 282 42.21 -42.05 -25.48
N ASP J 283 41.91 -41.28 -26.53
CA ASP J 283 42.77 -41.26 -27.71
C ASP J 283 44.15 -40.68 -27.39
N THR J 284 44.18 -39.59 -26.62
CA THR J 284 45.43 -38.90 -26.32
C THR J 284 45.96 -39.19 -24.93
N SER J 285 45.21 -39.93 -24.10
CA SER J 285 45.59 -40.22 -22.72
C SER J 285 45.87 -38.93 -21.94
N VAL J 286 45.04 -37.92 -22.18
CA VAL J 286 45.18 -36.61 -21.54
C VAL J 286 43.94 -36.38 -20.68
N VAL J 287 44.17 -36.04 -19.41
CA VAL J 287 43.10 -35.79 -18.45
C VAL J 287 43.02 -34.29 -18.20
N TYR J 288 41.84 -33.72 -18.46
CA TYR J 288 41.59 -32.31 -18.23
C TYR J 288 40.88 -32.15 -16.89
N VAL J 289 41.46 -31.35 -16.00
CA VAL J 289 40.93 -31.16 -14.65
C VAL J 289 40.32 -29.77 -14.60
N CYS J 290 38.99 -29.72 -14.46
CA CYS J 290 38.25 -28.48 -14.34
C CYS J 290 37.56 -28.45 -12.99
N GLY J 291 37.81 -27.40 -12.21
CA GLY J 291 37.21 -27.24 -10.90
C GLY J 291 36.00 -26.33 -10.94
N LYS J 292 35.00 -26.67 -10.15
CA LYS J 292 33.79 -25.85 -10.07
C LYS J 292 34.10 -24.55 -9.35
N GLY J 293 33.81 -23.42 -10.01
CA GLY J 293 34.15 -22.12 -9.48
C GLY J 293 35.54 -21.64 -9.83
N ASP J 294 36.35 -22.46 -10.48
CA ASP J 294 37.69 -22.08 -10.89
C ASP J 294 37.65 -21.41 -12.26
N SER J 295 38.71 -20.67 -12.56
CA SER J 295 38.85 -19.98 -13.85
C SER J 295 39.94 -20.57 -14.72
N SER J 296 40.46 -21.74 -14.36
CA SER J 296 41.57 -22.34 -15.09
C SER J 296 41.27 -23.79 -15.40
N ILE J 297 41.84 -24.26 -16.52
CA ILE J 297 41.73 -25.66 -16.95
C ILE J 297 43.14 -26.23 -17.02
N ARG J 298 43.40 -27.29 -16.27
CA ARG J 298 44.70 -27.94 -16.25
C ARG J 298 44.58 -29.32 -16.89
N TYR J 299 45.47 -29.61 -17.84
CA TYR J 299 45.50 -30.90 -18.50
C TYR J 299 46.78 -31.64 -18.14
N PHE J 300 46.63 -32.94 -17.88
CA PHE J 300 47.73 -33.81 -17.51
C PHE J 300 47.76 -35.02 -18.44
N GLU J 301 48.96 -35.53 -18.68
CA GLU J 301 49.16 -36.68 -19.54
C GLU J 301 49.50 -37.89 -18.68
N ILE J 302 48.82 -39.01 -18.93
CA ILE J 302 49.01 -40.25 -18.19
C ILE J 302 49.81 -41.20 -19.07
N THR J 303 51.06 -41.46 -18.68
CA THR J 303 51.95 -42.35 -19.41
C THR J 303 52.46 -43.42 -18.47
N GLU J 304 53.24 -44.37 -19.01
CA GLU J 304 53.81 -45.44 -18.23
C GLU J 304 55.12 -45.06 -17.55
N GLU J 305 55.70 -43.92 -17.91
CA GLU J 305 56.92 -43.46 -17.23
C GLU J 305 56.55 -42.72 -15.94
N PRO J 306 57.36 -42.84 -14.89
CA PRO J 306 57.05 -42.14 -13.65
C PRO J 306 57.17 -40.64 -13.84
N PRO J 307 56.41 -39.84 -13.09
CA PRO J 307 55.46 -40.23 -12.03
C PRO J 307 54.08 -40.56 -12.55
N TYR J 308 53.97 -40.94 -13.83
CA TYR J 308 52.74 -41.45 -14.44
C TYR J 308 51.68 -40.37 -14.63
N ILE J 309 51.94 -39.16 -14.11
CA ILE J 309 51.03 -38.03 -14.26
C ILE J 309 51.91 -36.81 -14.51
N HIS J 310 51.90 -36.30 -15.73
CA HIS J 310 52.78 -35.20 -16.14
C HIS J 310 51.93 -33.98 -16.45
N PHE J 311 52.25 -32.86 -15.82
CA PHE J 311 51.52 -31.62 -16.04
C PHE J 311 51.94 -31.01 -17.37
N LEU J 312 51.00 -30.90 -18.30
CA LEU J 312 51.31 -30.36 -19.63
C LEU J 312 51.32 -28.83 -19.61
N ASN J 313 50.17 -28.23 -19.31
CA ASN J 313 50.03 -26.78 -19.27
C ASN J 313 48.69 -26.47 -18.60
N THR J 314 48.33 -25.20 -18.55
CA THR J 314 47.07 -24.77 -17.95
C THR J 314 46.49 -23.61 -18.76
N PHE J 315 45.20 -23.70 -19.09
CA PHE J 315 44.49 -22.61 -19.73
C PHE J 315 43.88 -21.72 -18.66
N THR J 316 44.22 -20.44 -18.70
CA THR J 316 43.80 -19.49 -17.67
C THR J 316 42.83 -18.48 -18.24
N SER J 317 41.82 -18.14 -17.45
CA SER J 317 40.83 -17.13 -17.81
C SER J 317 40.54 -16.27 -16.58
N LYS J 318 39.63 -15.31 -16.75
CA LYS J 318 39.29 -14.38 -15.68
C LYS J 318 37.89 -14.61 -15.11
N GLU J 319 37.14 -15.57 -15.64
CA GLU J 319 35.78 -15.82 -15.19
C GLU J 319 35.66 -17.25 -14.66
N PRO J 320 35.07 -17.44 -13.48
CA PRO J 320 34.85 -18.80 -12.98
C PRO J 320 33.83 -19.54 -13.83
N GLN J 321 33.95 -20.87 -13.84
CA GLN J 321 33.07 -21.73 -14.63
C GLN J 321 32.03 -22.38 -13.71
N ARG J 322 30.78 -22.38 -14.16
CA ARG J 322 29.71 -23.06 -13.45
C ARG J 322 29.53 -24.50 -13.90
N GLY J 323 29.88 -24.81 -15.16
CA GLY J 323 29.78 -26.15 -15.68
C GLY J 323 30.79 -26.34 -16.79
N MET J 324 30.87 -27.57 -17.28
CA MET J 324 31.84 -27.90 -18.31
C MET J 324 31.38 -29.13 -19.07
N GLY J 325 31.33 -29.02 -20.40
CA GLY J 325 31.04 -30.15 -21.25
C GLY J 325 32.10 -30.29 -22.32
N SER J 326 32.47 -31.54 -22.59
CA SER J 326 33.54 -31.85 -23.54
C SER J 326 32.94 -32.47 -24.79
N MET J 327 33.28 -31.92 -25.95
CA MET J 327 32.82 -32.46 -27.21
C MET J 327 33.54 -33.77 -27.52
N PRO J 328 32.85 -34.82 -27.92
CA PRO J 328 33.53 -36.06 -28.31
C PRO J 328 34.36 -35.87 -29.57
N LYS J 329 35.19 -36.88 -29.86
CA LYS J 329 36.13 -36.78 -30.97
C LYS J 329 35.43 -36.66 -32.31
N ARG J 330 34.23 -37.20 -32.43
CA ARG J 330 33.52 -37.19 -33.72
C ARG J 330 33.14 -35.79 -34.17
N GLY J 331 32.99 -34.84 -33.24
CA GLY J 331 32.59 -33.49 -33.57
C GLY J 331 33.71 -32.46 -33.59
N LEU J 332 34.96 -32.88 -33.50
CA LEU J 332 36.08 -31.95 -33.47
C LEU J 332 36.55 -31.62 -34.87
N GLU J 333 37.10 -30.41 -35.03
CA GLU J 333 37.65 -29.96 -36.30
C GLU J 333 39.03 -30.59 -36.46
N VAL J 334 39.08 -31.72 -37.16
CA VAL J 334 40.33 -32.45 -37.34
C VAL J 334 41.32 -31.64 -38.18
N SER J 335 40.81 -30.97 -39.22
CA SER J 335 41.70 -30.24 -40.13
C SER J 335 42.44 -29.10 -39.46
N LYS J 336 41.97 -28.65 -38.29
CA LYS J 336 42.62 -27.56 -37.57
C LYS J 336 43.45 -28.06 -36.39
N CYS J 337 43.77 -29.35 -36.36
CA CYS J 337 44.60 -29.95 -35.31
C CYS J 337 43.98 -29.73 -33.93
N GLU J 338 42.65 -29.81 -33.86
CA GLU J 338 41.93 -29.66 -32.60
C GLU J 338 41.73 -31.03 -31.97
N ILE J 339 42.18 -31.18 -30.73
CA ILE J 339 42.09 -32.46 -30.02
C ILE J 339 41.06 -32.44 -28.91
N ALA J 340 40.55 -31.28 -28.52
CA ALA J 340 39.54 -31.20 -27.48
C ALA J 340 38.81 -29.87 -27.59
N ARG J 341 37.52 -29.89 -27.29
CA ARG J 341 36.71 -28.68 -27.23
C ARG J 341 35.85 -28.74 -25.97
N PHE J 342 35.93 -27.69 -25.16
CA PHE J 342 35.22 -27.62 -23.89
C PHE J 342 34.24 -26.47 -23.93
N TYR J 343 32.99 -26.74 -23.55
CA TYR J 343 31.92 -25.74 -23.53
C TYR J 343 31.82 -25.21 -22.11
N LYS J 344 32.59 -24.17 -21.82
CA LYS J 344 32.63 -23.60 -20.47
C LYS J 344 31.33 -22.87 -20.19
N LEU J 345 30.74 -23.15 -19.03
CA LEU J 345 29.46 -22.57 -18.63
C LEU J 345 29.71 -21.46 -17.60
N HIS J 346 29.30 -20.24 -17.96
CA HIS J 346 29.27 -19.14 -17.01
C HIS J 346 27.90 -19.11 -16.35
N GLU J 347 27.59 -18.04 -15.62
CA GLU J 347 26.27 -17.93 -15.00
C GLU J 347 25.19 -17.61 -16.01
N ARG J 348 25.54 -16.98 -17.15
CA ARG J 348 24.54 -16.64 -18.15
C ARG J 348 25.03 -16.89 -19.57
N LYS J 349 26.10 -17.65 -19.77
CA LYS J 349 26.66 -17.83 -21.10
C LYS J 349 27.42 -19.14 -21.17
N CYS J 350 27.44 -19.74 -22.36
CA CYS J 350 28.25 -20.92 -22.66
C CYS J 350 29.33 -20.51 -23.65
N GLU J 351 30.59 -20.69 -23.27
CA GLU J 351 31.73 -20.27 -24.08
C GLU J 351 32.55 -21.47 -24.48
N PRO J 352 32.45 -21.94 -25.73
CA PRO J 352 33.31 -23.04 -26.17
C PRO J 352 34.78 -22.63 -26.14
N ILE J 353 35.62 -23.59 -25.75
CA ILE J 353 37.06 -23.40 -25.68
C ILE J 353 37.73 -24.48 -26.51
N VAL J 354 38.60 -24.07 -27.42
CA VAL J 354 39.22 -24.98 -28.37
C VAL J 354 40.64 -25.29 -27.91
N MET J 355 40.93 -26.57 -27.72
CA MET J 355 42.29 -27.04 -27.45
C MET J 355 42.88 -27.57 -28.74
N THR J 356 44.01 -27.01 -29.15
CA THR J 356 44.64 -27.35 -30.42
C THR J 356 46.11 -27.66 -30.21
N VAL J 357 46.61 -28.61 -30.99
CA VAL J 357 48.02 -28.98 -30.98
C VAL J 357 48.74 -28.12 -32.04
N PRO J 358 49.71 -27.30 -31.66
CA PRO J 358 50.40 -26.46 -32.65
C PRO J 358 51.23 -27.32 -33.59
N ARG J 359 50.89 -27.28 -34.88
CA ARG J 359 51.59 -28.04 -35.90
C ARG J 359 51.80 -27.16 -37.12
N LYS J 360 53.03 -27.20 -37.66
CA LYS J 360 53.31 -26.47 -38.90
C LYS J 360 52.55 -27.07 -40.07
N SER J 361 52.48 -28.39 -40.14
CA SER J 361 51.85 -29.06 -41.28
C SER J 361 50.35 -28.85 -41.27
N ASP J 362 49.79 -28.61 -42.46
CA ASP J 362 48.36 -28.46 -42.63
C ASP J 362 47.67 -29.75 -43.06
N LEU J 363 48.42 -30.83 -43.26
CA LEU J 363 47.83 -32.10 -43.66
C LEU J 363 47.33 -32.86 -42.43
N PHE J 364 46.77 -34.04 -42.69
CA PHE J 364 46.20 -34.85 -41.62
C PHE J 364 47.31 -35.42 -40.74
N GLN J 365 47.11 -35.33 -39.43
CA GLN J 365 48.08 -35.82 -38.45
C GLN J 365 47.61 -37.20 -37.98
N ASP J 366 48.30 -38.24 -38.46
CA ASP J 366 47.92 -39.61 -38.09
C ASP J 366 48.13 -39.85 -36.60
N ASP J 367 49.23 -39.35 -36.04
CA ASP J 367 49.53 -39.61 -34.64
C ASP J 367 48.52 -38.93 -33.71
N LEU J 368 48.04 -37.74 -34.08
CA LEU J 368 47.12 -37.01 -33.22
C LEU J 368 45.73 -37.63 -33.19
N TYR J 369 45.34 -38.32 -34.26
CA TYR J 369 43.97 -38.81 -34.42
C TYR J 369 44.00 -40.31 -34.72
N PRO J 370 44.13 -41.15 -33.69
CA PRO J 370 43.95 -42.60 -33.90
C PRO J 370 42.48 -42.96 -34.05
N ASP J 371 42.18 -44.25 -34.15
CA ASP J 371 40.80 -44.68 -34.29
C ASP J 371 40.05 -44.45 -32.99
N THR J 372 38.90 -43.77 -33.07
CA THR J 372 38.08 -43.44 -31.92
C THR J 372 36.78 -44.22 -31.96
N ALA J 373 36.15 -44.35 -30.78
CA ALA J 373 34.89 -45.07 -30.68
C ALA J 373 33.81 -44.37 -31.50
N GLY J 374 33.07 -45.16 -32.26
CA GLY J 374 32.04 -44.63 -33.13
C GLY J 374 30.66 -44.69 -32.52
N PRO J 375 29.65 -44.20 -33.26
CA PRO J 375 28.28 -44.21 -32.76
C PRO J 375 27.54 -45.52 -32.96
N GLU J 376 28.23 -46.60 -33.30
CA GLU J 376 27.60 -47.90 -33.52
C GLU J 376 27.85 -48.78 -32.29
N ALA J 377 26.78 -49.26 -31.68
CA ALA J 377 26.90 -50.12 -30.52
C ALA J 377 27.48 -51.48 -30.91
N ALA J 378 28.40 -51.98 -30.09
CA ALA J 378 29.00 -53.28 -30.35
C ALA J 378 28.08 -54.40 -29.89
N LEU J 379 27.68 -54.36 -28.63
CA LEU J 379 26.80 -55.37 -28.04
C LEU J 379 25.37 -54.82 -27.95
N GLU J 380 24.49 -55.59 -27.33
CA GLU J 380 23.13 -55.17 -27.05
C GLU J 380 22.80 -55.50 -25.59
N ALA J 381 21.65 -54.98 -25.14
CA ALA J 381 21.27 -55.17 -23.75
C ALA J 381 21.06 -56.64 -23.42
N GLU J 382 20.38 -57.38 -24.31
CA GLU J 382 20.17 -58.80 -24.09
C GLU J 382 21.48 -59.58 -24.15
N GLU J 383 22.39 -59.18 -25.03
CA GLU J 383 23.67 -59.86 -25.13
C GLU J 383 24.59 -59.51 -23.95
N TRP J 384 24.48 -58.29 -23.43
CA TRP J 384 25.38 -57.87 -22.36
C TRP J 384 25.07 -58.58 -21.05
N VAL J 385 23.79 -58.75 -20.72
CA VAL J 385 23.43 -59.35 -19.44
C VAL J 385 23.86 -60.81 -19.38
N SER J 386 24.00 -61.47 -20.54
CA SER J 386 24.44 -62.86 -20.55
C SER J 386 25.86 -63.00 -20.02
N GLY J 387 26.74 -62.06 -20.33
CA GLY J 387 28.12 -62.11 -19.88
C GLY J 387 29.11 -61.81 -20.99
N ARG J 388 28.61 -61.43 -22.16
CA ARG J 388 29.47 -61.10 -23.28
C ARG J 388 30.20 -59.78 -23.03
N ASP J 389 31.44 -59.70 -23.49
CA ASP J 389 32.26 -58.50 -23.38
C ASP J 389 32.80 -58.15 -24.75
N ALA J 390 32.66 -56.88 -25.15
CA ALA J 390 33.14 -56.43 -26.45
C ALA J 390 33.65 -55.01 -26.33
N ASP J 391 34.73 -54.71 -27.05
CA ASP J 391 35.28 -53.37 -27.09
C ASP J 391 34.46 -52.48 -28.02
N PRO J 392 34.46 -51.17 -27.80
CA PRO J 392 33.72 -50.27 -28.69
C PRO J 392 34.23 -50.35 -30.12
N ILE J 393 33.30 -50.21 -31.06
CA ILE J 393 33.64 -50.22 -32.47
C ILE J 393 34.30 -48.90 -32.84
N LEU J 394 35.46 -48.97 -33.46
CA LEU J 394 36.25 -47.79 -33.79
C LEU J 394 36.01 -47.34 -35.21
N ILE J 395 36.03 -46.02 -35.41
CA ILE J 395 35.88 -45.43 -36.73
C ILE J 395 37.15 -44.65 -37.06
N SER J 396 37.20 -44.06 -38.25
CA SER J 396 38.37 -43.34 -38.73
C SER J 396 38.05 -41.86 -38.85
N LEU J 397 38.91 -41.02 -38.28
CA LEU J 397 38.75 -39.57 -38.32
C LEU J 397 39.36 -38.94 -39.56
N ARG J 398 39.98 -39.73 -40.44
CA ARG J 398 40.58 -39.17 -41.65
C ARG J 398 39.52 -38.59 -42.57
N GLU J 399 38.36 -39.23 -42.66
CA GLU J 399 37.29 -38.73 -43.52
C GLU J 399 36.75 -37.38 -43.07
N ALA J 400 36.96 -37.02 -41.81
CA ALA J 400 36.51 -35.72 -41.31
C ALA J 400 37.34 -34.56 -41.85
N TYR J 401 38.48 -34.83 -42.49
CA TYR J 401 39.30 -33.78 -43.06
C TYR J 401 38.53 -33.05 -44.16
N VAL J 402 38.55 -31.72 -44.12
CA VAL J 402 37.88 -30.91 -45.12
C VAL J 402 38.90 -30.25 -46.02
N LYS K 10 27.85 46.62 -27.68
CA LYS K 10 27.05 46.64 -28.90
C LYS K 10 26.54 45.24 -29.23
N VAL K 11 27.32 44.22 -28.85
CA VAL K 11 26.92 42.84 -29.11
C VAL K 11 25.75 42.45 -28.21
N VAL K 12 25.81 42.85 -26.94
CA VAL K 12 24.79 42.48 -25.95
C VAL K 12 24.01 43.74 -25.59
N ARG K 13 22.69 43.61 -25.56
CA ARG K 13 21.82 44.73 -25.17
C ARG K 13 22.17 45.19 -23.76
N GLN K 14 22.30 46.49 -23.59
CA GLN K 14 22.71 47.06 -22.32
C GLN K 14 21.57 46.93 -21.30
N SER K 15 21.80 46.17 -20.24
CA SER K 15 20.79 45.96 -19.22
C SER K 15 21.48 45.58 -17.91
N LYS K 16 20.75 45.76 -16.81
CA LYS K 16 21.24 45.40 -15.48
C LYS K 16 20.60 44.13 -14.93
N PHE K 17 19.55 43.61 -15.57
CA PHE K 17 18.79 42.49 -15.04
C PHE K 17 18.78 41.30 -16.01
N ARG K 18 19.76 41.21 -16.90
CA ARG K 18 19.82 40.08 -17.82
C ARG K 18 20.19 38.78 -17.13
N HIS K 19 20.78 38.85 -15.93
CA HIS K 19 21.22 37.67 -15.21
C HIS K 19 20.51 37.52 -13.87
N VAL K 20 19.31 38.08 -13.76
CA VAL K 20 18.53 37.94 -12.54
C VAL K 20 18.02 36.51 -12.44
N PHE K 21 18.25 35.88 -11.29
CA PHE K 21 17.87 34.50 -11.06
C PHE K 21 16.98 34.40 -9.84
N GLY K 22 16.05 33.45 -9.88
CA GLY K 22 15.13 33.22 -8.77
C GLY K 22 15.63 32.07 -7.90
N GLN K 23 15.44 32.21 -6.60
CA GLN K 23 15.89 31.21 -5.64
C GLN K 23 14.86 31.04 -4.53
N PRO K 24 14.14 29.93 -4.49
CA PRO K 24 13.17 29.72 -3.41
C PRO K 24 13.86 29.63 -2.05
N VAL K 25 13.19 30.14 -1.02
CA VAL K 25 13.73 30.14 0.34
C VAL K 25 13.72 28.72 0.88
N LYS K 26 14.39 28.52 2.01
CA LYS K 26 14.46 27.20 2.62
C LYS K 26 13.08 26.77 3.12
N ASN K 27 12.95 25.47 3.40
CA ASN K 27 11.67 24.93 3.82
C ASN K 27 11.20 25.52 5.14
N ASP K 28 12.14 25.86 6.03
CA ASP K 28 11.79 26.46 7.31
C ASP K 28 11.37 27.92 7.18
N GLN K 29 11.57 28.54 6.03
CA GLN K 29 11.13 29.91 5.78
C GLN K 29 9.80 29.96 5.03
N CYS K 30 9.16 28.81 4.79
CA CYS K 30 7.92 28.77 4.05
C CYS K 30 6.72 28.73 5.01
N TYR K 31 5.52 28.70 4.45
CA TYR K 31 4.27 28.66 5.21
C TYR K 31 3.50 27.44 4.73
N GLU K 32 3.47 26.40 5.56
CA GLU K 32 2.82 25.14 5.21
C GLU K 32 1.48 25.00 5.92
N ASP K 33 0.76 23.94 5.57
CA ASP K 33 -0.53 23.60 6.18
C ASP K 33 -1.52 24.76 6.05
N ILE K 34 -1.62 25.30 4.84
CA ILE K 34 -2.55 26.38 4.52
C ILE K 34 -3.54 25.85 3.50
N ARG K 35 -4.83 25.90 3.83
CA ARG K 35 -5.88 25.42 2.95
C ARG K 35 -6.20 26.52 1.94
N VAL K 36 -5.42 26.56 0.86
CA VAL K 36 -5.60 27.61 -0.15
C VAL K 36 -6.97 27.47 -0.79
N SER K 37 -7.51 28.60 -1.25
CA SER K 37 -8.87 28.65 -1.77
C SER K 37 -8.99 27.83 -3.05
N ARG K 38 -10.20 27.33 -3.30
CA ARG K 38 -10.51 26.51 -4.47
C ARG K 38 -11.54 27.21 -5.35
N VAL K 39 -11.35 28.51 -5.59
CA VAL K 39 -12.27 29.30 -6.39
C VAL K 39 -11.69 29.44 -7.79
N THR K 40 -12.53 29.21 -8.80
CA THR K 40 -12.10 29.28 -10.19
C THR K 40 -11.76 30.71 -10.63
N TRP K 41 -12.11 31.72 -9.84
CA TRP K 41 -11.77 33.09 -10.19
C TRP K 41 -10.26 33.27 -10.31
N ASP K 42 -9.85 33.95 -11.38
CA ASP K 42 -8.43 34.08 -11.71
C ASP K 42 -7.90 35.39 -11.11
N SER K 43 -7.55 35.34 -9.83
CA SER K 43 -6.91 36.44 -9.13
C SER K 43 -5.59 35.96 -8.52
N THR K 44 -4.89 36.88 -7.87
CA THR K 44 -3.59 36.57 -7.30
C THR K 44 -3.70 35.64 -6.09
N PHE K 45 -4.84 35.64 -5.39
CA PHE K 45 -5.08 34.79 -4.23
C PHE K 45 -4.14 35.09 -3.08
N CYS K 46 -3.31 36.14 -3.22
CA CYS K 46 -2.32 36.45 -2.21
C CYS K 46 -2.02 37.94 -2.23
N ALA K 47 -1.90 38.53 -1.05
CA ALA K 47 -1.51 39.92 -0.89
C ALA K 47 -0.53 40.01 0.26
N VAL K 48 0.60 40.69 0.04
CA VAL K 48 1.67 40.76 1.02
C VAL K 48 2.16 42.19 1.13
N ASN K 49 2.45 42.61 2.35
CA ASN K 49 3.07 43.89 2.66
C ASN K 49 4.27 43.63 3.55
N PRO K 50 5.12 44.64 3.80
CA PRO K 50 6.30 44.42 4.65
C PRO K 50 5.99 43.98 6.06
N LYS K 51 4.71 43.85 6.42
CA LYS K 51 4.32 43.45 7.76
C LYS K 51 3.63 42.09 7.81
N PHE K 52 2.59 41.88 7.01
CA PHE K 52 1.78 40.67 7.09
C PHE K 52 1.74 39.96 5.74
N LEU K 53 1.20 38.74 5.76
CA LEU K 53 0.96 37.96 4.55
C LEU K 53 -0.51 37.51 4.57
N ALA K 54 -1.22 37.84 3.50
CA ALA K 54 -2.64 37.51 3.38
C ALA K 54 -2.86 36.52 2.25
N VAL K 55 -3.49 35.39 2.56
CA VAL K 55 -3.77 34.35 1.58
C VAL K 55 -5.25 34.00 1.68
N ILE K 56 -5.93 33.97 0.53
CA ILE K 56 -7.33 33.54 0.50
C ILE K 56 -7.41 32.05 0.75
N VAL K 57 -8.20 31.64 1.74
CA VAL K 57 -8.25 30.26 2.17
C VAL K 57 -9.65 29.71 1.92
N GLU K 58 -9.75 28.38 1.95
CA GLU K 58 -11.01 27.68 1.79
C GLU K 58 -11.71 27.55 3.13
N ALA K 59 -12.99 27.91 3.17
CA ALA K 59 -13.81 27.82 4.36
C ALA K 59 -15.01 26.93 4.10
N SER K 60 -15.44 26.20 5.13
CA SER K 60 -16.63 25.36 5.01
C SER K 60 -17.86 26.21 4.72
N GLY K 61 -17.98 27.34 5.39
CA GLY K 61 -19.08 28.26 5.14
C GLY K 61 -18.58 29.67 5.00
N GLY K 62 -19.22 30.42 4.10
CA GLY K 62 -18.81 31.79 3.87
C GLY K 62 -17.46 31.87 3.20
N GLY K 63 -16.75 32.95 3.47
CA GLY K 63 -15.42 33.15 2.91
C GLY K 63 -14.49 33.77 3.94
N ALA K 64 -13.21 33.43 3.82
CA ALA K 64 -12.22 33.94 4.75
C ALA K 64 -10.85 33.92 4.07
N PHE K 65 -9.94 34.72 4.60
CA PHE K 65 -8.56 34.73 4.16
C PHE K 65 -7.65 34.75 5.38
N LEU K 66 -6.49 34.11 5.25
CA LEU K 66 -5.57 33.93 6.36
C LEU K 66 -4.55 35.06 6.36
N VAL K 67 -4.53 35.83 7.45
CA VAL K 67 -3.55 36.90 7.64
C VAL K 67 -2.64 36.48 8.79
N LEU K 68 -1.35 36.35 8.49
CA LEU K 68 -0.36 35.94 9.46
C LEU K 68 0.89 36.79 9.31
N PRO K 69 1.62 37.02 10.40
CA PRO K 69 2.85 37.81 10.30
C PRO K 69 3.92 37.09 9.48
N LEU K 70 4.81 37.89 8.88
CA LEU K 70 5.88 37.32 8.06
C LEU K 70 6.81 36.44 8.89
N SER K 71 6.96 36.74 10.18
CA SER K 71 7.83 35.94 11.04
C SER K 71 7.21 34.60 11.39
N LYS K 72 5.90 34.44 11.21
CA LYS K 72 5.21 33.19 11.53
C LYS K 72 5.34 32.26 10.33
N THR K 73 6.51 31.62 10.23
CA THR K 73 6.79 30.68 9.16
C THR K 73 6.54 29.26 9.65
N GLY K 74 6.93 28.28 8.83
CA GLY K 74 6.72 26.90 9.21
C GLY K 74 5.27 26.48 9.07
N ARG K 75 4.96 25.34 9.68
CA ARG K 75 3.61 24.81 9.63
C ARG K 75 2.66 25.71 10.41
N ILE K 76 1.48 25.94 9.83
CA ILE K 76 0.46 26.78 10.44
C ILE K 76 -0.64 25.89 11.01
N ASP K 77 -1.07 26.20 12.23
CA ASP K 77 -2.10 25.40 12.88
C ASP K 77 -3.40 25.46 12.08
N LYS K 78 -4.10 24.33 12.02
CA LYS K 78 -5.35 24.26 11.28
C LYS K 78 -6.41 25.15 11.91
N ALA K 79 -6.33 25.39 13.22
CA ALA K 79 -7.27 26.22 13.93
C ALA K 79 -6.77 27.66 14.11
N TYR K 80 -5.84 28.08 13.26
CA TYR K 80 -5.35 29.46 13.33
C TYR K 80 -6.47 30.43 12.98
N PRO K 81 -6.64 31.50 13.74
CA PRO K 81 -7.72 32.45 13.46
C PRO K 81 -7.57 33.08 12.08
N THR K 82 -8.69 33.26 11.40
CA THR K 82 -8.74 33.86 10.08
C THR K 82 -9.66 35.06 10.09
N VAL K 83 -9.71 35.77 8.97
CA VAL K 83 -10.59 36.92 8.81
C VAL K 83 -11.85 36.39 8.12
N CYS K 84 -12.80 35.93 8.91
CA CYS K 84 -14.03 35.30 8.42
C CYS K 84 -15.20 36.19 8.76
N GLY K 85 -15.51 37.13 7.85
CA GLY K 85 -16.65 38.00 8.02
C GLY K 85 -17.60 37.94 6.85
N HIS K 86 -17.08 37.54 5.69
CA HIS K 86 -17.91 37.44 4.50
C HIS K 86 -18.81 36.21 4.58
N THR K 87 -20.00 36.33 4.00
CA THR K 87 -20.92 35.20 3.87
C THR K 87 -20.72 34.43 2.57
N GLY K 88 -19.83 34.90 1.69
CA GLY K 88 -19.50 34.20 0.49
C GLY K 88 -18.00 34.11 0.30
N PRO K 89 -17.54 33.21 -0.56
CA PRO K 89 -16.09 33.03 -0.75
C PRO K 89 -15.41 34.32 -1.20
N VAL K 90 -14.24 34.57 -0.64
CA VAL K 90 -13.48 35.78 -0.95
C VAL K 90 -12.80 35.60 -2.30
N LEU K 91 -12.87 36.64 -3.13
CA LEU K 91 -12.31 36.60 -4.48
C LEU K 91 -11.01 37.36 -4.62
N ASP K 92 -10.88 38.51 -3.96
CA ASP K 92 -9.68 39.33 -4.09
C ASP K 92 -9.38 40.01 -2.76
N ILE K 93 -8.09 40.30 -2.55
CA ILE K 93 -7.62 41.01 -1.36
C ILE K 93 -6.52 41.97 -1.80
N ASP K 94 -6.44 43.11 -1.11
CA ASP K 94 -5.46 44.13 -1.47
C ASP K 94 -5.11 44.92 -0.21
N TRP K 95 -3.83 44.95 0.14
CA TRP K 95 -3.37 45.75 1.27
C TRP K 95 -3.38 47.23 0.93
N CYS K 96 -3.65 48.05 1.94
CA CYS K 96 -3.62 49.49 1.75
C CYS K 96 -2.18 49.95 1.61
N PRO K 97 -1.82 50.65 0.53
CA PRO K 97 -0.43 51.10 0.39
C PRO K 97 0.00 52.08 1.47
N HIS K 98 -0.93 52.89 1.98
CA HIS K 98 -0.61 53.90 2.99
C HIS K 98 -0.85 53.43 4.41
N ASN K 99 -1.24 52.16 4.59
CA ASN K 99 -1.46 51.62 5.93
C ASN K 99 -1.20 50.11 5.86
N ASP K 100 -0.13 49.66 6.51
CA ASP K 100 0.24 48.25 6.48
C ASP K 100 -0.69 47.37 7.30
N GLU K 101 -1.66 47.95 8.00
CA GLU K 101 -2.58 47.20 8.85
C GLU K 101 -4.01 47.22 8.35
N VAL K 102 -4.26 47.75 7.15
CA VAL K 102 -5.60 47.85 6.59
C VAL K 102 -5.63 47.07 5.28
N ILE K 103 -6.57 46.14 5.16
CA ILE K 103 -6.72 45.31 3.97
C ILE K 103 -8.20 45.25 3.60
N ALA K 104 -8.48 45.33 2.30
CA ALA K 104 -9.83 45.25 1.78
C ALA K 104 -10.01 43.96 0.99
N SER K 105 -11.18 43.34 1.14
CA SER K 105 -11.48 42.07 0.50
C SER K 105 -12.83 42.12 -0.19
N GLY K 106 -12.93 41.50 -1.35
CA GLY K 106 -14.18 41.34 -2.07
C GLY K 106 -14.55 39.87 -2.13
N SER K 107 -15.85 39.60 -1.97
CA SER K 107 -16.33 38.23 -1.88
C SER K 107 -17.51 38.04 -2.84
N GLU K 108 -18.09 36.84 -2.80
CA GLU K 108 -19.24 36.51 -3.63
C GLU K 108 -20.55 37.05 -3.08
N ASP K 109 -20.54 37.61 -1.88
CA ASP K 109 -21.73 38.21 -1.28
C ASP K 109 -22.02 39.61 -1.78
N CYS K 110 -21.32 40.06 -2.83
CA CYS K 110 -21.53 41.36 -3.46
C CYS K 110 -21.23 42.52 -2.51
N THR K 111 -20.34 42.30 -1.54
CA THR K 111 -19.93 43.34 -0.61
C THR K 111 -18.41 43.45 -0.59
N VAL K 112 -17.94 44.64 -0.23
CA VAL K 112 -16.52 44.91 -0.04
C VAL K 112 -16.31 45.34 1.41
N MET K 113 -15.43 44.65 2.11
CA MET K 113 -15.19 44.89 3.53
C MET K 113 -13.75 45.32 3.74
N VAL K 114 -13.57 46.38 4.53
CA VAL K 114 -12.25 46.90 4.89
C VAL K 114 -11.96 46.50 6.32
N TRP K 115 -10.80 45.89 6.55
CA TRP K 115 -10.45 45.31 7.83
C TRP K 115 -9.28 46.05 8.46
N GLN K 116 -9.14 45.87 9.77
CA GLN K 116 -8.03 46.42 10.54
C GLN K 116 -7.35 45.27 11.26
N ILE K 117 -6.08 45.05 10.97
CA ILE K 117 -5.31 43.94 11.51
C ILE K 117 -4.50 44.45 12.71
N PRO K 118 -4.54 43.77 13.85
CA PRO K 118 -3.70 44.17 14.98
C PRO K 118 -2.22 44.01 14.66
N GLU K 119 -1.40 44.71 15.46
CA GLU K 119 0.04 44.74 15.21
C GLU K 119 0.65 43.34 15.30
N ASN K 120 0.26 42.56 16.30
CA ASN K 120 0.84 41.25 16.53
C ASN K 120 0.12 40.14 15.77
N GLY K 121 -0.87 40.48 14.95
CA GLY K 121 -1.61 39.47 14.21
C GLY K 121 -2.98 39.22 14.78
N LEU K 122 -3.52 38.02 14.54
CA LEU K 122 -4.84 37.65 15.01
C LEU K 122 -4.73 36.65 16.16
N THR K 123 -5.39 36.97 17.26
CA THR K 123 -5.51 36.05 18.39
C THR K 123 -6.84 35.32 18.40
N SER K 124 -7.90 35.97 17.93
CA SER K 124 -9.22 35.38 17.79
C SER K 124 -9.71 35.67 16.38
N PRO K 125 -10.64 34.85 15.86
CA PRO K 125 -11.15 35.09 14.50
C PRO K 125 -11.78 36.48 14.38
N LEU K 126 -11.54 37.11 13.23
CA LEU K 126 -12.02 38.45 12.96
C LEU K 126 -13.29 38.36 12.12
N THR K 127 -14.38 38.91 12.63
CA THR K 127 -15.67 38.86 11.95
C THR K 127 -16.27 40.23 11.66
N GLU K 128 -16.01 41.23 12.50
CA GLU K 128 -16.57 42.56 12.31
C GLU K 128 -15.56 43.44 11.59
N PRO K 129 -15.84 43.87 10.37
CA PRO K 129 -14.92 44.77 9.66
C PRO K 129 -15.11 46.21 10.08
N VAL K 130 -14.13 47.04 9.73
CA VAL K 130 -14.21 48.47 10.02
C VAL K 130 -15.30 49.12 9.16
N VAL K 131 -15.28 48.83 7.86
CA VAL K 131 -16.23 49.43 6.92
C VAL K 131 -16.76 48.35 5.99
N VAL K 132 -18.06 48.42 5.70
CA VAL K 132 -18.72 47.53 4.76
C VAL K 132 -19.21 48.37 3.58
N LEU K 133 -18.76 48.02 2.39
CA LEU K 133 -19.14 48.71 1.16
C LEU K 133 -20.15 47.85 0.41
N GLU K 134 -21.39 48.33 0.30
CA GLU K 134 -22.47 47.61 -0.37
C GLU K 134 -22.96 48.47 -1.52
N GLY K 135 -22.39 48.26 -2.70
CA GLY K 135 -22.79 49.01 -3.88
C GLY K 135 -22.84 48.18 -5.14
N HIS K 136 -22.58 46.88 -5.01
CA HIS K 136 -22.55 45.97 -6.14
C HIS K 136 -23.69 44.97 -6.05
N THR K 137 -24.28 44.65 -7.20
CA THR K 137 -25.34 43.66 -7.28
C THR K 137 -24.83 42.26 -7.57
N LYS K 138 -23.56 42.10 -7.94
CA LYS K 138 -22.96 40.81 -8.20
C LYS K 138 -21.64 40.70 -7.44
N ARG K 139 -20.99 39.56 -7.57
CA ARG K 139 -19.75 39.30 -6.83
C ARG K 139 -18.67 40.27 -7.26
N VAL K 140 -17.85 40.70 -6.29
CA VAL K 140 -16.76 41.64 -6.52
C VAL K 140 -15.46 40.86 -6.50
N GLY K 141 -14.78 40.83 -7.65
CA GLY K 141 -13.53 40.10 -7.76
C GLY K 141 -12.34 40.98 -8.07
N ILE K 142 -12.57 42.29 -8.20
CA ILE K 142 -11.52 43.25 -8.53
C ILE K 142 -11.51 44.34 -7.46
N ILE K 143 -10.35 44.53 -6.82
CA ILE K 143 -10.17 45.57 -5.81
C ILE K 143 -8.79 46.19 -6.02
N ALA K 144 -8.73 47.52 -6.05
CA ALA K 144 -7.48 48.22 -6.27
C ALA K 144 -7.51 49.53 -5.50
N TRP K 145 -6.57 49.70 -4.57
CA TRP K 145 -6.44 50.95 -3.85
C TRP K 145 -5.86 52.04 -4.76
N HIS K 146 -6.13 53.28 -4.39
CA HIS K 146 -5.57 54.40 -5.14
C HIS K 146 -4.10 54.59 -4.75
N PRO K 147 -3.19 54.66 -5.73
CA PRO K 147 -1.76 54.76 -5.39
C PRO K 147 -1.40 56.01 -4.60
N THR K 148 -2.08 57.14 -4.84
CA THR K 148 -1.73 58.41 -4.23
C THR K 148 -2.78 58.92 -3.25
N ALA K 149 -4.04 59.01 -3.68
CA ALA K 149 -5.09 59.53 -2.82
C ALA K 149 -5.35 58.61 -1.64
N ARG K 150 -5.51 59.20 -0.47
CA ARG K 150 -5.72 58.42 0.76
C ARG K 150 -7.16 57.95 0.87
N ASN K 151 -7.33 56.70 1.32
CA ASN K 151 -8.64 56.12 1.60
C ASN K 151 -9.54 56.11 0.37
N VAL K 152 -8.96 55.97 -0.81
CA VAL K 152 -9.72 55.88 -2.05
C VAL K 152 -9.52 54.47 -2.60
N LEU K 153 -10.64 53.77 -2.82
CA LEU K 153 -10.61 52.37 -3.24
C LEU K 153 -11.47 52.18 -4.48
N LEU K 154 -10.96 51.38 -5.41
CA LEU K 154 -11.71 50.99 -6.59
C LEU K 154 -12.20 49.55 -6.43
N SER K 155 -13.44 49.31 -6.81
CA SER K 155 -14.02 47.97 -6.77
C SER K 155 -14.83 47.75 -8.04
N ALA K 156 -14.60 46.61 -8.69
CA ALA K 156 -15.32 46.24 -9.89
C ALA K 156 -15.92 44.85 -9.70
N GLY K 157 -17.23 44.73 -9.96
CA GLY K 157 -17.93 43.48 -9.81
C GLY K 157 -18.30 42.85 -11.14
N CYS K 158 -18.96 41.70 -11.04
CA CYS K 158 -19.43 41.00 -12.22
C CYS K 158 -20.61 41.69 -12.89
N ASP K 159 -21.20 42.69 -12.24
CA ASP K 159 -22.25 43.50 -12.84
C ASP K 159 -21.72 44.53 -13.83
N ASN K 160 -20.44 44.44 -14.19
CA ASN K 160 -19.81 45.36 -15.16
C ASN K 160 -19.91 46.81 -14.69
N VAL K 161 -19.76 47.03 -13.39
CA VAL K 161 -19.83 48.35 -12.79
C VAL K 161 -18.57 48.58 -11.97
N VAL K 162 -17.91 49.71 -12.20
CA VAL K 162 -16.70 50.09 -11.47
C VAL K 162 -17.07 51.21 -10.50
N LEU K 163 -16.73 51.02 -9.24
CA LEU K 163 -17.08 51.96 -8.18
C LEU K 163 -15.84 52.49 -7.50
N ILE K 164 -15.84 53.79 -7.21
CA ILE K 164 -14.77 54.44 -6.45
C ILE K 164 -15.32 54.73 -5.06
N TRP K 165 -14.65 54.22 -4.04
CA TRP K 165 -15.12 54.33 -2.67
C TRP K 165 -14.22 55.24 -1.85
N ASN K 166 -14.78 55.75 -0.76
CA ASN K 166 -14.04 56.51 0.25
C ASN K 166 -14.08 55.68 1.53
N VAL K 167 -12.95 55.05 1.86
CA VAL K 167 -12.91 54.11 2.97
C VAL K 167 -13.21 54.82 4.29
N GLY K 168 -12.64 56.01 4.47
CA GLY K 168 -12.82 56.71 5.75
C GLY K 168 -14.26 57.10 6.02
N THR K 169 -14.95 57.61 5.01
CA THR K 169 -16.31 58.10 5.16
C THR K 169 -17.37 57.14 4.64
N ALA K 170 -16.96 55.96 4.14
CA ALA K 170 -17.90 54.96 3.62
C ALA K 170 -18.81 55.54 2.55
N GLU K 171 -18.23 56.35 1.65
CA GLU K 171 -18.98 57.03 0.62
C GLU K 171 -18.59 56.51 -0.76
N GLU K 172 -19.55 56.54 -1.68
CA GLU K 172 -19.33 56.13 -3.07
C GLU K 172 -19.05 57.39 -3.88
N LEU K 173 -17.77 57.62 -4.16
CA LEU K 173 -17.37 58.85 -4.84
C LEU K 173 -17.86 58.87 -6.28
N TYR K 174 -17.64 57.79 -7.03
CA TYR K 174 -18.00 57.74 -8.43
C TYR K 174 -18.64 56.39 -8.75
N ARG K 175 -19.45 56.37 -9.81
CA ARG K 175 -20.14 55.17 -10.24
C ARG K 175 -20.13 55.14 -11.77
N LEU K 176 -19.35 54.22 -12.34
CA LEU K 176 -19.27 54.03 -13.78
C LEU K 176 -19.95 52.71 -14.13
N ASP K 177 -20.99 52.79 -14.96
CA ASP K 177 -21.82 51.63 -15.27
C ASP K 177 -21.84 51.27 -16.75
N SER K 178 -21.99 52.25 -17.63
CA SER K 178 -22.22 52.02 -19.05
C SER K 178 -20.93 52.05 -19.86
N LEU K 179 -19.81 51.64 -19.28
CA LEU K 179 -18.53 51.64 -19.98
C LEU K 179 -18.01 50.26 -20.33
N HIS K 180 -18.39 49.24 -19.58
CA HIS K 180 -17.96 47.87 -19.84
C HIS K 180 -19.15 47.02 -20.23
N PRO K 181 -19.29 46.60 -21.49
CA PRO K 181 -20.44 45.81 -21.90
C PRO K 181 -20.34 44.33 -21.57
N ASP K 182 -19.24 43.87 -20.98
CA ASP K 182 -19.08 42.46 -20.65
C ASP K 182 -18.24 42.36 -19.38
N LEU K 183 -17.81 41.14 -19.06
CA LEU K 183 -17.09 40.89 -17.82
C LEU K 183 -15.74 41.61 -17.82
N ILE K 184 -15.42 42.23 -16.69
CA ILE K 184 -14.15 42.93 -16.52
C ILE K 184 -13.15 41.97 -15.93
N TYR K 185 -11.97 41.89 -16.55
CA TYR K 185 -10.93 40.97 -16.12
C TYR K 185 -10.08 41.55 -14.99
N ASN K 186 -9.55 42.75 -15.17
CA ASN K 186 -8.72 43.39 -14.16
C ASN K 186 -8.74 44.89 -14.37
N VAL K 187 -8.38 45.62 -13.32
CA VAL K 187 -8.29 47.08 -13.35
C VAL K 187 -6.98 47.49 -12.69
N SER K 188 -6.24 48.38 -13.34
CA SER K 188 -4.97 48.87 -12.82
C SER K 188 -4.92 50.39 -12.93
N TRP K 189 -4.55 51.05 -11.84
CA TRP K 189 -4.35 52.48 -11.84
C TRP K 189 -3.05 52.84 -12.59
N ASN K 190 -3.00 54.08 -13.06
CA ASN K 190 -1.77 54.59 -13.68
C ASN K 190 -0.83 55.08 -12.58
N HIS K 191 0.23 55.80 -12.96
CA HIS K 191 1.26 56.18 -12.01
C HIS K 191 0.70 57.11 -10.93
N ASN K 192 0.03 58.19 -11.34
CA ASN K 192 -0.44 59.20 -10.40
C ASN K 192 -1.88 58.94 -9.94
N GLY K 193 -2.55 57.91 -10.45
CA GLY K 193 -3.91 57.63 -10.07
C GLY K 193 -4.96 58.44 -10.81
N SER K 194 -4.57 59.24 -11.80
CA SER K 194 -5.53 60.05 -12.54
C SER K 194 -6.36 59.22 -13.51
N LEU K 195 -5.84 58.10 -13.98
CA LEU K 195 -6.53 57.23 -14.92
C LEU K 195 -6.40 55.78 -14.47
N PHE K 196 -7.22 54.92 -15.06
CA PHE K 196 -7.13 53.49 -14.81
C PHE K 196 -7.51 52.74 -16.08
N CYS K 197 -6.77 51.67 -16.35
CA CYS K 197 -7.03 50.82 -17.50
C CYS K 197 -7.68 49.51 -17.07
N SER K 198 -8.46 48.93 -17.96
CA SER K 198 -9.18 47.70 -17.66
C SER K 198 -9.22 46.81 -18.88
N ALA K 199 -9.34 45.51 -18.64
CA ALA K 199 -9.51 44.51 -19.69
C ALA K 199 -10.87 43.86 -19.55
N CYS K 200 -11.58 43.74 -20.67
CA CYS K 200 -12.95 43.25 -20.68
C CYS K 200 -13.07 42.00 -21.52
N LYS K 201 -14.16 41.26 -21.31
CA LYS K 201 -14.36 39.99 -21.99
C LYS K 201 -14.58 40.16 -23.49
N ASP K 202 -14.92 41.36 -23.95
CA ASP K 202 -15.09 41.61 -25.38
C ASP K 202 -13.76 41.90 -26.09
N LYS K 203 -12.65 41.51 -25.48
CA LYS K 203 -11.31 41.67 -26.06
C LYS K 203 -10.95 43.14 -26.26
N SER K 204 -11.52 44.03 -25.45
CA SER K 204 -11.28 45.45 -25.58
C SER K 204 -10.51 45.97 -24.36
N VAL K 205 -9.50 46.79 -24.62
CA VAL K 205 -8.70 47.42 -23.59
C VAL K 205 -9.09 48.89 -23.55
N ARG K 206 -9.53 49.37 -22.39
CA ARG K 206 -10.06 50.72 -22.25
C ARG K 206 -9.25 51.50 -21.21
N ILE K 207 -9.11 52.80 -21.46
CA ILE K 207 -8.50 53.74 -20.52
C ILE K 207 -9.59 54.73 -20.12
N ILE K 208 -9.85 54.82 -18.82
CA ILE K 208 -11.00 55.55 -18.31
C ILE K 208 -10.54 56.55 -17.26
N ASP K 209 -11.09 57.77 -17.33
CA ASP K 209 -10.87 58.77 -16.29
C ASP K 209 -11.96 58.60 -15.24
N PRO K 210 -11.65 58.22 -14.00
CA PRO K 210 -12.72 57.97 -13.02
C PRO K 210 -13.43 59.24 -12.59
N ARG K 211 -12.68 60.35 -12.42
CA ARG K 211 -13.30 61.59 -11.95
C ARG K 211 -14.13 62.26 -13.03
N ARG K 212 -14.04 61.81 -14.29
CA ARG K 212 -14.76 62.42 -15.38
C ARG K 212 -15.81 61.51 -16.01
N GLY K 213 -15.71 60.20 -15.82
CA GLY K 213 -16.67 59.29 -16.41
C GLY K 213 -16.60 59.20 -17.91
N THR K 214 -15.45 59.49 -18.51
CA THR K 214 -15.29 59.50 -19.95
C THR K 214 -14.25 58.47 -20.36
N LEU K 215 -14.44 57.92 -21.57
CA LEU K 215 -13.53 56.92 -22.12
C LEU K 215 -12.39 57.65 -22.81
N VAL K 216 -11.22 57.68 -22.18
CA VAL K 216 -10.07 58.38 -22.75
C VAL K 216 -9.60 57.70 -24.02
N ALA K 217 -9.49 56.37 -24.00
CA ALA K 217 -9.03 55.62 -25.14
C ALA K 217 -9.57 54.20 -25.08
N GLU K 218 -9.56 53.53 -26.23
CA GLU K 218 -10.05 52.16 -26.32
C GLU K 218 -9.40 51.48 -27.51
N ARG K 219 -9.05 50.21 -27.34
CA ARG K 219 -8.48 49.39 -28.41
C ARG K 219 -9.30 48.11 -28.52
N GLU K 220 -10.15 48.03 -29.55
CA GLU K 220 -10.99 46.86 -29.74
C GLU K 220 -10.18 45.70 -30.30
N LYS K 221 -10.47 44.50 -29.81
CA LYS K 221 -9.79 43.28 -30.24
C LYS K 221 -8.27 43.40 -30.07
N ALA K 222 -7.86 43.78 -28.86
CA ALA K 222 -6.44 43.88 -28.55
C ALA K 222 -5.77 42.52 -28.69
N HIS K 223 -6.41 41.47 -28.19
CA HIS K 223 -5.95 40.10 -28.38
C HIS K 223 -7.10 39.29 -28.95
N GLU K 224 -6.85 38.56 -30.03
CA GLU K 224 -7.92 37.89 -30.77
C GLU K 224 -8.46 36.68 -30.03
N GLY K 225 -7.76 36.16 -29.04
CA GLY K 225 -8.22 34.97 -28.35
C GLY K 225 -9.40 35.25 -27.43
N ALA K 226 -10.16 34.20 -27.18
CA ALA K 226 -11.32 34.26 -26.30
C ALA K 226 -10.97 33.99 -24.84
N ARG K 227 -9.73 33.60 -24.56
CA ARG K 227 -9.30 33.33 -23.20
C ARG K 227 -9.08 34.65 -22.45
N PRO K 228 -9.07 34.61 -21.11
CA PRO K 228 -8.93 35.86 -20.34
C PRO K 228 -7.65 36.60 -20.67
N MET K 229 -7.74 37.93 -20.60
CA MET K 229 -6.63 38.82 -20.89
C MET K 229 -6.47 39.81 -19.75
N ARG K 230 -5.26 40.37 -19.64
CA ARG K 230 -4.94 41.33 -18.60
C ARG K 230 -4.47 42.64 -19.23
N ALA K 231 -4.41 43.68 -18.41
CA ALA K 231 -3.96 45.00 -18.86
C ALA K 231 -3.51 45.79 -17.64
N ILE K 232 -2.27 46.26 -17.65
CA ILE K 232 -1.71 47.03 -16.54
C ILE K 232 -1.12 48.32 -17.08
N PHE K 233 -1.00 49.31 -16.19
CA PHE K 233 -0.46 50.62 -16.53
C PHE K 233 0.99 50.70 -16.09
N LEU K 234 1.86 51.13 -17.00
CA LEU K 234 3.27 51.29 -16.70
C LEU K 234 3.54 52.70 -16.17
N ALA K 235 4.74 52.88 -15.60
CA ALA K 235 5.11 54.18 -15.03
C ALA K 235 5.19 55.25 -16.11
N ASP K 236 5.73 54.91 -17.28
CA ASP K 236 5.86 55.87 -18.36
C ASP K 236 4.52 56.22 -19.01
N GLY K 237 3.46 55.48 -18.71
CA GLY K 237 2.15 55.74 -19.26
C GLY K 237 1.66 54.73 -20.28
N LYS K 238 2.51 53.81 -20.72
CA LYS K 238 2.09 52.80 -21.67
C LYS K 238 1.34 51.67 -20.97
N VAL K 239 0.65 50.86 -21.76
CA VAL K 239 -0.19 49.78 -21.27
C VAL K 239 0.40 48.45 -21.73
N PHE K 240 0.65 47.56 -20.78
CA PHE K 240 1.16 46.23 -21.05
C PHE K 240 0.02 45.23 -20.88
N THR K 241 -0.25 44.45 -21.93
CA THR K 241 -1.37 43.52 -21.94
C THR K 241 -0.90 42.12 -22.27
N THR K 242 -1.48 41.13 -21.59
CA THR K 242 -1.25 39.73 -21.87
C THR K 242 -2.54 39.10 -22.35
N GLY K 243 -2.46 38.36 -23.45
CA GLY K 243 -3.65 37.78 -24.04
C GLY K 243 -3.36 36.51 -24.80
N PHE K 244 -4.32 36.12 -25.64
CA PHE K 244 -4.25 34.89 -26.41
C PHE K 244 -4.48 35.20 -27.88
N SER K 245 -4.00 34.30 -28.73
CA SER K 245 -4.16 34.42 -30.17
C SER K 245 -5.39 33.64 -30.63
N ARG K 246 -5.70 33.75 -31.93
CA ARG K 246 -6.74 32.91 -32.51
C ARG K 246 -6.36 31.44 -32.46
N MET K 247 -5.06 31.15 -32.50
CA MET K 247 -4.55 29.79 -32.38
C MET K 247 -4.27 29.40 -30.93
N SER K 248 -4.89 30.10 -29.97
CA SER K 248 -4.71 29.84 -28.54
C SER K 248 -3.23 29.89 -28.14
N GLU K 249 -2.55 30.95 -28.56
CA GLU K 249 -1.16 31.19 -28.21
C GLU K 249 -1.07 32.41 -27.31
N ARG K 250 -0.45 32.25 -26.15
CA ARG K 250 -0.33 33.34 -25.19
C ARG K 250 0.59 34.42 -25.73
N GLN K 251 0.21 35.68 -25.50
CA GLN K 251 0.89 36.82 -26.09
C GLN K 251 1.16 37.89 -25.04
N LEU K 252 2.16 38.72 -25.33
CA LEU K 252 2.45 39.94 -24.58
C LEU K 252 2.47 41.11 -25.56
N ALA K 253 1.77 42.18 -25.20
CA ALA K 253 1.65 43.34 -26.08
C ALA K 253 1.90 44.62 -25.31
N LEU K 254 2.55 45.57 -25.97
CA LEU K 254 2.79 46.91 -25.42
C LEU K 254 2.03 47.92 -26.27
N TRP K 255 1.27 48.79 -25.62
CA TRP K 255 0.38 49.73 -26.30
C TRP K 255 0.75 51.16 -25.92
N ASP K 256 0.73 52.03 -26.93
CA ASP K 256 0.88 53.46 -26.70
C ASP K 256 -0.51 54.09 -26.68
N PRO K 257 -0.92 54.70 -25.56
CA PRO K 257 -2.29 55.25 -25.51
C PRO K 257 -2.57 56.30 -26.57
N GLU K 258 -1.57 57.09 -26.96
CA GLU K 258 -1.78 58.11 -27.98
C GLU K 258 -2.08 57.48 -29.34
N ASN K 259 -1.35 56.43 -29.70
CA ASN K 259 -1.53 55.73 -30.97
C ASN K 259 -1.82 54.26 -30.69
N LEU K 260 -3.10 53.89 -30.72
CA LEU K 260 -3.52 52.52 -30.43
C LEU K 260 -3.86 51.76 -31.71
N GLU K 261 -3.49 52.26 -32.88
CA GLU K 261 -3.79 51.55 -34.12
C GLU K 261 -3.08 50.20 -34.17
N GLU K 262 -1.81 50.17 -33.79
CA GLU K 262 -1.03 48.94 -33.76
C GLU K 262 -0.23 48.87 -32.47
N PRO K 263 -0.02 47.67 -31.93
CA PRO K 263 0.80 47.54 -30.73
C PRO K 263 2.26 47.84 -31.01
N MET K 264 2.93 48.41 -30.00
CA MET K 264 4.36 48.66 -30.12
C MET K 264 5.16 47.36 -30.17
N ALA K 265 4.73 46.35 -29.42
CA ALA K 265 5.39 45.06 -29.41
C ALA K 265 4.33 43.96 -29.39
N LEU K 266 4.71 42.79 -29.93
CA LEU K 266 3.80 41.65 -29.99
C LEU K 266 4.64 40.40 -30.03
N GLN K 267 4.73 39.69 -28.90
CA GLN K 267 5.54 38.49 -28.78
C GLN K 267 4.67 37.36 -28.25
N GLU K 268 4.84 36.17 -28.82
CA GLU K 268 4.12 34.98 -28.40
C GLU K 268 5.02 34.11 -27.54
N LEU K 269 4.48 33.65 -26.40
CA LEU K 269 5.25 32.87 -25.43
C LEU K 269 5.11 31.37 -25.67
N ASP K 270 3.88 30.84 -25.60
CA ASP K 270 3.63 29.42 -25.75
C ASP K 270 2.16 29.22 -26.07
N SER K 271 1.71 27.97 -26.06
CA SER K 271 0.34 27.60 -26.36
C SER K 271 -0.31 26.92 -25.16
N SER K 272 0.10 27.30 -23.95
CA SER K 272 -0.45 26.74 -22.73
C SER K 272 -1.69 27.51 -22.30
N ASN K 273 -2.47 26.88 -21.44
CA ASN K 273 -3.68 27.50 -20.90
C ASN K 273 -3.34 28.31 -19.66
N GLY K 274 -4.37 28.88 -19.03
CA GLY K 274 -4.18 29.68 -17.84
C GLY K 274 -3.83 31.11 -18.14
N ALA K 275 -4.51 32.05 -17.49
CA ALA K 275 -4.25 33.47 -17.72
C ALA K 275 -2.88 33.86 -17.19
N LEU K 276 -2.25 34.80 -17.88
CA LEU K 276 -0.94 35.31 -17.50
C LEU K 276 -1.13 36.54 -16.62
N LEU K 277 -0.67 36.46 -15.37
CA LEU K 277 -0.80 37.56 -14.44
C LEU K 277 0.47 38.38 -14.45
N PRO K 278 0.44 39.64 -14.93
CA PRO K 278 1.66 40.45 -14.95
C PRO K 278 1.91 41.17 -13.64
N PHE K 279 3.17 41.14 -13.20
CA PHE K 279 3.63 41.85 -12.01
C PHE K 279 4.68 42.86 -12.46
N TYR K 280 4.35 44.15 -12.31
CA TYR K 280 5.18 45.22 -12.83
C TYR K 280 5.95 45.88 -11.69
N ASP K 281 7.25 46.09 -11.91
CA ASP K 281 8.11 46.79 -10.96
C ASP K 281 8.52 48.13 -11.55
N PRO K 282 7.92 49.24 -11.12
CA PRO K 282 8.25 50.54 -11.74
C PRO K 282 9.70 50.94 -11.57
N ASP K 283 10.34 50.57 -10.47
CA ASP K 283 11.73 50.98 -10.24
C ASP K 283 12.66 50.38 -11.27
N THR K 284 12.52 49.08 -11.55
CA THR K 284 13.40 48.37 -12.47
C THR K 284 12.82 48.24 -13.87
N SER K 285 11.56 48.65 -14.09
CA SER K 285 10.89 48.51 -15.38
C SER K 285 10.90 47.06 -15.85
N VAL K 286 10.71 46.13 -14.92
CA VAL K 286 10.71 44.70 -15.19
C VAL K 286 9.33 44.15 -14.92
N VAL K 287 8.77 43.43 -15.90
CA VAL K 287 7.44 42.85 -15.79
C VAL K 287 7.60 41.35 -15.62
N TYR K 288 7.06 40.82 -14.51
CA TYR K 288 7.09 39.40 -14.23
C TYR K 288 5.76 38.79 -14.64
N VAL K 289 5.81 37.77 -15.49
CA VAL K 289 4.62 37.11 -16.02
C VAL K 289 4.50 35.76 -15.34
N CYS K 290 3.46 35.59 -14.53
CA CYS K 290 3.19 34.35 -13.82
C CYS K 290 1.83 33.84 -14.26
N GLY K 291 1.81 32.74 -15.00
CA GLY K 291 0.55 32.15 -15.44
C GLY K 291 -0.04 31.24 -14.39
N LYS K 292 -1.37 31.23 -14.32
CA LYS K 292 -2.06 30.38 -13.37
C LYS K 292 -1.95 28.93 -13.81
N GLY K 293 -1.52 28.06 -12.89
CA GLY K 293 -1.29 26.67 -13.20
C GLY K 293 0.06 26.36 -13.82
N ASP K 294 0.87 27.38 -14.11
CA ASP K 294 2.19 27.19 -14.66
C ASP K 294 3.21 26.97 -13.55
N SER K 295 4.36 26.42 -13.92
CA SER K 295 5.45 26.18 -12.99
C SER K 295 6.64 27.09 -13.23
N SER K 296 6.52 28.08 -14.11
CA SER K 296 7.62 28.94 -14.48
C SER K 296 7.23 30.40 -14.31
N ILE K 297 8.22 31.23 -14.00
CA ILE K 297 8.05 32.67 -13.89
C ILE K 297 9.02 33.33 -14.87
N ARG K 298 8.47 34.10 -15.80
CA ARG K 298 9.26 34.79 -16.82
C ARG K 298 9.22 36.29 -16.55
N TYR K 299 10.38 36.93 -16.63
CA TYR K 299 10.49 38.37 -16.43
C TYR K 299 10.98 39.03 -17.71
N PHE K 300 10.38 40.17 -18.04
CA PHE K 300 10.73 40.92 -19.24
C PHE K 300 11.03 42.36 -18.85
N GLU K 301 11.94 42.99 -19.60
CA GLU K 301 12.33 44.37 -19.37
C GLU K 301 11.70 45.26 -20.44
N ILE K 302 11.07 46.35 -20.01
CA ILE K 302 10.41 47.29 -20.91
C ILE K 302 11.29 48.53 -21.02
N THR K 303 11.82 48.77 -22.21
CA THR K 303 12.68 49.92 -22.50
C THR K 303 12.19 50.60 -23.76
N GLU K 304 12.77 51.76 -24.07
CA GLU K 304 12.43 52.50 -25.27
C GLU K 304 13.08 51.94 -26.52
N GLU K 305 14.11 51.12 -26.38
CA GLU K 305 14.76 50.52 -27.54
C GLU K 305 13.92 49.34 -28.05
N PRO K 306 13.75 49.19 -29.36
CA PRO K 306 12.94 48.09 -29.87
C PRO K 306 13.60 46.77 -29.58
N PRO K 307 12.81 45.68 -29.46
CA PRO K 307 11.35 45.59 -29.64
C PRO K 307 10.57 45.99 -28.38
N TYR K 308 11.15 46.80 -27.51
CA TYR K 308 10.48 47.40 -26.35
C TYR K 308 10.07 46.37 -25.31
N ILE K 309 10.28 45.08 -25.60
CA ILE K 309 10.01 44.00 -24.67
C ILE K 309 11.14 43.00 -24.82
N HIS K 310 12.03 42.94 -23.84
CA HIS K 310 13.22 42.10 -23.91
C HIS K 310 13.11 40.99 -22.87
N PHE K 311 13.20 39.75 -23.34
CA PHE K 311 13.15 38.60 -22.44
C PHE K 311 14.47 38.50 -21.68
N LEU K 312 14.39 38.51 -20.35
CA LEU K 312 15.59 38.45 -19.52
C LEU K 312 15.98 37.02 -19.19
N ASN K 313 15.10 36.29 -18.52
CA ASN K 313 15.32 34.90 -18.14
C ASN K 313 13.99 34.35 -17.64
N THR K 314 14.02 33.11 -17.15
CA THR K 314 12.83 32.47 -16.61
C THR K 314 13.22 31.61 -15.42
N PHE K 315 12.41 31.66 -14.36
CA PHE K 315 12.60 30.81 -13.19
C PHE K 315 11.72 29.59 -13.34
N THR K 316 12.33 28.41 -13.34
CA THR K 316 11.63 27.16 -13.59
C THR K 316 11.57 26.32 -12.32
N SER K 317 10.42 25.70 -12.08
CA SER K 317 10.22 24.80 -10.96
C SER K 317 9.41 23.61 -11.44
N LYS K 318 9.16 22.66 -10.52
CA LYS K 318 8.43 21.45 -10.84
C LYS K 318 7.01 21.45 -10.28
N GLU K 319 6.57 22.54 -9.65
CA GLU K 319 5.26 22.60 -9.03
C GLU K 319 4.46 23.74 -9.63
N PRO K 320 3.22 23.49 -10.08
CA PRO K 320 2.39 24.59 -10.56
C PRO K 320 1.97 25.52 -9.42
N GLN K 321 1.71 26.78 -9.77
CA GLN K 321 1.34 27.80 -8.80
C GLN K 321 -0.16 28.06 -8.88
N ARG K 322 -0.81 28.10 -7.71
CA ARG K 322 -2.21 28.46 -7.62
C ARG K 322 -2.41 29.97 -7.50
N GLY K 323 -1.42 30.67 -6.96
CA GLY K 323 -1.48 32.12 -6.83
C GLY K 323 -0.09 32.67 -6.66
N MET K 324 0.00 34.00 -6.62
CA MET K 324 1.29 34.66 -6.50
C MET K 324 1.10 36.04 -5.91
N GLY K 325 1.97 36.40 -4.96
CA GLY K 325 1.97 37.74 -4.41
C GLY K 325 3.37 38.32 -4.46
N SER K 326 3.44 39.62 -4.70
CA SER K 326 4.69 40.33 -4.88
C SER K 326 4.93 41.25 -3.69
N MET K 327 6.10 41.12 -3.07
CA MET K 327 6.46 41.98 -1.96
C MET K 327 6.90 43.35 -2.48
N PRO K 328 6.35 44.44 -1.96
CA PRO K 328 6.78 45.77 -2.42
C PRO K 328 8.24 46.05 -2.05
N LYS K 329 8.73 47.17 -2.55
CA LYS K 329 10.15 47.50 -2.41
C LYS K 329 10.54 47.71 -0.95
N ARG K 330 9.62 48.23 -0.13
CA ARG K 330 9.96 48.56 1.25
C ARG K 330 10.31 47.34 2.08
N GLY K 331 9.84 46.16 1.70
CA GLY K 331 10.08 44.94 2.45
C GLY K 331 11.14 44.02 1.89
N LEU K 332 11.93 44.48 0.93
CA LEU K 332 12.96 43.65 0.30
C LEU K 332 14.29 43.80 1.02
N GLU K 333 15.09 42.73 0.98
CA GLU K 333 16.42 42.73 1.58
C GLU K 333 17.36 43.46 0.63
N VAL K 334 17.54 44.76 0.86
CA VAL K 334 18.37 45.57 -0.02
C VAL K 334 19.83 45.15 0.06
N SER K 335 20.31 44.80 1.25
CA SER K 335 21.72 44.46 1.43
C SER K 335 22.12 43.20 0.68
N LYS K 336 21.16 42.37 0.27
CA LYS K 336 21.43 41.15 -0.47
C LYS K 336 21.18 41.29 -1.96
N CYS K 337 21.05 42.52 -2.45
CA CYS K 337 20.80 42.79 -3.87
C CYS K 337 19.54 42.10 -4.36
N GLU K 338 18.51 42.08 -3.53
CA GLU K 338 17.23 41.48 -3.88
C GLU K 338 16.32 42.55 -4.44
N ILE K 339 15.83 42.33 -5.66
CA ILE K 339 14.96 43.30 -6.34
C ILE K 339 13.50 42.88 -6.37
N ALA K 340 13.19 41.64 -6.04
CA ALA K 340 11.80 41.19 -6.02
C ALA K 340 11.70 39.93 -5.17
N ARG K 341 10.55 39.75 -4.53
CA ARG K 341 10.25 38.54 -3.78
C ARG K 341 8.82 38.14 -4.08
N PHE K 342 8.64 36.92 -4.57
CA PHE K 342 7.33 36.41 -4.97
C PHE K 342 6.91 35.28 -4.05
N TYR K 343 5.73 35.40 -3.47
CA TYR K 343 5.19 34.38 -2.57
C TYR K 343 4.34 33.43 -3.40
N LYS K 344 4.98 32.38 -3.91
CA LYS K 344 4.29 31.41 -4.76
C LYS K 344 3.34 30.56 -3.94
N LEU K 345 2.10 30.46 -4.41
CA LEU K 345 1.05 29.71 -3.71
C LEU K 345 0.87 28.35 -4.34
N HIS K 346 1.13 27.30 -3.57
CA HIS K 346 0.81 25.95 -3.97
C HIS K 346 -0.60 25.62 -3.49
N GLU K 347 -1.00 24.36 -3.56
CA GLU K 347 -2.32 23.98 -3.08
C GLU K 347 -2.39 23.96 -1.56
N ARG K 348 -1.26 23.71 -0.88
CA ARG K 348 -1.23 23.67 0.57
C ARG K 348 -0.04 24.43 1.16
N LYS K 349 0.68 25.21 0.38
CA LYS K 349 1.89 25.85 0.86
C LYS K 349 2.09 27.19 0.16
N CYS K 350 2.78 28.10 0.84
CA CYS K 350 3.20 29.38 0.28
C CYS K 350 4.72 29.43 0.31
N GLU K 351 5.34 29.43 -0.87
CA GLU K 351 6.79 29.39 -0.97
C GLU K 351 7.33 30.71 -1.49
N PRO K 352 7.94 31.54 -0.65
CA PRO K 352 8.57 32.77 -1.15
C PRO K 352 9.71 32.45 -2.11
N ILE K 353 9.84 33.27 -3.15
CA ILE K 353 10.89 33.12 -4.14
C ILE K 353 11.63 34.45 -4.23
N VAL K 354 12.95 34.40 -4.06
CA VAL K 354 13.78 35.60 -4.01
C VAL K 354 14.43 35.82 -5.37
N MET K 355 14.19 36.98 -5.96
CA MET K 355 14.85 37.39 -7.19
C MET K 355 15.96 38.36 -6.83
N THR K 356 17.20 38.02 -7.20
CA THR K 356 18.37 38.79 -6.81
C THR K 356 19.22 39.09 -8.03
N VAL K 357 19.83 40.27 -8.01
CA VAL K 357 20.77 40.68 -9.05
C VAL K 357 22.17 40.26 -8.62
N PRO K 358 22.87 39.43 -9.40
CA PRO K 358 24.22 39.00 -9.00
C PRO K 358 25.20 40.16 -9.08
N ARG K 359 25.76 40.52 -7.93
CA ARG K 359 26.72 41.62 -7.84
C ARG K 359 27.90 41.19 -6.98
N LYS K 360 29.12 41.44 -7.46
CA LYS K 360 30.31 41.13 -6.68
C LYS K 360 30.38 41.99 -5.42
N SER K 361 30.08 43.28 -5.53
CA SER K 361 30.19 44.18 -4.40
C SER K 361 29.13 43.88 -3.35
N ASP K 362 29.52 44.00 -2.09
CA ASP K 362 28.61 43.81 -0.96
C ASP K 362 28.04 45.12 -0.45
N LEU K 363 28.37 46.25 -1.09
CA LEU K 363 27.90 47.55 -0.67
C LEU K 363 26.53 47.84 -1.27
N PHE K 364 25.96 48.98 -0.88
CA PHE K 364 24.66 49.40 -1.38
C PHE K 364 24.77 49.75 -2.87
N GLN K 365 23.84 49.21 -3.67
CA GLN K 365 23.84 49.43 -5.11
C GLN K 365 22.85 50.56 -5.41
N ASP K 366 23.38 51.74 -5.71
CA ASP K 366 22.53 52.90 -5.99
C ASP K 366 21.75 52.70 -7.28
N ASP K 367 22.38 52.12 -8.31
CA ASP K 367 21.73 51.94 -9.59
C ASP K 367 20.59 50.93 -9.54
N LEU K 368 20.61 50.00 -8.58
CA LEU K 368 19.57 49.00 -8.47
C LEU K 368 18.38 49.45 -7.65
N TYR K 369 18.56 50.42 -6.75
CA TYR K 369 17.52 50.84 -5.81
C TYR K 369 17.32 52.35 -5.90
N PRO K 370 16.55 52.82 -6.88
CA PRO K 370 16.19 54.25 -6.92
C PRO K 370 15.14 54.58 -5.86
N ASP K 371 14.66 55.82 -5.85
CA ASP K 371 13.66 56.23 -4.87
C ASP K 371 12.33 55.58 -5.20
N THR K 372 11.79 54.81 -4.25
CA THR K 372 10.54 54.11 -4.42
C THR K 372 9.43 54.82 -3.66
N ALA K 373 8.19 54.54 -4.08
CA ALA K 373 7.02 55.14 -3.44
C ALA K 373 6.94 54.68 -1.98
N GLY K 374 6.71 55.64 -1.09
CA GLY K 374 6.65 55.37 0.32
C GLY K 374 5.24 55.13 0.82
N PRO K 375 5.10 54.84 2.12
CA PRO K 375 3.78 54.59 2.70
C PRO K 375 3.02 55.85 3.09
N GLU K 376 3.45 57.03 2.65
CA GLU K 376 2.78 58.27 2.97
C GLU K 376 1.95 58.73 1.78
N ALA K 377 0.67 58.96 2.01
CA ALA K 377 -0.23 59.38 0.94
C ALA K 377 0.10 60.78 0.48
N ALA K 378 0.01 61.01 -0.84
CA ALA K 378 0.27 62.32 -1.40
C ALA K 378 -0.94 63.24 -1.24
N LEU K 379 -2.07 62.83 -1.82
CA LEU K 379 -3.30 63.61 -1.76
C LEU K 379 -4.24 63.00 -0.73
N GLU K 380 -5.46 63.53 -0.67
CA GLU K 380 -6.51 63.00 0.18
C GLU K 380 -7.76 62.78 -0.67
N ALA K 381 -8.74 62.08 -0.08
CA ALA K 381 -9.97 61.78 -0.80
C ALA K 381 -10.72 63.05 -1.19
N GLU K 382 -10.80 64.00 -0.27
CA GLU K 382 -11.47 65.27 -0.57
C GLU K 382 -10.68 66.08 -1.59
N GLU K 383 -9.35 66.03 -1.52
CA GLU K 383 -8.53 66.78 -2.46
C GLU K 383 -8.50 66.13 -3.83
N TRP K 384 -8.58 64.80 -3.89
CA TRP K 384 -8.48 64.12 -5.18
C TRP K 384 -9.72 64.35 -6.03
N VAL K 385 -10.91 64.32 -5.43
CA VAL K 385 -12.14 64.49 -6.18
C VAL K 385 -12.27 65.89 -6.75
N SER K 386 -11.58 66.88 -6.16
CA SER K 386 -11.62 68.23 -6.70
C SER K 386 -10.94 68.32 -8.06
N GLY K 387 -9.99 67.45 -8.34
CA GLY K 387 -9.31 67.45 -9.61
C GLY K 387 -7.80 67.54 -9.48
N ARG K 388 -7.30 67.52 -8.25
CA ARG K 388 -5.87 67.60 -8.01
C ARG K 388 -5.18 66.30 -8.41
N ASP K 389 -3.94 66.43 -8.86
CA ASP K 389 -3.10 65.29 -9.22
C ASP K 389 -1.74 65.45 -8.59
N ALA K 390 -1.23 64.39 -7.98
CA ALA K 390 0.07 64.42 -7.32
C ALA K 390 0.76 63.08 -7.48
N ASP K 391 2.08 63.12 -7.64
CA ASP K 391 2.88 61.91 -7.73
C ASP K 391 3.09 61.30 -6.34
N PRO K 392 3.28 59.99 -6.26
CA PRO K 392 3.51 59.36 -4.96
C PRO K 392 4.79 59.88 -4.30
N ILE K 393 4.74 59.99 -2.97
CA ILE K 393 5.91 60.43 -2.21
C ILE K 393 6.96 59.33 -2.25
N LEU K 394 8.19 59.72 -2.57
CA LEU K 394 9.30 58.78 -2.71
C LEU K 394 10.15 58.75 -1.45
N ILE K 395 10.66 57.57 -1.11
CA ILE K 395 11.54 57.37 0.03
C ILE K 395 12.84 56.76 -0.47
N SER K 396 13.82 56.70 0.42
CA SER K 396 15.15 56.19 0.11
C SER K 396 15.32 54.81 0.75
N LEU K 397 15.80 53.86 -0.03
CA LEU K 397 16.04 52.50 0.44
C LEU K 397 17.44 52.31 1.02
N ARG K 398 18.27 53.36 1.03
CA ARG K 398 19.62 53.24 1.56
C ARG K 398 19.60 53.00 3.07
N GLU K 399 18.66 53.63 3.78
CA GLU K 399 18.57 53.44 5.21
C GLU K 399 18.27 52.01 5.60
N ALA K 400 17.68 51.22 4.71
CA ALA K 400 17.40 49.82 4.96
C ALA K 400 18.62 48.93 4.82
N TYR K 401 19.72 49.45 4.28
CA TYR K 401 20.94 48.65 4.12
C TYR K 401 21.53 48.34 5.49
N VAL K 402 21.99 47.11 5.64
CA VAL K 402 22.59 46.66 6.89
C VAL K 402 24.05 46.26 6.66
N LYS L 10 23.14 -33.08 17.95
CA LYS L 10 23.51 -32.51 19.24
C LYS L 10 22.96 -31.09 19.39
N VAL L 11 23.04 -30.31 18.31
CA VAL L 11 22.54 -28.95 18.35
C VAL L 11 21.02 -28.94 18.41
N VAL L 12 20.37 -29.79 17.63
CA VAL L 12 18.92 -29.85 17.54
C VAL L 12 18.46 -31.19 18.12
N ARG L 13 17.47 -31.13 19.01
CA ARG L 13 16.90 -32.35 19.57
C ARG L 13 16.34 -33.23 18.46
N GLN L 14 16.67 -34.52 18.51
CA GLN L 14 16.28 -35.44 17.45
C GLN L 14 14.78 -35.67 17.49
N SER L 15 14.09 -35.27 16.42
CA SER L 15 12.64 -35.43 16.33
C SER L 15 12.24 -35.43 14.87
N LYS L 16 11.07 -36.00 14.60
CA LYS L 16 10.50 -36.03 13.26
C LYS L 16 9.34 -35.07 13.08
N PHE L 17 8.85 -34.45 14.17
CA PHE L 17 7.67 -33.60 14.11
C PHE L 17 7.96 -32.17 14.54
N ARG L 18 9.23 -31.74 14.46
CA ARG L 18 9.58 -30.39 14.84
C ARG L 18 9.08 -29.35 13.85
N HIS L 19 8.71 -29.76 12.64
CA HIS L 19 8.27 -28.84 11.59
C HIS L 19 6.87 -29.17 11.12
N VAL L 20 6.04 -29.77 11.99
CA VAL L 20 4.66 -30.04 11.63
C VAL L 20 3.88 -28.72 11.59
N PHE L 21 3.18 -28.49 10.50
CA PHE L 21 2.41 -27.27 10.30
C PHE L 21 0.96 -27.61 10.05
N GLY L 22 0.06 -26.75 10.55
CA GLY L 22 -1.37 -26.92 10.36
C GLY L 22 -1.86 -26.11 9.18
N GLN L 23 -2.81 -26.69 8.44
CA GLN L 23 -3.35 -26.02 7.26
C GLN L 23 -4.85 -26.32 7.15
N PRO L 24 -5.71 -25.32 7.36
CA PRO L 24 -7.15 -25.56 7.21
C PRO L 24 -7.51 -25.89 5.77
N VAL L 25 -8.55 -26.72 5.63
CA VAL L 25 -9.03 -27.14 4.32
C VAL L 25 -9.70 -25.96 3.63
N LYS L 26 -9.97 -26.10 2.34
CA LYS L 26 -10.60 -25.03 1.57
C LYS L 26 -12.02 -24.77 2.07
N ASN L 27 -12.59 -23.66 1.59
CA ASN L 27 -13.92 -23.26 2.03
C ASN L 27 -14.97 -24.30 1.64
N ASP L 28 -14.87 -24.85 0.43
CA ASP L 28 -15.83 -25.83 -0.04
C ASP L 28 -15.75 -27.16 0.70
N GLN L 29 -14.69 -27.39 1.47
CA GLN L 29 -14.51 -28.64 2.20
C GLN L 29 -14.92 -28.54 3.66
N CYS L 30 -15.54 -27.43 4.06
CA CYS L 30 -15.96 -27.23 5.43
C CYS L 30 -17.44 -27.58 5.59
N TYR L 31 -17.96 -27.40 6.80
CA TYR L 31 -19.36 -27.67 7.13
C TYR L 31 -19.94 -26.41 7.74
N GLU L 32 -20.83 -25.75 7.00
CA GLU L 32 -21.41 -24.48 7.41
C GLU L 32 -22.87 -24.64 7.81
N ASP L 33 -23.44 -23.55 8.34
CA ASP L 33 -24.83 -23.49 8.76
C ASP L 33 -25.16 -24.58 9.78
N ILE L 34 -24.26 -24.78 10.72
CA ILE L 34 -24.43 -25.75 11.81
C ILE L 34 -24.60 -24.97 13.10
N ARG L 35 -25.76 -25.11 13.73
CA ARG L 35 -26.06 -24.42 14.98
C ARG L 35 -25.37 -25.17 16.11
N VAL L 36 -24.11 -24.82 16.37
CA VAL L 36 -23.34 -25.52 17.40
C VAL L 36 -23.95 -25.26 18.76
N SER L 37 -23.78 -26.23 19.67
CA SER L 37 -24.42 -26.17 20.97
C SER L 37 -23.89 -25.00 21.79
N ARG L 38 -24.74 -24.49 22.68
CA ARG L 38 -24.43 -23.37 23.55
C ARG L 38 -24.44 -23.80 25.02
N VAL L 39 -23.85 -24.95 25.31
CA VAL L 39 -23.80 -25.49 26.66
C VAL L 39 -22.46 -25.13 27.27
N THR L 40 -22.48 -24.62 28.50
CA THR L 40 -21.27 -24.20 29.19
C THR L 40 -20.37 -25.37 29.59
N TRP L 41 -20.86 -26.60 29.48
CA TRP L 41 -20.04 -27.77 29.80
C TRP L 41 -18.83 -27.84 28.88
N ASP L 42 -17.66 -28.07 29.46
CA ASP L 42 -16.40 -28.05 28.71
C ASP L 42 -16.09 -29.46 28.21
N SER L 43 -16.60 -29.77 27.04
CA SER L 43 -16.31 -31.02 26.34
C SER L 43 -15.85 -30.72 24.92
N THR L 44 -15.57 -31.78 24.16
CA THR L 44 -15.08 -31.61 22.80
C THR L 44 -16.17 -31.14 21.85
N PHE L 45 -17.44 -31.41 22.15
CA PHE L 45 -18.57 -31.00 21.33
C PHE L 45 -18.54 -31.60 19.94
N CYS L 46 -17.62 -32.54 19.70
CA CYS L 46 -17.44 -33.10 18.37
C CYS L 46 -16.81 -34.47 18.47
N ALA L 47 -17.33 -35.42 17.68
CA ALA L 47 -16.77 -36.76 17.58
C ALA L 47 -16.79 -37.17 16.12
N VAL L 48 -15.64 -37.59 15.61
CA VAL L 48 -15.48 -37.90 14.20
C VAL L 48 -14.79 -39.25 14.04
N ASN L 49 -15.31 -40.08 13.14
CA ASN L 49 -14.71 -41.35 12.76
C ASN L 49 -14.45 -41.32 11.26
N PRO L 50 -13.75 -42.30 10.68
CA PRO L 50 -13.50 -42.27 9.24
C PRO L 50 -14.75 -42.32 8.37
N LYS L 51 -15.93 -42.40 8.98
CA LYS L 51 -17.18 -42.51 8.23
C LYS L 51 -18.09 -41.29 8.41
N PHE L 52 -18.35 -40.88 9.65
CA PHE L 52 -19.31 -39.82 9.92
C PHE L 52 -18.66 -38.72 10.76
N LEU L 53 -19.36 -37.59 10.84
CA LEU L 53 -18.96 -36.47 11.69
C LEU L 53 -20.14 -36.12 12.59
N ALA L 54 -19.91 -36.16 13.90
CA ALA L 54 -20.95 -35.89 14.88
C ALA L 54 -20.63 -34.60 15.62
N VAL L 55 -21.57 -33.66 15.61
CA VAL L 55 -21.42 -32.37 16.27
C VAL L 55 -22.65 -32.13 17.13
N ILE L 56 -22.43 -31.77 18.40
CA ILE L 56 -23.54 -31.43 19.28
C ILE L 56 -24.13 -30.09 18.84
N VAL L 57 -25.45 -30.06 18.63
CA VAL L 57 -26.12 -28.90 18.09
C VAL L 57 -27.10 -28.36 19.13
N GLU L 58 -27.55 -27.13 18.89
CA GLU L 58 -28.52 -26.47 19.76
C GLU L 58 -29.93 -26.82 19.30
N ALA L 59 -30.73 -27.36 20.20
CA ALA L 59 -32.12 -27.70 19.93
C ALA L 59 -33.02 -26.88 20.83
N SER L 60 -34.16 -26.45 20.28
CA SER L 60 -35.12 -25.68 21.07
C SER L 60 -35.67 -26.50 22.23
N GLY L 61 -35.99 -27.76 21.98
CA GLY L 61 -36.46 -28.67 23.01
C GLY L 61 -35.58 -29.89 23.10
N GLY L 62 -35.25 -30.28 24.34
CA GLY L 62 -34.40 -31.43 24.54
C GLY L 62 -32.98 -31.18 24.04
N GLY L 63 -32.34 -32.24 23.58
CA GLY L 63 -30.99 -32.14 23.06
C GLY L 63 -30.84 -33.03 21.84
N ALA L 64 -29.88 -32.65 20.98
CA ALA L 64 -29.63 -33.39 19.76
C ALA L 64 -28.21 -33.11 19.30
N PHE L 65 -27.71 -33.99 18.45
CA PHE L 65 -26.41 -33.80 17.80
C PHE L 65 -26.53 -34.17 16.34
N LEU L 66 -25.77 -33.47 15.50
CA LEU L 66 -25.85 -33.63 14.06
C LEU L 66 -24.82 -34.65 13.59
N VAL L 67 -25.30 -35.74 13.02
CA VAL L 67 -24.44 -36.77 12.43
C VAL L 67 -24.61 -36.70 10.92
N LEU L 68 -23.54 -36.39 10.22
CA LEU L 68 -23.56 -36.26 8.77
C LEU L 68 -22.32 -36.94 8.19
N PRO L 69 -22.43 -37.48 6.98
CA PRO L 69 -21.26 -38.12 6.36
C PRO L 69 -20.18 -37.11 6.04
N LEU L 70 -18.93 -37.60 6.01
CA LEU L 70 -17.79 -36.73 5.72
C LEU L 70 -17.89 -36.14 4.31
N SER L 71 -18.56 -36.83 3.38
CA SER L 71 -18.70 -36.32 2.03
C SER L 71 -19.70 -35.16 1.96
N LYS L 72 -20.56 -35.01 2.97
CA LYS L 72 -21.57 -33.96 2.98
C LYS L 72 -20.95 -32.68 3.53
N THR L 73 -20.14 -32.03 2.69
CA THR L 73 -19.51 -30.78 3.05
C THR L 73 -20.37 -29.61 2.59
N GLY L 74 -19.84 -28.40 2.72
CA GLY L 74 -20.57 -27.22 2.31
C GLY L 74 -21.65 -26.85 3.30
N ARG L 75 -22.56 -25.98 2.83
CA ARG L 75 -23.65 -25.51 3.67
C ARG L 75 -24.61 -26.66 3.98
N ILE L 76 -25.02 -26.75 5.24
CA ILE L 76 -25.92 -27.80 5.71
C ILE L 76 -27.31 -27.19 5.88
N ASP L 77 -28.32 -27.91 5.40
CA ASP L 77 -29.70 -27.42 5.48
C ASP L 77 -30.11 -27.28 6.95
N LYS L 78 -30.84 -26.21 7.24
CA LYS L 78 -31.31 -25.97 8.60
C LYS L 78 -32.30 -27.04 9.05
N ALA L 79 -32.98 -27.70 8.11
CA ALA L 79 -33.93 -28.76 8.43
C ALA L 79 -33.31 -30.15 8.25
N TYR L 80 -31.98 -30.24 8.28
CA TYR L 80 -31.34 -31.54 8.17
C TYR L 80 -31.70 -32.41 9.37
N PRO L 81 -32.00 -33.68 9.17
CA PRO L 81 -32.38 -34.54 10.30
C PRO L 81 -31.23 -34.66 11.29
N THR L 82 -31.59 -34.68 12.57
CA THR L 82 -30.63 -34.79 13.66
C THR L 82 -31.02 -35.95 14.56
N VAL L 83 -30.08 -36.34 15.43
CA VAL L 83 -30.32 -37.42 16.38
C VAL L 83 -30.91 -36.77 17.63
N CYS L 84 -32.23 -36.59 17.61
CA CYS L 84 -32.95 -35.89 18.68
C CYS L 84 -33.80 -36.91 19.44
N GLY L 85 -33.20 -37.52 20.46
CA GLY L 85 -33.92 -38.45 21.30
C GLY L 85 -33.90 -38.07 22.76
N HIS L 86 -32.89 -37.30 23.17
CA HIS L 86 -32.78 -36.87 24.54
C HIS L 86 -33.80 -35.79 24.87
N THR L 87 -34.28 -35.79 26.11
CA THR L 87 -35.15 -34.74 26.61
C THR L 87 -34.38 -33.58 27.22
N GLY L 88 -33.05 -33.69 27.29
CA GLY L 88 -32.21 -32.61 27.77
C GLY L 88 -31.03 -32.40 26.86
N PRO L 89 -30.35 -31.26 27.00
CA PRO L 89 -29.22 -30.95 26.11
C PRO L 89 -28.12 -32.00 26.21
N VAL L 90 -27.55 -32.36 25.06
CA VAL L 90 -26.52 -33.38 24.99
C VAL L 90 -25.19 -32.77 25.42
N LEU L 91 -24.45 -33.50 26.26
CA LEU L 91 -23.18 -33.03 26.80
C LEU L 91 -21.97 -33.64 26.12
N ASP L 92 -21.96 -34.95 25.94
CA ASP L 92 -20.81 -35.63 25.36
C ASP L 92 -21.27 -36.67 24.34
N ILE L 93 -20.45 -36.87 23.31
CA ILE L 93 -20.69 -37.88 22.29
C ILE L 93 -19.37 -38.58 21.99
N ASP L 94 -19.43 -39.89 21.78
CA ASP L 94 -18.22 -40.67 21.52
C ASP L 94 -18.56 -41.81 20.57
N TRP L 95 -17.83 -41.88 19.46
CA TRP L 95 -18.02 -42.98 18.52
C TRP L 95 -17.44 -44.28 19.08
N CYS L 96 -18.08 -45.38 18.71
CA CYS L 96 -17.58 -46.70 19.10
C CYS L 96 -16.33 -47.02 18.29
N PRO L 97 -15.19 -47.32 18.94
CA PRO L 97 -13.98 -47.64 18.17
C PRO L 97 -14.11 -48.90 17.33
N HIS L 98 -14.96 -49.85 17.72
CA HIS L 98 -15.12 -51.10 17.02
C HIS L 98 -16.32 -51.13 16.09
N ASN L 99 -17.05 -50.02 15.98
CA ASN L 99 -18.20 -49.95 15.08
C ASN L 99 -18.36 -48.49 14.64
N ASP L 100 -18.16 -48.25 13.34
CA ASP L 100 -18.22 -46.89 12.82
C ASP L 100 -19.63 -46.33 12.79
N GLU L 101 -20.65 -47.15 13.04
CA GLU L 101 -22.04 -46.71 12.98
C GLU L 101 -22.71 -46.72 14.35
N VAL L 102 -21.93 -46.81 15.43
CA VAL L 102 -22.46 -46.82 16.79
C VAL L 102 -21.84 -45.65 17.55
N ILE L 103 -22.69 -44.81 18.13
CA ILE L 103 -22.25 -43.64 18.89
C ILE L 103 -23.08 -43.54 20.17
N ALA L 104 -22.40 -43.23 21.27
CA ALA L 104 -23.04 -43.06 22.56
C ALA L 104 -23.08 -41.57 22.92
N SER L 105 -24.21 -41.13 23.48
CA SER L 105 -24.42 -39.73 23.81
C SER L 105 -24.96 -39.59 25.22
N GLY L 106 -24.41 -38.62 25.95
CA GLY L 106 -24.88 -38.30 27.29
C GLY L 106 -25.49 -36.91 27.31
N SER L 107 -26.58 -36.76 28.06
CA SER L 107 -27.34 -35.52 28.07
C SER L 107 -27.65 -35.12 29.50
N GLU L 108 -28.39 -34.02 29.65
CA GLU L 108 -28.76 -33.50 30.95
C GLU L 108 -29.93 -34.22 31.58
N ASP L 109 -30.58 -35.13 30.85
CA ASP L 109 -31.70 -35.92 31.36
C ASP L 109 -31.25 -37.13 32.16
N CYS L 110 -29.98 -37.17 32.57
CA CYS L 110 -29.44 -38.24 33.41
C CYS L 110 -29.59 -39.61 32.75
N THR L 111 -29.27 -39.69 31.47
CA THR L 111 -29.35 -40.95 30.74
C THR L 111 -28.25 -41.00 29.68
N VAL L 112 -27.91 -42.22 29.28
CA VAL L 112 -26.95 -42.47 28.21
C VAL L 112 -27.64 -43.33 27.17
N MET L 113 -27.59 -42.89 25.91
CA MET L 113 -28.25 -43.58 24.81
C MET L 113 -27.23 -43.97 23.75
N VAL L 114 -27.38 -45.17 23.21
CA VAL L 114 -26.53 -45.71 22.16
C VAL L 114 -27.33 -45.74 20.87
N TRP L 115 -26.77 -45.19 19.80
CA TRP L 115 -27.48 -45.02 18.55
C TRP L 115 -26.83 -45.83 17.44
N GLN L 116 -27.64 -46.22 16.45
CA GLN L 116 -27.16 -46.92 15.27
C GLN L 116 -27.43 -46.04 14.05
N ILE L 117 -26.36 -45.60 13.39
CA ILE L 117 -26.47 -44.70 12.24
C ILE L 117 -26.52 -45.51 10.97
N PRO L 118 -27.45 -45.22 10.05
CA PRO L 118 -27.46 -45.92 8.76
C PRO L 118 -26.23 -45.60 7.94
N GLU L 119 -25.94 -46.49 6.97
CA GLU L 119 -24.72 -46.37 6.19
C GLU L 119 -24.66 -45.07 5.40
N ASN L 120 -25.78 -44.68 4.78
CA ASN L 120 -25.82 -43.50 3.94
C ASN L 120 -26.16 -42.23 4.71
N GLY L 121 -26.29 -42.31 6.04
CA GLY L 121 -26.61 -41.14 6.83
C GLY L 121 -28.03 -41.18 7.35
N LEU L 122 -28.60 -40.00 7.62
CA LEU L 122 -29.95 -39.88 8.15
C LEU L 122 -30.87 -39.25 7.11
N THR L 123 -31.98 -39.93 6.82
CA THR L 123 -33.01 -39.39 5.96
C THR L 123 -34.19 -38.81 6.73
N SER L 124 -34.45 -39.33 7.92
CA SER L 124 -35.48 -38.86 8.83
C SER L 124 -34.87 -38.68 10.20
N PRO L 125 -35.45 -37.81 11.04
CA PRO L 125 -34.91 -37.62 12.39
C PRO L 125 -34.90 -38.92 13.18
N LEU L 126 -33.82 -39.11 13.95
CA LEU L 126 -33.64 -40.31 14.75
C LEU L 126 -34.04 -40.01 16.18
N THR L 127 -35.04 -40.72 16.69
CA THR L 127 -35.55 -40.51 18.03
C THR L 127 -35.47 -41.75 18.92
N GLU L 128 -35.59 -42.95 18.36
CA GLU L 128 -35.54 -44.17 19.15
C GLU L 128 -34.13 -44.73 19.12
N PRO L 129 -33.42 -44.77 20.24
CA PRO L 129 -32.07 -45.33 20.26
C PRO L 129 -32.10 -46.85 20.37
N VAL L 130 -30.92 -47.45 20.30
CA VAL L 130 -30.80 -48.90 20.42
C VAL L 130 -30.89 -49.32 21.88
N VAL L 131 -30.12 -48.66 22.75
CA VAL L 131 -30.06 -49.00 24.16
C VAL L 131 -30.08 -47.71 24.97
N VAL L 132 -30.90 -47.70 26.03
CA VAL L 132 -31.00 -46.56 26.94
C VAL L 132 -30.40 -47.00 28.28
N LEU L 133 -29.36 -46.30 28.73
CA LEU L 133 -28.70 -46.58 29.99
C LEU L 133 -29.14 -45.55 31.02
N GLU L 134 -29.85 -46.01 32.05
CA GLU L 134 -30.35 -45.16 33.12
C GLU L 134 -29.75 -45.65 34.44
N GLY L 135 -28.61 -45.08 34.81
CA GLY L 135 -27.96 -45.44 36.06
C GLY L 135 -27.44 -44.24 36.83
N HIS L 136 -27.57 -43.05 36.25
CA HIS L 136 -27.08 -41.83 36.85
C HIS L 136 -28.25 -40.98 37.36
N THR L 137 -28.05 -40.35 38.51
CA THR L 137 -29.05 -39.45 39.08
C THR L 137 -28.87 -38.01 38.66
N LYS L 138 -27.76 -37.67 38.01
CA LYS L 138 -27.50 -36.32 37.52
C LYS L 138 -27.05 -36.40 36.06
N ARG L 139 -26.77 -35.24 35.49
CA ARG L 139 -26.40 -35.17 34.08
C ARG L 139 -25.07 -35.89 33.82
N VAL L 140 -25.00 -36.55 32.68
CA VAL L 140 -23.81 -37.31 32.29
C VAL L 140 -23.07 -36.49 31.24
N GLY L 141 -21.85 -36.07 31.58
CA GLY L 141 -21.05 -35.28 30.67
C GLY L 141 -19.76 -35.97 30.25
N ILE L 142 -19.54 -37.19 30.72
CA ILE L 142 -18.32 -37.94 30.44
C ILE L 142 -18.71 -39.31 29.88
N ILE L 143 -18.16 -39.64 28.71
CA ILE L 143 -18.37 -40.95 28.09
C ILE L 143 -17.05 -41.37 27.44
N ALA L 144 -16.65 -42.63 27.70
CA ALA L 144 -15.44 -43.18 27.10
C ALA L 144 -15.64 -44.65 26.84
N TRP L 145 -15.59 -45.04 25.57
CA TRP L 145 -15.67 -46.45 25.21
C TRP L 145 -14.38 -47.17 25.62
N HIS L 146 -14.50 -48.47 25.84
CA HIS L 146 -13.33 -49.27 26.20
C HIS L 146 -12.46 -49.49 24.97
N PRO L 147 -11.16 -49.22 25.04
CA PRO L 147 -10.31 -49.37 23.85
C PRO L 147 -10.26 -50.78 23.30
N THR L 148 -10.34 -51.80 24.14
CA THR L 148 -10.16 -53.18 23.72
C THR L 148 -11.43 -54.01 23.88
N ALA L 149 -12.03 -54.01 25.06
CA ALA L 149 -13.22 -54.82 25.29
C ALA L 149 -14.39 -54.33 24.44
N ARG L 150 -15.11 -55.28 23.86
CA ARG L 150 -16.21 -54.95 22.97
C ARG L 150 -17.48 -54.60 23.76
N ASN L 151 -18.18 -53.58 23.30
CA ASN L 151 -19.47 -53.17 23.87
C ASN L 151 -19.36 -52.82 25.35
N VAL L 152 -18.22 -52.27 25.76
CA VAL L 152 -18.01 -51.80 27.13
C VAL L 152 -17.90 -50.29 27.09
N LEU L 153 -18.74 -49.62 27.87
CA LEU L 153 -18.84 -48.17 27.85
C LEU L 153 -18.73 -47.63 29.27
N LEU L 154 -18.00 -46.52 29.43
CA LEU L 154 -17.87 -45.84 30.70
C LEU L 154 -18.66 -44.54 30.67
N SER L 155 -19.40 -44.28 31.74
CA SER L 155 -20.15 -43.04 31.88
C SER L 155 -19.92 -42.49 33.27
N ALA L 156 -19.65 -41.18 33.36
CA ALA L 156 -19.41 -40.50 34.63
C ALA L 156 -20.29 -39.25 34.66
N GLY L 157 -21.30 -39.26 35.52
CA GLY L 157 -22.21 -38.14 35.66
C GLY L 157 -21.72 -37.13 36.68
N CYS L 158 -22.59 -36.16 36.96
CA CYS L 158 -22.29 -35.13 37.95
C CYS L 158 -22.57 -35.59 39.38
N ASP L 159 -23.09 -36.79 39.56
CA ASP L 159 -23.28 -37.38 40.88
C ASP L 159 -22.00 -38.00 41.43
N ASN L 160 -20.85 -37.73 40.80
CA ASN L 160 -19.56 -38.26 41.22
C ASN L 160 -19.56 -39.79 41.25
N VAL L 161 -20.24 -40.40 40.27
CA VAL L 161 -20.36 -41.85 40.17
C VAL L 161 -19.92 -42.26 38.77
N VAL L 162 -19.01 -43.23 38.68
CA VAL L 162 -18.52 -43.75 37.42
C VAL L 162 -19.13 -45.15 37.24
N LEU L 163 -19.73 -45.38 36.07
CA LEU L 163 -20.42 -46.62 35.78
C LEU L 163 -19.84 -47.26 34.53
N ILE L 164 -19.69 -48.59 34.57
CA ILE L 164 -19.24 -49.38 33.43
C ILE L 164 -20.45 -50.14 32.90
N TRP L 165 -20.74 -49.96 31.61
CA TRP L 165 -21.93 -50.53 31.00
C TRP L 165 -21.56 -51.57 29.97
N ASN L 166 -22.49 -52.50 29.73
CA ASN L 166 -22.40 -53.49 28.66
C ASN L 166 -23.47 -53.11 27.64
N VAL L 167 -23.05 -52.50 26.53
CA VAL L 167 -24.00 -52.00 25.55
C VAL L 167 -24.82 -53.14 24.93
N GLY L 168 -24.16 -54.28 24.71
CA GLY L 168 -24.86 -55.41 24.08
C GLY L 168 -26.01 -55.93 24.92
N THR L 169 -25.81 -56.03 26.23
CA THR L 169 -26.82 -56.59 27.12
C THR L 169 -27.50 -55.55 28.00
N ALA L 170 -27.17 -54.26 27.83
CA ALA L 170 -27.74 -53.18 28.63
C ALA L 170 -27.52 -53.42 30.13
N GLU L 171 -26.39 -54.01 30.49
CA GLU L 171 -26.09 -54.36 31.87
C GLU L 171 -25.03 -53.43 32.44
N GLU L 172 -25.17 -53.10 33.72
CA GLU L 172 -24.23 -52.26 34.45
C GLU L 172 -23.20 -53.18 35.09
N LEU L 173 -22.01 -53.25 34.47
CA LEU L 173 -20.99 -54.18 34.93
C LEU L 173 -20.44 -53.78 36.30
N TYR L 174 -20.06 -52.51 36.45
CA TYR L 174 -19.44 -52.04 37.68
C TYR L 174 -20.00 -50.69 38.07
N ARG L 175 -19.95 -50.40 39.36
CA ARG L 175 -20.39 -49.12 39.91
C ARG L 175 -19.32 -48.62 40.88
N LEU L 176 -18.78 -47.43 40.60
CA LEU L 176 -17.75 -46.81 41.42
C LEU L 176 -18.31 -45.50 41.95
N ASP L 177 -18.74 -45.49 43.22
CA ASP L 177 -19.39 -44.35 43.83
C ASP L 177 -18.47 -43.64 44.82
N SER L 178 -17.95 -44.36 45.80
CA SER L 178 -17.15 -43.75 46.88
C SER L 178 -15.68 -43.64 46.46
N LEU L 179 -15.46 -42.91 45.37
CA LEU L 179 -14.09 -42.66 44.90
C LEU L 179 -13.83 -41.23 44.47
N HIS L 180 -14.85 -40.41 44.26
CA HIS L 180 -14.67 -39.02 43.84
C HIS L 180 -15.48 -38.11 44.75
N PRO L 181 -14.83 -37.30 45.60
CA PRO L 181 -15.58 -36.44 46.52
C PRO L 181 -16.18 -35.20 45.87
N ASP L 182 -15.78 -34.86 44.64
CA ASP L 182 -16.26 -33.65 43.99
C ASP L 182 -16.50 -33.96 42.52
N LEU L 183 -16.73 -32.90 41.73
CA LEU L 183 -17.07 -33.07 40.33
C LEU L 183 -15.90 -33.67 39.55
N ILE L 184 -16.22 -34.61 38.66
CA ILE L 184 -15.23 -35.25 37.81
C ILE L 184 -15.13 -34.46 36.50
N TYR L 185 -13.90 -34.14 36.11
CA TYR L 185 -13.68 -33.36 34.89
C TYR L 185 -13.64 -34.23 33.64
N ASN L 186 -12.78 -35.24 33.63
CA ASN L 186 -12.68 -36.14 32.49
C ASN L 186 -12.18 -37.50 32.96
N VAL L 187 -12.43 -38.52 32.14
CA VAL L 187 -11.97 -39.88 32.39
C VAL L 187 -11.34 -40.42 31.12
N SER L 188 -10.14 -40.98 31.24
CA SER L 188 -9.42 -41.52 30.11
C SER L 188 -8.90 -42.92 30.44
N TRP L 189 -9.17 -43.88 29.56
CA TRP L 189 -8.64 -45.22 29.72
C TRP L 189 -7.14 -45.24 29.44
N ASN L 190 -6.48 -46.29 29.93
CA ASN L 190 -5.08 -46.50 29.62
C ASN L 190 -4.95 -47.28 28.31
N HIS L 191 -3.75 -47.77 28.01
CA HIS L 191 -3.50 -48.42 26.73
C HIS L 191 -4.34 -49.69 26.59
N ASN L 192 -4.14 -50.65 27.49
CA ASN L 192 -4.82 -51.94 27.39
C ASN L 192 -6.27 -51.89 27.85
N GLY L 193 -6.66 -50.83 28.56
CA GLY L 193 -8.02 -50.71 29.07
C GLY L 193 -8.24 -51.24 30.47
N SER L 194 -7.18 -51.63 31.17
CA SER L 194 -7.34 -52.18 32.52
C SER L 194 -7.48 -51.10 33.58
N LEU L 195 -7.04 -49.87 33.30
CA LEU L 195 -7.11 -48.78 34.26
C LEU L 195 -7.62 -47.53 33.56
N PHE L 196 -8.13 -46.59 34.35
CA PHE L 196 -8.54 -45.30 33.84
C PHE L 196 -8.17 -44.21 34.84
N CYS L 197 -7.73 -43.07 34.33
CA CYS L 197 -7.39 -41.91 35.14
C CYS L 197 -8.50 -40.87 35.05
N SER L 198 -8.62 -40.07 36.10
CA SER L 198 -9.67 -39.06 36.17
C SER L 198 -9.16 -37.84 36.91
N ALA L 199 -9.62 -36.67 36.46
CA ALA L 199 -9.33 -35.40 37.13
C ALA L 199 -10.60 -34.92 37.82
N CYS L 200 -10.47 -34.52 39.08
CA CYS L 200 -11.61 -34.14 39.89
C CYS L 200 -11.47 -32.68 40.33
N LYS L 201 -12.58 -32.12 40.83
CA LYS L 201 -12.61 -30.72 41.22
C LYS L 201 -11.73 -30.44 42.43
N ASP L 202 -11.35 -31.46 43.19
CA ASP L 202 -10.46 -31.29 44.33
C ASP L 202 -8.99 -31.30 43.93
N LYS L 203 -8.69 -31.05 42.67
CA LYS L 203 -7.32 -30.96 42.15
C LYS L 203 -6.55 -32.25 42.35
N SER L 204 -7.24 -33.39 42.31
CA SER L 204 -6.61 -34.69 42.57
C SER L 204 -6.70 -35.57 41.34
N VAL L 205 -5.56 -36.16 40.97
CA VAL L 205 -5.49 -37.14 39.88
C VAL L 205 -5.59 -38.53 40.50
N ARG L 206 -6.51 -39.35 39.99
CA ARG L 206 -6.75 -40.68 40.54
C ARG L 206 -6.63 -41.72 39.45
N ILE L 207 -5.90 -42.79 39.74
CA ILE L 207 -5.81 -43.96 38.87
C ILE L 207 -6.59 -45.07 39.54
N ILE L 208 -7.61 -45.57 38.86
CA ILE L 208 -8.58 -46.48 39.46
C ILE L 208 -8.70 -47.74 38.60
N ASP L 209 -8.70 -48.90 39.25
CA ASP L 209 -8.96 -50.16 38.58
C ASP L 209 -10.45 -50.43 38.63
N PRO L 210 -11.16 -50.43 37.50
CA PRO L 210 -12.62 -50.60 37.56
C PRO L 210 -13.05 -52.01 37.95
N ARG L 211 -12.32 -53.03 37.50
CA ARG L 211 -12.72 -54.40 37.79
C ARG L 211 -12.50 -54.78 39.25
N ARG L 212 -11.66 -54.04 39.97
CA ARG L 212 -11.43 -54.28 41.38
C ARG L 212 -11.97 -53.19 42.28
N GLY L 213 -12.36 -52.04 41.72
CA GLY L 213 -12.92 -50.96 42.52
C GLY L 213 -11.97 -50.35 43.53
N THR L 214 -10.68 -50.40 43.26
CA THR L 214 -9.66 -49.89 44.17
C THR L 214 -8.91 -48.72 43.55
N LEU L 215 -8.37 -47.87 44.41
CA LEU L 215 -7.60 -46.70 44.01
C LEU L 215 -6.14 -47.10 43.91
N VAL L 216 -5.59 -47.07 42.70
CA VAL L 216 -4.20 -47.49 42.49
C VAL L 216 -3.23 -46.41 42.95
N ALA L 217 -3.31 -45.23 42.36
CA ALA L 217 -2.43 -44.13 42.71
C ALA L 217 -3.23 -42.83 42.70
N GLU L 218 -2.88 -41.94 43.62
CA GLU L 218 -3.56 -40.65 43.73
C GLU L 218 -2.53 -39.57 44.02
N ARG L 219 -2.67 -38.43 43.35
CA ARG L 219 -1.83 -37.26 43.55
C ARG L 219 -2.71 -36.09 43.96
N GLU L 220 -2.61 -35.67 45.21
CA GLU L 220 -3.42 -34.56 45.70
C GLU L 220 -2.79 -33.23 45.31
N LYS L 221 -3.64 -32.29 44.91
CA LYS L 221 -3.22 -30.95 44.48
C LYS L 221 -2.18 -31.03 43.35
N ALA L 222 -2.55 -31.75 42.29
CA ALA L 222 -1.69 -31.84 41.11
C ALA L 222 -1.49 -30.47 40.49
N HIS L 223 -2.56 -29.69 40.37
CA HIS L 223 -2.49 -28.30 39.94
C HIS L 223 -3.20 -27.44 40.97
N GLU L 224 -2.51 -26.40 41.45
CA GLU L 224 -3.03 -25.60 42.55
C GLU L 224 -4.19 -24.70 42.15
N GLY L 225 -4.39 -24.48 40.85
CA GLY L 225 -5.46 -23.61 40.41
C GLY L 225 -6.83 -24.22 40.61
N ALA L 226 -7.83 -23.34 40.75
CA ALA L 226 -9.21 -23.76 40.92
C ALA L 226 -9.95 -23.95 39.61
N ARG L 227 -9.34 -23.59 38.48
CA ARG L 227 -9.97 -23.74 37.19
C ARG L 227 -9.97 -25.20 36.76
N PRO L 228 -10.84 -25.57 35.81
CA PRO L 228 -10.92 -26.98 35.39
C PRO L 228 -9.60 -27.48 34.85
N MET L 229 -9.34 -28.77 35.10
CA MET L 229 -8.10 -29.42 34.71
C MET L 229 -8.41 -30.80 34.15
N ARG L 230 -7.50 -31.30 33.31
CA ARG L 230 -7.69 -32.56 32.62
C ARG L 230 -6.57 -33.54 32.97
N ALA L 231 -6.80 -34.81 32.64
CA ALA L 231 -5.82 -35.86 32.90
C ALA L 231 -6.08 -37.00 31.92
N ILE L 232 -5.06 -37.38 31.16
CA ILE L 232 -5.18 -38.45 30.16
C ILE L 232 -4.04 -39.43 30.34
N PHE L 233 -4.26 -40.64 29.85
CA PHE L 233 -3.26 -41.72 29.91
C PHE L 233 -2.47 -41.78 28.62
N LEU L 234 -1.17 -42.03 28.75
CA LEU L 234 -0.28 -42.17 27.60
C LEU L 234 -0.09 -43.64 27.25
N ALA L 235 0.43 -43.88 26.04
CA ALA L 235 0.62 -45.25 25.58
C ALA L 235 1.63 -45.99 26.43
N ASP L 236 2.73 -45.32 26.80
CA ASP L 236 3.76 -45.96 27.60
C ASP L 236 3.35 -46.16 29.05
N GLY L 237 2.27 -45.54 29.50
CA GLY L 237 1.75 -45.73 30.82
C GLY L 237 1.87 -44.56 31.78
N LYS L 238 2.08 -43.35 31.29
CA LYS L 238 2.18 -42.16 32.13
C LYS L 238 0.91 -41.31 31.97
N VAL L 239 0.79 -40.32 32.85
CA VAL L 239 -0.38 -39.45 32.90
C VAL L 239 0.05 -38.04 32.53
N PHE L 240 -0.60 -37.48 31.52
CA PHE L 240 -0.38 -36.10 31.09
C PHE L 240 -1.57 -35.26 31.53
N THR L 241 -1.30 -34.22 32.32
CA THR L 241 -2.35 -33.38 32.88
C THR L 241 -2.15 -31.93 32.50
N THR L 242 -3.25 -31.26 32.20
CA THR L 242 -3.27 -29.83 31.94
C THR L 242 -4.08 -29.13 33.02
N GLY L 243 -3.53 -28.09 33.60
CA GLY L 243 -4.19 -27.42 34.70
C GLY L 243 -3.73 -25.99 34.87
N PHE L 244 -4.10 -25.42 36.01
CA PHE L 244 -3.82 -24.03 36.33
C PHE L 244 -3.00 -23.94 37.61
N SER L 245 -2.27 -22.83 37.75
CA SER L 245 -1.47 -22.57 38.94
C SER L 245 -2.22 -21.62 39.87
N ARG L 246 -1.58 -21.28 40.98
CA ARG L 246 -2.16 -20.31 41.90
C ARG L 246 -2.27 -18.94 41.28
N MET L 247 -1.37 -18.61 40.36
CA MET L 247 -1.40 -17.33 39.65
C MET L 247 -2.24 -17.37 38.38
N SER L 248 -3.14 -18.36 38.28
CA SER L 248 -4.03 -18.51 37.12
C SER L 248 -3.24 -18.63 35.82
N GLU L 249 -2.19 -19.44 35.84
CA GLU L 249 -1.37 -19.72 34.68
C GLU L 249 -1.57 -21.17 34.26
N ARG L 250 -1.91 -21.36 32.99
CA ARG L 250 -2.14 -22.71 32.48
C ARG L 250 -0.83 -23.48 32.41
N GLN L 251 -0.86 -24.74 32.83
CA GLN L 251 0.33 -25.56 32.91
C GLN L 251 0.10 -26.92 32.25
N LEU L 252 1.21 -27.57 31.89
CA LEU L 252 1.22 -28.95 31.45
C LEU L 252 2.14 -29.74 32.36
N ALA L 253 1.68 -30.92 32.80
CA ALA L 253 2.44 -31.73 33.73
C ALA L 253 2.46 -33.18 33.27
N LEU L 254 3.58 -33.85 33.54
CA LEU L 254 3.76 -35.26 33.25
C LEU L 254 3.97 -36.01 34.57
N TRP L 255 3.22 -37.08 34.77
CA TRP L 255 3.22 -37.80 36.04
C TRP L 255 3.59 -39.26 35.81
N ASP L 256 4.39 -39.81 36.73
CA ASP L 256 4.74 -41.21 36.71
C ASP L 256 3.86 -41.95 37.71
N PRO L 257 3.06 -42.93 37.29
CA PRO L 257 2.20 -43.64 38.25
C PRO L 257 2.97 -44.38 39.32
N GLU L 258 4.24 -44.70 39.10
CA GLU L 258 5.06 -45.32 40.12
C GLU L 258 5.74 -44.32 41.05
N ASN L 259 5.67 -43.03 40.72
CA ASN L 259 6.32 -41.99 41.53
C ASN L 259 5.57 -40.68 41.29
N LEU L 260 4.71 -40.31 42.24
CA LEU L 260 3.86 -39.13 42.10
C LEU L 260 4.19 -38.04 43.10
N GLU L 261 5.31 -38.14 43.82
CA GLU L 261 5.68 -37.09 44.75
C GLU L 261 5.94 -35.77 44.03
N GLU L 262 6.63 -35.83 42.88
CA GLU L 262 6.90 -34.66 42.08
C GLU L 262 6.66 -35.01 40.61
N PRO L 263 6.12 -34.07 39.83
CA PRO L 263 5.92 -34.34 38.40
C PRO L 263 7.24 -34.43 37.65
N MET L 264 7.25 -35.25 36.61
CA MET L 264 8.43 -35.34 35.75
C MET L 264 8.69 -34.02 35.04
N ALA L 265 7.63 -33.36 34.56
CA ALA L 265 7.74 -32.08 33.88
C ALA L 265 6.64 -31.16 34.35
N LEU L 266 6.91 -29.86 34.27
CA LEU L 266 5.91 -28.84 34.62
C LEU L 266 6.25 -27.57 33.84
N GLN L 267 5.48 -27.30 32.80
CA GLN L 267 5.71 -26.16 31.92
C GLN L 267 4.48 -25.27 31.92
N GLU L 268 4.71 -23.95 31.88
CA GLU L 268 3.64 -22.96 31.88
C GLU L 268 3.48 -22.41 30.47
N LEU L 269 2.23 -22.36 29.99
CA LEU L 269 1.96 -21.92 28.64
C LEU L 269 1.64 -20.42 28.58
N ASP L 270 0.60 -20.00 29.28
CA ASP L 270 0.17 -18.60 29.28
C ASP L 270 -0.73 -18.38 30.48
N SER L 271 -1.37 -17.21 30.53
CA SER L 271 -2.29 -16.85 31.60
C SER L 271 -3.71 -16.66 31.12
N SER L 272 -4.05 -17.25 29.97
CA SER L 272 -5.40 -17.13 29.44
C SER L 272 -6.36 -18.09 30.14
N ASN L 273 -7.65 -17.82 29.99
CA ASN L 273 -8.69 -18.65 30.57
C ASN L 273 -9.03 -19.81 29.62
N GLY L 274 -10.01 -20.61 30.03
CA GLY L 274 -10.43 -21.73 29.22
C GLY L 274 -9.64 -22.99 29.50
N ALA L 275 -10.34 -24.11 29.71
CA ALA L 275 -9.67 -25.37 30.00
C ALA L 275 -8.93 -25.87 28.77
N LEU L 276 -7.79 -26.50 29.00
CA LEU L 276 -6.97 -27.05 27.92
C LEU L 276 -7.38 -28.50 27.66
N LEU L 277 -7.83 -28.78 26.44
CA LEU L 277 -8.24 -30.12 26.08
C LEU L 277 -7.07 -30.83 25.40
N PRO L 278 -6.49 -31.87 26.00
CA PRO L 278 -5.38 -32.57 25.36
C PRO L 278 -5.83 -33.66 24.40
N PHE L 279 -5.21 -33.71 23.23
CA PHE L 279 -5.47 -34.74 22.23
C PHE L 279 -4.19 -35.53 22.02
N TYR L 280 -4.20 -36.79 22.43
CA TYR L 280 -3.01 -37.63 22.41
C TYR L 280 -3.00 -38.51 21.16
N ASP L 281 -1.84 -38.61 20.54
CA ASP L 281 -1.61 -39.49 19.39
C ASP L 281 -0.59 -40.54 19.77
N PRO L 282 -1.02 -41.76 20.13
CA PRO L 282 -0.05 -42.77 20.58
C PRO L 282 0.97 -43.15 19.53
N ASP L 283 0.61 -43.12 18.25
CA ASP L 283 1.55 -43.51 17.20
C ASP L 283 2.74 -42.55 17.13
N THR L 284 2.48 -41.25 17.22
CA THR L 284 3.52 -40.25 17.12
C THR L 284 3.98 -39.70 18.46
N SER L 285 3.32 -40.10 19.56
CA SER L 285 3.63 -39.59 20.90
C SER L 285 3.59 -38.07 20.94
N VAL L 286 2.60 -37.49 20.27
CA VAL L 286 2.42 -36.05 20.18
C VAL L 286 1.11 -35.68 20.83
N VAL L 287 1.14 -34.72 21.75
CA VAL L 287 -0.04 -34.25 22.46
C VAL L 287 -0.41 -32.89 21.90
N TYR L 288 -1.63 -32.77 21.38
CA TYR L 288 -2.16 -31.52 20.86
C TYR L 288 -3.01 -30.87 21.94
N VAL L 289 -2.63 -29.68 22.37
CA VAL L 289 -3.32 -28.97 23.45
C VAL L 289 -4.20 -27.90 22.81
N CYS L 290 -5.51 -28.04 22.97
CA CYS L 290 -6.48 -27.12 22.38
C CYS L 290 -7.34 -26.56 23.50
N GLY L 291 -7.17 -25.26 23.78
CA GLY L 291 -7.96 -24.62 24.82
C GLY L 291 -9.30 -24.12 24.28
N LYS L 292 -10.32 -24.20 25.12
CA LYS L 292 -11.65 -23.72 24.74
C LYS L 292 -11.64 -22.20 24.69
N GLY L 293 -12.14 -21.64 23.59
CA GLY L 293 -12.12 -20.21 23.37
C GLY L 293 -10.82 -19.67 22.83
N ASP L 294 -9.82 -20.51 22.64
CA ASP L 294 -8.54 -20.09 22.08
C ASP L 294 -8.58 -20.19 20.56
N SER L 295 -7.65 -19.47 19.92
CA SER L 295 -7.53 -19.48 18.47
C SER L 295 -6.28 -20.21 18.00
N SER L 296 -5.57 -20.90 18.89
CA SER L 296 -4.31 -21.55 18.57
C SER L 296 -4.32 -23.00 19.00
N ILE L 297 -3.58 -23.82 18.28
CA ILE L 297 -3.39 -25.24 18.59
C ILE L 297 -1.90 -25.47 18.80
N ARG L 298 -1.54 -25.95 19.98
CA ARG L 298 -0.14 -26.23 20.34
C ARG L 298 0.05 -27.73 20.48
N TYR L 299 1.10 -28.25 19.84
CA TYR L 299 1.43 -29.66 19.91
C TYR L 299 2.78 -29.85 20.59
N PHE L 300 2.85 -30.84 21.47
CA PHE L 300 4.06 -31.16 22.21
C PHE L 300 4.40 -32.63 22.01
N GLU L 301 5.69 -32.94 22.04
CA GLU L 301 6.17 -34.31 21.88
C GLU L 301 6.63 -34.83 23.24
N ILE L 302 6.15 -36.02 23.60
CA ILE L 302 6.49 -36.65 24.87
C ILE L 302 7.51 -37.75 24.59
N THR L 303 8.73 -37.55 25.08
CA THR L 303 9.81 -38.51 24.92
C THR L 303 10.47 -38.76 26.28
N GLU L 304 11.39 -39.73 26.31
CA GLU L 304 12.12 -40.03 27.52
C GLU L 304 13.22 -39.03 27.84
N GLU L 305 13.72 -38.33 26.84
CA GLU L 305 14.75 -37.32 27.07
C GLU L 305 14.15 -36.13 27.83
N PRO L 306 14.84 -35.59 28.82
CA PRO L 306 14.33 -34.43 29.54
C PRO L 306 14.24 -33.23 28.61
N PRO L 307 13.32 -32.29 28.87
CA PRO L 307 12.37 -32.24 30.00
C PRO L 307 11.10 -33.04 29.76
N TYR L 308 11.15 -34.08 28.92
CA TYR L 308 10.07 -35.03 28.71
C TYR L 308 8.85 -34.41 28.05
N ILE L 309 8.88 -33.09 27.84
CA ILE L 309 7.81 -32.37 27.17
C ILE L 309 8.48 -31.32 26.28
N HIS L 310 8.41 -31.51 24.97
CA HIS L 310 9.11 -30.66 24.01
C HIS L 310 8.09 -29.94 23.15
N PHE L 311 8.14 -28.61 23.17
CA PHE L 311 7.25 -27.81 22.34
C PHE L 311 7.70 -27.87 20.89
N LEU L 312 6.81 -28.34 20.02
CA LEU L 312 7.16 -28.49 18.60
C LEU L 312 6.86 -27.22 17.81
N ASN L 313 5.60 -26.80 17.80
CA ASN L 313 5.17 -25.59 17.09
C ASN L 313 3.74 -25.28 17.55
N THR L 314 3.14 -24.26 16.93
CA THR L 314 1.77 -23.88 17.27
C THR L 314 1.07 -23.40 16.00
N PHE L 315 -0.12 -23.95 15.76
CA PHE L 315 -0.96 -23.49 14.66
C PHE L 315 -1.82 -22.33 15.15
N THR L 316 -1.71 -21.19 14.48
CA THR L 316 -2.40 -19.98 14.91
C THR L 316 -3.48 -19.60 13.90
N SER L 317 -4.64 -19.22 14.41
CA SER L 317 -5.75 -18.74 13.61
C SER L 317 -6.31 -17.46 14.24
N LYS L 318 -7.32 -16.88 13.60
CA LYS L 318 -7.93 -15.64 14.06
C LYS L 318 -9.32 -15.84 14.64
N GLU L 319 -9.81 -17.07 14.70
CA GLU L 319 -11.15 -17.35 15.20
C GLU L 319 -11.07 -18.30 16.39
N PRO L 320 -11.71 -17.98 17.51
CA PRO L 320 -11.72 -18.92 18.64
C PRO L 320 -12.52 -20.18 18.32
N GLN L 321 -12.14 -21.27 18.96
CA GLN L 321 -12.78 -22.56 18.74
C GLN L 321 -13.76 -22.86 19.87
N ARG L 322 -14.94 -23.34 19.51
CA ARG L 322 -15.93 -23.77 20.49
C ARG L 322 -15.80 -25.24 20.82
N GLY L 323 -15.30 -26.05 19.89
CA GLY L 323 -15.07 -27.46 20.12
C GLY L 323 -14.05 -27.96 19.11
N MET L 324 -13.68 -29.23 19.26
CA MET L 324 -12.66 -29.80 18.39
C MET L 324 -12.67 -31.31 18.51
N GLY L 325 -12.70 -32.00 17.38
CA GLY L 325 -12.60 -33.45 17.34
C GLY L 325 -11.42 -33.86 16.48
N SER L 326 -10.82 -34.99 16.83
CA SER L 326 -9.64 -35.50 16.14
C SER L 326 -9.99 -36.76 15.36
N MET L 327 -9.63 -36.77 14.09
CA MET L 327 -9.85 -37.95 13.25
C MET L 327 -8.83 -39.02 13.58
N PRO L 328 -9.25 -40.26 13.82
CA PRO L 328 -8.30 -41.34 14.10
C PRO L 328 -7.41 -41.63 12.89
N LYS L 329 -6.41 -42.47 13.14
CA LYS L 329 -5.40 -42.73 12.12
C LYS L 329 -5.98 -43.41 10.88
N ARG L 330 -7.05 -44.20 11.05
CA ARG L 330 -7.60 -44.94 9.93
C ARG L 330 -8.26 -44.03 8.89
N GLY L 331 -8.63 -42.81 9.27
CA GLY L 331 -9.27 -41.89 8.36
C GLY L 331 -8.39 -40.82 7.77
N LEU L 332 -7.09 -40.84 8.07
CA LEU L 332 -6.18 -39.82 7.57
C LEU L 332 -5.68 -40.17 6.17
N GLU L 333 -5.24 -39.14 5.45
CA GLU L 333 -4.67 -39.31 4.11
C GLU L 333 -3.18 -39.60 4.27
N VAL L 334 -2.82 -40.88 4.23
CA VAL L 334 -1.44 -41.28 4.44
C VAL L 334 -0.55 -40.80 3.30
N SER L 335 -1.06 -40.83 2.06
CA SER L 335 -0.26 -40.49 0.90
C SER L 335 0.22 -39.04 0.90
N LYS L 336 -0.42 -38.17 1.70
CA LYS L 336 -0.05 -36.77 1.78
C LYS L 336 0.73 -36.45 3.05
N CYS L 337 1.29 -37.47 3.72
CA CYS L 337 2.06 -37.30 4.95
C CYS L 337 1.26 -36.55 6.01
N GLU L 338 -0.01 -36.91 6.16
CA GLU L 338 -0.89 -36.30 7.14
C GLU L 338 -0.93 -37.17 8.38
N ILE L 339 -0.60 -36.60 9.53
CA ILE L 339 -0.53 -37.34 10.79
C ILE L 339 -1.68 -37.01 11.74
N ALA L 340 -2.43 -35.94 11.48
CA ALA L 340 -3.55 -35.59 12.34
C ALA L 340 -4.49 -34.66 11.58
N ARG L 341 -5.79 -34.82 11.83
CA ARG L 341 -6.80 -33.91 11.29
C ARG L 341 -7.72 -33.51 12.43
N PHE L 342 -7.90 -32.19 12.60
CA PHE L 342 -8.71 -31.65 13.67
C PHE L 342 -9.88 -30.87 13.08
N TYR L 343 -11.09 -31.21 13.52
CA TYR L 343 -12.32 -30.58 13.04
C TYR L 343 -12.65 -29.44 14.01
N LYS L 344 -12.11 -28.26 13.73
CA LYS L 344 -12.29 -27.11 14.60
C LYS L 344 -13.73 -26.61 14.50
N LEU L 345 -14.35 -26.41 15.66
CA LEU L 345 -15.74 -25.98 15.73
C LEU L 345 -15.81 -24.49 16.04
N HIS L 346 -16.39 -23.73 15.12
CA HIS L 346 -16.72 -22.34 15.37
C HIS L 346 -18.14 -22.26 15.94
N GLU L 347 -18.71 -21.06 16.03
CA GLU L 347 -20.08 -20.95 16.52
C GLU L 347 -21.08 -21.42 15.49
N ARG L 348 -20.75 -21.36 14.20
CA ARG L 348 -21.68 -21.78 13.16
C ARG L 348 -20.98 -22.57 12.04
N LYS L 349 -19.78 -23.09 12.28
CA LYS L 349 -19.04 -23.77 11.23
C LYS L 349 -18.07 -24.78 11.84
N CYS L 350 -17.83 -25.85 11.09
CA CYS L 350 -16.83 -26.85 11.44
C CYS L 350 -15.74 -26.83 10.39
N GLU L 351 -14.53 -26.44 10.79
CA GLU L 351 -13.42 -26.28 9.85
C GLU L 351 -12.35 -27.33 10.11
N PRO L 352 -12.23 -28.37 9.27
CA PRO L 352 -11.14 -29.32 9.44
C PRO L 352 -9.78 -28.66 9.27
N ILE L 353 -8.82 -29.11 10.08
CA ILE L 353 -7.45 -28.62 10.04
C ILE L 353 -6.52 -29.82 9.85
N VAL L 354 -5.65 -29.73 8.85
CA VAL L 354 -4.78 -30.84 8.47
C VAL L 354 -3.39 -30.58 9.00
N MET L 355 -2.86 -31.53 9.77
CA MET L 355 -1.49 -31.49 10.25
C MET L 355 -0.64 -32.39 9.35
N THR L 356 0.35 -31.80 8.69
CA THR L 356 1.14 -32.50 7.68
C THR L 356 2.62 -32.42 8.04
N VAL L 357 3.30 -33.57 8.01
CA VAL L 357 4.74 -33.62 8.17
C VAL L 357 5.38 -33.32 6.82
N PRO L 358 6.19 -32.27 6.71
CA PRO L 358 6.80 -31.94 5.41
C PRO L 358 7.86 -32.97 5.03
N ARG L 359 7.68 -33.59 3.85
CA ARG L 359 8.60 -34.60 3.35
C ARG L 359 8.78 -34.41 1.85
N LYS L 360 10.04 -34.47 1.41
CA LYS L 360 10.31 -34.36 -0.02
C LYS L 360 9.76 -35.55 -0.80
N SER L 361 9.96 -36.76 -0.27
CA SER L 361 9.56 -37.96 -0.97
C SER L 361 8.04 -38.08 -1.02
N ASP L 362 7.53 -38.60 -2.14
CA ASP L 362 6.11 -38.84 -2.33
C ASP L 362 5.72 -40.27 -2.02
N LEU L 363 6.66 -41.09 -1.54
CA LEU L 363 6.39 -42.49 -1.26
C LEU L 363 5.83 -42.65 0.15
N PHE L 364 5.51 -43.89 0.53
CA PHE L 364 5.00 -44.17 1.85
C PHE L 364 6.11 -44.01 2.89
N GLN L 365 5.79 -43.30 3.98
CA GLN L 365 6.75 -43.05 5.05
C GLN L 365 6.51 -44.07 6.16
N ASP L 366 7.41 -45.06 6.25
CA ASP L 366 7.27 -46.10 7.25
C ASP L 366 7.40 -45.54 8.67
N ASP L 367 8.34 -44.62 8.88
CA ASP L 367 8.59 -44.10 10.22
C ASP L 367 7.42 -43.26 10.72
N LEU L 368 6.73 -42.55 9.83
CA LEU L 368 5.64 -41.68 10.26
C LEU L 368 4.39 -42.48 10.63
N TYR L 369 4.21 -43.66 10.04
CA TYR L 369 2.99 -44.45 10.21
C TYR L 369 3.35 -45.85 10.69
N PRO L 370 3.51 -46.05 12.00
CA PRO L 370 3.63 -47.41 12.53
C PRO L 370 2.28 -48.10 12.56
N ASP L 371 2.23 -49.32 13.10
CA ASP L 371 0.97 -50.05 13.19
C ASP L 371 0.04 -49.36 14.18
N THR L 372 -1.21 -49.14 13.77
CA THR L 372 -2.20 -48.45 14.58
C THR L 372 -3.32 -49.41 14.97
N ALA L 373 -4.01 -49.06 16.05
CA ALA L 373 -5.11 -49.89 16.53
C ALA L 373 -6.22 -49.95 15.49
N GLY L 374 -6.70 -51.17 15.23
CA GLY L 374 -7.71 -51.39 14.21
C GLY L 374 -9.11 -51.35 14.76
N PRO L 375 -10.10 -51.49 13.88
CA PRO L 375 -11.50 -51.47 14.31
C PRO L 375 -12.02 -52.81 14.83
N GLU L 376 -11.13 -53.76 15.12
CA GLU L 376 -11.53 -55.08 15.60
C GLU L 376 -11.19 -55.19 17.09
N ALA L 377 -12.19 -55.55 17.89
CA ALA L 377 -11.99 -55.66 19.33
C ALA L 377 -11.08 -56.83 19.67
N ALA L 378 -10.30 -56.65 20.74
CA ALA L 378 -9.39 -57.70 21.19
C ALA L 378 -10.14 -58.73 22.04
N LEU L 379 -10.89 -58.27 23.03
CA LEU L 379 -11.65 -59.14 23.92
C LEU L 379 -13.14 -58.80 23.80
N GLU L 380 -13.94 -59.43 24.65
CA GLU L 380 -15.37 -59.17 24.75
C GLU L 380 -15.71 -58.76 26.17
N ALA L 381 -16.96 -58.31 26.36
CA ALA L 381 -17.38 -57.85 27.68
C ALA L 381 -17.32 -58.96 28.71
N GLU L 382 -17.77 -60.17 28.34
CA GLU L 382 -17.72 -61.29 29.28
C GLU L 382 -16.28 -61.67 29.60
N GLU L 383 -15.40 -61.66 28.60
CA GLU L 383 -14.01 -62.04 28.83
C GLU L 383 -13.28 -60.98 29.65
N TRP L 384 -13.57 -59.71 29.41
CA TRP L 384 -12.89 -58.63 30.13
C TRP L 384 -13.25 -58.61 31.60
N VAL L 385 -14.49 -58.97 31.95
CA VAL L 385 -14.91 -58.97 33.34
C VAL L 385 -14.13 -60.00 34.14
N SER L 386 -13.83 -61.16 33.54
CA SER L 386 -13.10 -62.20 34.24
C SER L 386 -11.70 -61.75 34.65
N GLY L 387 -11.12 -60.81 33.90
CA GLY L 387 -9.81 -60.29 34.25
C GLY L 387 -8.79 -60.38 33.13
N ARG L 388 -9.25 -60.72 31.93
CA ARG L 388 -8.35 -60.81 30.78
C ARG L 388 -7.92 -59.43 30.32
N ASP L 389 -6.64 -59.31 29.95
CA ASP L 389 -6.07 -58.06 29.45
C ASP L 389 -5.40 -58.34 28.13
N ALA L 390 -5.72 -57.52 27.11
CA ALA L 390 -5.13 -57.67 25.79
C ALA L 390 -4.87 -56.30 25.19
N ASP L 391 -3.84 -56.22 24.36
CA ASP L 391 -3.53 -54.99 23.64
C ASP L 391 -4.44 -54.85 22.43
N PRO L 392 -4.69 -53.62 21.98
CA PRO L 392 -5.52 -53.43 20.78
C PRO L 392 -4.91 -54.09 19.56
N ILE L 393 -5.76 -54.62 18.69
CA ILE L 393 -5.30 -55.26 17.47
C ILE L 393 -4.75 -54.20 16.53
N LEU L 394 -3.53 -54.42 16.04
CA LEU L 394 -2.85 -53.44 15.20
C LEU L 394 -3.01 -53.78 13.73
N ILE L 395 -3.26 -52.77 12.92
CA ILE L 395 -3.39 -52.91 11.48
C ILE L 395 -2.29 -52.10 10.80
N SER L 396 -2.19 -52.25 9.49
CA SER L 396 -1.17 -51.58 8.69
C SER L 396 -1.81 -50.47 7.87
N LEU L 397 -1.17 -49.30 7.88
CA LEU L 397 -1.64 -48.14 7.12
C LEU L 397 -1.05 -48.06 5.73
N ARG L 398 -0.21 -49.02 5.33
CA ARG L 398 0.39 -48.98 4.00
C ARG L 398 -0.66 -49.18 2.92
N GLU L 399 -1.66 -50.03 3.16
CA GLU L 399 -2.70 -50.27 2.17
C GLU L 399 -3.49 -49.02 1.83
N ALA L 400 -3.52 -48.04 2.72
CA ALA L 400 -4.22 -46.79 2.46
C ALA L 400 -3.47 -45.88 1.50
N TYR L 401 -2.20 -46.18 1.20
CA TYR L 401 -1.43 -45.36 0.28
C TYR L 401 -1.98 -45.49 -1.14
N VAL L 402 -2.05 -44.36 -1.84
CA VAL L 402 -2.54 -44.34 -3.21
C VAL L 402 -1.45 -43.89 -4.16
N LYS M 10 -29.55 27.62 -27.05
CA LYS M 10 -30.08 26.74 -28.09
C LYS M 10 -30.21 25.31 -27.60
N VAL M 11 -29.23 24.88 -26.79
CA VAL M 11 -29.26 23.53 -26.23
C VAL M 11 -30.43 23.37 -25.28
N VAL M 12 -30.70 24.38 -24.46
CA VAL M 12 -31.74 24.33 -23.44
C VAL M 12 -32.75 25.43 -23.73
N ARG M 13 -34.04 25.08 -23.66
CA ARG M 13 -35.10 26.06 -23.84
C ARG M 13 -34.97 27.19 -22.81
N GLN M 14 -35.04 28.42 -23.28
CA GLN M 14 -34.83 29.57 -22.41
C GLN M 14 -36.01 29.71 -21.46
N SER M 15 -35.74 29.64 -20.17
CA SER M 15 -36.78 29.76 -19.15
C SER M 15 -36.15 30.21 -17.84
N LYS M 16 -36.99 30.77 -16.98
CA LYS M 16 -36.57 31.22 -15.66
C LYS M 16 -37.02 30.29 -14.54
N PHE M 17 -37.91 29.34 -14.83
CA PHE M 17 -38.50 28.49 -13.81
C PHE M 17 -38.20 27.01 -14.03
N ARG M 18 -37.13 26.71 -14.78
CA ARG M 18 -36.77 25.31 -15.02
C ARG M 18 -36.23 24.63 -13.77
N HIS M 19 -35.79 25.39 -12.77
CA HIS M 19 -35.20 24.84 -11.56
C HIS M 19 -35.99 25.23 -10.32
N VAL M 20 -37.28 25.52 -10.47
CA VAL M 20 -38.13 25.83 -9.33
C VAL M 20 -38.34 24.56 -8.51
N PHE M 21 -38.11 24.66 -7.20
CA PHE M 21 -38.25 23.53 -6.30
C PHE M 21 -39.23 23.87 -5.19
N GLY M 22 -39.96 22.85 -4.73
CA GLY M 22 -40.92 23.01 -3.66
C GLY M 22 -40.32 22.58 -2.32
N GLN M 23 -40.68 23.31 -1.27
CA GLN M 23 -40.17 23.03 0.06
C GLN M 23 -41.28 23.22 1.10
N PRO M 24 -41.79 22.15 1.69
CA PRO M 24 -42.81 22.30 2.73
C PRO M 24 -42.25 23.05 3.94
N VAL M 25 -43.11 23.84 4.57
CA VAL M 25 -42.72 24.64 5.73
C VAL M 25 -42.49 23.72 6.92
N LYS M 26 -41.88 24.26 7.98
CA LYS M 26 -41.59 23.47 9.17
C LYS M 26 -42.89 23.05 9.86
N ASN M 27 -42.75 22.11 10.80
CA ASN M 27 -43.92 21.56 11.48
C ASN M 27 -44.66 22.62 12.28
N ASP M 28 -43.94 23.56 12.88
CA ASP M 28 -44.58 24.61 13.67
C ASP M 28 -45.32 25.63 12.83
N GLN M 29 -45.14 25.63 11.51
CA GLN M 29 -45.80 26.56 10.62
C GLN M 29 -47.02 25.95 9.91
N CYS M 30 -47.41 24.74 10.28
CA CYS M 30 -48.54 24.06 9.68
C CYS M 30 -49.78 24.24 10.54
N TYR M 31 -50.90 23.68 10.07
CA TYR M 31 -52.19 23.75 10.76
C TYR M 31 -52.68 22.34 10.98
N GLU M 32 -52.68 21.89 12.23
CA GLU M 32 -53.05 20.52 12.59
C GLU M 32 -54.41 20.51 13.28
N ASP M 33 -54.89 19.30 13.56
CA ASP M 33 -56.16 19.07 14.26
C ASP M 33 -57.32 19.75 13.54
N ILE M 34 -57.36 19.58 12.22
CA ILE M 34 -58.42 20.11 11.39
C ILE M 34 -59.19 18.94 10.79
N ARG M 35 -60.49 18.88 11.05
CA ARG M 35 -61.33 17.80 10.53
C ARG M 35 -61.75 18.16 9.10
N VAL M 36 -60.86 17.83 8.16
CA VAL M 36 -61.11 18.17 6.76
C VAL M 36 -62.36 17.46 6.26
N SER M 37 -63.06 18.09 5.32
CA SER M 37 -64.34 17.58 4.85
C SER M 37 -64.18 16.24 4.13
N ARG M 38 -65.23 15.44 4.20
CA ARG M 38 -65.28 14.11 3.61
C ARG M 38 -66.31 14.04 2.49
N VAL M 39 -66.36 15.07 1.65
CA VAL M 39 -67.31 15.16 0.56
C VAL M 39 -66.63 14.69 -0.72
N THR M 40 -67.31 13.83 -1.47
CA THR M 40 -66.77 13.30 -2.71
C THR M 40 -66.64 14.35 -3.82
N TRP M 41 -67.24 15.53 -3.63
CA TRP M 41 -67.15 16.58 -4.64
C TRP M 41 -65.70 16.97 -4.87
N ASP M 42 -65.31 17.11 -6.14
CA ASP M 42 -63.92 17.35 -6.52
C ASP M 42 -63.67 18.85 -6.67
N SER M 43 -63.47 19.49 -5.53
CA SER M 43 -63.13 20.90 -5.46
C SER M 43 -61.80 21.08 -4.73
N THR M 44 -61.38 22.34 -4.59
CA THR M 44 -60.10 22.63 -3.96
C THR M 44 -60.13 22.44 -2.45
N PHE M 45 -61.31 22.55 -1.83
CA PHE M 45 -61.50 22.35 -0.40
C PHE M 45 -60.74 23.38 0.43
N CYS M 46 -60.13 24.36 -0.22
CA CYS M 46 -59.33 25.36 0.48
C CYS M 46 -59.33 26.66 -0.30
N ALA M 47 -59.34 27.77 0.44
CA ALA M 47 -59.25 29.10 -0.14
C ALA M 47 -58.44 29.97 0.80
N VAL M 48 -57.40 30.63 0.28
CA VAL M 48 -56.48 31.40 1.08
C VAL M 48 -56.26 32.76 0.44
N ASN M 49 -56.22 33.80 1.28
CA ASN M 49 -55.88 35.16 0.90
C ASN M 49 -54.76 35.63 1.80
N PRO M 50 -54.13 36.78 1.48
CA PRO M 50 -53.02 37.25 2.33
C PRO M 50 -53.39 37.53 3.78
N LYS M 51 -54.66 37.35 4.15
CA LYS M 51 -55.13 37.61 5.50
C LYS M 51 -55.55 36.34 6.25
N PHE M 52 -56.42 35.52 5.68
CA PHE M 52 -56.98 34.38 6.37
C PHE M 52 -56.76 33.11 5.56
N LEU M 53 -57.08 31.97 6.18
CA LEU M 53 -57.06 30.67 5.54
C LEU M 53 -58.40 29.99 5.78
N ALA M 54 -59.06 29.58 4.69
CA ALA M 54 -60.36 28.95 4.76
C ALA M 54 -60.27 27.50 4.29
N VAL M 55 -60.71 26.58 5.13
CA VAL M 55 -60.70 25.15 4.83
C VAL M 55 -62.09 24.59 5.11
N ILE M 56 -62.64 23.85 4.15
CA ILE M 56 -63.92 23.19 4.35
C ILE M 56 -63.74 22.04 5.33
N VAL M 57 -64.57 21.99 6.37
CA VAL M 57 -64.41 21.02 7.44
C VAL M 57 -65.65 20.14 7.52
N GLU M 58 -65.49 19.00 8.21
CA GLU M 58 -66.58 18.07 8.43
C GLU M 58 -67.35 18.46 9.68
N ALA M 59 -68.67 18.53 9.55
CA ALA M 59 -69.55 18.87 10.65
C ALA M 59 -70.59 17.75 10.84
N SER M 60 -70.98 17.55 12.10
CA SER M 60 -71.98 16.53 12.41
C SER M 60 -73.32 16.89 11.75
N GLY M 61 -73.69 18.15 11.80
CA GLY M 61 -74.92 18.61 11.18
C GLY M 61 -74.67 19.82 10.31
N GLY M 62 -75.37 19.87 9.18
CA GLY M 62 -75.18 20.98 8.26
C GLY M 62 -73.80 20.97 7.64
N GLY M 63 -73.33 22.17 7.30
CA GLY M 63 -72.00 22.31 6.73
C GLY M 63 -71.31 23.54 7.28
N ALA M 64 -69.99 23.49 7.30
CA ALA M 64 -69.19 24.58 7.83
C ALA M 64 -67.80 24.53 7.22
N PHE M 65 -67.11 25.66 7.27
CA PHE M 65 -65.72 25.75 6.86
C PHE M 65 -64.95 26.56 7.89
N LEU M 66 -63.70 26.20 8.10
CA LEU M 66 -62.87 26.79 9.14
C LEU M 66 -62.08 27.97 8.56
N VAL M 67 -62.33 29.16 9.10
CA VAL M 67 -61.59 30.36 8.72
C VAL M 67 -60.74 30.78 9.91
N LEU M 68 -59.43 30.75 9.74
CA LEU M 68 -58.49 31.09 10.79
C LEU M 68 -57.41 32.00 10.24
N PRO M 69 -56.86 32.89 11.06
CA PRO M 69 -55.79 33.77 10.58
C PRO M 69 -54.54 32.99 10.23
N LEU M 70 -53.75 33.56 9.31
CA LEU M 70 -52.52 32.90 8.88
C LEU M 70 -51.53 32.74 10.02
N SER M 71 -51.56 33.64 11.01
CA SER M 71 -50.66 33.55 12.15
C SER M 71 -51.04 32.44 13.11
N LYS M 72 -52.27 31.95 13.05
CA LYS M 72 -52.74 30.90 13.96
C LYS M 72 -52.31 29.54 13.40
N THR M 73 -51.05 29.23 13.64
CA THR M 73 -50.47 27.96 13.20
C THR M 73 -50.51 26.96 14.34
N GLY M 74 -49.88 25.79 14.14
CA GLY M 74 -49.88 24.77 15.16
C GLY M 74 -51.22 24.05 15.25
N ARG M 75 -51.40 23.34 16.35
CA ARG M 75 -52.63 22.60 16.59
C ARG M 75 -53.79 23.56 16.78
N ILE M 76 -54.92 23.25 16.14
CA ILE M 76 -56.13 24.06 16.23
C ILE M 76 -57.10 23.39 17.19
N ASP M 77 -57.68 24.18 18.09
CA ASP M 77 -58.62 23.63 19.06
C ASP M 77 -59.81 22.99 18.35
N LYS M 78 -60.26 21.85 18.88
CA LYS M 78 -61.39 21.16 18.29
C LYS M 78 -62.67 21.98 18.38
N ALA M 79 -62.77 22.85 19.38
CA ALA M 79 -63.92 23.72 19.56
C ALA M 79 -63.70 25.11 18.98
N TYR M 80 -62.80 25.25 18.02
CA TYR M 80 -62.56 26.53 17.39
C TYR M 80 -63.81 26.98 16.63
N PRO M 81 -64.21 28.24 16.74
CA PRO M 81 -65.42 28.70 16.05
C PRO M 81 -65.26 28.61 14.54
N THR M 82 -66.26 28.02 13.89
CA THR M 82 -66.30 27.88 12.44
C THR M 82 -67.44 28.70 11.86
N VAL M 83 -67.51 28.72 10.55
CA VAL M 83 -68.57 29.42 9.83
C VAL M 83 -69.63 28.36 9.51
N CYS M 84 -70.55 28.16 10.44
CA CYS M 84 -71.57 27.12 10.35
C CYS M 84 -72.94 27.80 10.20
N GLY M 85 -73.31 28.08 8.95
CA GLY M 85 -74.62 28.65 8.68
C GLY M 85 -75.42 27.81 7.71
N HIS M 86 -74.73 27.02 6.89
CA HIS M 86 -75.40 26.18 5.92
C HIS M 86 -76.07 24.99 6.60
N THR M 87 -77.22 24.59 6.07
CA THR M 87 -77.89 23.39 6.53
C THR M 87 -77.41 22.13 5.81
N GLY M 88 -76.55 22.28 4.81
CA GLY M 88 -75.96 21.15 4.12
C GLY M 88 -74.46 21.31 4.00
N PRO M 89 -73.76 20.23 3.68
CA PRO M 89 -72.29 20.29 3.59
C PRO M 89 -71.83 21.31 2.56
N VAL M 90 -70.77 22.03 2.90
CA VAL M 90 -70.21 23.06 2.03
C VAL M 90 -69.38 22.40 0.96
N LEU M 91 -69.57 22.84 -0.29
CA LEU M 91 -68.88 22.26 -1.43
C LEU M 91 -67.72 23.11 -1.93
N ASP M 92 -67.90 24.42 -2.03
CA ASP M 92 -66.87 25.30 -2.58
C ASP M 92 -66.81 26.59 -1.77
N ILE M 93 -65.61 27.16 -1.69
CA ILE M 93 -65.39 28.44 -1.04
C ILE M 93 -64.41 29.25 -1.88
N ASP M 94 -64.57 30.57 -1.88
CA ASP M 94 -63.72 31.44 -2.65
C ASP M 94 -63.69 32.83 -2.01
N TRP M 95 -62.49 33.33 -1.73
CA TRP M 95 -62.34 34.66 -1.17
C TRP M 95 -62.61 35.72 -2.23
N CYS M 96 -63.16 36.85 -1.78
CA CYS M 96 -63.39 37.96 -2.69
C CYS M 96 -62.06 38.63 -3.04
N PRO M 97 -61.72 38.75 -4.33
CA PRO M 97 -60.44 39.37 -4.69
C PRO M 97 -60.34 40.83 -4.28
N HIS M 98 -61.46 41.55 -4.19
CA HIS M 98 -61.46 42.97 -3.86
C HIS M 98 -61.74 43.23 -2.39
N ASN M 99 -61.86 42.18 -1.57
CA ASN M 99 -62.10 42.34 -0.14
C ASN M 99 -61.57 41.11 0.57
N ASP M 100 -60.53 41.30 1.39
CA ASP M 100 -59.89 40.20 2.09
C ASP M 100 -60.74 39.63 3.22
N GLU M 101 -61.84 40.29 3.59
CA GLU M 101 -62.69 39.84 4.68
C GLU M 101 -64.03 39.30 4.19
N VAL M 102 -64.22 39.12 2.89
CA VAL M 102 -65.46 38.64 2.32
C VAL M 102 -65.19 37.33 1.60
N ILE M 103 -65.97 36.30 1.94
CA ILE M 103 -65.83 34.98 1.35
C ILE M 103 -67.21 34.42 1.05
N ALA M 104 -67.34 33.76 -0.09
CA ALA M 104 -68.59 33.12 -0.51
C ALA M 104 -68.45 31.61 -0.43
N SER M 105 -69.55 30.95 -0.09
CA SER M 105 -69.55 29.49 0.06
C SER M 105 -70.79 28.91 -0.59
N GLY M 106 -70.60 27.81 -1.30
CA GLY M 106 -71.70 27.03 -1.87
C GLY M 106 -71.83 25.71 -1.13
N SER M 107 -73.06 25.29 -0.89
CA SER M 107 -73.32 24.10 -0.09
C SER M 107 -74.37 23.25 -0.80
N GLU M 108 -74.72 22.13 -0.15
CA GLU M 108 -75.70 21.20 -0.70
C GLU M 108 -77.13 21.62 -0.43
N ASP M 109 -77.36 22.70 0.32
CA ASP M 109 -78.69 23.21 0.58
C ASP M 109 -79.22 24.09 -0.55
N CYS M 110 -78.53 24.11 -1.70
CA CYS M 110 -78.94 24.87 -2.88
C CYS M 110 -78.96 26.37 -2.61
N THR M 111 -78.11 26.84 -1.71
CA THR M 111 -77.99 28.27 -1.42
C THR M 111 -76.52 28.67 -1.49
N VAL M 112 -76.30 29.95 -1.81
CA VAL M 112 -74.96 30.55 -1.82
C VAL M 112 -74.97 31.69 -0.80
N MET M 113 -74.03 31.63 0.14
CA MET M 113 -73.97 32.57 1.25
C MET M 113 -72.66 33.34 1.21
N VAL M 114 -72.75 34.66 1.41
CA VAL M 114 -71.59 35.54 1.45
C VAL M 114 -71.39 35.98 2.90
N TRP M 115 -70.17 35.82 3.40
CA TRP M 115 -69.86 36.06 4.79
C TRP M 115 -68.90 37.24 4.93
N GLN M 116 -68.89 37.82 6.13
CA GLN M 116 -67.98 38.91 6.47
C GLN M 116 -67.17 38.48 7.69
N ILE M 117 -65.88 38.25 7.48
CA ILE M 117 -64.99 37.78 8.54
C ILE M 117 -64.42 38.98 9.28
N PRO M 118 -64.46 38.99 10.61
CA PRO M 118 -63.85 40.09 11.36
C PRO M 118 -62.34 40.13 11.16
N GLU M 119 -61.76 41.30 11.50
CA GLU M 119 -60.35 41.52 11.24
C GLU M 119 -59.46 40.54 12.01
N ASN M 120 -59.79 40.28 13.27
CA ASN M 120 -58.99 39.40 14.11
C ASN M 120 -59.42 37.95 14.05
N GLY M 121 -60.38 37.62 13.20
CA GLY M 121 -60.87 36.26 13.08
C GLY M 121 -62.21 36.05 13.72
N LEU M 122 -62.47 34.80 14.10
CA LEU M 122 -63.73 34.39 14.70
C LEU M 122 -63.53 34.15 16.20
N THR M 123 -64.35 34.80 17.02
CA THR M 123 -64.39 34.54 18.45
C THR M 123 -65.56 33.65 18.85
N SER M 124 -66.67 33.72 18.13
CA SER M 124 -67.83 32.89 18.31
C SER M 124 -68.24 32.32 16.96
N PRO M 125 -68.94 31.19 16.95
CA PRO M 125 -69.36 30.61 15.67
C PRO M 125 -70.22 31.58 14.87
N LEU M 126 -69.96 31.64 13.57
CA LEU M 126 -70.67 32.54 12.66
C LEU M 126 -71.81 31.76 12.01
N THR M 127 -73.04 32.15 12.34
CA THR M 127 -74.22 31.49 11.79
C THR M 127 -74.99 32.35 10.79
N GLU M 128 -74.88 33.68 10.87
CA GLU M 128 -75.63 34.46 9.91
C GLU M 128 -74.71 35.00 8.81
N PRO M 129 -75.15 34.95 7.56
CA PRO M 129 -74.35 35.52 6.47
C PRO M 129 -74.76 36.96 6.16
N VAL M 130 -73.98 37.64 5.33
CA VAL M 130 -74.35 38.98 4.89
C VAL M 130 -75.54 38.92 3.94
N VAL M 131 -75.54 37.98 3.01
CA VAL M 131 -76.60 37.86 2.01
C VAL M 131 -76.70 36.39 1.60
N VAL M 132 -77.93 35.91 1.45
CA VAL M 132 -78.20 34.55 1.00
C VAL M 132 -78.67 34.63 -0.44
N LEU M 133 -77.99 33.91 -1.33
CA LEU M 133 -78.34 33.87 -2.74
C LEU M 133 -79.05 32.55 -3.02
N GLU M 134 -80.36 32.61 -3.24
CA GLU M 134 -81.20 31.44 -3.46
C GLU M 134 -81.73 31.50 -4.88
N GLY M 135 -81.03 30.85 -5.81
CA GLY M 135 -81.46 30.81 -7.19
C GLY M 135 -81.24 29.47 -7.84
N HIS M 136 -80.75 28.50 -7.08
CA HIS M 136 -80.44 27.16 -7.57
C HIS M 136 -81.39 26.15 -6.96
N THR M 137 -81.76 25.15 -7.78
CA THR M 137 -82.63 24.07 -7.32
C THR M 137 -81.85 22.85 -6.83
N LYS M 138 -80.57 22.75 -7.15
CA LYS M 138 -79.72 21.65 -6.71
C LYS M 138 -78.50 22.21 -6.00
N ARG M 139 -77.61 21.31 -5.56
CA ARG M 139 -76.44 21.74 -4.80
C ARG M 139 -75.51 22.59 -5.66
N VAL M 140 -74.91 23.60 -5.03
CA VAL M 140 -74.01 24.53 -5.70
C VAL M 140 -72.59 24.18 -5.28
N GLY M 141 -71.74 23.87 -6.25
CA GLY M 141 -70.37 23.48 -5.96
C GLY M 141 -69.33 24.26 -6.73
N ILE M 142 -69.76 25.28 -7.48
CA ILE M 142 -68.87 26.11 -8.27
C ILE M 142 -69.16 27.57 -7.93
N ILE M 143 -68.22 28.23 -7.26
CA ILE M 143 -68.31 29.65 -6.95
C ILE M 143 -67.09 30.33 -7.55
N ALA M 144 -67.32 31.42 -8.29
CA ALA M 144 -66.23 32.14 -8.94
C ALA M 144 -66.54 33.63 -8.93
N TRP M 145 -65.72 34.41 -8.22
CA TRP M 145 -65.87 35.85 -8.22
C TRP M 145 -65.41 36.45 -9.55
N HIS M 146 -65.95 37.61 -9.88
CA HIS M 146 -65.53 38.30 -11.09
C HIS M 146 -64.17 38.96 -10.86
N PRO M 147 -63.20 38.76 -11.75
CA PRO M 147 -61.86 39.31 -11.53
C PRO M 147 -61.82 40.83 -11.44
N THR M 148 -62.68 41.53 -12.19
CA THR M 148 -62.61 42.99 -12.26
C THR M 148 -63.84 43.66 -11.67
N ALA M 149 -65.04 43.27 -12.10
CA ALA M 149 -66.26 43.92 -11.61
C ALA M 149 -66.46 43.64 -10.13
N ARG M 150 -66.85 44.68 -9.39
CA ARG M 150 -67.02 44.56 -7.95
C ARG M 150 -68.36 43.91 -7.61
N ASN M 151 -68.35 43.05 -6.59
CA ASN M 151 -69.55 42.42 -6.06
C ASN M 151 -70.31 41.61 -7.12
N VAL M 152 -69.59 41.07 -8.09
CA VAL M 152 -70.17 40.22 -9.12
C VAL M 152 -69.68 38.80 -8.88
N LEU M 153 -70.63 37.86 -8.76
CA LEU M 153 -70.33 36.49 -8.37
C LEU M 153 -70.99 35.53 -9.34
N LEU M 154 -70.27 34.46 -9.67
CA LEU M 154 -70.78 33.39 -10.52
C LEU M 154 -70.99 32.15 -9.67
N SER M 155 -72.18 31.55 -9.78
CA SER M 155 -72.51 30.33 -9.09
C SER M 155 -73.09 29.33 -10.06
N ALA M 156 -72.57 28.11 -10.06
CA ALA M 156 -73.04 27.04 -10.92
C ALA M 156 -73.38 25.83 -10.07
N GLY M 157 -74.60 25.31 -10.24
CA GLY M 157 -75.07 24.18 -9.48
C GLY M 157 -75.21 22.93 -10.32
N CYS M 158 -75.68 21.86 -9.66
CA CYS M 158 -75.90 20.59 -10.35
C CYS M 158 -77.11 20.62 -11.26
N ASP M 159 -77.93 21.67 -11.20
CA ASP M 159 -79.05 21.85 -12.12
C ASP M 159 -78.61 22.34 -13.49
N ASN M 160 -77.30 22.37 -13.76
CA ASN M 160 -76.75 22.80 -15.05
C ASN M 160 -77.16 24.24 -15.38
N VAL M 161 -77.26 25.08 -14.35
CA VAL M 161 -77.63 26.48 -14.51
C VAL M 161 -76.53 27.35 -13.93
N VAL M 162 -76.06 28.32 -14.71
CA VAL M 162 -75.03 29.26 -14.28
C VAL M 162 -75.68 30.60 -14.01
N LEU M 163 -75.44 31.15 -12.82
CA LEU M 163 -76.06 32.38 -12.38
C LEU M 163 -74.99 33.43 -12.07
N ILE M 164 -75.25 34.66 -12.50
CA ILE M 164 -74.41 35.81 -12.18
C ILE M 164 -75.13 36.63 -11.12
N TRP M 165 -74.48 36.84 -9.99
CA TRP M 165 -75.09 37.50 -8.84
C TRP M 165 -74.48 38.87 -8.60
N ASN M 166 -75.22 39.69 -7.87
CA ASN M 166 -74.75 41.00 -7.38
C ASN M 166 -74.76 40.92 -5.86
N VAL M 167 -73.57 40.79 -5.27
CA VAL M 167 -73.47 40.59 -3.82
C VAL M 167 -74.03 41.78 -3.06
N GLY M 168 -73.70 42.99 -3.51
CA GLY M 168 -74.13 44.18 -2.79
C GLY M 168 -75.63 44.37 -2.79
N THR M 169 -76.29 44.09 -3.91
CA THR M 169 -77.71 44.32 -4.06
C THR M 169 -78.54 43.03 -4.02
N ALA M 170 -77.91 41.87 -3.85
CA ALA M 170 -78.61 40.59 -3.78
C ALA M 170 -79.50 40.37 -5.01
N GLU M 171 -78.98 40.72 -6.19
CA GLU M 171 -79.72 40.63 -7.43
C GLU M 171 -79.10 39.58 -8.35
N GLU M 172 -79.94 38.91 -9.12
CA GLU M 172 -79.51 37.92 -10.10
C GLU M 172 -79.40 38.64 -11.44
N LEU M 173 -78.16 38.98 -11.82
CA LEU M 173 -77.93 39.76 -13.04
C LEU M 173 -78.28 38.95 -14.29
N TYR M 174 -77.79 37.71 -14.36
CA TYR M 174 -78.00 36.87 -15.53
C TYR M 174 -78.35 35.46 -15.10
N ARG M 175 -79.05 34.75 -15.98
CA ARG M 175 -79.47 33.38 -15.74
C ARG M 175 -79.30 32.59 -17.03
N LEU M 176 -78.40 31.61 -17.03
CA LEU M 176 -78.12 30.80 -18.19
C LEU M 176 -78.49 29.36 -17.86
N ASP M 177 -79.44 28.79 -18.59
CA ASP M 177 -80.01 27.49 -18.29
C ASP M 177 -79.80 26.46 -19.39
N SER M 178 -80.02 26.83 -20.64
CA SER M 178 -80.03 25.90 -21.75
C SER M 178 -78.70 25.84 -22.50
N LEU M 179 -77.59 26.02 -21.79
CA LEU M 179 -76.27 25.97 -22.41
C LEU M 179 -75.43 24.78 -21.97
N HIS M 180 -75.75 24.15 -20.84
CA HIS M 180 -75.03 22.97 -20.38
C HIS M 180 -76.00 21.80 -20.26
N PRO M 181 -75.90 20.78 -21.12
CA PRO M 181 -76.84 19.66 -21.05
C PRO M 181 -76.49 18.60 -20.03
N ASP M 182 -75.36 18.72 -19.33
CA ASP M 182 -74.96 17.73 -18.34
C ASP M 182 -74.26 18.45 -17.19
N LEU M 183 -73.66 17.68 -16.30
CA LEU M 183 -73.03 18.23 -15.10
C LEU M 183 -71.86 19.13 -15.47
N ILE M 184 -71.78 20.29 -14.82
CA ILE M 184 -70.70 21.25 -15.03
C ILE M 184 -69.59 20.96 -14.04
N TYR M 185 -68.36 20.85 -14.54
CA TYR M 185 -67.21 20.51 -13.70
C TYR M 185 -66.62 21.75 -13.05
N ASN M 186 -66.27 22.76 -13.83
CA ASN M 186 -65.69 23.98 -13.30
C ASN M 186 -65.97 25.14 -14.24
N VAL M 187 -65.86 26.35 -13.70
CA VAL M 187 -66.04 27.59 -14.47
C VAL M 187 -64.91 28.53 -14.13
N SER M 188 -64.26 29.09 -15.15
CA SER M 188 -63.14 30.00 -14.97
C SER M 188 -63.35 31.25 -15.82
N TRP M 189 -63.21 32.41 -15.20
CA TRP M 189 -63.28 33.68 -15.93
C TRP M 189 -62.02 33.88 -16.76
N ASN M 190 -62.14 34.71 -17.79
CA ASN M 190 -60.98 35.10 -18.59
C ASN M 190 -60.27 36.26 -17.90
N HIS M 191 -59.33 36.88 -18.60
CA HIS M 191 -58.48 37.89 -17.97
C HIS M 191 -59.29 39.12 -17.56
N ASN M 192 -60.13 39.64 -18.46
CA ASN M 192 -60.88 40.86 -18.19
C ASN M 192 -62.27 40.59 -17.63
N GLY M 193 -62.67 39.33 -17.49
CA GLY M 193 -63.99 39.02 -16.99
C GLY M 193 -65.11 39.10 -18.01
N SER M 194 -64.78 39.33 -19.28
CA SER M 194 -65.82 39.42 -20.31
C SER M 194 -66.40 38.07 -20.68
N LEU M 195 -65.61 37.00 -20.56
CA LEU M 195 -66.05 35.66 -20.92
C LEU M 195 -65.68 34.69 -19.80
N PHE M 196 -66.26 33.50 -19.86
CA PHE M 196 -65.91 32.43 -18.93
C PHE M 196 -66.01 31.10 -19.66
N CYS M 197 -65.06 30.21 -19.35
CA CYS M 197 -65.04 28.87 -19.93
C CYS M 197 -65.48 27.84 -18.90
N SER M 198 -66.09 26.77 -19.38
CA SER M 198 -66.62 25.73 -18.50
C SER M 198 -66.35 24.37 -19.09
N ALA M 199 -66.21 23.38 -18.21
CA ALA M 199 -66.08 21.98 -18.58
C ALA M 199 -67.31 21.22 -18.13
N CYS M 200 -67.87 20.42 -19.03
CA CYS M 200 -69.13 19.73 -18.78
C CYS M 200 -68.92 18.22 -18.89
N LYS M 201 -69.88 17.48 -18.33
CA LYS M 201 -69.78 16.02 -18.29
C LYS M 201 -69.86 15.39 -19.68
N ASP M 202 -70.33 16.13 -20.69
CA ASP M 202 -70.39 15.62 -22.05
C ASP M 202 -69.07 15.79 -22.80
N LYS M 203 -67.96 15.96 -22.07
CA LYS M 203 -66.63 16.09 -22.66
C LYS M 203 -66.54 17.28 -23.61
N SER M 204 -67.19 18.39 -23.27
CA SER M 204 -67.25 19.56 -24.14
C SER M 204 -66.71 20.78 -23.41
N VAL M 205 -65.92 21.59 -24.13
CA VAL M 205 -65.42 22.85 -23.64
C VAL M 205 -66.27 23.96 -24.24
N ARG M 206 -66.81 24.83 -23.39
CA ARG M 206 -67.70 25.89 -23.84
C ARG M 206 -67.19 27.23 -23.36
N ILE M 207 -67.11 28.20 -24.28
CA ILE M 207 -66.78 29.58 -23.95
C ILE M 207 -68.06 30.39 -24.11
N ILE M 208 -68.49 31.02 -23.02
CA ILE M 208 -69.81 31.64 -22.95
C ILE M 208 -69.67 33.10 -22.53
N ASP M 209 -70.39 33.97 -23.23
CA ASP M 209 -70.47 35.38 -22.85
C ASP M 209 -71.66 35.56 -21.91
N PRO M 210 -71.44 35.92 -20.65
CA PRO M 210 -72.59 36.02 -19.73
C PRO M 210 -73.50 37.21 -20.03
N ARG M 211 -72.94 38.36 -20.38
CA ARG M 211 -73.75 39.54 -20.63
C ARG M 211 -74.61 39.40 -21.89
N ARG M 212 -74.22 38.53 -22.82
CA ARG M 212 -74.99 38.32 -24.04
C ARG M 212 -75.71 36.99 -24.08
N GLY M 213 -75.32 36.02 -23.25
CA GLY M 213 -75.98 34.74 -23.23
C GLY M 213 -75.76 33.90 -24.46
N THR M 214 -74.66 34.11 -25.18
CA THR M 214 -74.37 33.40 -26.41
C THR M 214 -73.15 32.50 -26.24
N LEU M 215 -73.17 31.36 -26.92
CA LEU M 215 -72.06 30.42 -26.90
C LEU M 215 -71.02 30.89 -27.90
N VAL M 216 -69.94 31.48 -27.40
CA VAL M 216 -68.92 32.04 -28.28
C VAL M 216 -68.22 30.94 -29.07
N ALA M 217 -67.82 29.87 -28.38
CA ALA M 217 -67.13 28.77 -29.03
C ALA M 217 -67.39 27.49 -28.26
N GLU M 218 -67.21 26.36 -28.92
CA GLU M 218 -67.41 25.06 -28.31
C GLU M 218 -66.53 24.03 -28.98
N ARG M 219 -65.99 23.10 -28.20
CA ARG M 219 -65.18 22.00 -28.69
C ARG M 219 -65.72 20.71 -28.09
N GLU M 220 -66.39 19.91 -28.91
CA GLU M 220 -66.97 18.65 -28.45
C GLU M 220 -65.91 17.56 -28.41
N LYS M 221 -66.03 16.67 -27.42
CA LYS M 221 -65.10 15.57 -27.21
C LYS M 221 -63.66 16.07 -27.11
N ALA M 222 -63.47 17.11 -26.29
CA ALA M 222 -62.12 17.62 -26.06
C ALA M 222 -61.23 16.57 -25.42
N HIS M 223 -61.75 15.84 -24.44
CA HIS M 223 -61.07 14.70 -23.85
C HIS M 223 -62.01 13.50 -23.91
N GLU M 224 -61.55 12.41 -24.51
CA GLU M 224 -62.41 11.28 -24.79
C GLU M 224 -62.77 10.49 -23.53
N GLY M 225 -62.04 10.68 -22.43
CA GLY M 225 -62.30 9.92 -21.23
C GLY M 225 -63.58 10.35 -20.55
N ALA M 226 -64.15 9.42 -19.78
CA ALA M 226 -65.37 9.67 -19.03
C ALA M 226 -65.12 10.24 -17.64
N ARG M 227 -63.85 10.30 -17.21
CA ARG M 227 -63.51 10.83 -15.90
C ARG M 227 -63.64 12.36 -15.90
N PRO M 228 -63.77 12.97 -14.72
CA PRO M 228 -63.91 14.43 -14.66
C PRO M 228 -62.73 15.15 -15.28
N MET M 229 -63.02 16.29 -15.90
CA MET M 229 -62.03 17.09 -16.60
C MET M 229 -62.25 18.56 -16.28
N ARG M 230 -61.18 19.34 -16.39
CA ARG M 230 -61.20 20.76 -16.04
C ARG M 230 -60.90 21.61 -17.27
N ALA M 231 -61.13 22.92 -17.12
CA ALA M 231 -60.87 23.89 -18.19
C ALA M 231 -60.73 25.26 -17.56
N ILE M 232 -59.60 25.92 -17.80
CA ILE M 232 -59.33 27.24 -17.25
C ILE M 232 -58.92 28.18 -18.36
N PHE M 233 -59.06 29.48 -18.09
CA PHE M 233 -58.73 30.53 -19.05
C PHE M 233 -57.36 31.11 -18.72
N LEU M 234 -56.51 31.22 -19.73
CA LEU M 234 -55.19 31.80 -19.56
C LEU M 234 -55.23 33.32 -19.76
N ALA M 235 -54.14 33.98 -19.38
CA ALA M 235 -54.08 35.44 -19.47
C ALA M 235 -54.14 35.91 -20.92
N ASP M 236 -53.45 35.20 -21.82
CA ASP M 236 -53.40 35.61 -23.22
C ASP M 236 -54.67 35.23 -23.98
N GLY M 237 -55.58 34.47 -23.39
CA GLY M 237 -56.84 34.13 -24.00
C GLY M 237 -57.02 32.67 -24.35
N LYS M 238 -55.96 31.86 -24.26
CA LYS M 238 -56.08 30.44 -24.57
C LYS M 238 -56.71 29.69 -23.40
N VAL M 239 -57.13 28.46 -23.68
CA VAL M 239 -57.81 27.61 -22.70
C VAL M 239 -56.93 26.40 -22.42
N PHE M 240 -56.61 26.18 -21.15
CA PHE M 240 -55.84 25.02 -20.71
C PHE M 240 -56.79 24.02 -20.06
N THR M 241 -56.80 22.79 -20.56
CA THR M 241 -57.72 21.76 -20.09
C THR M 241 -56.94 20.53 -19.66
N THR M 242 -57.37 19.94 -18.54
CA THR M 242 -56.84 18.67 -18.06
C THR M 242 -57.96 17.63 -18.12
N GLY M 243 -57.67 16.47 -18.69
CA GLY M 243 -58.69 15.47 -18.86
C GLY M 243 -58.09 14.08 -19.02
N PHE M 244 -58.95 13.16 -19.44
CA PHE M 244 -58.59 11.76 -19.59
C PHE M 244 -58.81 11.32 -21.03
N SER M 245 -58.02 10.35 -21.48
CA SER M 245 -58.16 9.78 -22.81
C SER M 245 -59.06 8.56 -22.78
N ARG M 246 -59.22 7.91 -23.94
CA ARG M 246 -60.02 6.70 -24.01
C ARG M 246 -59.40 5.57 -23.21
N MET M 247 -58.08 5.55 -23.09
CA MET M 247 -57.37 4.53 -22.34
C MET M 247 -57.17 4.90 -20.87
N SER M 248 -58.02 5.78 -20.34
CA SER M 248 -57.94 6.22 -18.94
C SER M 248 -56.57 6.78 -18.61
N GLU M 249 -56.04 7.60 -19.51
CA GLU M 249 -54.74 8.25 -19.33
C GLU M 249 -54.95 9.75 -19.18
N ARG M 250 -54.41 10.33 -18.12
CA ARG M 250 -54.57 11.75 -17.86
C ARG M 250 -53.77 12.56 -18.86
N GLN M 251 -54.38 13.61 -19.42
CA GLN M 251 -53.76 14.43 -20.44
C GLN M 251 -53.92 15.91 -20.10
N LEU M 252 -53.03 16.71 -20.68
CA LEU M 252 -53.14 18.16 -20.63
C LEU M 252 -53.22 18.70 -22.05
N ALA M 253 -54.14 19.63 -22.28
CA ALA M 253 -54.36 20.15 -23.62
C ALA M 253 -54.41 21.67 -23.59
N LEU M 254 -53.93 22.27 -24.67
CA LEU M 254 -53.99 23.72 -24.87
C LEU M 254 -54.84 24.00 -26.11
N TRP M 255 -55.82 24.88 -25.96
CA TRP M 255 -56.79 25.16 -27.01
C TRP M 255 -56.75 26.63 -27.41
N ASP M 256 -56.80 26.87 -28.72
CA ASP M 256 -56.95 28.22 -29.24
C ASP M 256 -58.43 28.48 -29.51
N PRO M 257 -59.05 29.46 -28.86
CA PRO M 257 -60.49 29.68 -29.07
C PRO M 257 -60.85 29.98 -30.51
N GLU M 258 -59.98 30.65 -31.27
CA GLU M 258 -60.30 30.97 -32.65
C GLU M 258 -60.17 29.76 -33.57
N ASN M 259 -59.52 28.69 -33.13
CA ASN M 259 -59.38 27.48 -33.94
C ASN M 259 -59.37 26.29 -33.00
N LEU M 260 -60.54 25.67 -32.83
CA LEU M 260 -60.71 24.54 -31.92
C LEU M 260 -60.74 23.21 -32.64
N GLU M 261 -60.36 23.18 -33.93
CA GLU M 261 -60.38 21.93 -34.68
C GLU M 261 -59.42 20.91 -34.07
N GLU M 262 -58.22 21.34 -33.73
CA GLU M 262 -57.22 20.49 -33.09
C GLU M 262 -56.55 21.23 -31.94
N PRO M 263 -56.21 20.54 -30.87
CA PRO M 263 -55.51 21.20 -29.76
C PRO M 263 -54.11 21.64 -30.17
N MET M 264 -53.68 22.75 -29.57
CA MET M 264 -52.31 23.21 -29.79
C MET M 264 -51.30 22.21 -29.23
N ALA M 265 -51.60 21.64 -28.07
CA ALA M 265 -50.74 20.63 -27.45
C ALA M 265 -51.61 19.57 -26.80
N LEU M 266 -51.04 18.37 -26.66
CA LEU M 266 -51.74 17.27 -26.01
C LEU M 266 -50.68 16.31 -25.48
N GLN M 267 -50.43 16.37 -24.18
CA GLN M 267 -49.41 15.55 -23.53
C GLN M 267 -50.05 14.68 -22.46
N GLU M 268 -49.64 13.42 -22.40
CA GLU M 268 -50.14 12.46 -21.43
C GLU M 268 -49.18 12.39 -20.24
N LEU M 269 -49.75 12.36 -19.04
CA LEU M 269 -48.96 12.35 -17.81
C LEU M 269 -48.83 10.95 -17.23
N ASP M 270 -49.94 10.30 -16.91
CA ASP M 270 -49.92 8.96 -16.32
C ASP M 270 -51.30 8.35 -16.47
N SER M 271 -51.49 7.18 -15.87
CA SER M 271 -52.75 6.44 -15.93
C SER M 271 -53.35 6.29 -14.54
N SER M 272 -53.17 7.29 -13.70
CA SER M 272 -53.70 7.28 -12.35
C SER M 272 -55.08 7.93 -12.31
N ASN M 273 -55.83 7.63 -11.25
CA ASN M 273 -57.16 8.18 -11.09
C ASN M 273 -57.08 9.56 -10.44
N GLY M 274 -58.24 10.16 -10.20
CA GLY M 274 -58.31 11.47 -9.59
C GLY M 274 -58.23 12.61 -10.58
N ALA M 275 -59.14 13.57 -10.48
CA ALA M 275 -59.14 14.70 -11.39
C ALA M 275 -57.93 15.59 -11.15
N LEU M 276 -57.44 16.18 -12.23
CA LEU M 276 -56.29 17.07 -12.17
C LEU M 276 -56.78 18.51 -12.03
N LEU M 277 -56.40 19.16 -10.93
CA LEU M 277 -56.82 20.52 -10.66
C LEU M 277 -55.73 21.48 -11.11
N PRO M 278 -55.95 22.29 -12.14
CA PRO M 278 -54.89 23.21 -12.59
C PRO M 278 -54.89 24.53 -11.83
N PHE M 279 -53.71 24.95 -11.39
CA PHE M 279 -53.51 26.25 -10.73
C PHE M 279 -52.64 27.10 -11.63
N TYR M 280 -53.20 28.18 -12.16
CA TYR M 280 -52.54 29.01 -13.17
C TYR M 280 -52.03 30.29 -12.54
N ASP M 281 -50.78 30.64 -12.84
CA ASP M 281 -50.18 31.88 -12.37
C ASP M 281 -50.00 32.82 -13.56
N PRO M 282 -50.83 33.85 -13.71
CA PRO M 282 -50.72 34.73 -14.88
C PRO M 282 -49.38 35.46 -15.00
N ASP M 283 -48.76 35.79 -13.87
CA ASP M 283 -47.51 36.53 -13.92
C ASP M 283 -46.37 35.70 -14.50
N THR M 284 -46.21 34.47 -14.01
CA THR M 284 -45.13 33.60 -14.45
C THR M 284 -45.53 32.67 -15.59
N SER M 285 -46.81 32.65 -15.97
CA SER M 285 -47.33 31.76 -17.01
C SER M 285 -47.00 30.29 -16.69
N VAL M 286 -47.11 29.94 -15.42
CA VAL M 286 -46.81 28.59 -14.93
C VAL M 286 -48.11 27.98 -14.43
N VAL M 287 -48.41 26.77 -14.90
CA VAL M 287 -49.62 26.05 -14.52
C VAL M 287 -49.22 24.90 -13.61
N TYR M 288 -49.75 24.90 -12.39
CA TYR M 288 -49.49 23.83 -11.43
C TYR M 288 -50.64 22.84 -11.46
N VAL M 289 -50.31 21.57 -11.71
CA VAL M 289 -51.31 20.52 -11.83
C VAL M 289 -51.24 19.67 -10.56
N CYS M 290 -52.30 19.70 -9.77
CA CYS M 290 -52.39 18.95 -8.52
C CYS M 290 -53.60 18.02 -8.60
N GLY M 291 -53.34 16.72 -8.75
CA GLY M 291 -54.42 15.76 -8.80
C GLY M 291 -54.94 15.42 -7.42
N LYS M 292 -56.24 15.14 -7.35
CA LYS M 292 -56.85 14.75 -6.09
C LYS M 292 -56.44 13.33 -5.73
N GLY M 293 -55.91 13.16 -4.51
CA GLY M 293 -55.41 11.88 -4.07
C GLY M 293 -53.98 11.59 -4.47
N ASP M 294 -53.35 12.47 -5.25
CA ASP M 294 -51.96 12.31 -5.63
C ASP M 294 -51.04 12.88 -4.56
N SER M 295 -49.76 12.48 -4.63
CA SER M 295 -48.74 12.95 -3.71
C SER M 295 -47.72 13.85 -4.38
N SER M 296 -47.96 14.25 -5.63
CA SER M 296 -47.00 15.03 -6.38
C SER M 296 -47.67 16.26 -6.98
N ILE M 297 -46.88 17.32 -7.15
CA ILE M 297 -47.32 18.56 -7.79
C ILE M 297 -46.41 18.80 -8.99
N ARG M 298 -47.00 18.85 -10.17
CA ARG M 298 -46.28 19.08 -11.41
C ARG M 298 -46.64 20.46 -11.95
N TYR M 299 -45.62 21.23 -12.33
CA TYR M 299 -45.81 22.57 -12.88
C TYR M 299 -45.25 22.64 -14.29
N PHE M 300 -46.01 23.28 -15.17
CA PHE M 300 -45.67 23.41 -16.58
C PHE M 300 -45.69 24.89 -16.97
N GLU M 301 -44.87 25.24 -17.94
CA GLU M 301 -44.77 26.61 -18.44
C GLU M 301 -45.44 26.69 -19.80
N ILE M 302 -46.31 27.69 -19.98
CA ILE M 302 -47.02 27.91 -21.23
C ILE M 302 -46.39 29.10 -21.94
N THR M 303 -45.79 28.84 -23.10
CA THR M 303 -45.13 29.87 -23.89
C THR M 303 -45.62 29.76 -25.34
N GLU M 304 -45.15 30.70 -26.17
CA GLU M 304 -45.50 30.70 -27.59
C GLU M 304 -44.61 29.77 -28.41
N GLU M 305 -43.57 29.21 -27.82
CA GLU M 305 -42.69 28.27 -28.51
C GLU M 305 -43.25 26.86 -28.40
N PRO M 306 -43.29 26.09 -29.48
CA PRO M 306 -43.82 24.74 -29.40
C PRO M 306 -42.96 23.88 -28.48
N PRO M 307 -43.56 22.86 -27.84
CA PRO M 307 -44.96 22.42 -27.95
C PRO M 307 -45.92 23.18 -27.04
N TYR M 308 -45.56 24.40 -26.63
CA TYR M 308 -46.45 25.33 -25.93
C TYR M 308 -46.74 24.88 -24.50
N ILE M 309 -46.29 23.67 -24.13
CA ILE M 309 -46.46 23.15 -22.78
C ILE M 309 -45.14 22.47 -22.42
N HIS M 310 -44.35 23.11 -21.57
CA HIS M 310 -43.02 22.63 -21.21
C HIS M 310 -43.02 22.18 -19.75
N PHE M 311 -42.64 20.93 -19.52
CA PHE M 311 -42.55 20.41 -18.17
C PHE M 311 -41.32 20.96 -17.48
N LEU M 312 -41.52 21.63 -16.34
CA LEU M 312 -40.41 22.24 -15.62
C LEU M 312 -39.82 21.29 -14.59
N ASN M 313 -40.63 20.84 -13.64
CA ASN M 313 -40.19 19.92 -12.60
C ASN M 313 -41.43 19.43 -11.87
N THR M 314 -41.22 18.57 -10.87
CA THR M 314 -42.30 18.05 -10.06
C THR M 314 -41.86 18.01 -8.60
N PHE M 315 -42.81 18.29 -7.70
CA PHE M 315 -42.57 18.22 -6.27
C PHE M 315 -43.21 16.93 -5.74
N THR M 316 -42.38 16.04 -5.21
CA THR M 316 -42.82 14.72 -4.77
C THR M 316 -42.87 14.65 -3.26
N SER M 317 -43.96 14.10 -2.73
CA SER M 317 -44.12 13.89 -1.31
C SER M 317 -44.63 12.46 -1.09
N LYS M 318 -44.74 12.07 0.18
CA LYS M 318 -45.18 10.73 0.54
C LYS M 318 -46.62 10.68 1.03
N GLU M 319 -47.35 11.78 0.98
CA GLU M 319 -48.71 11.84 1.49
C GLU M 319 -49.66 12.34 0.41
N PRO M 320 -50.77 11.65 0.15
CA PRO M 320 -51.76 12.16 -0.80
C PRO M 320 -52.43 13.42 -0.28
N GLN M 321 -52.88 14.26 -1.20
CA GLN M 321 -53.51 15.53 -0.87
C GLN M 321 -55.03 15.41 -1.05
N ARG M 322 -55.77 15.89 -0.05
CA ARG M 322 -57.23 15.94 -0.14
C ARG M 322 -57.72 17.23 -0.76
N GLY M 323 -56.94 18.31 -0.66
CA GLY M 323 -57.28 19.57 -1.26
C GLY M 323 -56.03 20.39 -1.47
N MET M 324 -56.20 21.58 -2.06
CA MET M 324 -55.06 22.43 -2.36
C MET M 324 -55.54 23.86 -2.56
N GLY M 325 -54.88 24.79 -1.89
CA GLY M 325 -55.14 26.21 -2.09
C GLY M 325 -53.86 26.94 -2.40
N SER M 326 -53.98 27.95 -3.26
CA SER M 326 -52.84 28.71 -3.75
C SER M 326 -52.91 30.14 -3.22
N MET M 327 -51.81 30.59 -2.62
CA MET M 327 -51.74 31.95 -2.12
C MET M 327 -51.55 32.92 -3.28
N PRO M 328 -52.34 33.99 -3.36
CA PRO M 328 -52.13 34.98 -4.42
C PRO M 328 -50.79 35.70 -4.27
N LYS M 329 -50.47 36.49 -5.30
CA LYS M 329 -49.16 37.12 -5.35
C LYS M 329 -48.95 38.12 -4.22
N ARG M 330 -50.02 38.77 -3.77
CA ARG M 330 -49.89 39.81 -2.75
C ARG M 330 -49.44 39.27 -1.40
N GLY M 331 -49.64 37.98 -1.14
CA GLY M 331 -49.28 37.38 0.12
C GLY M 331 -48.00 36.57 0.13
N LEU M 332 -47.21 36.62 -0.93
CA LEU M 332 -45.99 35.83 -1.03
C LEU M 332 -44.80 36.60 -0.50
N GLU M 333 -43.80 35.86 -0.01
CA GLU M 333 -42.56 36.45 0.49
C GLU M 333 -41.68 36.77 -0.70
N VAL M 334 -41.77 38.00 -1.18
CA VAL M 334 -41.03 38.42 -2.36
C VAL M 334 -39.53 38.41 -2.10
N SER M 335 -39.11 38.83 -0.90
CA SER M 335 -37.69 38.93 -0.59
C SER M 335 -36.98 37.59 -0.57
N LYS M 336 -37.71 36.48 -0.52
CA LYS M 336 -37.11 35.15 -0.51
C LYS M 336 -37.23 34.45 -1.86
N CYS M 337 -37.49 35.21 -2.93
CA CYS M 337 -37.63 34.66 -4.28
C CYS M 337 -38.71 33.58 -4.34
N GLU M 338 -39.81 33.80 -3.63
CA GLU M 338 -40.93 32.87 -3.59
C GLU M 338 -41.97 33.32 -4.61
N ILE M 339 -42.31 32.43 -5.54
CA ILE M 339 -43.25 32.74 -6.60
C ILE M 339 -44.59 32.05 -6.44
N ALA M 340 -44.70 31.07 -5.55
CA ALA M 340 -45.98 30.39 -5.33
C ALA M 340 -45.93 29.69 -3.98
N ARG M 341 -47.08 29.66 -3.30
CA ARG M 341 -47.24 28.95 -2.05
C ARG M 341 -48.54 28.16 -2.10
N PHE M 342 -48.45 26.85 -1.87
CA PHE M 342 -49.59 25.96 -1.95
C PHE M 342 -49.87 25.37 -0.57
N TYR M 343 -51.12 25.49 -0.13
CA TYR M 343 -51.54 24.97 1.18
C TYR M 343 -52.12 23.58 0.95
N LYS M 344 -51.26 22.58 1.00
CA LYS M 344 -51.67 21.20 0.76
C LYS M 344 -52.53 20.71 1.92
N LEU M 345 -53.66 20.10 1.59
CA LEU M 345 -54.60 19.61 2.58
C LEU M 345 -54.48 18.10 2.71
N HIS M 346 -54.13 17.63 3.91
CA HIS M 346 -54.17 16.23 4.22
C HIS M 346 -55.54 15.90 4.81
N GLU M 347 -55.70 14.70 5.37
CA GLU M 347 -56.97 14.36 6.00
C GLU M 347 -57.16 15.07 7.33
N ARG M 348 -56.08 15.47 7.99
CA ARG M 348 -56.19 16.17 9.26
C ARG M 348 -55.22 17.32 9.41
N LYS M 349 -54.53 17.73 8.33
CA LYS M 349 -53.52 18.77 8.44
C LYS M 349 -53.49 19.60 7.16
N CYS M 350 -53.10 20.86 7.30
CA CYS M 350 -52.85 21.76 6.19
C CYS M 350 -51.37 22.11 6.18
N GLU M 351 -50.66 21.67 5.14
CA GLU M 351 -49.21 21.84 5.07
C GLU M 351 -48.86 22.82 3.94
N PRO M 352 -48.51 24.07 4.25
CA PRO M 352 -48.08 24.98 3.20
C PRO M 352 -46.81 24.49 2.51
N ILE M 353 -46.75 24.69 1.20
CA ILE M 353 -45.61 24.31 0.39
C ILE M 353 -45.13 25.54 -0.37
N VAL M 354 -43.85 25.86 -0.25
CA VAL M 354 -43.29 27.08 -0.81
C VAL M 354 -42.53 26.74 -2.08
N MET M 355 -42.94 27.35 -3.19
CA MET M 355 -42.21 27.25 -4.45
C MET M 355 -41.30 28.46 -4.58
N THR M 356 -40.00 28.22 -4.69
CA THR M 356 -39.01 29.28 -4.72
C THR M 356 -38.11 29.13 -5.94
N VAL M 357 -37.74 30.26 -6.53
CA VAL M 357 -36.81 30.29 -7.66
C VAL M 357 -35.40 30.46 -7.11
N PRO M 358 -34.49 29.53 -7.36
CA PRO M 358 -33.13 29.67 -6.82
C PRO M 358 -32.38 30.80 -7.49
N ARG M 359 -32.02 31.82 -6.70
CA ARG M 359 -31.29 32.98 -7.20
C ARG M 359 -30.15 33.30 -6.25
N LYS M 360 -28.98 33.58 -6.82
CA LYS M 360 -27.82 33.94 -6.00
C LYS M 360 -28.02 35.29 -5.32
N SER M 361 -28.53 36.27 -6.05
CA SER M 361 -28.67 37.61 -5.50
C SER M 361 -29.79 37.66 -4.47
N ASP M 362 -29.57 38.45 -3.42
CA ASP M 362 -30.56 38.65 -2.37
C ASP M 362 -31.42 39.88 -2.61
N LEU M 363 -31.22 40.57 -3.73
CA LEU M 363 -31.98 41.77 -4.05
C LEU M 363 -33.29 41.42 -4.74
N PHE M 364 -34.13 42.44 -4.93
CA PHE M 364 -35.42 42.24 -5.57
C PHE M 364 -35.23 41.85 -7.03
N GLN M 365 -35.93 40.80 -7.46
CA GLN M 365 -35.84 40.30 -8.82
C GLN M 365 -36.97 40.91 -9.64
N ASP M 366 -36.63 41.85 -10.54
CA ASP M 366 -37.65 42.49 -11.35
C ASP M 366 -38.29 41.51 -12.31
N ASP M 367 -37.50 40.62 -12.92
CA ASP M 367 -38.03 39.70 -13.92
C ASP M 367 -38.98 38.67 -13.32
N LEU M 368 -38.82 38.34 -12.04
CA LEU M 368 -39.68 37.35 -11.41
C LEU M 368 -41.01 37.91 -10.94
N TYR M 369 -41.08 39.22 -10.65
CA TYR M 369 -42.27 39.84 -10.10
C TYR M 369 -42.68 41.04 -10.93
N PRO M 370 -43.41 40.80 -12.03
CA PRO M 370 -44.00 41.93 -12.77
C PRO M 370 -45.21 42.50 -12.04
N ASP M 371 -45.89 43.46 -12.66
CA ASP M 371 -47.07 44.04 -12.04
C ASP M 371 -48.18 43.00 -11.92
N THR M 372 -48.76 42.89 -10.74
CA THR M 372 -49.80 41.92 -10.45
C THR M 372 -51.12 42.62 -10.16
N ALA M 373 -52.22 41.89 -10.37
CA ALA M 373 -53.55 42.45 -10.12
C ALA M 373 -53.71 42.78 -8.65
N GLY M 374 -54.17 44.00 -8.38
CA GLY M 374 -54.32 44.48 -7.02
C GLY M 374 -55.66 44.13 -6.42
N PRO M 375 -55.84 44.48 -5.14
CA PRO M 375 -57.12 44.21 -4.47
C PRO M 375 -58.18 45.26 -4.69
N GLU M 376 -58.02 46.16 -5.66
CA GLU M 376 -59.00 47.20 -5.95
C GLU M 376 -59.72 46.88 -7.25
N ALA M 377 -61.04 46.94 -7.23
CA ALA M 377 -61.82 46.59 -8.40
C ALA M 377 -61.68 47.64 -9.50
N ALA M 378 -61.80 47.18 -10.74
CA ALA M 378 -61.75 48.07 -11.90
C ALA M 378 -63.12 48.68 -12.20
N LEU M 379 -64.13 47.83 -12.36
CA LEU M 379 -65.48 48.26 -12.66
C LEU M 379 -66.41 47.99 -11.48
N GLU M 380 -67.66 48.39 -11.64
CA GLU M 380 -68.71 48.09 -10.69
C GLU M 380 -69.75 47.17 -11.34
N ALA M 381 -70.67 46.67 -10.52
CA ALA M 381 -71.70 45.79 -11.04
C ALA M 381 -72.59 46.50 -12.05
N GLU M 382 -72.97 47.75 -11.76
CA GLU M 382 -73.80 48.51 -12.70
C GLU M 382 -73.05 48.79 -13.99
N GLU M 383 -71.77 49.16 -13.89
CA GLU M 383 -71.00 49.48 -15.09
C GLU M 383 -70.75 48.24 -15.95
N TRP M 384 -70.47 47.10 -15.31
CA TRP M 384 -70.16 45.89 -16.06
C TRP M 384 -71.39 45.39 -16.83
N VAL M 385 -72.58 45.56 -16.25
CA VAL M 385 -73.80 45.10 -16.91
C VAL M 385 -74.01 45.87 -18.21
N SER M 386 -73.67 47.16 -18.22
CA SER M 386 -73.84 47.96 -19.43
C SER M 386 -73.02 47.43 -20.59
N GLY M 387 -71.83 46.91 -20.32
CA GLY M 387 -71.01 46.32 -21.36
C GLY M 387 -69.56 46.78 -21.34
N ARG M 388 -69.17 47.50 -20.29
CA ARG M 388 -67.80 47.97 -20.17
C ARG M 388 -66.85 46.82 -19.88
N ASP M 389 -65.62 46.95 -20.38
CA ASP M 389 -64.57 45.97 -20.15
C ASP M 389 -63.25 46.68 -19.90
N ALA M 390 -62.51 46.19 -18.91
CA ALA M 390 -61.19 46.76 -18.62
C ALA M 390 -60.36 45.71 -17.88
N ASP M 391 -59.04 45.89 -17.95
CA ASP M 391 -58.11 45.00 -17.29
C ASP M 391 -58.05 45.30 -15.79
N PRO M 392 -57.68 44.31 -14.98
CA PRO M 392 -57.55 44.56 -13.54
C PRO M 392 -56.48 45.58 -13.23
N ILE M 393 -56.70 46.35 -12.17
CA ILE M 393 -55.72 47.32 -11.72
C ILE M 393 -54.48 46.61 -11.24
N LEU M 394 -53.32 47.02 -11.75
CA LEU M 394 -52.05 46.39 -11.43
C LEU M 394 -51.32 47.17 -10.35
N ILE M 395 -50.71 46.44 -9.42
CA ILE M 395 -49.93 47.04 -8.34
C ILE M 395 -48.49 46.57 -8.46
N SER M 396 -47.61 47.07 -7.60
CA SER M 396 -46.20 46.74 -7.61
C SER M 396 -45.84 45.93 -6.38
N LEU M 397 -45.09 44.85 -6.58
CA LEU M 397 -44.64 43.99 -5.49
C LEU M 397 -43.31 44.44 -4.91
N ARG M 398 -42.70 45.50 -5.45
CA ARG M 398 -41.43 45.97 -4.93
C ARG M 398 -41.56 46.53 -3.52
N GLU M 399 -42.69 47.18 -3.22
CA GLU M 399 -42.89 47.73 -1.88
C GLU M 399 -42.96 46.65 -0.80
N ALA M 400 -43.26 45.41 -1.18
CA ALA M 400 -43.30 44.31 -0.22
C ALA M 400 -41.91 43.75 0.10
N TYR M 401 -40.88 44.19 -0.62
CA TYR M 401 -39.52 43.72 -0.35
C TYR M 401 -39.04 44.21 1.01
N VAL M 402 -38.40 43.33 1.75
CA VAL M 402 -37.90 43.66 3.08
C VAL M 402 -36.37 43.64 3.09
N LYS N 10 -23.60 -17.99 52.75
CA LYS N 10 -23.53 -16.81 53.62
C LYS N 10 -24.33 -15.64 53.02
N VAL N 11 -24.20 -15.47 51.71
CA VAL N 11 -24.91 -14.39 51.03
C VAL N 11 -26.42 -14.60 51.12
N VAL N 12 -26.88 -15.83 50.89
CA VAL N 12 -28.30 -16.16 50.89
C VAL N 12 -28.56 -17.13 52.03
N ARG N 13 -29.65 -16.89 52.76
CA ARG N 13 -30.04 -17.79 53.84
C ARG N 13 -30.28 -19.19 53.30
N GLN N 14 -29.70 -20.19 53.98
CA GLN N 14 -29.81 -21.57 53.53
C GLN N 14 -31.24 -22.05 53.69
N SER N 15 -31.87 -22.42 52.57
CA SER N 15 -33.24 -22.90 52.58
C SER N 15 -33.48 -23.76 51.36
N LYS N 16 -34.55 -24.55 51.43
CA LYS N 16 -34.94 -25.43 50.34
C LYS N 16 -36.25 -25.04 49.69
N PHE N 17 -36.98 -24.08 50.25
CA PHE N 17 -38.28 -23.68 49.74
C PHE N 17 -38.33 -22.21 49.37
N ARG N 18 -37.17 -21.60 49.10
CA ARG N 18 -37.13 -20.19 48.75
C ARG N 18 -37.70 -19.92 47.37
N HIS N 19 -37.80 -20.94 46.51
CA HIS N 19 -38.28 -20.77 45.15
C HIS N 19 -39.54 -21.59 44.89
N VAL N 20 -40.30 -21.89 45.95
CA VAL N 20 -41.57 -22.59 45.78
C VAL N 20 -42.58 -21.64 45.14
N PHE N 21 -43.23 -22.11 44.09
CA PHE N 21 -44.19 -21.31 43.33
C PHE N 21 -45.54 -22.01 43.29
N GLY N 22 -46.59 -21.20 43.27
CA GLY N 22 -47.95 -21.70 43.20
C GLY N 22 -48.46 -21.74 41.77
N GLN N 23 -49.24 -22.78 41.47
CA GLN N 23 -49.78 -22.95 40.13
C GLN N 23 -51.17 -23.56 40.20
N PRO N 24 -52.22 -22.80 39.86
CA PRO N 24 -53.56 -23.37 39.87
C PRO N 24 -53.71 -24.45 38.81
N VAL N 25 -54.57 -25.42 39.11
CA VAL N 25 -54.84 -26.53 38.20
C VAL N 25 -55.63 -26.00 37.00
N LYS N 26 -55.73 -26.83 35.96
CA LYS N 26 -56.44 -26.43 34.76
C LYS N 26 -57.93 -26.26 35.03
N ASN N 27 -58.63 -25.67 34.06
CA ASN N 27 -60.06 -25.39 34.24
C ASN N 27 -60.86 -26.67 34.42
N ASP N 28 -60.53 -27.72 33.65
CA ASP N 28 -61.25 -28.98 33.75
C ASP N 28 -61.01 -29.71 35.06
N GLN N 29 -60.03 -29.29 35.86
CA GLN N 29 -59.72 -29.93 37.12
C GLN N 29 -60.29 -29.20 38.32
N CYS N 30 -61.13 -28.19 38.10
CA CYS N 30 -61.74 -27.43 39.17
C CYS N 30 -63.14 -27.95 39.47
N TYR N 31 -63.77 -27.36 40.49
CA TYR N 31 -65.12 -27.73 40.91
C TYR N 31 -66.00 -26.49 40.81
N GLU N 32 -66.86 -26.46 39.80
CA GLU N 32 -67.72 -25.30 39.54
C GLU N 32 -69.15 -25.58 40.00
N ASP N 33 -69.97 -24.53 39.92
CA ASP N 33 -71.39 -24.61 40.26
C ASP N 33 -71.61 -25.11 41.69
N ILE N 34 -70.84 -24.54 42.62
CA ILE N 34 -70.95 -24.85 44.04
C ILE N 34 -71.39 -23.58 44.76
N ARG N 35 -72.53 -23.65 45.43
CA ARG N 35 -73.07 -22.50 46.16
C ARG N 35 -72.37 -22.43 47.51
N VAL N 36 -71.21 -21.77 47.51
CA VAL N 36 -70.41 -21.67 48.74
C VAL N 36 -71.20 -20.90 49.80
N SER N 37 -70.95 -21.26 51.06
CA SER N 37 -71.72 -20.70 52.16
C SER N 37 -71.49 -19.20 52.30
N ARG N 38 -72.50 -18.51 52.83
CA ARG N 38 -72.48 -17.07 53.01
C ARG N 38 -72.56 -16.71 54.49
N VAL N 39 -71.79 -17.42 55.32
CA VAL N 39 -71.77 -17.21 56.76
C VAL N 39 -70.60 -16.31 57.10
N THR N 40 -70.84 -15.30 57.93
CA THR N 40 -69.80 -14.35 58.30
C THR N 40 -68.73 -14.96 59.18
N TRP N 41 -68.97 -16.16 59.73
CA TRP N 41 -67.99 -16.81 60.58
C TRP N 41 -66.70 -17.06 59.81
N ASP N 42 -65.56 -16.71 60.44
CA ASP N 42 -64.26 -16.77 59.79
C ASP N 42 -63.64 -18.14 60.05
N SER N 43 -64.02 -19.10 59.20
CA SER N 43 -63.46 -20.45 59.23
C SER N 43 -62.90 -20.79 57.85
N THR N 44 -62.41 -22.02 57.72
CA THR N 44 -61.81 -22.45 56.47
C THR N 44 -62.84 -22.73 55.38
N PHE N 45 -64.06 -23.09 55.78
CA PHE N 45 -65.17 -23.36 54.86
C PHE N 45 -64.87 -24.56 53.96
N CYS N 46 -63.77 -25.27 54.20
CA CYS N 46 -63.37 -26.37 53.35
C CYS N 46 -62.49 -27.33 54.13
N ALA N 47 -62.77 -28.62 53.96
CA ALA N 47 -61.96 -29.68 54.54
C ALA N 47 -61.75 -30.77 53.50
N VAL N 48 -60.49 -31.13 53.27
CA VAL N 48 -60.14 -32.06 52.20
C VAL N 48 -59.22 -33.15 52.77
N ASN N 49 -59.53 -34.40 52.42
CA ASN N 49 -58.67 -35.54 52.73
C ASN N 49 -58.28 -36.19 51.41
N PRO N 50 -57.35 -37.17 51.40
CA PRO N 50 -56.97 -37.80 50.12
C PRO N 50 -58.09 -38.54 49.42
N LYS N 51 -59.29 -38.55 49.99
CA LYS N 51 -60.42 -39.26 49.42
C LYS N 51 -61.52 -38.33 48.92
N PHE N 52 -62.01 -37.42 49.76
CA PHE N 52 -63.15 -36.58 49.43
C PHE N 52 -62.80 -35.12 49.58
N LEU N 53 -63.71 -34.26 49.11
CA LEU N 53 -63.61 -32.82 49.28
C LEU N 53 -64.90 -32.32 49.90
N ALA N 54 -64.79 -31.66 51.04
CA ALA N 54 -65.95 -31.17 51.78
C ALA N 54 -65.95 -29.64 51.75
N VAL N 55 -67.05 -29.06 51.29
CA VAL N 55 -67.21 -27.61 51.21
C VAL N 55 -68.55 -27.24 51.83
N ILE N 56 -68.53 -26.27 52.74
CA ILE N 56 -69.76 -25.78 53.34
C ILE N 56 -70.54 -24.99 52.30
N VAL N 57 -71.81 -25.34 52.12
CA VAL N 57 -72.64 -24.74 51.08
C VAL N 57 -73.81 -24.00 51.71
N GLU N 58 -74.41 -23.12 50.91
CA GLU N 58 -75.58 -22.35 51.34
C GLU N 58 -76.83 -23.18 51.12
N ALA N 59 -77.44 -23.65 52.20
CA ALA N 59 -78.67 -24.43 52.12
C ALA N 59 -79.88 -23.52 52.25
N SER N 60 -80.94 -23.84 51.51
CA SER N 60 -82.17 -23.06 51.60
C SER N 60 -82.77 -23.16 52.99
N GLY N 61 -82.76 -24.33 53.58
CA GLY N 61 -83.24 -24.52 54.94
C GLY N 61 -82.22 -25.28 55.77
N GLY N 62 -82.01 -24.81 57.00
CA GLY N 62 -81.02 -25.43 57.84
C GLY N 62 -79.61 -25.20 57.32
N GLY N 63 -78.74 -26.19 57.55
CA GLY N 63 -77.38 -26.11 57.09
C GLY N 63 -76.94 -27.42 56.44
N ALA N 64 -75.99 -27.29 55.52
CA ALA N 64 -75.49 -28.45 54.81
C ALA N 64 -74.11 -28.13 54.25
N PHE N 65 -73.36 -29.19 53.95
CA PHE N 65 -72.07 -29.07 53.28
C PHE N 65 -71.97 -30.14 52.21
N LEU N 66 -71.22 -29.82 51.15
CA LEU N 66 -71.13 -30.69 49.98
C LEU N 66 -69.87 -31.55 50.09
N VAL N 67 -70.07 -32.87 50.10
CA VAL N 67 -68.98 -33.84 50.12
C VAL N 67 -69.00 -34.58 48.79
N LEU N 68 -67.92 -34.44 48.02
CA LEU N 68 -67.82 -35.07 46.71
C LEU N 68 -66.42 -35.66 46.56
N PRO N 69 -66.30 -36.74 45.78
CA PRO N 69 -64.97 -37.32 45.56
C PRO N 69 -64.07 -36.38 44.79
N LEU N 70 -62.75 -36.56 44.99
CA LEU N 70 -61.78 -35.71 44.30
C LEU N 70 -61.84 -35.90 42.79
N SER N 71 -62.26 -37.08 42.33
CA SER N 71 -62.36 -37.33 40.90
C SER N 71 -63.55 -36.63 40.25
N LYS N 72 -64.52 -36.20 41.04
CA LYS N 72 -65.72 -35.53 40.51
C LYS N 72 -65.40 -34.06 40.28
N THR N 73 -64.64 -33.79 39.22
CA THR N 73 -64.29 -32.43 38.86
C THR N 73 -65.32 -31.85 37.90
N GLY N 74 -65.04 -30.66 37.38
CA GLY N 74 -65.95 -30.01 36.47
C GLY N 74 -67.16 -29.42 37.19
N ARG N 75 -68.17 -29.09 36.39
CA ARG N 75 -69.39 -28.51 36.93
C ARG N 75 -70.14 -29.54 37.77
N ILE N 76 -70.62 -29.11 38.93
CA ILE N 76 -71.36 -29.97 39.85
C ILE N 76 -72.84 -29.67 39.70
N ASP N 77 -73.65 -30.73 39.62
CA ASP N 77 -75.09 -30.57 39.45
C ASP N 77 -75.70 -29.82 40.62
N LYS N 78 -76.65 -28.94 40.32
CA LYS N 78 -77.34 -28.18 41.37
C LYS N 78 -78.16 -29.08 42.29
N ALA N 79 -78.54 -30.27 41.82
CA ALA N 79 -79.31 -31.23 42.62
C ALA N 79 -78.42 -32.31 43.22
N TYR N 80 -77.12 -32.09 43.27
CA TYR N 80 -76.21 -33.07 43.86
C TYR N 80 -76.52 -33.20 45.35
N PRO N 81 -76.71 -34.42 45.86
CA PRO N 81 -77.05 -34.58 47.28
C PRO N 81 -75.98 -34.02 48.19
N THR N 82 -76.42 -33.41 49.28
CA THR N 82 -75.55 -32.79 50.27
C THR N 82 -75.79 -33.40 51.64
N VAL N 83 -74.87 -33.14 52.56
CA VAL N 83 -75.00 -33.64 53.94
C VAL N 83 -75.82 -32.60 54.69
N CYS N 84 -77.13 -32.74 54.58
CA CYS N 84 -78.09 -31.80 55.18
C CYS N 84 -78.78 -32.47 56.35
N GLY N 85 -78.18 -32.35 57.54
CA GLY N 85 -78.78 -32.88 58.73
C GLY N 85 -78.98 -31.83 59.81
N HIS N 86 -78.18 -30.76 59.76
CA HIS N 86 -78.27 -29.69 60.74
C HIS N 86 -79.49 -28.81 60.46
N THR N 87 -80.10 -28.32 61.53
CA THR N 87 -81.19 -27.37 61.43
C THR N 87 -80.70 -25.93 61.34
N GLY N 88 -79.39 -25.69 61.53
CA GLY N 88 -78.81 -24.37 61.39
C GLY N 88 -77.61 -24.41 60.47
N PRO N 89 -77.17 -23.24 60.02
CA PRO N 89 -76.04 -23.19 59.08
C PRO N 89 -74.78 -23.81 59.68
N VAL N 90 -74.06 -24.55 58.85
CA VAL N 90 -72.84 -25.23 59.28
C VAL N 90 -71.71 -24.21 59.34
N LEU N 91 -70.94 -24.25 60.44
CA LEU N 91 -69.86 -23.29 60.66
C LEU N 91 -68.49 -23.87 60.35
N ASP N 92 -68.16 -25.05 60.88
CA ASP N 92 -66.85 -25.65 60.68
C ASP N 92 -66.99 -27.12 60.38
N ILE N 93 -66.08 -27.64 59.56
CA ILE N 93 -66.03 -29.05 59.21
C ILE N 93 -64.58 -29.51 59.25
N ASP N 94 -64.37 -30.75 59.68
CA ASP N 94 -63.03 -31.31 59.76
C ASP N 94 -63.10 -32.82 59.57
N TRP N 95 -62.23 -33.35 58.72
CA TRP N 95 -62.15 -34.79 58.49
C TRP N 95 -61.42 -35.48 59.63
N CYS N 96 -61.76 -36.73 59.86
CA CYS N 96 -61.08 -37.53 60.87
C CYS N 96 -59.70 -37.94 60.36
N PRO N 97 -58.61 -37.63 61.08
CA PRO N 97 -57.28 -38.01 60.59
C PRO N 97 -57.06 -39.50 60.50
N HIS N 98 -57.80 -40.30 61.26
CA HIS N 98 -57.63 -41.75 61.27
C HIS N 98 -58.71 -42.47 60.47
N ASN N 99 -59.62 -41.73 59.82
CA ASN N 99 -60.67 -42.34 59.02
C ASN N 99 -61.04 -41.36 57.91
N ASP N 100 -60.75 -41.75 56.67
CA ASP N 100 -61.01 -40.87 55.53
C ASP N 100 -62.49 -40.73 55.23
N GLU N 101 -63.35 -41.56 55.83
CA GLU N 101 -64.79 -41.52 55.57
C GLU N 101 -65.58 -40.97 56.75
N VAL N 102 -64.91 -40.39 57.74
CA VAL N 102 -65.56 -39.83 58.91
C VAL N 102 -65.26 -38.35 58.98
N ILE N 103 -66.31 -37.53 59.07
CA ILE N 103 -66.17 -36.08 59.12
C ILE N 103 -67.12 -35.54 60.20
N ALA N 104 -66.63 -34.57 60.97
CA ALA N 104 -67.42 -33.92 62.00
C ALA N 104 -67.73 -32.49 61.59
N SER N 105 -68.95 -32.04 61.88
CA SER N 105 -69.41 -30.71 61.49
C SER N 105 -70.08 -30.03 62.66
N GLY N 106 -69.79 -28.74 62.82
CA GLY N 106 -70.45 -27.90 63.81
C GLY N 106 -71.32 -26.87 63.11
N SER N 107 -72.50 -26.63 63.68
CA SER N 107 -73.49 -25.75 63.07
C SER N 107 -74.01 -24.77 64.10
N GLU N 108 -74.96 -23.93 63.67
CA GLU N 108 -75.54 -22.91 64.53
C GLU N 108 -76.64 -23.44 65.43
N ASP N 109 -77.03 -24.71 65.28
CA ASP N 109 -78.05 -25.31 66.13
C ASP N 109 -77.48 -25.82 67.46
N CYS N 110 -76.29 -25.38 67.84
CA CYS N 110 -75.67 -25.72 69.12
C CYS N 110 -75.47 -27.23 69.26
N THR N 111 -74.97 -27.85 68.20
CA THR N 111 -74.71 -29.29 68.22
C THR N 111 -73.57 -29.61 67.27
N VAL N 112 -72.95 -30.76 67.50
CA VAL N 112 -71.88 -31.28 66.66
C VAL N 112 -72.27 -32.67 66.18
N MET N 113 -72.18 -32.89 64.88
CA MET N 113 -72.60 -34.14 64.26
C MET N 113 -71.44 -34.79 63.54
N VAL N 114 -71.31 -36.11 63.69
CA VAL N 114 -70.28 -36.90 63.04
C VAL N 114 -70.94 -37.78 61.99
N TRP N 115 -70.39 -37.78 60.78
CA TRP N 115 -71.01 -38.43 59.64
C TRP N 115 -70.08 -39.53 59.10
N GLN N 116 -70.70 -40.50 58.44
CA GLN N 116 -69.98 -41.58 57.77
C GLN N 116 -70.29 -41.51 56.27
N ILE N 117 -69.27 -41.22 55.47
CA ILE N 117 -69.44 -41.07 54.03
C ILE N 117 -69.17 -42.40 53.34
N PRO N 118 -70.02 -42.83 52.42
CA PRO N 118 -69.74 -44.07 51.67
C PRO N 118 -68.51 -43.91 50.80
N GLU N 119 -67.93 -45.06 50.44
CA GLU N 119 -66.66 -45.05 49.70
C GLU N 119 -66.82 -44.39 48.34
N ASN N 120 -67.93 -44.63 47.66
CA ASN N 120 -68.16 -44.10 46.32
C ASN N 120 -68.82 -42.72 46.35
N GLY N 121 -69.05 -42.15 47.52
CA GLY N 121 -69.67 -40.84 47.61
C GLY N 121 -71.11 -40.91 48.07
N LEU N 122 -71.90 -39.90 47.71
CA LEU N 122 -73.30 -39.81 48.11
C LEU N 122 -74.19 -39.95 46.89
N THR N 123 -75.13 -40.91 46.95
CA THR N 123 -76.14 -41.07 45.92
C THR N 123 -77.47 -40.45 46.31
N SER N 124 -77.75 -40.34 47.60
CA SER N 124 -78.94 -39.71 48.15
C SER N 124 -78.52 -38.76 49.24
N PRO N 125 -79.33 -37.73 49.53
CA PRO N 125 -78.97 -36.79 50.59
C PRO N 125 -78.82 -37.49 51.94
N LEU N 126 -77.82 -37.06 52.70
CA LEU N 126 -77.51 -37.65 54.00
C LEU N 126 -78.10 -36.77 55.09
N THR N 127 -78.99 -37.33 55.89
CA THR N 127 -79.67 -36.60 56.95
C THR N 127 -79.43 -37.17 58.34
N GLU N 128 -79.22 -38.48 58.46
CA GLU N 128 -79.04 -39.10 59.76
C GLU N 128 -77.55 -39.29 60.05
N PRO N 129 -76.99 -38.60 61.03
CA PRO N 129 -75.57 -38.79 61.35
C PRO N 129 -75.36 -40.01 62.25
N VAL N 130 -74.08 -40.37 62.40
CA VAL N 130 -73.73 -41.51 63.24
C VAL N 130 -73.99 -41.19 64.71
N VAL N 131 -73.57 -40.01 65.16
CA VAL N 131 -73.71 -39.61 66.56
C VAL N 131 -73.92 -38.10 66.61
N VAL N 132 -74.84 -37.66 67.45
CA VAL N 132 -75.13 -36.24 67.67
C VAL N 132 -74.57 -35.86 69.03
N LEU N 133 -73.69 -34.86 69.06
CA LEU N 133 -73.08 -34.39 70.29
C LEU N 133 -73.76 -33.08 70.69
N GLU N 134 -74.49 -33.12 71.80
CA GLU N 134 -75.24 -31.96 72.30
C GLU N 134 -74.71 -31.60 73.69
N GLY N 135 -73.74 -30.69 73.71
CA GLY N 135 -73.17 -30.24 74.98
C GLY N 135 -72.96 -28.75 75.03
N HIS N 136 -73.27 -28.05 73.94
CA HIS N 136 -73.07 -26.61 73.84
C HIS N 136 -74.41 -25.90 73.85
N THR N 137 -74.43 -24.73 74.50
CA THR N 137 -75.63 -23.90 74.55
C THR N 137 -75.69 -22.86 73.43
N LYS N 138 -74.58 -22.62 72.74
CA LYS N 138 -74.54 -21.68 71.62
C LYS N 138 -73.95 -22.38 70.40
N ARG N 139 -73.83 -21.62 69.32
CA ARG N 139 -73.34 -22.19 68.07
C ARG N 139 -71.89 -22.63 68.20
N VAL N 140 -71.57 -23.77 67.59
CA VAL N 140 -70.23 -24.36 67.65
C VAL N 140 -69.54 -24.08 66.31
N GLY N 141 -68.46 -23.30 66.37
CA GLY N 141 -67.75 -22.93 65.16
C GLY N 141 -66.32 -23.43 65.10
N ILE N 142 -65.90 -24.19 66.12
CA ILE N 142 -64.53 -24.70 66.21
C ILE N 142 -64.61 -26.21 66.45
N ILE N 143 -64.16 -26.99 65.46
CA ILE N 143 -64.06 -28.43 65.57
C ILE N 143 -62.60 -28.82 65.31
N ALA N 144 -62.04 -29.63 66.19
CA ALA N 144 -60.64 -30.04 66.07
C ALA N 144 -60.49 -31.47 66.56
N TRP N 145 -60.12 -32.37 65.66
CA TRP N 145 -59.85 -33.75 66.01
C TRP N 145 -58.51 -33.88 66.73
N HIS N 146 -58.41 -34.91 67.58
CA HIS N 146 -57.15 -35.15 68.27
C HIS N 146 -56.14 -35.77 67.32
N PRO N 147 -54.92 -35.24 67.26
CA PRO N 147 -53.94 -35.77 66.28
C PRO N 147 -53.59 -37.23 66.50
N THR N 148 -53.55 -37.70 67.74
CA THR N 148 -53.11 -39.07 68.04
C THR N 148 -54.22 -39.94 68.61
N ALA N 149 -54.94 -39.45 69.61
CA ALA N 149 -55.98 -40.27 70.24
C ALA N 149 -57.11 -40.56 69.26
N ARG N 150 -57.59 -41.79 69.27
CA ARG N 150 -58.63 -42.22 68.34
C ARG N 150 -60.01 -41.82 68.85
N ASN N 151 -60.83 -41.30 67.94
CA ASN N 151 -62.22 -40.93 68.24
C ASN N 151 -62.31 -39.89 69.36
N VAL N 152 -61.36 -38.98 69.42
CA VAL N 152 -61.36 -37.88 70.37
C VAL N 152 -61.52 -36.58 69.59
N LEU N 153 -62.58 -35.83 69.89
CA LEU N 153 -62.93 -34.63 69.15
C LEU N 153 -63.08 -33.46 70.11
N LEU N 154 -62.58 -32.30 69.70
CA LEU N 154 -62.69 -31.07 70.47
C LEU N 154 -63.70 -30.15 69.79
N SER N 155 -64.59 -29.57 70.60
CA SER N 155 -65.57 -28.62 70.12
C SER N 155 -65.57 -27.39 71.02
N ALA N 156 -65.58 -26.21 70.41
CA ALA N 156 -65.57 -24.95 71.14
C ALA N 156 -66.67 -24.06 70.57
N GLY N 157 -67.75 -23.88 71.34
CA GLY N 157 -68.87 -23.06 70.93
C GLY N 157 -68.66 -21.59 71.27
N CYS N 158 -69.71 -20.81 71.00
CA CYS N 158 -69.68 -19.39 71.30
C CYS N 158 -69.98 -19.09 72.76
N ASP N 159 -70.36 -20.09 73.55
CA ASP N 159 -70.57 -19.91 74.98
C ASP N 159 -69.29 -20.03 75.79
N ASN N 160 -68.13 -19.90 75.12
CA ASN N 160 -66.83 -19.86 75.80
C ASN N 160 -66.55 -21.11 76.62
N VAL N 161 -66.91 -22.27 76.07
CA VAL N 161 -66.66 -23.55 76.71
C VAL N 161 -66.01 -24.48 75.69
N VAL N 162 -65.04 -25.26 76.14
CA VAL N 162 -64.32 -26.22 75.31
C VAL N 162 -64.66 -27.62 75.82
N LEU N 163 -65.09 -28.49 74.92
CA LEU N 163 -65.53 -29.84 75.28
C LEU N 163 -64.72 -30.88 74.52
N ILE N 164 -64.34 -31.94 75.23
CA ILE N 164 -63.66 -33.09 74.65
C ILE N 164 -64.66 -34.23 74.54
N TRP N 165 -64.82 -34.77 73.34
CA TRP N 165 -65.83 -35.77 73.06
C TRP N 165 -65.18 -37.10 72.68
N ASN N 166 -65.84 -38.18 73.03
CA ASN N 166 -65.47 -39.53 72.61
C ASN N 166 -66.49 -39.96 71.56
N VAL N 167 -66.09 -39.89 70.29
CA VAL N 167 -67.02 -40.15 69.19
C VAL N 167 -67.54 -41.57 69.25
N GLY N 168 -66.67 -42.53 69.55
CA GLY N 168 -67.08 -43.92 69.55
C GLY N 168 -68.14 -44.22 70.59
N THR N 169 -68.02 -43.65 71.78
CA THR N 169 -68.93 -43.92 72.88
C THR N 169 -69.89 -42.76 73.15
N ALA N 170 -69.83 -41.70 72.36
CA ALA N 170 -70.72 -40.54 72.50
C ALA N 170 -70.65 -39.94 73.90
N GLU N 171 -69.46 -39.91 74.49
CA GLU N 171 -69.27 -39.41 75.84
C GLU N 171 -68.49 -38.10 75.84
N GLU N 172 -68.74 -37.29 76.87
CA GLU N 172 -68.05 -36.03 77.08
C GLU N 172 -66.89 -36.30 78.04
N LEU N 173 -65.67 -36.38 77.49
CA LEU N 173 -64.51 -36.72 78.31
C LEU N 173 -64.17 -35.62 79.28
N TYR N 174 -64.10 -34.37 78.81
CA TYR N 174 -63.75 -33.24 79.65
C TYR N 174 -64.62 -32.05 79.29
N ARG N 175 -64.84 -31.19 80.28
CA ARG N 175 -65.58 -29.94 80.10
C ARG N 175 -64.75 -28.82 80.71
N LEU N 176 -64.49 -27.77 79.93
CA LEU N 176 -63.66 -26.64 80.36
C LEU N 176 -64.44 -25.35 80.10
N ASP N 177 -64.99 -24.78 81.16
CA ASP N 177 -65.85 -23.60 81.05
C ASP N 177 -65.17 -22.33 81.56
N SER N 178 -64.56 -22.37 82.74
CA SER N 178 -64.00 -21.17 83.37
C SER N 178 -62.54 -20.96 82.95
N LEU N 179 -62.34 -20.87 81.63
CA LEU N 179 -61.02 -20.61 81.09
C LEU N 179 -60.97 -19.57 79.98
N HIS N 180 -62.10 -19.20 79.38
CA HIS N 180 -62.14 -18.19 78.34
C HIS N 180 -63.19 -17.15 78.68
N PRO N 181 -62.81 -15.91 79.01
CA PRO N 181 -63.80 -14.89 79.35
C PRO N 181 -64.53 -14.31 78.16
N ASP N 182 -64.04 -14.52 76.94
CA ASP N 182 -64.67 -13.96 75.76
C ASP N 182 -64.75 -14.97 74.62
N LEU N 183 -65.12 -14.52 73.44
CA LEU N 183 -65.29 -15.42 72.30
C LEU N 183 -63.97 -16.08 71.92
N ILE N 184 -64.03 -17.37 71.64
CA ILE N 184 -62.85 -18.14 71.24
C ILE N 184 -62.74 -18.09 69.72
N TYR N 185 -61.53 -17.81 69.22
CA TYR N 185 -61.30 -17.66 67.80
C TYR N 185 -60.95 -19.01 67.15
N ASN N 186 -59.92 -19.67 67.63
CA ASN N 186 -59.53 -20.97 67.11
C ASN N 186 -58.83 -21.77 68.20
N VAL N 187 -58.83 -23.08 68.03
CA VAL N 187 -58.15 -24.01 68.93
C VAL N 187 -57.32 -24.97 68.10
N SER N 188 -56.04 -25.12 68.44
CA SER N 188 -55.13 -25.99 67.71
C SER N 188 -54.39 -26.89 68.68
N TRP N 189 -54.40 -28.18 68.40
CA TRP N 189 -53.66 -29.15 69.21
C TRP N 189 -52.16 -29.01 68.96
N ASN N 190 -51.37 -29.46 69.93
CA ASN N 190 -49.93 -29.50 69.78
C ASN N 190 -49.52 -30.79 69.06
N HIS N 191 -48.22 -31.09 69.06
CA HIS N 191 -47.72 -32.22 68.29
C HIS N 191 -48.29 -33.55 68.80
N ASN N 192 -48.06 -33.85 70.07
CA ASN N 192 -48.47 -35.14 70.62
C ASN N 192 -49.93 -35.16 71.05
N GLY N 193 -50.60 -34.02 71.12
CA GLY N 193 -51.97 -33.96 71.57
C GLY N 193 -52.15 -33.71 73.05
N SER N 194 -51.09 -33.44 73.79
CA SER N 194 -51.20 -33.23 75.23
C SER N 194 -51.77 -31.86 75.57
N LEU N 195 -51.50 -30.85 74.75
CA LEU N 195 -51.94 -29.49 75.01
C LEU N 195 -52.57 -28.90 73.76
N PHE N 196 -53.29 -27.80 73.94
CA PHE N 196 -53.83 -27.04 72.83
C PHE N 196 -53.75 -25.56 73.13
N CYS N 197 -53.64 -24.76 72.09
CA CYS N 197 -53.60 -23.31 72.20
C CYS N 197 -54.88 -22.70 71.64
N SER N 198 -55.30 -21.60 72.26
CA SER N 198 -56.55 -20.96 71.87
C SER N 198 -56.35 -19.46 71.78
N ALA N 199 -56.98 -18.85 70.78
CA ALA N 199 -57.01 -17.40 70.62
C ALA N 199 -58.39 -16.90 71.02
N CYS N 200 -58.43 -15.88 71.86
CA CYS N 200 -59.67 -15.37 72.41
C CYS N 200 -59.83 -13.90 72.07
N LYS N 201 -61.07 -13.41 72.18
CA LYS N 201 -61.38 -12.04 71.81
C LYS N 201 -60.72 -11.02 72.73
N ASP N 202 -60.26 -11.43 73.91
CA ASP N 202 -59.56 -10.54 74.83
C ASP N 202 -58.07 -10.39 74.50
N LYS N 203 -57.67 -10.75 73.28
CA LYS N 203 -56.29 -10.61 72.82
C LYS N 203 -55.32 -11.44 73.67
N SER N 204 -55.79 -12.56 74.21
CA SER N 204 -54.99 -13.41 75.07
C SER N 204 -54.80 -14.77 74.43
N VAL N 205 -53.56 -15.26 74.41
CA VAL N 205 -53.23 -16.59 73.92
C VAL N 205 -53.03 -17.50 75.13
N ARG N 206 -53.77 -18.60 75.17
CA ARG N 206 -53.78 -19.49 76.33
C ARG N 206 -53.38 -20.90 75.90
N ILE N 207 -52.45 -21.50 76.63
CA ILE N 207 -52.09 -22.90 76.46
C ILE N 207 -52.72 -23.68 77.61
N ILE N 208 -53.57 -24.64 77.28
CA ILE N 208 -54.42 -25.31 78.26
C ILE N 208 -54.22 -26.81 78.15
N ASP N 209 -54.04 -27.48 79.28
CA ASP N 209 -53.99 -28.93 79.33
C ASP N 209 -55.41 -29.45 79.53
N PRO N 210 -55.99 -30.16 78.57
CA PRO N 210 -57.39 -30.60 78.74
C PRO N 210 -57.55 -31.69 79.78
N ARG N 211 -56.58 -32.59 79.91
CA ARG N 211 -56.70 -33.69 80.86
C ARG N 211 -56.58 -33.23 82.30
N ARG N 212 -56.00 -32.06 82.55
CA ARG N 212 -55.88 -31.52 83.90
C ARG N 212 -56.73 -30.28 84.13
N GLY N 213 -57.25 -29.66 83.08
CA GLY N 213 -58.06 -28.47 83.25
C GLY N 213 -57.33 -27.28 83.84
N THR N 214 -56.05 -27.13 83.52
CA THR N 214 -55.23 -26.05 84.06
C THR N 214 -54.65 -25.22 82.91
N LEU N 215 -54.37 -23.96 83.23
CA LEU N 215 -53.80 -23.01 82.27
C LEU N 215 -52.28 -23.10 82.37
N VAL N 216 -51.65 -23.68 81.34
CA VAL N 216 -50.20 -23.85 81.35
C VAL N 216 -49.50 -22.50 81.20
N ALA N 217 -49.95 -21.69 80.24
CA ALA N 217 -49.33 -20.40 80.00
C ALA N 217 -50.36 -19.46 79.39
N GLU N 218 -50.09 -18.16 79.50
CA GLU N 218 -50.99 -17.13 78.98
C GLU N 218 -50.20 -15.87 78.69
N ARG N 219 -50.46 -15.29 77.52
CA ARG N 219 -49.86 -14.02 77.11
C ARG N 219 -50.99 -13.02 76.87
N GLU N 220 -51.11 -12.04 77.76
CA GLU N 220 -52.15 -11.03 77.62
C GLU N 220 -51.73 -9.98 76.60
N LYS N 221 -52.69 -9.53 75.80
CA LYS N 221 -52.48 -8.53 74.75
C LYS N 221 -51.35 -8.94 73.82
N ALA N 222 -51.45 -10.16 73.28
CA ALA N 222 -50.46 -10.63 72.31
C ALA N 222 -50.48 -9.76 71.06
N HIS N 223 -51.67 -9.41 70.58
CA HIS N 223 -51.84 -8.47 69.49
C HIS N 223 -52.81 -7.38 69.94
N GLU N 224 -52.40 -6.12 69.78
CA GLU N 224 -53.18 -5.01 70.32
C GLU N 224 -54.44 -4.71 69.53
N GLY N 225 -54.54 -5.21 68.30
CA GLY N 225 -55.72 -4.92 67.50
C GLY N 225 -56.96 -5.64 67.99
N ALA N 226 -58.10 -5.05 67.68
CA ALA N 226 -59.40 -5.63 68.02
C ALA N 226 -59.92 -6.60 66.98
N ARG N 227 -59.25 -6.70 65.83
CA ARG N 227 -59.67 -7.63 64.79
C ARG N 227 -59.35 -9.06 65.19
N PRO N 228 -60.01 -10.04 64.59
CA PRO N 228 -59.79 -11.44 64.97
C PRO N 228 -58.34 -11.87 64.79
N MET N 229 -57.90 -12.78 65.65
CA MET N 229 -56.53 -13.29 65.65
C MET N 229 -56.57 -14.81 65.74
N ARG N 230 -55.47 -15.44 65.33
CA ARG N 230 -55.35 -16.88 65.32
C ARG N 230 -54.13 -17.31 66.12
N ALA N 231 -54.11 -18.60 66.47
CA ALA N 231 -52.99 -19.16 67.23
C ALA N 231 -52.94 -20.66 66.95
N ILE N 232 -51.78 -21.13 66.48
CA ILE N 232 -51.58 -22.54 66.16
C ILE N 232 -50.30 -23.02 66.83
N PHE N 233 -50.22 -24.33 67.03
CA PHE N 233 -49.05 -24.96 67.63
C PHE N 233 -48.11 -25.48 66.55
N LEU N 234 -46.82 -25.35 66.79
CA LEU N 234 -45.80 -25.84 65.89
C LEU N 234 -45.31 -27.21 66.33
N ALA N 235 -44.62 -27.89 65.41
CA ALA N 235 -44.11 -29.23 65.70
C ALA N 235 -43.07 -29.20 66.82
N ASP N 236 -42.17 -28.22 66.79
CA ASP N 236 -41.14 -28.11 67.82
C ASP N 236 -41.69 -27.68 69.17
N GLY N 237 -42.93 -27.20 69.23
CA GLY N 237 -43.56 -26.81 70.46
C GLY N 237 -43.80 -25.32 70.67
N LYS N 238 -43.57 -24.49 69.66
CA LYS N 238 -43.82 -23.06 69.75
C LYS N 238 -45.21 -22.72 69.22
N VAL N 239 -45.61 -21.46 69.42
CA VAL N 239 -46.91 -20.97 69.03
C VAL N 239 -46.73 -19.88 67.99
N PHE N 240 -47.41 -20.03 66.85
CA PHE N 240 -47.41 -19.04 65.79
C PHE N 240 -48.78 -18.37 65.76
N THR N 241 -48.80 -17.04 65.89
CA THR N 241 -50.03 -16.28 65.96
C THR N 241 -50.05 -15.18 64.91
N THR N 242 -51.23 -14.94 64.36
CA THR N 242 -51.47 -13.86 63.42
C THR N 242 -52.48 -12.90 64.03
N GLY N 243 -52.16 -11.61 63.99
CA GLY N 243 -53.02 -10.63 64.61
C GLY N 243 -52.85 -9.25 64.00
N PHE N 244 -53.46 -8.26 64.65
CA PHE N 244 -53.46 -6.89 64.18
C PHE N 244 -52.77 -5.99 65.19
N SER N 245 -52.57 -4.73 64.79
CA SER N 245 -51.95 -3.72 65.64
C SER N 245 -52.99 -2.69 66.09
N ARG N 246 -52.55 -1.75 66.92
CA ARG N 246 -53.38 -0.60 67.24
C ARG N 246 -53.69 0.21 65.99
N MET N 247 -52.75 0.28 65.05
CA MET N 247 -52.96 0.95 63.78
C MET N 247 -53.57 0.05 62.72
N SER N 248 -54.08 -1.12 63.12
CA SER N 248 -54.72 -2.07 62.22
C SER N 248 -53.75 -2.56 61.15
N GLU N 249 -52.64 -3.13 61.58
CA GLU N 249 -51.65 -3.73 60.69
C GLU N 249 -51.51 -5.21 61.04
N ARG N 250 -51.69 -6.07 60.04
CA ARG N 250 -51.60 -7.50 60.26
C ARG N 250 -50.16 -7.91 60.52
N GLN N 251 -49.97 -8.82 61.49
CA GLN N 251 -48.65 -9.25 61.89
C GLN N 251 -48.59 -10.77 61.98
N LEU N 252 -47.36 -11.28 62.02
CA LEU N 252 -47.07 -12.67 62.35
C LEU N 252 -46.13 -12.69 63.55
N ALA N 253 -46.50 -13.44 64.59
CA ALA N 253 -45.73 -13.46 65.82
C ALA N 253 -45.37 -14.89 66.19
N LEU N 254 -44.14 -15.07 66.67
CA LEU N 254 -43.66 -16.36 67.15
C LEU N 254 -43.52 -16.28 68.66
N TRP N 255 -44.11 -17.25 69.36
CA TRP N 255 -44.19 -17.24 70.81
C TRP N 255 -43.50 -18.47 71.39
N ASP N 256 -42.72 -18.25 72.44
CA ASP N 256 -42.08 -19.33 73.17
C ASP N 256 -42.88 -19.64 74.42
N PRO N 257 -43.43 -20.85 74.57
CA PRO N 257 -44.21 -21.16 75.78
C PRO N 257 -43.42 -21.07 77.07
N GLU N 258 -42.10 -21.17 77.02
CA GLU N 258 -41.27 -21.02 78.21
C GLU N 258 -40.91 -19.57 78.52
N ASN N 259 -41.13 -18.66 77.58
CA ASN N 259 -40.85 -17.24 77.82
C ASN N 259 -41.78 -16.45 76.90
N LEU N 260 -42.89 -15.95 77.46
CA LEU N 260 -43.87 -15.20 76.71
C LEU N 260 -43.79 -13.70 76.96
N GLU N 261 -42.73 -13.23 77.63
CA GLU N 261 -42.61 -11.81 77.92
C GLU N 261 -42.51 -10.99 76.62
N GLU N 262 -41.70 -11.43 75.68
CA GLU N 262 -41.54 -10.78 74.39
C GLU N 262 -41.54 -11.82 73.29
N PRO N 263 -42.10 -11.49 72.13
CA PRO N 263 -42.10 -12.44 71.01
C PRO N 263 -40.71 -12.66 70.45
N MET N 264 -40.48 -13.88 69.96
CA MET N 264 -39.24 -14.15 69.24
C MET N 264 -39.19 -13.40 67.92
N ALA N 265 -40.32 -13.30 67.24
CA ALA N 265 -40.41 -12.57 65.97
C ALA N 265 -41.71 -11.78 65.95
N LEU N 266 -41.68 -10.64 65.26
CA LEU N 266 -42.88 -9.81 65.09
C LEU N 266 -42.66 -8.94 63.87
N GLN N 267 -43.27 -9.32 62.75
CA GLN N 267 -43.20 -8.57 61.51
C GLN N 267 -44.60 -8.26 61.01
N GLU N 268 -44.75 -7.09 60.39
CA GLU N 268 -46.02 -6.63 59.86
C GLU N 268 -46.11 -6.93 58.38
N LEU N 269 -47.28 -7.43 57.95
CA LEU N 269 -47.48 -7.81 56.55
C LEU N 269 -48.06 -6.67 55.73
N ASP N 270 -49.24 -6.18 56.11
CA ASP N 270 -49.90 -5.11 55.38
C ASP N 270 -50.94 -4.48 56.29
N SER N 271 -51.77 -3.61 55.72
CA SER N 271 -52.82 -2.92 56.48
C SER N 271 -54.22 -3.29 55.98
N SER N 272 -54.35 -4.43 55.30
CA SER N 272 -55.64 -4.86 54.80
C SER N 272 -56.46 -5.52 55.90
N ASN N 273 -57.76 -5.65 55.64
CA ASN N 273 -58.67 -6.27 56.59
C ASN N 273 -58.70 -7.78 56.37
N GLY N 274 -59.58 -8.45 57.11
CA GLY N 274 -59.71 -9.89 56.99
C GLY N 274 -58.73 -10.65 57.85
N ALA N 275 -59.24 -11.65 58.59
CA ALA N 275 -58.37 -12.44 59.45
C ALA N 275 -57.44 -13.33 58.63
N LEU N 276 -56.24 -13.51 59.13
CA LEU N 276 -55.23 -14.35 58.47
C LEU N 276 -55.35 -15.78 58.99
N LEU N 277 -55.56 -16.73 58.07
CA LEU N 277 -55.69 -18.12 58.45
C LEU N 277 -54.37 -18.83 58.22
N PRO N 278 -53.68 -19.27 59.27
CA PRO N 278 -52.39 -19.94 59.07
C PRO N 278 -52.52 -21.43 58.82
N PHE N 279 -51.83 -21.93 57.80
CA PHE N 279 -51.78 -23.35 57.49
C PHE N 279 -50.34 -23.83 57.69
N TYR N 280 -50.14 -24.69 58.68
CA TYR N 280 -48.81 -25.11 59.09
C TYR N 280 -48.51 -26.50 58.56
N ASP N 281 -47.31 -26.67 58.01
CA ASP N 281 -46.83 -27.95 57.49
C ASP N 281 -45.66 -28.42 58.34
N PRO N 282 -45.87 -29.37 59.25
CA PRO N 282 -44.77 -29.78 60.14
C PRO N 282 -43.59 -30.40 59.41
N ASP N 283 -43.82 -31.03 58.26
CA ASP N 283 -42.73 -31.69 57.54
C ASP N 283 -41.75 -30.66 56.99
N THR N 284 -42.25 -29.63 56.31
CA THR N 284 -41.40 -28.61 55.71
C THR N 284 -41.19 -27.39 56.60
N SER N 285 -41.87 -27.33 57.75
CA SER N 285 -41.79 -26.18 58.65
C SER N 285 -42.13 -24.89 57.92
N VAL N 286 -43.15 -24.95 57.07
CA VAL N 286 -43.59 -23.82 56.26
C VAL N 286 -45.02 -23.48 56.65
N VAL N 287 -45.25 -22.21 56.97
CA VAL N 287 -46.57 -21.72 57.37
C VAL N 287 -47.15 -20.93 56.21
N TYR N 288 -48.34 -21.33 55.76
CA TYR N 288 -49.05 -20.65 54.70
C TYR N 288 -50.09 -19.73 55.30
N VAL N 289 -50.02 -18.45 54.97
CA VAL N 289 -50.93 -17.44 55.52
C VAL N 289 -51.89 -17.05 54.41
N CYS N 290 -53.17 -17.38 54.61
CA CYS N 290 -54.23 -17.07 53.65
C CYS N 290 -55.28 -16.22 54.34
N GLY N 291 -55.34 -14.93 53.99
CA GLY N 291 -56.32 -14.05 54.58
C GLY N 291 -57.67 -14.17 53.90
N LYS N 292 -58.73 -14.05 54.68
CA LYS N 292 -60.08 -14.10 54.14
C LYS N 292 -60.36 -12.86 53.29
N GLY N 293 -60.85 -13.08 52.07
CA GLY N 293 -61.07 -12.00 51.15
C GLY N 293 -59.84 -11.52 50.41
N ASP N 294 -58.69 -12.12 50.65
CA ASP N 294 -57.46 -11.75 49.97
C ASP N 294 -57.30 -12.56 48.69
N SER N 295 -56.49 -12.02 47.78
CA SER N 295 -56.19 -12.69 46.51
C SER N 295 -54.78 -13.26 46.46
N SER N 296 -54.07 -13.28 47.59
CA SER N 296 -52.68 -13.73 47.63
C SER N 296 -52.49 -14.72 48.77
N ILE N 297 -51.53 -15.62 48.56
CA ILE N 297 -51.14 -16.61 49.56
C ILE N 297 -49.66 -16.43 49.84
N ARG N 298 -49.31 -16.17 51.09
CA ARG N 298 -47.93 -15.97 51.52
C ARG N 298 -47.49 -17.13 52.39
N TYR N 299 -46.32 -17.71 52.07
CA TYR N 299 -45.77 -18.81 52.84
C TYR N 299 -44.46 -18.37 53.48
N PHE N 300 -44.27 -18.75 54.74
CA PHE N 300 -43.10 -18.39 55.52
C PHE N 300 -42.48 -19.65 56.11
N GLU N 301 -41.16 -19.62 56.30
CA GLU N 301 -40.41 -20.74 56.86
C GLU N 301 -40.01 -20.39 58.28
N ILE N 302 -40.25 -21.32 59.20
CA ILE N 302 -39.94 -21.14 60.61
C ILE N 302 -38.70 -21.97 60.93
N THR N 303 -37.59 -21.31 61.25
CA THR N 303 -36.35 -21.97 61.57
C THR N 303 -35.81 -21.41 62.88
N GLU N 304 -34.72 -22.01 63.37
CA GLU N 304 -34.09 -21.55 64.60
C GLU N 304 -33.18 -20.35 64.40
N GLU N 305 -32.81 -20.06 63.16
CA GLU N 305 -31.99 -18.88 62.87
C GLU N 305 -32.86 -17.63 62.88
N PRO N 306 -32.37 -16.53 63.48
CA PRO N 306 -33.18 -15.31 63.53
C PRO N 306 -33.38 -14.74 62.13
N PRO N 307 -34.50 -14.05 61.88
CA PRO N 307 -35.58 -13.70 62.82
C PRO N 307 -36.62 -14.79 62.99
N TYR N 308 -36.25 -16.06 62.77
CA TYR N 308 -37.07 -17.22 63.08
C TYR N 308 -38.32 -17.33 62.22
N ILE N 309 -38.58 -16.32 61.38
CA ILE N 309 -39.72 -16.32 60.46
C ILE N 309 -39.23 -15.68 59.18
N HIS N 310 -39.03 -16.48 58.14
CA HIS N 310 -38.42 -16.02 56.89
C HIS N 310 -39.46 -16.08 55.77
N PHE N 311 -39.63 -14.95 55.09
CA PHE N 311 -40.56 -14.89 53.97
C PHE N 311 -39.95 -15.55 52.74
N LEU N 312 -40.64 -16.54 52.20
CA LEU N 312 -40.12 -17.29 51.05
C LEU N 312 -40.59 -16.66 49.73
N ASN N 313 -41.90 -16.60 49.51
CA ASN N 313 -42.48 -16.02 48.31
C ASN N 313 -43.97 -15.85 48.56
N THR N 314 -44.68 -15.36 47.55
CA THR N 314 -46.11 -15.16 47.63
C THR N 314 -46.76 -15.55 46.31
N PHE N 315 -47.89 -16.24 46.39
CA PHE N 315 -48.67 -16.60 45.20
C PHE N 315 -49.78 -15.57 45.03
N THR N 316 -49.81 -14.92 43.87
CA THR N 316 -50.74 -13.83 43.61
C THR N 316 -51.75 -14.23 42.54
N SER N 317 -53.02 -13.90 42.80
CA SER N 317 -54.10 -14.14 41.86
C SER N 317 -54.93 -12.87 41.74
N LYS N 318 -56.02 -12.94 40.99
CA LYS N 318 -56.90 -11.80 40.76
C LYS N 318 -58.28 -11.98 41.37
N GLU N 319 -58.53 -13.08 42.07
CA GLU N 319 -59.83 -13.34 42.66
C GLU N 319 -59.68 -13.51 44.17
N PRO N 320 -60.48 -12.82 44.98
CA PRO N 320 -60.44 -13.04 46.42
C PRO N 320 -60.95 -14.42 46.79
N GLN N 321 -60.43 -14.94 47.89
CA GLN N 321 -60.80 -16.27 48.36
C GLN N 321 -61.80 -16.19 49.49
N ARG N 322 -62.83 -17.04 49.43
CA ARG N 322 -63.83 -17.12 50.48
C ARG N 322 -63.48 -18.19 51.52
N GLY N 323 -62.71 -19.21 51.12
CA GLY N 323 -62.28 -20.25 52.02
C GLY N 323 -60.98 -20.86 51.52
N MET N 324 -60.44 -21.79 52.29
CA MET N 324 -59.17 -22.41 51.94
C MET N 324 -59.06 -23.75 52.64
N GLY N 325 -58.82 -24.81 51.88
CA GLY N 325 -58.59 -26.13 52.44
C GLY N 325 -57.23 -26.64 52.01
N SER N 326 -56.55 -27.31 52.94
CA SER N 326 -55.19 -27.80 52.71
C SER N 326 -55.20 -29.33 52.68
N MET N 327 -54.69 -29.90 51.60
CA MET N 327 -54.61 -31.34 51.46
C MET N 327 -53.45 -31.88 52.30
N PRO N 328 -53.65 -32.94 53.06
CA PRO N 328 -52.55 -33.52 53.84
C PRO N 328 -51.49 -34.14 52.92
N LYS N 329 -50.38 -34.54 53.54
CA LYS N 329 -49.23 -35.04 52.78
C LYS N 329 -49.55 -36.34 52.06
N ARG N 330 -50.46 -37.15 52.60
CA ARG N 330 -50.73 -38.45 52.01
C ARG N 330 -51.40 -38.37 50.65
N GLY N 331 -52.05 -37.25 50.33
CA GLY N 331 -52.73 -37.08 49.06
C GLY N 331 -51.99 -36.28 48.02
N LEU N 332 -50.77 -35.84 48.30
CA LEU N 332 -50.02 -35.02 47.36
C LEU N 332 -49.30 -35.90 46.35
N GLU N 333 -49.09 -35.34 45.15
CA GLU N 333 -48.36 -36.02 44.09
C GLU N 333 -46.86 -35.87 44.37
N VAL N 334 -46.28 -36.90 44.97
CA VAL N 334 -44.88 -36.83 45.37
C VAL N 334 -43.97 -36.81 44.14
N SER N 335 -44.33 -37.57 43.10
CA SER N 335 -43.48 -37.68 41.93
C SER N 335 -43.29 -36.36 41.18
N LYS N 336 -44.15 -35.38 41.44
CA LYS N 336 -44.06 -34.07 40.81
C LYS N 336 -43.45 -33.01 41.72
N CYS N 337 -42.79 -33.43 42.80
CA CYS N 337 -42.17 -32.52 43.76
C CYS N 337 -43.17 -31.52 44.32
N GLU N 338 -44.38 -32.00 44.62
CA GLU N 338 -45.43 -31.18 45.17
C GLU N 338 -45.43 -31.31 46.69
N ILE N 339 -45.34 -30.17 47.38
CA ILE N 339 -45.24 -30.16 48.84
C ILE N 339 -46.51 -29.64 49.51
N ALA N 340 -47.43 -29.03 48.78
CA ALA N 340 -48.66 -28.54 49.36
C ALA N 340 -49.67 -28.29 48.26
N ARG N 341 -50.94 -28.60 48.54
CA ARG N 341 -52.04 -28.30 47.63
C ARG N 341 -53.14 -27.61 48.42
N PHE N 342 -53.58 -26.45 47.94
CA PHE N 342 -54.60 -25.65 48.61
C PHE N 342 -55.82 -25.54 47.70
N TYR N 343 -56.99 -25.88 48.25
CA TYR N 343 -58.25 -25.81 47.50
C TYR N 343 -58.88 -24.46 47.77
N LYS N 344 -58.49 -23.47 46.97
CA LYS N 344 -59.00 -22.11 47.14
C LYS N 344 -60.47 -22.06 46.79
N LEU N 345 -61.26 -21.42 47.66
CA LEU N 345 -62.70 -21.34 47.50
C LEU N 345 -63.09 -19.95 47.00
N HIS N 346 -63.72 -19.89 45.84
CA HIS N 346 -64.32 -18.66 45.34
C HIS N 346 -65.77 -18.60 45.80
N GLU N 347 -66.55 -17.67 45.27
CA GLU N 347 -67.95 -17.60 45.64
C GLU N 347 -68.77 -18.71 45.00
N ARG N 348 -68.35 -19.21 43.83
CA ARG N 348 -69.07 -20.28 43.16
C ARG N 348 -68.15 -21.35 42.58
N LYS N 349 -66.88 -21.40 43.02
CA LYS N 349 -65.93 -22.34 42.44
C LYS N 349 -64.87 -22.69 43.47
N CYS N 350 -64.36 -23.92 43.38
CA CYS N 350 -63.23 -24.38 44.17
C CYS N 350 -62.06 -24.64 43.23
N GLU N 351 -60.99 -23.86 43.38
CA GLU N 351 -59.85 -23.93 42.50
C GLU N 351 -58.63 -24.47 43.24
N PRO N 352 -58.26 -25.74 43.07
CA PRO N 352 -57.04 -26.24 43.72
C PRO N 352 -55.81 -25.51 43.22
N ILE N 353 -54.87 -25.29 44.13
CA ILE N 353 -53.60 -24.62 43.83
C ILE N 353 -52.47 -25.56 44.23
N VAL N 354 -51.56 -25.82 43.30
CA VAL N 354 -50.48 -26.77 43.51
C VAL N 354 -49.20 -25.99 43.84
N MET N 355 -48.65 -26.24 45.02
CA MET N 355 -47.38 -25.66 45.44
C MET N 355 -46.29 -26.70 45.25
N THR N 356 -45.33 -26.40 44.37
CA THR N 356 -44.31 -27.36 43.98
C THR N 356 -42.93 -26.77 44.18
N VAL N 357 -41.97 -27.64 44.45
CA VAL N 357 -40.56 -27.27 44.59
C VAL N 357 -39.86 -27.54 43.27
N PRO N 358 -39.29 -26.52 42.61
CA PRO N 358 -38.63 -26.74 41.32
C PRO N 358 -37.35 -27.56 41.51
N ARG N 359 -37.31 -28.74 40.91
CA ARG N 359 -36.17 -29.63 40.99
C ARG N 359 -35.88 -30.21 39.61
N LYS N 360 -34.60 -30.19 39.21
CA LYS N 360 -34.22 -30.76 37.94
C LYS N 360 -34.46 -32.27 37.90
N SER N 361 -34.10 -32.97 38.98
CA SER N 361 -34.20 -34.41 39.00
C SER N 361 -35.67 -34.85 39.04
N ASP N 362 -35.97 -35.92 38.31
CA ASP N 362 -37.31 -36.51 38.30
C ASP N 362 -37.44 -37.66 39.29
N LEU N 363 -36.40 -37.95 40.06
CA LEU N 363 -36.43 -39.06 41.01
C LEU N 363 -37.06 -38.60 42.33
N PHE N 364 -37.20 -39.55 43.25
CA PHE N 364 -37.78 -39.24 44.56
C PHE N 364 -36.82 -38.39 45.37
N GLN N 365 -37.35 -37.31 45.95
CA GLN N 365 -36.56 -36.38 46.77
C GLN N 365 -36.72 -36.78 48.23
N ASP N 366 -35.67 -37.38 48.80
CA ASP N 366 -35.73 -37.80 50.20
C ASP N 366 -35.85 -36.60 51.14
N ASP N 367 -35.11 -35.53 50.85
CA ASP N 367 -35.09 -34.39 51.75
C ASP N 367 -36.42 -33.65 51.77
N LEU N 368 -37.13 -33.60 50.63
CA LEU N 368 -38.39 -32.86 50.57
C LEU N 368 -39.51 -33.60 51.29
N TYR N 369 -39.42 -34.92 51.40
CA TYR N 369 -40.51 -35.75 51.94
C TYR N 369 -39.96 -36.60 53.08
N PRO N 370 -39.88 -36.06 54.29
CA PRO N 370 -39.55 -36.89 55.45
C PRO N 370 -40.73 -37.75 55.87
N ASP N 371 -40.61 -38.47 56.98
CA ASP N 371 -41.69 -39.31 57.46
C ASP N 371 -42.88 -38.45 57.88
N THR N 372 -44.08 -38.86 57.47
CA THR N 372 -45.30 -38.10 57.70
C THR N 372 -46.24 -38.89 58.60
N ALA N 373 -47.05 -38.15 59.37
CA ALA N 373 -48.04 -38.81 60.22
C ALA N 373 -49.03 -39.59 59.38
N GLY N 374 -49.28 -40.83 59.78
CA GLY N 374 -50.12 -41.72 59.02
C GLY N 374 -51.55 -41.73 59.49
N PRO N 375 -52.41 -42.48 58.79
CA PRO N 375 -53.82 -42.58 59.17
C PRO N 375 -54.11 -43.60 60.28
N GLU N 376 -53.10 -44.07 60.99
CA GLU N 376 -53.27 -45.04 62.05
C GLU N 376 -53.10 -44.35 63.41
N ALA N 377 -54.09 -44.52 64.28
CA ALA N 377 -54.04 -43.89 65.60
C ALA N 377 -52.98 -44.54 66.47
N ALA N 378 -52.20 -43.72 67.16
CA ALA N 378 -51.17 -44.24 68.05
C ALA N 378 -51.77 -44.84 69.31
N LEU N 379 -52.75 -44.16 69.90
CA LEU N 379 -53.38 -44.59 71.14
C LEU N 379 -54.89 -44.37 71.03
N GLU N 380 -55.62 -45.00 71.95
CA GLU N 380 -57.08 -44.97 71.94
C GLU N 380 -57.60 -43.97 72.96
N ALA N 381 -58.92 -43.72 72.89
CA ALA N 381 -59.53 -42.70 73.73
C ALA N 381 -59.41 -43.05 75.21
N GLU N 382 -59.64 -44.32 75.56
CA GLU N 382 -59.58 -44.73 76.96
C GLU N 382 -58.17 -44.56 77.52
N GLU N 383 -57.15 -44.85 76.72
CA GLU N 383 -55.78 -44.67 77.18
C GLU N 383 -55.43 -43.20 77.39
N TRP N 384 -56.04 -42.30 76.61
CA TRP N 384 -55.72 -40.88 76.74
C TRP N 384 -56.20 -40.30 78.06
N VAL N 385 -57.30 -40.82 78.61
CA VAL N 385 -57.80 -40.33 79.89
C VAL N 385 -56.81 -40.63 81.00
N SER N 386 -56.13 -41.77 80.92
CA SER N 386 -55.16 -42.14 81.95
C SER N 386 -54.01 -41.13 81.99
N GLY N 387 -53.54 -40.69 80.83
CA GLY N 387 -52.45 -39.73 80.78
C GLY N 387 -51.34 -40.14 79.84
N ARG N 388 -51.59 -41.16 79.02
CA ARG N 388 -50.59 -41.62 78.07
C ARG N 388 -50.36 -40.58 76.98
N ASP N 389 -49.10 -40.40 76.61
CA ASP N 389 -48.71 -39.47 75.54
C ASP N 389 -47.89 -40.23 74.53
N ALA N 390 -48.26 -40.11 73.25
CA ALA N 390 -47.54 -40.79 72.17
C ALA N 390 -47.50 -39.88 70.96
N ASP N 391 -46.42 -40.01 70.18
CA ASP N 391 -46.26 -39.26 68.95
C ASP N 391 -47.05 -39.91 67.82
N PRO N 392 -47.47 -39.14 66.82
CA PRO N 392 -48.19 -39.73 65.68
C PRO N 392 -47.34 -40.77 64.96
N ILE N 393 -48.02 -41.80 64.44
CA ILE N 393 -47.33 -42.86 63.72
C ILE N 393 -46.86 -42.32 62.37
N LEU N 394 -45.57 -42.49 62.09
CA LEU N 394 -44.97 -41.95 60.88
C LEU N 394 -44.96 -42.99 59.76
N ILE N 395 -45.31 -42.56 58.56
CA ILE N 395 -45.29 -43.40 57.37
C ILE N 395 -44.30 -42.80 56.37
N SER N 396 -44.09 -43.53 55.28
CA SER N 396 -43.16 -43.13 54.24
C SER N 396 -43.90 -42.80 52.95
N LEU N 397 -43.50 -41.70 52.31
CA LEU N 397 -44.10 -41.27 51.06
C LEU N 397 -43.37 -41.82 49.83
N ARG N 398 -42.34 -42.63 50.02
CA ARG N 398 -41.59 -43.17 48.88
C ARG N 398 -42.47 -44.09 48.04
N GLU N 399 -43.34 -44.86 48.67
CA GLU N 399 -44.21 -45.77 47.93
C GLU N 399 -45.19 -45.02 47.04
N ALA N 400 -45.47 -43.76 47.35
CA ALA N 400 -46.36 -42.94 46.53
C ALA N 400 -45.73 -42.52 45.21
N TYR N 401 -44.42 -42.67 45.07
CA TYR N 401 -43.75 -42.30 43.84
C TYR N 401 -44.15 -43.24 42.71
N VAL N 402 -44.37 -42.69 41.52
CA VAL N 402 -44.75 -43.48 40.36
C VAL N 402 -43.63 -43.46 39.33
PB ADP O . 76.16 -6.26 -21.78
O1B ADP O . 76.96 -7.54 -21.77
O2B ADP O . 74.67 -6.48 -21.85
O3B ADP O . 76.68 -5.22 -22.74
PA ADP O . 77.72 -5.64 -19.44
O1A ADP O . 78.42 -6.96 -19.60
O2A ADP O . 77.31 -5.19 -18.06
O3A ADP O . 76.36 -5.61 -20.31
O5' ADP O . 78.67 -4.48 -20.05
C5' ADP O . 78.15 -3.18 -20.27
C4' ADP O . 79.20 -2.08 -20.15
O4' ADP O . 79.55 -1.82 -18.79
C3' ADP O . 80.50 -2.37 -20.87
O3' ADP O . 80.53 -1.68 -22.13
C2' ADP O . 81.59 -1.80 -19.97
O2' ADP O . 82.28 -0.75 -20.64
C1' ADP O . 80.85 -1.26 -18.75
N9 ADP O . 81.58 -1.61 -17.50
C8 ADP O . 81.98 -2.84 -17.14
N7 ADP O . 82.62 -2.81 -15.94
C5 ADP O . 82.64 -1.52 -15.53
C6 ADP O . 83.16 -0.80 -14.35
N6 ADP O . 83.80 -1.44 -13.35
N1 ADP O . 82.97 0.55 -14.31
C2 ADP O . 82.33 1.20 -15.30
N3 ADP O . 81.84 0.59 -16.40
C4 ADP O . 81.96 -0.74 -16.57
MG MG P . 72.99 -7.48 -20.46
PB ADP Q . 41.21 17.64 -30.38
O1B ADP Q . 41.55 18.89 -31.14
O2B ADP Q . 40.20 17.85 -29.27
O3B ADP Q . 42.40 16.81 -29.97
PA ADP Q . 40.89 16.44 -32.94
O1A ADP Q . 41.14 17.76 -33.65
O2A ADP Q . 39.90 15.47 -33.52
O3A ADP Q . 40.40 16.73 -31.44
O5' ADP Q . 42.29 15.65 -32.83
C5' ADP Q . 42.37 14.46 -32.05
C4' ADP Q . 43.35 13.44 -32.61
O4' ADP Q . 42.81 12.77 -33.74
C3' ADP Q . 44.69 14.02 -33.03
O3' ADP Q . 45.68 13.79 -32.03
C2' ADP Q . 45.06 13.25 -34.30
O2' ADP Q . 46.26 12.50 -34.08
C1' ADP Q . 43.90 12.30 -34.55
N9 ADP Q . 43.54 12.26 -35.98
C8 ADP Q . 43.29 13.33 -36.77
N7 ADP Q . 43.00 12.94 -38.03
C5 ADP Q . 43.07 11.59 -38.08
C6 ADP Q . 42.89 10.53 -39.10
N6 ADP Q . 42.56 10.85 -40.38
N1 ADP Q . 43.07 9.25 -38.72
C2 ADP Q . 43.40 8.93 -37.46
N3 ADP Q . 43.59 9.83 -36.49
C4 ADP Q . 43.44 11.15 -36.72
MG MG R . 37.67 18.25 -29.30
PB ADP S . 27.02 -4.11 4.40
O1B ADP S . 27.79 -5.05 5.30
O2B ADP S . 25.66 -3.72 4.93
O3B ADP S . 27.04 -4.48 2.93
PA ADP S . 28.55 -2.19 5.81
O1A ADP S . 29.64 -3.13 6.24
O2A ADP S . 27.42 -1.86 6.76
O3A ADP S . 27.88 -2.75 4.45
O5' ADP S . 29.22 -0.83 5.28
C5' ADP S . 28.60 -0.17 4.17
C4' ADP S . 29.38 1.05 3.73
O4' ADP S . 29.55 1.99 4.79
C3' ADP S . 30.78 0.74 3.23
O3' ADP S . 30.80 0.74 1.80
C2' ADP S . 31.66 1.85 3.75
O2' ADP S . 32.24 2.58 2.67
C1' ADP S . 30.73 2.74 4.56
N9 ADP S . 31.37 3.17 5.83
C8 ADP S . 31.94 2.35 6.74
N7 ADP S . 32.42 3.06 7.78
C5 ADP S . 32.18 4.37 7.54
C6 ADP S . 32.43 5.65 8.23
N6 ADP S . 33.06 5.69 9.43
N1 ADP S . 32.00 6.78 7.62
C2 ADP S . 31.37 6.75 6.44
N3 ADP S . 31.12 5.63 5.76
C4 ADP S . 31.48 4.42 6.24
MG MG T . 24.38 -5.11 6.28
PB ADP U . -10.52 4.78 -14.41
O1B ADP U . -11.71 5.26 -15.20
O2B ADP U . -10.88 3.94 -13.22
O3B ADP U . -9.48 5.84 -14.11
PA ADP U . -10.44 2.47 -16.03
O1A ADP U . -10.56 2.64 -17.52
O2A ADP U . -11.66 2.15 -15.21
O3A ADP U . -9.75 3.79 -15.42
O5' ADP U . -9.30 1.36 -15.76
C5' ADP U . -8.08 1.76 -15.15
C4' ADP U . -7.24 0.56 -14.75
O4' ADP U . -7.65 -0.63 -15.44
C3' ADP U . -5.77 0.77 -15.07
O3' ADP U . -5.03 0.97 -13.87
C2' ADP U . -5.32 -0.52 -15.74
O2' ADP U . -4.20 -1.07 -15.02
C1' ADP U . -6.51 -1.45 -15.66
N9 ADP U . -6.65 -2.26 -16.90
C8 ADP U . -6.94 -1.77 -18.13
N7 ADP U . -6.99 -2.78 -19.04
C5 ADP U . -6.72 -3.92 -18.40
C6 ADP U . -6.62 -5.35 -18.77
N6 ADP U . -6.81 -5.77 -20.05
N1 ADP U . -6.33 -6.24 -17.79
C2 ADP U . -6.13 -5.84 -16.52
N3 ADP U . -6.22 -4.56 -16.11
C4 ADP U . -6.50 -3.58 -16.99
MG MG V . -14.13 4.90 -14.06
PB ADP W . -23.37 0.59 26.22
O1B ADP W . -22.17 -0.13 25.67
O2B ADP W . -24.13 -0.16 27.28
O3B ADP W . -24.24 1.21 25.16
PA ADP W . -23.40 3.32 27.09
O1A ADP W . -22.89 3.98 28.34
O2A ADP W . -24.88 3.17 26.89
O3A ADP W . -22.74 1.84 27.04
O5' ADP W . -22.76 4.12 25.84
C5' ADP W . -22.10 3.50 24.74
C4' ADP W . -22.10 4.45 23.56
O4' ADP W . -22.32 5.80 24.00
C3' ADP W . -20.78 4.45 22.82
O3' ADP W . -20.94 3.81 21.55
C2' ADP W . -20.41 5.91 22.61
O2' ADP W . -20.25 6.17 21.22
C1' ADP W . -21.58 6.70 23.17
N9 ADP W . -21.10 7.87 23.94
C8 ADP W . -20.41 7.82 25.10
N7 ADP W . -20.12 9.06 25.55
C5 ADP W . -20.64 9.94 24.67
C6 ADP W . -20.70 11.42 24.53
N6 ADP W . -20.13 12.22 25.46
N1 ADP W . -21.33 11.93 23.45
C2 ADP W . -21.89 11.14 22.52
N3 ADP W . -21.87 9.79 22.59
C4 ADP W . -21.27 9.14 23.61
MG MG X . -26.52 -0.12 28.49
PB ADP Y . -60.30 -9.10 5.88
O1B ADP Y . -61.46 -9.32 4.93
O2B ADP Y . -60.64 -9.34 7.33
O3B ADP Y . -59.49 -7.86 5.64
PA ADP Y . -59.65 -11.85 5.63
O1A ADP Y . -59.62 -12.44 4.24
O2A ADP Y . -60.89 -11.97 6.47
O3A ADP Y . -59.26 -10.29 5.51
O5' ADP Y . -58.38 -12.43 6.44
C5' ADP Y . -57.28 -11.57 6.71
C4' ADP Y . -56.30 -12.22 7.68
O4' ADP Y . -56.43 -13.63 7.68
C3' ADP Y . -54.86 -11.90 7.30
O3' ADP Y . -54.30 -10.97 8.22
C2' ADP Y . -54.12 -13.22 7.40
O2' ADP Y . -53.02 -13.09 8.30
C1' ADP Y . -55.13 -14.21 7.93
N9 ADP Y . -55.00 -15.53 7.27
C8 ADP Y . -55.26 -15.80 5.98
N7 ADP Y . -55.03 -17.10 5.70
C5 ADP Y . -54.59 -17.69 6.83
C6 ADP Y . -54.16 -19.05 7.23
N6 ADP Y . -54.15 -20.07 6.33
N1 ADP Y . -53.78 -19.23 8.51
C2 ADP Y . -53.79 -18.23 9.40
N3 ADP Y . -54.17 -16.98 9.11
C4 ADP Y . -54.58 -16.64 7.86
MG MG Z . -63.82 -9.70 6.34
PB ADP AA . -76.07 4.75 43.23
O1B ADP AA . -74.70 4.14 43.11
O2B ADP AA . -76.78 4.47 44.53
O3B ADP AA . -76.92 4.55 42.00
PA ADP AA . -76.74 7.45 42.62
O1A ADP AA . -76.50 8.75 43.36
O2A ADP AA . -78.14 6.90 42.55
O3A ADP AA . -75.78 6.34 43.30
O5' ADP AA . -76.17 7.65 41.12
C5' ADP AA . -75.23 6.78 40.52
C4' ADP AA . -75.28 6.98 39.00
O4' ADP AA . -75.79 8.27 38.68
C3' ADP AA . -73.90 6.88 38.37
O3' ADP AA . -73.79 5.67 37.63
C2' ADP AA . -73.81 8.06 37.42
O2' ADP AA . -73.58 7.60 36.09
C1' ADP AA . -75.15 8.77 37.51
N9 ADP AA . -74.96 10.24 37.60
C8 ADP AA . -74.39 10.90 38.62
N7 ADP AA . -74.37 12.24 38.39
C5 ADP AA . -74.95 12.45 37.18
C6 ADP AA . -75.25 13.62 36.33
N6 ADP AA . -74.93 14.87 36.73
N1 ADP AA . -75.86 13.39 35.15
C2 ADP AA . -76.18 12.15 34.74
N3 ADP AA . -75.94 11.05 35.46
C4 ADP AA . -75.33 11.12 36.67
MG MG BA . -79.32 4.69 45.48
#